data_6ZHE
#
_entry.id   6ZHE
#
_cell.length_a   1.00
_cell.length_b   1.00
_cell.length_c   1.00
_cell.angle_alpha   90.00
_cell.angle_beta   90.00
_cell.angle_gamma   90.00
#
_symmetry.space_group_name_H-M   'P 1'
#
loop_
_entity.id
_entity.type
_entity.pdbx_description
1 polymer 'DNA-dependent protein kinase catalytic subunit,DNA-PKcs'
2 polymer 'X-ray repair cross-complementing protein 6'
3 polymer 'X-ray repair cross-complementing protein 5'
4 polymer 'DNA (25-MER)'
5 polymer 'DNA (27-MER)'
6 polymer 'DNA (26-MER)'
7 polymer 'DNA (28-MER)'
#
loop_
_entity_poly.entity_id
_entity_poly.type
_entity_poly.pdbx_seq_one_letter_code
_entity_poly.pdbx_strand_id
1 'polypeptide(L)'
;MAGSGAGVRCSLLRLQETLSAADRCGAALAGHQLIRGLGQECVLSSSPAVLALQTSLVFSRDFGLLVFVRKSLNSIEFRE
CREEILKFLCIFLEKMGQKIAPYSVEIKNTCTSVYTKDRAAKCKIPALDLLIKLLQTFRSSRLMDEFKIGELFSKFYGEL
ALKKKIPDTVLEKVYELLGLLGEVHPSEMINNAENLFRAFLGELKTQMTSAVREPKLPVLAGCLKGLSSLLCNFTKSMEE
DPQTSREIFNFVLKAIRPQIDLKRYAVPSAGLRLFALHASQFSTCLLDNYVSLFEVLLKWCAHTNVELKKAALSALESFL
KQVSNMVAKNAEMHKNKLQYFMEQFYGIIRNVDSNNKELSIAIRGYGLFAGPCKVINAKDVDFMYVELIQRCKQMFLTQT
DTGDDRVYQMPSFLQSVASVLLYLDTVPEVYTPVLEHLVVMQIDSFPQYSPKMQLVCCRAIVKVFLALAAKGPVLRNCIS
TVVHQGLIRICSKPVVLPKGPESESEDHRASGEVRTGKWKVPTYKDYVDLFRHLLSSDQMMDSILADEAFFSVNSSSESL
NHLLYDEFVKSVLKIVEKLDLTLEIQTVGEQENGDEAPGVWMIPTSDPAANLHPAKPKDFSAFINLVEFCREILPEKQAE
FFEPWVYSFSYELILQSTRLPLISGFYKLLSITVRNAKKIKYFEGVSPKSLKHSPEDPEKYSCFALFVKFGKEVAVKMKQ
YKDELLASCLTFLLSLPHNIIELDVRAYVPALQMAFKLGLSYTPLAEVGLNALEEWSIYIDRHVMQPYYKDILPCLDGYL
KTSALSDETKNNWEVSALSRAAQKGFNKVVLKHLKKTKNLSSNEAISLEEIRIRVVQMLGSLGGQINKNLLTVTSSDEMM
KSYVAWDREKRLSFAVPFREMKPVIFLDVFLPRVTELALTASDRQTKVAACELLHSMVMFMLGKATQMPEGGQGAPPMYQ
LYKRTFPVLLRLACDVDQVTRQLYEPLVMQLIHWFTNNKKFESQDTVALLEAILDGIVDPVDSTLRDFCGRCIREFLKWS
IKQITPQQQEKSPVNTKSLFKRLYSLALHPNAFKRLGASLAFNNIYREFREEESLVEQFVFEALVIYMESLALAHADEKS
LGTIQQCCDAIDHLCRIIEKKHVSLNKAKKRRLPRGFPPSASLCLLDLVKWLLAHCGRPQTECRHKSIELFYKFVPLLPG
NRSPNLWLKDVLKEEGVSFLINTFEGGGCGQPSGILAQPTLLYLRGPFSLQATLCWLDLLLAALECYNTFIGERTVGALQ
VLGTEAQSSLLKAVAFFLESIAMHDIIAAEKCFGTGAAGNRTSPQEGERYNYSKCTVVVRIMEFTTTLLNTSPEGWKLLK
KDLCNTHLMRVLVQTLCEPASIGFNIGDVQVMAHLPDVCVNLMKALKMSPYKDILETHLREKITAQSIEELCAVNLYGPD
AQVDRSRLAAVVSACKQLHRAGLLHNILPSQSTDLHHSVGTELLSLVYKGIAPGDERQCLPSLDLSCKQLASGLLELAFA
FGGLCERLVSLLLNPAVLSTASLGSSQGSVIHFSHGEYFYSLFSETINTELLKNLDLAVLELMQSSVDNTKMVSAVLNGM
LDQSFRERANQKHQGLKLATTILQHWKKCDSWWAKDSPLETKMAVLALLAKILQIDSSVSFNTSHGSFPEVFTTYISLLA
DTKLDLHLKGQAVTLLPFFTSLTGGSLEELRRVLEQLIVAHFPMQSREFPPGTPRFNNYVDCMKKFLDALELSQSPMLLE
LMTEVLCREQQHVMEELFQSSFRRIARRGSCVTQVGLLESVYEMFRKDDPRLSFTRQSFVDRSLLTLLWHCSLDALREFF
STIVVDAIDVLKSRFTKLNESTFDTQITKKMGYYKILDVMYSRLPKDDVHAKESKINQVFHGSCITEGNELTKTLIKLCY
DAFTENMAGENQLLERRRLYHCAAYNCAISVICCVFNELKFYQGFLFSEKPEKNLLIFENLIDLKRRYNFPVEVEVPMER
KKKYIEIRKEAREAANGDSDGPSYMSSLSYLADSTLSEEMSQFDFSTGVQSYSYSSQDPRPATGRFRRREQRDPTVHDDV
LELEMDELNRHECMAPLTALVKHMHRSLGPPQGEEDSVPRDLPSWMKFLHGKLGNPIVPLNIRLFLAKLVINTEEVFRPY
AKHWLSPLLQLAASENNGGEGIHYMVVEIVATILSWTGLATPTGVPKDEVLANRLLNFLMKHVFHPKRAVFRHNLEIIKT
LVECWKDCLSIPYRLIFEKFSGKDPNSKDNSVGIQLLGIVMANDLPPYDPQCGIQSSEYFQALVNNMSFVRYKEVYAAAA
EVLGLILRYVMERKNILEESLCELVAKQLKQHQNTMEDKFIVCLNKVTKSFPPLADRFMNAVFFLLPKFHGVLKTLCLEV
VLCRVEGMTELYFQLKSKDFVQVMRHRDDERQKVCLDIIYKMMPKLKPVELRELLNPVVEFVSHPSTTCREQMYNILMWI
HDNYRDPESETDNDSQEIFKLAKDVLIQGLIDENPGLQLIIRNFWSHETRLPSNTLDRLLALNSLYSPKIEVHFLSLATN
FLLEMTSMSPDYPNPMFEHPLSECEFQEYTIDSDWRFRSTVLTPMFVETQASQGTLQTRTQEGSLSARWPVAGQIRATQQ
QHDFTLTQTADGRSSFDWLTGSSTDPLVDHTSPSSDSLLFAHKRSERLQRAPLKSVGPDFGKKRLGLPGDEVDNKVKGAA
GRTDLLRLRRRFMRDQEKLSLMYARKGVAEQKREKEIKSELKMKQDAQVVLYRSYRHGDLPDIQIKHSSLITPLQAVAQR
DPIIAKQLFSSLFSGILKEMDKFKTLSEKNNITQKLLQDFNRFLNTTFSFFPPFVSCIQDISCQHAALLSLDPAAVSAGC
LASLQQPVGIRLLEEALLRLLPAELPAKRVRGKARLPPDVLRWVELAKLYRSIGEYDVLRGIFTSEIGTKQITQSALLAE
ARSDYSEAAKQYDEALNKQDWVDGEPTEAEKDFWELASLDCYNHLAEWKSLEYCSTASIDSENPPDLNKIWSEPFYQETY
LPYMIRSKLKLLLQGEADQSLLTFIDKAMHGELQKAILELHYSQELSLLYLLQDDVDRAKYYIQNGIQSFMQNYSSIDVL
LHQSRLTKLQSVQALTEIQEFISFISKQGNLSSQVPLKRLLNTWTNRYPDAKMDPMNIWDDIITNRCFFLSKIEEKLTPL
PEDNSMNVDQDGDPSDRMEVQEQEEDISSLIRSCKFSMKMKMIDSARKQNNFSLAMKLLKELHKESKTRDDWLVSWVQSY
CRLSHCRSRSQGCSEQVLTVLKTVSLLDENNVSSYLSKNILAFRDQNILLGTTYRIIANALSSEPACLAEIEEDKARRIL
ELSGSSSEDSEKVIAGLYQRAFQHLSEAVQAAEEEAQPPSWSCGPAAGVIDAYMTLADFCDQQLRKEEENASVIDSAELQ
AYPALVVEKMLKALKLNSNEARLKFPRLLQIIERYPEETLSLMTKEISSVPCWQFISWISHMVALLDKDQAVAVQHSVEE
ITDNYPQAIVYPFIISSESYSFKDTSTGHKNKEFVARIKSKLDQGGVIQDFINALDQLSNPELLFKDWSNDVRAELAKTP
VNKKNIEKMYERMYAALGDPKAPGLGAFRRKFIQTFGKEFDKHFGKGGSKLLRMKLSDFNDITNMLLLKMNKDSKPPGNL
KECSPWMSDFKVEFLRNELEIPGQYDGRGKPLPEYHVRIAGFDERVTVMASLRRPKRIIIRGHDEREHPFLVKGGEDLRQ
DQRVEQLFQVMNGILAQDSACSQRALQLRTYSVVPMTSRLGLIEWLENTVTLKDLLLNTMSQEEKAAYLSDPRAPPCEYK
DWLTKMSGKHDVGAYMLMYKGANRTETVTSFRKRESKVPADLLKRAFVRMSTSPEAFLALRSHFASSHALICISHWILGI
GDRHLNNFMVAMETGGVIGIDFGHAFGSATQFLPVPELMPFRLTRQFINLMLPMKETGLMYSIMVHALRAFRSDPGLLTN
TMDVFVKEPSFDWKNFEQKMLKKGGSWIQEINVAEKNWYPRQKICYAKRKLAGANPAVITCDELLLGHEKAPAFRDYVAV
ARGSKDHNIRAQEPESGLSEETQVKCLMDQATDPNILGRTWEGWEPWM(UNK)(UNK)(UNK)(UNK)(UNK)(UNK)
(UNK)(UNK)(UNK)(UNK)(UNK)(UNK)(UNK)(UNK)(UNK)(UNK)(UNK)(UNK)(UNK)(UNK)(UNK)(UNK)
(UNK)(UNK)(UNK)(UNK)(UNK)(UNK)
;
A,F
2 'polypeptide(L)'
;MSGWESYYKTEGDEEAEEEQEENLEASGDYKYSGRDSLIFLVDASKAMFESQSEDELTPFDMSIQCIQSVYISKIISSDR
DLLAVVFYGTEKDKNSVNFKNIYVLQELDNPGAKRILELDQFKGQQGQKRFQDMMGHGSDYSLSEVLWVCANLFSDVQFK
MSHKRIMLFTNEDNPHGNDSAKASRARTKAGDLRDTGIFLDLMHLKKPGGFDISLFYRDIISIAEDEDLRVHFEESSKLE
DLLRKVRAKETRKRALSRLKLKLNKDIVISVGIYNLVQKALKPPPIKLYRETNEPVKTKTRTFNTSTGGLLLPSDTKRSQ
IYGSRQIILEKEETEELKRFDDPGLMLMGFKPLVLLKKHHYLRPSLFVYPEESLVIGSSTLFSALLIKCLEKEVAALCRY
TPRRNIPPYFVALVPQEEELDDQKIQVTPPGFQLVFLPFADDKRKMPFTEKIMATPEQVGKMKAIVEKLRFTYRSDSFEN
PVLQQHFRNLEALALDLMEPEQAVDLTLPKVEAMNKRLGSLVDEFKELVYPPDYNPEGKVTKRKHDNEGSGSKRPKVEYS
EEELKTHISKGTLGKFTVPMLKEACRAYGLKSGLKKQELLEALTKHFQD
;
B,G
3 'polypeptide(L)'
;MVRSGNKAAVVLCMDVGFTMSNSIPGIESPFEQAKKVITMFVQRQVFAENKDEIALVLFGTDGTDNPLSGGDQYQNITVH
RHLMLPDFDLLEDIESKIQPGSQQADFLDALIVSMDVIQHETIGKKFEKRHIEIFTDLSSRFSKSQLDIIIHSLKKCDIS
LQFFLPFSLGKEDGSGDRGDGPFRLGGHGPSFPLKGITEQQKEGLEIVKMVMISLEGEDGLDEIYSFSESLRKLCVFKKI
ERHSIHWPCRLTIGSNLSIRIAAYKSILQERVKKTWTVVDAKTLKKEDIQKETVYCLNDDDETEVLKEDIIQGFRYGSDI
VPFSKVDEEQMKYKSEGKCFSVLGFCKSSQVQRRFFMGNQVLKVFAARDDEAAAVALSSLIHALDDLDMVAIVRYAYDKR
ANPQVGVAFPHIKHNYECLVYVQLPFMEDLRQYMFSSLKNSKKYAPTEAQLNAVDALIDSMSLAKKDEKTDTLEDLFPTT
KIPNPRFQRLFQCLLHRALHPREPLPPIQQHIWNMLNPPAEVTTKSQIPLSKIKTLFPLIEAKKKDQVTAQEIFQDNHED
GPTAKKLKTEQGGAHFSVSSLAEGSVTSVGSVNPAENFRVLVKQKKASFEEASNQLINHIEQFLDTNETPYFMKSIDCIR
AFREEAIKFSEEQRFNNFLKALQEKVEIKQLNHFWEIVVQDGITLITKEEASGSSVTAEEAKKFLAPKDKPSGDTAAVFE
EGGDVDDLLDMI
;
C,H
4 'polydeoxyribonucleotide'
;(DT)(DA)(DA)(DT)(DA)(DA)(DT)(DA)(DG)(DT)(DT)(DT)(DT)(DT)(DA)(DG)(DT)(DT)(DT)(DA)
(DT)(DT)(DG)(DG)(DG)
;
J
5 'polydeoxyribonucleotide'
;(DG)(DC)(DT)(DA)(DA)(DT)(DA)(DA)(DA)(DC)(DT)(DA)(DA)(DA)(DA)(DA)(DC)(DT)(DA)(DT)
(DT)(DA)(DT)(DT)(DA)(DT)(DG)
;
I
6 'polydeoxyribonucleotide'
;(DT)(DA)(DA)(DT)(DA)(DA)(DT)(DA)(DG)(DT)(DT)(DT)(DT)(DT)(DA)(DG)(DT)(DT)(DT)(DA)
(DT)(DT)(DG)(DG)(DG)(DC)
;
D
7 'polydeoxyribonucleotide'
;(DA)(DG)(DC)(DT)(DA)(DA)(DT)(DA)(DA)(DA)(DC)(DT)(DA)(DA)(DA)(DA)(DA)(DC)(DT)(DA)
(DT)(DT)(DA)(DT)(DT)(DA)(DT)(DG)
;
E
#
# COMPACT_ATOMS: atom_id res chain seq x y z
N CYS A 10 -74.14 15.68 63.82
CA CYS A 10 -74.37 15.31 65.21
C CYS A 10 -73.35 14.29 65.66
N SER A 11 -72.56 13.77 64.71
CA SER A 11 -71.50 12.84 65.06
C SER A 11 -70.53 13.48 66.04
N LEU A 12 -70.10 14.70 65.76
CA LEU A 12 -69.28 15.46 66.69
C LEU A 12 -69.90 15.53 68.07
N LEU A 13 -71.23 15.68 68.12
CA LEU A 13 -71.89 15.81 69.41
C LEU A 13 -71.66 14.60 70.28
N ARG A 14 -72.27 13.47 69.92
CA ARG A 14 -72.24 12.32 70.81
C ARG A 14 -70.83 11.79 71.02
N LEU A 15 -69.89 12.16 70.15
CA LEU A 15 -68.49 12.03 70.51
C LEU A 15 -68.19 12.83 71.77
N GLN A 16 -68.58 14.11 71.76
CA GLN A 16 -68.11 15.02 72.80
C GLN A 16 -68.67 14.62 74.17
N GLU A 17 -69.91 14.14 74.23
CA GLU A 17 -70.41 13.64 75.50
C GLU A 17 -69.67 12.39 75.93
N THR A 18 -69.41 11.47 75.00
CA THR A 18 -68.64 10.28 75.36
C THR A 18 -67.26 10.66 75.88
N LEU A 19 -66.60 11.59 75.20
CA LEU A 19 -65.31 12.05 75.71
C LEU A 19 -65.48 12.79 77.02
N SER A 20 -66.47 13.68 77.09
CA SER A 20 -66.71 14.42 78.33
C SER A 20 -67.31 13.54 79.43
N ALA A 21 -67.74 12.33 79.12
CA ALA A 21 -68.17 11.38 80.13
C ALA A 21 -67.07 10.39 80.49
N ALA A 22 -66.42 9.80 79.50
CA ALA A 22 -65.35 8.84 79.74
C ALA A 22 -64.06 9.51 80.18
N ASP A 23 -64.03 10.84 80.24
CA ASP A 23 -62.84 11.55 80.68
C ASP A 23 -62.49 11.27 82.14
N ARG A 24 -63.41 10.70 82.91
CA ARG A 24 -63.23 10.60 84.34
C ARG A 24 -62.93 9.18 84.83
N CYS A 25 -63.17 8.16 84.01
CA CYS A 25 -62.98 6.78 84.42
C CYS A 25 -61.53 6.38 84.20
N GLY A 26 -60.79 6.21 85.29
CA GLY A 26 -59.39 5.87 85.22
C GLY A 26 -58.50 7.10 85.24
N ALA A 27 -57.28 6.91 85.72
CA ALA A 27 -56.31 8.00 85.75
C ALA A 27 -55.64 8.18 84.40
N ALA A 28 -54.92 7.15 83.93
CA ALA A 28 -54.32 7.18 82.61
C ALA A 28 -55.22 6.58 81.55
N LEU A 29 -56.06 5.63 81.95
CA LEU A 29 -57.00 5.04 81.01
C LEU A 29 -57.91 6.09 80.41
N ALA A 30 -58.42 7.01 81.23
CA ALA A 30 -59.26 8.08 80.72
C ALA A 30 -58.50 8.95 79.73
N GLY A 31 -57.28 9.37 80.08
CA GLY A 31 -56.51 10.21 79.18
C GLY A 31 -56.18 9.49 77.88
N HIS A 32 -55.92 8.20 77.95
CA HIS A 32 -55.62 7.45 76.74
C HIS A 32 -56.87 7.19 75.91
N GLN A 33 -58.01 6.89 76.54
CA GLN A 33 -59.23 6.82 75.76
C GLN A 33 -59.61 8.20 75.24
N LEU A 34 -59.29 9.24 76.00
CA LEU A 34 -59.39 10.60 75.46
C LEU A 34 -58.52 10.73 74.22
N ILE A 35 -57.25 10.33 74.32
CA ILE A 35 -56.28 10.32 73.23
C ILE A 35 -56.94 9.84 71.95
N ARG A 36 -57.57 8.67 72.03
CA ARG A 36 -58.18 8.11 70.84
C ARG A 36 -59.35 8.96 70.39
N GLY A 37 -60.26 9.27 71.32
CA GLY A 37 -61.42 10.06 70.96
C GLY A 37 -61.03 11.38 70.35
N LEU A 38 -60.20 12.15 71.05
CA LEU A 38 -59.79 13.45 70.55
C LEU A 38 -59.14 13.34 69.19
N GLY A 39 -58.45 12.23 68.94
CA GLY A 39 -57.93 12.00 67.60
C GLY A 39 -59.02 11.97 66.56
N GLN A 40 -60.20 11.46 66.93
CA GLN A 40 -61.28 11.40 65.96
C GLN A 40 -61.85 12.77 65.66
N GLU A 41 -62.11 13.60 66.67
CA GLU A 41 -62.73 14.88 66.38
C GLU A 41 -61.82 15.75 65.52
N CYS A 42 -60.53 15.79 65.87
CA CYS A 42 -59.61 16.62 65.12
C CYS A 42 -59.47 16.14 63.68
N VAL A 43 -59.76 14.88 63.41
CA VAL A 43 -59.87 14.42 62.02
C VAL A 43 -61.17 14.91 61.40
N LEU A 44 -62.30 14.53 62.01
CA LEU A 44 -63.60 14.79 61.40
C LEU A 44 -63.87 16.29 61.33
N SER A 45 -63.71 16.99 62.46
CA SER A 45 -64.02 18.41 62.51
C SER A 45 -63.15 19.19 61.54
N SER A 46 -61.90 18.80 61.38
CA SER A 46 -61.03 19.40 60.39
C SER A 46 -61.46 18.93 59.01
N SER A 47 -62.31 19.70 58.35
CA SER A 47 -62.87 19.30 57.08
C SER A 47 -63.53 20.49 56.42
N PRO A 48 -63.38 20.66 55.11
CA PRO A 48 -64.13 21.72 54.42
C PRO A 48 -65.60 21.36 54.27
N ALA A 49 -66.46 22.02 55.04
CA ALA A 49 -67.90 21.74 54.99
C ALA A 49 -68.62 23.06 55.29
N VAL A 50 -68.99 23.77 54.22
CA VAL A 50 -69.65 25.05 54.40
C VAL A 50 -71.08 24.81 54.86
N LEU A 51 -71.56 25.68 55.75
CA LEU A 51 -72.84 25.56 56.44
C LEU A 51 -72.83 24.44 57.47
N ALA A 52 -71.75 23.67 57.52
CA ALA A 52 -71.47 22.92 58.74
C ALA A 52 -70.77 23.79 59.76
N LEU A 53 -70.39 25.01 59.38
CA LEU A 53 -69.84 25.97 60.31
C LEU A 53 -70.79 26.20 61.48
N GLN A 54 -72.07 26.40 61.16
CA GLN A 54 -73.07 26.56 62.20
C GLN A 54 -73.14 25.31 63.07
N THR A 55 -73.07 24.14 62.43
CA THR A 55 -73.14 22.87 63.15
C THR A 55 -72.08 22.80 64.23
N SER A 56 -70.82 23.03 63.86
CA SER A 56 -69.73 22.94 64.81
C SER A 56 -69.85 23.99 65.90
N LEU A 57 -70.16 25.23 65.52
CA LEU A 57 -70.22 26.32 66.49
C LEU A 57 -71.26 26.03 67.57
N VAL A 58 -72.49 25.71 67.16
CA VAL A 58 -73.52 25.40 68.13
C VAL A 58 -73.13 24.15 68.91
N PHE A 59 -72.50 23.19 68.23
CA PHE A 59 -71.95 22.04 68.93
C PHE A 59 -70.92 22.46 69.95
N SER A 60 -70.15 23.51 69.65
CA SER A 60 -69.12 23.99 70.55
C SER A 60 -69.73 24.91 71.62
N ARG A 61 -70.68 24.34 72.37
CA ARG A 61 -71.27 25.08 73.48
C ARG A 61 -70.48 24.84 74.75
N ASP A 62 -70.43 23.59 75.20
CA ASP A 62 -69.57 23.16 76.30
C ASP A 62 -68.27 22.57 75.80
N PHE A 63 -68.05 22.57 74.48
CA PHE A 63 -66.94 21.85 73.88
C PHE A 63 -65.61 22.33 74.43
N GLY A 64 -65.26 23.60 74.20
CA GLY A 64 -64.02 24.12 74.74
C GLY A 64 -63.99 24.03 76.26
N LEU A 65 -65.15 24.07 76.88
CA LEU A 65 -65.29 23.96 78.32
C LEU A 65 -65.05 22.59 78.82
N LEU A 66 -64.62 21.67 77.94
CA LEU A 66 -64.19 20.37 78.43
C LEU A 66 -63.15 20.53 79.51
N VAL A 67 -62.30 21.55 79.37
CA VAL A 67 -61.34 21.99 80.38
C VAL A 67 -61.94 21.98 81.78
N PHE A 68 -63.20 22.38 81.90
CA PHE A 68 -63.85 22.37 83.19
C PHE A 68 -64.81 21.21 83.38
N VAL A 69 -65.26 20.57 82.29
CA VAL A 69 -66.01 19.33 82.42
C VAL A 69 -65.18 18.31 83.18
N ARG A 70 -63.91 18.18 82.80
CA ARG A 70 -62.89 17.49 83.54
C ARG A 70 -62.32 18.40 84.61
N LYS A 71 -61.37 17.88 85.38
CA LYS A 71 -60.53 18.71 86.22
C LYS A 71 -59.51 19.41 85.33
N SER A 72 -59.36 20.72 85.53
CA SER A 72 -58.35 21.48 84.81
C SER A 72 -56.98 21.19 85.40
N LEU A 73 -56.55 19.94 85.25
CA LEU A 73 -55.27 19.49 85.76
C LEU A 73 -54.29 19.31 84.61
N ASN A 74 -53.05 18.98 84.96
CA ASN A 74 -51.92 19.12 84.05
C ASN A 74 -51.22 17.79 83.76
N SER A 75 -51.97 16.69 83.69
CA SER A 75 -51.36 15.42 83.32
C SER A 75 -50.88 15.49 81.88
N ILE A 76 -49.86 14.67 81.57
CA ILE A 76 -49.27 14.74 80.24
C ILE A 76 -50.29 14.35 79.18
N GLU A 77 -50.99 13.23 79.38
CA GLU A 77 -52.13 12.95 78.51
C GLU A 77 -53.13 14.08 78.61
N PHE A 78 -53.33 14.61 79.81
CA PHE A 78 -54.22 15.76 79.95
C PHE A 78 -53.65 16.96 79.20
N ARG A 79 -52.54 17.53 79.68
CA ARG A 79 -51.95 18.71 79.04
C ARG A 79 -51.98 18.63 77.53
N GLU A 80 -51.65 17.46 76.96
CA GLU A 80 -51.62 17.39 75.50
C GLU A 80 -53.00 17.65 74.92
N CYS A 81 -54.05 17.09 75.53
CA CYS A 81 -55.39 17.26 74.96
C CYS A 81 -55.68 18.72 74.70
N ARG A 82 -55.29 19.58 75.63
CA ARG A 82 -55.42 21.02 75.48
C ARG A 82 -54.80 21.45 74.16
N GLU A 83 -53.63 20.89 73.85
CA GLU A 83 -52.78 21.44 72.80
C GLU A 83 -53.43 21.34 71.42
N GLU A 84 -53.90 20.15 71.03
CA GLU A 84 -54.52 20.03 69.72
C GLU A 84 -55.85 20.75 69.67
N ILE A 85 -56.54 20.83 70.81
CA ILE A 85 -57.73 21.67 70.90
C ILE A 85 -57.37 23.07 70.46
N LEU A 86 -56.33 23.63 71.06
CA LEU A 86 -55.82 24.93 70.64
C LEU A 86 -55.28 24.85 69.22
N LYS A 87 -54.60 23.75 68.89
CA LYS A 87 -54.03 23.64 67.56
C LYS A 87 -55.14 23.62 66.52
N PHE A 88 -56.17 22.83 66.81
CA PHE A 88 -57.35 22.72 65.97
C PHE A 88 -58.07 24.05 66.03
N LEU A 89 -57.94 24.74 67.16
CA LEU A 89 -58.53 26.07 67.36
C LEU A 89 -57.71 27.08 66.58
N CYS A 90 -56.41 26.80 66.48
CA CYS A 90 -55.48 27.64 65.72
C CYS A 90 -55.64 27.30 64.24
N ILE A 91 -56.08 26.08 63.96
CA ILE A 91 -56.33 25.62 62.61
C ILE A 91 -57.72 26.13 62.18
N PHE A 92 -58.58 26.38 63.16
CA PHE A 92 -59.90 26.90 62.89
C PHE A 92 -59.82 28.41 62.78
N LEU A 93 -58.60 28.92 62.67
CA LEU A 93 -58.38 30.36 62.50
C LEU A 93 -59.26 30.96 61.42
N GLU A 94 -59.77 30.13 60.52
CA GLU A 94 -60.51 30.60 59.36
C GLU A 94 -61.78 31.35 59.73
N LYS A 95 -62.45 31.93 58.74
CA LYS A 95 -63.59 32.79 59.00
C LYS A 95 -64.79 31.96 59.44
N MET A 96 -65.18 32.12 60.71
CA MET A 96 -66.40 31.53 61.23
C MET A 96 -67.48 32.57 61.48
N GLY A 97 -67.09 33.83 61.69
CA GLY A 97 -68.02 34.89 61.98
C GLY A 97 -67.29 36.14 62.40
N GLN A 98 -67.74 37.30 61.93
CA GLN A 98 -67.21 38.56 62.44
C GLN A 98 -67.98 38.97 63.68
N LYS A 99 -67.26 39.49 64.67
CA LYS A 99 -67.79 39.64 66.02
C LYS A 99 -68.35 38.32 66.52
N ILE A 100 -67.63 37.24 66.22
CA ILE A 100 -67.94 35.91 66.71
C ILE A 100 -67.43 35.87 68.14
N ALA A 101 -67.00 37.03 68.63
CA ALA A 101 -66.38 37.31 69.92
C ALA A 101 -66.91 36.49 71.09
N PRO A 102 -68.24 36.42 71.34
CA PRO A 102 -68.72 35.74 72.56
C PRO A 102 -68.00 34.42 72.83
N TYR A 103 -67.84 33.60 71.80
CA TYR A 103 -67.04 32.40 71.95
C TYR A 103 -65.59 32.74 72.23
N SER A 104 -65.03 33.70 71.49
CA SER A 104 -63.66 34.12 71.74
C SER A 104 -63.53 34.67 73.15
N VAL A 105 -64.50 35.47 73.60
CA VAL A 105 -64.51 35.92 74.98
C VAL A 105 -64.46 34.71 75.90
N GLU A 106 -65.30 33.71 75.64
CA GLU A 106 -65.19 32.46 76.37
C GLU A 106 -63.78 31.89 76.25
N ILE A 107 -63.24 31.87 75.04
CA ILE A 107 -61.95 31.24 74.82
C ILE A 107 -60.83 32.01 75.52
N LYS A 108 -60.81 33.33 75.36
CA LYS A 108 -59.74 34.09 75.97
C LYS A 108 -59.78 33.97 77.48
N ASN A 109 -60.99 33.81 78.04
CA ASN A 109 -61.09 33.50 79.46
C ASN A 109 -60.41 32.16 79.76
N THR A 110 -60.66 31.15 78.92
CA THR A 110 -60.05 29.84 79.15
C THR A 110 -58.55 29.88 79.02
N CYS A 111 -58.03 30.58 78.00
CA CYS A 111 -56.59 30.53 77.75
C CYS A 111 -55.84 31.15 78.90
N THR A 112 -56.38 32.24 79.47
CA THR A 112 -55.79 32.84 80.65
C THR A 112 -55.69 31.81 81.77
N SER A 113 -56.80 31.13 82.06
CA SER A 113 -56.83 30.18 83.17
C SER A 113 -55.82 29.06 82.96
N VAL A 114 -55.86 28.41 81.80
CA VAL A 114 -54.92 27.33 81.54
C VAL A 114 -53.50 27.87 81.50
N TYR A 115 -53.32 29.11 81.06
CA TYR A 115 -52.02 29.73 81.20
C TYR A 115 -51.64 29.84 82.66
N THR A 116 -52.60 30.19 83.50
CA THR A 116 -52.35 30.37 84.94
C THR A 116 -52.55 29.06 85.69
N LYS A 117 -51.71 28.09 85.34
CA LYS A 117 -51.58 26.85 86.10
C LYS A 117 -50.26 26.76 86.84
N ASP A 118 -49.58 27.90 87.01
CA ASP A 118 -48.30 28.02 87.70
C ASP A 118 -47.19 27.27 86.96
N ARG A 119 -47.53 26.69 85.80
CA ARG A 119 -46.54 26.11 84.91
C ARG A 119 -46.89 26.36 83.45
N ALA A 120 -47.66 27.41 83.18
CA ALA A 120 -48.32 27.60 81.88
C ALA A 120 -49.07 26.32 81.50
N ALA A 121 -49.66 25.70 82.51
CA ALA A 121 -50.13 24.32 82.42
C ALA A 121 -49.03 23.41 81.88
N LYS A 122 -48.00 23.21 82.71
CA LYS A 122 -46.89 22.32 82.37
C LYS A 122 -46.34 22.67 80.98
N CYS A 123 -45.78 23.88 80.92
CA CYS A 123 -45.60 24.63 79.68
C CYS A 123 -45.18 23.74 78.52
N LYS A 124 -45.95 23.82 77.44
CA LYS A 124 -45.71 23.06 76.23
C LYS A 124 -46.08 23.93 75.05
N ILE A 125 -46.17 23.32 73.86
CA ILE A 125 -46.60 24.08 72.69
C ILE A 125 -47.99 24.65 72.88
N PRO A 126 -48.83 23.98 73.68
CA PRO A 126 -50.16 24.51 73.95
C PRO A 126 -50.10 25.90 74.53
N ALA A 127 -49.04 26.21 75.28
CA ALA A 127 -48.88 27.56 75.80
C ALA A 127 -48.78 28.56 74.65
N LEU A 128 -47.92 28.28 73.67
CA LEU A 128 -47.88 29.16 72.50
C LEU A 128 -49.12 28.97 71.64
N ASP A 129 -49.72 27.79 71.64
CA ASP A 129 -50.98 27.62 70.94
C ASP A 129 -52.02 28.62 71.45
N LEU A 130 -52.01 28.87 72.76
CA LEU A 130 -52.81 29.94 73.33
C LEU A 130 -52.45 31.27 72.68
N LEU A 131 -51.16 31.50 72.50
CA LEU A 131 -50.64 32.80 72.06
C LEU A 131 -51.13 33.13 70.65
N ILE A 132 -50.76 32.31 69.67
CA ILE A 132 -51.14 32.56 68.29
C ILE A 132 -52.65 32.58 68.14
N LYS A 133 -53.35 31.76 68.92
CA LYS A 133 -54.80 31.92 69.02
C LYS A 133 -55.15 33.38 69.26
N LEU A 134 -54.66 33.92 70.37
CA LEU A 134 -54.94 35.29 70.75
C LEU A 134 -54.55 36.27 69.66
N LEU A 135 -53.49 35.97 68.92
CA LEU A 135 -53.06 36.83 67.83
C LEU A 135 -54.18 37.03 66.82
N GLN A 136 -54.65 35.94 66.22
CA GLN A 136 -55.70 36.05 65.21
C GLN A 136 -56.98 36.61 65.81
N THR A 137 -57.31 36.20 67.04
CA THR A 137 -58.54 36.66 67.66
C THR A 137 -58.59 38.18 67.70
N PHE A 138 -57.66 38.80 68.43
CA PHE A 138 -57.63 40.25 68.45
C PHE A 138 -57.30 40.83 67.09
N ARG A 139 -56.69 40.04 66.20
CA ARG A 139 -56.49 40.50 64.84
C ARG A 139 -57.83 40.70 64.13
N SER A 140 -58.79 39.81 64.38
CA SER A 140 -60.07 39.84 63.71
C SER A 140 -61.15 40.35 64.67
N SER A 141 -62.27 40.78 64.09
CA SER A 141 -63.48 41.10 64.84
C SER A 141 -63.18 41.93 66.09
N ARG A 142 -62.20 42.81 65.98
CA ARG A 142 -61.68 43.58 67.11
C ARG A 142 -62.40 44.89 67.32
N LEU A 143 -63.48 45.13 66.56
CA LEU A 143 -64.12 46.44 66.53
C LEU A 143 -64.97 46.73 67.77
N MET A 144 -65.56 45.71 68.39
CA MET A 144 -65.85 45.75 69.81
C MET A 144 -64.90 44.83 70.56
N ASP A 145 -65.10 44.77 71.88
CA ASP A 145 -64.35 43.90 72.79
C ASP A 145 -62.86 44.19 72.78
N GLU A 146 -62.43 45.29 72.18
CA GLU A 146 -61.03 45.69 72.21
C GLU A 146 -60.55 46.05 73.60
N PHE A 147 -61.43 45.99 74.59
CA PHE A 147 -61.13 46.39 75.95
C PHE A 147 -61.01 45.22 76.90
N LYS A 148 -61.46 44.03 76.52
CA LYS A 148 -61.39 42.87 77.41
C LYS A 148 -59.95 42.59 77.80
N ILE A 149 -59.05 42.64 76.83
CA ILE A 149 -57.63 42.59 77.15
C ILE A 149 -57.17 43.82 77.91
N GLY A 150 -57.89 44.95 77.77
CA GLY A 150 -57.42 46.24 78.23
C GLY A 150 -56.91 46.28 79.65
N GLU A 151 -57.19 45.23 80.41
CA GLU A 151 -56.65 45.04 81.74
C GLU A 151 -55.84 43.76 81.87
N LEU A 152 -56.17 42.74 81.10
CA LEU A 152 -55.47 41.46 81.21
C LEU A 152 -53.99 41.63 80.87
N PHE A 153 -53.69 42.32 79.78
CA PHE A 153 -52.31 42.42 79.32
C PHE A 153 -51.44 43.12 80.36
N SER A 154 -52.00 44.14 81.02
CA SER A 154 -51.21 44.94 81.94
C SER A 154 -50.67 44.09 83.07
N LYS A 155 -51.56 43.32 83.70
CA LYS A 155 -51.08 42.39 84.72
C LYS A 155 -50.30 41.24 84.10
N PHE A 156 -50.68 40.78 82.90
CA PHE A 156 -49.87 39.78 82.21
C PHE A 156 -48.43 40.26 82.10
N TYR A 157 -48.26 41.54 81.79
CA TYR A 157 -46.94 42.15 81.90
C TYR A 157 -46.36 41.94 83.30
N GLY A 158 -47.21 41.97 84.33
CA GLY A 158 -46.73 41.82 85.68
C GLY A 158 -46.04 40.49 85.95
N GLU A 159 -46.68 39.38 85.54
CA GLU A 159 -46.07 38.09 85.84
C GLU A 159 -44.75 37.94 85.09
N LEU A 160 -44.75 38.27 83.80
CA LEU A 160 -43.50 38.28 83.06
C LEU A 160 -42.55 39.35 83.57
N ALA A 161 -43.07 40.35 84.29
CA ALA A 161 -42.16 41.29 84.94
C ALA A 161 -41.38 40.65 86.07
N LEU A 162 -41.74 39.43 86.49
CA LEU A 162 -40.92 38.71 87.45
C LEU A 162 -39.54 38.50 86.85
N LYS A 163 -38.51 39.01 87.53
CA LYS A 163 -37.21 39.19 86.91
C LYS A 163 -36.48 37.87 86.74
N LYS A 164 -36.35 37.10 87.83
CA LYS A 164 -35.74 35.77 87.77
C LYS A 164 -36.78 34.75 87.26
N LYS A 165 -37.28 35.01 86.05
CA LYS A 165 -38.40 34.24 85.53
C LYS A 165 -37.98 32.81 85.23
N ILE A 166 -38.66 31.85 85.85
CA ILE A 166 -38.41 30.45 85.54
C ILE A 166 -38.78 30.11 84.10
N PRO A 167 -39.96 30.50 83.57
CA PRO A 167 -40.32 30.06 82.21
C PRO A 167 -39.50 30.74 81.14
N ASP A 168 -38.20 30.42 81.09
CA ASP A 168 -37.33 30.98 80.08
C ASP A 168 -37.36 30.21 78.77
N THR A 169 -38.08 29.09 78.73
CA THR A 169 -38.16 28.33 77.49
C THR A 169 -38.89 29.16 76.44
N VAL A 170 -39.03 28.59 75.24
CA VAL A 170 -39.49 29.41 74.14
C VAL A 170 -40.95 29.73 74.36
N LEU A 171 -41.20 30.90 74.93
CA LEU A 171 -42.54 31.38 75.21
C LEU A 171 -42.67 32.86 74.94
N GLU A 172 -41.61 33.50 74.47
CA GLU A 172 -41.50 34.94 74.51
C GLU A 172 -42.28 35.62 73.40
N LYS A 173 -42.87 34.85 72.49
CA LYS A 173 -43.76 35.45 71.51
C LYS A 173 -44.97 36.11 72.17
N VAL A 174 -45.15 35.94 73.49
CA VAL A 174 -46.10 36.76 74.22
C VAL A 174 -45.72 38.22 74.07
N TYR A 175 -44.44 38.50 73.97
CA TYR A 175 -43.97 39.87 73.78
C TYR A 175 -44.51 40.44 72.48
N GLU A 176 -44.51 39.62 71.43
CA GLU A 176 -45.25 39.94 70.23
C GLU A 176 -46.71 40.27 70.58
N LEU A 177 -47.34 39.40 71.36
CA LEU A 177 -48.77 39.54 71.66
C LEU A 177 -49.05 40.83 72.43
N LEU A 178 -48.22 41.16 73.42
CA LEU A 178 -48.36 42.45 74.07
C LEU A 178 -48.16 43.58 73.07
N GLY A 179 -47.16 43.46 72.21
CA GLY A 179 -47.00 44.45 71.16
C GLY A 179 -48.22 44.53 70.27
N LEU A 180 -48.86 43.40 70.00
CA LEU A 180 -50.10 43.39 69.23
C LEU A 180 -51.16 44.16 69.99
N LEU A 181 -51.49 45.36 69.51
CA LEU A 181 -52.54 46.18 70.08
C LEU A 181 -53.44 46.67 68.96
N GLY A 182 -54.42 45.84 68.62
CA GLY A 182 -55.46 46.22 67.69
C GLY A 182 -56.61 46.96 68.31
N GLU A 183 -56.52 47.29 69.60
CA GLU A 183 -57.61 47.98 70.27
C GLU A 183 -57.64 49.43 69.82
N VAL A 184 -58.55 50.20 70.41
CA VAL A 184 -58.71 51.61 70.07
C VAL A 184 -57.45 52.39 70.42
N HIS A 185 -56.48 51.72 71.05
CA HIS A 185 -55.23 52.32 71.50
C HIS A 185 -55.53 53.46 72.46
N PRO A 186 -56.11 53.17 73.61
CA PRO A 186 -56.43 54.24 74.56
C PRO A 186 -55.15 54.81 75.15
N SER A 187 -55.32 55.88 75.92
CA SER A 187 -54.17 56.54 76.51
C SER A 187 -53.37 55.58 77.38
N GLU A 188 -54.06 54.77 78.18
CA GLU A 188 -53.36 53.86 79.08
C GLU A 188 -52.43 52.93 78.30
N MET A 189 -52.83 52.55 77.09
CA MET A 189 -51.94 51.79 76.23
C MET A 189 -50.63 52.54 76.05
N ILE A 190 -50.73 53.83 75.75
CA ILE A 190 -49.55 54.68 75.75
C ILE A 190 -49.01 54.83 77.17
N ASN A 191 -49.88 55.06 78.15
CA ASN A 191 -49.41 55.28 79.51
C ASN A 191 -48.62 54.09 80.02
N ASN A 192 -48.95 52.89 79.54
CA ASN A 192 -48.08 51.76 79.80
C ASN A 192 -46.88 51.77 78.85
N ALA A 193 -47.06 52.30 77.64
CA ALA A 193 -46.12 52.03 76.56
C ALA A 193 -44.73 52.60 76.84
N GLU A 194 -44.63 53.75 77.50
CA GLU A 194 -43.34 54.43 77.60
C GLU A 194 -42.32 53.58 78.34
N ASN A 195 -42.69 53.04 79.51
CA ASN A 195 -41.77 52.17 80.21
C ASN A 195 -41.71 50.81 79.53
N LEU A 196 -42.76 50.44 78.81
CA LEU A 196 -42.66 49.27 77.95
C LEU A 196 -41.53 49.45 76.95
N PHE A 197 -41.50 50.60 76.26
CA PHE A 197 -40.34 50.90 75.44
C PHE A 197 -39.07 50.76 76.24
N ARG A 198 -39.06 51.34 77.45
CA ARG A 198 -37.90 51.22 78.32
C ARG A 198 -37.58 49.76 78.59
N ALA A 199 -38.59 48.98 78.94
CA ALA A 199 -38.37 47.55 79.15
C ALA A 199 -37.89 46.88 77.87
N PHE A 200 -38.47 47.26 76.74
CA PHE A 200 -38.10 46.65 75.46
C PHE A 200 -36.62 46.88 75.18
N LEU A 201 -36.26 48.14 74.98
CA LEU A 201 -34.89 48.50 74.65
C LEU A 201 -33.90 47.96 75.68
N GLY A 202 -34.27 47.98 76.95
CA GLY A 202 -33.39 47.46 77.97
C GLY A 202 -33.05 46.01 77.73
N GLU A 203 -34.05 45.22 77.35
CA GLU A 203 -33.80 43.82 77.04
C GLU A 203 -33.02 43.66 75.76
N LEU A 204 -33.24 44.55 74.79
CA LEU A 204 -32.47 44.53 73.54
C LEU A 204 -30.99 44.53 73.82
N LYS A 205 -30.52 45.46 74.64
CA LYS A 205 -29.12 45.45 75.02
C LYS A 205 -28.79 44.17 75.77
N THR A 206 -29.69 43.76 76.66
CA THR A 206 -29.44 42.58 77.48
C THR A 206 -29.26 41.34 76.63
N GLN A 207 -30.09 41.18 75.59
CA GLN A 207 -30.08 39.91 74.87
C GLN A 207 -28.85 39.70 74.01
N MET A 208 -28.39 40.72 73.29
CA MET A 208 -27.40 40.35 72.29
C MET A 208 -26.18 41.27 72.28
N THR A 209 -26.38 42.53 72.66
CA THR A 209 -25.31 43.51 72.51
C THR A 209 -24.07 43.08 73.29
N SER A 210 -24.21 42.91 74.61
CA SER A 210 -23.14 42.32 75.38
C SER A 210 -23.02 40.82 75.18
N ALA A 211 -24.01 40.20 74.55
CA ALA A 211 -24.01 38.75 74.35
C ALA A 211 -23.12 38.41 73.16
N VAL A 212 -21.82 38.60 73.37
CA VAL A 212 -20.82 38.11 72.45
C VAL A 212 -20.63 36.64 72.79
N ARG A 213 -21.44 36.14 73.72
CA ARG A 213 -21.26 34.80 74.26
C ARG A 213 -22.62 34.13 74.38
N GLU A 214 -22.67 33.11 75.23
CA GLU A 214 -23.78 32.21 75.54
C GLU A 214 -25.09 32.88 75.97
N PRO A 215 -25.10 34.15 76.41
CA PRO A 215 -26.38 34.85 76.43
C PRO A 215 -27.04 34.84 75.05
N LYS A 216 -28.20 34.18 74.96
CA LYS A 216 -28.81 33.72 73.71
C LYS A 216 -30.33 33.75 73.75
N LEU A 217 -30.95 32.80 73.03
CA LEU A 217 -32.34 32.76 72.56
C LEU A 217 -32.58 33.76 71.44
N PRO A 218 -31.97 33.53 70.27
CA PRO A 218 -32.37 34.31 69.09
C PRO A 218 -33.84 34.16 68.78
N VAL A 219 -34.45 33.06 69.19
CA VAL A 219 -35.91 32.96 69.11
C VAL A 219 -36.55 34.06 69.94
N LEU A 220 -36.01 34.31 71.13
CA LEU A 220 -36.46 35.46 71.90
C LEU A 220 -36.17 36.75 71.15
N ALA A 221 -35.03 36.80 70.48
CA ALA A 221 -34.69 37.98 69.68
C ALA A 221 -35.75 38.24 68.62
N GLY A 222 -36.28 37.19 68.01
CA GLY A 222 -37.41 37.36 67.11
C GLY A 222 -38.66 37.83 67.85
N CYS A 223 -38.90 37.29 69.04
CA CYS A 223 -40.11 37.62 69.79
C CYS A 223 -40.14 39.11 70.15
N LEU A 224 -38.97 39.68 70.42
CA LEU A 224 -38.89 41.13 70.52
C LEU A 224 -38.80 41.80 69.14
N LYS A 225 -38.39 41.08 68.11
CA LYS A 225 -38.24 41.72 66.80
C LYS A 225 -39.58 42.16 66.23
N GLY A 226 -40.55 41.25 66.17
CA GLY A 226 -41.89 41.65 65.74
C GLY A 226 -42.66 42.40 66.79
N LEU A 227 -42.24 42.31 68.06
CA LEU A 227 -42.78 43.19 69.08
C LEU A 227 -42.68 44.64 68.63
N SER A 228 -41.49 45.05 68.18
CA SER A 228 -41.23 46.43 67.84
C SER A 228 -42.20 46.97 66.80
N SER A 229 -42.90 46.09 66.10
CA SER A 229 -43.73 46.52 64.99
C SER A 229 -44.81 47.50 65.40
N LEU A 230 -45.78 47.03 66.19
CA LEU A 230 -46.98 47.84 66.40
C LEU A 230 -46.68 49.08 67.20
N LEU A 231 -45.64 49.04 68.02
CA LEU A 231 -45.20 50.22 68.75
C LEU A 231 -45.07 51.41 67.82
N CYS A 232 -44.18 51.29 66.84
CA CYS A 232 -43.98 52.37 65.89
C CYS A 232 -45.13 52.51 64.92
N ASN A 233 -45.89 51.44 64.67
CA ASN A 233 -47.11 51.60 63.86
C ASN A 233 -48.07 52.56 64.53
N PHE A 234 -47.97 52.71 65.84
CA PHE A 234 -48.94 53.53 66.57
C PHE A 234 -48.45 54.94 66.80
N THR A 235 -47.18 55.10 67.14
CA THR A 235 -46.67 56.40 67.55
C THR A 235 -45.15 56.35 67.57
N LYS A 236 -44.55 57.42 68.08
CA LYS A 236 -43.11 57.54 68.31
C LYS A 236 -42.33 57.57 66.98
N SER A 237 -42.76 58.44 66.08
CA SER A 237 -41.93 58.81 64.93
C SER A 237 -40.78 59.70 65.42
N MET A 238 -39.88 60.04 64.51
CA MET A 238 -38.70 60.82 64.91
C MET A 238 -39.04 62.30 65.04
N GLU A 239 -38.90 62.83 66.26
CA GLU A 239 -38.98 64.26 66.49
C GLU A 239 -37.88 64.82 67.38
N GLU A 240 -37.25 64.05 68.26
CA GLU A 240 -36.22 64.58 69.15
C GLU A 240 -35.34 63.43 69.64
N ASP A 241 -34.49 63.74 70.64
CA ASP A 241 -33.40 62.85 71.02
C ASP A 241 -33.85 61.48 71.48
N PRO A 242 -34.86 61.33 72.35
CA PRO A 242 -35.31 59.97 72.69
C PRO A 242 -35.63 59.17 71.45
N GLN A 243 -36.31 59.77 70.48
CA GLN A 243 -36.51 59.11 69.20
C GLN A 243 -35.16 58.84 68.54
N THR A 244 -34.27 59.81 68.59
CA THR A 244 -32.93 59.61 68.03
C THR A 244 -32.22 58.46 68.72
N SER A 245 -32.28 58.44 70.06
CA SER A 245 -31.67 57.36 70.81
C SER A 245 -32.25 56.02 70.41
N ARG A 246 -33.55 55.99 70.13
CA ARG A 246 -34.19 54.76 69.69
C ARG A 246 -33.64 54.27 68.36
N GLU A 247 -33.48 55.17 67.39
CA GLU A 247 -32.88 54.71 66.14
C GLU A 247 -31.43 54.30 66.33
N ILE A 248 -30.72 54.98 67.22
CA ILE A 248 -29.40 54.51 67.60
C ILE A 248 -29.49 53.07 68.06
N PHE A 249 -30.50 52.77 68.87
CA PHE A 249 -30.78 51.40 69.24
C PHE A 249 -31.19 50.59 68.02
N ASN A 250 -32.06 51.18 67.19
CA ASN A 250 -32.50 50.51 65.99
C ASN A 250 -31.32 50.22 65.09
N PHE A 251 -30.43 51.19 64.95
CA PHE A 251 -29.28 51.05 64.08
C PHE A 251 -28.33 49.99 64.61
N VAL A 252 -28.15 49.93 65.92
CA VAL A 252 -27.35 48.86 66.51
C VAL A 252 -27.89 47.51 66.09
N LEU A 253 -29.20 47.32 66.25
CA LEU A 253 -29.79 46.02 65.99
C LEU A 253 -29.76 45.70 64.50
N LYS A 254 -30.07 46.68 63.66
CA LYS A 254 -29.97 46.44 62.23
C LYS A 254 -28.52 46.34 61.77
N ALA A 255 -27.57 46.86 62.54
CA ALA A 255 -26.17 46.73 62.17
C ALA A 255 -25.55 45.43 62.65
N ILE A 256 -26.10 44.85 63.72
CA ILE A 256 -25.64 43.55 64.19
C ILE A 256 -26.29 42.41 63.41
N ARG A 257 -27.41 42.69 62.76
CA ARG A 257 -28.09 41.68 61.96
C ARG A 257 -27.28 41.19 60.76
N PRO A 258 -26.69 42.05 59.91
CA PRO A 258 -26.22 41.58 58.59
C PRO A 258 -25.20 40.45 58.64
N GLN A 259 -24.07 40.66 59.31
CA GLN A 259 -22.99 39.69 59.25
C GLN A 259 -22.19 39.78 60.55
N ILE A 260 -22.46 38.86 61.47
CA ILE A 260 -21.54 38.53 62.55
C ILE A 260 -21.45 37.01 62.73
N ASP A 261 -22.59 36.33 62.80
CA ASP A 261 -22.68 34.89 62.67
C ASP A 261 -23.67 34.58 61.54
N LEU A 262 -23.75 33.30 61.18
CA LEU A 262 -24.52 32.86 60.03
C LEU A 262 -25.28 31.59 60.37
N LYS A 263 -25.97 31.58 61.52
CA LYS A 263 -26.50 30.33 62.06
C LYS A 263 -27.49 29.65 61.13
N ARG A 264 -28.69 30.20 60.97
CA ARG A 264 -29.67 29.74 59.99
C ARG A 264 -30.93 30.58 60.10
N TYR A 265 -31.90 30.33 59.23
CA TYR A 265 -33.25 30.89 59.27
C TYR A 265 -33.28 32.34 58.85
N ALA A 266 -32.10 32.95 58.70
CA ALA A 266 -31.97 34.38 58.45
C ALA A 266 -33.02 35.17 59.21
N VAL A 267 -33.18 34.82 60.49
CA VAL A 267 -34.24 35.32 61.35
C VAL A 267 -34.24 36.85 61.45
N PRO A 268 -33.12 37.57 61.12
CA PRO A 268 -33.24 39.03 60.91
C PRO A 268 -34.46 39.45 60.10
N SER A 269 -34.95 38.57 59.22
CA SER A 269 -36.11 38.84 58.37
C SER A 269 -37.19 39.59 59.10
N ALA A 270 -37.43 39.23 60.36
CA ALA A 270 -38.36 40.00 61.19
C ALA A 270 -37.93 41.46 61.30
N GLY A 271 -36.64 41.70 61.48
CA GLY A 271 -36.15 43.06 61.48
C GLY A 271 -36.25 43.72 60.12
N LEU A 272 -35.99 42.96 59.04
CA LEU A 272 -36.07 43.53 57.70
C LEU A 272 -37.47 44.05 57.41
N ARG A 273 -38.47 43.20 57.63
CA ARG A 273 -39.85 43.64 57.45
C ARG A 273 -40.17 44.78 58.40
N LEU A 274 -39.72 44.68 59.65
CA LEU A 274 -39.90 45.75 60.62
C LEU A 274 -39.42 47.07 60.05
N PHE A 275 -38.17 47.10 59.60
CA PHE A 275 -37.68 48.24 58.84
C PHE A 275 -38.56 48.55 57.64
N ALA A 276 -39.05 47.51 56.98
CA ALA A 276 -39.75 47.73 55.72
C ALA A 276 -40.98 48.59 55.94
N LEU A 277 -41.95 48.11 56.71
CA LEU A 277 -43.19 48.86 56.86
C LEU A 277 -42.97 50.16 57.61
N HIS A 278 -42.12 50.14 58.63
CA HIS A 278 -41.90 51.34 59.41
C HIS A 278 -40.88 52.21 58.71
N ALA A 279 -41.28 53.42 58.36
CA ALA A 279 -40.35 54.37 57.76
C ALA A 279 -40.42 55.78 58.32
N SER A 280 -41.49 56.14 59.03
CA SER A 280 -41.57 57.44 59.67
C SER A 280 -40.67 57.57 60.87
N GLN A 281 -39.97 56.49 61.25
CA GLN A 281 -39.10 56.50 62.41
C GLN A 281 -37.68 56.92 62.04
N PHE A 282 -37.53 57.79 61.05
CA PHE A 282 -36.21 58.17 60.60
C PHE A 282 -36.11 59.69 60.47
N SER A 283 -35.05 60.24 61.04
CA SER A 283 -34.72 61.66 60.89
C SER A 283 -33.20 61.75 60.89
N THR A 284 -32.63 62.14 59.74
CA THR A 284 -31.19 62.07 59.53
C THR A 284 -30.68 60.66 59.77
N CYS A 285 -31.47 59.69 59.33
CA CYS A 285 -31.19 58.27 59.57
C CYS A 285 -30.79 57.55 58.30
N LEU A 286 -30.19 58.27 57.38
CA LEU A 286 -29.80 57.61 56.13
C LEU A 286 -28.34 57.78 55.80
N LEU A 287 -27.78 58.97 56.03
CA LEU A 287 -26.36 59.20 55.79
C LEU A 287 -25.50 58.30 56.67
N ASP A 288 -25.90 58.15 57.94
CA ASP A 288 -25.36 57.07 58.75
C ASP A 288 -25.62 55.75 58.04
N ASN A 289 -24.56 54.97 57.85
CA ASN A 289 -24.67 53.73 57.10
C ASN A 289 -25.29 53.98 55.73
N TYR A 290 -24.81 55.03 55.07
CA TYR A 290 -25.38 55.45 53.80
C TYR A 290 -25.34 54.32 52.78
N VAL A 291 -24.23 53.60 52.71
CA VAL A 291 -24.09 52.57 51.69
C VAL A 291 -23.97 51.19 52.32
N SER A 292 -23.43 51.11 53.53
CA SER A 292 -23.21 49.80 54.13
C SER A 292 -24.52 49.03 54.23
N LEU A 293 -25.62 49.76 54.48
CA LEU A 293 -26.94 49.16 54.33
C LEU A 293 -27.14 48.61 52.95
N PHE A 294 -26.65 49.31 51.93
CA PHE A 294 -26.94 48.96 50.55
C PHE A 294 -26.41 47.56 50.21
N GLU A 295 -25.13 47.32 50.45
CA GLU A 295 -24.55 46.07 49.98
C GLU A 295 -24.96 44.89 50.84
N VAL A 296 -25.15 45.08 52.14
CA VAL A 296 -25.61 43.96 52.96
C VAL A 296 -26.99 43.54 52.49
N LEU A 297 -27.84 44.50 52.16
CA LEU A 297 -29.08 44.18 51.47
C LEU A 297 -28.80 43.63 50.08
N LEU A 298 -27.81 44.18 49.39
CA LEU A 298 -27.39 43.60 48.13
C LEU A 298 -26.97 42.15 48.31
N LYS A 299 -26.26 41.86 49.40
CA LYS A 299 -26.01 40.47 49.71
C LYS A 299 -27.32 39.72 49.98
N TRP A 300 -28.29 40.40 50.54
CA TRP A 300 -29.57 39.79 50.85
C TRP A 300 -30.57 39.93 49.72
N CYS A 301 -30.14 40.50 48.59
CA CYS A 301 -31.02 40.56 47.43
C CYS A 301 -31.47 39.16 47.02
N ALA A 302 -30.51 38.24 46.95
CA ALA A 302 -30.80 36.85 46.65
C ALA A 302 -30.13 35.99 47.71
N HIS A 303 -30.81 34.92 48.10
CA HIS A 303 -30.27 34.02 49.10
C HIS A 303 -30.97 32.67 48.95
N THR A 304 -30.54 31.70 49.77
CA THR A 304 -31.01 30.33 49.62
C THR A 304 -32.52 30.24 49.79
N ASN A 305 -33.05 30.88 50.82
CA ASN A 305 -34.45 30.76 51.14
C ASN A 305 -35.26 31.77 50.34
N VAL A 306 -36.30 31.29 49.67
CA VAL A 306 -37.08 32.14 48.79
C VAL A 306 -37.90 33.16 49.57
N GLU A 307 -38.43 32.77 50.73
CA GLU A 307 -39.21 33.73 51.50
C GLU A 307 -38.33 34.70 52.26
N LEU A 308 -37.03 34.76 51.95
CA LEU A 308 -36.22 35.86 52.43
C LEU A 308 -36.48 37.13 51.63
N LYS A 309 -36.90 36.97 50.38
CA LYS A 309 -36.95 38.09 49.46
C LYS A 309 -38.03 39.09 49.86
N LYS A 310 -39.13 38.60 50.42
CA LYS A 310 -40.21 39.49 50.84
C LYS A 310 -39.70 40.58 51.76
N ALA A 311 -39.15 40.17 52.91
CA ALA A 311 -38.54 41.14 53.82
C ALA A 311 -37.40 41.87 53.14
N ALA A 312 -36.63 41.17 52.30
CA ALA A 312 -35.53 41.78 51.58
C ALA A 312 -36.01 42.94 50.72
N LEU A 313 -36.82 42.65 49.70
CA LEU A 313 -37.31 43.70 48.81
C LEU A 313 -38.01 44.79 49.60
N SER A 314 -39.00 44.41 50.41
CA SER A 314 -39.78 45.39 51.15
C SER A 314 -38.88 46.38 51.88
N ALA A 315 -37.76 45.89 52.40
CA ALA A 315 -36.77 46.78 52.99
C ALA A 315 -36.24 47.77 51.96
N LEU A 316 -35.94 47.29 50.75
CA LEU A 316 -35.22 48.12 49.79
C LEU A 316 -36.02 49.37 49.42
N GLU A 317 -37.18 49.19 48.80
CA GLU A 317 -37.95 50.35 48.39
C GLU A 317 -38.33 51.21 49.58
N SER A 318 -38.56 50.59 50.74
CA SER A 318 -38.75 51.39 51.95
C SER A 318 -37.52 52.26 52.19
N PHE A 319 -36.34 51.67 52.11
CA PHE A 319 -35.13 52.47 52.12
C PHE A 319 -35.08 53.43 50.93
N LEU A 320 -35.42 52.92 49.75
CA LEU A 320 -35.39 53.75 48.56
C LEU A 320 -36.31 54.95 48.70
N LYS A 321 -37.53 54.71 49.16
CA LYS A 321 -38.47 55.80 49.27
C LYS A 321 -38.00 56.82 50.30
N GLN A 322 -37.42 56.36 51.40
CA GLN A 322 -36.94 57.32 52.38
C GLN A 322 -35.96 58.26 51.73
N VAL A 323 -34.86 57.70 51.25
CA VAL A 323 -33.82 58.46 50.56
C VAL A 323 -34.41 59.13 49.33
N SER A 324 -35.70 58.89 49.07
CA SER A 324 -36.37 59.51 47.95
C SER A 324 -36.71 60.91 48.41
N ASN A 325 -37.83 61.03 49.13
CA ASN A 325 -38.29 62.32 49.65
C ASN A 325 -37.20 63.10 50.39
N MET A 326 -36.46 62.43 51.27
CA MET A 326 -35.39 63.06 52.04
C MET A 326 -34.42 63.80 51.12
N VAL A 327 -33.94 63.11 50.09
CA VAL A 327 -33.03 63.73 49.14
C VAL A 327 -33.81 64.66 48.22
N ALA A 328 -34.97 64.21 47.75
CA ALA A 328 -35.77 65.06 46.89
C ALA A 328 -36.13 66.37 47.59
N LYS A 329 -35.68 66.51 48.84
CA LYS A 329 -35.96 67.71 49.62
C LYS A 329 -34.66 68.33 50.12
N ASN A 330 -33.55 67.62 49.97
CA ASN A 330 -32.25 68.12 50.41
C ASN A 330 -31.12 67.62 49.52
N ALA A 331 -31.38 67.55 48.21
CA ALA A 331 -30.37 67.10 47.26
C ALA A 331 -29.10 67.93 47.38
N GLU A 332 -29.25 69.22 47.70
CA GLU A 332 -28.13 70.15 47.67
C GLU A 332 -27.01 69.74 48.63
N MET A 333 -27.32 69.51 49.90
CA MET A 333 -26.28 69.00 50.80
C MET A 333 -26.07 67.50 50.65
N HIS A 334 -26.60 66.90 49.60
CA HIS A 334 -26.28 65.50 49.31
C HIS A 334 -26.07 65.29 47.82
N LYS A 335 -25.76 66.34 47.07
CA LYS A 335 -25.61 66.19 45.62
C LYS A 335 -24.58 65.13 45.29
N ASN A 336 -23.38 65.24 45.87
CA ASN A 336 -22.35 64.25 45.61
C ASN A 336 -22.80 62.85 46.00
N LYS A 337 -23.33 62.70 47.20
CA LYS A 337 -23.73 61.37 47.68
C LYS A 337 -24.65 60.71 46.66
N LEU A 338 -25.73 61.42 46.29
CA LEU A 338 -26.67 60.90 45.32
C LEU A 338 -26.01 60.67 43.96
N GLN A 339 -25.28 61.67 43.46
CA GLN A 339 -24.65 61.56 42.16
C GLN A 339 -23.81 60.30 42.08
N TYR A 340 -23.00 60.06 43.10
CA TYR A 340 -22.30 58.79 43.17
C TYR A 340 -23.29 57.65 43.37
N PHE A 341 -24.00 57.68 44.51
CA PHE A 341 -24.96 56.63 44.87
C PHE A 341 -25.68 56.11 43.65
N MET A 342 -26.11 57.02 42.78
CA MET A 342 -26.64 56.67 41.48
C MET A 342 -25.65 55.79 40.73
N GLU A 343 -24.49 56.37 40.42
CA GLU A 343 -23.72 55.91 39.26
C GLU A 343 -23.12 54.51 39.44
N GLN A 344 -22.43 54.25 40.55
CA GLN A 344 -21.90 52.90 40.71
C GLN A 344 -23.06 51.92 40.86
N PHE A 345 -24.04 52.29 41.67
CA PHE A 345 -25.18 51.40 41.90
C PHE A 345 -26.00 51.25 40.62
N TYR A 346 -26.14 52.32 39.85
CA TYR A 346 -26.62 52.18 38.48
C TYR A 346 -25.81 51.13 37.72
N GLY A 347 -24.51 51.39 37.57
CA GLY A 347 -23.71 50.60 36.64
C GLY A 347 -23.55 49.16 37.07
N ILE A 348 -23.25 48.93 38.35
CA ILE A 348 -22.96 47.58 38.82
C ILE A 348 -24.17 46.69 38.62
N ILE A 349 -25.37 47.21 38.86
CA ILE A 349 -26.55 46.37 38.79
C ILE A 349 -27.17 46.42 37.41
N ARG A 350 -26.65 47.29 36.53
CA ARG A 350 -27.13 47.39 35.16
C ARG A 350 -27.37 46.02 34.55
N ASN A 351 -26.39 45.14 34.69
CA ASN A 351 -26.46 43.80 34.15
C ASN A 351 -26.89 42.84 35.24
N VAL A 352 -27.90 42.02 34.92
CA VAL A 352 -28.18 40.86 35.76
C VAL A 352 -27.01 39.90 35.64
N ASP A 353 -26.70 39.23 36.75
CA ASP A 353 -25.64 38.22 36.75
C ASP A 353 -26.18 36.81 36.97
N SER A 354 -26.93 36.56 38.05
CA SER A 354 -27.49 35.23 38.25
C SER A 354 -28.87 35.19 38.91
N ASN A 355 -29.49 36.33 39.23
CA ASN A 355 -30.78 36.33 39.90
C ASN A 355 -31.92 36.59 38.93
N ASN A 356 -31.89 37.72 38.23
CA ASN A 356 -32.89 38.13 37.25
C ASN A 356 -34.27 38.30 37.89
N LYS A 357 -34.35 38.20 39.22
CA LYS A 357 -35.49 38.66 39.97
C LYS A 357 -35.18 39.98 40.69
N GLU A 358 -33.94 40.44 40.60
CA GLU A 358 -33.48 41.67 41.22
C GLU A 358 -33.74 42.89 40.36
N LEU A 359 -33.24 42.88 39.13
CA LEU A 359 -33.22 44.07 38.28
C LEU A 359 -34.54 44.83 38.31
N SER A 360 -35.64 44.13 38.61
CA SER A 360 -36.90 44.80 38.90
C SER A 360 -36.75 45.77 40.06
N ILE A 361 -36.03 45.36 41.09
CA ILE A 361 -35.73 46.29 42.17
C ILE A 361 -34.83 47.40 41.66
N ALA A 362 -33.84 47.05 40.84
CA ALA A 362 -32.97 48.07 40.28
C ALA A 362 -33.79 49.11 39.54
N ILE A 363 -34.62 48.68 38.60
CA ILE A 363 -35.45 49.61 37.86
C ILE A 363 -36.43 50.30 38.79
N ARG A 364 -36.92 49.58 39.80
CA ARG A 364 -37.77 50.21 40.80
C ARG A 364 -37.05 51.38 41.44
N GLY A 365 -35.76 51.20 41.74
CA GLY A 365 -34.97 52.33 42.18
C GLY A 365 -34.90 53.42 41.15
N TYR A 366 -34.49 53.07 39.92
CA TYR A 366 -34.19 54.10 38.93
C TYR A 366 -35.38 55.01 38.72
N GLY A 367 -36.56 54.42 38.50
CA GLY A 367 -37.77 55.20 38.31
C GLY A 367 -38.14 56.02 39.53
N LEU A 368 -37.61 55.66 40.70
CA LEU A 368 -37.86 56.46 41.89
C LEU A 368 -37.14 57.79 41.83
N PHE A 369 -35.97 57.84 41.21
CA PHE A 369 -35.10 58.98 41.37
C PHE A 369 -35.46 60.16 40.48
N ALA A 370 -36.69 60.15 39.94
CA ALA A 370 -37.15 61.25 39.10
C ALA A 370 -37.06 62.57 39.85
N GLY A 371 -37.68 62.65 41.02
CA GLY A 371 -37.63 63.83 41.84
C GLY A 371 -36.20 64.23 42.15
N PRO A 372 -35.39 63.28 42.61
CA PRO A 372 -33.96 63.54 42.75
C PRO A 372 -33.33 64.12 41.49
N CYS A 373 -33.48 63.44 40.36
CA CYS A 373 -32.91 63.95 39.12
C CYS A 373 -33.71 65.10 38.53
N LYS A 374 -34.89 65.40 39.08
CA LYS A 374 -35.64 66.56 38.64
C LYS A 374 -35.25 67.82 39.40
N VAL A 375 -35.14 67.72 40.73
CA VAL A 375 -34.77 68.90 41.50
C VAL A 375 -33.40 69.40 41.08
N ILE A 376 -32.49 68.49 40.76
CA ILE A 376 -31.16 68.82 40.28
C ILE A 376 -30.99 68.18 38.91
N ASN A 377 -30.44 68.96 37.97
CA ASN A 377 -30.20 68.49 36.62
C ASN A 377 -31.48 68.00 35.95
N ALA A 378 -32.54 68.82 36.05
CA ALA A 378 -33.80 68.48 35.40
C ALA A 378 -33.67 68.35 33.89
N LYS A 379 -32.64 68.96 33.29
CA LYS A 379 -32.39 68.75 31.88
C LYS A 379 -32.15 67.28 31.56
N ASP A 380 -31.64 66.51 32.52
CA ASP A 380 -31.28 65.13 32.29
C ASP A 380 -32.46 64.17 32.39
N VAL A 381 -33.58 64.61 32.98
CA VAL A 381 -34.69 63.69 33.20
C VAL A 381 -35.23 63.19 31.87
N ASP A 382 -35.24 64.05 30.85
CA ASP A 382 -35.78 63.68 29.56
C ASP A 382 -35.00 62.51 28.98
N PHE A 383 -33.68 62.67 28.90
CA PHE A 383 -32.84 61.65 28.30
C PHE A 383 -32.91 60.35 29.10
N MET A 384 -32.84 60.48 30.43
CA MET A 384 -32.96 59.31 31.28
C MET A 384 -34.29 58.60 31.04
N TYR A 385 -35.38 59.37 31.00
CA TYR A 385 -36.66 58.81 30.63
C TYR A 385 -36.56 58.13 29.27
N VAL A 386 -36.00 58.84 28.29
CA VAL A 386 -35.85 58.24 26.97
C VAL A 386 -34.96 57.01 27.06
N GLU A 387 -33.95 57.05 27.92
CA GLU A 387 -33.13 55.85 28.13
C GLU A 387 -33.97 54.69 28.64
N LEU A 388 -34.81 54.94 29.63
CA LEU A 388 -35.75 53.93 30.07
C LEU A 388 -36.58 53.43 28.91
N ILE A 389 -36.95 54.34 28.01
CA ILE A 389 -37.71 53.96 26.84
C ILE A 389 -36.89 53.05 25.95
N GLN A 390 -35.60 53.36 25.78
CA GLN A 390 -34.76 52.45 25.01
C GLN A 390 -34.36 51.21 25.76
N ARG A 391 -34.91 50.97 26.95
CA ARG A 391 -34.76 49.66 27.55
C ARG A 391 -36.08 48.91 27.69
N CYS A 392 -37.18 49.63 27.88
CA CYS A 392 -38.47 49.03 28.17
C CYS A 392 -38.98 48.14 27.05
N LYS A 393 -39.25 48.72 25.88
CA LYS A 393 -39.91 47.97 24.82
C LYS A 393 -39.01 46.89 24.24
N GLN A 394 -37.70 47.08 24.33
CA GLN A 394 -36.72 46.22 23.69
C GLN A 394 -36.69 44.82 24.25
N MET A 395 -37.33 44.58 25.39
CA MET A 395 -37.23 43.26 25.99
C MET A 395 -38.24 42.30 25.38
N PHE A 396 -39.52 42.61 25.43
CA PHE A 396 -40.52 41.64 25.02
C PHE A 396 -41.41 42.13 23.88
N LEU A 397 -41.78 43.41 23.88
CA LEU A 397 -42.57 43.93 22.78
C LEU A 397 -41.90 43.66 21.45
N THR A 398 -40.58 43.81 21.41
CA THR A 398 -39.86 43.71 20.15
C THR A 398 -39.90 42.30 19.59
N GLN A 399 -39.87 41.27 20.43
CA GLN A 399 -39.78 39.92 19.91
C GLN A 399 -40.43 38.93 20.87
N THR A 400 -40.89 37.82 20.29
CA THR A 400 -41.41 36.70 21.05
C THR A 400 -40.25 35.97 21.71
N ASP A 401 -40.00 36.28 22.97
CA ASP A 401 -38.78 35.88 23.67
C ASP A 401 -38.63 34.38 23.87
N THR A 402 -37.50 33.98 24.45
CA THR A 402 -37.28 32.63 24.94
C THR A 402 -37.10 32.57 26.44
N GLY A 403 -36.87 33.70 27.10
CA GLY A 403 -36.74 33.73 28.55
C GLY A 403 -37.86 34.51 29.21
N ASP A 404 -38.66 33.83 30.02
CA ASP A 404 -39.83 34.43 30.65
C ASP A 404 -39.56 34.94 32.06
N ASP A 405 -38.29 35.03 32.46
CA ASP A 405 -37.97 35.47 33.81
C ASP A 405 -38.43 36.89 34.06
N ARG A 406 -38.21 37.77 33.09
CA ARG A 406 -38.60 39.17 33.26
C ARG A 406 -40.11 39.32 33.38
N VAL A 407 -40.89 38.37 32.86
CA VAL A 407 -42.33 38.42 33.04
C VAL A 407 -42.67 38.44 34.52
N TYR A 408 -41.81 37.85 35.35
CA TYR A 408 -41.96 37.97 36.79
C TYR A 408 -41.85 39.41 37.25
N GLN A 409 -41.26 40.28 36.43
CA GLN A 409 -40.91 41.63 36.85
C GLN A 409 -41.65 42.70 36.06
N MET A 410 -42.44 42.31 35.05
CA MET A 410 -43.21 43.26 34.24
C MET A 410 -43.81 44.42 35.03
N PRO A 411 -44.45 44.21 36.18
CA PRO A 411 -44.97 45.35 36.96
C PRO A 411 -43.92 46.40 37.25
N SER A 412 -42.81 45.98 37.87
CA SER A 412 -41.76 46.89 38.30
C SER A 412 -41.42 47.91 37.23
N PHE A 413 -41.44 47.48 35.97
CA PHE A 413 -41.01 48.30 34.85
C PHE A 413 -41.87 49.55 34.77
N LEU A 414 -43.18 49.38 34.54
CA LEU A 414 -44.07 50.52 34.50
C LEU A 414 -44.35 51.08 35.89
N GLN A 415 -44.24 50.23 36.92
CA GLN A 415 -44.25 50.73 38.29
C GLN A 415 -43.26 51.85 38.48
N SER A 416 -42.25 51.91 37.63
CA SER A 416 -41.23 52.95 37.69
C SER A 416 -41.29 53.91 36.50
N VAL A 417 -41.72 53.44 35.33
CA VAL A 417 -41.77 54.31 34.15
C VAL A 417 -42.79 55.42 34.36
N ALA A 418 -43.98 55.05 34.84
CA ALA A 418 -44.96 56.07 35.20
C ALA A 418 -44.43 56.98 36.28
N SER A 419 -43.63 56.42 37.20
CA SER A 419 -43.10 57.20 38.32
C SER A 419 -42.34 58.42 37.83
N VAL A 420 -41.39 58.21 36.92
CA VAL A 420 -40.67 59.35 36.36
C VAL A 420 -41.60 60.18 35.49
N LEU A 421 -42.41 59.53 34.66
CA LEU A 421 -43.26 60.25 33.72
C LEU A 421 -44.21 61.19 34.45
N LEU A 422 -44.71 60.76 35.62
CA LEU A 422 -45.51 61.65 36.43
C LEU A 422 -44.79 62.97 36.66
N TYR A 423 -43.49 62.90 36.94
CA TYR A 423 -42.73 64.13 37.08
C TYR A 423 -42.54 64.80 35.73
N LEU A 424 -42.39 64.02 34.66
CA LEU A 424 -42.29 64.61 33.35
C LEU A 424 -43.56 65.38 33.01
N ASP A 425 -43.37 66.60 32.51
CA ASP A 425 -44.47 67.44 32.05
C ASP A 425 -44.61 67.46 30.55
N THR A 426 -43.51 67.25 29.83
CA THR A 426 -43.54 67.21 28.37
C THR A 426 -42.73 66.02 27.91
N VAL A 427 -43.22 65.35 26.88
CA VAL A 427 -42.66 64.05 26.48
C VAL A 427 -42.86 63.87 24.98
N PRO A 428 -41.90 63.23 24.29
CA PRO A 428 -42.18 62.80 22.91
C PRO A 428 -43.30 61.78 22.87
N GLU A 429 -44.44 62.21 22.34
CA GLU A 429 -45.63 61.38 22.25
C GLU A 429 -45.45 60.23 21.26
N VAL A 430 -44.38 60.25 20.47
CA VAL A 430 -44.13 59.18 19.52
C VAL A 430 -44.12 57.82 20.20
N TYR A 431 -43.74 57.77 21.47
CA TYR A 431 -43.66 56.51 22.19
C TYR A 431 -44.97 56.12 22.86
N THR A 432 -45.95 57.03 22.88
CA THR A 432 -47.23 56.70 23.48
C THR A 432 -47.90 55.48 22.85
N PRO A 433 -47.97 55.34 21.52
CA PRO A 433 -48.57 54.10 20.98
C PRO A 433 -47.78 52.87 21.38
N VAL A 434 -46.47 53.00 21.49
CA VAL A 434 -45.66 51.92 22.06
C VAL A 434 -46.09 51.66 23.50
N LEU A 435 -46.11 52.72 24.31
CA LEU A 435 -46.43 52.58 25.72
C LEU A 435 -47.83 52.01 25.91
N GLU A 436 -48.78 52.49 25.10
CA GLU A 436 -50.07 51.82 24.96
C GLU A 436 -49.90 50.31 24.84
N HIS A 437 -49.33 49.87 23.71
CA HIS A 437 -49.26 48.44 23.45
C HIS A 437 -48.40 47.73 24.48
N LEU A 438 -47.46 48.44 25.10
CA LEU A 438 -46.76 47.87 26.24
C LEU A 438 -47.73 47.49 27.34
N VAL A 439 -48.59 48.42 27.72
CA VAL A 439 -49.49 48.20 28.85
C VAL A 439 -50.33 46.95 28.63
N VAL A 440 -50.88 46.82 27.43
CA VAL A 440 -51.79 45.73 27.13
C VAL A 440 -51.11 44.39 27.36
N MET A 441 -49.83 44.29 26.98
CA MET A 441 -49.14 43.02 27.09
C MET A 441 -48.95 42.61 28.54
N GLN A 442 -48.54 43.54 29.40
CA GLN A 442 -48.46 43.21 30.82
C GLN A 442 -49.82 42.80 31.33
N ILE A 443 -50.88 43.42 30.81
CA ILE A 443 -52.22 42.96 31.08
C ILE A 443 -52.38 41.52 30.60
N ASP A 444 -51.74 41.19 29.48
CA ASP A 444 -51.95 39.88 28.87
C ASP A 444 -51.41 38.77 29.75
N SER A 445 -50.10 38.76 29.97
CA SER A 445 -49.47 37.75 30.80
C SER A 445 -49.15 38.29 32.19
N PHE A 446 -50.05 38.04 33.13
CA PHE A 446 -49.88 38.50 34.50
C PHE A 446 -50.71 37.68 35.48
N PRO A 447 -51.69 36.92 34.95
CA PRO A 447 -52.58 36.08 35.76
C PRO A 447 -51.96 34.71 36.03
N GLN A 448 -50.81 34.43 35.42
CA GLN A 448 -50.15 33.15 35.61
C GLN A 448 -49.02 33.25 36.63
N TYR A 449 -49.11 34.24 37.51
CA TYR A 449 -48.10 34.45 38.55
C TYR A 449 -48.72 34.34 39.93
N SER A 450 -47.87 34.28 40.96
CA SER A 450 -48.33 34.17 42.33
C SER A 450 -49.27 35.33 42.66
N PRO A 451 -50.43 35.05 43.26
CA PRO A 451 -51.45 36.11 43.40
C PRO A 451 -50.91 37.39 44.01
N LYS A 452 -49.93 37.28 44.91
CA LYS A 452 -49.35 38.47 45.51
C LYS A 452 -48.70 39.37 44.48
N MET A 453 -48.04 38.79 43.47
CA MET A 453 -47.40 39.68 42.50
C MET A 453 -48.46 40.40 41.69
N GLN A 454 -49.53 39.72 41.32
CA GLN A 454 -50.65 40.43 40.71
C GLN A 454 -51.19 41.49 41.67
N LEU A 455 -51.14 41.22 42.97
CA LEU A 455 -51.56 42.25 43.93
C LEU A 455 -50.69 43.49 43.79
N VAL A 456 -49.38 43.31 43.85
CA VAL A 456 -48.49 44.44 43.65
C VAL A 456 -48.48 44.87 42.19
N CYS A 457 -48.79 43.96 41.27
CA CYS A 457 -49.06 44.39 39.90
C CYS A 457 -50.15 45.44 39.90
N CYS A 458 -51.28 45.15 40.55
CA CYS A 458 -52.41 46.07 40.56
C CYS A 458 -51.94 47.46 40.94
N ARG A 459 -51.02 47.55 41.89
CA ARG A 459 -50.46 48.84 42.26
C ARG A 459 -49.84 49.52 41.06
N ALA A 460 -49.09 48.78 40.24
CA ALA A 460 -48.43 49.40 39.11
C ALA A 460 -49.43 49.95 38.11
N ILE A 461 -50.49 49.20 37.83
CA ILE A 461 -51.51 49.68 36.92
C ILE A 461 -52.18 50.92 37.48
N VAL A 462 -52.49 50.91 38.76
CA VAL A 462 -53.02 52.12 39.38
C VAL A 462 -52.05 53.26 39.21
N LYS A 463 -50.76 52.99 39.44
CA LYS A 463 -49.76 54.05 39.30
C LYS A 463 -49.72 54.57 37.87
N VAL A 464 -49.66 53.67 36.90
CA VAL A 464 -49.49 54.12 35.52
C VAL A 464 -50.69 54.93 35.06
N PHE A 465 -51.89 54.51 35.45
CA PHE A 465 -53.05 55.19 34.91
C PHE A 465 -53.25 56.53 35.57
N LEU A 466 -52.79 56.68 36.81
CA LEU A 466 -52.72 58.01 37.41
C LEU A 466 -51.80 58.91 36.59
N ALA A 467 -50.66 58.36 36.15
CA ALA A 467 -49.78 59.12 35.27
C ALA A 467 -50.50 59.50 33.99
N LEU A 468 -51.24 58.56 33.41
CA LEU A 468 -52.09 58.90 32.27
C LEU A 468 -53.12 59.95 32.65
N ALA A 469 -53.73 59.79 33.83
CA ALA A 469 -54.68 60.78 34.32
C ALA A 469 -54.04 62.16 34.40
N ALA A 470 -52.73 62.20 34.62
CA ALA A 470 -52.04 63.48 34.68
C ALA A 470 -52.06 64.20 33.34
N LYS A 471 -51.99 63.47 32.24
CA LYS A 471 -51.81 64.11 30.93
C LYS A 471 -53.12 64.09 30.17
N GLY A 472 -53.66 65.29 29.94
CA GLY A 472 -54.91 65.48 29.25
C GLY A 472 -54.92 65.21 27.75
N PRO A 473 -53.90 65.70 27.00
CA PRO A 473 -53.98 65.62 25.54
C PRO A 473 -54.23 64.23 24.98
N VAL A 474 -53.94 63.18 25.75
CA VAL A 474 -54.34 61.82 25.39
C VAL A 474 -55.30 61.25 26.42
N LEU A 475 -55.69 62.06 27.40
CA LEU A 475 -56.45 61.60 28.56
C LEU A 475 -57.54 60.62 28.16
N ARG A 476 -58.30 60.96 27.12
CA ARG A 476 -59.33 60.07 26.61
C ARG A 476 -58.74 59.00 25.70
N ASN A 477 -57.92 59.41 24.74
CA ASN A 477 -57.46 58.50 23.69
C ASN A 477 -56.72 57.32 24.28
N CYS A 478 -55.82 57.58 25.24
CA CYS A 478 -55.05 56.51 25.84
C CYS A 478 -55.97 55.45 26.44
N ILE A 479 -56.79 55.86 27.41
CA ILE A 479 -57.62 54.90 28.13
C ILE A 479 -58.65 54.28 27.20
N SER A 480 -59.19 55.06 26.26
CA SER A 480 -60.10 54.51 25.27
C SER A 480 -59.47 53.30 24.60
N THR A 481 -58.20 53.42 24.20
CA THR A 481 -57.50 52.31 23.60
C THR A 481 -57.28 51.19 24.63
N VAL A 482 -56.71 51.51 25.78
CA VAL A 482 -56.27 50.45 26.69
C VAL A 482 -57.41 49.51 27.00
N VAL A 483 -58.58 50.06 27.31
CA VAL A 483 -59.75 49.21 27.45
C VAL A 483 -60.09 48.55 26.13
N HIS A 484 -59.99 49.29 25.03
CA HIS A 484 -60.33 48.71 23.74
C HIS A 484 -59.56 47.42 23.50
N GLN A 485 -58.25 47.51 23.31
CA GLN A 485 -57.49 46.31 23.03
C GLN A 485 -57.43 45.37 24.22
N GLY A 486 -57.49 45.91 25.43
CA GLY A 486 -57.57 45.03 26.60
C GLY A 486 -58.77 44.13 26.51
N LEU A 487 -59.92 44.67 26.10
CA LEU A 487 -61.06 43.83 25.81
C LEU A 487 -60.76 42.88 24.68
N ILE A 488 -60.07 43.35 23.64
CA ILE A 488 -59.76 42.48 22.51
C ILE A 488 -59.00 41.26 22.98
N ARG A 489 -57.94 41.48 23.76
CA ARG A 489 -57.09 40.36 24.14
C ARG A 489 -57.84 39.36 25.01
N ILE A 490 -58.61 39.86 25.98
CA ILE A 490 -59.26 38.96 26.90
C ILE A 490 -60.32 38.13 26.19
N CYS A 491 -61.06 38.74 25.27
CA CYS A 491 -62.01 37.97 24.49
C CYS A 491 -61.34 37.17 23.38
N SER A 492 -60.07 37.43 23.11
CA SER A 492 -59.39 36.78 21.99
C SER A 492 -59.32 35.27 22.18
N LYS A 493 -58.94 34.83 23.38
CA LYS A 493 -58.82 33.40 23.59
C LYS A 493 -60.20 32.74 23.56
N PRO A 494 -60.34 31.59 22.90
CA PRO A 494 -61.61 30.88 22.92
C PRO A 494 -61.96 30.41 24.32
N VAL A 495 -63.27 30.25 24.54
CA VAL A 495 -63.81 30.01 25.86
C VAL A 495 -64.34 28.58 25.96
N VAL A 496 -64.35 28.06 27.18
CA VAL A 496 -64.86 26.74 27.49
C VAL A 496 -66.22 26.91 28.17
N LEU A 497 -67.06 25.89 28.03
CA LEU A 497 -68.32 25.86 28.79
C LEU A 497 -68.18 24.82 29.89
N PRO A 498 -67.76 25.22 31.10
CA PRO A 498 -67.60 24.30 32.22
C PRO A 498 -68.92 23.97 32.90
N GLU A 513 -42.29 15.66 38.77
CA GLU A 513 -42.94 15.66 40.07
C GLU A 513 -43.10 17.08 40.59
N VAL A 514 -41.99 17.81 40.64
CA VAL A 514 -41.97 19.20 41.09
C VAL A 514 -41.63 20.04 39.88
N ARG A 515 -42.65 20.54 39.18
CA ARG A 515 -42.44 21.35 37.99
C ARG A 515 -43.71 22.15 37.72
N THR A 516 -43.53 23.34 37.17
CA THR A 516 -44.66 24.16 36.73
C THR A 516 -45.44 23.43 35.64
N GLY A 517 -46.75 23.59 35.67
CA GLY A 517 -47.63 22.93 34.73
C GLY A 517 -47.82 23.71 33.44
N LYS A 518 -48.80 23.26 32.66
CA LYS A 518 -49.17 23.96 31.43
C LYS A 518 -49.67 25.36 31.74
N TRP A 519 -49.36 26.29 30.83
CA TRP A 519 -49.82 27.66 30.96
C TRP A 519 -51.34 27.69 31.09
N LYS A 520 -51.82 28.24 32.21
CA LYS A 520 -53.23 28.32 32.51
C LYS A 520 -53.83 29.66 32.09
N VAL A 521 -53.32 30.25 31.03
CA VAL A 521 -53.77 31.54 30.51
C VAL A 521 -55.29 31.58 30.33
N PRO A 522 -55.95 30.52 29.84
CA PRO A 522 -57.41 30.60 29.69
C PRO A 522 -58.16 30.67 31.02
N THR A 523 -59.48 30.63 30.92
CA THR A 523 -60.51 30.69 31.96
C THR A 523 -60.70 32.10 32.47
N TYR A 524 -59.85 33.06 32.12
CA TYR A 524 -60.24 34.47 32.06
C TYR A 524 -60.80 35.03 33.36
N LYS A 525 -60.90 34.21 34.41
CA LYS A 525 -61.41 34.72 35.67
C LYS A 525 -60.47 35.73 36.27
N ASP A 526 -59.32 35.89 35.66
CA ASP A 526 -58.12 36.46 36.24
C ASP A 526 -58.24 37.95 36.48
N TYR A 527 -59.28 38.59 35.95
CA TYR A 527 -59.27 40.02 35.71
C TYR A 527 -60.38 40.77 36.44
N VAL A 528 -61.39 40.06 36.92
CA VAL A 528 -62.43 40.71 37.72
C VAL A 528 -61.83 41.36 38.96
N ASP A 529 -60.84 40.70 39.56
CA ASP A 529 -60.10 41.30 40.66
C ASP A 529 -59.53 42.65 40.26
N LEU A 530 -58.91 42.72 39.08
CA LEU A 530 -58.33 43.96 38.60
C LEU A 530 -59.37 45.06 38.65
N PHE A 531 -60.58 44.73 38.20
CA PHE A 531 -61.62 45.72 38.04
C PHE A 531 -62.23 46.04 39.39
N ARG A 532 -62.28 45.05 40.27
CA ARG A 532 -62.61 45.30 41.67
C ARG A 532 -61.65 46.32 42.24
N HIS A 533 -60.36 46.12 42.00
CA HIS A 533 -59.36 47.10 42.40
C HIS A 533 -59.64 48.43 41.72
N LEU A 534 -60.11 48.38 40.48
CA LEU A 534 -60.44 49.60 39.75
C LEU A 534 -61.61 50.32 40.39
N LEU A 535 -62.71 49.61 40.62
CA LEU A 535 -63.90 50.26 41.16
C LEU A 535 -63.65 50.74 42.58
N SER A 536 -62.91 49.96 43.37
CA SER A 536 -62.53 50.35 44.72
C SER A 536 -61.03 50.55 44.68
N SER A 537 -60.61 51.76 44.30
CA SER A 537 -59.21 52.13 44.29
C SER A 537 -58.83 52.99 45.49
N ASP A 538 -59.82 53.37 46.30
CA ASP A 538 -59.53 54.05 47.56
C ASP A 538 -58.53 53.26 48.39
N GLN A 539 -58.77 51.96 48.52
CA GLN A 539 -57.83 51.06 49.19
C GLN A 539 -56.45 51.08 48.56
N MET A 540 -56.32 51.60 47.34
CA MET A 540 -55.05 51.56 46.61
C MET A 540 -54.39 52.91 46.47
N MET A 541 -55.15 53.93 46.07
CA MET A 541 -54.61 55.28 45.94
C MET A 541 -54.05 55.79 47.25
N ASP A 542 -54.65 55.35 48.36
CA ASP A 542 -54.10 55.67 49.67
C ASP A 542 -52.66 55.19 49.79
N SER A 543 -52.39 53.95 49.36
CA SER A 543 -51.02 53.51 49.25
C SER A 543 -50.26 54.30 48.19
N ILE A 544 -50.95 54.67 47.11
CA ILE A 544 -50.29 55.40 46.05
C ILE A 544 -49.82 56.75 46.55
N LEU A 545 -50.72 57.53 47.15
CA LEU A 545 -50.30 58.77 47.78
C LEU A 545 -49.32 58.51 48.91
N ALA A 546 -49.35 57.32 49.49
CA ALA A 546 -48.34 56.97 50.48
C ALA A 546 -46.99 56.75 49.82
N ASP A 547 -46.97 56.06 48.67
CA ASP A 547 -45.71 55.72 48.04
C ASP A 547 -45.16 56.84 47.17
N GLU A 548 -45.80 58.00 47.14
CA GLU A 548 -45.30 59.13 46.36
C GLU A 548 -45.75 60.43 47.01
N ALA A 549 -45.02 61.50 46.69
CA ALA A 549 -45.45 62.86 47.05
C ALA A 549 -45.35 63.74 45.81
N PHE A 550 -46.34 63.63 44.92
CA PHE A 550 -46.51 64.56 43.81
C PHE A 550 -47.96 64.95 43.57
N PHE A 551 -48.93 64.23 44.12
CA PHE A 551 -50.33 64.56 43.93
C PHE A 551 -50.78 65.64 44.90
N SER A 552 -50.18 65.69 46.09
CA SER A 552 -50.52 66.73 47.05
C SER A 552 -50.08 68.09 46.55
N VAL A 553 -48.85 68.20 46.05
CA VAL A 553 -48.34 69.49 45.60
C VAL A 553 -49.12 69.99 44.39
N ASN A 554 -49.46 69.08 43.49
CA ASN A 554 -50.35 69.39 42.36
C ASN A 554 -51.32 68.23 42.21
N SER A 555 -52.61 68.51 42.35
CA SER A 555 -53.63 67.48 42.38
C SER A 555 -54.25 67.33 40.99
N SER A 556 -54.16 66.12 40.44
CA SER A 556 -54.94 65.81 39.25
C SER A 556 -56.43 65.90 39.54
N SER A 557 -56.84 65.43 40.73
CA SER A 557 -58.18 65.58 41.27
C SER A 557 -59.25 64.93 40.39
N GLU A 558 -58.84 64.20 39.36
CA GLU A 558 -59.79 63.56 38.48
C GLU A 558 -60.52 62.45 39.24
N SER A 559 -61.77 62.19 38.84
CA SER A 559 -62.56 61.20 39.56
C SER A 559 -62.00 59.82 39.26
N LEU A 560 -60.83 59.55 39.84
CA LEU A 560 -60.02 58.40 39.47
C LEU A 560 -60.82 57.11 39.38
N ASN A 561 -61.98 57.05 40.02
CA ASN A 561 -62.82 55.87 39.97
C ASN A 561 -63.83 55.95 38.82
N HIS A 562 -64.61 57.03 38.78
CA HIS A 562 -65.73 57.12 37.84
C HIS A 562 -65.28 56.94 36.41
N LEU A 563 -64.25 57.68 36.00
CA LEU A 563 -63.89 57.65 34.58
C LEU A 563 -63.53 56.24 34.18
N LEU A 564 -62.98 55.49 35.11
CA LEU A 564 -62.59 54.12 34.80
C LEU A 564 -63.80 53.42 34.22
N TYR A 565 -64.79 53.20 35.09
CA TYR A 565 -65.96 52.46 34.66
C TYR A 565 -66.63 53.12 33.46
N ASP A 566 -66.50 54.44 33.36
CA ASP A 566 -67.06 55.21 32.25
C ASP A 566 -66.47 54.74 30.92
N GLU A 567 -65.15 54.69 30.82
CA GLU A 567 -64.56 54.39 29.53
C GLU A 567 -64.51 52.90 29.21
N PHE A 568 -64.50 51.99 30.19
CA PHE A 568 -64.72 50.59 29.82
C PHE A 568 -66.03 50.43 29.09
N VAL A 569 -67.15 50.56 29.82
CA VAL A 569 -68.44 50.30 29.21
C VAL A 569 -68.58 51.00 27.88
N LYS A 570 -68.02 52.21 27.77
CA LYS A 570 -67.95 52.90 26.47
C LYS A 570 -67.23 52.03 25.45
N SER A 571 -66.03 51.55 25.79
CA SER A 571 -65.38 50.57 24.95
C SER A 571 -66.22 49.32 24.83
N VAL A 572 -66.77 48.86 25.96
CA VAL A 572 -67.55 47.63 25.93
C VAL A 572 -68.69 47.74 24.94
N LEU A 573 -69.42 48.83 25.00
CA LEU A 573 -70.54 48.99 24.07
C LEU A 573 -70.06 49.25 22.67
N LYS A 574 -69.02 50.07 22.51
CA LYS A 574 -68.67 50.53 21.15
C LYS A 574 -68.22 49.34 20.32
N ILE A 575 -67.66 48.33 21.01
CA ILE A 575 -67.44 47.05 20.37
C ILE A 575 -68.76 46.42 19.94
N VAL A 576 -69.78 46.51 20.80
CA VAL A 576 -71.03 45.80 20.59
C VAL A 576 -71.58 46.07 19.20
N GLU A 577 -71.91 47.31 18.91
CA GLU A 577 -72.42 47.55 17.58
C GLU A 577 -71.39 47.25 16.50
N LYS A 578 -70.10 47.38 16.81
CA LYS A 578 -69.13 46.80 15.89
C LYS A 578 -69.39 45.33 15.68
N LEU A 579 -69.72 44.61 16.75
CA LEU A 579 -69.89 43.17 16.62
C LEU A 579 -70.96 42.85 15.60
N ASP A 580 -70.68 41.84 14.79
CA ASP A 580 -71.59 41.36 13.76
C ASP A 580 -72.01 39.94 14.11
N LEU A 581 -73.27 39.63 13.86
CA LEU A 581 -73.77 38.29 14.09
C LEU A 581 -74.30 37.74 12.78
N THR A 582 -73.85 36.55 12.43
CA THR A 582 -74.21 35.92 11.18
C THR A 582 -75.18 34.78 11.47
N LEU A 583 -76.41 34.96 11.01
CA LEU A 583 -77.50 34.02 11.28
C LEU A 583 -77.76 33.26 9.98
N GLU A 584 -77.00 32.20 9.78
CA GLU A 584 -77.11 31.42 8.56
C GLU A 584 -77.38 29.96 8.88
N ILE A 585 -77.84 29.26 7.85
CA ILE A 585 -78.37 27.91 7.97
C ILE A 585 -77.38 26.94 7.36
N GLN A 586 -77.21 25.80 8.01
CA GLN A 586 -76.26 24.76 7.57
C GLN A 586 -74.85 25.31 7.53
N MET A 602 -80.85 19.78 7.62
CA MET A 602 -80.95 19.98 6.17
C MET A 602 -82.40 19.90 5.73
N ILE A 603 -83.09 18.90 6.24
CA ILE A 603 -84.50 18.67 5.92
C ILE A 603 -85.32 19.76 6.60
N PRO A 604 -86.56 20.01 6.16
CA PRO A 604 -87.36 21.08 6.78
C PRO A 604 -87.55 20.83 8.27
N THR A 605 -87.59 21.92 9.03
CA THR A 605 -87.74 21.82 10.46
C THR A 605 -88.56 23.00 10.97
N SER A 606 -89.44 22.71 11.93
CA SER A 606 -90.22 23.76 12.55
C SER A 606 -89.35 24.68 13.38
N ASP A 607 -88.41 24.12 14.12
CA ASP A 607 -87.66 24.89 15.09
C ASP A 607 -86.76 25.90 14.39
N PRO A 608 -86.95 27.19 14.64
CA PRO A 608 -85.95 28.17 14.17
C PRO A 608 -84.58 27.88 14.72
N ALA A 609 -84.50 27.44 15.98
CA ALA A 609 -83.21 27.12 16.58
C ALA A 609 -82.49 26.06 15.76
N ALA A 610 -83.23 25.19 15.11
CA ALA A 610 -82.63 24.21 14.23
C ALA A 610 -81.99 24.90 13.04
N ASN A 611 -80.95 24.27 12.50
CA ASN A 611 -80.31 24.71 11.26
C ASN A 611 -79.76 26.12 11.39
N LEU A 612 -79.17 26.45 12.52
CA LEU A 612 -78.56 27.76 12.73
C LEU A 612 -77.05 27.61 12.79
N HIS A 613 -76.35 28.49 12.10
CA HIS A 613 -74.90 28.46 12.08
C HIS A 613 -74.41 29.89 11.89
N PRO A 614 -73.21 30.20 12.37
CA PRO A 614 -72.61 31.49 12.04
C PRO A 614 -71.72 31.40 10.82
N ALA A 615 -71.68 32.50 10.06
CA ALA A 615 -70.77 32.57 8.92
C ALA A 615 -69.32 32.46 9.38
N LYS A 616 -68.99 33.09 10.51
CA LYS A 616 -67.71 32.86 11.17
C LYS A 616 -68.00 32.53 12.62
N PRO A 617 -67.54 31.38 13.12
CA PRO A 617 -67.84 31.01 14.51
C PRO A 617 -67.27 31.99 15.50
N LYS A 618 -66.23 32.74 15.11
CA LYS A 618 -65.59 33.65 16.05
C LYS A 618 -66.60 34.66 16.58
N ASP A 619 -67.59 35.00 15.77
CA ASP A 619 -68.73 35.77 16.28
C ASP A 619 -69.39 35.04 17.44
N PHE A 620 -69.80 33.79 17.23
CA PHE A 620 -70.47 33.03 18.28
C PHE A 620 -69.59 32.92 19.51
N SER A 621 -68.34 32.50 19.31
CA SER A 621 -67.41 32.24 20.41
C SER A 621 -67.12 33.50 21.22
N ALA A 622 -66.58 34.53 20.58
CA ALA A 622 -66.14 35.70 21.32
C ALA A 622 -67.30 36.42 21.99
N PHE A 623 -68.45 36.51 21.32
CA PHE A 623 -69.60 37.16 21.93
C PHE A 623 -69.94 36.53 23.27
N ILE A 624 -70.21 35.23 23.27
CA ILE A 624 -70.58 34.58 24.51
C ILE A 624 -69.45 34.72 25.52
N ASN A 625 -68.20 34.64 25.04
CA ASN A 625 -67.04 34.91 25.88
C ASN A 625 -67.20 36.26 26.58
N LEU A 626 -67.36 37.32 25.81
CA LEU A 626 -67.47 38.64 26.42
C LEU A 626 -68.74 38.77 27.25
N VAL A 627 -69.85 38.21 26.76
CA VAL A 627 -71.12 38.38 27.46
C VAL A 627 -71.04 37.85 28.87
N GLU A 628 -70.55 36.63 29.01
CA GLU A 628 -70.36 36.11 30.36
C GLU A 628 -69.31 36.93 31.10
N PHE A 629 -68.17 37.17 30.46
CA PHE A 629 -67.02 37.73 31.18
C PHE A 629 -67.40 39.01 31.89
N CYS A 630 -68.04 39.94 31.18
CA CYS A 630 -68.47 41.16 31.81
C CYS A 630 -69.47 40.89 32.93
N ARG A 631 -70.35 39.91 32.72
CA ARG A 631 -71.38 39.75 33.75
C ARG A 631 -70.85 39.11 35.01
N GLU A 632 -69.63 38.56 35.01
CA GLU A 632 -68.99 38.34 36.29
C GLU A 632 -68.30 39.58 36.82
N ILE A 633 -68.36 40.70 36.09
CA ILE A 633 -67.59 41.85 36.50
C ILE A 633 -68.49 43.07 36.64
N LEU A 634 -69.13 43.45 35.56
CA LEU A 634 -69.93 44.67 35.58
C LEU A 634 -71.06 44.63 36.61
N PRO A 635 -71.88 43.57 36.70
CA PRO A 635 -73.00 43.63 37.66
C PRO A 635 -72.54 43.78 39.09
N GLU A 636 -71.43 43.14 39.45
CA GLU A 636 -70.94 43.15 40.82
C GLU A 636 -70.60 44.53 41.33
N LYS A 637 -70.42 45.49 40.44
CA LYS A 637 -70.31 46.89 40.81
C LYS A 637 -71.67 47.53 40.65
N GLN A 638 -72.26 47.93 41.76
CA GLN A 638 -73.48 48.71 41.73
C GLN A 638 -73.21 50.06 41.08
N ALA A 639 -74.22 50.61 40.42
CA ALA A 639 -74.03 51.75 39.53
C ALA A 639 -74.20 53.06 40.29
N GLU A 640 -73.24 53.34 41.18
CA GLU A 640 -73.11 54.74 41.60
C GLU A 640 -72.68 55.62 40.44
N PHE A 641 -72.24 55.03 39.36
CA PHE A 641 -71.78 55.80 38.21
C PHE A 641 -72.68 55.63 37.01
N PHE A 642 -73.07 54.40 36.69
CA PHE A 642 -73.68 54.10 35.40
C PHE A 642 -75.04 54.76 35.19
N GLU A 643 -75.72 55.16 36.25
CA GLU A 643 -77.15 55.49 36.21
C GLU A 643 -77.58 56.19 34.92
N PRO A 644 -76.98 57.32 34.55
CA PRO A 644 -77.51 58.04 33.38
C PRO A 644 -77.47 57.26 32.09
N TRP A 645 -76.54 56.32 31.94
CA TRP A 645 -76.33 55.73 30.63
C TRP A 645 -77.33 54.63 30.32
N VAL A 646 -78.23 54.33 31.25
CA VAL A 646 -79.23 53.30 31.00
C VAL A 646 -80.03 53.62 29.75
N TYR A 647 -80.52 54.86 29.65
CA TYR A 647 -81.37 55.24 28.53
C TYR A 647 -80.66 55.03 27.21
N SER A 648 -79.48 55.62 27.08
CA SER A 648 -78.74 55.53 25.84
C SER A 648 -78.41 54.09 25.51
N PHE A 649 -77.85 53.35 26.47
CA PHE A 649 -77.29 52.06 26.13
C PHE A 649 -78.40 51.06 25.83
N SER A 650 -79.43 51.04 26.67
CA SER A 650 -80.59 50.22 26.37
C SER A 650 -81.17 50.58 25.02
N TYR A 651 -81.31 51.87 24.75
CA TYR A 651 -81.76 52.33 23.44
C TYR A 651 -80.92 51.72 22.34
N GLU A 652 -79.60 51.68 22.54
CA GLU A 652 -78.75 50.97 21.60
C GLU A 652 -79.11 49.49 21.56
N LEU A 653 -79.14 48.86 22.73
CA LEU A 653 -79.17 47.41 22.81
C LEU A 653 -80.36 46.84 22.06
N ILE A 654 -81.53 47.45 22.26
CA ILE A 654 -82.77 46.88 21.74
C ILE A 654 -82.73 46.75 20.24
N LEU A 655 -81.99 47.62 19.56
CA LEU A 655 -82.07 47.71 18.12
C LEU A 655 -81.64 46.40 17.47
N GLN A 656 -80.38 46.05 17.65
CA GLN A 656 -79.88 44.77 17.18
C GLN A 656 -80.47 43.62 17.99
N SER A 657 -80.96 43.89 19.20
CA SER A 657 -81.73 42.88 19.91
C SER A 657 -82.90 42.42 19.05
N THR A 658 -83.65 43.38 18.54
CA THR A 658 -84.65 43.06 17.53
C THR A 658 -83.99 42.41 16.32
N ARG A 659 -82.84 42.93 15.91
CA ARG A 659 -82.18 42.40 14.73
C ARG A 659 -81.74 40.97 14.94
N LEU A 660 -81.27 40.64 16.15
CA LEU A 660 -80.90 39.27 16.50
C LEU A 660 -81.80 38.81 17.63
N PRO A 661 -83.06 38.54 17.32
CA PRO A 661 -84.02 38.19 18.36
C PRO A 661 -83.80 36.78 18.87
N LEU A 662 -82.81 36.11 18.29
CA LEU A 662 -82.51 34.74 18.66
C LEU A 662 -81.40 34.64 19.69
N ILE A 663 -80.46 35.58 19.65
CA ILE A 663 -79.41 35.56 20.64
C ILE A 663 -79.95 35.95 22.01
N SER A 664 -79.31 35.45 23.05
CA SER A 664 -79.75 35.65 24.42
C SER A 664 -78.72 36.31 25.31
N GLY A 665 -77.45 36.37 24.90
CA GLY A 665 -76.46 37.03 25.71
C GLY A 665 -76.88 38.45 26.05
N PHE A 666 -77.63 39.07 25.14
CA PHE A 666 -78.27 40.35 25.40
C PHE A 666 -79.03 40.31 26.71
N TYR A 667 -79.76 39.23 26.91
CA TYR A 667 -80.77 39.19 27.96
C TYR A 667 -80.11 39.21 29.32
N LYS A 668 -78.98 38.50 29.43
CA LYS A 668 -78.14 38.66 30.60
C LYS A 668 -77.70 40.10 30.75
N LEU A 669 -77.29 40.72 29.65
CA LEU A 669 -76.83 42.09 29.70
C LEU A 669 -77.94 43.00 30.21
N LEU A 670 -79.14 42.79 29.70
CA LEU A 670 -80.29 43.57 30.13
C LEU A 670 -80.62 43.29 31.59
N SER A 671 -80.62 42.03 31.99
CA SER A 671 -80.99 41.68 33.35
C SER A 671 -80.02 42.27 34.36
N ILE A 672 -78.73 42.17 34.08
CA ILE A 672 -77.75 42.64 35.06
C ILE A 672 -77.87 44.13 35.26
N THR A 673 -77.97 44.88 34.16
CA THR A 673 -78.05 46.33 34.26
C THR A 673 -79.35 46.75 34.92
N VAL A 674 -80.43 46.03 34.66
CA VAL A 674 -81.72 46.50 35.16
C VAL A 674 -81.79 46.35 36.67
N ARG A 675 -81.32 45.22 37.19
CA ARG A 675 -81.55 45.00 38.61
C ARG A 675 -80.59 45.86 39.40
N ASN A 676 -79.43 46.13 38.79
CA ASN A 676 -78.48 47.11 39.30
C ASN A 676 -79.12 48.48 39.39
N ALA A 677 -79.82 48.90 38.33
CA ALA A 677 -80.64 50.10 38.41
C ALA A 677 -81.68 49.95 39.51
N LYS A 678 -82.26 48.76 39.62
CA LYS A 678 -83.08 48.45 40.79
C LYS A 678 -82.29 48.63 42.08
N LYS A 679 -81.06 48.11 42.12
CA LYS A 679 -80.21 48.40 43.27
C LYS A 679 -80.04 49.90 43.44
N ILE A 680 -79.87 50.61 42.33
CA ILE A 680 -79.74 52.06 42.40
C ILE A 680 -81.09 52.73 42.56
N LYS A 681 -82.19 52.01 42.31
CA LYS A 681 -83.53 52.58 42.41
C LYS A 681 -83.64 53.78 41.47
N TYR A 682 -83.57 53.49 40.18
CA TYR A 682 -83.53 54.54 39.19
C TYR A 682 -84.91 54.95 38.69
N PHE A 683 -85.77 53.97 38.43
CA PHE A 683 -87.11 54.23 37.91
C PHE A 683 -88.10 54.09 39.05
N GLU A 684 -88.87 55.14 39.29
CA GLU A 684 -89.81 55.19 40.38
C GLU A 684 -90.70 56.41 40.21
N GLY A 685 -91.93 56.31 40.68
CA GLY A 685 -92.86 57.41 40.56
C GLY A 685 -93.06 57.89 39.14
N VAL A 686 -92.95 57.00 38.18
CA VAL A 686 -93.04 57.36 36.76
C VAL A 686 -94.34 56.81 36.20
N SER A 687 -94.89 57.54 35.24
CA SER A 687 -96.15 57.17 34.61
C SER A 687 -96.05 57.44 33.12
N PRO A 688 -96.77 56.67 32.30
CA PRO A 688 -96.77 56.87 30.84
C PRO A 688 -97.39 58.19 30.43
N ASP A 697 -89.25 61.98 33.76
CA ASP A 697 -88.93 62.77 32.58
C ASP A 697 -88.82 61.86 31.36
N PRO A 698 -88.96 62.44 30.16
CA PRO A 698 -88.98 61.60 28.95
C PRO A 698 -87.77 60.69 28.81
N GLU A 699 -86.58 61.15 29.19
CA GLU A 699 -85.39 60.31 29.16
C GLU A 699 -85.51 59.17 30.17
N LYS A 700 -86.59 59.19 30.94
CA LYS A 700 -86.97 58.03 31.74
C LYS A 700 -88.28 57.42 31.27
N TYR A 701 -89.27 58.26 30.94
CA TYR A 701 -90.57 57.77 30.54
C TYR A 701 -90.48 56.98 29.24
N SER A 702 -89.81 57.55 28.24
CA SER A 702 -89.81 56.95 26.90
C SER A 702 -89.17 55.57 26.92
N CYS A 703 -87.95 55.47 27.46
CA CYS A 703 -87.30 54.18 27.54
C CYS A 703 -88.13 53.21 28.37
N PHE A 704 -88.70 53.72 29.47
CA PHE A 704 -89.54 52.89 30.32
C PHE A 704 -90.62 52.19 29.51
N ALA A 705 -91.38 52.95 28.73
CA ALA A 705 -92.43 52.35 27.92
C ALA A 705 -91.85 51.41 26.89
N LEU A 706 -90.73 51.80 26.28
CA LEU A 706 -90.03 50.90 25.37
C LEU A 706 -89.75 49.57 26.05
N PHE A 707 -89.27 49.63 27.29
CA PHE A 707 -89.10 48.41 28.06
C PHE A 707 -90.45 47.75 28.26
N VAL A 708 -91.45 48.54 28.65
CA VAL A 708 -92.77 48.00 28.90
C VAL A 708 -93.29 47.28 27.67
N LYS A 709 -93.20 47.94 26.51
CA LYS A 709 -93.56 47.24 25.29
C LYS A 709 -92.63 46.06 25.05
N PHE A 710 -91.32 46.28 25.24
CA PHE A 710 -90.39 45.19 25.02
C PHE A 710 -90.83 43.95 25.78
N GLY A 711 -91.39 44.14 26.96
CA GLY A 711 -91.97 43.02 27.67
C GLY A 711 -93.10 42.37 26.90
N LYS A 712 -93.87 43.17 26.17
CA LYS A 712 -95.06 42.65 25.50
C LYS A 712 -94.71 41.59 24.47
N GLU A 713 -93.85 41.92 23.50
CA GLU A 713 -93.57 40.92 22.49
C GLU A 713 -92.87 39.71 23.10
N VAL A 714 -91.99 39.94 24.07
CA VAL A 714 -91.25 38.81 24.63
C VAL A 714 -92.18 37.93 25.45
N ALA A 715 -93.13 38.53 26.17
CA ALA A 715 -94.10 37.71 26.87
C ALA A 715 -94.82 36.79 25.91
N VAL A 716 -94.99 37.24 24.67
CA VAL A 716 -95.60 36.42 23.62
C VAL A 716 -94.67 35.29 23.21
N LYS A 717 -93.36 35.41 23.45
CA LYS A 717 -92.40 34.76 22.58
C LYS A 717 -91.47 33.77 23.29
N MET A 718 -91.41 33.76 24.62
CA MET A 718 -90.72 32.71 25.34
C MET A 718 -91.34 31.34 25.18
N LYS A 719 -92.34 31.21 24.37
CA LYS A 719 -92.94 29.91 24.15
C LYS A 719 -92.11 29.04 23.22
N GLN A 720 -90.86 29.42 23.02
CA GLN A 720 -90.07 28.90 21.92
C GLN A 720 -88.72 28.29 22.32
N TYR A 721 -88.12 28.67 23.45
CA TYR A 721 -86.71 28.37 23.68
C TYR A 721 -86.50 27.41 24.84
N LYS A 722 -85.27 26.88 24.87
CA LYS A 722 -84.87 25.82 25.77
C LYS A 722 -83.44 26.06 26.26
N ASP A 723 -82.99 25.16 27.12
CA ASP A 723 -81.59 24.84 27.40
C ASP A 723 -80.74 26.08 27.59
N GLU A 724 -80.96 26.77 28.72
CA GLU A 724 -80.03 27.78 29.20
C GLU A 724 -80.08 29.01 28.27
N LEU A 725 -80.83 28.88 27.18
CA LEU A 725 -81.05 30.00 26.28
C LEU A 725 -82.36 30.70 26.60
N LEU A 726 -83.44 29.92 26.75
CA LEU A 726 -84.68 30.51 27.25
C LEU A 726 -84.45 31.10 28.63
N ALA A 727 -83.63 30.45 29.44
CA ALA A 727 -83.40 30.92 30.80
C ALA A 727 -82.97 32.38 30.81
N SER A 728 -82.23 32.81 29.78
CA SER A 728 -81.72 34.17 29.71
C SER A 728 -82.84 35.19 29.79
N CYS A 729 -83.71 35.15 28.78
CA CYS A 729 -84.87 36.02 28.78
C CYS A 729 -85.76 35.79 29.99
N LEU A 730 -85.90 34.54 30.41
CA LEU A 730 -86.67 34.25 31.62
C LEU A 730 -86.13 35.06 32.79
N THR A 731 -84.81 35.05 32.95
CA THR A 731 -84.19 35.87 33.98
C THR A 731 -84.44 37.34 33.74
N PHE A 732 -84.26 37.78 32.49
CA PHE A 732 -84.67 39.14 32.14
C PHE A 732 -86.12 39.35 32.55
N LEU A 733 -86.96 38.35 32.31
CA LEU A 733 -88.33 38.42 32.80
C LEU A 733 -88.37 38.46 34.32
N LEU A 734 -87.51 37.67 34.96
CA LEU A 734 -87.45 37.75 36.41
C LEU A 734 -86.99 39.12 36.87
N SER A 735 -85.97 39.66 36.20
CA SER A 735 -85.38 40.94 36.58
C SER A 735 -86.24 42.07 36.04
N LEU A 736 -87.41 42.24 36.64
CA LEU A 736 -88.28 43.29 36.16
C LEU A 736 -88.92 44.06 37.30
N PRO A 737 -88.66 45.36 37.42
CA PRO A 737 -89.30 46.15 38.47
C PRO A 737 -90.81 46.03 38.43
N HIS A 738 -91.42 46.11 39.61
CA HIS A 738 -92.87 46.05 39.68
C HIS A 738 -93.50 47.15 38.86
N ASN A 739 -92.78 48.25 38.64
CA ASN A 739 -93.34 49.40 37.97
C ASN A 739 -93.77 49.10 36.55
N ILE A 740 -93.29 48.00 35.97
CA ILE A 740 -93.70 47.62 34.63
C ILE A 740 -94.77 46.54 34.67
N ILE A 741 -94.57 45.51 35.50
CA ILE A 741 -95.57 44.47 35.66
C ILE A 741 -96.88 45.01 36.15
N GLU A 742 -96.84 46.09 36.93
CA GLU A 742 -98.06 46.67 37.49
C GLU A 742 -99.03 47.08 36.40
N LEU A 743 -98.55 47.33 35.18
CA LEU A 743 -99.45 47.49 34.05
C LEU A 743 -100.43 46.33 33.97
N ASP A 744 -99.90 45.14 33.74
CA ASP A 744 -100.74 43.94 33.72
C ASP A 744 -99.88 42.74 34.05
N VAL A 745 -100.39 41.90 34.94
CA VAL A 745 -99.63 40.76 35.41
C VAL A 745 -100.00 39.49 34.65
N ARG A 746 -101.27 39.35 34.28
CA ARG A 746 -101.72 38.11 33.65
C ARG A 746 -101.00 37.86 32.34
N ALA A 747 -100.58 38.93 31.66
CA ALA A 747 -99.69 38.77 30.52
C ALA A 747 -98.38 38.10 30.92
N TYR A 748 -98.03 38.16 32.20
CA TYR A 748 -96.74 37.69 32.66
C TYR A 748 -96.84 36.39 33.42
N VAL A 749 -98.03 36.05 33.89
CA VAL A 749 -98.21 34.82 34.67
C VAL A 749 -97.63 33.62 33.94
N PRO A 750 -97.91 33.39 32.66
CA PRO A 750 -97.26 32.24 32.03
C PRO A 750 -95.74 32.31 32.11
N ALA A 751 -95.16 33.49 31.95
CA ALA A 751 -93.70 33.61 32.02
C ALA A 751 -93.20 32.99 33.31
N LEU A 752 -93.71 33.47 34.43
CA LEU A 752 -93.38 32.80 35.69
C LEU A 752 -93.89 31.38 35.70
N GLN A 753 -95.02 31.13 35.06
CA GLN A 753 -95.56 29.79 35.18
C GLN A 753 -94.56 28.75 34.70
N MET A 754 -94.18 28.83 33.42
CA MET A 754 -93.20 27.89 32.87
C MET A 754 -91.93 27.94 33.65
N ALA A 755 -91.59 29.11 34.19
CA ALA A 755 -90.33 29.22 34.93
C ALA A 755 -90.25 28.16 36.05
N PHE A 756 -91.34 27.95 36.82
CA PHE A 756 -91.24 27.07 37.99
C PHE A 756 -91.18 25.59 37.66
N LYS A 757 -91.94 25.12 36.65
CA LYS A 757 -91.80 23.74 36.22
C LYS A 757 -90.35 23.48 35.87
N LEU A 758 -89.74 24.44 35.20
CA LEU A 758 -88.33 24.33 34.86
C LEU A 758 -87.43 24.75 36.01
N GLY A 759 -87.91 25.63 36.89
CA GLY A 759 -87.25 25.74 38.18
C GLY A 759 -87.28 24.44 38.94
N LEU A 760 -88.32 23.63 38.74
CA LEU A 760 -88.33 22.26 39.28
C LEU A 760 -87.24 21.40 38.64
N SER A 761 -86.59 21.89 37.61
CA SER A 761 -85.45 21.18 37.05
C SER A 761 -84.18 22.02 37.05
N TYR A 762 -84.28 23.32 37.31
CA TYR A 762 -83.15 24.24 37.23
C TYR A 762 -83.12 25.08 38.51
N THR A 763 -82.12 24.82 39.35
CA THR A 763 -82.02 25.49 40.65
C THR A 763 -81.87 27.01 40.63
N PRO A 764 -80.89 27.63 39.94
CA PRO A 764 -80.75 29.09 40.12
C PRO A 764 -81.99 29.86 39.76
N LEU A 765 -82.78 29.38 38.79
CA LEU A 765 -84.00 30.07 38.41
C LEU A 765 -85.17 29.64 39.29
N ALA A 766 -85.01 29.83 40.60
CA ALA A 766 -86.19 29.80 41.45
C ALA A 766 -86.21 30.93 42.47
N GLU A 767 -85.05 31.23 43.04
CA GLU A 767 -85.00 32.17 44.16
C GLU A 767 -85.19 33.60 43.70
N VAL A 768 -84.65 33.97 42.54
CA VAL A 768 -84.75 35.35 42.12
C VAL A 768 -86.19 35.70 41.79
N GLY A 769 -86.85 34.85 41.00
CA GLY A 769 -88.27 35.02 40.79
C GLY A 769 -89.03 34.93 42.08
N LEU A 770 -88.54 34.13 43.02
CA LEU A 770 -89.06 34.19 44.37
C LEU A 770 -88.90 35.60 44.88
N ASN A 771 -87.66 36.01 45.19
CA ASN A 771 -87.38 37.29 45.83
C ASN A 771 -88.22 38.38 45.20
N ALA A 772 -88.44 38.25 43.89
CA ALA A 772 -89.29 39.17 43.18
C ALA A 772 -90.73 39.10 43.66
N LEU A 773 -91.29 37.89 43.73
CA LEU A 773 -92.74 37.77 43.89
C LEU A 773 -93.19 38.42 45.20
N GLU A 774 -92.37 38.34 46.24
CA GLU A 774 -92.70 39.06 47.46
C GLU A 774 -92.70 40.55 47.22
N GLU A 775 -91.83 41.03 46.33
CA GLU A 775 -91.69 42.47 46.18
C GLU A 775 -92.98 43.08 45.68
N TRP A 776 -93.65 42.44 44.72
CA TRP A 776 -94.95 42.95 44.31
C TRP A 776 -95.93 42.87 45.47
N SER A 777 -95.88 41.77 46.22
CA SER A 777 -96.69 41.66 47.42
C SER A 777 -96.38 42.79 48.39
N ILE A 778 -95.10 43.12 48.54
CA ILE A 778 -94.75 44.34 49.26
C ILE A 778 -95.36 45.53 48.54
N TYR A 779 -95.25 45.56 47.22
CA TYR A 779 -95.59 46.75 46.46
C TYR A 779 -97.06 46.78 46.08
N ILE A 780 -97.48 45.86 45.28
CA ILE A 780 -98.77 45.98 44.61
C ILE A 780 -99.87 45.52 45.54
N ASP A 781 -101.03 46.16 45.43
CA ASP A 781 -102.18 45.75 46.21
C ASP A 781 -102.59 44.35 45.79
N ARG A 782 -102.89 43.53 46.78
CA ARG A 782 -103.29 42.16 46.51
C ARG A 782 -104.52 42.08 45.62
N HIS A 783 -105.35 43.13 45.61
CA HIS A 783 -106.63 43.05 44.91
C HIS A 783 -106.41 42.76 43.43
N VAL A 784 -105.42 43.43 42.84
CA VAL A 784 -105.12 43.23 41.43
C VAL A 784 -104.77 41.78 41.18
N MET A 785 -103.95 41.20 42.05
CA MET A 785 -103.43 39.88 41.76
C MET A 785 -104.33 38.77 42.25
N GLN A 786 -105.37 39.09 43.02
CA GLN A 786 -106.32 38.11 43.56
C GLN A 786 -106.66 37.01 42.57
N PRO A 787 -107.16 37.31 41.37
CA PRO A 787 -107.57 36.24 40.47
C PRO A 787 -106.41 35.50 39.82
N TYR A 788 -105.21 35.71 40.33
CA TYR A 788 -104.03 35.11 39.74
C TYR A 788 -103.35 34.13 40.67
N TYR A 789 -103.47 34.33 41.97
CA TYR A 789 -102.90 33.36 42.89
C TYR A 789 -103.50 31.99 42.64
N LYS A 790 -104.71 31.95 42.10
CA LYS A 790 -105.39 30.69 41.83
C LYS A 790 -104.51 29.74 41.03
N ASP A 791 -103.98 30.21 39.91
CA ASP A 791 -103.15 29.36 39.08
C ASP A 791 -101.66 29.47 39.40
N ILE A 792 -101.23 30.60 39.99
CA ILE A 792 -99.85 30.74 40.39
C ILE A 792 -99.50 29.72 41.45
N LEU A 793 -100.38 29.54 42.42
CA LEU A 793 -100.04 28.74 43.60
C LEU A 793 -99.69 27.29 43.30
N PRO A 794 -100.53 26.51 42.59
CA PRO A 794 -100.27 25.06 42.50
C PRO A 794 -99.03 24.70 41.70
N CYS A 795 -98.22 25.69 41.33
CA CYS A 795 -97.08 25.43 40.47
C CYS A 795 -95.85 24.99 41.25
N LEU A 796 -95.43 25.81 42.21
CA LEU A 796 -94.19 25.59 42.96
C LEU A 796 -94.24 24.36 43.86
N ASP A 797 -95.44 23.84 44.14
CA ASP A 797 -95.59 22.78 45.13
C ASP A 797 -94.71 21.59 44.84
N GLY A 798 -94.44 21.31 43.56
CA GLY A 798 -93.64 20.14 43.20
C GLY A 798 -92.30 20.12 43.90
N TYR A 799 -91.70 21.30 44.09
CA TYR A 799 -90.46 21.38 44.85
C TYR A 799 -90.62 20.74 46.21
N LEU A 800 -91.77 20.96 46.84
CA LEU A 800 -92.04 20.37 48.14
C LEU A 800 -92.42 18.90 48.00
N LYS A 801 -93.09 18.54 46.91
CA LYS A 801 -93.39 17.14 46.64
C LYS A 801 -92.12 16.34 46.36
N THR A 802 -91.02 17.03 46.02
CA THR A 802 -89.78 16.34 45.73
C THR A 802 -89.19 15.65 46.95
N SER A 803 -89.70 15.94 48.14
CA SER A 803 -89.22 15.37 49.40
C SER A 803 -87.75 15.69 49.63
N ALA A 804 -87.25 16.74 48.98
CA ALA A 804 -85.85 17.16 49.07
C ALA A 804 -84.90 16.00 48.75
N GLU A 814 -66.84 10.20 52.80
CA GLU A 814 -65.48 9.70 52.96
C GLU A 814 -64.55 10.35 51.95
N VAL A 815 -65.14 11.11 51.03
CA VAL A 815 -64.36 11.79 49.97
C VAL A 815 -63.95 13.14 50.56
N SER A 816 -62.83 13.12 51.28
CA SER A 816 -62.27 14.33 51.88
C SER A 816 -60.75 14.26 51.81
N ALA A 817 -60.13 15.45 51.73
CA ALA A 817 -58.68 15.50 51.56
C ALA A 817 -57.93 15.06 52.81
N LEU A 818 -58.34 15.58 53.98
CA LEU A 818 -57.63 15.37 55.24
C LEU A 818 -56.16 15.80 55.15
N SER A 819 -55.86 16.71 54.22
CA SER A 819 -54.53 17.20 53.89
C SER A 819 -53.67 16.07 53.33
N ARG A 820 -54.24 14.87 53.25
CA ARG A 820 -53.59 13.69 52.69
C ARG A 820 -52.42 13.22 53.55
N ALA A 821 -52.05 14.00 54.58
CA ALA A 821 -50.94 13.61 55.43
C ALA A 821 -51.12 13.88 56.90
N ALA A 822 -52.05 14.74 57.31
CA ALA A 822 -52.09 15.17 58.70
C ALA A 822 -53.38 14.81 59.42
N GLN A 823 -54.53 14.99 58.78
CA GLN A 823 -55.78 14.63 59.41
C GLN A 823 -56.09 13.15 59.29
N LYS A 824 -55.09 12.34 58.98
CA LYS A 824 -55.27 10.90 58.91
C LYS A 824 -54.61 10.25 60.12
N GLY A 825 -55.37 9.43 60.83
CA GLY A 825 -54.92 8.86 62.09
C GLY A 825 -55.07 9.84 63.22
N PHE A 826 -53.96 10.36 63.71
CA PHE A 826 -53.98 11.46 64.66
C PHE A 826 -53.43 12.71 63.99
N ASN A 827 -53.56 13.81 64.72
CA ASN A 827 -53.32 15.14 64.17
C ASN A 827 -51.91 15.57 64.49
N LYS A 828 -51.27 16.27 63.55
CA LYS A 828 -49.85 16.56 63.60
C LYS A 828 -49.59 17.99 64.09
N VAL A 829 -48.39 18.19 64.64
CA VAL A 829 -48.12 19.33 65.52
C VAL A 829 -48.32 20.66 64.79
N VAL A 830 -47.93 20.73 63.53
CA VAL A 830 -48.00 21.97 62.76
C VAL A 830 -48.73 21.72 61.45
N LEU A 831 -49.67 22.59 61.11
CA LEU A 831 -50.37 22.53 59.83
C LEU A 831 -49.97 23.74 58.99
N LYS A 832 -49.49 23.47 57.78
CA LYS A 832 -49.17 24.51 56.83
C LYS A 832 -50.42 25.00 56.10
N HIS A 833 -51.14 24.08 55.46
CA HIS A 833 -52.30 24.45 54.67
C HIS A 833 -53.46 24.77 55.59
N LEU A 834 -53.94 26.02 55.52
CA LEU A 834 -55.11 26.46 56.27
C LEU A 834 -56.34 26.58 55.38
N LYS A 835 -56.44 25.71 54.37
CA LYS A 835 -57.47 25.79 53.32
C LYS A 835 -57.65 27.22 52.82
N LYS A 836 -56.52 27.93 52.73
CA LYS A 836 -56.53 29.27 52.13
C LYS A 836 -57.09 29.23 50.73
N THR A 837 -56.91 28.11 50.03
CA THR A 837 -57.55 27.92 48.73
C THR A 837 -59.06 28.01 48.88
N LYS A 838 -59.69 28.76 47.98
CA LYS A 838 -61.12 29.02 48.10
C LYS A 838 -61.91 27.75 47.83
N ASN A 839 -62.87 27.48 48.71
CA ASN A 839 -63.80 26.36 48.56
C ASN A 839 -65.20 26.83 48.18
N LEU A 840 -65.30 28.01 47.57
CA LEU A 840 -66.59 28.60 47.26
C LEU A 840 -66.94 28.37 45.79
N SER A 841 -68.11 27.77 45.57
CA SER A 841 -68.74 27.73 44.26
C SER A 841 -69.92 28.68 44.31
N SER A 842 -69.84 29.78 43.56
CA SER A 842 -70.85 30.82 43.62
C SER A 842 -72.11 30.32 42.92
N ASN A 843 -72.86 29.49 43.64
CA ASN A 843 -74.13 28.96 43.16
C ASN A 843 -75.31 29.43 43.99
N GLU A 844 -75.14 29.64 45.29
CA GLU A 844 -76.10 30.21 46.23
C GLU A 844 -77.34 29.33 46.42
N ALA A 845 -77.49 28.23 45.69
CA ALA A 845 -78.60 27.31 45.94
C ALA A 845 -78.16 25.93 45.46
N ILE A 846 -77.66 25.12 46.40
CA ILE A 846 -77.06 23.83 46.09
C ILE A 846 -77.84 22.69 46.73
N SER A 847 -78.15 22.81 48.02
CA SER A 847 -79.04 21.85 48.64
C SER A 847 -80.48 22.06 48.18
N LEU A 848 -80.80 23.28 47.76
CA LEU A 848 -82.12 23.74 47.34
C LEU A 848 -83.16 23.64 48.46
N GLU A 849 -82.81 23.07 49.61
CA GLU A 849 -83.75 23.10 50.72
C GLU A 849 -83.91 24.53 51.23
N GLU A 850 -82.82 25.30 51.17
CA GLU A 850 -82.92 26.73 51.40
C GLU A 850 -84.00 27.31 50.52
N ILE A 851 -84.12 26.82 49.29
CA ILE A 851 -85.19 27.26 48.43
C ILE A 851 -86.53 26.85 49.03
N ARG A 852 -86.67 25.59 49.43
CA ARG A 852 -87.85 25.21 50.20
C ARG A 852 -87.97 26.01 51.48
N ILE A 853 -86.85 26.36 52.11
CA ILE A 853 -86.94 27.28 53.24
C ILE A 853 -87.63 28.55 52.81
N ARG A 854 -87.07 29.25 51.82
CA ARG A 854 -87.64 30.50 51.37
C ARG A 854 -89.09 30.33 50.96
N VAL A 855 -89.44 29.15 50.47
CA VAL A 855 -90.84 28.82 50.22
C VAL A 855 -91.64 29.00 51.49
N VAL A 856 -91.10 28.53 52.61
CA VAL A 856 -91.90 28.48 53.84
C VAL A 856 -92.39 29.87 54.22
N GLN A 857 -91.48 30.83 54.31
CA GLN A 857 -91.86 32.09 54.93
C GLN A 857 -92.70 32.92 53.98
N MET A 858 -92.42 32.82 52.68
CA MET A 858 -93.31 33.45 51.73
C MET A 858 -94.70 32.85 51.84
N LEU A 859 -94.77 31.53 52.03
CA LEU A 859 -96.04 30.94 52.43
C LEU A 859 -96.52 31.54 53.74
N GLY A 860 -95.60 31.70 54.70
CA GLY A 860 -95.97 32.35 55.93
C GLY A 860 -96.39 33.79 55.72
N SER A 861 -95.61 34.55 54.94
CA SER A 861 -96.01 35.90 54.60
C SER A 861 -97.32 35.87 53.82
N LEU A 862 -97.44 34.91 52.91
CA LEU A 862 -98.70 34.75 52.18
C LEU A 862 -99.81 34.46 53.17
N GLY A 863 -100.97 35.05 52.92
CA GLY A 863 -102.09 34.92 53.84
C GLY A 863 -102.85 33.63 53.59
N GLY A 864 -103.26 32.99 54.68
CA GLY A 864 -103.98 31.74 54.60
C GLY A 864 -105.24 31.89 53.78
N GLN A 865 -105.69 33.11 53.67
CA GLN A 865 -106.81 33.32 52.80
C GLN A 865 -106.45 33.11 51.35
N ILE A 866 -105.17 32.87 51.02
CA ILE A 866 -104.74 32.66 49.63
C ILE A 866 -104.22 31.25 49.42
N ASN A 867 -103.33 30.80 50.30
CA ASN A 867 -102.59 29.56 50.10
C ASN A 867 -103.46 28.36 49.77
N LYS A 868 -104.77 28.47 49.97
CA LYS A 868 -105.66 27.37 49.64
C LYS A 868 -105.72 27.10 48.15
N ASN A 869 -105.36 28.07 47.30
CA ASN A 869 -105.55 27.91 45.86
C ASN A 869 -104.76 26.73 45.33
N LEU A 870 -103.50 26.60 45.74
CA LEU A 870 -102.63 25.57 45.19
C LEU A 870 -103.14 24.16 45.47
N LEU A 871 -103.98 23.99 46.50
CA LEU A 871 -104.31 22.64 46.94
C LEU A 871 -105.01 21.87 45.83
N THR A 872 -105.84 22.54 45.04
CA THR A 872 -106.49 21.91 43.90
C THR A 872 -106.44 22.85 42.71
N VAL A 873 -106.74 22.29 41.54
CA VAL A 873 -106.80 23.03 40.30
C VAL A 873 -108.13 22.74 39.65
N THR A 874 -108.30 23.19 38.41
CA THR A 874 -109.51 22.92 37.65
C THR A 874 -109.24 22.18 36.34
N SER A 875 -108.29 22.64 35.55
CA SER A 875 -108.05 22.10 34.21
C SER A 875 -107.16 20.87 34.21
N SER A 876 -106.73 20.38 35.37
CA SER A 876 -105.87 19.22 35.47
C SER A 876 -106.59 18.06 36.14
N ASP A 877 -107.82 17.78 35.69
CA ASP A 877 -108.57 16.63 36.21
C ASP A 877 -107.81 15.33 36.00
N GLU A 878 -107.36 15.09 34.76
CA GLU A 878 -106.54 13.92 34.50
C GLU A 878 -105.26 13.98 35.30
N MET A 879 -104.62 15.16 35.35
CA MET A 879 -103.40 15.28 36.12
C MET A 879 -103.65 15.12 37.60
N MET A 880 -104.85 15.45 38.08
CA MET A 880 -105.17 15.11 39.46
C MET A 880 -104.98 13.62 39.71
N LYS A 881 -105.28 12.78 38.73
CA LYS A 881 -105.03 11.35 38.88
C LYS A 881 -103.90 10.88 37.96
N SER A 882 -104.08 11.00 36.65
CA SER A 882 -103.10 10.50 35.69
C SER A 882 -102.81 9.02 35.93
N TYR A 883 -103.67 8.35 36.70
CA TYR A 883 -103.47 6.96 37.08
C TYR A 883 -104.63 6.11 36.61
N VAL A 884 -105.26 6.53 35.51
CA VAL A 884 -106.49 5.92 35.06
C VAL A 884 -106.24 4.44 34.78
N ALA A 885 -107.12 3.60 35.31
CA ALA A 885 -107.09 2.20 34.91
C ALA A 885 -107.46 2.14 33.44
N TRP A 886 -106.46 1.94 32.59
CA TRP A 886 -106.58 2.12 31.14
C TRP A 886 -107.34 1.01 30.47
N ASP A 887 -107.91 0.08 31.22
CA ASP A 887 -108.65 -1.02 30.60
C ASP A 887 -109.73 -1.50 31.57
N ARG A 888 -110.73 -2.17 31.00
CA ARG A 888 -111.81 -2.75 31.78
C ARG A 888 -111.69 -4.25 31.94
N GLU A 889 -110.94 -4.90 31.06
CA GLU A 889 -110.60 -6.31 31.21
C GLU A 889 -109.11 -6.45 30.96
N LYS A 890 -108.40 -7.09 31.89
CA LYS A 890 -106.95 -7.16 31.79
C LYS A 890 -106.55 -8.21 30.77
N ARG A 891 -107.06 -8.05 29.55
CA ARG A 891 -106.91 -9.04 28.49
C ARG A 891 -105.46 -9.36 28.17
N LEU A 892 -104.51 -8.66 28.76
CA LEU A 892 -103.10 -8.97 28.58
C LEU A 892 -102.50 -9.36 29.91
N SER A 893 -102.05 -10.61 30.01
CA SER A 893 -101.44 -11.12 31.23
C SER A 893 -100.52 -12.26 30.84
N PHE A 894 -99.24 -12.15 31.19
CA PHE A 894 -98.21 -13.03 30.66
C PHE A 894 -97.93 -14.16 31.65
N ALA A 895 -98.28 -15.39 31.28
CA ALA A 895 -97.85 -16.53 32.05
C ALA A 895 -96.34 -16.69 31.92
N VAL A 896 -95.69 -17.03 33.02
CA VAL A 896 -94.23 -17.03 33.10
C VAL A 896 -93.73 -18.44 32.84
N PRO A 897 -92.73 -18.63 31.99
CA PRO A 897 -92.16 -19.96 31.79
C PRO A 897 -91.51 -20.49 33.05
N PHE A 898 -91.54 -21.81 33.19
CA PHE A 898 -91.05 -22.49 34.39
C PHE A 898 -90.72 -23.94 34.06
N ARG A 899 -90.13 -24.61 35.04
CA ARG A 899 -90.20 -26.05 35.20
C ARG A 899 -91.09 -26.45 36.37
N GLU A 900 -91.31 -25.56 37.33
CA GLU A 900 -92.30 -25.73 38.37
C GLU A 900 -93.63 -25.19 37.84
N MET A 901 -94.61 -25.00 38.73
CA MET A 901 -95.91 -24.48 38.35
C MET A 901 -95.81 -23.19 37.53
N LYS A 902 -96.86 -22.93 36.74
CA LYS A 902 -96.87 -21.83 35.77
C LYS A 902 -97.88 -20.78 36.20
N PRO A 903 -97.47 -19.74 36.90
CA PRO A 903 -98.35 -18.59 37.09
C PRO A 903 -98.20 -17.55 35.99
N VAL A 904 -99.10 -16.58 36.03
CA VAL A 904 -99.26 -15.55 35.02
C VAL A 904 -99.07 -14.20 35.69
N ILE A 905 -98.59 -13.22 34.92
CA ILE A 905 -98.35 -11.90 35.49
C ILE A 905 -99.50 -10.98 35.06
N PHE A 906 -99.65 -9.88 35.80
CA PHE A 906 -100.58 -8.83 35.42
C PHE A 906 -99.73 -7.63 35.04
N LEU A 907 -99.25 -7.65 33.80
CA LEU A 907 -98.38 -6.60 33.31
C LEU A 907 -99.16 -5.32 33.03
N ASP A 908 -100.47 -5.42 32.89
CA ASP A 908 -101.29 -4.27 32.54
C ASP A 908 -101.11 -3.13 33.53
N VAL A 909 -100.93 -3.46 34.81
CA VAL A 909 -100.96 -2.45 35.86
C VAL A 909 -99.74 -1.54 35.78
N PHE A 910 -98.62 -2.05 35.31
CA PHE A 910 -97.36 -1.32 35.48
C PHE A 910 -97.28 -0.14 34.53
N LEU A 911 -98.02 -0.19 33.45
CA LEU A 911 -97.97 0.76 32.36
C LEU A 911 -97.85 2.21 32.82
N PRO A 912 -98.84 2.75 33.55
CA PRO A 912 -98.80 4.19 33.84
C PRO A 912 -97.54 4.59 34.59
N ARG A 913 -97.24 3.88 35.68
CA ARG A 913 -96.13 4.27 36.52
C ARG A 913 -94.81 4.11 35.78
N VAL A 914 -94.62 2.98 35.11
CA VAL A 914 -93.32 2.71 34.51
C VAL A 914 -93.03 3.73 33.43
N THR A 915 -94.04 4.09 32.64
CA THR A 915 -93.87 5.13 31.65
C THR A 915 -93.41 6.43 32.28
N GLU A 916 -93.98 6.77 33.45
CA GLU A 916 -93.64 8.02 34.09
C GLU A 916 -92.14 8.11 34.34
N LEU A 917 -91.58 7.11 35.02
CA LEU A 917 -90.16 7.12 35.29
C LEU A 917 -89.39 7.11 33.99
N ALA A 918 -89.80 6.26 33.06
CA ALA A 918 -89.05 6.08 31.83
C ALA A 918 -88.98 7.37 31.04
N LEU A 919 -90.08 8.13 31.02
CA LEU A 919 -90.06 9.41 30.32
C LEU A 919 -89.04 10.36 30.94
N THR A 920 -89.03 10.45 32.27
CA THR A 920 -88.15 11.40 32.90
C THR A 920 -87.90 10.98 34.34
N ALA A 921 -86.61 10.92 34.70
CA ALA A 921 -86.13 10.59 36.02
C ALA A 921 -84.66 10.96 36.07
N SER A 922 -83.99 10.61 37.16
CA SER A 922 -82.54 10.65 37.21
C SER A 922 -82.03 9.28 36.79
N ASP A 923 -80.74 9.03 37.01
CA ASP A 923 -80.16 7.70 36.81
C ASP A 923 -80.42 7.23 35.37
N ARG A 924 -79.76 7.93 34.44
CA ARG A 924 -79.79 7.55 33.04
C ARG A 924 -79.75 6.04 32.95
N GLN A 925 -78.93 5.44 33.83
CA GLN A 925 -78.84 3.99 33.91
C GLN A 925 -80.18 3.37 34.24
N THR A 926 -80.92 3.95 35.19
CA THR A 926 -82.27 3.46 35.45
C THR A 926 -83.18 3.73 34.26
N LYS A 927 -83.08 4.93 33.68
CA LYS A 927 -83.93 5.28 32.56
C LYS A 927 -83.74 4.34 31.38
N VAL A 928 -82.49 4.04 31.05
CA VAL A 928 -82.24 3.25 29.85
C VAL A 928 -82.82 1.85 30.01
N ALA A 929 -82.65 1.27 31.19
CA ALA A 929 -83.32 0.01 31.48
C ALA A 929 -84.82 0.17 31.36
N ALA A 930 -85.35 1.29 31.84
CA ALA A 930 -86.79 1.55 31.71
C ALA A 930 -87.20 1.57 30.25
N CYS A 931 -86.39 2.19 29.40
CA CYS A 931 -86.75 2.32 28.00
C CYS A 931 -86.92 0.97 27.34
N GLU A 932 -85.97 0.06 27.57
CA GLU A 932 -86.09 -1.26 26.99
C GLU A 932 -87.28 -2.01 27.56
N LEU A 933 -87.52 -1.88 28.86
CA LEU A 933 -88.68 -2.51 29.47
C LEU A 933 -89.93 -2.21 28.68
N LEU A 934 -90.15 -0.94 28.38
CA LEU A 934 -91.30 -0.58 27.56
C LEU A 934 -91.19 -1.23 26.19
N HIS A 935 -90.03 -1.11 25.56
CA HIS A 935 -89.79 -1.80 24.29
C HIS A 935 -90.15 -3.26 24.37
N SER A 936 -89.63 -3.95 25.38
CA SER A 936 -89.87 -5.38 25.49
C SER A 936 -91.36 -5.66 25.57
N MET A 937 -92.04 -4.97 26.47
CA MET A 937 -93.41 -5.35 26.78
C MET A 937 -94.38 -4.94 25.67
N VAL A 938 -94.09 -3.83 24.99
CA VAL A 938 -94.92 -3.49 23.84
C VAL A 938 -94.77 -4.56 22.77
N MET A 939 -93.56 -5.13 22.65
CA MET A 939 -93.35 -6.21 21.70
C MET A 939 -94.18 -7.43 22.07
N PHE A 940 -94.28 -7.73 23.37
CA PHE A 940 -95.14 -8.81 23.81
C PHE A 940 -96.57 -8.53 23.41
N MET A 941 -97.02 -7.30 23.64
CA MET A 941 -98.35 -6.90 23.20
C MET A 941 -98.49 -7.14 21.70
N LEU A 942 -97.44 -6.88 20.94
CA LEU A 942 -97.43 -7.16 19.52
C LEU A 942 -97.61 -8.65 19.26
N GLY A 943 -96.91 -9.48 20.03
CA GLY A 943 -97.10 -10.92 19.90
C GLY A 943 -98.53 -11.32 20.23
N LYS A 944 -99.10 -10.75 21.29
CA LYS A 944 -100.44 -11.13 21.69
C LYS A 944 -101.48 -10.79 20.63
N ALA A 945 -101.15 -9.90 19.70
CA ALA A 945 -102.07 -9.48 18.65
C ALA A 945 -102.65 -10.65 17.88
N THR A 946 -102.09 -11.85 18.07
CA THR A 946 -102.63 -13.08 17.50
C THR A 946 -104.14 -13.18 17.69
N GLN A 947 -104.63 -12.77 18.86
CA GLN A 947 -106.06 -12.78 19.12
C GLN A 947 -106.50 -11.45 19.72
N PRO A 956 -110.34 -8.51 19.58
CA PRO A 956 -110.26 -7.58 20.71
C PRO A 956 -109.21 -6.51 20.57
N PRO A 957 -109.55 -5.40 19.92
CA PRO A 957 -108.63 -4.28 19.82
C PRO A 957 -108.52 -3.57 21.15
N MET A 958 -107.30 -3.19 21.41
CA MET A 958 -106.89 -2.60 22.66
C MET A 958 -106.37 -1.19 22.42
N TYR A 959 -107.13 -0.48 21.56
CA TYR A 959 -106.86 0.93 21.24
C TYR A 959 -106.61 1.71 22.51
N GLN A 960 -107.20 1.24 23.62
CA GLN A 960 -107.11 2.05 24.83
C GLN A 960 -105.67 2.20 25.24
N LEU A 961 -104.93 1.11 25.25
CA LEU A 961 -103.51 1.26 25.51
C LEU A 961 -102.82 2.03 24.42
N TYR A 962 -103.28 1.84 23.18
CA TYR A 962 -102.55 2.45 22.07
C TYR A 962 -102.60 3.97 22.12
N LYS A 963 -103.70 4.56 22.65
CA LYS A 963 -103.69 6.02 22.88
C LYS A 963 -102.72 6.35 24.02
N ARG A 964 -102.41 5.37 24.89
CA ARG A 964 -101.53 5.64 26.01
C ARG A 964 -100.08 5.59 25.56
N THR A 965 -99.73 4.54 24.83
CA THR A 965 -98.35 4.23 24.51
C THR A 965 -97.80 5.15 23.45
N PHE A 966 -98.48 5.23 22.32
CA PHE A 966 -97.94 5.89 21.14
C PHE A 966 -97.51 7.34 21.37
N PRO A 967 -98.27 8.17 22.08
CA PRO A 967 -97.79 9.53 22.37
C PRO A 967 -96.52 9.51 23.19
N VAL A 968 -96.59 8.88 24.36
CA VAL A 968 -95.40 8.74 25.17
C VAL A 968 -94.33 8.00 24.41
N LEU A 969 -94.73 7.16 23.45
CA LEU A 969 -93.76 6.59 22.53
C LEU A 969 -93.02 7.68 21.77
N LEU A 970 -93.75 8.65 21.24
CA LEU A 970 -93.04 9.77 20.65
C LEU A 970 -92.32 10.57 21.72
N ARG A 971 -92.93 10.70 22.90
CA ARG A 971 -92.32 11.49 23.96
C ARG A 971 -90.97 10.90 24.36
N LEU A 972 -90.90 9.57 24.49
CA LEU A 972 -89.59 8.96 24.69
C LEU A 972 -88.72 9.11 23.45
N ALA A 973 -89.33 9.09 22.27
CA ALA A 973 -88.55 9.14 21.05
C ALA A 973 -87.78 10.44 20.92
N CYS A 974 -88.37 11.56 21.36
CA CYS A 974 -87.76 12.87 21.20
C CYS A 974 -86.71 13.17 22.27
N ASP A 975 -86.18 12.13 22.92
CA ASP A 975 -85.27 12.37 24.02
C ASP A 975 -83.90 12.80 23.52
N VAL A 976 -83.22 13.59 24.36
CA VAL A 976 -81.87 14.05 24.02
C VAL A 976 -80.91 12.88 23.93
N ASP A 977 -81.20 11.78 24.63
CA ASP A 977 -80.35 10.61 24.51
C ASP A 977 -80.34 10.09 23.09
N GLN A 978 -79.15 9.80 22.59
CA GLN A 978 -79.01 9.28 21.24
C GLN A 978 -79.34 7.80 21.18
N VAL A 979 -79.00 7.06 22.22
CA VAL A 979 -79.23 5.61 22.21
C VAL A 979 -80.72 5.32 22.10
N THR A 980 -81.53 5.98 22.95
CA THR A 980 -82.97 5.78 22.87
C THR A 980 -83.48 6.16 21.50
N ARG A 981 -82.93 7.24 20.93
CA ARG A 981 -83.26 7.56 19.56
C ARG A 981 -82.74 6.47 18.65
N GLN A 982 -81.44 6.21 18.72
CA GLN A 982 -80.85 5.09 17.97
C GLN A 982 -81.58 3.78 18.25
N LEU A 983 -82.30 3.70 19.36
CA LEU A 983 -83.15 2.55 19.63
C LEU A 983 -84.56 2.77 19.10
N TYR A 984 -85.27 3.77 19.62
CA TYR A 984 -86.68 3.91 19.31
C TYR A 984 -86.90 4.17 17.83
N GLU A 985 -86.08 5.04 17.25
CA GLU A 985 -86.19 5.49 15.86
C GLU A 985 -86.32 4.34 14.87
N PRO A 986 -85.30 3.48 14.67
CA PRO A 986 -85.48 2.42 13.67
C PRO A 986 -86.67 1.55 14.02
N LEU A 987 -86.86 1.35 15.33
CA LEU A 987 -87.97 0.56 15.81
C LEU A 987 -89.29 1.29 15.61
N VAL A 988 -89.27 2.62 15.68
CA VAL A 988 -90.47 3.40 15.38
C VAL A 988 -90.96 3.06 13.98
N MET A 989 -90.10 3.25 12.97
CA MET A 989 -90.47 2.84 11.63
C MET A 989 -90.68 1.35 11.54
N GLN A 990 -90.11 0.60 12.46
CA GLN A 990 -90.23 -0.85 12.37
C GLN A 990 -91.67 -1.28 12.52
N LEU A 991 -92.37 -0.71 13.49
CA LEU A 991 -93.82 -0.88 13.57
C LEU A 991 -94.49 -0.40 12.30
N ILE A 992 -94.04 0.75 11.80
CA ILE A 992 -94.67 1.35 10.63
C ILE A 992 -94.66 0.36 9.48
N HIS A 993 -93.45 -0.04 9.08
CA HIS A 993 -93.31 -0.98 7.97
C HIS A 993 -94.09 -2.25 8.25
N TRP A 994 -94.19 -2.64 9.51
CA TRP A 994 -95.12 -3.68 9.88
C TRP A 994 -96.56 -3.31 9.53
N PHE A 995 -96.99 -2.12 9.91
CA PHE A 995 -98.37 -1.75 9.64
C PHE A 995 -98.64 -1.48 8.16
N THR A 996 -97.60 -1.20 7.38
CA THR A 996 -97.78 -0.96 5.95
C THR A 996 -98.31 -2.18 5.22
N ASN A 997 -98.49 -3.30 5.91
CA ASN A 997 -99.09 -4.48 5.33
C ASN A 997 -100.57 -4.27 5.05
N ASN A 998 -101.02 -4.87 3.94
CA ASN A 998 -102.44 -4.82 3.62
C ASN A 998 -103.28 -5.51 4.69
N LYS A 999 -102.70 -6.49 5.37
CA LYS A 999 -103.44 -7.19 6.40
C LYS A 999 -103.78 -6.26 7.56
N LYS A 1000 -102.74 -5.76 8.24
CA LYS A 1000 -102.95 -4.77 9.30
C LYS A 1000 -102.98 -3.37 8.72
N PHE A 1001 -103.78 -3.24 7.68
CA PHE A 1001 -104.05 -1.98 7.00
C PHE A 1001 -105.47 -1.51 7.21
N GLU A 1002 -106.44 -2.40 7.06
CA GLU A 1002 -107.82 -2.09 7.40
C GLU A 1002 -108.10 -2.38 8.86
N SER A 1003 -107.07 -2.50 9.68
CA SER A 1003 -107.21 -2.88 11.06
C SER A 1003 -107.25 -1.63 11.93
N GLN A 1004 -107.31 -1.84 13.25
CA GLN A 1004 -107.24 -0.75 14.21
C GLN A 1004 -105.87 -0.09 14.18
N ASP A 1005 -104.91 -0.66 13.46
CA ASP A 1005 -103.61 -0.03 13.24
C ASP A 1005 -103.79 1.34 12.61
N THR A 1006 -105.00 1.63 12.14
CA THR A 1006 -105.35 2.97 11.67
C THR A 1006 -105.22 4.01 12.78
N VAL A 1007 -105.70 3.69 13.98
CA VAL A 1007 -105.71 4.68 15.05
C VAL A 1007 -104.30 5.12 15.37
N ALA A 1008 -103.32 4.25 15.12
CA ALA A 1008 -101.92 4.54 15.37
C ALA A 1008 -101.54 5.81 14.64
N LEU A 1009 -101.64 5.79 13.32
CA LEU A 1009 -101.30 6.99 12.56
C LEU A 1009 -102.24 8.13 12.90
N LEU A 1010 -103.52 7.84 13.11
CA LEU A 1010 -104.47 8.88 13.47
C LEU A 1010 -103.92 9.73 14.61
N GLU A 1011 -103.78 9.11 15.79
CA GLU A 1011 -103.18 9.82 16.91
C GLU A 1011 -101.78 10.30 16.58
N ALA A 1012 -101.02 9.52 15.81
CA ALA A 1012 -99.64 9.90 15.50
C ALA A 1012 -99.60 11.23 14.79
N ILE A 1013 -100.70 11.65 14.21
CA ILE A 1013 -100.79 12.94 13.57
C ILE A 1013 -101.68 13.83 14.43
N LEU A 1014 -102.87 13.32 14.76
CA LEU A 1014 -103.84 14.05 15.57
C LEU A 1014 -103.19 14.74 16.76
N ASP A 1015 -102.59 13.95 17.62
CA ASP A 1015 -101.83 14.49 18.75
C ASP A 1015 -100.37 14.70 18.39
N GLY A 1016 -99.85 13.88 17.46
CA GLY A 1016 -98.42 13.87 17.18
C GLY A 1016 -97.87 15.22 16.76
N ILE A 1017 -98.68 16.08 16.17
CA ILE A 1017 -98.20 17.37 15.72
C ILE A 1017 -98.94 18.54 16.34
N VAL A 1018 -100.11 18.34 16.95
CA VAL A 1018 -100.78 19.44 17.62
C VAL A 1018 -99.95 19.92 18.79
N ASP A 1019 -98.99 19.11 19.24
CA ASP A 1019 -98.10 19.41 20.35
C ASP A 1019 -97.55 20.82 20.21
N PRO A 1020 -98.06 21.77 21.00
CA PRO A 1020 -97.60 23.15 20.84
C PRO A 1020 -96.12 23.32 21.07
N VAL A 1021 -95.57 22.61 22.03
CA VAL A 1021 -94.17 22.70 22.34
C VAL A 1021 -93.47 21.49 21.74
N ASP A 1022 -92.14 21.54 21.70
CA ASP A 1022 -91.32 20.44 21.19
C ASP A 1022 -91.73 20.11 19.75
N SER A 1023 -91.45 21.05 18.87
CA SER A 1023 -91.66 20.79 17.45
C SER A 1023 -90.85 19.60 16.96
N THR A 1024 -89.79 19.24 17.70
CA THR A 1024 -89.09 17.99 17.41
C THR A 1024 -90.03 16.81 17.44
N LEU A 1025 -91.08 16.88 18.26
CA LEU A 1025 -92.12 15.87 18.21
C LEU A 1025 -92.71 15.79 16.82
N ARG A 1026 -93.18 16.94 16.31
CA ARG A 1026 -93.69 16.98 14.96
C ARG A 1026 -92.59 16.67 13.95
N ASP A 1027 -91.35 17.04 14.27
CA ASP A 1027 -90.24 16.75 13.39
C ASP A 1027 -90.11 15.25 13.18
N PHE A 1028 -90.22 14.50 14.27
CA PHE A 1028 -90.20 13.04 14.16
C PHE A 1028 -91.44 12.54 13.43
N CYS A 1029 -92.59 13.18 13.66
CA CYS A 1029 -93.81 12.77 12.98
C CYS A 1029 -93.64 12.86 11.47
N GLY A 1030 -93.06 13.96 10.99
CA GLY A 1030 -92.89 14.14 9.55
C GLY A 1030 -92.01 13.07 8.94
N ARG A 1031 -90.93 12.70 9.65
CA ARG A 1031 -90.12 11.57 9.19
C ARG A 1031 -90.97 10.32 9.08
N CYS A 1032 -91.80 10.07 10.09
CA CYS A 1032 -92.66 8.90 10.07
C CYS A 1032 -93.64 8.95 8.90
N ILE A 1033 -94.23 10.11 8.66
CA ILE A 1033 -95.21 10.25 7.59
C ILE A 1033 -94.55 10.01 6.25
N ARG A 1034 -93.36 10.58 6.06
CA ARG A 1034 -92.59 10.28 4.87
C ARG A 1034 -92.34 8.78 4.77
N GLU A 1035 -91.95 8.17 5.88
CA GLU A 1035 -91.89 6.72 5.90
C GLU A 1035 -93.27 6.11 5.75
N PHE A 1036 -94.30 6.75 6.32
CA PHE A 1036 -95.65 6.28 6.10
C PHE A 1036 -96.01 6.40 4.63
N LEU A 1037 -95.66 7.52 4.01
CA LEU A 1037 -95.82 7.67 2.56
C LEU A 1037 -95.20 6.50 1.83
N LYS A 1038 -93.97 6.13 2.20
CA LYS A 1038 -93.38 4.92 1.67
C LYS A 1038 -94.23 3.74 2.09
N TRP A 1039 -94.68 2.97 1.11
CA TRP A 1039 -95.56 1.82 1.26
C TRP A 1039 -96.98 2.27 1.56
N SER A 1040 -97.25 3.58 1.68
CA SER A 1040 -98.63 4.03 1.88
C SER A 1040 -99.54 3.46 0.81
N ILE A 1041 -99.02 3.35 -0.41
CA ILE A 1041 -99.67 2.56 -1.45
C ILE A 1041 -98.73 1.59 -2.13
N LYS A 1042 -97.41 1.76 -2.00
CA LYS A 1042 -96.47 0.89 -2.70
C LYS A 1042 -96.60 -0.55 -2.21
N GLN A 1043 -96.56 -0.74 -0.89
CA GLN A 1043 -96.82 -2.04 -0.34
C GLN A 1043 -98.28 -2.44 -0.49
N ILE A 1044 -99.16 -1.46 -0.63
CA ILE A 1044 -100.58 -1.73 -0.74
C ILE A 1044 -100.91 -2.14 -2.17
N THR A 1045 -101.73 -3.17 -2.30
CA THR A 1045 -102.15 -3.58 -3.63
C THR A 1045 -102.96 -2.46 -4.27
N PRO A 1046 -102.63 -2.08 -5.51
CA PRO A 1046 -103.41 -1.02 -6.17
C PRO A 1046 -104.87 -1.38 -6.34
N GLN A 1047 -105.19 -2.67 -6.37
CA GLN A 1047 -106.59 -3.07 -6.53
C GLN A 1047 -107.44 -2.70 -5.34
N GLN A 1048 -106.86 -2.46 -4.17
CA GLN A 1048 -107.63 -2.15 -2.98
C GLN A 1048 -107.18 -0.91 -2.24
N GLN A 1049 -106.08 -0.28 -2.65
CA GLN A 1049 -105.64 0.94 -1.99
C GLN A 1049 -106.74 1.99 -1.99
N GLU A 1050 -107.60 1.97 -3.00
CA GLU A 1050 -108.79 2.80 -3.02
C GLU A 1050 -109.95 2.16 -2.27
N LYS A 1051 -109.95 0.84 -2.12
CA LYS A 1051 -111.07 0.16 -1.47
C LYS A 1051 -111.18 0.56 -0.01
N SER A 1052 -110.09 0.46 0.73
CA SER A 1052 -110.09 0.84 2.12
C SER A 1052 -110.17 2.35 2.23
N PRO A 1053 -111.13 2.91 2.97
CA PRO A 1053 -111.24 4.37 3.03
C PRO A 1053 -109.99 5.05 3.54
N VAL A 1054 -109.29 4.42 4.49
CA VAL A 1054 -108.04 4.97 4.98
C VAL A 1054 -106.97 4.84 3.90
N ASN A 1055 -106.38 5.96 3.53
CA ASN A 1055 -105.44 6.03 2.41
C ASN A 1055 -104.79 7.41 2.44
N THR A 1056 -104.04 7.72 1.40
CA THR A 1056 -103.43 9.04 1.26
C THR A 1056 -104.51 10.13 1.22
N LYS A 1057 -105.59 9.87 0.48
CA LYS A 1057 -106.66 10.86 0.40
C LYS A 1057 -107.30 11.10 1.76
N SER A 1058 -107.52 10.02 2.53
CA SER A 1058 -108.16 10.16 3.83
C SER A 1058 -107.36 11.08 4.73
N LEU A 1059 -106.07 10.80 4.87
CA LEU A 1059 -105.19 11.65 5.65
C LEU A 1059 -105.04 13.04 5.05
N PHE A 1060 -105.23 13.17 3.74
CA PHE A 1060 -105.27 14.49 3.14
C PHE A 1060 -106.47 15.27 3.66
N LYS A 1061 -107.65 14.64 3.63
CA LYS A 1061 -108.83 15.26 4.22
C LYS A 1061 -108.59 15.55 5.70
N ARG A 1062 -107.91 14.63 6.38
CA ARG A 1062 -107.48 14.89 7.75
C ARG A 1062 -106.62 16.13 7.80
N LEU A 1063 -105.65 16.22 6.88
CA LEU A 1063 -104.80 17.40 6.82
C LEU A 1063 -105.61 18.65 6.56
N TYR A 1064 -106.63 18.54 5.71
CA TYR A 1064 -107.47 19.69 5.42
C TYR A 1064 -108.17 20.18 6.67
N SER A 1065 -108.79 19.26 7.42
CA SER A 1065 -109.42 19.63 8.67
C SER A 1065 -108.42 20.25 9.62
N LEU A 1066 -107.19 19.75 9.63
CA LEU A 1066 -106.14 20.30 10.46
C LEU A 1066 -105.95 21.79 10.24
N ALA A 1067 -105.49 22.15 9.05
CA ALA A 1067 -104.99 23.51 8.82
C ALA A 1067 -106.06 24.54 9.12
N LEU A 1068 -107.30 24.24 8.75
CA LEU A 1068 -108.39 25.20 8.86
C LEU A 1068 -108.73 25.61 10.28
N HIS A 1069 -108.30 24.84 11.29
CA HIS A 1069 -108.67 25.20 12.64
C HIS A 1069 -108.00 26.50 13.07
N PRO A 1070 -108.69 27.32 13.86
CA PRO A 1070 -108.14 28.64 14.23
C PRO A 1070 -106.86 28.59 15.02
N ASN A 1071 -106.46 27.45 15.57
CA ASN A 1071 -105.20 27.41 16.29
C ASN A 1071 -104.03 27.37 15.32
N ALA A 1072 -102.97 28.11 15.66
CA ALA A 1072 -101.78 28.15 14.82
C ALA A 1072 -101.14 26.78 14.71
N PHE A 1073 -101.17 26.00 15.79
CA PHE A 1073 -100.47 24.73 15.75
C PHE A 1073 -101.11 23.77 14.77
N LYS A 1074 -102.41 23.98 14.49
CA LYS A 1074 -103.06 23.19 13.46
C LYS A 1074 -102.42 23.45 12.11
N ARG A 1075 -102.46 24.71 11.66
CA ARG A 1075 -101.79 25.05 10.41
C ARG A 1075 -100.28 24.84 10.52
N LEU A 1076 -99.70 24.99 11.71
CA LEU A 1076 -98.29 24.72 11.88
C LEU A 1076 -97.95 23.30 11.46
N GLY A 1077 -98.66 22.32 12.02
CA GLY A 1077 -98.44 20.94 11.63
C GLY A 1077 -98.74 20.70 10.18
N ALA A 1078 -99.81 21.31 9.67
CA ALA A 1078 -100.20 21.11 8.28
C ALA A 1078 -99.06 21.50 7.34
N SER A 1079 -98.54 22.71 7.51
CA SER A 1079 -97.37 23.15 6.76
C SER A 1079 -96.25 22.13 6.90
N LEU A 1080 -95.81 21.91 8.14
CA LEU A 1080 -94.71 20.99 8.40
C LEU A 1080 -94.93 19.66 7.72
N ALA A 1081 -96.16 19.14 7.81
CA ALA A 1081 -96.49 17.91 7.12
C ALA A 1081 -96.14 18.01 5.64
N PHE A 1082 -96.64 19.05 4.99
CA PHE A 1082 -96.35 19.21 3.57
C PHE A 1082 -94.88 19.52 3.31
N ASN A 1083 -94.26 20.33 4.17
CA ASN A 1083 -92.83 20.60 3.98
C ASN A 1083 -92.06 19.29 3.95
N ASN A 1084 -92.57 18.28 4.63
CA ASN A 1084 -92.02 16.94 4.56
C ASN A 1084 -92.81 16.04 3.61
N ILE A 1085 -93.74 16.60 2.86
CA ILE A 1085 -94.32 15.88 1.73
C ILE A 1085 -93.51 16.17 0.46
N TYR A 1086 -93.00 17.39 0.33
CA TYR A 1086 -92.08 17.67 -0.75
C TYR A 1086 -90.89 16.73 -0.68
N ARG A 1087 -90.26 16.51 -1.84
CA ARG A 1087 -89.15 15.61 -2.08
C ARG A 1087 -89.63 14.18 -2.06
N GLU A 1088 -90.90 13.95 -1.77
CA GLU A 1088 -91.56 12.67 -1.93
C GLU A 1088 -92.86 12.78 -2.69
N PHE A 1089 -93.44 13.97 -2.76
CA PHE A 1089 -94.62 14.18 -3.57
C PHE A 1089 -94.25 14.43 -5.02
N ARG A 1090 -92.95 14.43 -5.34
CA ARG A 1090 -92.50 14.66 -6.69
C ARG A 1090 -92.49 13.39 -7.53
N GLU A 1091 -92.00 12.28 -6.95
CA GLU A 1091 -91.73 11.09 -7.76
C GLU A 1091 -93.00 10.43 -8.25
N GLU A 1092 -94.09 10.46 -7.49
CA GLU A 1092 -95.28 9.77 -7.94
C GLU A 1092 -95.82 10.41 -9.21
N GLU A 1093 -96.50 9.60 -10.00
CA GLU A 1093 -96.97 10.02 -11.31
C GLU A 1093 -98.43 10.44 -11.35
N SER A 1094 -99.28 9.87 -10.50
CA SER A 1094 -100.70 10.15 -10.56
C SER A 1094 -101.19 11.01 -9.41
N LEU A 1095 -100.67 10.78 -8.20
CA LEU A 1095 -101.28 11.33 -7.00
C LEU A 1095 -101.39 12.85 -7.06
N VAL A 1096 -100.56 13.49 -7.87
CA VAL A 1096 -100.75 14.91 -8.15
C VAL A 1096 -102.13 15.14 -8.75
N GLU A 1097 -102.57 14.25 -9.62
CA GLU A 1097 -103.82 14.49 -10.35
C GLU A 1097 -105.05 14.31 -9.47
N GLN A 1098 -104.91 14.19 -8.16
CA GLN A 1098 -106.08 14.06 -7.31
C GLN A 1098 -106.21 15.16 -6.27
N PHE A 1099 -105.13 15.82 -5.89
CA PHE A 1099 -105.15 16.64 -4.69
C PHE A 1099 -104.58 18.03 -4.87
N VAL A 1100 -103.75 18.28 -5.89
CA VAL A 1100 -102.92 19.48 -5.88
C VAL A 1100 -103.77 20.74 -5.80
N PHE A 1101 -104.75 20.87 -6.68
CA PHE A 1101 -105.50 22.13 -6.74
C PHE A 1101 -106.31 22.34 -5.48
N GLU A 1102 -106.86 21.27 -4.91
CA GLU A 1102 -107.48 21.38 -3.60
C GLU A 1102 -106.44 21.79 -2.56
N ALA A 1103 -105.27 21.17 -2.61
CA ALA A 1103 -104.19 21.55 -1.70
C ALA A 1103 -103.86 23.02 -1.85
N LEU A 1104 -103.72 23.49 -3.09
CA LEU A 1104 -103.65 24.92 -3.35
C LEU A 1104 -104.69 25.68 -2.55
N VAL A 1105 -105.95 25.52 -2.93
CA VAL A 1105 -107.00 26.44 -2.51
C VAL A 1105 -107.03 26.56 -1.00
N ILE A 1106 -107.03 25.41 -0.33
CA ILE A 1106 -107.12 25.39 1.11
C ILE A 1106 -105.83 25.90 1.74
N TYR A 1107 -104.69 25.68 1.08
CA TYR A 1107 -103.44 26.11 1.67
C TYR A 1107 -103.40 27.62 1.84
N MET A 1108 -103.67 28.35 0.76
CA MET A 1108 -103.63 29.80 0.87
C MET A 1108 -104.76 30.31 1.73
N GLU A 1109 -105.86 29.57 1.80
CA GLU A 1109 -106.89 29.89 2.77
C GLU A 1109 -106.31 29.86 4.18
N SER A 1110 -105.70 28.75 4.55
CA SER A 1110 -105.03 28.66 5.85
C SER A 1110 -104.03 29.78 6.01
N LEU A 1111 -103.38 30.16 4.91
CA LEU A 1111 -102.47 31.29 4.96
C LEU A 1111 -103.22 32.55 5.37
N ALA A 1112 -104.42 32.74 4.83
CA ALA A 1112 -105.22 33.91 5.19
C ALA A 1112 -105.53 33.94 6.68
N LEU A 1113 -105.66 32.76 7.30
CA LEU A 1113 -105.90 32.71 8.74
C LEU A 1113 -104.78 33.43 9.49
N ALA A 1114 -103.55 33.27 9.01
CA ALA A 1114 -102.37 33.82 9.68
C ALA A 1114 -102.31 35.33 9.67
N HIS A 1115 -103.33 36.01 9.14
CA HIS A 1115 -103.31 37.47 9.10
C HIS A 1115 -103.12 38.06 10.49
N ALA A 1116 -103.89 37.59 11.47
CA ALA A 1116 -103.83 38.12 12.82
C ALA A 1116 -102.66 37.57 13.62
N ASP A 1117 -101.94 36.58 13.10
CA ASP A 1117 -100.85 35.96 13.84
C ASP A 1117 -99.68 36.92 13.95
N GLU A 1118 -98.63 36.45 14.62
CA GLU A 1118 -97.43 37.23 14.85
C GLU A 1118 -96.21 36.45 14.37
N LYS A 1119 -95.20 37.20 13.91
CA LYS A 1119 -93.96 36.58 13.46
C LYS A 1119 -93.27 35.81 14.57
N SER A 1120 -93.60 36.10 15.83
CA SER A 1120 -93.20 35.25 16.94
C SER A 1120 -93.52 33.80 16.59
N LEU A 1121 -94.72 33.56 16.10
CA LEU A 1121 -95.02 32.34 15.37
C LEU A 1121 -94.31 32.40 14.03
N GLY A 1122 -93.24 31.62 13.90
CA GLY A 1122 -92.45 31.62 12.68
C GLY A 1122 -93.06 30.79 11.56
N THR A 1123 -94.36 30.55 11.61
CA THR A 1123 -95.02 29.75 10.59
C THR A 1123 -94.71 30.25 9.19
N ILE A 1124 -94.56 31.57 9.05
CA ILE A 1124 -94.59 32.23 7.75
C ILE A 1124 -93.50 31.68 6.83
N GLN A 1125 -92.33 31.38 7.36
CA GLN A 1125 -91.29 30.78 6.54
C GLN A 1125 -91.75 29.44 6.01
N GLN A 1126 -92.23 28.57 6.89
CA GLN A 1126 -92.84 27.33 6.45
C GLN A 1126 -94.02 27.60 5.53
N CYS A 1127 -94.78 28.66 5.80
CA CYS A 1127 -95.83 29.04 4.86
C CYS A 1127 -95.25 29.24 3.46
N CYS A 1128 -94.26 30.12 3.36
CA CYS A 1128 -93.65 30.39 2.06
C CYS A 1128 -92.95 29.16 1.52
N ASP A 1129 -92.45 28.30 2.41
CA ASP A 1129 -91.72 27.12 1.98
C ASP A 1129 -92.63 26.21 1.16
N ALA A 1130 -93.80 25.89 1.69
CA ALA A 1130 -94.73 25.05 0.96
C ALA A 1130 -95.15 25.71 -0.35
N ILE A 1131 -95.47 27.00 -0.29
CA ILE A 1131 -95.61 27.84 -1.48
C ILE A 1131 -94.50 27.57 -2.47
N ASP A 1132 -93.26 27.74 -2.03
CA ASP A 1132 -92.14 27.59 -2.94
C ASP A 1132 -92.05 26.16 -3.46
N HIS A 1133 -92.36 25.20 -2.61
CA HIS A 1133 -92.26 23.82 -3.03
C HIS A 1133 -93.42 23.47 -3.92
N LEU A 1134 -94.61 23.97 -3.56
CA LEU A 1134 -95.76 23.94 -4.45
C LEU A 1134 -95.43 24.57 -5.80
N CYS A 1135 -94.66 25.66 -5.79
CA CYS A 1135 -94.25 26.28 -7.03
C CYS A 1135 -93.48 25.31 -7.91
N ARG A 1136 -92.36 24.80 -7.39
CA ARG A 1136 -91.41 24.08 -8.24
C ARG A 1136 -91.98 22.79 -8.78
N ILE A 1137 -92.87 22.15 -8.01
CA ILE A 1137 -93.42 20.87 -8.44
C ILE A 1137 -94.20 21.00 -9.74
N ILE A 1138 -94.78 22.16 -10.01
CA ILE A 1138 -95.48 22.39 -11.25
C ILE A 1138 -94.59 23.09 -12.28
N GLU A 1139 -93.54 23.79 -11.81
CA GLU A 1139 -92.65 24.51 -12.71
C GLU A 1139 -92.15 23.60 -13.81
N LYS A 1140 -91.70 22.41 -13.44
CA LYS A 1140 -91.16 21.48 -14.43
C LYS A 1140 -92.29 20.83 -15.23
N LYS A 1141 -93.18 20.15 -14.54
CA LYS A 1141 -94.26 19.40 -15.18
C LYS A 1141 -95.56 20.16 -15.04
N HIS A 1142 -96.12 20.57 -16.17
CA HIS A 1142 -97.39 21.31 -16.20
C HIS A 1142 -98.33 20.86 -17.29
N VAL A 1143 -97.88 20.06 -18.25
CA VAL A 1143 -98.68 19.77 -19.44
C VAL A 1143 -99.97 19.05 -19.07
N SER A 1144 -99.85 18.03 -18.23
CA SER A 1144 -101.05 17.37 -17.71
C SER A 1144 -101.92 18.36 -16.95
N LEU A 1145 -101.32 19.41 -16.40
CA LEU A 1145 -102.08 20.46 -15.75
C LEU A 1145 -102.51 21.54 -16.72
N ASN A 1146 -101.77 21.71 -17.82
CA ASN A 1146 -102.21 22.63 -18.87
C ASN A 1146 -103.63 22.30 -19.28
N LYS A 1147 -103.90 21.02 -19.50
CA LYS A 1147 -105.21 20.60 -19.95
C LYS A 1147 -106.24 20.78 -18.84
N ALA A 1148 -107.47 21.04 -19.25
CA ALA A 1148 -108.58 21.02 -18.30
C ALA A 1148 -108.75 19.61 -17.77
N LYS A 1149 -108.93 19.51 -16.46
CA LYS A 1149 -108.97 18.20 -15.81
C LYS A 1149 -110.12 18.15 -14.82
N LYS A 1150 -110.86 17.05 -14.87
CA LYS A 1150 -111.85 16.81 -13.83
C LYS A 1150 -111.15 16.53 -12.51
N ARG A 1151 -111.82 16.88 -11.43
CA ARG A 1151 -111.23 16.79 -10.10
C ARG A 1151 -112.32 16.89 -9.07
N ARG A 1152 -112.07 16.27 -7.91
CA ARG A 1152 -112.80 16.66 -6.71
C ARG A 1152 -112.58 18.15 -6.51
N LEU A 1153 -113.63 18.93 -6.64
CA LEU A 1153 -113.50 20.38 -6.64
C LEU A 1153 -113.09 20.87 -5.25
N PRO A 1154 -112.00 21.63 -5.13
CA PRO A 1154 -111.73 22.30 -3.85
C PRO A 1154 -112.82 23.31 -3.53
N ARG A 1155 -113.09 23.44 -2.24
CA ARG A 1155 -114.19 24.27 -1.77
C ARG A 1155 -114.07 25.71 -2.27
N GLY A 1156 -112.85 26.23 -2.37
CA GLY A 1156 -112.67 27.63 -2.69
C GLY A 1156 -113.18 28.04 -4.05
N PHE A 1157 -113.58 27.09 -4.89
CA PHE A 1157 -114.18 27.44 -6.15
C PHE A 1157 -115.69 27.33 -6.07
N PRO A 1158 -116.42 28.44 -6.06
CA PRO A 1158 -117.79 28.42 -6.55
C PRO A 1158 -117.86 27.92 -7.98
N PRO A 1159 -116.86 28.19 -8.83
CA PRO A 1159 -116.82 27.51 -10.12
C PRO A 1159 -116.65 26.01 -9.96
N SER A 1160 -117.17 25.27 -10.94
CA SER A 1160 -117.08 23.81 -10.95
C SER A 1160 -117.08 23.35 -12.40
N ALA A 1161 -115.94 22.83 -12.86
CA ALA A 1161 -115.78 22.41 -14.25
C ALA A 1161 -114.56 21.50 -14.32
N SER A 1162 -114.08 21.27 -15.55
CA SER A 1162 -112.76 20.69 -15.74
C SER A 1162 -111.69 21.72 -15.41
N LEU A 1163 -110.58 21.26 -14.85
CA LEU A 1163 -109.57 22.14 -14.27
C LEU A 1163 -108.32 22.18 -15.14
N CYS A 1164 -107.99 23.36 -15.63
CA CYS A 1164 -106.70 23.65 -16.23
C CYS A 1164 -106.03 24.74 -15.42
N LEU A 1165 -104.76 25.00 -15.73
CA LEU A 1165 -104.03 26.04 -15.01
C LEU A 1165 -104.71 27.39 -15.19
N LEU A 1166 -105.14 27.69 -16.42
CA LEU A 1166 -105.75 28.99 -16.68
C LEU A 1166 -106.93 29.24 -15.75
N ASP A 1167 -107.71 28.20 -15.46
CA ASP A 1167 -108.79 28.31 -14.49
C ASP A 1167 -108.25 28.83 -13.17
N LEU A 1168 -107.17 28.21 -12.68
CA LEU A 1168 -106.53 28.69 -11.46
C LEU A 1168 -106.03 30.11 -11.62
N VAL A 1169 -105.41 30.41 -12.76
CA VAL A 1169 -104.91 31.76 -12.99
C VAL A 1169 -106.07 32.74 -12.92
N LYS A 1170 -107.19 32.39 -13.55
CA LYS A 1170 -108.38 33.22 -13.45
C LYS A 1170 -108.81 33.40 -12.01
N TRP A 1171 -108.63 32.38 -11.18
CA TRP A 1171 -109.02 32.51 -9.79
C TRP A 1171 -108.12 33.48 -9.05
N LEU A 1172 -106.81 33.33 -9.18
CA LEU A 1172 -105.89 34.16 -8.41
C LEU A 1172 -106.14 35.64 -8.68
N LEU A 1173 -106.20 36.00 -9.96
CA LEU A 1173 -106.52 37.38 -10.31
C LEU A 1173 -107.91 37.75 -9.81
N ALA A 1174 -108.85 36.81 -9.81
CA ALA A 1174 -110.17 37.08 -9.26
C ALA A 1174 -110.16 37.21 -7.76
N HIS A 1175 -109.07 36.83 -7.09
CA HIS A 1175 -109.03 36.78 -5.64
C HIS A 1175 -107.79 37.52 -5.16
N CYS A 1176 -107.91 38.83 -5.08
CA CYS A 1176 -106.84 39.68 -4.57
C CYS A 1176 -107.30 40.70 -3.56
N GLY A 1177 -108.59 41.05 -3.51
CA GLY A 1177 -109.10 41.96 -2.51
C GLY A 1177 -109.19 41.31 -1.16
N ARG A 1178 -108.36 40.32 -0.93
CA ARG A 1178 -108.20 39.67 0.36
C ARG A 1178 -107.40 40.56 1.29
N PRO A 1179 -107.78 40.63 2.55
CA PRO A 1179 -107.15 41.61 3.45
C PRO A 1179 -105.81 41.15 3.98
N GLN A 1180 -105.30 40.05 3.44
CA GLN A 1180 -104.04 39.49 3.88
C GLN A 1180 -102.96 40.03 2.98
N THR A 1181 -102.33 41.11 3.44
CA THR A 1181 -101.27 41.75 2.69
C THR A 1181 -100.10 40.80 2.48
N GLU A 1182 -99.81 39.98 3.49
CA GLU A 1182 -98.81 38.94 3.29
C GLU A 1182 -99.23 38.00 2.17
N CYS A 1183 -100.45 37.45 2.26
CA CYS A 1183 -100.96 36.65 1.17
C CYS A 1183 -101.13 37.49 -0.09
N ARG A 1184 -101.34 38.79 0.08
CA ARG A 1184 -101.27 39.67 -1.08
C ARG A 1184 -99.86 39.68 -1.65
N HIS A 1185 -98.84 39.73 -0.79
CA HIS A 1185 -97.47 39.64 -1.28
C HIS A 1185 -97.25 38.32 -2.01
N LYS A 1186 -97.77 37.23 -1.45
CA LYS A 1186 -97.63 35.95 -2.11
C LYS A 1186 -98.41 35.92 -3.41
N SER A 1187 -99.66 36.39 -3.36
CA SER A 1187 -100.50 36.39 -4.56
C SER A 1187 -99.81 37.08 -5.72
N ILE A 1188 -99.13 38.20 -5.43
CA ILE A 1188 -98.50 38.97 -6.51
C ILE A 1188 -97.22 38.30 -7.00
N GLU A 1189 -96.31 37.97 -6.08
CA GLU A 1189 -95.00 37.46 -6.50
C GLU A 1189 -95.15 36.12 -7.21
N LEU A 1190 -96.01 35.24 -6.69
CA LEU A 1190 -96.30 34.01 -7.42
C LEU A 1190 -96.93 34.30 -8.76
N PHE A 1191 -97.89 35.23 -8.80
CA PHE A 1191 -98.51 35.58 -10.06
C PHE A 1191 -97.47 36.14 -11.03
N TYR A 1192 -96.57 36.96 -10.52
CA TYR A 1192 -95.49 37.50 -11.34
C TYR A 1192 -94.73 36.37 -12.02
N LYS A 1193 -94.35 35.36 -11.25
CA LYS A 1193 -93.67 34.19 -11.81
C LYS A 1193 -94.65 33.19 -12.43
N PHE A 1194 -95.95 33.40 -12.28
CA PHE A 1194 -96.91 32.49 -12.90
C PHE A 1194 -96.94 32.67 -14.40
N VAL A 1195 -96.81 33.90 -14.88
CA VAL A 1195 -97.02 34.20 -16.30
C VAL A 1195 -96.14 33.36 -17.22
N PRO A 1196 -94.82 33.27 -17.03
CA PRO A 1196 -93.98 32.64 -18.07
C PRO A 1196 -94.34 31.19 -18.35
N LEU A 1197 -94.62 30.41 -17.31
CA LEU A 1197 -94.92 28.99 -17.50
C LEU A 1197 -96.21 28.80 -18.26
N LEU A 1198 -97.11 29.77 -18.23
CA LEU A 1198 -98.42 29.61 -18.83
C LEU A 1198 -98.30 29.48 -20.35
N PRO A 1199 -99.14 28.64 -20.96
CA PRO A 1199 -99.03 28.41 -22.41
C PRO A 1199 -99.31 29.64 -23.25
N GLY A 1200 -99.93 30.67 -22.67
CA GLY A 1200 -100.09 31.91 -23.40
C GLY A 1200 -98.76 32.51 -23.79
N ASN A 1201 -97.80 32.50 -22.87
CA ASN A 1201 -96.44 32.97 -23.08
C ASN A 1201 -96.36 34.42 -23.52
N ARG A 1202 -97.50 35.12 -23.54
CA ARG A 1202 -97.49 36.53 -23.87
C ARG A 1202 -96.83 37.31 -22.74
N SER A 1203 -96.20 38.42 -23.10
CA SER A 1203 -95.44 39.18 -22.12
C SER A 1203 -96.37 39.68 -21.02
N PRO A 1204 -95.95 39.56 -19.75
CA PRO A 1204 -96.88 39.77 -18.61
C PRO A 1204 -97.80 40.96 -18.80
N ASN A 1205 -97.23 42.15 -18.98
CA ASN A 1205 -98.05 43.33 -19.21
C ASN A 1205 -99.00 43.12 -20.39
N LEU A 1206 -98.45 42.73 -21.54
CA LEU A 1206 -99.29 42.47 -22.71
C LEU A 1206 -100.17 41.27 -22.50
N TRP A 1207 -99.63 40.22 -21.87
CA TRP A 1207 -100.45 39.06 -21.55
C TRP A 1207 -101.65 39.47 -20.71
N LEU A 1208 -101.46 40.48 -19.86
CA LEU A 1208 -102.56 41.05 -19.09
C LEU A 1208 -103.44 41.98 -19.92
N LYS A 1209 -102.85 42.67 -20.90
CA LYS A 1209 -103.68 43.50 -21.78
C LYS A 1209 -104.73 42.65 -22.47
N ASP A 1210 -104.32 41.48 -22.94
CA ASP A 1210 -105.22 40.61 -23.68
C ASP A 1210 -106.34 40.06 -22.80
N VAL A 1211 -106.14 40.07 -21.49
CA VAL A 1211 -107.18 39.54 -20.61
C VAL A 1211 -108.04 40.69 -20.12
N LEU A 1212 -107.45 41.88 -19.99
CA LEU A 1212 -108.24 43.00 -19.53
C LEU A 1212 -109.13 43.55 -20.62
N LYS A 1213 -108.66 43.56 -21.87
CA LYS A 1213 -109.37 44.23 -22.95
C LYS A 1213 -110.83 43.85 -23.02
N GLU A 1214 -111.19 42.66 -22.51
CA GLU A 1214 -112.58 42.27 -22.45
C GLU A 1214 -113.38 43.22 -21.59
N GLU A 1215 -112.79 43.69 -20.49
CA GLU A 1215 -113.46 44.65 -19.62
C GLU A 1215 -112.50 45.71 -19.10
N GLY A 1216 -111.42 45.97 -19.83
CA GLY A 1216 -110.30 46.79 -19.37
C GLY A 1216 -110.66 48.01 -18.55
N VAL A 1217 -111.77 48.67 -18.89
CA VAL A 1217 -112.20 49.82 -18.11
C VAL A 1217 -112.57 49.40 -16.69
N SER A 1218 -113.33 48.31 -16.55
CA SER A 1218 -113.72 47.82 -15.24
C SER A 1218 -113.19 46.43 -14.97
N PHE A 1219 -112.36 45.89 -15.87
CA PHE A 1219 -111.78 44.57 -15.66
C PHE A 1219 -111.11 44.49 -14.31
N LEU A 1220 -110.46 45.58 -13.89
CA LEU A 1220 -109.82 45.65 -12.60
C LEU A 1220 -110.63 46.41 -11.57
N ILE A 1221 -111.66 47.15 -11.99
CA ILE A 1221 -112.53 47.81 -11.04
C ILE A 1221 -113.15 46.79 -10.11
N ASN A 1222 -113.54 45.63 -10.64
CA ASN A 1222 -114.12 44.57 -9.84
C ASN A 1222 -113.11 44.06 -8.83
N THR A 1223 -111.89 44.56 -8.92
CA THR A 1223 -110.80 44.15 -8.03
C THR A 1223 -110.22 45.38 -7.38
N PHE A 1224 -109.46 45.15 -6.31
CA PHE A 1224 -108.62 46.14 -5.64
C PHE A 1224 -109.49 47.11 -4.87
N GLU A 1225 -110.78 47.09 -5.15
CA GLU A 1225 -111.79 47.66 -4.28
C GLU A 1225 -112.81 46.55 -4.13
N GLY A 1226 -112.96 45.76 -5.18
CA GLY A 1226 -113.56 44.45 -5.13
C GLY A 1226 -112.51 43.38 -5.11
N GLY A 1227 -112.88 42.18 -5.58
CA GLY A 1227 -111.95 41.08 -5.65
C GLY A 1227 -111.68 40.47 -4.29
N GLY A 1228 -110.92 39.37 -4.31
CA GLY A 1228 -110.61 38.66 -3.09
C GLY A 1228 -111.87 38.20 -2.40
N CYS A 1229 -112.61 37.30 -3.04
CA CYS A 1229 -113.87 36.77 -2.52
C CYS A 1229 -114.89 37.89 -2.33
N GLY A 1230 -115.33 38.45 -3.46
CA GLY A 1230 -116.44 39.35 -3.45
C GLY A 1230 -116.10 40.73 -2.90
N GLN A 1231 -117.15 41.53 -2.72
CA GLN A 1231 -117.02 42.91 -2.27
C GLN A 1231 -118.04 43.19 -1.15
N PRO A 1232 -117.88 42.54 0.00
CA PRO A 1232 -118.82 42.77 1.11
C PRO A 1232 -118.89 44.25 1.49
N SER A 1233 -117.73 44.83 1.80
CA SER A 1233 -117.62 46.30 1.87
C SER A 1233 -116.18 46.63 1.46
N GLY A 1234 -116.00 46.92 0.17
CA GLY A 1234 -114.69 47.19 -0.36
C GLY A 1234 -114.26 48.62 -0.11
N ILE A 1235 -113.09 48.94 -0.65
CA ILE A 1235 -112.62 50.32 -0.63
C ILE A 1235 -113.65 51.22 -1.31
N LEU A 1236 -114.20 50.73 -2.42
CA LEU A 1236 -115.24 51.49 -3.12
C LEU A 1236 -116.52 51.55 -2.31
N ALA A 1237 -116.80 50.51 -1.51
CA ALA A 1237 -118.08 50.45 -0.80
C ALA A 1237 -118.13 51.50 0.30
N GLN A 1238 -117.07 51.59 1.11
CA GLN A 1238 -117.02 52.59 2.18
C GLN A 1238 -115.70 53.33 2.12
N PRO A 1239 -115.44 54.04 1.01
CA PRO A 1239 -114.31 54.98 1.05
C PRO A 1239 -114.50 56.00 2.15
N THR A 1240 -115.73 56.45 2.34
CA THR A 1240 -116.07 57.16 3.57
C THR A 1240 -116.11 56.17 4.72
N LEU A 1241 -115.28 56.43 5.72
CA LEU A 1241 -115.23 55.63 6.93
C LEU A 1241 -116.29 56.05 7.93
N LEU A 1242 -117.03 57.11 7.64
CA LEU A 1242 -118.01 57.63 8.57
C LEU A 1242 -119.13 56.63 8.80
N TYR A 1243 -119.24 55.64 7.92
CA TYR A 1243 -120.33 54.68 7.95
C TYR A 1243 -119.82 53.33 8.43
N LEU A 1244 -120.44 52.83 9.48
CA LEU A 1244 -120.04 51.58 10.12
C LEU A 1244 -121.12 51.18 11.10
N ARG A 1245 -121.29 49.87 11.26
CA ARG A 1245 -122.23 49.35 12.24
C ARG A 1245 -121.82 49.84 13.63
N GLY A 1246 -122.80 50.39 14.36
CA GLY A 1246 -122.56 50.85 15.71
C GLY A 1246 -121.59 52.00 15.78
N PRO A 1247 -120.95 52.16 16.94
CA PRO A 1247 -120.02 53.27 17.17
C PRO A 1247 -118.69 53.01 16.47
N PHE A 1248 -117.77 53.95 16.69
CA PHE A 1248 -116.41 53.76 16.21
C PHE A 1248 -115.75 52.59 16.91
N SER A 1249 -115.05 51.77 16.14
CA SER A 1249 -114.31 50.64 16.68
C SER A 1249 -112.87 50.72 16.22
N LEU A 1250 -111.96 50.49 17.16
CA LEU A 1250 -110.55 50.44 16.80
C LEU A 1250 -110.30 49.34 15.77
N GLN A 1251 -110.93 48.19 15.95
CA GLN A 1251 -110.80 47.12 14.96
C GLN A 1251 -111.31 47.58 13.60
N ALA A 1252 -112.44 48.29 13.60
CA ALA A 1252 -112.94 48.85 12.35
C ALA A 1252 -111.92 49.78 11.72
N THR A 1253 -111.26 50.58 12.56
CA THR A 1253 -110.19 51.43 12.05
C THR A 1253 -109.14 50.60 11.34
N LEU A 1254 -108.68 49.53 12.00
CA LEU A 1254 -107.67 48.67 11.41
C LEU A 1254 -108.16 48.05 10.12
N CYS A 1255 -109.40 47.56 10.11
CA CYS A 1255 -109.95 46.99 8.89
C CYS A 1255 -109.95 48.01 7.77
N TRP A 1256 -110.35 49.23 8.09
CA TRP A 1256 -110.36 50.28 7.08
C TRP A 1256 -108.93 50.55 6.61
N LEU A 1257 -107.99 50.60 7.55
CA LEU A 1257 -106.58 50.73 7.18
C LEU A 1257 -106.15 49.59 6.28
N ASP A 1258 -106.59 48.37 6.61
CA ASP A 1258 -106.24 47.22 5.80
C ASP A 1258 -106.75 47.35 4.39
N LEU A 1259 -108.01 47.77 4.24
CA LEU A 1259 -108.56 47.97 2.91
C LEU A 1259 -107.72 48.97 2.13
N LEU A 1260 -107.35 50.07 2.78
CA LEU A 1260 -106.51 51.06 2.14
C LEU A 1260 -105.18 50.45 1.76
N LEU A 1261 -104.58 49.70 2.69
CA LEU A 1261 -103.27 49.11 2.42
C LEU A 1261 -103.35 48.12 1.28
N ALA A 1262 -104.41 47.31 1.22
CA ALA A 1262 -104.52 46.30 0.17
C ALA A 1262 -104.55 46.95 -1.21
N ALA A 1263 -105.46 47.90 -1.40
CA ALA A 1263 -105.54 48.57 -2.70
C ALA A 1263 -104.25 49.32 -3.02
N LEU A 1264 -103.67 49.95 -2.00
CA LEU A 1264 -102.47 50.76 -2.22
C LEU A 1264 -101.34 49.93 -2.79
N GLU A 1265 -101.01 48.83 -2.11
CA GLU A 1265 -99.87 48.03 -2.53
C GLU A 1265 -100.10 47.36 -3.88
N CYS A 1266 -101.31 46.86 -4.11
CA CYS A 1266 -101.58 46.14 -5.35
C CYS A 1266 -101.40 47.08 -6.55
N TYR A 1267 -101.90 48.30 -6.43
CA TYR A 1267 -101.65 49.30 -7.45
C TYR A 1267 -100.16 49.54 -7.61
N ASN A 1268 -99.45 49.67 -6.50
CA ASN A 1268 -98.00 49.75 -6.54
C ASN A 1268 -97.41 48.54 -7.25
N THR A 1269 -97.98 47.36 -7.02
CA THR A 1269 -97.49 46.16 -7.68
C THR A 1269 -97.64 46.26 -9.19
N PHE A 1270 -98.85 46.58 -9.65
CA PHE A 1270 -99.11 46.52 -11.08
C PHE A 1270 -98.45 47.65 -11.86
N ILE A 1271 -98.08 48.72 -11.17
CA ILE A 1271 -97.27 49.75 -11.81
C ILE A 1271 -95.79 49.45 -11.66
N GLY A 1272 -95.39 48.91 -10.51
CA GLY A 1272 -93.99 48.61 -10.29
C GLY A 1272 -93.55 47.44 -11.12
N GLU A 1273 -94.08 46.25 -10.81
CA GLU A 1273 -93.79 45.09 -11.63
C GLU A 1273 -94.31 45.33 -13.04
N ARG A 1274 -93.50 44.97 -14.04
CA ARG A 1274 -93.80 45.42 -15.38
C ARG A 1274 -95.06 44.77 -15.90
N THR A 1275 -96.17 45.46 -15.68
CA THR A 1275 -97.49 45.01 -16.03
C THR A 1275 -98.20 46.20 -16.64
N VAL A 1276 -99.53 46.12 -16.71
CA VAL A 1276 -100.32 47.23 -17.21
C VAL A 1276 -100.04 48.47 -16.37
N GLY A 1277 -99.83 49.60 -17.04
CA GLY A 1277 -99.58 50.84 -16.33
C GLY A 1277 -100.85 51.44 -15.76
N ALA A 1278 -100.72 52.05 -14.59
CA ALA A 1278 -101.85 52.73 -13.96
C ALA A 1278 -102.35 53.90 -14.78
N LEU A 1279 -101.54 54.36 -15.73
CA LEU A 1279 -102.01 55.36 -16.69
C LEU A 1279 -103.28 54.88 -17.38
N GLN A 1280 -103.43 53.57 -17.54
CA GLN A 1280 -104.63 52.99 -18.10
C GLN A 1280 -105.85 53.23 -17.21
N VAL A 1281 -105.65 53.40 -15.91
CA VAL A 1281 -106.75 53.55 -14.97
C VAL A 1281 -106.65 54.84 -14.17
N LEU A 1282 -105.49 55.12 -13.58
CA LEU A 1282 -105.30 56.39 -12.92
C LEU A 1282 -104.87 57.43 -13.95
N GLY A 1283 -105.54 58.58 -13.91
CA GLY A 1283 -105.47 59.52 -15.00
C GLY A 1283 -106.36 59.15 -16.17
N THR A 1284 -106.95 57.95 -16.16
CA THR A 1284 -107.95 57.56 -17.13
C THR A 1284 -109.34 57.46 -16.53
N GLU A 1285 -109.44 57.13 -15.24
CA GLU A 1285 -110.72 57.04 -14.54
C GLU A 1285 -110.57 57.70 -13.18
N ALA A 1286 -111.08 58.93 -13.07
CA ALA A 1286 -110.91 59.72 -11.86
C ALA A 1286 -111.77 59.26 -10.70
N GLN A 1287 -112.67 58.31 -10.93
CA GLN A 1287 -113.55 57.84 -9.86
C GLN A 1287 -112.82 57.00 -8.84
N SER A 1288 -111.48 56.98 -8.87
CA SER A 1288 -110.73 56.25 -7.86
C SER A 1288 -111.02 56.86 -6.50
N SER A 1289 -111.81 56.15 -5.69
CA SER A 1289 -112.22 56.63 -4.37
C SER A 1289 -111.01 56.74 -3.44
N LEU A 1290 -109.85 56.32 -3.94
CA LEU A 1290 -108.60 56.52 -3.22
C LEU A 1290 -108.44 57.97 -2.81
N LEU A 1291 -108.80 58.87 -3.71
CA LEU A 1291 -108.53 60.28 -3.50
C LEU A 1291 -109.22 60.80 -2.24
N LYS A 1292 -110.40 60.27 -1.93
CA LYS A 1292 -111.08 60.64 -0.69
C LYS A 1292 -110.21 60.37 0.51
N ALA A 1293 -109.73 59.13 0.64
CA ALA A 1293 -109.00 58.75 1.85
C ALA A 1293 -107.61 59.37 1.88
N VAL A 1294 -106.92 59.39 0.74
CA VAL A 1294 -105.56 59.93 0.73
C VAL A 1294 -105.59 61.39 1.15
N ALA A 1295 -106.58 62.14 0.68
CA ALA A 1295 -106.79 63.47 1.23
C ALA A 1295 -107.23 63.40 2.68
N PHE A 1296 -107.97 62.35 3.04
CA PHE A 1296 -108.57 62.29 4.36
C PHE A 1296 -107.52 62.20 5.45
N PHE A 1297 -106.29 61.80 5.12
CA PHE A 1297 -105.25 61.76 6.14
C PHE A 1297 -105.02 63.11 6.79
N LEU A 1298 -105.20 64.19 6.03
CA LEU A 1298 -105.25 65.50 6.64
C LEU A 1298 -106.26 65.51 7.77
N GLU A 1299 -107.43 64.91 7.53
CA GLU A 1299 -108.48 64.76 8.53
C GLU A 1299 -108.32 63.48 9.32
N SER A 1300 -107.10 62.99 9.44
CA SER A 1300 -106.85 61.66 9.97
C SER A 1300 -105.52 61.66 10.72
N ILE A 1301 -104.96 60.48 10.89
CA ILE A 1301 -103.97 60.16 11.90
C ILE A 1301 -102.71 61.02 11.76
N ALA A 1302 -101.88 61.01 12.79
CA ALA A 1302 -100.72 61.85 13.07
C ALA A 1302 -101.16 63.23 13.51
N MET A 1303 -102.45 63.55 13.43
CA MET A 1303 -102.99 64.79 13.95
C MET A 1303 -104.21 64.51 14.83
N HIS A 1304 -104.68 63.27 14.89
CA HIS A 1304 -105.94 62.90 15.53
C HIS A 1304 -105.66 61.66 16.37
N ASP A 1305 -105.24 61.89 17.62
CA ASP A 1305 -104.74 60.84 18.47
C ASP A 1305 -105.52 60.67 19.75
N ILE A 1306 -106.44 61.58 20.07
CA ILE A 1306 -107.39 61.38 21.16
C ILE A 1306 -108.71 60.92 20.57
N ILE A 1307 -108.97 61.29 19.32
CA ILE A 1307 -110.08 60.77 18.56
C ILE A 1307 -109.56 60.45 17.17
N ALA A 1308 -110.01 59.34 16.63
CA ALA A 1308 -109.48 58.98 15.33
C ALA A 1308 -110.02 59.84 14.23
N ALA A 1309 -110.78 60.87 14.58
CA ALA A 1309 -111.50 61.69 13.61
C ALA A 1309 -112.43 60.84 12.76
N GLU A 1310 -112.99 59.79 13.38
CA GLU A 1310 -113.86 58.88 12.68
C GLU A 1310 -115.16 59.52 12.24
N LYS A 1311 -115.58 60.59 12.92
CA LYS A 1311 -116.75 61.38 12.55
C LYS A 1311 -118.03 60.57 12.71
N CYS A 1312 -117.90 59.33 13.18
CA CYS A 1312 -119.05 58.56 13.63
C CYS A 1312 -119.26 58.73 15.13
N PHE A 1313 -118.21 58.49 15.92
CA PHE A 1313 -118.20 58.72 17.35
C PHE A 1313 -119.30 57.99 18.09
N GLY A 1314 -120.01 57.09 17.43
CA GLY A 1314 -121.16 56.44 18.03
C GLY A 1314 -122.33 57.37 18.24
N GLY A 1319 -105.60 53.60 21.45
CA GLY A 1319 -105.66 54.53 20.34
C GLY A 1319 -106.97 55.30 20.33
N ASN A 1320 -106.88 56.59 20.69
CA ASN A 1320 -108.02 57.49 20.75
C ASN A 1320 -109.02 57.08 21.84
N ARG A 1321 -108.72 55.99 22.55
CA ARG A 1321 -109.54 55.54 23.67
C ARG A 1321 -108.67 54.99 24.79
N THR A 1322 -107.47 54.52 24.44
CA THR A 1322 -106.54 53.91 25.38
C THR A 1322 -105.14 53.77 24.79
N SER A 1323 -104.12 54.28 25.49
CA SER A 1323 -102.77 54.22 24.95
C SER A 1323 -102.26 52.79 24.79
N PRO A 1324 -102.42 51.88 25.74
CA PRO A 1324 -102.08 50.48 25.48
C PRO A 1324 -103.20 49.84 24.67
N GLN A 1325 -103.07 48.53 24.43
CA GLN A 1325 -104.00 47.77 23.61
C GLN A 1325 -104.34 48.50 22.30
N GLU A 1326 -103.32 48.49 21.44
CA GLU A 1326 -103.33 48.86 20.02
C GLU A 1326 -103.32 50.34 19.77
N GLY A 1327 -103.31 51.19 20.80
CA GLY A 1327 -102.82 52.53 20.59
C GLY A 1327 -101.43 52.50 20.00
N GLU A 1328 -100.64 51.52 20.42
CA GLU A 1328 -99.37 51.23 19.79
C GLU A 1328 -99.58 50.77 18.36
N ARG A 1329 -100.48 49.82 18.16
CA ARG A 1329 -100.74 49.33 16.81
C ARG A 1329 -101.38 50.41 15.96
N TYR A 1330 -102.26 51.21 16.56
CA TYR A 1330 -102.63 52.49 15.98
C TYR A 1330 -101.42 53.20 15.40
N ASN A 1331 -100.38 53.34 16.19
CA ASN A 1331 -99.16 53.96 15.69
C ASN A 1331 -98.50 53.08 14.63
N TYR A 1332 -98.38 51.78 14.90
CA TYR A 1332 -97.73 50.90 13.95
C TYR A 1332 -98.50 50.85 12.64
N SER A 1333 -99.83 50.79 12.73
CA SER A 1333 -100.65 50.77 11.54
C SER A 1333 -100.39 51.99 10.67
N LYS A 1334 -100.48 53.18 11.27
CA LYS A 1334 -100.36 54.41 10.51
C LYS A 1334 -99.00 54.51 9.85
N CYS A 1335 -97.95 54.06 10.53
CA CYS A 1335 -96.63 54.03 9.94
C CYS A 1335 -96.64 53.17 8.68
N THR A 1336 -97.20 51.97 8.80
CA THR A 1336 -97.25 51.07 7.66
C THR A 1336 -98.02 51.69 6.50
N VAL A 1337 -99.14 52.35 6.80
CA VAL A 1337 -99.88 53.02 5.75
C VAL A 1337 -99.02 54.09 5.10
N VAL A 1338 -98.47 54.99 5.90
CA VAL A 1338 -97.85 56.18 5.33
C VAL A 1338 -96.62 55.80 4.52
N VAL A 1339 -95.86 54.80 4.98
CA VAL A 1339 -94.71 54.38 4.21
C VAL A 1339 -95.16 53.81 2.87
N ARG A 1340 -96.21 52.99 2.89
CA ARG A 1340 -96.71 52.41 1.65
C ARG A 1340 -97.23 53.51 0.73
N ILE A 1341 -97.80 54.57 1.30
CA ILE A 1341 -98.30 55.68 0.50
C ILE A 1341 -97.17 56.29 -0.32
N MET A 1342 -96.07 56.62 0.35
CA MET A 1342 -94.98 57.31 -0.33
C MET A 1342 -94.25 56.40 -1.30
N GLU A 1343 -94.14 55.11 -0.99
CA GLU A 1343 -93.61 54.16 -1.96
C GLU A 1343 -94.43 54.19 -3.23
N PHE A 1344 -95.76 54.18 -3.07
CA PHE A 1344 -96.66 54.32 -4.21
C PHE A 1344 -96.35 55.59 -4.99
N THR A 1345 -96.16 56.70 -4.29
CA THR A 1345 -95.83 57.95 -4.96
C THR A 1345 -94.50 57.87 -5.69
N THR A 1346 -93.52 57.21 -5.08
CA THR A 1346 -92.27 56.97 -5.78
C THR A 1346 -92.52 56.21 -7.07
N THR A 1347 -93.36 55.18 -7.01
CA THR A 1347 -93.75 54.46 -8.21
C THR A 1347 -94.55 55.36 -9.14
N LEU A 1348 -95.27 56.32 -8.58
CA LEU A 1348 -95.93 57.31 -9.43
C LEU A 1348 -94.91 58.09 -10.25
N LEU A 1349 -93.74 58.33 -9.68
CA LEU A 1349 -92.74 59.18 -10.31
C LEU A 1349 -91.69 58.42 -11.09
N ASN A 1350 -91.50 57.14 -10.82
CA ASN A 1350 -90.50 56.40 -11.58
C ASN A 1350 -91.03 55.92 -12.93
N THR A 1351 -92.34 55.75 -13.06
CA THR A 1351 -92.92 55.27 -14.31
C THR A 1351 -92.78 56.31 -15.42
N SER A 1352 -93.51 57.42 -15.30
CA SER A 1352 -93.51 58.51 -16.27
C SER A 1352 -94.03 59.75 -15.57
N PRO A 1353 -93.24 60.34 -14.68
CA PRO A 1353 -93.72 61.49 -13.91
C PRO A 1353 -94.09 62.68 -14.78
N GLU A 1354 -93.35 62.88 -15.88
CA GLU A 1354 -93.66 63.92 -16.85
C GLU A 1354 -94.11 63.35 -18.19
N GLY A 1355 -93.70 62.13 -18.54
CA GLY A 1355 -94.31 61.45 -19.66
C GLY A 1355 -95.81 61.34 -19.48
N TRP A 1356 -96.24 61.10 -18.25
CA TRP A 1356 -97.59 61.39 -17.80
C TRP A 1356 -97.43 62.43 -16.69
N LYS A 1357 -97.36 63.70 -17.09
CA LYS A 1357 -97.14 64.76 -16.10
C LYS A 1357 -98.30 64.85 -15.12
N LEU A 1358 -99.53 64.71 -15.62
CA LEU A 1358 -100.70 64.99 -14.79
C LEU A 1358 -100.99 63.74 -13.97
N LEU A 1359 -100.28 63.64 -12.87
CA LEU A 1359 -100.48 62.56 -11.92
C LEU A 1359 -101.61 62.87 -10.97
N LYS A 1360 -102.51 63.76 -11.41
CA LYS A 1360 -103.68 64.16 -10.63
C LYS A 1360 -103.26 64.72 -9.28
N LYS A 1361 -102.32 65.65 -9.31
CA LYS A 1361 -101.81 66.25 -8.09
C LYS A 1361 -102.87 67.03 -7.34
N ASP A 1362 -104.08 67.11 -7.90
CA ASP A 1362 -105.20 67.87 -7.37
C ASP A 1362 -105.23 67.81 -5.85
N LEU A 1363 -105.04 66.63 -5.30
CA LEU A 1363 -104.94 66.49 -3.87
C LEU A 1363 -103.51 66.29 -3.40
N CYS A 1364 -102.63 65.80 -4.28
CA CYS A 1364 -101.23 65.64 -3.91
C CYS A 1364 -100.61 66.97 -3.55
N ASN A 1365 -100.74 67.95 -4.44
CA ASN A 1365 -100.22 69.29 -4.18
C ASN A 1365 -100.82 69.89 -2.91
N THR A 1366 -102.00 69.45 -2.51
CA THR A 1366 -102.72 70.06 -1.40
C THR A 1366 -101.93 70.01 -0.10
N HIS A 1367 -101.70 68.82 0.43
CA HIS A 1367 -101.01 68.72 1.70
C HIS A 1367 -100.03 67.56 1.75
N LEU A 1368 -99.91 66.79 0.67
CA LEU A 1368 -99.02 65.64 0.70
C LEU A 1368 -97.59 66.08 0.95
N MET A 1369 -97.14 67.12 0.24
CA MET A 1369 -95.83 67.69 0.56
C MET A 1369 -95.83 68.24 1.98
N ARG A 1370 -96.95 68.81 2.42
CA ARG A 1370 -97.02 69.33 3.77
C ARG A 1370 -96.86 68.22 4.80
N VAL A 1371 -97.49 67.07 4.57
CA VAL A 1371 -97.36 66.00 5.54
C VAL A 1371 -95.97 65.37 5.48
N LEU A 1372 -95.37 65.30 4.29
CA LEU A 1372 -94.07 64.68 4.15
C LEU A 1372 -93.01 65.42 4.97
N VAL A 1373 -93.01 66.74 4.88
CA VAL A 1373 -92.06 67.50 5.67
C VAL A 1373 -92.33 67.31 7.15
N GLN A 1374 -93.62 67.23 7.53
CA GLN A 1374 -93.96 66.88 8.89
C GLN A 1374 -93.33 65.56 9.30
N THR A 1375 -93.44 64.56 8.42
CA THR A 1375 -92.84 63.26 8.71
C THR A 1375 -91.32 63.38 8.80
N LEU A 1376 -90.70 63.96 7.77
CA LEU A 1376 -89.24 63.97 7.73
C LEU A 1376 -88.66 64.87 8.81
N CYS A 1377 -89.34 65.99 9.10
CA CYS A 1377 -88.85 66.88 10.14
C CYS A 1377 -88.77 66.16 11.48
N GLU A 1378 -89.81 65.42 11.83
CA GLU A 1378 -89.85 64.69 13.09
C GLU A 1378 -90.26 63.25 12.84
N PRO A 1379 -89.33 62.29 12.94
CA PRO A 1379 -89.72 60.88 12.82
C PRO A 1379 -90.47 60.36 14.02
N ALA A 1380 -90.42 61.03 15.17
CA ALA A 1380 -91.26 60.66 16.29
C ALA A 1380 -92.69 61.13 16.11
N SER A 1381 -92.93 62.03 15.16
CA SER A 1381 -94.30 62.35 14.79
C SER A 1381 -94.99 61.10 14.24
N ILE A 1382 -94.28 60.31 13.45
CA ILE A 1382 -94.81 59.05 12.95
C ILE A 1382 -94.35 57.93 13.88
N GLY A 1383 -95.31 57.18 14.41
CA GLY A 1383 -94.91 56.24 15.42
C GLY A 1383 -94.34 56.97 16.62
N PHE A 1384 -93.55 56.23 17.40
CA PHE A 1384 -92.84 56.80 18.54
C PHE A 1384 -91.43 56.22 18.60
N ASN A 1385 -90.80 56.08 17.44
CA ASN A 1385 -89.62 55.23 17.29
C ASN A 1385 -89.93 53.84 17.84
N ILE A 1386 -91.13 53.36 17.53
CA ILE A 1386 -91.64 52.13 18.13
C ILE A 1386 -90.89 50.95 17.52
N GLY A 1387 -89.95 50.42 18.28
CA GLY A 1387 -89.08 49.38 17.79
C GLY A 1387 -88.22 49.95 16.69
N ASP A 1388 -87.50 49.09 15.99
CA ASP A 1388 -86.88 49.42 14.72
C ASP A 1388 -87.30 48.34 13.75
N VAL A 1389 -88.48 48.51 13.16
CA VAL A 1389 -88.80 47.73 11.98
C VAL A 1389 -87.82 48.15 10.89
N GLN A 1390 -87.43 47.19 10.05
CA GLN A 1390 -86.36 47.44 9.09
C GLN A 1390 -86.64 48.65 8.22
N VAL A 1391 -87.91 48.92 7.92
CA VAL A 1391 -88.21 50.07 7.11
C VAL A 1391 -88.08 51.36 7.90
N MET A 1392 -88.22 51.30 9.23
CA MET A 1392 -88.06 52.50 10.03
C MET A 1392 -86.63 53.03 9.93
N ALA A 1393 -85.66 52.13 9.99
CA ALA A 1393 -84.29 52.49 9.68
C ALA A 1393 -84.12 52.74 8.19
N HIS A 1394 -85.00 52.19 7.37
CA HIS A 1394 -85.03 52.44 5.94
C HIS A 1394 -85.89 53.64 5.58
N LEU A 1395 -86.61 54.24 6.54
CA LEU A 1395 -87.32 55.48 6.28
C LEU A 1395 -86.45 56.52 5.59
N PRO A 1396 -85.23 56.82 6.07
CA PRO A 1396 -84.38 57.75 5.33
C PRO A 1396 -84.11 57.27 3.91
N ASP A 1397 -83.97 55.97 3.72
CA ASP A 1397 -83.67 55.45 2.40
C ASP A 1397 -84.78 55.78 1.42
N VAL A 1398 -85.99 55.29 1.72
CA VAL A 1398 -87.07 55.34 0.75
C VAL A 1398 -87.48 56.78 0.47
N CYS A 1399 -87.48 57.63 1.49
CA CYS A 1399 -87.89 59.02 1.27
C CYS A 1399 -86.90 59.73 0.36
N VAL A 1400 -85.60 59.52 0.57
CA VAL A 1400 -84.62 60.14 -0.30
C VAL A 1400 -84.84 59.68 -1.74
N ASN A 1401 -85.12 58.38 -1.91
CA ASN A 1401 -85.51 57.89 -3.23
C ASN A 1401 -86.68 58.69 -3.77
N LEU A 1402 -87.62 59.05 -2.90
CA LEU A 1402 -88.79 59.80 -3.33
C LEU A 1402 -88.41 61.20 -3.82
N MET A 1403 -87.64 61.95 -3.01
CA MET A 1403 -87.38 63.35 -3.35
C MET A 1403 -86.55 63.47 -4.62
N LYS A 1404 -85.52 62.64 -4.79
CA LYS A 1404 -84.70 62.77 -5.99
C LYS A 1404 -85.53 62.49 -7.22
N ALA A 1405 -86.39 61.48 -7.14
CA ALA A 1405 -87.35 61.24 -8.21
C ALA A 1405 -88.23 62.47 -8.43
N LEU A 1406 -88.70 63.08 -7.34
CA LEU A 1406 -89.52 64.27 -7.49
C LEU A 1406 -88.71 65.49 -7.86
N LYS A 1407 -87.40 65.49 -7.59
CA LYS A 1407 -86.56 66.63 -7.93
C LYS A 1407 -86.75 67.04 -9.38
N MET A 1408 -86.72 66.06 -10.28
CA MET A 1408 -86.92 66.36 -11.69
C MET A 1408 -88.36 66.70 -12.02
N SER A 1409 -89.30 66.36 -11.15
CA SER A 1409 -90.69 66.67 -11.41
C SER A 1409 -90.89 68.18 -11.38
N PRO A 1410 -91.83 68.71 -12.16
CA PRO A 1410 -92.13 70.13 -12.08
C PRO A 1410 -93.01 70.43 -10.88
N TYR A 1411 -92.68 69.76 -9.78
CA TYR A 1411 -93.41 69.92 -8.53
C TYR A 1411 -92.47 70.00 -7.35
N LYS A 1412 -91.16 69.88 -7.58
CA LYS A 1412 -90.17 70.15 -6.54
C LYS A 1412 -90.31 71.55 -6.00
N ASP A 1413 -90.81 72.47 -6.84
CA ASP A 1413 -91.01 73.87 -6.51
C ASP A 1413 -91.62 74.11 -5.13
N ILE A 1414 -92.84 73.60 -4.91
CA ILE A 1414 -93.49 73.92 -3.65
C ILE A 1414 -92.99 72.99 -2.55
N LEU A 1415 -92.47 71.82 -2.93
CA LEU A 1415 -91.70 71.04 -1.97
C LEU A 1415 -90.59 71.88 -1.36
N GLU A 1416 -89.64 72.32 -2.18
CA GLU A 1416 -88.56 73.15 -1.65
C GLU A 1416 -89.09 74.45 -1.06
N THR A 1417 -90.27 74.87 -1.50
CA THR A 1417 -90.95 75.95 -0.81
C THR A 1417 -91.27 75.54 0.61
N HIS A 1418 -91.88 74.37 0.77
CA HIS A 1418 -92.08 73.79 2.10
C HIS A 1418 -90.75 73.61 2.81
N LEU A 1419 -89.71 73.24 2.05
CA LEU A 1419 -88.36 73.14 2.62
C LEU A 1419 -87.96 74.44 3.29
N ARG A 1420 -88.05 75.54 2.56
CA ARG A 1420 -87.67 76.81 3.16
C ARG A 1420 -88.65 77.22 4.24
N GLU A 1421 -89.91 76.83 4.11
CA GLU A 1421 -90.91 77.18 5.11
C GLU A 1421 -90.54 76.61 6.46
N LYS A 1422 -90.55 75.28 6.56
CA LYS A 1422 -90.35 74.65 7.85
C LYS A 1422 -88.92 74.82 8.35
N ILE A 1423 -87.97 75.05 7.46
CA ILE A 1423 -86.56 75.08 7.84
C ILE A 1423 -86.00 76.43 7.44
N THR A 1424 -85.54 77.18 8.43
CA THR A 1424 -84.99 78.50 8.18
C THR A 1424 -83.60 78.46 7.56
N ALA A 1425 -82.90 77.33 7.69
CA ALA A 1425 -81.47 77.22 7.41
C ALA A 1425 -80.69 78.13 8.36
N GLN A 1426 -81.41 78.82 9.25
CA GLN A 1426 -80.82 79.62 10.30
C GLN A 1426 -81.16 79.10 11.68
N SER A 1427 -82.10 78.17 11.78
CA SER A 1427 -82.31 77.46 13.03
C SER A 1427 -81.03 76.79 13.48
N ILE A 1428 -80.15 76.49 12.53
CA ILE A 1428 -78.81 76.02 12.86
C ILE A 1428 -78.12 77.03 13.77
N GLU A 1429 -78.20 78.31 13.42
CA GLU A 1429 -77.68 79.35 14.29
C GLU A 1429 -78.60 79.56 15.49
N GLU A 1430 -79.91 79.46 15.27
CA GLU A 1430 -80.87 79.65 16.35
C GLU A 1430 -80.67 78.62 17.45
N LEU A 1431 -79.98 77.53 17.16
CA LEU A 1431 -79.64 76.52 18.14
C LEU A 1431 -78.16 76.41 18.45
N CYS A 1432 -77.30 77.00 17.62
CA CYS A 1432 -75.86 76.85 17.83
C CYS A 1432 -75.43 77.44 19.16
N ALA A 1433 -75.97 78.60 19.52
CA ALA A 1433 -75.50 79.34 20.69
C ALA A 1433 -76.37 79.16 21.92
N VAL A 1434 -77.59 78.63 21.78
CA VAL A 1434 -78.51 78.60 22.92
C VAL A 1434 -78.02 77.70 24.04
N ASN A 1435 -77.18 76.71 23.74
CA ASN A 1435 -76.73 75.78 24.77
C ASN A 1435 -75.23 75.61 24.68
N LEU A 1436 -74.64 75.27 25.82
CA LEU A 1436 -73.20 75.08 25.97
C LEU A 1436 -72.94 73.74 26.62
N TYR A 1437 -73.57 72.70 26.07
CA TYR A 1437 -73.54 71.37 26.66
C TYR A 1437 -74.12 71.37 28.06
N GLY A 1438 -75.01 72.32 28.32
CA GLY A 1438 -75.66 72.43 29.60
C GLY A 1438 -76.33 71.12 29.95
N PRO A 1439 -75.81 70.44 30.97
CA PRO A 1439 -76.31 69.09 31.28
C PRO A 1439 -77.67 69.13 31.96
N ASP A 1440 -78.57 69.92 31.43
CA ASP A 1440 -79.89 70.11 32.01
C ASP A 1440 -81.01 69.94 31.00
N ALA A 1441 -80.81 70.39 29.76
CA ALA A 1441 -81.84 70.39 28.74
C ALA A 1441 -81.46 69.40 27.65
N GLN A 1442 -82.42 68.58 27.25
CA GLN A 1442 -82.20 67.57 26.22
C GLN A 1442 -83.12 67.72 25.03
N VAL A 1443 -84.30 68.33 25.21
CA VAL A 1443 -85.18 68.57 24.08
C VAL A 1443 -84.51 69.46 23.04
N ASP A 1444 -83.75 70.46 23.51
CA ASP A 1444 -82.90 71.22 22.61
C ASP A 1444 -82.02 70.30 21.79
N ARG A 1445 -81.32 69.40 22.47
CA ARG A 1445 -80.51 68.42 21.77
C ARG A 1445 -81.35 67.50 20.92
N SER A 1446 -82.58 67.20 21.36
CA SER A 1446 -83.47 66.37 20.56
C SER A 1446 -83.74 67.03 19.22
N ARG A 1447 -84.17 68.28 19.24
CA ARG A 1447 -84.38 68.99 17.99
C ARG A 1447 -83.07 69.29 17.29
N LEU A 1448 -81.98 69.44 18.04
CA LEU A 1448 -80.67 69.39 17.40
C LEU A 1448 -80.51 68.11 16.62
N ALA A 1449 -80.82 66.98 17.26
CA ALA A 1449 -80.71 65.70 16.57
C ALA A 1449 -81.69 65.63 15.40
N ALA A 1450 -82.92 66.11 15.61
CA ALA A 1450 -83.90 66.10 14.53
C ALA A 1450 -83.38 66.88 13.33
N VAL A 1451 -82.76 68.03 13.60
CA VAL A 1451 -82.09 68.76 12.53
C VAL A 1451 -80.96 67.93 11.94
N VAL A 1452 -80.14 67.32 12.79
CA VAL A 1452 -78.99 66.56 12.31
C VAL A 1452 -79.46 65.47 11.36
N SER A 1453 -80.55 64.80 11.71
CA SER A 1453 -81.11 63.76 10.86
C SER A 1453 -81.53 64.33 9.52
N ALA A 1454 -82.37 65.35 9.55
CA ALA A 1454 -83.02 65.82 8.33
C ALA A 1454 -81.99 66.30 7.31
N CYS A 1455 -80.98 67.03 7.78
CA CYS A 1455 -79.92 67.47 6.90
C CYS A 1455 -79.20 66.28 6.28
N LYS A 1456 -78.97 65.25 7.08
CA LYS A 1456 -78.30 64.06 6.57
C LYS A 1456 -79.06 63.47 5.40
N GLN A 1457 -80.39 63.36 5.54
CA GLN A 1457 -81.21 62.86 4.45
C GLN A 1457 -81.14 63.78 3.25
N LEU A 1458 -81.23 65.08 3.52
CA LEU A 1458 -81.16 66.09 2.46
C LEU A 1458 -79.83 65.93 1.74
N HIS A 1459 -78.83 65.45 2.48
CA HIS A 1459 -77.51 65.23 1.93
C HIS A 1459 -77.51 63.98 1.06
N ARG A 1460 -78.24 62.97 1.52
CA ARG A 1460 -78.36 61.72 0.78
C ARG A 1460 -78.95 62.02 -0.60
N ALA A 1461 -80.06 62.73 -0.61
CA ALA A 1461 -80.72 63.10 -1.86
C ALA A 1461 -79.78 64.04 -2.61
N GLY A 1462 -79.21 64.99 -1.88
CA GLY A 1462 -78.28 65.95 -2.44
C GLY A 1462 -78.89 67.23 -2.97
N LEU A 1463 -79.88 67.77 -2.26
CA LEU A 1463 -80.50 69.02 -2.70
C LEU A 1463 -80.15 70.15 -1.74
N LEU A 1464 -78.85 70.33 -1.57
CA LEU A 1464 -78.33 71.20 -0.52
C LEU A 1464 -78.62 72.65 -0.80
N HIS A 1465 -78.74 73.03 -2.07
CA HIS A 1465 -78.95 74.42 -2.44
C HIS A 1465 -80.30 74.91 -1.97
N ASN A 1466 -81.30 74.03 -2.00
CA ASN A 1466 -82.65 74.45 -1.66
C ASN A 1466 -82.73 74.96 -0.22
N ILE A 1467 -81.82 74.52 0.64
CA ILE A 1467 -81.77 75.05 1.99
C ILE A 1467 -80.57 75.98 2.14
N LEU A 1468 -79.56 75.80 1.32
CA LEU A 1468 -78.49 76.78 1.28
C LEU A 1468 -79.06 78.13 0.84
N PRO A 1469 -78.95 79.17 1.63
CA PRO A 1469 -79.37 80.49 1.20
C PRO A 1469 -78.23 81.21 0.47
N SER A 1470 -78.52 82.46 0.08
CA SER A 1470 -77.58 83.24 -0.71
C SER A 1470 -76.33 83.55 0.10
N GLN A 1471 -75.23 82.87 -0.22
CA GLN A 1471 -73.97 83.05 0.48
C GLN A 1471 -73.07 83.98 -0.32
N SER A 1472 -72.52 85.00 0.35
CA SER A 1472 -71.64 85.93 -0.33
C SER A 1472 -70.34 85.28 -0.76
N THR A 1473 -69.99 84.13 -0.19
CA THR A 1473 -68.75 83.45 -0.47
C THR A 1473 -69.02 81.97 -0.72
N ASP A 1474 -68.19 81.37 -1.58
CA ASP A 1474 -68.20 79.93 -1.75
C ASP A 1474 -67.67 79.21 -0.52
N LEU A 1475 -67.12 79.94 0.45
CA LEU A 1475 -66.61 79.33 1.68
C LEU A 1475 -67.71 78.77 2.56
N HIS A 1476 -68.97 79.01 2.24
CA HIS A 1476 -70.11 78.43 2.94
C HIS A 1476 -70.03 78.72 4.44
N HIS A 1477 -70.12 80.01 4.76
CA HIS A 1477 -70.15 80.43 6.15
C HIS A 1477 -71.31 79.80 6.90
N SER A 1478 -72.37 79.41 6.17
CA SER A 1478 -73.51 78.74 6.77
C SER A 1478 -73.08 77.60 7.69
N VAL A 1479 -71.95 76.97 7.40
CA VAL A 1479 -71.43 75.91 8.24
C VAL A 1479 -70.14 76.31 8.97
N GLY A 1480 -69.28 77.10 8.34
CA GLY A 1480 -68.02 77.44 8.97
C GLY A 1480 -68.19 78.18 10.27
N THR A 1481 -69.24 78.99 10.38
CA THR A 1481 -69.49 79.72 11.61
C THR A 1481 -69.59 78.78 12.81
N GLU A 1482 -70.45 77.76 12.71
CA GLU A 1482 -70.57 76.80 13.79
C GLU A 1482 -69.27 76.03 13.99
N LEU A 1483 -68.63 75.64 12.88
CA LEU A 1483 -67.40 74.88 12.98
C LEU A 1483 -66.32 75.65 13.71
N LEU A 1484 -66.19 76.94 13.41
CA LEU A 1484 -65.13 77.71 14.02
C LEU A 1484 -65.45 78.11 15.45
N SER A 1485 -66.71 77.98 15.87
CA SER A 1485 -67.12 78.46 17.18
C SER A 1485 -67.53 77.32 18.10
N LEU A 1486 -68.55 76.55 17.72
CA LEU A 1486 -69.04 75.48 18.56
C LEU A 1486 -68.30 74.19 18.31
N VAL A 1487 -67.49 74.14 17.25
CA VAL A 1487 -66.71 72.95 16.96
C VAL A 1487 -65.24 73.14 17.24
N TYR A 1488 -64.77 74.37 17.45
CA TYR A 1488 -63.40 74.56 17.89
C TYR A 1488 -63.29 75.13 19.29
N LYS A 1489 -64.24 75.96 19.71
CA LYS A 1489 -64.23 76.55 21.04
C LYS A 1489 -65.47 76.23 21.84
N GLY A 1490 -66.38 75.39 21.33
CA GLY A 1490 -67.63 75.14 22.04
C GLY A 1490 -67.39 74.61 23.43
N ILE A 1491 -66.54 73.59 23.55
CA ILE A 1491 -66.26 72.98 24.84
C ILE A 1491 -64.81 73.19 25.26
N ALA A 1492 -64.07 74.02 24.55
CA ALA A 1492 -62.67 74.24 24.91
C ALA A 1492 -62.58 74.83 26.31
N PRO A 1493 -61.72 74.30 27.19
CA PRO A 1493 -61.69 74.77 28.58
C PRO A 1493 -61.25 76.22 28.73
N GLY A 1494 -60.54 76.77 27.74
CA GLY A 1494 -60.13 78.15 27.82
C GLY A 1494 -61.31 79.12 27.79
N ASP A 1495 -62.40 78.73 27.13
CA ASP A 1495 -63.57 79.61 27.04
C ASP A 1495 -64.12 79.92 28.43
N GLU A 1496 -64.17 78.91 29.29
CA GLU A 1496 -64.69 79.06 30.63
C GLU A 1496 -63.60 79.34 31.66
N ARG A 1497 -62.35 79.47 31.23
CA ARG A 1497 -61.20 79.68 32.09
C ARG A 1497 -61.19 78.65 33.23
N GLN A 1498 -61.13 77.39 32.83
CA GLN A 1498 -61.20 76.29 33.78
C GLN A 1498 -60.55 75.07 33.13
N CYS A 1499 -60.72 73.92 33.76
CA CYS A 1499 -60.23 72.66 33.21
C CYS A 1499 -61.22 72.18 32.15
N LEU A 1500 -60.99 70.98 31.64
CA LEU A 1500 -61.80 70.48 30.54
C LEU A 1500 -63.24 70.25 31.01
N PRO A 1501 -64.23 70.76 30.28
CA PRO A 1501 -65.62 70.39 30.58
C PRO A 1501 -65.87 68.95 30.21
N SER A 1502 -66.85 68.35 30.91
CA SER A 1502 -67.15 66.94 30.72
C SER A 1502 -67.68 66.69 29.31
N LEU A 1503 -67.09 65.71 28.64
CA LEU A 1503 -67.63 65.29 27.36
C LEU A 1503 -68.83 64.38 27.57
N ASP A 1504 -69.60 64.19 26.51
CA ASP A 1504 -70.71 63.26 26.51
C ASP A 1504 -70.73 62.53 25.19
N LEU A 1505 -70.81 61.19 25.25
CA LEU A 1505 -70.95 60.43 24.03
C LEU A 1505 -72.12 60.95 23.22
N SER A 1506 -73.21 61.31 23.89
CA SER A 1506 -74.33 61.96 23.22
C SER A 1506 -73.84 63.21 22.49
N CYS A 1507 -73.32 64.18 23.24
CA CYS A 1507 -72.77 65.36 22.58
C CYS A 1507 -71.61 64.99 21.67
N LYS A 1508 -70.90 63.90 21.99
CA LYS A 1508 -69.89 63.40 21.07
C LYS A 1508 -70.52 63.04 19.74
N GLN A 1509 -71.57 62.21 19.75
CA GLN A 1509 -72.18 61.85 18.48
C GLN A 1509 -72.99 63.00 17.91
N LEU A 1510 -73.54 63.87 18.76
CA LEU A 1510 -74.22 65.05 18.24
C LEU A 1510 -73.28 65.91 17.42
N ALA A 1511 -72.13 66.27 18.00
CA ALA A 1511 -71.18 67.11 17.29
C ALA A 1511 -70.68 66.42 16.03
N SER A 1512 -70.48 65.11 16.11
CA SER A 1512 -70.09 64.34 14.93
C SER A 1512 -71.08 64.55 13.79
N GLY A 1513 -72.36 64.34 14.07
CA GLY A 1513 -73.36 64.58 13.04
C GLY A 1513 -73.32 66.02 12.55
N LEU A 1514 -73.15 66.97 13.47
CA LEU A 1514 -73.08 68.37 13.10
C LEU A 1514 -71.99 68.63 12.08
N LEU A 1515 -70.77 68.16 12.37
CA LEU A 1515 -69.68 68.38 11.43
C LEU A 1515 -69.95 67.67 10.11
N GLU A 1516 -70.52 66.46 10.18
CA GLU A 1516 -70.82 65.71 8.97
C GLU A 1516 -71.70 66.54 8.06
N LEU A 1517 -72.72 67.16 8.64
CA LEU A 1517 -73.55 68.08 7.89
C LEU A 1517 -72.73 69.25 7.35
N ALA A 1518 -71.80 69.76 8.17
CA ALA A 1518 -70.96 70.85 7.72
C ALA A 1518 -70.10 70.45 6.53
N PHE A 1519 -69.53 69.24 6.57
CA PHE A 1519 -68.71 68.80 5.46
C PHE A 1519 -69.53 68.43 4.24
N ALA A 1520 -70.83 68.20 4.42
CA ALA A 1520 -71.70 68.03 3.26
C ALA A 1520 -71.61 69.25 2.36
N PHE A 1521 -71.59 70.44 2.94
CA PHE A 1521 -71.24 71.61 2.18
C PHE A 1521 -69.75 71.59 1.88
N GLY A 1522 -69.39 72.06 0.69
CA GLY A 1522 -68.01 72.04 0.24
C GLY A 1522 -67.39 73.44 0.24
N GLY A 1523 -66.13 73.46 -0.19
CA GLY A 1523 -65.39 74.70 -0.24
C GLY A 1523 -64.81 75.16 1.07
N LEU A 1524 -64.49 74.23 1.97
CA LEU A 1524 -63.94 74.58 3.28
C LEU A 1524 -62.69 73.81 3.65
N CYS A 1525 -62.42 72.67 3.02
CA CYS A 1525 -61.42 71.74 3.53
C CYS A 1525 -60.09 72.42 3.77
N GLU A 1526 -59.61 73.16 2.76
CA GLU A 1526 -58.36 73.88 2.91
C GLU A 1526 -58.44 74.89 4.04
N ARG A 1527 -59.55 75.61 4.13
CA ARG A 1527 -59.76 76.54 5.23
C ARG A 1527 -59.76 75.81 6.55
N LEU A 1528 -60.46 74.68 6.61
CA LEU A 1528 -60.58 73.95 7.85
C LEU A 1528 -59.21 73.47 8.32
N VAL A 1529 -58.41 72.93 7.41
CA VAL A 1529 -57.06 72.53 7.77
C VAL A 1529 -56.28 73.73 8.28
N SER A 1530 -56.29 74.82 7.52
CA SER A 1530 -55.54 76.00 7.92
C SER A 1530 -55.98 76.48 9.30
N LEU A 1531 -57.27 76.67 9.49
CA LEU A 1531 -57.76 77.21 10.75
C LEU A 1531 -57.54 76.22 11.89
N LEU A 1532 -57.95 74.97 11.69
CA LEU A 1532 -57.91 74.01 12.79
C LEU A 1532 -56.50 73.63 13.17
N LEU A 1533 -55.52 73.88 12.30
CA LEU A 1533 -54.13 73.52 12.56
C LEU A 1533 -53.33 74.68 13.11
N ASN A 1534 -53.97 75.57 13.86
CA ASN A 1534 -53.24 76.62 14.55
C ASN A 1534 -52.36 76.01 15.63
N PRO A 1535 -51.17 76.58 15.86
CA PRO A 1535 -50.31 76.07 16.93
C PRO A 1535 -50.67 76.67 18.28
N ALA A 1536 -51.88 77.23 18.38
CA ALA A 1536 -52.31 77.87 19.61
C ALA A 1536 -52.30 76.88 20.76
N VAL A 1537 -51.58 77.22 21.82
CA VAL A 1537 -51.50 76.37 23.00
C VAL A 1537 -52.75 76.54 23.85
N LEU A 1538 -53.34 75.43 24.30
CA LEU A 1538 -54.55 75.48 25.11
C LEU A 1538 -54.25 75.86 26.56
N SER A 1539 -55.13 76.68 27.13
CA SER A 1539 -54.98 77.12 28.51
C SER A 1539 -55.75 76.19 29.44
N THR A 1540 -55.61 76.40 30.76
CA THR A 1540 -56.28 75.57 31.74
C THR A 1540 -56.34 76.33 33.05
N ALA A 1541 -56.97 75.72 34.05
CA ALA A 1541 -57.11 76.34 35.36
C ALA A 1541 -57.46 75.30 36.42
N SER A 1549 -56.31 71.44 33.83
CA SER A 1549 -55.12 71.27 34.66
C SER A 1549 -54.59 72.60 35.16
N VAL A 1550 -53.29 72.65 35.39
CA VAL A 1550 -52.58 73.88 35.72
C VAL A 1550 -51.47 74.18 34.72
N ILE A 1551 -51.36 73.38 33.68
CA ILE A 1551 -50.32 73.57 32.67
C ILE A 1551 -50.89 73.72 31.26
N HIS A 1552 -50.23 74.55 30.46
CA HIS A 1552 -50.65 74.78 29.09
C HIS A 1552 -50.20 73.64 28.18
N PHE A 1553 -50.91 73.44 27.08
CA PHE A 1553 -50.58 72.38 26.13
C PHE A 1553 -51.11 72.69 24.73
N SER A 1554 -51.44 71.64 24.00
CA SER A 1554 -51.97 71.79 22.64
C SER A 1554 -53.49 71.90 22.65
N HIS A 1555 -54.02 72.72 21.75
CA HIS A 1555 -55.46 72.92 21.65
C HIS A 1555 -56.06 72.22 20.44
N GLY A 1556 -55.54 72.49 19.23
CA GLY A 1556 -56.10 71.86 18.05
C GLY A 1556 -55.90 70.37 18.03
N GLU A 1557 -54.70 69.91 18.41
CA GLU A 1557 -54.41 68.48 18.40
C GLU A 1557 -55.33 67.73 19.34
N TYR A 1558 -55.60 68.31 20.51
CA TYR A 1558 -56.71 67.85 21.33
C TYR A 1558 -57.95 67.60 20.48
N PHE A 1559 -58.42 68.63 19.78
CA PHE A 1559 -59.63 68.47 18.98
C PHE A 1559 -59.46 67.42 17.90
N TYR A 1560 -58.37 67.50 17.14
CA TYR A 1560 -58.17 66.51 16.09
C TYR A 1560 -58.20 65.11 16.67
N SER A 1561 -57.56 64.93 17.82
CA SER A 1561 -57.65 63.66 18.52
C SER A 1561 -59.10 63.33 18.85
N LEU A 1562 -59.92 64.34 19.11
CA LEU A 1562 -61.29 64.08 19.52
C LEU A 1562 -62.07 63.39 18.41
N PHE A 1563 -61.90 63.81 17.17
CA PHE A 1563 -62.80 63.39 16.11
C PHE A 1563 -62.08 62.80 14.92
N SER A 1564 -60.82 62.40 15.09
CA SER A 1564 -59.99 61.98 13.97
C SER A 1564 -60.73 61.06 13.02
N GLU A 1565 -61.56 60.18 13.56
CA GLU A 1565 -62.41 59.35 12.71
C GLU A 1565 -63.24 60.22 11.78
N THR A 1566 -63.87 61.25 12.32
CA THR A 1566 -64.67 62.15 11.49
C THR A 1566 -63.79 62.91 10.50
N ILE A 1567 -62.61 63.33 10.93
CA ILE A 1567 -61.65 63.93 10.00
C ILE A 1567 -61.38 62.99 8.83
N ASN A 1568 -60.71 61.87 9.10
CA ASN A 1568 -60.37 60.95 8.01
C ASN A 1568 -61.63 60.48 7.29
N THR A 1569 -62.77 60.49 7.97
CA THR A 1569 -64.02 60.23 7.28
C THR A 1569 -64.24 61.22 6.14
N GLU A 1570 -63.95 62.50 6.38
CA GLU A 1570 -64.12 63.47 5.32
C GLU A 1570 -63.04 63.31 4.25
N LEU A 1571 -61.80 63.15 4.69
CA LEU A 1571 -60.67 63.28 3.77
C LEU A 1571 -60.73 62.27 2.64
N LEU A 1572 -61.44 61.16 2.83
CA LEU A 1572 -61.43 60.09 1.83
C LEU A 1572 -61.74 60.61 0.44
N LYS A 1573 -62.58 61.64 0.36
CA LYS A 1573 -62.95 62.18 -0.94
C LYS A 1573 -62.05 63.31 -1.38
N ASN A 1574 -61.70 64.22 -0.47
CA ASN A 1574 -60.85 65.37 -0.80
C ASN A 1574 -59.44 65.05 -0.33
N LEU A 1575 -58.54 64.79 -1.29
CA LEU A 1575 -57.21 64.29 -0.97
C LEU A 1575 -56.09 65.24 -1.39
N ASP A 1576 -56.01 65.61 -2.67
CA ASP A 1576 -54.77 66.19 -3.18
C ASP A 1576 -54.58 67.64 -2.72
N LEU A 1577 -55.64 68.46 -2.75
CA LEU A 1577 -55.51 69.79 -2.16
C LEU A 1577 -55.17 69.69 -0.69
N ALA A 1578 -55.84 68.78 0.03
CA ALA A 1578 -55.56 68.61 1.45
C ALA A 1578 -54.10 68.22 1.67
N VAL A 1579 -53.64 67.18 0.99
CA VAL A 1579 -52.26 66.73 1.19
C VAL A 1579 -51.29 67.80 0.75
N LEU A 1580 -51.63 68.55 -0.30
CA LEU A 1580 -50.79 69.66 -0.71
C LEU A 1580 -50.67 70.69 0.41
N GLU A 1581 -51.80 71.09 0.98
CA GLU A 1581 -51.74 72.01 2.11
C GLU A 1581 -50.99 71.40 3.27
N LEU A 1582 -51.18 70.11 3.49
CA LEU A 1582 -50.43 69.41 4.54
C LEU A 1582 -48.95 69.46 4.26
N MET A 1583 -48.54 69.04 3.06
CA MET A 1583 -47.14 69.09 2.70
C MET A 1583 -46.62 70.53 2.73
N GLN A 1584 -47.47 71.49 2.39
CA GLN A 1584 -47.06 72.87 2.48
C GLN A 1584 -46.78 73.26 3.93
N SER A 1585 -47.66 72.85 4.84
CA SER A 1585 -47.41 73.10 6.26
C SER A 1585 -46.23 72.30 6.78
N SER A 1586 -45.87 71.20 6.10
CA SER A 1586 -44.88 70.27 6.64
C SER A 1586 -43.57 70.95 6.99
N VAL A 1587 -43.23 72.02 6.26
CA VAL A 1587 -42.03 72.79 6.61
C VAL A 1587 -42.18 73.40 8.00
N ASP A 1588 -43.38 73.86 8.35
CA ASP A 1588 -43.57 74.45 9.67
C ASP A 1588 -43.90 73.38 10.71
N ASN A 1589 -45.03 72.72 10.55
CA ASN A 1589 -45.49 71.80 11.57
C ASN A 1589 -44.82 70.44 11.44
N THR A 1590 -44.59 69.82 12.59
CA THR A 1590 -44.03 68.47 12.65
C THR A 1590 -44.96 67.50 13.35
N LYS A 1591 -45.45 67.87 14.54
CA LYS A 1591 -46.32 66.97 15.27
C LYS A 1591 -47.72 66.98 14.68
N MET A 1592 -48.18 68.15 14.24
CA MET A 1592 -49.51 68.24 13.65
C MET A 1592 -49.63 67.35 12.41
N VAL A 1593 -48.68 67.46 11.49
CA VAL A 1593 -48.72 66.59 10.32
C VAL A 1593 -48.54 65.14 10.73
N SER A 1594 -47.58 64.88 11.62
CA SER A 1594 -47.35 63.50 12.06
C SER A 1594 -48.64 62.89 12.58
N ALA A 1595 -49.39 63.67 13.35
CA ALA A 1595 -50.65 63.18 13.90
C ALA A 1595 -51.63 62.85 12.79
N VAL A 1596 -51.87 63.80 11.89
CA VAL A 1596 -52.94 63.62 10.91
C VAL A 1596 -52.58 62.47 9.97
N LEU A 1597 -51.30 62.32 9.66
CA LEU A 1597 -50.86 61.23 8.80
C LEU A 1597 -51.24 59.89 9.39
N ASN A 1598 -50.88 59.66 10.65
CA ASN A 1598 -51.28 58.42 11.30
C ASN A 1598 -52.79 58.30 11.35
N GLY A 1599 -53.48 59.41 11.63
CA GLY A 1599 -54.94 59.39 11.66
C GLY A 1599 -55.59 59.14 10.32
N MET A 1600 -54.83 59.13 9.23
CA MET A 1600 -55.36 58.76 7.93
C MET A 1600 -54.99 57.36 7.48
N LEU A 1601 -53.73 56.96 7.66
CA LEU A 1601 -53.28 55.68 7.14
C LEU A 1601 -53.96 54.53 7.83
N ASP A 1602 -54.16 54.65 9.14
CA ASP A 1602 -54.94 53.67 9.88
C ASP A 1602 -56.35 53.51 9.31
N GLN A 1603 -56.99 54.64 9.00
CA GLN A 1603 -58.28 54.59 8.34
C GLN A 1603 -58.18 53.84 7.03
N SER A 1604 -57.11 54.06 6.29
CA SER A 1604 -56.86 53.28 5.09
C SER A 1604 -56.67 51.81 5.43
N PHE A 1605 -55.83 51.53 6.43
CA PHE A 1605 -55.53 50.14 6.77
C PHE A 1605 -56.78 49.39 7.17
N ARG A 1606 -57.57 49.98 8.05
CA ARG A 1606 -58.81 49.34 8.47
C ARG A 1606 -59.79 49.21 7.31
N GLU A 1607 -59.82 50.21 6.43
CA GLU A 1607 -60.75 50.15 5.31
C GLU A 1607 -60.15 49.46 4.10
N ARG A 1608 -58.93 48.94 4.21
CA ARG A 1608 -58.35 48.15 3.13
C ARG A 1608 -59.28 47.01 2.74
N ALA A 1609 -59.95 46.40 3.73
CA ALA A 1609 -60.85 45.30 3.44
C ALA A 1609 -61.97 45.72 2.51
N ASN A 1610 -62.44 46.95 2.61
CA ASN A 1610 -63.51 47.41 1.74
C ASN A 1610 -63.05 47.44 0.29
N GLN A 1611 -61.92 48.09 0.01
CA GLN A 1611 -61.38 48.22 -1.33
C GLN A 1611 -60.00 48.85 -1.21
N LYS A 1612 -59.32 48.97 -2.34
CA LYS A 1612 -57.89 49.30 -2.36
C LYS A 1612 -57.56 50.67 -2.91
N HIS A 1613 -58.41 51.23 -3.78
CA HIS A 1613 -57.99 52.38 -4.58
C HIS A 1613 -57.58 53.56 -3.72
N GLN A 1614 -58.10 53.68 -2.51
CA GLN A 1614 -57.74 54.81 -1.66
C GLN A 1614 -56.25 54.79 -1.32
N GLY A 1615 -55.74 53.63 -0.89
CA GLY A 1615 -54.35 53.57 -0.48
C GLY A 1615 -53.40 53.93 -1.59
N LEU A 1616 -53.63 53.37 -2.79
CA LEU A 1616 -52.84 53.77 -3.94
C LEU A 1616 -53.04 55.24 -4.24
N LYS A 1617 -54.27 55.73 -4.14
CA LYS A 1617 -54.51 57.15 -4.36
C LYS A 1617 -53.78 57.98 -3.32
N LEU A 1618 -53.92 57.61 -2.05
CA LEU A 1618 -53.10 58.21 -1.02
C LEU A 1618 -51.62 58.16 -1.41
N ALA A 1619 -51.11 56.94 -1.58
CA ALA A 1619 -49.66 56.75 -1.64
C ALA A 1619 -49.02 57.60 -2.73
N THR A 1620 -49.66 57.66 -3.90
CA THR A 1620 -49.09 58.49 -4.95
C THR A 1620 -49.11 59.96 -4.57
N THR A 1621 -50.13 60.40 -3.84
CA THR A 1621 -50.18 61.78 -3.40
C THR A 1621 -49.01 62.12 -2.49
N ILE A 1622 -48.58 61.17 -1.66
CA ILE A 1622 -47.42 61.45 -0.82
C ILE A 1622 -46.19 61.65 -1.68
N LEU A 1623 -45.90 60.70 -2.58
CA LEU A 1623 -44.75 60.87 -3.45
C LEU A 1623 -44.88 62.14 -4.27
N GLN A 1624 -46.11 62.52 -4.58
CA GLN A 1624 -46.33 63.78 -5.25
C GLN A 1624 -45.84 64.94 -4.41
N HIS A 1625 -46.06 64.88 -3.09
CA HIS A 1625 -45.72 65.98 -2.19
C HIS A 1625 -44.76 65.57 -1.08
N TRP A 1626 -44.03 64.47 -1.28
CA TRP A 1626 -43.04 64.06 -0.30
C TRP A 1626 -41.87 65.02 -0.21
N LYS A 1627 -41.61 65.77 -1.28
CA LYS A 1627 -40.47 66.68 -1.28
C LYS A 1627 -40.56 67.70 -0.16
N LYS A 1628 -41.77 68.11 0.20
CA LYS A 1628 -41.93 69.06 1.29
C LYS A 1628 -41.42 68.47 2.59
N CYS A 1629 -41.79 67.24 2.89
CA CYS A 1629 -41.28 66.57 4.07
C CYS A 1629 -39.83 66.14 3.90
N ASP A 1630 -39.33 66.06 2.67
CA ASP A 1630 -37.90 65.88 2.45
C ASP A 1630 -37.07 66.95 3.12
N SER A 1631 -37.67 68.08 3.50
CA SER A 1631 -36.95 69.08 4.29
C SER A 1631 -36.39 68.48 5.58
N TRP A 1632 -37.01 67.42 6.06
CA TRP A 1632 -36.70 66.82 7.33
C TRP A 1632 -35.66 65.72 7.14
N TRP A 1633 -35.45 64.91 8.17
CA TRP A 1633 -34.58 63.73 8.15
C TRP A 1633 -33.17 64.06 7.68
N ALA A 1634 -32.83 65.34 7.62
CA ALA A 1634 -31.45 65.70 7.33
C ALA A 1634 -30.59 65.40 8.55
N LYS A 1635 -29.28 65.35 8.34
CA LYS A 1635 -28.36 64.97 9.41
C LYS A 1635 -28.49 65.87 10.64
N ASP A 1636 -28.99 67.09 10.46
CA ASP A 1636 -29.27 67.95 11.59
C ASP A 1636 -30.66 67.72 12.15
N SER A 1637 -31.60 67.32 11.30
CA SER A 1637 -32.98 67.12 11.75
C SER A 1637 -32.98 66.07 12.86
N PRO A 1638 -33.64 66.32 13.98
CA PRO A 1638 -33.51 65.42 15.13
C PRO A 1638 -34.21 64.10 14.88
N LEU A 1639 -33.85 63.13 15.71
CA LEU A 1639 -34.34 61.77 15.55
C LEU A 1639 -35.85 61.66 15.71
N GLU A 1640 -36.47 62.62 16.39
CA GLU A 1640 -37.91 62.61 16.54
C GLU A 1640 -38.59 62.61 15.18
N THR A 1641 -38.16 63.51 14.29
CA THR A 1641 -38.65 63.50 12.93
C THR A 1641 -38.32 62.20 12.24
N LYS A 1642 -37.07 61.75 12.40
CA LYS A 1642 -36.60 60.54 11.75
C LYS A 1642 -37.53 59.38 12.07
N MET A 1643 -37.68 59.09 13.36
CA MET A 1643 -38.53 57.99 13.78
C MET A 1643 -39.97 58.21 13.34
N ALA A 1644 -40.41 59.46 13.27
CA ALA A 1644 -41.77 59.73 12.85
C ALA A 1644 -41.99 59.31 11.39
N VAL A 1645 -41.14 59.78 10.49
CA VAL A 1645 -41.33 59.42 9.10
C VAL A 1645 -41.13 57.93 8.90
N LEU A 1646 -40.15 57.35 9.61
CA LEU A 1646 -39.96 55.91 9.55
C LEU A 1646 -41.25 55.17 9.85
N ALA A 1647 -41.95 55.59 10.89
CA ALA A 1647 -43.20 54.94 11.25
C ALA A 1647 -44.20 55.05 10.10
N LEU A 1648 -44.33 56.25 9.53
CA LEU A 1648 -45.21 56.41 8.39
C LEU A 1648 -44.72 55.60 7.20
N LEU A 1649 -43.40 55.57 7.00
CA LEU A 1649 -42.85 54.78 5.91
C LEU A 1649 -43.25 53.32 6.06
N ALA A 1650 -43.10 52.77 7.26
CA ALA A 1650 -43.50 51.40 7.49
C ALA A 1650 -44.94 51.18 7.03
N LYS A 1651 -45.82 52.14 7.33
CA LYS A 1651 -47.21 51.98 6.97
C LYS A 1651 -47.39 51.93 5.46
N ILE A 1652 -46.81 52.91 4.76
CA ILE A 1652 -47.11 53.06 3.34
C ILE A 1652 -46.64 51.85 2.55
N LEU A 1653 -45.61 51.16 3.03
CA LEU A 1653 -45.33 49.86 2.48
C LEU A 1653 -46.47 48.89 2.76
N GLN A 1654 -47.00 48.91 3.98
CA GLN A 1654 -48.01 47.96 4.41
C GLN A 1654 -49.42 48.44 4.11
N ILE A 1655 -49.58 49.32 3.12
CA ILE A 1655 -50.91 49.74 2.69
C ILE A 1655 -51.19 49.37 1.24
N ASP A 1656 -50.20 48.97 0.46
CA ASP A 1656 -50.43 48.76 -0.96
C ASP A 1656 -49.78 47.46 -1.39
N SER A 1657 -50.32 46.91 -2.47
CA SER A 1657 -49.88 45.63 -3.00
C SER A 1657 -48.44 45.73 -3.52
N SER A 1658 -47.84 44.57 -3.77
CA SER A 1658 -46.43 44.52 -4.14
C SER A 1658 -46.24 44.74 -5.63
N VAL A 1659 -46.95 45.72 -6.19
CA VAL A 1659 -46.71 46.17 -7.55
C VAL A 1659 -46.56 47.66 -7.66
N SER A 1660 -47.11 48.43 -6.73
CA SER A 1660 -47.02 49.87 -6.74
C SER A 1660 -45.70 50.31 -6.16
N PHE A 1661 -45.06 51.28 -6.82
CA PHE A 1661 -43.92 51.99 -6.26
C PHE A 1661 -42.75 51.05 -6.02
N ASN A 1662 -42.68 50.00 -6.84
CA ASN A 1662 -41.55 49.08 -6.79
C ASN A 1662 -40.46 49.44 -7.78
N THR A 1663 -40.80 50.15 -8.85
CA THR A 1663 -39.82 50.73 -9.76
C THR A 1663 -40.14 52.20 -9.92
N SER A 1664 -39.48 52.87 -10.86
CA SER A 1664 -39.64 54.31 -11.04
C SER A 1664 -41.12 54.67 -11.19
N HIS A 1665 -41.64 55.38 -10.19
CA HIS A 1665 -43.04 55.75 -10.14
C HIS A 1665 -43.22 57.18 -9.65
N GLY A 1666 -42.27 58.06 -9.99
CA GLY A 1666 -42.36 59.43 -9.53
C GLY A 1666 -41.31 59.71 -8.47
N SER A 1667 -41.75 59.92 -7.24
CA SER A 1667 -40.80 60.08 -6.15
C SER A 1667 -40.29 58.76 -5.63
N PHE A 1668 -40.67 57.64 -6.27
CA PHE A 1668 -40.08 56.34 -5.99
C PHE A 1668 -38.58 56.39 -5.72
N PRO A 1669 -37.76 56.85 -6.67
CA PRO A 1669 -36.32 56.88 -6.37
C PRO A 1669 -35.98 57.86 -5.26
N GLU A 1670 -36.71 58.98 -5.18
CA GLU A 1670 -36.41 59.99 -4.18
C GLU A 1670 -36.57 59.41 -2.77
N VAL A 1671 -37.71 58.80 -2.50
CA VAL A 1671 -37.88 58.14 -1.22
C VAL A 1671 -36.92 56.97 -1.10
N PHE A 1672 -36.69 56.26 -2.21
CA PHE A 1672 -35.67 55.23 -2.24
C PHE A 1672 -34.33 55.78 -1.80
N THR A 1673 -33.91 56.88 -2.43
CA THR A 1673 -32.70 57.57 -1.99
C THR A 1673 -32.88 58.09 -0.57
N THR A 1674 -34.04 58.66 -0.27
CA THR A 1674 -34.29 59.13 1.07
C THR A 1674 -34.18 57.98 2.06
N TYR A 1675 -34.70 56.81 1.68
CA TYR A 1675 -34.53 55.63 2.51
C TYR A 1675 -33.06 55.31 2.68
N ILE A 1676 -32.30 55.36 1.59
CA ILE A 1676 -30.86 55.11 1.67
C ILE A 1676 -30.22 56.11 2.61
N SER A 1677 -30.58 57.38 2.46
CA SER A 1677 -30.05 58.42 3.34
C SER A 1677 -30.35 58.09 4.79
N LEU A 1678 -31.54 57.56 5.05
CA LEU A 1678 -31.89 57.14 6.39
C LEU A 1678 -30.91 56.10 6.90
N LEU A 1679 -30.67 55.07 6.09
CA LEU A 1679 -29.66 54.08 6.45
C LEU A 1679 -28.26 54.67 6.40
N ALA A 1680 -28.05 55.68 5.55
CA ALA A 1680 -26.75 56.35 5.54
C ALA A 1680 -26.45 57.00 6.87
N ASP A 1681 -27.48 57.45 7.59
CA ASP A 1681 -27.27 57.99 8.93
C ASP A 1681 -26.77 56.89 9.86
N THR A 1682 -26.09 57.31 10.91
CA THR A 1682 -25.59 56.39 11.93
C THR A 1682 -26.07 56.72 13.33
N LYS A 1683 -26.61 57.91 13.55
CA LYS A 1683 -27.06 58.30 14.89
C LYS A 1683 -28.19 57.40 15.39
N LEU A 1684 -28.88 56.73 14.48
CA LEU A 1684 -29.91 55.78 14.89
C LEU A 1684 -29.28 54.60 15.61
N ASP A 1685 -30.06 54.00 16.51
CA ASP A 1685 -29.58 52.87 17.28
C ASP A 1685 -29.62 51.62 16.42
N LEU A 1686 -29.39 50.47 17.05
CA LEU A 1686 -29.50 49.21 16.34
C LEU A 1686 -30.94 48.93 15.94
N HIS A 1687 -31.88 49.09 16.88
CA HIS A 1687 -33.24 48.68 16.58
C HIS A 1687 -33.90 49.59 15.56
N LEU A 1688 -33.50 50.86 15.50
CA LEU A 1688 -34.15 51.79 14.59
C LEU A 1688 -34.03 51.31 13.16
N LYS A 1689 -32.82 51.02 12.70
CA LYS A 1689 -32.65 50.37 11.41
C LYS A 1689 -33.21 48.96 11.43
N GLY A 1690 -33.43 48.39 12.61
CA GLY A 1690 -34.12 47.12 12.70
C GLY A 1690 -35.50 47.18 12.08
N GLN A 1691 -36.21 48.28 12.28
CA GLN A 1691 -37.44 48.46 11.53
C GLN A 1691 -37.13 48.73 10.07
N ALA A 1692 -36.01 49.39 9.79
CA ALA A 1692 -35.70 49.74 8.40
C ALA A 1692 -35.43 48.51 7.56
N VAL A 1693 -34.96 47.42 8.16
CA VAL A 1693 -34.65 46.24 7.37
C VAL A 1693 -35.90 45.52 6.90
N THR A 1694 -37.04 45.81 7.52
CA THR A 1694 -38.32 45.25 7.10
C THR A 1694 -38.77 45.76 5.74
N LEU A 1695 -38.13 46.81 5.23
CA LEU A 1695 -38.56 47.47 4.01
C LEU A 1695 -38.08 46.76 2.76
N LEU A 1696 -37.18 45.79 2.91
CA LEU A 1696 -36.55 45.17 1.75
C LEU A 1696 -37.49 44.44 0.80
N PRO A 1697 -38.49 43.66 1.26
CA PRO A 1697 -39.33 42.93 0.30
C PRO A 1697 -39.92 43.80 -0.80
N PHE A 1698 -39.97 45.12 -0.56
CA PHE A 1698 -40.20 46.06 -1.64
C PHE A 1698 -38.93 46.60 -2.25
N PHE A 1699 -37.81 46.58 -1.51
CA PHE A 1699 -36.58 47.14 -2.03
C PHE A 1699 -35.85 46.14 -2.90
N THR A 1700 -35.45 46.59 -4.08
CA THR A 1700 -34.75 45.78 -5.07
C THR A 1700 -35.53 44.53 -5.44
N SER A 1701 -36.83 44.53 -5.17
CA SER A 1701 -37.74 43.50 -5.65
C SER A 1701 -38.41 44.03 -6.90
N LEU A 1702 -38.24 43.30 -8.01
CA LEU A 1702 -38.75 43.68 -9.33
C LEU A 1702 -37.95 44.85 -9.89
N THR A 1703 -37.02 45.40 -9.08
CA THR A 1703 -36.21 46.52 -9.48
C THR A 1703 -34.73 46.16 -9.33
N GLY A 1704 -33.99 46.21 -10.45
CA GLY A 1704 -32.57 45.99 -10.43
C GLY A 1704 -31.79 47.28 -10.26
N GLY A 1705 -30.48 47.15 -10.25
CA GLY A 1705 -29.61 48.29 -10.06
C GLY A 1705 -29.68 48.81 -8.65
N SER A 1706 -28.80 49.75 -8.31
CA SER A 1706 -28.71 50.34 -6.97
C SER A 1706 -28.50 49.30 -5.89
N LEU A 1707 -28.26 48.04 -6.27
CA LEU A 1707 -28.01 47.00 -5.30
C LEU A 1707 -26.72 47.28 -4.53
N GLU A 1708 -25.72 47.77 -5.26
CA GLU A 1708 -24.36 47.87 -4.74
C GLU A 1708 -24.28 48.85 -3.58
N GLU A 1709 -24.92 50.01 -3.71
CA GLU A 1709 -24.91 50.98 -2.63
C GLU A 1709 -25.56 50.38 -1.39
N LEU A 1710 -26.74 49.79 -1.58
CA LEU A 1710 -27.50 49.25 -0.47
C LEU A 1710 -26.69 48.18 0.25
N ARG A 1711 -26.24 47.17 -0.49
CA ARG A 1711 -25.56 46.06 0.16
C ARG A 1711 -24.36 46.54 0.95
N ARG A 1712 -23.62 47.49 0.38
CA ARG A 1712 -22.45 48.00 1.08
C ARG A 1712 -22.85 48.68 2.37
N VAL A 1713 -23.80 49.61 2.32
CA VAL A 1713 -24.17 50.28 3.55
C VAL A 1713 -24.71 49.27 4.55
N LEU A 1714 -25.49 48.30 4.06
CA LEU A 1714 -26.03 47.28 4.94
C LEU A 1714 -24.92 46.56 5.69
N GLU A 1715 -23.95 46.01 4.95
CA GLU A 1715 -22.92 45.23 5.62
C GLU A 1715 -22.07 46.10 6.53
N GLN A 1716 -21.74 47.30 6.10
CA GLN A 1716 -20.80 48.08 6.90
C GLN A 1716 -21.47 48.67 8.14
N LEU A 1717 -22.77 49.00 8.07
CA LEU A 1717 -23.48 49.28 9.32
C LEU A 1717 -23.41 48.09 10.27
N ILE A 1718 -23.83 46.92 9.80
CA ILE A 1718 -24.04 45.81 10.72
C ILE A 1718 -22.73 45.36 11.33
N VAL A 1719 -21.68 45.22 10.52
CA VAL A 1719 -20.41 44.75 11.06
C VAL A 1719 -19.84 45.77 12.03
N ALA A 1720 -20.06 47.06 11.75
CA ALA A 1720 -19.72 48.09 12.72
C ALA A 1720 -20.45 47.87 14.03
N HIS A 1721 -21.64 47.29 13.98
CA HIS A 1721 -22.42 47.03 15.17
C HIS A 1721 -22.34 45.57 15.59
N PHE A 1722 -21.50 44.78 14.94
CA PHE A 1722 -21.44 43.37 15.25
C PHE A 1722 -20.12 43.03 15.89
N PRO A 1723 -20.08 42.83 17.21
CA PRO A 1723 -18.85 42.33 17.84
C PRO A 1723 -18.50 40.97 17.27
N MET A 1724 -17.21 40.75 17.07
CA MET A 1724 -16.76 39.53 16.42
C MET A 1724 -17.01 38.31 17.30
N GLN A 1725 -16.61 38.38 18.57
CA GLN A 1725 -16.93 37.34 19.54
C GLN A 1725 -18.13 37.79 20.37
N SER A 1726 -19.27 37.89 19.71
CA SER A 1726 -20.45 38.46 20.35
C SER A 1726 -20.89 37.65 21.55
N ARG A 1727 -20.55 36.35 21.61
CA ARG A 1727 -20.93 35.58 22.78
C ARG A 1727 -19.88 35.73 23.87
N GLU A 1728 -19.43 36.97 24.05
CA GLU A 1728 -18.79 37.41 25.27
C GLU A 1728 -19.75 38.21 26.13
N PHE A 1729 -20.81 38.70 25.52
CA PHE A 1729 -21.89 39.34 26.24
C PHE A 1729 -22.72 38.26 26.91
N PRO A 1730 -22.86 38.28 28.23
CA PRO A 1730 -23.67 37.27 28.89
C PRO A 1730 -25.10 37.34 28.38
N PRO A 1731 -25.76 36.20 28.22
CA PRO A 1731 -27.17 36.23 27.83
C PRO A 1731 -27.98 37.06 28.82
N GLY A 1732 -28.83 37.93 28.28
CA GLY A 1732 -29.58 38.85 29.07
C GLY A 1732 -29.03 40.25 29.14
N THR A 1733 -27.75 40.43 28.82
CA THR A 1733 -27.24 41.79 28.72
C THR A 1733 -27.94 42.47 27.55
N PRO A 1734 -28.18 43.79 27.65
CA PRO A 1734 -28.85 44.51 26.56
C PRO A 1734 -28.29 44.13 25.20
N ARG A 1735 -26.95 44.09 25.11
CA ARG A 1735 -26.31 43.86 23.83
C ARG A 1735 -26.69 42.49 23.28
N PHE A 1736 -26.71 41.48 24.14
CA PHE A 1736 -27.16 40.16 23.73
C PHE A 1736 -28.61 40.21 23.28
N ASN A 1737 -29.45 40.94 24.02
CA ASN A 1737 -30.83 41.12 23.60
C ASN A 1737 -30.90 41.82 22.25
N ASN A 1738 -30.06 42.85 22.08
CA ASN A 1738 -29.95 43.50 20.78
C ASN A 1738 -29.52 42.49 19.73
N TYR A 1739 -28.54 41.66 20.07
CA TYR A 1739 -28.02 40.70 19.12
C TYR A 1739 -29.10 39.71 18.69
N VAL A 1740 -29.75 39.08 19.67
CA VAL A 1740 -30.70 38.02 19.34
C VAL A 1740 -31.89 38.58 18.60
N ASP A 1741 -32.34 39.78 18.96
CA ASP A 1741 -33.45 40.38 18.25
C ASP A 1741 -33.04 40.79 16.85
N CYS A 1742 -31.88 41.43 16.71
CA CYS A 1742 -31.50 41.94 15.40
C CYS A 1742 -31.38 40.82 14.39
N MET A 1743 -30.76 39.70 14.79
CA MET A 1743 -30.66 38.59 13.86
C MET A 1743 -32.04 38.06 13.48
N LYS A 1744 -32.97 38.05 14.43
CA LYS A 1744 -34.27 37.43 14.18
C LYS A 1744 -35.06 38.22 13.14
N LYS A 1745 -35.16 39.53 13.33
CA LYS A 1745 -35.82 40.37 12.35
C LYS A 1745 -35.13 40.24 11.00
N PHE A 1746 -33.83 39.94 11.03
CA PHE A 1746 -33.11 39.76 9.78
C PHE A 1746 -33.57 38.50 9.07
N LEU A 1747 -33.72 37.41 9.82
CA LEU A 1747 -34.14 36.14 9.23
C LEU A 1747 -35.52 36.26 8.59
N ASP A 1748 -36.47 36.86 9.30
CA ASP A 1748 -37.81 36.98 8.74
C ASP A 1748 -37.82 37.92 7.53
N ALA A 1749 -37.00 38.97 7.57
CA ALA A 1749 -36.83 39.81 6.38
C ALA A 1749 -36.27 38.99 5.24
N LEU A 1750 -35.28 38.12 5.53
CA LEU A 1750 -34.77 37.20 4.53
C LEU A 1750 -35.88 36.40 3.91
N GLU A 1751 -36.71 35.78 4.75
CA GLU A 1751 -37.77 34.90 4.28
C GLU A 1751 -38.75 35.66 3.40
N LEU A 1752 -39.06 36.90 3.76
CA LEU A 1752 -40.04 37.69 3.03
C LEU A 1752 -39.44 38.51 1.90
N SER A 1753 -38.12 38.54 1.77
CA SER A 1753 -37.47 39.27 0.69
C SER A 1753 -36.86 38.36 -0.35
N GLN A 1754 -36.41 37.17 0.06
CA GLN A 1754 -35.86 36.13 -0.79
C GLN A 1754 -34.97 36.70 -1.89
N SER A 1755 -33.91 37.37 -1.44
CA SER A 1755 -32.94 37.85 -2.40
C SER A 1755 -31.57 37.28 -2.05
N PRO A 1756 -30.81 36.81 -3.05
CA PRO A 1756 -29.41 36.47 -2.78
C PRO A 1756 -28.62 37.62 -2.22
N MET A 1757 -29.09 38.85 -2.39
CA MET A 1757 -28.45 40.01 -1.78
C MET A 1757 -28.30 39.87 -0.28
N LEU A 1758 -29.43 39.80 0.43
CA LEU A 1758 -29.39 39.54 1.86
C LEU A 1758 -28.90 38.13 2.16
N LEU A 1759 -29.10 37.19 1.24
CA LEU A 1759 -28.53 35.86 1.39
C LEU A 1759 -27.02 35.94 1.57
N GLU A 1760 -26.37 36.76 0.75
CA GLU A 1760 -24.95 37.00 0.94
C GLU A 1760 -24.67 37.55 2.33
N LEU A 1761 -25.41 38.58 2.72
CA LEU A 1761 -25.15 39.24 3.99
C LEU A 1761 -25.35 38.27 5.15
N MET A 1762 -26.44 37.51 5.13
CA MET A 1762 -26.71 36.62 6.25
C MET A 1762 -25.69 35.49 6.31
N THR A 1763 -25.30 34.96 5.15
CA THR A 1763 -24.28 33.91 5.13
C THR A 1763 -22.99 34.40 5.78
N GLU A 1764 -22.54 35.59 5.38
CA GLU A 1764 -21.29 36.12 5.91
C GLU A 1764 -21.35 36.25 7.42
N VAL A 1765 -22.40 36.90 7.92
CA VAL A 1765 -22.54 37.04 9.36
C VAL A 1765 -22.87 35.70 10.02
N LEU A 1766 -23.45 34.76 9.27
CA LEU A 1766 -23.65 33.43 9.83
C LEU A 1766 -22.32 32.76 10.10
N CYS A 1767 -21.41 32.80 9.12
CA CYS A 1767 -20.10 32.23 9.32
C CYS A 1767 -19.20 33.24 10.05
N ARG A 1768 -19.66 33.72 11.19
CA ARG A 1768 -18.76 34.45 12.08
C ARG A 1768 -17.85 33.48 12.82
N GLU A 1769 -18.45 32.61 13.63
CA GLU A 1769 -17.77 31.46 14.18
C GLU A 1769 -18.82 30.44 14.62
N GLN A 1770 -18.40 29.19 14.71
CA GLN A 1770 -19.34 28.11 15.00
C GLN A 1770 -19.78 28.17 16.45
N GLN A 1771 -20.96 27.59 16.71
CA GLN A 1771 -21.54 27.53 18.05
C GLN A 1771 -21.60 28.92 18.66
N HIS A 1772 -22.07 29.88 17.88
CA HIS A 1772 -21.98 31.28 18.26
C HIS A 1772 -23.23 32.09 17.99
N VAL A 1773 -24.18 31.59 17.21
CA VAL A 1773 -25.23 32.45 16.68
C VAL A 1773 -26.57 31.92 17.15
N MET A 1774 -26.54 30.83 17.91
CA MET A 1774 -27.74 30.12 18.32
C MET A 1774 -28.63 29.93 17.09
N GLU A 1775 -28.14 29.07 16.21
CA GLU A 1775 -28.57 29.06 14.82
C GLU A 1775 -29.93 28.43 14.61
N GLU A 1776 -30.43 27.65 15.57
CA GLU A 1776 -31.64 26.85 15.38
C GLU A 1776 -32.71 27.57 14.57
N LEU A 1777 -32.86 28.88 14.82
CA LEU A 1777 -33.82 29.65 14.04
C LEU A 1777 -33.39 29.73 12.59
N PHE A 1778 -32.09 29.69 12.32
CA PHE A 1778 -31.64 29.88 10.95
C PHE A 1778 -32.11 28.74 10.05
N GLN A 1779 -31.86 27.49 10.46
CA GLN A 1779 -32.30 26.37 9.63
C GLN A 1779 -33.81 26.25 9.60
N SER A 1780 -34.49 26.61 10.68
CA SER A 1780 -35.94 26.69 10.62
C SER A 1780 -36.36 27.60 9.49
N SER A 1781 -35.75 28.78 9.40
CA SER A 1781 -36.01 29.69 8.30
C SER A 1781 -35.62 29.06 6.97
N PHE A 1782 -34.48 28.37 6.93
CA PHE A 1782 -34.03 27.79 5.67
C PHE A 1782 -35.05 26.79 5.15
N ARG A 1783 -35.62 26.00 6.05
CA ARG A 1783 -36.72 25.13 5.67
C ARG A 1783 -37.86 25.94 5.09
N ARG A 1784 -38.23 27.02 5.79
CA ARG A 1784 -39.35 27.84 5.33
C ARG A 1784 -39.08 28.42 3.96
N ILE A 1785 -37.91 29.04 3.79
CA ILE A 1785 -37.59 29.63 2.50
C ILE A 1785 -37.38 28.54 1.45
N ALA A 1786 -36.90 27.37 1.87
CA ALA A 1786 -36.75 26.27 0.92
C ALA A 1786 -38.10 25.86 0.36
N ARG A 1787 -39.14 25.92 1.18
CA ARG A 1787 -40.49 25.52 0.78
C ARG A 1787 -41.36 26.70 0.39
N ARG A 1788 -40.76 27.76 -0.17
CA ARG A 1788 -41.53 28.91 -0.61
C ARG A 1788 -41.04 29.36 -1.98
N GLY A 1789 -41.98 29.77 -2.82
CA GLY A 1789 -41.64 30.43 -4.07
C GLY A 1789 -41.35 29.47 -5.21
N SER A 1790 -41.22 30.05 -6.40
CA SER A 1790 -40.90 29.26 -7.59
C SER A 1790 -39.50 28.69 -7.48
N CYS A 1791 -39.36 27.41 -7.88
CA CYS A 1791 -38.09 26.71 -7.75
C CYS A 1791 -36.95 27.51 -8.35
N VAL A 1792 -37.16 28.05 -9.55
CA VAL A 1792 -36.08 28.71 -10.28
C VAL A 1792 -35.51 29.86 -9.47
N THR A 1793 -36.37 30.62 -8.79
CA THR A 1793 -35.91 31.74 -7.98
C THR A 1793 -34.95 31.26 -6.91
N GLN A 1794 -35.32 30.18 -6.21
CA GLN A 1794 -34.43 29.63 -5.20
C GLN A 1794 -33.17 29.04 -5.83
N VAL A 1795 -33.28 28.49 -7.05
CA VAL A 1795 -32.10 27.99 -7.73
C VAL A 1795 -31.10 29.13 -7.95
N GLY A 1796 -31.61 30.30 -8.34
CA GLY A 1796 -30.73 31.46 -8.47
C GLY A 1796 -30.03 31.79 -7.18
N LEU A 1797 -30.77 31.81 -6.07
CA LEU A 1797 -30.12 31.98 -4.77
C LEU A 1797 -29.16 30.84 -4.49
N LEU A 1798 -29.55 29.62 -4.84
CA LEU A 1798 -28.70 28.45 -4.61
C LEU A 1798 -27.34 28.63 -5.24
N GLU A 1799 -27.30 28.78 -6.56
CA GLU A 1799 -26.04 28.96 -7.25
C GLU A 1799 -25.28 30.17 -6.74
N SER A 1800 -25.99 31.19 -6.27
CA SER A 1800 -25.33 32.40 -5.80
C SER A 1800 -24.31 32.08 -4.72
N VAL A 1801 -24.79 31.59 -3.58
CA VAL A 1801 -23.86 31.15 -2.55
C VAL A 1801 -23.04 29.98 -3.03
N TYR A 1802 -23.60 29.15 -3.91
CA TYR A 1802 -22.82 28.06 -4.48
C TYR A 1802 -21.59 28.62 -5.19
N GLU A 1803 -21.74 29.72 -5.93
CA GLU A 1803 -20.56 30.42 -6.39
C GLU A 1803 -19.76 30.99 -5.23
N MET A 1804 -20.44 31.60 -4.27
CA MET A 1804 -19.76 32.12 -3.09
C MET A 1804 -19.03 31.02 -2.35
N PHE A 1805 -19.54 29.78 -2.42
CA PHE A 1805 -18.89 28.70 -1.72
C PHE A 1805 -17.45 28.52 -2.18
N ARG A 1806 -17.22 28.40 -3.48
CA ARG A 1806 -15.87 28.23 -3.97
C ARG A 1806 -15.38 29.54 -4.57
N LYS A 1807 -15.96 30.65 -4.12
CA LYS A 1807 -15.47 31.97 -4.46
C LYS A 1807 -13.96 32.00 -4.33
N ASP A 1808 -13.29 32.34 -5.42
CA ASP A 1808 -11.85 32.11 -5.51
C ASP A 1808 -11.10 33.12 -4.65
N ASP A 1809 -11.42 33.16 -3.37
CA ASP A 1809 -10.64 33.87 -2.37
C ASP A 1809 -10.43 32.87 -1.24
N PRO A 1810 -9.23 32.31 -1.11
CA PRO A 1810 -9.02 31.25 -0.09
C PRO A 1810 -9.33 31.78 1.29
N ARG A 1811 -10.38 31.24 1.89
CA ARG A 1811 -10.79 31.66 3.21
C ARG A 1811 -10.51 30.56 4.23
N LEU A 1812 -10.78 30.90 5.50
CA LEU A 1812 -10.55 29.95 6.57
C LEU A 1812 -11.31 28.66 6.29
N SER A 1813 -10.60 27.54 6.38
CA SER A 1813 -11.20 26.27 5.99
C SER A 1813 -12.46 26.01 6.79
N PHE A 1814 -12.37 26.10 8.12
CA PHE A 1814 -13.54 25.90 8.94
C PHE A 1814 -14.69 26.79 8.49
N THR A 1815 -14.37 28.05 8.17
CA THR A 1815 -15.37 28.91 7.55
C THR A 1815 -15.83 28.32 6.21
N ARG A 1816 -14.90 27.76 5.45
CA ARG A 1816 -15.25 27.25 4.12
C ARG A 1816 -16.27 26.12 4.21
N GLN A 1817 -16.04 25.14 5.08
CA GLN A 1817 -17.04 24.07 5.20
C GLN A 1817 -18.27 24.54 5.93
N SER A 1818 -18.11 25.40 6.94
CA SER A 1818 -19.27 25.89 7.68
C SER A 1818 -20.27 26.55 6.75
N PHE A 1819 -19.79 27.12 5.64
CA PHE A 1819 -20.68 27.65 4.62
C PHE A 1819 -21.73 26.62 4.24
N VAL A 1820 -21.30 25.47 3.73
CA VAL A 1820 -22.26 24.42 3.41
C VAL A 1820 -22.88 23.86 4.68
N ASP A 1821 -22.09 23.76 5.74
CA ASP A 1821 -22.60 23.17 6.97
C ASP A 1821 -23.69 24.03 7.58
N ARG A 1822 -23.33 25.27 7.93
CA ARG A 1822 -24.29 26.12 8.62
C ARG A 1822 -25.49 26.46 7.73
N SER A 1823 -25.29 26.54 6.42
CA SER A 1823 -26.35 27.01 5.53
C SER A 1823 -26.81 25.96 4.54
N LEU A 1824 -25.91 25.40 3.74
CA LEU A 1824 -26.33 24.74 2.52
C LEU A 1824 -26.89 23.35 2.77
N LEU A 1825 -26.38 22.66 3.79
CA LEU A 1825 -26.83 21.30 4.04
C LEU A 1825 -28.33 21.26 4.28
N THR A 1826 -28.85 22.24 5.01
CA THR A 1826 -30.31 22.35 5.16
C THR A 1826 -30.98 22.49 3.81
N LEU A 1827 -30.42 23.36 2.97
CA LEU A 1827 -31.05 23.69 1.70
C LEU A 1827 -31.11 22.46 0.80
N LEU A 1828 -29.97 21.81 0.61
CA LEU A 1828 -29.93 20.57 -0.14
C LEU A 1828 -30.76 19.49 0.54
N TRP A 1829 -30.85 19.53 1.86
CA TRP A 1829 -31.78 18.64 2.55
C TRP A 1829 -33.22 18.95 2.19
N HIS A 1830 -33.48 20.15 1.68
CA HIS A 1830 -34.84 20.56 1.37
C HIS A 1830 -34.88 21.05 -0.07
N CYS A 1831 -34.32 20.27 -0.99
CA CYS A 1831 -34.45 20.60 -2.39
C CYS A 1831 -35.91 20.60 -2.78
N SER A 1832 -36.27 21.52 -3.67
CA SER A 1832 -37.63 21.57 -4.17
C SER A 1832 -37.99 20.35 -5.02
N LEU A 1833 -37.00 19.52 -5.33
CA LEU A 1833 -37.08 18.43 -6.31
C LEU A 1833 -37.27 18.99 -7.71
N ASP A 1834 -37.35 20.32 -7.84
CA ASP A 1834 -37.41 20.98 -9.13
C ASP A 1834 -36.27 21.99 -9.23
N ALA A 1835 -35.18 21.72 -8.52
CA ALA A 1835 -34.07 22.66 -8.40
C ALA A 1835 -32.73 22.06 -8.75
N LEU A 1836 -32.65 20.75 -9.00
CA LEU A 1836 -31.38 20.03 -8.93
C LEU A 1836 -30.79 19.67 -10.28
N ARG A 1837 -31.59 19.15 -11.23
CA ARG A 1837 -30.99 18.67 -12.47
C ARG A 1837 -30.50 19.84 -13.31
N GLU A 1838 -31.21 20.98 -13.26
CA GLU A 1838 -30.66 22.17 -13.88
C GLU A 1838 -29.45 22.67 -13.11
N PHE A 1839 -29.45 22.50 -11.79
CA PHE A 1839 -28.25 22.77 -11.01
C PHE A 1839 -27.13 21.84 -11.45
N PHE A 1840 -27.46 20.59 -11.75
CA PHE A 1840 -26.47 19.62 -12.19
C PHE A 1840 -25.63 20.11 -13.36
N SER A 1841 -26.25 20.86 -14.27
CA SER A 1841 -25.74 21.05 -15.62
C SER A 1841 -24.24 21.28 -15.71
N THR A 1842 -23.75 22.35 -15.10
CA THR A 1842 -22.33 22.70 -15.21
C THR A 1842 -21.52 22.36 -13.97
N ILE A 1843 -22.17 22.26 -12.81
CA ILE A 1843 -21.45 21.90 -11.59
C ILE A 1843 -20.83 20.52 -11.72
N VAL A 1844 -21.42 19.66 -12.55
CA VAL A 1844 -20.90 18.31 -12.71
C VAL A 1844 -19.52 18.35 -13.35
N VAL A 1845 -19.37 19.06 -14.46
CA VAL A 1845 -18.05 19.14 -15.06
C VAL A 1845 -17.12 19.92 -14.14
N ASP A 1846 -17.65 20.96 -13.49
CA ASP A 1846 -16.90 21.64 -12.45
C ASP A 1846 -16.37 20.65 -11.43
N ALA A 1847 -17.26 19.83 -10.88
CA ALA A 1847 -16.86 18.92 -9.82
C ALA A 1847 -15.86 17.90 -10.33
N ILE A 1848 -16.20 17.20 -11.41
CA ILE A 1848 -15.34 16.13 -11.91
C ILE A 1848 -13.96 16.68 -12.25
N ASP A 1849 -13.93 17.89 -12.83
CA ASP A 1849 -12.64 18.52 -13.10
C ASP A 1849 -11.87 18.73 -11.81
N VAL A 1850 -12.57 19.17 -10.76
CA VAL A 1850 -11.94 19.28 -9.45
C VAL A 1850 -11.48 17.92 -8.98
N LEU A 1851 -12.33 16.89 -9.17
CA LEU A 1851 -12.10 15.60 -8.53
C LEU A 1851 -10.78 14.98 -8.96
N LYS A 1852 -10.45 15.09 -10.24
CA LYS A 1852 -9.27 14.45 -10.80
C LYS A 1852 -8.11 15.43 -10.93
N SER A 1853 -8.00 16.39 -10.02
CA SER A 1853 -6.93 17.39 -10.12
C SER A 1853 -6.59 17.95 -8.76
N ARG A 1854 -5.32 18.37 -8.63
CA ARG A 1854 -4.83 19.23 -7.56
C ARG A 1854 -4.77 18.50 -6.23
N PHE A 1855 -5.30 17.29 -6.18
CA PHE A 1855 -5.37 16.53 -4.94
C PHE A 1855 -4.06 15.88 -4.55
N THR A 1856 -3.04 15.99 -5.41
CA THR A 1856 -1.79 15.26 -5.21
C THR A 1856 -0.82 16.03 -4.32
N LYS A 1857 -0.49 17.27 -4.68
CA LYS A 1857 0.54 18.00 -3.99
C LYS A 1857 0.14 18.29 -2.55
N LEU A 1858 1.11 18.19 -1.65
CA LEU A 1858 0.92 18.48 -0.24
C LEU A 1858 2.13 19.27 0.22
N ASN A 1859 2.08 20.57 -0.02
CA ASN A 1859 3.05 21.52 0.51
C ASN A 1859 2.42 22.72 1.19
N GLU A 1860 1.21 23.12 0.78
CA GLU A 1860 0.52 24.26 1.33
C GLU A 1860 -0.87 23.82 1.77
N SER A 1861 -1.33 24.36 2.89
CA SER A 1861 -2.69 24.11 3.33
C SER A 1861 -3.72 24.70 2.38
N THR A 1862 -3.33 25.60 1.49
CA THR A 1862 -4.23 26.00 0.41
C THR A 1862 -4.74 24.77 -0.31
N PHE A 1863 -3.84 23.83 -0.60
CA PHE A 1863 -4.23 22.54 -1.15
C PHE A 1863 -5.27 21.86 -0.28
N ASP A 1864 -5.08 21.90 1.04
CA ASP A 1864 -6.05 21.30 1.94
C ASP A 1864 -7.40 21.98 1.80
N THR A 1865 -7.41 23.30 1.68
CA THR A 1865 -8.65 24.02 1.42
C THR A 1865 -9.26 23.59 0.10
N GLN A 1866 -8.42 23.36 -0.92
CA GLN A 1866 -8.94 22.88 -2.19
C GLN A 1866 -9.62 21.54 -2.00
N ILE A 1867 -8.96 20.63 -1.29
CA ILE A 1867 -9.55 19.35 -0.95
C ILE A 1867 -10.87 19.55 -0.21
N THR A 1868 -10.92 20.55 0.67
CA THR A 1868 -12.15 20.83 1.40
C THR A 1868 -13.30 21.15 0.45
N LYS A 1869 -13.03 21.93 -0.58
CA LYS A 1869 -14.03 22.18 -1.61
C LYS A 1869 -14.41 20.90 -2.32
N LYS A 1870 -13.42 20.06 -2.62
CA LYS A 1870 -13.73 18.71 -3.08
C LYS A 1870 -14.59 17.98 -2.07
N MET A 1871 -14.28 18.13 -0.78
CA MET A 1871 -14.99 17.42 0.26
C MET A 1871 -16.47 17.78 0.23
N GLY A 1872 -16.76 19.08 0.24
CA GLY A 1872 -18.14 19.52 0.17
C GLY A 1872 -18.81 19.06 -1.12
N TYR A 1873 -18.04 19.06 -2.21
CA TYR A 1873 -18.53 18.50 -3.46
C TYR A 1873 -19.07 17.10 -3.23
N TYR A 1874 -18.32 16.28 -2.49
CA TYR A 1874 -18.81 14.97 -2.12
C TYR A 1874 -20.07 15.09 -1.30
N LYS A 1875 -20.01 15.90 -0.25
CA LYS A 1875 -21.08 15.96 0.73
C LYS A 1875 -22.36 16.56 0.18
N ILE A 1876 -22.32 17.18 -0.99
CA ILE A 1876 -23.53 17.65 -1.63
C ILE A 1876 -24.04 16.67 -2.65
N LEU A 1877 -23.15 16.20 -3.53
CA LEU A 1877 -23.58 15.35 -4.64
C LEU A 1877 -24.33 14.13 -4.13
N ASP A 1878 -23.83 13.53 -3.05
CA ASP A 1878 -24.49 12.40 -2.44
C ASP A 1878 -25.93 12.70 -2.04
N VAL A 1879 -26.17 13.87 -1.44
CA VAL A 1879 -27.49 14.07 -0.82
C VAL A 1879 -28.60 14.10 -1.87
N MET A 1880 -28.48 14.92 -2.90
CA MET A 1880 -29.59 14.97 -3.83
C MET A 1880 -29.67 13.69 -4.66
N TYR A 1881 -28.58 12.92 -4.74
CA TYR A 1881 -28.70 11.58 -5.28
C TYR A 1881 -29.62 10.74 -4.40
N SER A 1882 -29.45 10.85 -3.09
CA SER A 1882 -30.38 10.23 -2.16
C SER A 1882 -31.76 10.85 -2.30
N ARG A 1883 -31.83 12.18 -2.38
CA ARG A 1883 -33.12 12.84 -2.51
C ARG A 1883 -33.79 12.49 -3.84
N LEU A 1884 -33.01 12.45 -4.92
CA LEU A 1884 -33.59 12.20 -6.23
C LEU A 1884 -33.78 10.70 -6.44
N PRO A 1885 -34.91 10.27 -6.99
CA PRO A 1885 -35.14 8.84 -7.21
C PRO A 1885 -34.34 8.29 -8.38
N LYS A 1886 -34.43 6.96 -8.52
CA LYS A 1886 -33.66 6.25 -9.53
C LYS A 1886 -34.06 6.64 -10.94
N ASP A 1887 -35.35 6.87 -11.16
CA ASP A 1887 -35.88 6.99 -12.52
C ASP A 1887 -35.13 8.02 -13.36
N ASP A 1888 -34.67 9.10 -12.75
CA ASP A 1888 -33.95 10.13 -13.47
C ASP A 1888 -32.53 10.34 -13.00
N VAL A 1889 -32.04 9.56 -12.03
CA VAL A 1889 -30.62 9.65 -11.70
C VAL A 1889 -29.80 9.19 -12.89
N HIS A 1890 -30.29 8.21 -13.63
CA HIS A 1890 -29.73 7.85 -14.92
C HIS A 1890 -30.29 8.77 -15.99
N ALA A 1891 -29.89 8.53 -17.24
CA ALA A 1891 -30.37 9.31 -18.37
C ALA A 1891 -30.63 8.33 -19.51
N LYS A 1892 -31.90 7.96 -19.69
CA LYS A 1892 -32.21 6.98 -20.73
C LYS A 1892 -32.15 7.60 -22.12
N GLU A 1893 -32.74 8.78 -22.29
CA GLU A 1893 -32.40 9.63 -23.44
C GLU A 1893 -31.55 10.81 -22.99
N SER A 1894 -32.04 11.62 -22.05
CA SER A 1894 -31.17 12.51 -21.29
C SER A 1894 -31.95 12.96 -20.07
N LYS A 1895 -31.58 12.45 -18.89
CA LYS A 1895 -31.96 13.07 -17.63
C LYS A 1895 -30.73 13.63 -16.95
N ILE A 1896 -29.76 12.78 -16.65
CA ILE A 1896 -28.46 13.21 -16.12
C ILE A 1896 -27.41 12.47 -16.92
N ASN A 1897 -27.03 13.02 -18.07
CA ASN A 1897 -25.83 12.66 -18.79
C ASN A 1897 -25.22 13.90 -19.41
N GLN A 1898 -25.52 15.06 -18.85
CA GLN A 1898 -25.16 16.34 -19.45
C GLN A 1898 -23.73 16.75 -19.14
N VAL A 1899 -22.86 15.80 -18.81
CA VAL A 1899 -21.45 16.15 -18.63
C VAL A 1899 -20.88 16.67 -19.93
N PHE A 1900 -21.04 15.93 -21.03
CA PHE A 1900 -20.62 16.47 -22.31
C PHE A 1900 -21.72 17.34 -22.90
N HIS A 1901 -22.81 16.72 -23.32
CA HIS A 1901 -24.00 17.48 -23.69
C HIS A 1901 -25.30 16.76 -23.38
N GLY A 1902 -25.28 15.59 -22.74
CA GLY A 1902 -26.49 14.86 -22.45
C GLY A 1902 -26.97 13.98 -23.57
N SER A 1903 -26.36 14.07 -24.75
CA SER A 1903 -26.77 13.25 -25.88
C SER A 1903 -25.60 12.54 -26.55
N CYS A 1904 -24.37 12.75 -26.06
CA CYS A 1904 -23.26 11.93 -26.53
C CYS A 1904 -23.48 10.48 -26.17
N ILE A 1905 -23.82 10.21 -24.92
CA ILE A 1905 -24.24 8.90 -24.46
C ILE A 1905 -25.65 9.07 -23.94
N THR A 1906 -26.62 8.88 -24.84
CA THR A 1906 -28.00 9.19 -24.52
C THR A 1906 -28.58 8.24 -23.48
N GLU A 1907 -28.13 6.99 -23.47
CA GLU A 1907 -28.75 5.96 -22.65
C GLU A 1907 -28.01 5.79 -21.32
N GLY A 1908 -28.78 5.72 -20.24
CA GLY A 1908 -28.27 5.48 -18.91
C GLY A 1908 -27.33 6.56 -18.41
N ASN A 1909 -26.43 6.15 -17.53
CA ASN A 1909 -25.38 7.01 -17.02
C ASN A 1909 -24.05 6.48 -17.53
N GLU A 1910 -23.30 7.34 -18.21
CA GLU A 1910 -21.91 7.03 -18.46
C GLU A 1910 -21.09 8.29 -18.17
N LEU A 1911 -21.73 9.44 -18.35
CA LEU A 1911 -21.03 10.70 -18.18
C LEU A 1911 -20.65 10.92 -16.72
N THR A 1912 -21.58 10.65 -15.81
CA THR A 1912 -21.31 10.74 -14.38
C THR A 1912 -20.94 9.39 -13.77
N LYS A 1913 -20.87 8.34 -14.59
CA LYS A 1913 -20.80 6.96 -14.11
C LYS A 1913 -19.44 6.62 -13.50
N THR A 1914 -18.38 7.25 -14.00
CA THR A 1914 -17.05 6.78 -13.65
C THR A 1914 -16.75 7.02 -12.19
N LEU A 1915 -17.36 8.05 -11.62
CA LEU A 1915 -17.01 8.59 -10.32
C LEU A 1915 -17.09 7.56 -9.22
N ILE A 1916 -17.70 6.41 -9.48
CA ILE A 1916 -17.81 5.38 -8.46
C ILE A 1916 -16.43 5.02 -7.93
N LYS A 1917 -15.48 4.83 -8.83
CA LYS A 1917 -14.09 4.64 -8.39
C LYS A 1917 -13.57 5.88 -7.70
N LEU A 1918 -13.83 7.05 -8.28
CA LEU A 1918 -13.49 8.31 -7.61
C LEU A 1918 -13.98 8.32 -6.17
N CYS A 1919 -14.98 7.49 -5.85
CA CYS A 1919 -15.29 7.19 -4.47
C CYS A 1919 -14.44 6.04 -3.94
N TYR A 1920 -14.45 4.92 -4.67
CA TYR A 1920 -13.89 3.69 -4.12
C TYR A 1920 -12.40 3.82 -3.87
N ASP A 1921 -11.66 4.42 -4.82
CA ASP A 1921 -10.22 4.56 -4.62
C ASP A 1921 -9.93 5.43 -3.41
N ALA A 1922 -10.67 6.54 -3.29
CA ALA A 1922 -10.52 7.42 -2.13
C ALA A 1922 -10.77 6.66 -0.84
N PHE A 1923 -11.75 5.75 -0.85
CA PHE A 1923 -11.97 4.89 0.31
C PHE A 1923 -10.74 4.04 0.60
N THR A 1924 -10.26 3.30 -0.39
CA THR A 1924 -9.16 2.38 -0.16
C THR A 1924 -7.80 3.05 -0.20
N GLU A 1925 -7.78 4.38 -0.28
CA GLU A 1925 -6.50 5.10 -0.31
C GLU A 1925 -5.68 4.80 0.93
N ASN A 1926 -4.49 4.25 0.73
CA ASN A 1926 -3.51 4.15 1.79
C ASN A 1926 -2.75 5.47 1.92
N MET A 1927 -2.40 5.82 3.14
CA MET A 1927 -1.79 7.11 3.38
C MET A 1927 -0.81 6.97 4.54
N ALA A 1928 0.12 7.93 4.61
CA ALA A 1928 1.26 7.81 5.52
C ALA A 1928 0.86 8.15 6.95
N GLY A 1929 1.85 8.33 7.82
CA GLY A 1929 1.56 8.65 9.20
C GLY A 1929 1.37 10.14 9.41
N GLU A 1930 2.34 10.93 8.94
CA GLU A 1930 2.28 12.38 9.16
C GLU A 1930 1.31 13.01 8.18
N ASN A 1931 0.35 13.76 8.71
CA ASN A 1931 -0.59 14.52 7.90
C ASN A 1931 -0.96 15.79 8.63
N GLN A 1932 -1.41 16.78 7.86
CA GLN A 1932 -1.85 18.04 8.47
C GLN A 1932 -3.11 17.81 9.30
N LEU A 1933 -4.13 17.19 8.71
CA LEU A 1933 -5.38 16.95 9.42
C LEU A 1933 -5.92 15.59 9.01
N LEU A 1934 -5.69 14.60 9.87
CA LEU A 1934 -6.37 13.32 9.72
C LEU A 1934 -7.87 13.50 9.67
N GLU A 1935 -8.38 14.50 10.39
CA GLU A 1935 -9.79 14.80 10.35
C GLU A 1935 -10.24 15.07 8.92
N ARG A 1936 -9.46 15.86 8.18
CA ARG A 1936 -9.79 16.04 6.78
C ARG A 1936 -9.80 14.71 6.06
N ARG A 1937 -8.77 13.91 6.29
CA ARG A 1937 -8.69 12.62 5.65
C ARG A 1937 -9.94 11.80 5.91
N ARG A 1938 -10.28 11.63 7.19
CA ARG A 1938 -11.44 10.82 7.53
C ARG A 1938 -12.72 11.46 7.02
N LEU A 1939 -12.83 12.78 7.11
CA LEU A 1939 -13.97 13.45 6.49
C LEU A 1939 -13.98 13.23 5.00
N TYR A 1940 -12.81 13.28 4.36
CA TYR A 1940 -12.74 12.90 2.95
C TYR A 1940 -13.27 11.49 2.73
N HIS A 1941 -12.84 10.56 3.58
CA HIS A 1941 -13.26 9.17 3.43
C HIS A 1941 -14.77 9.04 3.59
N CYS A 1942 -15.32 9.64 4.64
CA CYS A 1942 -16.77 9.54 4.85
C CYS A 1942 -17.53 10.19 3.71
N ALA A 1943 -17.10 11.39 3.31
CA ALA A 1943 -17.79 12.11 2.25
C ALA A 1943 -17.84 11.26 0.98
N ALA A 1944 -16.69 10.69 0.61
CA ALA A 1944 -16.65 9.79 -0.54
C ALA A 1944 -17.55 8.58 -0.31
N TYR A 1945 -17.53 8.03 0.90
CA TYR A 1945 -18.36 6.86 1.18
C TYR A 1945 -19.83 7.21 1.07
N ASN A 1946 -20.23 8.36 1.61
CA ASN A 1946 -21.65 8.72 1.59
C ASN A 1946 -22.14 8.88 0.16
N CYS A 1947 -21.26 9.34 -0.73
CA CYS A 1947 -21.62 9.37 -2.15
C CYS A 1947 -21.88 7.96 -2.68
N ALA A 1948 -21.02 7.02 -2.32
CA ALA A 1948 -21.27 5.63 -2.67
C ALA A 1948 -22.60 5.17 -2.10
N ILE A 1949 -22.92 5.64 -0.90
CA ILE A 1949 -24.18 5.26 -0.26
C ILE A 1949 -25.36 5.71 -1.11
N SER A 1950 -25.33 6.97 -1.57
CA SER A 1950 -26.44 7.49 -2.36
C SER A 1950 -26.59 6.72 -3.66
N VAL A 1951 -25.47 6.49 -4.35
CA VAL A 1951 -25.57 5.85 -5.64
C VAL A 1951 -26.02 4.39 -5.50
N ILE A 1952 -25.59 3.71 -4.44
CA ILE A 1952 -26.04 2.34 -4.27
C ILE A 1952 -27.44 2.30 -3.67
N CYS A 1953 -27.81 3.27 -2.84
CA CYS A 1953 -29.17 3.28 -2.31
C CYS A 1953 -30.16 3.62 -3.41
N CYS A 1954 -29.75 4.43 -4.38
CA CYS A 1954 -30.63 4.77 -5.49
C CYS A 1954 -30.56 3.74 -6.59
N VAL A 1955 -29.37 3.53 -7.14
CA VAL A 1955 -29.16 2.62 -8.27
C VAL A 1955 -28.14 1.58 -7.81
N PHE A 1956 -27.67 0.74 -8.72
CA PHE A 1956 -26.60 -0.23 -8.42
C PHE A 1956 -27.09 -1.27 -7.41
N ASN A 1957 -28.21 -1.91 -7.75
CA ASN A 1957 -28.74 -3.02 -6.97
C ASN A 1957 -28.06 -4.32 -7.39
N GLU A 1958 -26.78 -4.41 -7.04
CA GLU A 1958 -25.91 -5.50 -7.48
C GLU A 1958 -25.46 -6.35 -6.32
N LEU A 1959 -25.34 -7.66 -6.59
CA LEU A 1959 -24.93 -8.64 -5.58
C LEU A 1959 -23.51 -8.42 -5.09
N LYS A 1960 -22.71 -7.58 -5.75
CA LYS A 1960 -21.40 -7.26 -5.21
C LYS A 1960 -21.53 -6.53 -3.88
N PHE A 1961 -22.44 -5.55 -3.81
CA PHE A 1961 -22.68 -4.75 -2.63
C PHE A 1961 -21.42 -4.06 -2.13
N TYR A 1962 -20.37 -4.07 -2.95
CA TYR A 1962 -19.14 -3.32 -2.69
C TYR A 1962 -18.61 -3.59 -1.28
N GLN A 1963 -18.25 -4.84 -1.04
CA GLN A 1963 -17.64 -5.20 0.23
C GLN A 1963 -16.37 -4.38 0.42
N GLY A 1964 -16.23 -3.74 1.57
CA GLY A 1964 -15.14 -2.82 1.80
C GLY A 1964 -13.82 -3.48 2.15
N PHE A 1965 -13.58 -4.68 1.61
CA PHE A 1965 -12.38 -5.43 1.92
C PHE A 1965 -11.29 -5.15 0.89
N LEU A 1966 -10.06 -5.01 1.38
CA LEU A 1966 -8.89 -4.79 0.53
C LEU A 1966 -7.65 -5.14 1.33
N PHE A 1967 -6.50 -5.07 0.66
CA PHE A 1967 -5.21 -5.27 1.32
C PHE A 1967 -4.41 -3.97 1.42
N SER A 1968 -5.03 -2.83 1.09
CA SER A 1968 -4.27 -1.59 1.02
C SER A 1968 -4.10 -0.95 2.39
N GLU A 1969 -5.21 -0.50 3.01
CA GLU A 1969 -5.07 0.23 4.26
C GLU A 1969 -6.14 -0.04 5.30
N LYS A 1970 -7.04 -1.00 5.10
CA LYS A 1970 -8.22 -1.15 5.96
C LYS A 1970 -8.88 0.20 6.22
N PRO A 1971 -9.48 0.84 5.20
CA PRO A 1971 -10.08 2.18 5.38
C PRO A 1971 -10.96 2.34 6.61
N GLU A 1972 -11.44 1.23 7.18
CA GLU A 1972 -12.36 1.31 8.30
C GLU A 1972 -11.75 2.12 9.44
N LYS A 1973 -10.50 1.83 9.80
CA LYS A 1973 -9.80 2.67 10.77
C LYS A 1973 -9.58 4.06 10.21
N ASN A 1974 -9.28 4.15 8.91
CA ASN A 1974 -9.17 5.46 8.28
C ASN A 1974 -10.46 6.25 8.41
N LEU A 1975 -11.59 5.56 8.55
CA LEU A 1975 -12.86 6.19 8.84
C LEU A 1975 -13.08 6.39 10.33
N LEU A 1976 -12.02 6.32 11.13
CA LEU A 1976 -12.16 6.26 12.57
C LEU A 1976 -11.12 7.14 13.24
N ILE A 1977 -11.48 7.70 14.38
CA ILE A 1977 -10.59 8.56 15.15
C ILE A 1977 -9.76 7.70 16.08
N PHE A 1978 -8.49 8.06 16.24
CA PHE A 1978 -7.62 7.46 17.23
C PHE A 1978 -7.07 8.59 18.11
N GLU A 1979 -6.38 8.19 19.17
CA GLU A 1979 -5.92 9.09 20.23
C GLU A 1979 -7.07 9.76 20.95
N ASN A 1980 -8.29 9.29 20.72
CA ASN A 1980 -9.49 9.92 21.26
C ASN A 1980 -10.02 9.08 22.39
N LEU A 1981 -10.26 9.70 23.53
CA LEU A 1981 -10.86 8.98 24.65
C LEU A 1981 -12.24 8.49 24.27
N ILE A 1982 -12.54 7.26 24.65
CA ILE A 1982 -13.70 6.56 24.15
C ILE A 1982 -14.52 6.07 25.33
N ASP A 1983 -15.84 6.04 25.16
CA ASP A 1983 -16.77 5.46 26.11
C ASP A 1983 -16.62 6.12 27.49
N LEU A 1984 -17.03 7.37 27.53
CA LEU A 1984 -17.04 8.12 28.77
C LEU A 1984 -18.25 7.70 29.59
N LYS A 1985 -18.61 8.49 30.60
CA LYS A 1985 -19.71 8.14 31.47
C LYS A 1985 -21.04 8.10 30.72
N ARG A 1986 -22.01 7.40 31.30
CA ARG A 1986 -23.34 7.31 30.73
C ARG A 1986 -24.13 8.60 30.97
N MET A 2085 -24.57 11.13 26.19
CA MET A 2085 -24.20 10.29 25.05
C MET A 2085 -23.76 11.17 23.89
N ASP A 2086 -22.64 10.79 23.27
CA ASP A 2086 -22.09 11.56 22.17
C ASP A 2086 -21.70 10.74 20.95
N GLU A 2087 -21.77 9.41 21.00
CA GLU A 2087 -21.29 8.61 19.89
C GLU A 2087 -22.09 8.86 18.61
N LEU A 2088 -23.33 9.33 18.75
CA LEU A 2088 -24.17 9.56 17.58
C LEU A 2088 -23.59 10.66 16.70
N ASN A 2089 -23.26 11.80 17.30
CA ASN A 2089 -22.91 12.99 16.54
C ASN A 2089 -21.42 13.16 16.33
N ARG A 2090 -20.58 12.53 17.16
CA ARG A 2090 -19.14 12.65 16.95
C ARG A 2090 -18.74 12.07 15.61
N HIS A 2091 -19.44 11.04 15.14
CA HIS A 2091 -19.30 10.56 13.77
C HIS A 2091 -20.71 10.32 13.26
N GLU A 2092 -21.20 11.22 12.43
CA GLU A 2092 -22.59 11.19 11.99
C GLU A 2092 -22.81 10.27 10.79
N CYS A 2093 -21.74 9.79 10.16
CA CYS A 2093 -21.88 8.96 8.97
C CYS A 2093 -22.43 7.57 9.28
N MET A 2094 -22.51 7.20 10.54
CA MET A 2094 -23.06 5.90 10.90
C MET A 2094 -24.55 5.84 10.64
N ALA A 2095 -25.24 6.98 10.73
CA ALA A 2095 -26.64 7.01 10.36
C ALA A 2095 -26.88 6.60 8.91
N PRO A 2096 -26.14 7.13 7.92
CA PRO A 2096 -26.25 6.55 6.57
C PRO A 2096 -25.95 5.06 6.53
N LEU A 2097 -24.95 4.63 7.30
CA LEU A 2097 -24.61 3.21 7.34
C LEU A 2097 -25.79 2.38 7.81
N THR A 2098 -26.36 2.75 8.94
CA THR A 2098 -27.50 2.00 9.45
C THR A 2098 -28.68 2.13 8.50
N ALA A 2099 -28.81 3.26 7.84
CA ALA A 2099 -29.87 3.43 6.86
C ALA A 2099 -29.72 2.44 5.72
N LEU A 2100 -28.51 2.34 5.16
CA LEU A 2100 -28.33 1.58 3.92
C LEU A 2100 -28.43 0.09 4.17
N VAL A 2101 -27.94 -0.38 5.32
CA VAL A 2101 -28.04 -1.81 5.60
C VAL A 2101 -29.50 -2.21 5.68
N LYS A 2102 -30.33 -1.38 6.30
CA LYS A 2102 -31.75 -1.67 6.35
C LYS A 2102 -32.40 -1.43 5.00
N HIS A 2103 -31.92 -0.43 4.26
CA HIS A 2103 -32.30 -0.27 2.87
C HIS A 2103 -32.01 -1.54 2.09
N MET A 2104 -30.77 -2.02 2.17
CA MET A 2104 -30.47 -3.30 1.55
C MET A 2104 -31.30 -4.40 2.20
N HIS A 2105 -31.49 -4.32 3.51
CA HIS A 2105 -32.42 -5.21 4.18
C HIS A 2105 -33.84 -5.07 3.65
N ARG A 2106 -34.19 -3.91 3.07
CA ARG A 2106 -35.47 -3.83 2.40
C ARG A 2106 -35.48 -4.64 1.13
N SER A 2107 -34.36 -4.63 0.39
CA SER A 2107 -34.27 -5.43 -0.82
C SER A 2107 -34.51 -6.90 -0.53
N LEU A 2108 -34.19 -7.35 0.68
CA LEU A 2108 -34.49 -8.70 1.13
C LEU A 2108 -35.47 -8.71 2.30
N GLY A 2109 -36.38 -7.74 2.32
CA GLY A 2109 -37.29 -7.57 3.44
C GLY A 2109 -38.37 -8.63 3.54
N PRO A 2110 -39.31 -8.64 2.59
CA PRO A 2110 -40.50 -9.50 2.70
C PRO A 2110 -40.15 -10.97 2.86
N PRO A 2111 -39.17 -11.51 2.13
CA PRO A 2111 -38.73 -12.88 2.41
C PRO A 2111 -37.53 -13.00 3.33
N GLN A 2112 -36.99 -11.87 3.81
CA GLN A 2112 -35.77 -11.82 4.60
C GLN A 2112 -34.66 -12.59 3.90
N GLY A 2113 -34.46 -12.23 2.63
CA GLY A 2113 -33.54 -12.99 1.82
C GLY A 2113 -34.03 -14.41 1.62
N GLU A 2114 -33.09 -15.33 1.47
CA GLU A 2114 -33.38 -16.74 1.36
C GLU A 2114 -32.61 -17.50 2.42
N GLU A 2115 -33.32 -18.32 3.19
CA GLU A 2115 -32.72 -19.02 4.32
C GLU A 2115 -31.83 -20.13 3.79
N ASP A 2116 -30.64 -19.73 3.32
CA ASP A 2116 -29.64 -20.64 2.78
C ASP A 2116 -28.30 -20.25 3.40
N SER A 2117 -27.94 -20.90 4.51
CA SER A 2117 -28.77 -21.93 5.13
C SER A 2117 -29.87 -21.30 5.99
N VAL A 2118 -30.77 -22.14 6.48
CA VAL A 2118 -31.86 -21.65 7.32
C VAL A 2118 -31.35 -20.87 8.53
N PRO A 2119 -30.38 -21.39 9.31
CA PRO A 2119 -29.86 -20.58 10.43
C PRO A 2119 -28.91 -19.48 9.98
N ARG A 2120 -28.08 -19.76 8.98
CA ARG A 2120 -27.00 -18.88 8.57
C ARG A 2120 -27.08 -18.57 7.09
N ASP A 2121 -26.94 -17.30 6.73
CA ASP A 2121 -26.85 -16.89 5.34
C ASP A 2121 -25.45 -16.44 4.96
N LEU A 2122 -24.79 -15.68 5.84
CA LEU A 2122 -23.40 -15.26 5.68
C LEU A 2122 -23.12 -14.61 4.34
N PRO A 2123 -23.73 -13.46 4.04
CA PRO A 2123 -23.36 -12.73 2.83
C PRO A 2123 -22.01 -12.06 3.01
N SER A 2124 -21.43 -11.67 1.87
CA SER A 2124 -20.06 -11.15 1.87
C SER A 2124 -19.88 -10.00 2.83
N TRP A 2125 -20.72 -8.98 2.73
CA TRP A 2125 -20.60 -7.81 3.58
C TRP A 2125 -20.72 -8.16 5.05
N MET A 2126 -21.69 -9.01 5.41
CA MET A 2126 -21.83 -9.38 6.80
C MET A 2126 -20.68 -10.26 7.26
N LYS A 2127 -20.35 -11.30 6.48
CA LYS A 2127 -19.20 -12.12 6.82
C LYS A 2127 -17.94 -11.28 6.91
N PHE A 2128 -17.83 -10.28 6.03
CA PHE A 2128 -16.74 -9.33 6.11
C PHE A 2128 -16.76 -8.62 7.46
N LEU A 2129 -17.94 -8.19 7.91
CA LEU A 2129 -18.05 -7.58 9.22
C LEU A 2129 -17.67 -8.57 10.32
N HIS A 2130 -18.23 -9.78 10.25
CA HIS A 2130 -17.99 -10.75 11.31
C HIS A 2130 -16.49 -11.05 11.43
N GLY A 2131 -15.81 -11.15 10.30
CA GLY A 2131 -14.37 -11.36 10.35
C GLY A 2131 -13.65 -10.20 10.98
N LYS A 2132 -14.00 -8.97 10.60
CA LYS A 2132 -13.35 -7.80 11.17
C LYS A 2132 -13.56 -7.76 12.67
N LEU A 2133 -14.81 -7.99 13.11
CA LEU A 2133 -15.07 -8.01 14.54
C LEU A 2133 -14.48 -9.24 15.19
N GLY A 2134 -14.31 -10.32 14.43
CA GLY A 2134 -13.78 -11.55 14.98
C GLY A 2134 -12.39 -11.38 15.57
N ASN A 2135 -11.56 -10.54 14.94
CA ASN A 2135 -10.24 -10.29 15.47
C ASN A 2135 -10.36 -9.58 16.82
N PRO A 2136 -9.68 -10.06 17.86
CA PRO A 2136 -9.62 -9.28 19.10
C PRO A 2136 -8.46 -8.32 19.10
N ILE A 2137 -7.42 -8.66 18.32
CA ILE A 2137 -6.24 -7.82 18.25
C ILE A 2137 -6.57 -6.51 17.55
N VAL A 2138 -7.57 -6.50 16.69
CA VAL A 2138 -7.99 -5.24 16.05
C VAL A 2138 -8.31 -4.25 17.17
N PRO A 2139 -7.83 -3.01 17.08
CA PRO A 2139 -7.86 -2.13 18.26
C PRO A 2139 -9.26 -1.91 18.79
N LEU A 2140 -9.30 -1.43 20.03
CA LEU A 2140 -10.57 -1.19 20.69
C LEU A 2140 -11.39 -0.17 19.92
N ASN A 2141 -10.75 0.86 19.40
CA ASN A 2141 -11.46 1.89 18.67
C ASN A 2141 -12.27 1.27 17.52
N ILE A 2142 -11.64 0.40 16.74
CA ILE A 2142 -12.35 -0.27 15.66
C ILE A 2142 -13.43 -1.17 16.23
N ARG A 2143 -13.06 -2.03 17.18
CA ARG A 2143 -14.02 -2.98 17.72
C ARG A 2143 -15.16 -2.25 18.42
N LEU A 2144 -14.85 -1.17 19.14
CA LEU A 2144 -15.90 -0.41 19.81
C LEU A 2144 -16.84 0.24 18.80
N PHE A 2145 -16.28 0.82 17.73
CA PHE A 2145 -17.13 1.35 16.68
C PHE A 2145 -17.99 0.26 16.06
N LEU A 2146 -17.43 -0.93 15.89
CA LEU A 2146 -18.21 -2.04 15.38
C LEU A 2146 -19.42 -2.29 16.28
N ALA A 2147 -19.21 -2.22 17.59
CA ALA A 2147 -20.32 -2.37 18.53
C ALA A 2147 -21.34 -1.24 18.36
N LYS A 2148 -20.86 -0.01 18.21
CA LYS A 2148 -21.78 1.09 17.96
C LYS A 2148 -22.59 0.85 16.69
N LEU A 2149 -21.97 0.19 15.71
CA LEU A 2149 -22.68 -0.17 14.49
C LEU A 2149 -23.78 -1.20 14.78
N VAL A 2150 -23.50 -2.14 15.67
CA VAL A 2150 -24.43 -3.24 15.89
C VAL A 2150 -25.73 -2.74 16.52
N ILE A 2151 -25.60 -1.93 17.57
CA ILE A 2151 -26.73 -1.63 18.45
C ILE A 2151 -27.89 -1.02 17.67
N ASN A 2152 -27.61 -0.41 16.53
CA ASN A 2152 -28.66 0.09 15.67
C ASN A 2152 -28.91 -0.76 14.44
N THR A 2153 -28.00 -1.68 14.11
CA THR A 2153 -28.14 -2.58 12.97
C THR A 2153 -28.42 -4.01 13.39
N GLU A 2154 -28.62 -4.25 14.68
CA GLU A 2154 -28.72 -5.63 15.18
C GLU A 2154 -29.96 -6.32 14.64
N GLU A 2155 -31.04 -5.58 14.42
CA GLU A 2155 -32.34 -6.18 14.16
C GLU A 2155 -32.39 -6.92 12.84
N VAL A 2156 -31.56 -6.55 11.86
CA VAL A 2156 -31.61 -7.20 10.55
C VAL A 2156 -31.32 -8.68 10.69
N PHE A 2157 -30.26 -9.02 11.40
CA PHE A 2157 -29.81 -10.40 11.59
C PHE A 2157 -30.29 -10.99 12.90
N ARG A 2158 -31.45 -10.57 13.39
CA ARG A 2158 -31.98 -11.19 14.60
C ARG A 2158 -32.11 -12.71 14.51
N PRO A 2159 -32.58 -13.31 13.39
CA PRO A 2159 -32.50 -14.77 13.29
C PRO A 2159 -31.10 -15.26 12.96
N TYR A 2160 -30.13 -14.36 13.10
CA TYR A 2160 -28.75 -14.60 12.71
C TYR A 2160 -27.81 -14.12 13.82
N ALA A 2161 -28.00 -14.64 15.03
CA ALA A 2161 -27.18 -14.22 16.16
C ALA A 2161 -25.95 -15.10 16.39
N LYS A 2162 -25.76 -16.18 15.64
CA LYS A 2162 -24.76 -17.18 15.99
C LYS A 2162 -23.34 -16.62 15.93
N HIS A 2163 -22.96 -16.12 14.77
CA HIS A 2163 -21.59 -15.67 14.50
C HIS A 2163 -21.27 -14.40 15.20
N TRP A 2164 -22.17 -14.01 16.08
CA TRP A 2164 -22.05 -12.78 16.83
C TRP A 2164 -21.84 -13.04 18.30
N LEU A 2165 -22.22 -14.22 18.77
CA LEU A 2165 -22.21 -14.59 20.18
C LEU A 2165 -20.81 -14.38 20.76
N SER A 2166 -19.84 -15.13 20.25
CA SER A 2166 -18.47 -14.93 20.68
C SER A 2166 -17.96 -13.52 20.41
N PRO A 2167 -18.12 -12.94 19.20
CA PRO A 2167 -17.68 -11.56 19.00
C PRO A 2167 -18.24 -10.63 20.06
N LEU A 2168 -19.57 -10.66 20.23
CA LEU A 2168 -20.22 -9.77 21.18
C LEU A 2168 -19.62 -9.90 22.57
N LEU A 2169 -19.60 -11.12 23.10
CA LEU A 2169 -19.04 -11.30 24.43
C LEU A 2169 -17.57 -10.92 24.43
N GLN A 2170 -16.88 -11.16 23.32
CA GLN A 2170 -15.45 -10.88 23.26
C GLN A 2170 -15.16 -9.40 23.49
N LEU A 2171 -16.05 -8.52 23.06
CA LEU A 2171 -15.90 -7.12 23.40
C LEU A 2171 -15.85 -6.97 24.91
N ALA A 2172 -14.74 -6.44 25.39
CA ALA A 2172 -14.48 -6.22 26.82
C ALA A 2172 -14.51 -7.51 27.62
N ALA A 2173 -14.53 -8.67 26.97
CA ALA A 2173 -14.44 -9.93 27.70
C ALA A 2173 -13.13 -9.97 28.46
N SER A 2174 -13.22 -9.93 29.79
CA SER A 2174 -12.04 -9.87 30.66
C SER A 2174 -11.17 -8.67 30.32
N GLU A 2175 -11.75 -7.65 29.69
CA GLU A 2175 -11.00 -6.54 29.14
C GLU A 2175 -11.74 -5.25 29.40
N ASN A 2176 -11.02 -4.14 29.23
CA ASN A 2176 -11.60 -2.82 29.39
C ASN A 2176 -12.88 -2.72 28.58
N ASN A 2177 -13.86 -2.02 29.15
CA ASN A 2177 -15.17 -1.82 28.54
C ASN A 2177 -15.25 -0.48 27.84
N GLY A 2178 -14.19 -0.08 27.13
CA GLY A 2178 -14.13 1.25 26.54
C GLY A 2178 -13.42 2.18 27.49
N GLY A 2179 -14.17 2.94 28.26
CA GLY A 2179 -13.61 3.59 29.42
C GLY A 2179 -13.42 2.55 30.51
N GLU A 2180 -13.66 2.91 31.76
CA GLU A 2180 -13.70 1.94 32.84
C GLU A 2180 -14.92 2.22 33.71
N GLY A 2181 -15.33 1.21 34.47
CA GLY A 2181 -16.55 1.29 35.23
C GLY A 2181 -17.74 0.96 34.36
N ILE A 2182 -18.93 1.11 34.95
CA ILE A 2182 -20.14 0.95 34.17
C ILE A 2182 -20.23 2.08 33.15
N HIS A 2183 -20.76 1.74 31.98
CA HIS A 2183 -21.02 2.73 30.95
C HIS A 2183 -22.32 2.40 30.28
N TYR A 2184 -22.76 3.30 29.40
CA TYR A 2184 -23.80 2.91 28.47
C TYR A 2184 -23.41 1.68 27.69
N MET A 2185 -22.22 1.69 27.08
CA MET A 2185 -21.82 0.64 26.15
C MET A 2185 -22.12 -0.74 26.72
N VAL A 2186 -22.02 -0.87 28.05
CA VAL A 2186 -22.47 -2.07 28.73
C VAL A 2186 -23.93 -2.34 28.42
N VAL A 2187 -24.78 -1.32 28.59
CA VAL A 2187 -26.21 -1.57 28.56
C VAL A 2187 -26.67 -1.94 27.16
N GLU A 2188 -26.06 -1.34 26.12
CA GLU A 2188 -26.44 -1.74 24.78
C GLU A 2188 -25.98 -3.14 24.47
N ILE A 2189 -24.80 -3.52 24.97
CA ILE A 2189 -24.30 -4.88 24.77
C ILE A 2189 -25.30 -5.88 25.32
N VAL A 2190 -25.67 -5.71 26.59
CA VAL A 2190 -26.56 -6.66 27.22
C VAL A 2190 -27.94 -6.63 26.58
N ALA A 2191 -28.42 -5.45 26.20
CA ALA A 2191 -29.70 -5.37 25.51
C ALA A 2191 -29.64 -6.17 24.22
N THR A 2192 -28.54 -6.06 23.48
CA THR A 2192 -28.34 -6.90 22.32
C THR A 2192 -28.28 -8.37 22.72
N ILE A 2193 -27.59 -8.67 23.82
CA ILE A 2193 -27.44 -10.06 24.26
C ILE A 2193 -28.81 -10.67 24.46
N LEU A 2194 -29.56 -10.14 25.42
CA LEU A 2194 -30.89 -10.66 25.66
C LEU A 2194 -31.93 -9.97 24.80
N SER A 2195 -31.67 -9.94 23.50
CA SER A 2195 -32.70 -9.58 22.55
C SER A 2195 -33.57 -10.77 22.19
N TRP A 2196 -33.28 -11.92 22.77
CA TRP A 2196 -34.00 -13.16 22.54
C TRP A 2196 -33.73 -14.06 23.74
N THR A 2197 -34.58 -15.06 23.90
CA THR A 2197 -34.34 -16.07 24.93
C THR A 2197 -34.08 -17.44 24.33
N GLY A 2198 -34.95 -17.92 23.46
CA GLY A 2198 -34.78 -19.22 22.86
C GLY A 2198 -34.51 -19.16 21.37
N LEU A 2199 -34.29 -17.95 20.86
CA LEU A 2199 -34.00 -17.80 19.44
C LEU A 2199 -32.55 -18.09 19.10
N ALA A 2200 -31.67 -18.16 20.11
CA ALA A 2200 -30.27 -18.51 19.90
C ALA A 2200 -29.68 -18.89 21.25
N THR A 2201 -29.01 -20.04 21.29
CA THR A 2201 -28.51 -20.46 22.59
C THR A 2201 -27.04 -20.10 22.76
N PRO A 2202 -26.63 -19.77 23.97
CA PRO A 2202 -25.21 -19.51 24.24
C PRO A 2202 -24.44 -20.78 24.53
N THR A 2203 -25.16 -21.80 25.02
CA THR A 2203 -24.53 -23.04 25.44
C THR A 2203 -24.06 -23.89 24.27
N GLY A 2204 -24.38 -23.51 23.04
CA GLY A 2204 -23.94 -24.29 21.90
C GLY A 2204 -22.45 -24.53 21.87
N VAL A 2205 -21.68 -23.58 22.39
CA VAL A 2205 -20.25 -23.79 22.58
C VAL A 2205 -19.90 -23.31 24.00
N PRO A 2206 -19.03 -24.03 24.71
CA PRO A 2206 -18.54 -23.49 25.98
C PRO A 2206 -17.81 -22.17 25.81
N LYS A 2207 -17.14 -21.97 24.67
CA LYS A 2207 -16.45 -20.71 24.43
C LYS A 2207 -17.39 -19.53 24.64
N ASP A 2208 -18.59 -19.60 24.08
CA ASP A 2208 -19.61 -18.62 24.43
C ASP A 2208 -20.00 -18.76 25.91
N GLU A 2209 -20.19 -19.98 26.38
CA GLU A 2209 -20.59 -20.19 27.76
C GLU A 2209 -19.54 -19.68 28.73
N VAL A 2210 -18.26 -19.98 28.45
CA VAL A 2210 -17.21 -19.47 29.33
C VAL A 2210 -17.07 -17.96 29.15
N LEU A 2211 -16.47 -17.34 30.16
CA LEU A 2211 -16.12 -15.92 30.15
C LEU A 2211 -17.36 -15.03 30.19
N ALA A 2212 -18.54 -15.63 30.08
CA ALA A 2212 -19.76 -14.89 30.39
C ALA A 2212 -19.87 -14.68 31.88
N ASN A 2213 -19.59 -15.73 32.65
CA ASN A 2213 -19.41 -15.56 34.08
C ASN A 2213 -18.30 -14.56 34.38
N ARG A 2214 -17.25 -14.56 33.56
CA ARG A 2214 -16.22 -13.56 33.73
C ARG A 2214 -16.77 -12.16 33.52
N LEU A 2215 -17.59 -12.00 32.48
CA LEU A 2215 -18.29 -10.74 32.30
C LEU A 2215 -19.12 -10.42 33.53
N LEU A 2216 -19.72 -11.45 34.13
CA LEU A 2216 -20.43 -11.26 35.40
C LEU A 2216 -19.48 -10.82 36.50
N ASN A 2217 -18.27 -11.39 36.53
CA ASN A 2217 -17.34 -11.03 37.59
C ASN A 2217 -16.94 -9.57 37.50
N PHE A 2218 -16.71 -9.08 36.29
CA PHE A 2218 -16.48 -7.65 36.10
C PHE A 2218 -17.67 -6.87 36.63
N LEU A 2219 -18.88 -7.36 36.37
CA LEU A 2219 -20.09 -6.72 36.88
C LEU A 2219 -20.02 -6.59 38.39
N MET A 2220 -19.94 -7.73 39.07
CA MET A 2220 -19.94 -7.74 40.53
C MET A 2220 -18.86 -6.83 41.08
N LYS A 2221 -17.67 -6.85 40.47
CA LYS A 2221 -16.64 -5.90 40.86
C LYS A 2221 -17.13 -4.47 40.68
N HIS A 2222 -18.04 -4.23 39.75
CA HIS A 2222 -18.41 -2.87 39.42
C HIS A 2222 -19.89 -2.61 39.61
N VAL A 2223 -20.46 -3.08 40.72
CA VAL A 2223 -21.84 -2.75 41.04
C VAL A 2223 -21.90 -1.79 42.22
N PHE A 2224 -22.03 -0.49 41.91
CA PHE A 2224 -22.37 0.52 42.90
C PHE A 2224 -22.65 1.83 42.18
N HIS A 2225 -23.49 2.65 42.79
CA HIS A 2225 -23.54 4.05 42.43
C HIS A 2225 -23.87 4.83 43.69
N PRO A 2226 -23.22 5.98 43.89
CA PRO A 2226 -23.62 6.84 45.01
C PRO A 2226 -25.08 7.22 44.94
N LYS A 2227 -25.60 7.49 43.75
CA LYS A 2227 -27.02 7.70 43.60
C LYS A 2227 -27.79 6.39 43.63
N ARG A 2228 -27.23 5.33 43.05
CA ARG A 2228 -27.75 3.97 43.18
C ARG A 2228 -29.04 3.76 42.41
N ALA A 2229 -29.67 4.84 41.93
CA ALA A 2229 -31.03 4.73 41.44
C ALA A 2229 -31.09 3.94 40.13
N VAL A 2230 -30.47 4.48 39.08
CA VAL A 2230 -30.35 3.68 37.88
C VAL A 2230 -29.41 2.51 38.13
N PHE A 2231 -28.50 2.65 39.10
CA PHE A 2231 -27.74 1.49 39.52
C PHE A 2231 -28.65 0.41 40.10
N ARG A 2232 -29.62 0.80 40.92
CA ARG A 2232 -30.68 -0.13 41.28
C ARG A 2232 -31.43 -0.60 40.04
N HIS A 2233 -31.77 0.34 39.15
CA HIS A 2233 -32.21 -0.06 37.82
C HIS A 2233 -31.25 -1.04 37.19
N ASN A 2234 -29.97 -0.65 37.09
CA ASN A 2234 -28.98 -1.56 36.51
C ASN A 2234 -29.04 -2.91 37.18
N LEU A 2235 -29.07 -2.92 38.51
CA LEU A 2235 -29.12 -4.16 39.27
C LEU A 2235 -30.26 -5.03 38.79
N GLU A 2236 -31.38 -4.41 38.42
CA GLU A 2236 -32.55 -5.18 38.01
C GLU A 2236 -32.30 -5.91 36.70
N ILE A 2237 -31.53 -5.28 35.79
CA ILE A 2237 -31.16 -6.00 34.58
C ILE A 2237 -30.40 -7.26 34.93
N ILE A 2238 -29.42 -7.16 35.83
CA ILE A 2238 -28.71 -8.36 36.26
C ILE A 2238 -29.69 -9.35 36.88
N LYS A 2239 -30.66 -8.84 37.64
CA LYS A 2239 -31.70 -9.71 38.17
C LYS A 2239 -32.42 -10.43 37.04
N THR A 2240 -32.64 -9.75 35.93
CA THR A 2240 -33.11 -10.45 34.74
C THR A 2240 -32.02 -11.37 34.21
N LEU A 2241 -30.77 -10.91 34.24
CA LEU A 2241 -29.68 -11.67 33.65
C LEU A 2241 -29.47 -13.00 34.35
N VAL A 2242 -29.62 -13.02 35.67
CA VAL A 2242 -29.44 -14.28 36.39
C VAL A 2242 -30.41 -15.31 35.85
N GLU A 2243 -31.52 -14.87 35.29
CA GLU A 2243 -32.53 -15.75 34.76
C GLU A 2243 -32.58 -15.76 33.24
N CYS A 2244 -31.68 -15.05 32.57
CA CYS A 2244 -31.70 -15.06 31.11
C CYS A 2244 -31.47 -16.48 30.60
N TRP A 2245 -30.49 -17.15 31.16
CA TRP A 2245 -30.20 -18.55 30.88
C TRP A 2245 -30.19 -19.40 32.12
N LYS A 2246 -29.66 -18.86 33.23
CA LYS A 2246 -29.69 -19.45 34.57
C LYS A 2246 -29.08 -20.86 34.60
N ASP A 2247 -28.44 -21.28 33.51
CA ASP A 2247 -27.88 -22.63 33.46
C ASP A 2247 -26.45 -22.62 32.93
N CYS A 2248 -26.11 -21.64 32.10
CA CYS A 2248 -24.80 -21.54 31.47
C CYS A 2248 -23.83 -20.71 32.29
N LEU A 2249 -23.99 -20.68 33.61
CA LEU A 2249 -23.26 -19.75 34.46
C LEU A 2249 -22.57 -20.47 35.61
N SER A 2250 -21.97 -19.68 36.50
CA SER A 2250 -21.28 -20.20 37.67
C SER A 2250 -21.13 -19.07 38.67
N ILE A 2251 -21.64 -19.25 39.88
CA ILE A 2251 -21.53 -18.22 40.90
C ILE A 2251 -20.22 -18.41 41.66
N PRO A 2252 -19.40 -17.36 41.79
CA PRO A 2252 -18.20 -17.50 42.63
C PRO A 2252 -18.55 -17.61 44.11
N TYR A 2253 -19.47 -16.77 44.58
CA TYR A 2253 -19.76 -16.58 46.00
C TYR A 2253 -18.52 -16.07 46.72
N ARG A 2254 -17.42 -15.91 45.99
CA ARG A 2254 -16.10 -15.80 46.60
C ARG A 2254 -15.76 -14.35 46.87
N LEU A 2255 -15.67 -13.54 45.82
CA LEU A 2255 -15.57 -12.10 46.03
C LEU A 2255 -16.82 -11.58 46.71
N ILE A 2256 -17.95 -12.22 46.42
CA ILE A 2256 -19.21 -11.85 47.06
C ILE A 2256 -19.06 -11.88 48.57
N PHE A 2257 -18.43 -12.94 49.08
CA PHE A 2257 -18.42 -13.19 50.52
C PHE A 2257 -18.00 -11.95 51.29
N GLU A 2258 -16.89 -11.35 50.90
CA GLU A 2258 -16.45 -10.11 51.52
C GLU A 2258 -17.13 -8.88 50.95
N LYS A 2259 -17.72 -8.97 49.75
CA LYS A 2259 -18.39 -7.80 49.19
C LYS A 2259 -19.55 -7.34 50.07
N PHE A 2260 -20.09 -8.25 50.87
CA PHE A 2260 -21.01 -7.90 51.92
C PHE A 2260 -20.42 -8.07 53.32
N SER A 2261 -19.27 -8.75 53.45
CA SER A 2261 -18.66 -8.93 54.75
C SER A 2261 -17.97 -7.64 55.19
N GLY A 2262 -17.32 -7.68 56.33
CA GLY A 2262 -16.79 -6.48 56.93
C GLY A 2262 -17.81 -5.83 57.83
N LYS A 2263 -17.43 -4.66 58.33
CA LYS A 2263 -18.26 -3.91 59.27
C LYS A 2263 -18.58 -2.55 58.69
N ASP A 2264 -19.86 -2.18 58.71
CA ASP A 2264 -20.25 -0.80 58.49
C ASP A 2264 -20.50 -0.17 59.84
N PRO A 2265 -19.49 0.46 60.45
CA PRO A 2265 -19.67 0.97 61.83
C PRO A 2265 -20.84 1.93 61.95
N ASN A 2266 -21.02 2.80 60.98
CA ASN A 2266 -22.26 3.56 60.84
C ASN A 2266 -22.71 3.63 59.40
N SER A 2267 -22.00 2.99 58.48
CA SER A 2267 -22.28 3.09 57.06
C SER A 2267 -23.51 2.27 56.69
N LYS A 2268 -23.94 2.45 55.45
CA LYS A 2268 -24.99 1.66 54.83
C LYS A 2268 -24.42 0.85 53.67
N ASP A 2269 -23.21 0.35 53.84
CA ASP A 2269 -22.51 -0.39 52.80
C ASP A 2269 -22.67 -1.88 53.04
N ASN A 2270 -22.04 -2.67 52.18
CA ASN A 2270 -22.09 -4.12 52.18
C ASN A 2270 -23.50 -4.60 51.87
N SER A 2271 -24.43 -3.67 51.73
CA SER A 2271 -25.82 -3.97 51.42
C SER A 2271 -26.00 -4.34 49.97
N VAL A 2272 -25.18 -3.79 49.09
CA VAL A 2272 -25.24 -4.17 47.68
C VAL A 2272 -24.97 -5.66 47.54
N GLY A 2273 -23.98 -6.18 48.26
CA GLY A 2273 -23.83 -7.61 48.33
C GLY A 2273 -25.09 -8.26 48.84
N ILE A 2274 -25.73 -7.64 49.82
CA ILE A 2274 -26.90 -8.26 50.46
C ILE A 2274 -28.06 -8.36 49.48
N GLN A 2275 -28.43 -7.24 48.84
CA GLN A 2275 -29.49 -7.33 47.85
C GLN A 2275 -29.08 -8.21 46.67
N LEU A 2276 -27.80 -8.19 46.33
CA LEU A 2276 -27.28 -9.16 45.38
C LEU A 2276 -27.61 -10.58 45.83
N LEU A 2277 -27.51 -10.82 47.13
CA LEU A 2277 -27.82 -12.15 47.65
C LEU A 2277 -29.29 -12.48 47.50
N GLY A 2278 -30.16 -11.49 47.71
CA GLY A 2278 -31.55 -11.68 47.36
C GLY A 2278 -31.71 -11.99 45.89
N ILE A 2279 -30.92 -11.31 45.05
CA ILE A 2279 -30.95 -11.57 43.62
C ILE A 2279 -30.56 -13.01 43.32
N VAL A 2280 -29.43 -13.45 43.89
CA VAL A 2280 -28.92 -14.79 43.60
C VAL A 2280 -29.76 -15.88 44.24
N MET A 2281 -30.62 -15.53 45.19
CA MET A 2281 -31.43 -16.53 45.87
C MET A 2281 -32.88 -16.54 45.39
N ALA A 2282 -33.50 -15.36 45.26
CA ALA A 2282 -34.92 -15.30 44.91
C ALA A 2282 -35.22 -16.03 43.62
N ASN A 2283 -34.33 -15.93 42.64
CA ASN A 2283 -34.47 -16.69 41.42
C ASN A 2283 -34.26 -18.18 41.69
N ASP A 2284 -34.82 -19.02 40.82
CA ASP A 2284 -34.61 -20.45 40.97
C ASP A 2284 -33.14 -20.75 40.80
N LEU A 2285 -32.47 -21.09 41.89
CA LEU A 2285 -31.05 -21.33 41.85
C LEU A 2285 -30.58 -22.00 43.13
N PRO A 2286 -29.76 -23.05 43.03
CA PRO A 2286 -29.08 -23.56 44.21
C PRO A 2286 -28.31 -22.46 44.89
N PRO A 2287 -28.47 -22.32 46.21
CA PRO A 2287 -27.86 -21.18 46.91
C PRO A 2287 -26.36 -21.30 47.06
N TYR A 2288 -25.77 -22.44 46.73
CA TYR A 2288 -24.35 -22.64 46.95
C TYR A 2288 -23.77 -23.60 45.93
N ASP A 2289 -22.51 -23.37 45.61
CA ASP A 2289 -21.65 -24.45 45.19
C ASP A 2289 -21.32 -25.30 46.42
N PRO A 2290 -21.01 -26.59 46.22
CA PRO A 2290 -20.56 -27.40 47.35
C PRO A 2290 -19.46 -26.74 48.17
N GLN A 2291 -18.58 -25.98 47.52
CA GLN A 2291 -17.53 -25.24 48.22
C GLN A 2291 -17.49 -23.82 47.69
N CYS A 2292 -17.93 -22.87 48.51
CA CYS A 2292 -17.71 -21.47 48.17
C CYS A 2292 -16.22 -21.18 48.04
N GLY A 2293 -15.42 -21.73 48.95
CA GLY A 2293 -14.00 -21.49 48.92
C GLY A 2293 -13.37 -21.39 50.30
N ILE A 2294 -14.18 -21.39 51.36
CA ILE A 2294 -13.62 -21.48 52.70
C ILE A 2294 -14.00 -22.83 53.28
N GLN A 2295 -15.26 -22.98 53.68
CA GLN A 2295 -15.93 -24.27 53.65
C GLN A 2295 -17.42 -24.13 53.40
N SER A 2296 -17.93 -22.92 53.17
CA SER A 2296 -19.32 -22.64 52.83
C SER A 2296 -20.26 -22.81 54.01
N SER A 2297 -19.78 -22.66 55.26
CA SER A 2297 -20.72 -22.59 56.37
C SER A 2297 -20.44 -21.39 57.27
N GLU A 2298 -19.17 -20.98 57.40
CA GLU A 2298 -18.93 -19.69 58.02
C GLU A 2298 -19.52 -18.58 57.20
N TYR A 2299 -19.76 -18.83 55.91
CA TYR A 2299 -20.49 -17.93 55.07
C TYR A 2299 -21.76 -17.46 55.77
N PHE A 2300 -22.50 -18.42 56.33
CA PHE A 2300 -23.70 -18.10 57.09
C PHE A 2300 -23.36 -17.27 58.32
N GLN A 2301 -22.25 -17.60 58.99
CA GLN A 2301 -21.91 -16.88 60.21
C GLN A 2301 -21.65 -15.41 59.89
N ALA A 2302 -20.90 -15.15 58.83
CA ALA A 2302 -20.68 -13.76 58.41
C ALA A 2302 -21.99 -13.07 58.13
N LEU A 2303 -22.99 -13.82 57.65
CA LEU A 2303 -24.30 -13.25 57.41
C LEU A 2303 -24.90 -12.73 58.70
N VAL A 2304 -24.95 -13.58 59.73
CA VAL A 2304 -25.54 -13.17 60.99
C VAL A 2304 -24.65 -12.16 61.71
N ASN A 2305 -23.37 -12.11 61.36
CA ASN A 2305 -22.55 -11.00 61.79
C ASN A 2305 -23.06 -9.70 61.19
N ASN A 2306 -23.39 -9.74 59.90
CA ASN A 2306 -23.75 -8.53 59.18
C ASN A 2306 -25.17 -8.07 59.48
N MET A 2307 -26.07 -8.98 59.84
CA MET A 2307 -27.46 -8.63 60.11
C MET A 2307 -27.63 -7.74 61.33
N SER A 2308 -26.57 -7.33 62.01
CA SER A 2308 -26.70 -6.60 63.26
C SER A 2308 -26.15 -5.19 63.14
N PHE A 2309 -26.43 -4.53 62.02
CA PHE A 2309 -25.89 -3.20 61.74
C PHE A 2309 -27.00 -2.18 61.75
N VAL A 2310 -26.84 -1.15 62.58
CA VAL A 2310 -27.84 -0.12 62.77
C VAL A 2310 -27.35 1.15 62.06
N ARG A 2311 -28.18 2.18 62.08
CA ARG A 2311 -28.04 3.41 61.30
C ARG A 2311 -28.11 3.12 59.81
N TYR A 2312 -28.16 1.85 59.44
CA TYR A 2312 -28.34 1.40 58.08
C TYR A 2312 -29.37 0.29 58.11
N LYS A 2313 -30.46 0.56 58.80
CA LYS A 2313 -31.47 -0.43 59.14
C LYS A 2313 -31.79 -1.38 58.00
N GLU A 2314 -31.68 -0.87 56.77
CA GLU A 2314 -31.89 -1.70 55.59
C GLU A 2314 -30.97 -2.90 55.57
N VAL A 2315 -29.78 -2.80 56.15
CA VAL A 2315 -28.84 -3.91 56.18
C VAL A 2315 -29.50 -5.14 56.78
N TYR A 2316 -29.94 -5.06 58.03
CA TYR A 2316 -30.66 -6.20 58.59
C TYR A 2316 -31.98 -6.43 57.87
N ALA A 2317 -32.59 -5.37 57.33
CA ALA A 2317 -33.88 -5.52 56.66
C ALA A 2317 -33.75 -6.48 55.48
N ALA A 2318 -32.80 -6.20 54.58
CA ALA A 2318 -32.56 -7.12 53.48
C ALA A 2318 -31.93 -8.42 53.98
N ALA A 2319 -31.16 -8.35 55.06
CA ALA A 2319 -30.65 -9.59 55.65
C ALA A 2319 -31.79 -10.49 56.09
N ALA A 2320 -32.77 -9.94 56.79
CA ALA A 2320 -33.93 -10.73 57.19
C ALA A 2320 -34.68 -11.27 55.98
N GLU A 2321 -34.67 -10.51 54.89
CA GLU A 2321 -35.26 -11.02 53.65
C GLU A 2321 -34.58 -12.31 53.20
N VAL A 2322 -33.28 -12.25 52.94
CA VAL A 2322 -32.60 -13.36 52.30
C VAL A 2322 -32.52 -14.57 53.24
N LEU A 2323 -32.36 -14.33 54.54
CA LEU A 2323 -32.37 -15.44 55.47
C LEU A 2323 -33.69 -16.18 55.41
N GLY A 2324 -34.80 -15.45 55.41
CA GLY A 2324 -36.09 -16.11 55.25
C GLY A 2324 -36.13 -16.96 53.99
N LEU A 2325 -35.48 -16.49 52.92
CA LEU A 2325 -35.43 -17.25 51.68
C LEU A 2325 -34.80 -18.62 51.89
N ILE A 2326 -33.58 -18.64 52.42
CA ILE A 2326 -32.90 -19.90 52.63
C ILE A 2326 -33.63 -20.73 53.67
N LEU A 2327 -34.33 -20.07 54.58
CA LEU A 2327 -35.17 -20.80 55.53
C LEU A 2327 -36.23 -21.60 54.80
N ARG A 2328 -36.94 -20.99 53.86
CA ARG A 2328 -37.87 -21.74 53.04
C ARG A 2328 -37.13 -22.72 52.14
N TYR A 2329 -35.90 -22.40 51.77
CA TYR A 2329 -35.09 -23.29 50.95
C TYR A 2329 -34.64 -24.43 51.85
N VAL A 2330 -35.43 -25.49 51.89
CA VAL A 2330 -35.39 -26.43 53.00
C VAL A 2330 -34.04 -27.11 53.16
N MET A 2331 -33.61 -27.93 52.20
CA MET A 2331 -32.17 -28.10 52.03
C MET A 2331 -31.73 -27.76 50.61
N GLU A 2332 -32.21 -28.49 49.59
CA GLU A 2332 -31.93 -28.12 48.19
C GLU A 2332 -33.17 -28.40 47.35
N ARG A 2333 -34.15 -27.49 47.42
CA ARG A 2333 -35.25 -27.39 46.46
C ARG A 2333 -36.11 -28.65 46.40
N LYS A 2334 -35.59 -29.75 46.94
CA LYS A 2334 -36.35 -30.99 47.11
C LYS A 2334 -35.90 -31.76 48.34
N ASN A 2335 -34.97 -31.23 49.12
CA ASN A 2335 -34.34 -31.94 50.21
C ASN A 2335 -34.50 -31.11 51.47
N ILE A 2336 -34.59 -31.78 52.60
CA ILE A 2336 -34.82 -31.11 53.88
C ILE A 2336 -33.77 -31.65 54.84
N LEU A 2337 -32.65 -30.95 54.95
CA LEU A 2337 -31.52 -31.37 55.78
C LEU A 2337 -30.80 -30.14 56.29
N GLU A 2338 -29.71 -30.39 57.03
CA GLU A 2338 -28.79 -29.36 57.55
C GLU A 2338 -29.54 -28.17 58.14
N GLU A 2339 -30.70 -28.43 58.74
CA GLU A 2339 -31.48 -27.35 59.34
C GLU A 2339 -30.73 -26.71 60.49
N SER A 2340 -29.83 -27.46 61.12
CA SER A 2340 -29.08 -27.04 62.31
C SER A 2340 -28.64 -25.58 62.22
N LEU A 2341 -28.25 -25.16 61.02
CA LEU A 2341 -27.87 -23.77 60.81
C LEU A 2341 -29.03 -22.84 61.08
N CYS A 2342 -30.23 -23.23 60.67
CA CYS A 2342 -31.40 -22.40 60.90
C CYS A 2342 -31.61 -22.19 62.39
N GLU A 2343 -31.50 -23.27 63.18
CA GLU A 2343 -31.54 -23.10 64.63
C GLU A 2343 -30.31 -22.36 65.12
N LEU A 2344 -29.15 -22.65 64.53
CA LEU A 2344 -27.93 -21.96 64.91
C LEU A 2344 -28.14 -20.46 64.94
N VAL A 2345 -28.50 -19.89 63.79
CA VAL A 2345 -28.74 -18.45 63.72
C VAL A 2345 -29.91 -18.05 64.60
N ALA A 2346 -30.86 -18.96 64.83
CA ALA A 2346 -32.06 -18.62 65.58
C ALA A 2346 -31.71 -18.08 66.96
N LYS A 2347 -30.87 -18.80 67.70
CA LYS A 2347 -30.43 -18.27 68.98
C LYS A 2347 -29.58 -17.03 68.80
N GLN A 2348 -28.69 -17.05 67.80
CA GLN A 2348 -27.84 -15.88 67.60
C GLN A 2348 -28.65 -14.67 67.19
N LEU A 2349 -29.60 -14.85 66.27
CA LEU A 2349 -30.45 -13.73 65.91
C LEU A 2349 -31.29 -13.25 67.07
N LYS A 2350 -31.40 -14.05 68.14
CA LYS A 2350 -32.08 -13.55 69.33
C LYS A 2350 -31.29 -12.35 69.84
N GLN A 2351 -31.84 -11.17 69.61
CA GLN A 2351 -31.16 -9.92 69.90
C GLN A 2351 -31.51 -9.39 71.27
N HIS A 2352 -31.75 -10.27 72.24
CA HIS A 2352 -31.90 -9.85 73.63
C HIS A 2352 -33.01 -8.80 73.75
N GLN A 2353 -34.24 -9.30 73.62
CA GLN A 2353 -35.40 -8.45 73.91
C GLN A 2353 -35.14 -7.75 75.24
N ASN A 2354 -35.66 -6.53 75.39
CA ASN A 2354 -35.32 -5.53 76.39
C ASN A 2354 -34.02 -4.84 76.00
N THR A 2355 -33.30 -5.34 75.00
CA THR A 2355 -32.19 -4.60 74.41
C THR A 2355 -32.43 -4.30 72.94
N MET A 2356 -32.73 -5.31 72.14
CA MET A 2356 -33.06 -5.09 70.73
C MET A 2356 -34.44 -5.69 70.51
N GLU A 2357 -35.43 -4.82 70.34
CA GLU A 2357 -36.80 -5.26 70.07
C GLU A 2357 -37.33 -4.74 68.75
N ASP A 2358 -37.33 -3.43 68.53
CA ASP A 2358 -37.96 -2.90 67.33
C ASP A 2358 -37.33 -3.49 66.08
N LYS A 2359 -36.00 -3.53 66.06
CA LYS A 2359 -35.31 -4.28 65.03
C LYS A 2359 -35.69 -5.75 65.10
N PHE A 2360 -35.91 -6.24 66.32
CA PHE A 2360 -36.19 -7.66 66.51
C PHE A 2360 -37.54 -8.02 65.90
N ILE A 2361 -38.59 -7.24 66.19
CA ILE A 2361 -39.89 -7.55 65.59
C ILE A 2361 -39.78 -7.61 64.07
N VAL A 2362 -39.14 -6.60 63.47
CA VAL A 2362 -39.20 -6.47 62.03
C VAL A 2362 -38.42 -7.59 61.35
N CYS A 2363 -37.16 -7.79 61.77
CA CYS A 2363 -36.35 -8.84 61.15
C CYS A 2363 -36.98 -10.19 61.40
N LEU A 2364 -37.47 -10.42 62.62
CA LEU A 2364 -38.29 -11.61 62.84
C LEU A 2364 -39.41 -11.70 61.82
N ASN A 2365 -40.10 -10.60 61.60
CA ASN A 2365 -41.23 -10.63 60.69
C ASN A 2365 -40.80 -10.94 59.25
N LYS A 2366 -39.64 -10.44 58.84
CA LYS A 2366 -39.24 -10.63 57.45
C LYS A 2366 -38.90 -12.08 57.15
N VAL A 2367 -38.14 -12.75 58.01
CA VAL A 2367 -37.79 -14.14 57.75
C VAL A 2367 -39.03 -15.00 57.74
N THR A 2368 -39.96 -14.75 58.66
CA THR A 2368 -41.21 -15.47 58.71
C THR A 2368 -42.08 -15.22 57.48
N LYS A 2369 -41.87 -14.10 56.79
CA LYS A 2369 -42.55 -13.91 55.51
C LYS A 2369 -42.23 -15.05 54.56
N SER A 2370 -41.05 -15.65 54.71
CA SER A 2370 -40.66 -16.80 53.90
C SER A 2370 -40.54 -18.10 54.69
N PHE A 2371 -40.59 -18.06 56.00
CA PHE A 2371 -40.39 -19.26 56.81
C PHE A 2371 -41.45 -19.37 57.89
N PRO A 2372 -42.36 -20.33 57.79
CA PRO A 2372 -43.45 -20.44 58.77
C PRO A 2372 -42.94 -20.65 60.19
N PRO A 2373 -42.23 -21.74 60.48
CA PRO A 2373 -42.18 -22.23 61.86
C PRO A 2373 -41.09 -21.61 62.74
N LEU A 2374 -40.42 -20.56 62.28
CA LEU A 2374 -39.28 -20.03 63.03
C LEU A 2374 -39.69 -19.55 64.41
N ALA A 2375 -40.84 -18.88 64.52
CA ALA A 2375 -41.22 -18.24 65.76
C ALA A 2375 -41.46 -19.23 66.88
N ASP A 2376 -41.54 -20.53 66.56
CA ASP A 2376 -41.93 -21.55 67.54
C ASP A 2376 -41.25 -21.37 68.88
N ARG A 2377 -40.04 -20.80 68.89
CA ARG A 2377 -39.40 -20.50 70.15
C ARG A 2377 -39.86 -19.18 70.75
N PHE A 2378 -40.59 -18.36 70.00
CA PHE A 2378 -40.67 -16.95 70.31
C PHE A 2378 -42.08 -16.42 70.53
N MET A 2379 -43.11 -17.26 70.41
CA MET A 2379 -44.47 -16.78 70.63
C MET A 2379 -44.61 -16.13 71.99
N ASN A 2380 -44.14 -16.84 73.03
CA ASN A 2380 -44.25 -16.31 74.39
C ASN A 2380 -43.68 -14.91 74.49
N ALA A 2381 -42.48 -14.72 73.94
CA ALA A 2381 -41.86 -13.40 73.99
C ALA A 2381 -42.72 -12.38 73.27
N VAL A 2382 -43.08 -12.68 72.01
CA VAL A 2382 -43.77 -11.67 71.23
C VAL A 2382 -45.11 -11.33 71.86
N PHE A 2383 -45.83 -12.33 72.35
CA PHE A 2383 -47.16 -12.07 72.91
C PHE A 2383 -47.06 -11.14 74.10
N PHE A 2384 -45.99 -11.27 74.88
CA PHE A 2384 -45.76 -10.34 75.96
C PHE A 2384 -45.62 -8.92 75.43
N LEU A 2385 -45.12 -8.78 74.20
CA LEU A 2385 -44.70 -7.50 73.66
C LEU A 2385 -45.76 -6.76 72.87
N LEU A 2386 -46.80 -7.45 72.41
CA LEU A 2386 -47.85 -6.81 71.61
C LEU A 2386 -48.29 -5.46 72.16
N PRO A 2387 -48.75 -5.37 73.43
CA PRO A 2387 -49.39 -4.13 73.87
C PRO A 2387 -48.43 -2.98 74.12
N LYS A 2388 -47.12 -3.22 74.06
CA LYS A 2388 -46.24 -2.28 74.74
C LYS A 2388 -46.06 -0.98 73.97
N PHE A 2389 -46.53 -0.91 72.72
CA PHE A 2389 -46.48 0.33 71.96
C PHE A 2389 -47.82 0.58 71.28
N HIS A 2390 -47.85 1.58 70.41
CA HIS A 2390 -49.05 2.05 69.75
C HIS A 2390 -48.97 2.06 68.24
N GLY A 2391 -47.79 2.30 67.66
CA GLY A 2391 -47.66 2.56 66.25
C GLY A 2391 -47.77 1.34 65.39
N VAL A 2392 -47.16 1.43 64.21
CA VAL A 2392 -47.21 0.34 63.23
C VAL A 2392 -46.49 -0.90 63.73
N LEU A 2393 -45.75 -0.79 64.83
CA LEU A 2393 -45.03 -1.95 65.36
C LEU A 2393 -45.96 -3.13 65.49
N LYS A 2394 -47.18 -2.87 65.90
CA LYS A 2394 -48.12 -3.94 66.18
C LYS A 2394 -48.67 -4.49 64.87
N THR A 2395 -48.81 -3.62 63.87
CA THR A 2395 -48.92 -4.12 62.51
C THR A 2395 -47.79 -5.08 62.19
N LEU A 2396 -46.56 -4.72 62.55
CA LEU A 2396 -45.49 -5.70 62.40
C LEU A 2396 -45.76 -6.91 63.28
N CYS A 2397 -46.26 -6.68 64.48
CA CYS A 2397 -46.44 -7.77 65.43
C CYS A 2397 -47.54 -8.73 64.96
N LEU A 2398 -48.68 -8.20 64.55
CA LEU A 2398 -49.83 -9.08 64.38
C LEU A 2398 -49.64 -10.02 63.20
N GLU A 2399 -49.27 -9.46 62.05
CA GLU A 2399 -49.19 -10.28 60.87
C GLU A 2399 -48.07 -11.32 60.99
N VAL A 2400 -46.96 -10.96 61.64
CA VAL A 2400 -45.96 -12.01 61.86
C VAL A 2400 -46.51 -13.06 62.83
N VAL A 2401 -47.37 -12.66 63.76
CA VAL A 2401 -48.15 -13.66 64.49
C VAL A 2401 -49.05 -14.44 63.56
N LEU A 2402 -49.65 -13.75 62.59
CA LEU A 2402 -50.50 -14.42 61.61
C LEU A 2402 -49.73 -15.48 60.85
N CYS A 2403 -48.43 -15.26 60.64
CA CYS A 2403 -47.60 -16.18 59.89
C CYS A 2403 -47.80 -17.62 60.38
N ARG A 2404 -47.94 -17.79 61.69
CA ARG A 2404 -48.30 -19.08 62.26
C ARG A 2404 -49.56 -18.92 63.10
N VAL A 2405 -50.66 -19.47 62.59
CA VAL A 2405 -51.82 -19.69 63.44
C VAL A 2405 -51.45 -20.58 64.62
N GLU A 2406 -50.68 -21.62 64.38
CA GLU A 2406 -50.34 -22.56 65.43
C GLU A 2406 -49.15 -22.02 66.20
N GLY A 2407 -48.63 -22.83 67.11
CA GLY A 2407 -47.56 -22.40 67.99
C GLY A 2407 -47.79 -22.88 69.41
N MET A 2408 -49.05 -22.92 69.84
CA MET A 2408 -49.41 -23.58 71.08
C MET A 2408 -50.90 -23.94 70.98
N THR A 2409 -51.43 -24.43 72.10
CA THR A 2409 -52.79 -24.93 72.13
C THR A 2409 -53.83 -23.86 71.84
N GLU A 2410 -53.99 -22.92 72.77
CA GLU A 2410 -55.08 -21.94 72.72
C GLU A 2410 -54.53 -20.54 72.93
N LEU A 2411 -54.11 -19.93 71.83
CA LEU A 2411 -53.67 -18.55 71.83
C LEU A 2411 -54.79 -17.60 72.22
N TYR A 2412 -56.03 -18.08 72.17
CA TYR A 2412 -57.18 -17.23 72.44
C TYR A 2412 -57.07 -16.57 73.80
N PHE A 2413 -56.68 -17.35 74.81
CA PHE A 2413 -56.56 -16.80 76.16
C PHE A 2413 -55.48 -15.73 76.22
N GLN A 2414 -54.43 -15.86 75.41
CA GLN A 2414 -53.42 -14.82 75.35
C GLN A 2414 -54.05 -13.50 74.92
N LEU A 2415 -54.81 -13.53 73.83
CA LEU A 2415 -55.53 -12.33 73.41
C LEU A 2415 -56.57 -11.93 74.43
N LYS A 2416 -57.30 -12.90 74.98
CA LYS A 2416 -58.19 -12.60 76.09
C LYS A 2416 -57.44 -11.92 77.21
N SER A 2417 -56.25 -12.44 77.56
CA SER A 2417 -55.42 -11.76 78.53
C SER A 2417 -54.99 -10.39 78.00
N LYS A 2418 -54.70 -10.31 76.70
CA LYS A 2418 -54.07 -9.12 76.13
C LYS A 2418 -55.06 -8.00 75.82
N ASP A 2419 -56.32 -8.08 76.26
CA ASP A 2419 -57.33 -7.05 75.94
C ASP A 2419 -57.34 -6.79 74.44
N PHE A 2420 -57.32 -7.86 73.67
CA PHE A 2420 -57.31 -7.76 72.21
C PHE A 2420 -58.50 -6.97 71.68
N VAL A 2421 -59.63 -6.98 72.39
CA VAL A 2421 -60.85 -6.35 71.87
C VAL A 2421 -60.66 -4.85 71.71
N GLN A 2422 -60.13 -4.18 72.75
CA GLN A 2422 -59.91 -2.74 72.63
C GLN A 2422 -58.86 -2.44 71.59
N VAL A 2423 -57.91 -3.35 71.42
CA VAL A 2423 -57.02 -3.27 70.28
C VAL A 2423 -57.84 -3.27 69.00
N MET A 2424 -58.78 -4.20 68.89
CA MET A 2424 -59.65 -4.26 67.72
C MET A 2424 -60.65 -3.12 67.69
N ARG A 2425 -60.94 -2.51 68.83
CA ARG A 2425 -61.75 -1.31 68.79
C ARG A 2425 -61.11 -0.26 67.89
N HIS A 2426 -59.79 -0.14 67.98
CA HIS A 2426 -59.07 0.80 67.15
C HIS A 2426 -59.26 0.45 65.68
N ARG A 2427 -59.36 1.49 64.86
CA ARG A 2427 -59.57 1.35 63.43
C ARG A 2427 -58.25 1.42 62.68
N ASP A 2428 -57.91 0.33 61.99
CA ASP A 2428 -56.74 0.31 61.11
C ASP A 2428 -56.86 -0.89 60.20
N ASP A 2429 -56.88 -0.65 58.89
CA ASP A 2429 -57.34 -1.64 57.93
C ASP A 2429 -56.46 -2.89 57.93
N GLU A 2430 -55.15 -2.72 57.80
CA GLU A 2430 -54.29 -3.88 57.61
C GLU A 2430 -54.23 -4.74 58.86
N ARG A 2431 -54.22 -4.11 60.05
CA ARG A 2431 -54.17 -4.90 61.27
C ARG A 2431 -55.52 -5.53 61.56
N GLN A 2432 -56.61 -4.83 61.25
CA GLN A 2432 -57.92 -5.41 61.50
C GLN A 2432 -58.16 -6.60 60.59
N LYS A 2433 -57.79 -6.49 59.32
CA LYS A 2433 -58.07 -7.57 58.38
C LYS A 2433 -57.34 -8.84 58.76
N VAL A 2434 -56.09 -8.72 59.21
CA VAL A 2434 -55.34 -9.92 59.56
C VAL A 2434 -55.87 -10.56 60.83
N CYS A 2435 -56.36 -9.76 61.77
CA CYS A 2435 -56.95 -10.34 62.97
C CYS A 2435 -58.24 -11.06 62.66
N LEU A 2436 -59.03 -10.51 61.74
CA LEU A 2436 -60.12 -11.30 61.18
C LEU A 2436 -59.59 -12.59 60.56
N ASP A 2437 -58.44 -12.50 59.88
CA ASP A 2437 -57.81 -13.71 59.39
C ASP A 2437 -57.43 -14.62 60.54
N ILE A 2438 -56.93 -14.03 61.62
CA ILE A 2438 -56.58 -14.80 62.82
C ILE A 2438 -57.81 -15.57 63.29
N ILE A 2439 -58.87 -14.86 63.67
CA ILE A 2439 -60.08 -15.55 64.08
C ILE A 2439 -60.62 -16.42 62.98
N TYR A 2440 -60.41 -16.04 61.72
CA TYR A 2440 -60.76 -16.94 60.64
C TYR A 2440 -60.06 -18.28 60.84
N LYS A 2441 -58.91 -18.26 61.50
CA LYS A 2441 -58.20 -19.50 61.71
C LYS A 2441 -58.85 -20.32 62.82
N MET A 2442 -59.23 -19.68 63.91
CA MET A 2442 -59.70 -20.45 65.06
C MET A 2442 -61.19 -20.70 65.03
N MET A 2443 -61.78 -20.63 63.84
CA MET A 2443 -63.23 -20.71 63.71
C MET A 2443 -63.82 -21.95 64.37
N PRO A 2444 -63.29 -23.15 64.18
CA PRO A 2444 -63.80 -24.30 64.92
C PRO A 2444 -62.99 -24.53 66.18
N LYS A 2445 -61.90 -23.78 66.31
CA LYS A 2445 -60.95 -24.00 67.38
C LYS A 2445 -61.50 -23.57 68.73
N LEU A 2446 -62.52 -22.72 68.77
CA LEU A 2446 -62.94 -22.13 70.01
C LEU A 2446 -64.38 -22.57 70.29
N LYS A 2447 -64.66 -22.81 71.57
CA LYS A 2447 -66.01 -23.15 71.99
C LYS A 2447 -66.92 -21.93 71.77
N PRO A 2448 -68.17 -22.17 71.38
CA PRO A 2448 -69.10 -21.07 71.06
C PRO A 2448 -69.14 -19.90 72.04
N VAL A 2449 -69.41 -20.16 73.33
CA VAL A 2449 -69.74 -19.07 74.23
C VAL A 2449 -68.62 -18.06 74.33
N GLU A 2450 -67.38 -18.47 74.07
CA GLU A 2450 -66.30 -17.50 74.05
C GLU A 2450 -66.29 -16.67 72.80
N LEU A 2451 -67.39 -16.63 72.05
CA LEU A 2451 -67.43 -15.81 70.85
C LEU A 2451 -68.30 -14.58 71.01
N ARG A 2452 -69.37 -14.67 71.80
CA ARG A 2452 -70.21 -13.51 72.09
C ARG A 2452 -69.40 -12.25 72.28
N GLU A 2453 -68.59 -12.24 73.33
CA GLU A 2453 -67.75 -11.09 73.62
C GLU A 2453 -66.85 -10.74 72.44
N LEU A 2454 -66.45 -11.74 71.64
CA LEU A 2454 -65.71 -11.44 70.43
C LEU A 2454 -66.60 -10.77 69.40
N LEU A 2455 -67.81 -11.31 69.20
CA LEU A 2455 -68.66 -10.81 68.13
C LEU A 2455 -69.07 -9.37 68.39
N ASN A 2456 -69.37 -9.03 69.64
CA ASN A 2456 -69.96 -7.74 69.96
C ASN A 2456 -69.19 -6.57 69.36
N PRO A 2457 -67.85 -6.54 69.36
CA PRO A 2457 -67.14 -5.57 68.51
C PRO A 2457 -66.95 -6.05 67.08
N VAL A 2458 -66.86 -7.36 66.87
CA VAL A 2458 -66.72 -7.86 65.51
C VAL A 2458 -67.96 -7.53 64.69
N VAL A 2459 -69.13 -7.72 65.29
CA VAL A 2459 -70.36 -7.41 64.57
C VAL A 2459 -70.39 -5.95 64.19
N GLU A 2460 -69.99 -5.07 65.10
CA GLU A 2460 -70.04 -3.64 64.84
C GLU A 2460 -69.01 -3.20 63.82
N PHE A 2461 -68.06 -4.07 63.47
CA PHE A 2461 -67.21 -3.81 62.33
C PHE A 2461 -68.01 -3.66 61.04
N VAL A 2462 -69.29 -4.00 61.06
CA VAL A 2462 -70.20 -3.70 59.96
C VAL A 2462 -70.19 -2.20 59.73
N SER A 2463 -70.49 -1.78 58.50
CA SER A 2463 -70.57 -0.38 58.13
C SER A 2463 -69.25 0.31 58.43
N HIS A 2464 -68.17 -0.31 57.95
CA HIS A 2464 -66.87 0.27 58.19
C HIS A 2464 -66.30 0.80 56.89
N PRO A 2465 -65.66 1.95 56.90
CA PRO A 2465 -65.03 2.43 55.66
C PRO A 2465 -63.87 1.53 55.25
N SER A 2466 -64.18 0.26 55.06
CA SER A 2466 -63.20 -0.76 54.69
C SER A 2466 -63.42 -1.29 53.28
N THR A 2467 -64.62 -1.82 53.01
CA THR A 2467 -65.02 -2.38 51.73
C THR A 2467 -64.18 -3.59 51.35
N THR A 2468 -63.14 -3.87 52.13
CA THR A 2468 -62.21 -4.97 51.87
C THR A 2468 -62.19 -5.93 53.05
N CYS A 2469 -62.02 -5.39 54.26
CA CYS A 2469 -61.80 -6.21 55.45
C CYS A 2469 -63.10 -6.87 55.87
N ARG A 2470 -64.21 -6.26 55.50
CA ARG A 2470 -65.49 -6.77 55.93
C ARG A 2470 -65.80 -8.12 55.28
N GLU A 2471 -65.35 -8.31 54.03
CA GLU A 2471 -65.80 -9.45 53.27
C GLU A 2471 -65.32 -10.75 53.89
N GLN A 2472 -64.07 -10.77 54.38
CA GLN A 2472 -63.57 -11.90 55.15
C GLN A 2472 -64.48 -12.16 56.33
N MET A 2473 -64.99 -11.09 56.93
CA MET A 2473 -65.81 -11.23 58.12
C MET A 2473 -67.06 -12.01 57.79
N TYR A 2474 -67.68 -11.72 56.66
CA TYR A 2474 -68.81 -12.55 56.28
C TYR A 2474 -68.39 -13.95 55.93
N ASN A 2475 -67.25 -14.08 55.24
CA ASN A 2475 -66.66 -15.39 55.03
C ASN A 2475 -66.60 -16.16 56.33
N ILE A 2476 -66.12 -15.50 57.38
CA ILE A 2476 -66.17 -16.10 58.70
C ILE A 2476 -67.61 -16.30 59.13
N LEU A 2477 -68.42 -15.25 59.01
CA LEU A 2477 -69.80 -15.32 59.48
C LEU A 2477 -70.56 -16.45 58.83
N MET A 2478 -70.47 -16.55 57.51
CA MET A 2478 -71.24 -17.54 56.79
C MET A 2478 -70.87 -18.94 57.27
N TRP A 2479 -69.58 -19.23 57.35
CA TRP A 2479 -69.14 -20.54 57.83
C TRP A 2479 -69.65 -20.84 59.23
N ILE A 2480 -69.56 -19.87 60.13
CA ILE A 2480 -70.05 -20.10 61.48
C ILE A 2480 -71.55 -20.32 61.44
N HIS A 2481 -72.26 -19.54 60.63
CA HIS A 2481 -73.66 -19.82 60.37
C HIS A 2481 -73.85 -21.25 59.86
N ASP A 2482 -72.99 -21.67 58.93
CA ASP A 2482 -73.14 -23.01 58.36
C ASP A 2482 -73.07 -24.08 59.43
N ASN A 2483 -72.01 -24.05 60.25
CA ASN A 2483 -71.92 -25.03 61.31
C ASN A 2483 -72.93 -24.79 62.41
N TYR A 2484 -73.55 -23.60 62.44
CA TYR A 2484 -74.58 -23.33 63.43
C TYR A 2484 -75.95 -23.19 62.83
N ARG A 2485 -76.10 -23.30 61.51
CA ARG A 2485 -77.40 -23.62 60.95
C ARG A 2485 -77.66 -25.11 60.99
N ASP A 2486 -76.93 -25.81 61.83
CA ASP A 2486 -77.21 -27.21 62.10
C ASP A 2486 -78.66 -27.36 62.57
N PRO A 2487 -79.46 -28.20 61.92
CA PRO A 2487 -80.87 -28.32 62.31
C PRO A 2487 -81.06 -28.82 63.73
N GLU A 2488 -80.08 -29.51 64.29
CA GLU A 2488 -80.19 -29.95 65.68
C GLU A 2488 -80.24 -28.74 66.60
N SER A 2489 -81.26 -28.70 67.45
CA SER A 2489 -81.33 -27.64 68.45
C SER A 2489 -80.15 -27.77 69.40
N GLU A 2490 -79.47 -26.65 69.63
CA GLU A 2490 -78.33 -26.61 70.52
C GLU A 2490 -78.83 -26.21 71.89
N THR A 2491 -78.60 -27.06 72.89
CA THR A 2491 -78.94 -26.73 74.26
C THR A 2491 -78.22 -25.47 74.70
N ASP A 2492 -77.12 -25.13 74.04
CA ASP A 2492 -76.41 -23.88 74.27
C ASP A 2492 -77.25 -22.75 73.70
N ASN A 2493 -78.05 -22.11 74.57
CA ASN A 2493 -78.78 -20.92 74.15
C ASN A 2493 -77.83 -19.87 73.60
N ASP A 2494 -76.59 -19.86 74.09
CA ASP A 2494 -75.58 -18.96 73.55
C ASP A 2494 -75.39 -19.19 72.06
N SER A 2495 -75.18 -20.44 71.68
CA SER A 2495 -75.05 -20.76 70.26
C SER A 2495 -76.27 -20.32 69.48
N GLN A 2496 -77.46 -20.46 70.07
CA GLN A 2496 -78.68 -20.00 69.42
C GLN A 2496 -78.64 -18.48 69.24
N GLU A 2497 -78.35 -17.75 70.32
CA GLU A 2497 -78.35 -16.29 70.23
C GLU A 2497 -77.19 -15.78 69.38
N ILE A 2498 -76.04 -16.44 69.42
CA ILE A 2498 -75.01 -16.16 68.44
C ILE A 2498 -75.55 -16.36 67.04
N PHE A 2499 -76.20 -17.50 66.82
CA PHE A 2499 -76.66 -17.84 65.48
C PHE A 2499 -77.70 -16.85 64.98
N LYS A 2500 -78.68 -16.51 65.82
CA LYS A 2500 -79.67 -15.52 65.39
C LYS A 2500 -79.00 -14.18 65.12
N LEU A 2501 -78.04 -13.81 65.97
CA LEU A 2501 -77.29 -12.59 65.74
C LEU A 2501 -76.47 -12.69 64.47
N ALA A 2502 -75.89 -13.86 64.22
CA ALA A 2502 -75.16 -14.07 62.97
C ALA A 2502 -76.07 -13.83 61.78
N LYS A 2503 -77.31 -14.30 61.87
CA LYS A 2503 -78.29 -14.01 60.83
C LYS A 2503 -78.54 -12.52 60.74
N ASP A 2504 -78.63 -11.85 61.90
CA ASP A 2504 -79.00 -10.45 61.94
C ASP A 2504 -78.04 -9.60 61.13
N VAL A 2505 -76.73 -9.74 61.39
CA VAL A 2505 -75.73 -8.99 60.64
C VAL A 2505 -75.66 -9.51 59.21
N LEU A 2506 -75.91 -10.79 59.00
CA LEU A 2506 -75.94 -11.32 57.65
C LEU A 2506 -76.97 -10.58 56.81
N ILE A 2507 -78.16 -10.37 57.38
CA ILE A 2507 -79.16 -9.58 56.70
C ILE A 2507 -78.76 -8.11 56.68
N GLN A 2508 -78.03 -7.67 57.70
CA GLN A 2508 -77.54 -6.30 57.74
C GLN A 2508 -76.69 -6.01 56.51
N GLY A 2509 -75.82 -6.96 56.15
CA GLY A 2509 -74.81 -6.79 55.14
C GLY A 2509 -75.31 -6.71 53.72
N LEU A 2510 -76.61 -6.81 53.50
CA LEU A 2510 -77.12 -6.74 52.14
C LEU A 2510 -76.94 -5.38 51.49
N ILE A 2511 -76.36 -4.42 52.19
CA ILE A 2511 -75.94 -3.18 51.57
C ILE A 2511 -74.43 -3.27 51.36
N ASP A 2512 -73.95 -2.68 50.28
CA ASP A 2512 -72.57 -2.88 49.87
C ASP A 2512 -71.98 -1.54 49.44
N GLU A 2513 -70.76 -1.61 48.92
CA GLU A 2513 -70.23 -0.62 47.99
C GLU A 2513 -69.93 -1.27 46.65
N ASN A 2514 -69.25 -2.41 46.66
CA ASN A 2514 -69.05 -3.19 45.46
C ASN A 2514 -70.27 -4.07 45.21
N PRO A 2515 -70.94 -3.94 44.07
CA PRO A 2515 -72.02 -4.88 43.74
C PRO A 2515 -71.56 -6.33 43.73
N GLY A 2516 -70.29 -6.57 43.42
CA GLY A 2516 -69.76 -7.92 43.50
C GLY A 2516 -69.92 -8.52 44.89
N LEU A 2517 -69.90 -7.68 45.92
CA LEU A 2517 -70.19 -8.16 47.27
C LEU A 2517 -71.58 -8.78 47.32
N GLN A 2518 -72.58 -8.09 46.77
CA GLN A 2518 -73.92 -8.64 46.73
C GLN A 2518 -73.95 -9.92 45.90
N LEU A 2519 -73.18 -9.94 44.81
CA LEU A 2519 -73.10 -11.14 43.99
C LEU A 2519 -72.59 -12.32 44.82
N ILE A 2520 -71.59 -12.09 45.64
CA ILE A 2520 -71.17 -13.12 46.57
C ILE A 2520 -72.26 -13.40 47.58
N ILE A 2521 -72.96 -12.35 48.02
CA ILE A 2521 -74.13 -12.57 48.86
C ILE A 2521 -75.17 -13.35 48.08
N ARG A 2522 -75.36 -13.01 46.80
CA ARG A 2522 -76.15 -13.86 45.93
C ARG A 2522 -75.64 -15.29 46.00
N ASN A 2523 -74.33 -15.47 45.81
CA ASN A 2523 -73.75 -16.81 45.75
C ASN A 2523 -74.06 -17.59 47.02
N PHE A 2524 -73.76 -17.01 48.18
CA PHE A 2524 -74.06 -17.67 49.43
C PHE A 2524 -75.47 -17.37 49.93
N TRP A 2525 -76.39 -17.05 49.03
CA TRP A 2525 -77.77 -16.99 49.46
C TRP A 2525 -78.63 -17.74 48.46
N SER A 2526 -78.26 -17.62 47.20
CA SER A 2526 -78.97 -18.30 46.11
C SER A 2526 -78.44 -19.73 46.01
N HIS A 2527 -78.66 -20.47 47.09
CA HIS A 2527 -78.26 -21.86 47.12
C HIS A 2527 -79.18 -22.61 48.06
N GLU A 2528 -79.63 -23.78 47.63
CA GLU A 2528 -80.51 -24.62 48.43
C GLU A 2528 -79.88 -25.05 49.73
N THR A 2529 -78.54 -25.00 49.82
CA THR A 2529 -77.84 -25.35 51.05
C THR A 2529 -78.47 -24.72 52.29
N ARG A 2530 -78.52 -23.39 52.32
CA ARG A 2530 -79.09 -22.72 53.48
C ARG A 2530 -80.55 -22.40 53.28
N LEU A 2531 -80.93 -22.03 52.06
CA LEU A 2531 -82.32 -21.79 51.70
C LEU A 2531 -82.70 -22.72 50.57
N PRO A 2532 -83.51 -23.74 50.84
CA PRO A 2532 -83.80 -24.76 49.81
C PRO A 2532 -84.47 -24.16 48.59
N SER A 2533 -84.11 -24.70 47.43
CA SER A 2533 -84.58 -24.18 46.15
C SER A 2533 -85.91 -24.84 45.81
N ASN A 2534 -87.00 -24.15 46.14
CA ASN A 2534 -88.32 -24.55 45.68
C ASN A 2534 -89.24 -23.33 45.81
N THR A 2535 -89.99 -23.08 44.74
CA THR A 2535 -90.82 -21.88 44.63
C THR A 2535 -91.54 -21.58 45.94
N LEU A 2536 -92.45 -22.47 46.33
CA LEU A 2536 -93.15 -22.29 47.59
C LEU A 2536 -92.19 -22.39 48.77
N ASP A 2537 -91.32 -23.40 48.74
CA ASP A 2537 -90.39 -23.60 49.85
C ASP A 2537 -89.46 -22.41 50.00
N ARG A 2538 -88.78 -22.03 48.92
CA ARG A 2538 -87.91 -20.87 49.00
C ARG A 2538 -88.71 -19.63 49.35
N LEU A 2539 -89.95 -19.53 48.87
CA LEU A 2539 -90.82 -18.44 49.27
C LEU A 2539 -90.93 -18.37 50.79
N LEU A 2540 -91.27 -19.48 51.41
CA LEU A 2540 -91.39 -19.50 52.87
C LEU A 2540 -90.05 -19.22 53.53
N ALA A 2541 -88.96 -19.66 52.92
CA ALA A 2541 -87.63 -19.36 53.45
C ALA A 2541 -87.44 -17.86 53.59
N LEU A 2542 -87.74 -17.12 52.52
CA LEU A 2542 -87.66 -15.66 52.60
C LEU A 2542 -88.64 -15.11 53.62
N ASN A 2543 -89.84 -15.71 53.70
CA ASN A 2543 -90.80 -15.28 54.71
C ASN A 2543 -90.19 -15.31 56.09
N SER A 2544 -89.41 -16.35 56.39
CA SER A 2544 -88.68 -16.39 57.65
C SER A 2544 -87.72 -15.23 57.75
N LEU A 2545 -87.03 -14.92 56.65
CA LEU A 2545 -86.09 -13.81 56.66
C LEU A 2545 -86.84 -12.49 56.79
N TYR A 2546 -86.24 -11.56 57.51
CA TYR A 2546 -86.82 -10.24 57.72
C TYR A 2546 -85.78 -9.34 58.37
N SER A 2547 -85.76 -8.07 57.96
CA SER A 2547 -84.90 -7.06 58.56
C SER A 2547 -85.74 -5.93 59.11
N PRO A 2548 -85.96 -5.88 60.41
CA PRO A 2548 -86.63 -4.73 61.01
C PRO A 2548 -85.74 -3.49 60.95
N LYS A 2549 -84.57 -3.63 60.33
CA LYS A 2549 -83.66 -2.52 60.13
C LYS A 2549 -83.65 -2.05 58.68
N ILE A 2550 -83.38 -2.95 57.74
CA ILE A 2550 -83.32 -2.63 56.33
C ILE A 2550 -84.63 -3.10 55.70
N GLU A 2551 -85.34 -2.19 55.09
CA GLU A 2551 -86.55 -2.52 54.36
C GLU A 2551 -86.54 -1.94 52.97
N VAL A 2552 -85.59 -1.04 52.67
CA VAL A 2552 -85.59 -0.32 51.42
C VAL A 2552 -85.46 -1.27 50.24
N HIS A 2553 -84.51 -2.19 50.31
CA HIS A 2553 -84.17 -3.06 49.20
C HIS A 2553 -84.75 -4.44 49.37
N PHE A 2554 -85.66 -4.57 50.34
CA PHE A 2554 -86.16 -5.87 50.76
C PHE A 2554 -86.76 -6.65 49.59
N LEU A 2555 -87.87 -6.15 49.04
CA LEU A 2555 -88.51 -6.86 47.94
C LEU A 2555 -87.59 -6.98 46.75
N SER A 2556 -86.71 -6.00 46.55
CA SER A 2556 -85.76 -6.09 45.45
C SER A 2556 -84.98 -7.38 45.53
N LEU A 2557 -84.35 -7.63 46.68
CA LEU A 2557 -83.60 -8.87 46.85
C LEU A 2557 -84.52 -10.08 46.73
N ALA A 2558 -85.75 -9.96 47.20
CA ALA A 2558 -86.70 -11.06 47.08
C ALA A 2558 -86.82 -11.50 45.63
N THR A 2559 -87.29 -10.60 44.77
CA THR A 2559 -87.59 -10.99 43.39
C THR A 2559 -86.34 -11.46 42.66
N ASN A 2560 -85.16 -11.00 43.08
CA ASN A 2560 -83.93 -11.52 42.46
C ASN A 2560 -83.88 -13.03 42.60
N PHE A 2561 -84.15 -13.52 43.80
CA PHE A 2561 -84.19 -14.95 44.01
C PHE A 2561 -85.23 -15.58 43.10
N LEU A 2562 -86.43 -15.01 43.10
CA LEU A 2562 -87.51 -15.51 42.25
C LEU A 2562 -87.06 -15.60 40.81
N LEU A 2563 -86.52 -14.50 40.28
CA LEU A 2563 -86.11 -14.47 38.89
C LEU A 2563 -85.00 -15.47 38.63
N GLU A 2564 -83.95 -15.44 39.45
CA GLU A 2564 -82.82 -16.30 39.19
C GLU A 2564 -83.22 -17.77 39.35
N MET A 2565 -84.09 -18.07 40.30
CA MET A 2565 -84.63 -19.42 40.37
C MET A 2565 -85.41 -19.75 39.11
N THR A 2566 -86.25 -18.83 38.65
CA THR A 2566 -86.99 -19.06 37.42
C THR A 2566 -86.06 -19.29 36.25
N SER A 2567 -84.90 -18.62 36.25
CA SER A 2567 -83.97 -18.73 35.14
C SER A 2567 -83.53 -20.17 34.89
N MET A 2568 -83.57 -21.03 35.91
CA MET A 2568 -83.21 -22.42 35.68
C MET A 2568 -84.23 -23.15 34.82
N SER A 2569 -85.37 -22.54 34.57
CA SER A 2569 -86.43 -23.22 33.82
C SER A 2569 -85.95 -23.53 32.39
N PRO A 2570 -86.32 -24.69 31.85
CA PRO A 2570 -85.96 -25.00 30.45
C PRO A 2570 -86.96 -24.41 29.47
N ASP A 2571 -87.38 -23.17 29.74
CA ASP A 2571 -88.01 -22.30 28.77
C ASP A 2571 -87.45 -20.91 28.92
N TYR A 2572 -86.46 -20.75 29.78
CA TYR A 2572 -85.84 -19.46 30.07
C TYR A 2572 -85.25 -18.79 28.82
N PRO A 2573 -84.44 -19.46 28.00
CA PRO A 2573 -83.90 -18.76 26.82
C PRO A 2573 -84.75 -19.00 25.57
N ASN A 2574 -85.97 -18.49 25.55
CA ASN A 2574 -86.85 -18.87 24.45
C ASN A 2574 -87.70 -17.70 24.00
N PRO A 2575 -88.08 -17.68 22.72
CA PRO A 2575 -88.96 -16.61 22.22
C PRO A 2575 -90.35 -16.70 22.83
N MET A 2576 -91.24 -15.82 22.39
CA MET A 2576 -92.51 -15.69 23.11
C MET A 2576 -93.47 -16.82 22.75
N PHE A 2577 -93.90 -16.89 21.49
CA PHE A 2577 -94.79 -17.99 21.14
C PHE A 2577 -94.05 -19.14 20.50
N GLU A 2578 -93.74 -18.99 19.21
CA GLU A 2578 -92.80 -19.87 18.54
C GLU A 2578 -92.06 -19.15 17.41
N HIS A 2579 -92.66 -18.11 16.86
CA HIS A 2579 -92.33 -17.70 15.50
C HIS A 2579 -92.52 -16.20 15.36
N PRO A 2580 -91.87 -15.58 14.36
CA PRO A 2580 -92.21 -14.19 14.03
C PRO A 2580 -93.53 -14.13 13.29
N LEU A 2581 -94.37 -13.16 13.66
CA LEU A 2581 -95.70 -13.07 13.09
C LEU A 2581 -95.67 -12.93 11.57
N SER A 2582 -94.63 -12.32 11.03
CA SER A 2582 -94.35 -12.31 9.61
C SER A 2582 -92.90 -12.73 9.43
N GLU A 2583 -92.54 -13.06 8.19
CA GLU A 2583 -91.19 -13.54 7.91
C GLU A 2583 -90.41 -12.55 7.06
N CYS A 2584 -89.17 -12.29 7.47
CA CYS A 2584 -88.20 -11.55 6.69
C CYS A 2584 -86.82 -11.78 7.30
N GLU A 2585 -85.82 -11.18 6.67
CA GLU A 2585 -84.46 -11.28 7.16
C GLU A 2585 -84.31 -10.59 8.51
N PHE A 2586 -83.28 -10.99 9.25
CA PHE A 2586 -83.00 -10.35 10.53
C PHE A 2586 -81.50 -10.39 10.79
N GLN A 2587 -80.95 -9.26 11.25
CA GLN A 2587 -79.53 -9.17 11.57
C GLN A 2587 -79.35 -8.31 12.80
N GLU A 2588 -78.28 -8.55 13.53
CA GLU A 2588 -78.06 -7.86 14.79
C GLU A 2588 -78.04 -6.35 14.57
N TYR A 2589 -78.48 -5.64 15.61
CA TYR A 2589 -78.22 -4.21 15.71
C TYR A 2589 -77.76 -3.95 17.14
N THR A 2590 -76.96 -2.89 17.31
CA THR A 2590 -76.42 -2.59 18.62
C THR A 2590 -76.13 -1.10 18.69
N ILE A 2591 -76.02 -0.61 19.92
CA ILE A 2591 -75.75 0.79 20.16
C ILE A 2591 -74.61 0.88 21.18
N ASP A 2592 -73.69 1.81 20.96
CA ASP A 2592 -72.57 2.00 21.87
C ASP A 2592 -73.04 2.79 23.09
N SER A 2593 -72.09 3.23 23.90
CA SER A 2593 -72.38 4.02 25.08
C SER A 2593 -72.57 5.48 24.72
N ASP A 2594 -73.45 6.15 25.45
CA ASP A 2594 -73.72 7.57 25.29
C ASP A 2594 -73.30 8.25 26.58
N TRP A 2595 -72.02 8.58 26.69
CA TRP A 2595 -71.56 9.39 27.79
C TRP A 2595 -71.82 10.86 27.49
N ALA A 2767 -72.05 3.99 35.91
CA ALA A 2767 -72.07 5.10 34.96
C ALA A 2767 -72.07 4.57 33.53
N GLN A 2768 -71.93 3.26 33.40
CA GLN A 2768 -71.83 2.62 32.10
C GLN A 2768 -73.04 1.71 31.90
N VAL A 2769 -73.71 1.87 30.76
CA VAL A 2769 -74.93 1.13 30.48
C VAL A 2769 -74.58 -0.34 30.17
N VAL A 2770 -75.58 -1.21 30.35
CA VAL A 2770 -75.44 -2.63 30.08
C VAL A 2770 -76.56 -3.06 29.15
N LEU A 2771 -76.20 -3.62 27.99
CA LEU A 2771 -77.20 -4.15 27.07
C LEU A 2771 -77.90 -5.36 27.67
N TYR A 2772 -79.16 -5.57 27.26
CA TYR A 2772 -80.00 -6.56 27.93
C TYR A 2772 -80.83 -7.41 26.97
N ARG A 2773 -80.55 -7.40 25.67
CA ARG A 2773 -81.10 -8.37 24.74
C ARG A 2773 -80.32 -8.29 23.45
N SER A 2774 -80.84 -8.92 22.39
CA SER A 2774 -80.16 -8.92 21.10
C SER A 2774 -80.07 -7.52 20.52
N TYR A 2775 -81.16 -6.75 20.62
CA TYR A 2775 -81.30 -5.49 19.93
C TYR A 2775 -81.19 -5.68 18.42
N ARG A 2776 -81.55 -6.87 17.97
CA ARG A 2776 -81.52 -7.19 16.55
C ARG A 2776 -82.53 -6.34 15.79
N HIS A 2777 -82.14 -5.98 14.57
CA HIS A 2777 -83.00 -5.26 13.65
C HIS A 2777 -83.08 -6.03 12.34
N GLY A 2778 -84.28 -6.21 11.82
CA GLY A 2778 -84.41 -6.99 10.60
C GLY A 2778 -85.46 -6.47 9.65
N ASP A 2779 -85.78 -5.19 9.75
CA ASP A 2779 -86.91 -4.59 9.04
C ASP A 2779 -88.21 -5.34 9.38
N LEU A 2780 -88.27 -5.84 10.61
CA LEU A 2780 -89.50 -6.38 11.18
C LEU A 2780 -89.33 -6.40 12.69
N PRO A 2781 -90.40 -6.29 13.46
CA PRO A 2781 -90.32 -6.64 14.89
C PRO A 2781 -90.42 -8.13 15.08
N ASP A 2782 -89.29 -8.75 15.43
CA ASP A 2782 -89.27 -10.18 15.67
C ASP A 2782 -89.67 -10.50 17.11
N ILE A 2783 -90.40 -11.60 17.26
CA ILE A 2783 -90.83 -12.07 18.57
C ILE A 2783 -89.90 -13.17 19.09
N GLN A 2784 -88.71 -13.28 18.50
CA GLN A 2784 -87.84 -14.44 18.67
C GLN A 2784 -86.80 -14.24 19.76
N ILE A 2785 -87.07 -13.39 20.72
CA ILE A 2785 -86.09 -13.04 21.73
C ILE A 2785 -86.33 -13.92 22.94
N LYS A 2786 -85.23 -14.43 23.50
CA LYS A 2786 -85.32 -15.41 24.58
C LYS A 2786 -86.14 -14.87 25.74
N HIS A 2787 -86.88 -15.77 26.38
CA HIS A 2787 -87.63 -15.39 27.58
C HIS A 2787 -86.70 -14.81 28.62
N SER A 2788 -85.42 -15.16 28.56
CA SER A 2788 -84.43 -14.64 29.50
C SER A 2788 -84.37 -13.12 29.48
N SER A 2789 -83.98 -12.56 28.35
CA SER A 2789 -83.85 -11.11 28.24
C SER A 2789 -85.20 -10.41 28.35
N LEU A 2790 -86.30 -11.17 28.30
CA LEU A 2790 -87.61 -10.60 28.53
C LEU A 2790 -87.70 -9.98 29.91
N ILE A 2791 -87.21 -10.68 30.93
CA ILE A 2791 -87.40 -10.26 32.30
C ILE A 2791 -86.12 -9.79 32.97
N THR A 2792 -84.95 -10.07 32.38
CA THR A 2792 -83.70 -9.56 32.95
C THR A 2792 -83.72 -8.05 33.19
N PRO A 2793 -84.30 -7.20 32.33
CA PRO A 2793 -84.39 -5.79 32.71
C PRO A 2793 -85.17 -5.59 33.99
N LEU A 2794 -86.18 -6.43 34.24
CA LEU A 2794 -86.89 -6.37 35.51
C LEU A 2794 -85.92 -6.61 36.66
N GLN A 2795 -85.05 -7.61 36.49
CA GLN A 2795 -83.93 -7.79 37.42
C GLN A 2795 -83.14 -6.52 37.57
N ALA A 2796 -82.88 -5.83 36.46
CA ALA A 2796 -82.03 -4.65 36.50
C ALA A 2796 -82.73 -3.42 37.05
N VAL A 2797 -84.06 -3.44 37.14
CA VAL A 2797 -84.79 -2.22 37.44
C VAL A 2797 -85.44 -2.24 38.82
N ALA A 2798 -85.98 -3.37 39.27
CA ALA A 2798 -86.79 -3.38 40.47
C ALA A 2798 -86.04 -2.85 41.68
N GLN A 2799 -84.72 -3.01 41.70
CA GLN A 2799 -83.91 -2.59 42.83
C GLN A 2799 -83.80 -1.08 42.92
N ARG A 2800 -84.43 -0.35 42.00
CA ARG A 2800 -84.29 1.10 41.95
C ARG A 2800 -85.57 1.81 42.36
N ASP A 2801 -86.69 1.53 41.71
CA ASP A 2801 -87.92 2.20 42.06
C ASP A 2801 -88.66 1.38 43.11
N PRO A 2802 -88.85 1.90 44.32
CA PRO A 2802 -89.59 1.13 45.33
C PRO A 2802 -90.99 0.77 44.88
N ILE A 2803 -91.66 1.66 44.18
CA ILE A 2803 -93.03 1.44 43.76
C ILE A 2803 -93.09 0.22 42.86
N ILE A 2804 -92.46 0.31 41.68
CA ILE A 2804 -92.68 -0.68 40.64
C ILE A 2804 -92.42 -2.08 41.18
N ALA A 2805 -91.35 -2.24 41.95
CA ALA A 2805 -90.98 -3.54 42.46
C ALA A 2805 -92.06 -4.12 43.34
N LYS A 2806 -92.70 -3.29 44.16
CA LYS A 2806 -93.64 -3.85 45.10
C LYS A 2806 -94.98 -4.20 44.46
N GLN A 2807 -95.34 -3.59 43.33
CA GLN A 2807 -96.40 -4.20 42.55
C GLN A 2807 -95.92 -5.48 41.91
N LEU A 2808 -94.68 -5.47 41.40
CA LEU A 2808 -94.11 -6.68 40.81
C LEU A 2808 -94.25 -7.86 41.75
N PHE A 2809 -93.67 -7.76 42.93
CA PHE A 2809 -93.80 -8.82 43.91
C PHE A 2809 -95.25 -9.10 44.27
N SER A 2810 -96.03 -8.04 44.53
CA SER A 2810 -97.42 -8.25 44.88
C SER A 2810 -98.15 -9.00 43.77
N SER A 2811 -97.89 -8.62 42.53
CA SER A 2811 -98.46 -9.35 41.40
C SER A 2811 -98.00 -10.80 41.40
N LEU A 2812 -96.69 -11.02 41.54
CA LEU A 2812 -96.18 -12.39 41.56
C LEU A 2812 -96.74 -13.18 42.73
N PHE A 2813 -96.73 -12.59 43.92
CA PHE A 2813 -97.23 -13.32 45.08
C PHE A 2813 -98.68 -13.74 44.90
N SER A 2814 -99.51 -12.83 44.40
CA SER A 2814 -100.91 -13.16 44.20
C SER A 2814 -101.07 -14.33 43.24
N GLY A 2815 -100.33 -14.32 42.13
CA GLY A 2815 -100.38 -15.45 41.22
C GLY A 2815 -99.94 -16.74 41.88
N ILE A 2816 -98.95 -16.64 42.78
CA ILE A 2816 -98.53 -17.79 43.56
C ILE A 2816 -99.68 -18.29 44.41
N LEU A 2817 -100.39 -17.37 45.06
CA LEU A 2817 -101.58 -17.74 45.82
C LEU A 2817 -102.58 -18.49 44.96
N LYS A 2818 -102.90 -17.93 43.79
CA LYS A 2818 -103.84 -18.60 42.91
C LYS A 2818 -103.28 -19.93 42.45
N GLU A 2819 -101.97 -19.99 42.21
CA GLU A 2819 -101.38 -21.19 41.64
C GLU A 2819 -101.27 -22.32 42.65
N MET A 2820 -100.85 -22.03 43.88
CA MET A 2820 -100.43 -23.10 44.77
C MET A 2820 -101.56 -24.06 45.11
N ASP A 2821 -102.81 -23.62 45.01
CA ASP A 2821 -103.94 -24.50 45.26
C ASP A 2821 -103.99 -25.66 44.28
N LYS A 2822 -103.38 -25.51 43.10
CA LYS A 2822 -103.51 -26.51 42.04
C LYS A 2822 -103.00 -27.88 42.45
N PHE A 2823 -102.15 -27.95 43.46
CA PHE A 2823 -101.48 -29.20 43.79
C PHE A 2823 -101.40 -29.43 45.30
N LYS A 2824 -102.21 -28.73 46.08
CA LYS A 2824 -102.13 -28.83 47.54
C LYS A 2824 -103.49 -29.16 48.12
N THR A 2825 -103.48 -29.46 49.41
CA THR A 2825 -104.71 -29.74 50.15
C THR A 2825 -105.13 -28.51 50.91
N LEU A 2826 -106.43 -28.39 51.14
CA LEU A 2826 -106.96 -27.22 51.83
C LEU A 2826 -106.27 -27.03 53.18
N SER A 2827 -106.00 -28.13 53.89
CA SER A 2827 -105.47 -28.03 55.24
C SER A 2827 -104.11 -27.34 55.25
N GLU A 2828 -103.17 -27.85 54.46
CA GLU A 2828 -101.84 -27.26 54.42
C GLU A 2828 -101.90 -25.81 53.97
N LYS A 2829 -102.77 -25.50 53.02
CA LYS A 2829 -102.99 -24.11 52.63
C LYS A 2829 -103.39 -23.29 53.84
N ASN A 2830 -104.33 -23.78 54.62
CA ASN A 2830 -104.74 -23.09 55.83
C ASN A 2830 -103.57 -22.92 56.79
N ASN A 2831 -102.79 -23.98 56.96
CA ASN A 2831 -101.60 -23.88 57.82
C ASN A 2831 -100.65 -22.82 57.27
N ILE A 2832 -100.39 -22.87 55.97
CA ILE A 2832 -99.53 -21.87 55.35
C ILE A 2832 -100.08 -20.47 55.59
N THR A 2833 -101.38 -20.30 55.35
CA THR A 2833 -102.00 -19.00 55.54
C THR A 2833 -101.78 -18.49 56.96
N GLN A 2834 -101.96 -19.37 57.94
CA GLN A 2834 -101.73 -18.96 59.32
C GLN A 2834 -100.26 -18.66 59.58
N LYS A 2835 -99.37 -19.52 59.11
CA LYS A 2835 -97.94 -19.31 59.37
C LYS A 2835 -97.50 -17.98 58.81
N LEU A 2836 -97.93 -17.66 57.59
CA LEU A 2836 -97.67 -16.32 57.07
C LEU A 2836 -98.29 -15.26 57.97
N LEU A 2837 -99.56 -15.43 58.32
CA LEU A 2837 -100.31 -14.37 58.98
C LEU A 2837 -99.56 -13.86 60.22
N GLN A 2838 -99.12 -14.78 61.07
CA GLN A 2838 -98.34 -14.39 62.24
C GLN A 2838 -97.00 -13.78 61.84
N ASP A 2839 -96.38 -14.26 60.76
CA ASP A 2839 -95.12 -13.68 60.33
C ASP A 2839 -95.29 -12.20 60.00
N PHE A 2840 -96.38 -11.85 59.32
CA PHE A 2840 -96.61 -10.46 58.99
C PHE A 2840 -96.81 -9.65 60.26
N ASN A 2841 -97.58 -10.18 61.21
CA ASN A 2841 -97.72 -9.52 62.49
C ASN A 2841 -96.36 -9.21 63.07
N ARG A 2842 -95.45 -10.19 63.03
CA ARG A 2842 -94.08 -9.94 63.42
C ARG A 2842 -93.50 -8.77 62.65
N PHE A 2843 -93.60 -8.81 61.32
CA PHE A 2843 -93.02 -7.75 60.52
C PHE A 2843 -93.63 -6.41 60.87
N LEU A 2844 -94.93 -6.37 61.09
CA LEU A 2844 -95.59 -5.12 61.47
C LEU A 2844 -95.03 -4.59 62.78
N ASN A 2845 -95.01 -5.43 63.82
CA ASN A 2845 -94.61 -4.94 65.13
C ASN A 2845 -93.11 -4.72 65.25
N THR A 2846 -92.31 -5.43 64.45
CA THR A 2846 -90.86 -5.38 64.62
C THR A 2846 -90.28 -4.07 64.10
N THR A 2847 -90.45 -3.81 62.80
CA THR A 2847 -89.76 -2.69 62.18
C THR A 2847 -90.24 -1.37 62.74
N PHE A 2848 -89.45 -0.34 62.48
CA PHE A 2848 -89.69 1.02 62.94
C PHE A 2848 -89.68 2.05 61.82
N SER A 2849 -88.91 1.81 60.76
CA SER A 2849 -88.85 2.76 59.66
C SER A 2849 -90.22 2.98 59.04
N PHE A 2850 -91.02 1.92 58.97
CA PHE A 2850 -92.37 1.98 58.42
C PHE A 2850 -92.33 2.52 56.99
N PHE A 2851 -91.58 1.82 56.18
CA PHE A 2851 -91.42 2.18 54.79
C PHE A 2851 -92.77 2.06 54.08
N PRO A 2852 -93.35 3.16 53.61
CA PRO A 2852 -94.70 3.11 53.06
C PRO A 2852 -94.85 2.16 51.89
N PRO A 2853 -94.01 2.21 50.85
CA PRO A 2853 -94.22 1.22 49.77
C PRO A 2853 -93.93 -0.19 50.24
N PHE A 2854 -92.94 -0.34 51.11
CA PHE A 2854 -92.76 -1.60 51.82
C PHE A 2854 -94.04 -2.06 52.49
N VAL A 2855 -94.61 -1.23 53.36
CA VAL A 2855 -95.82 -1.63 54.05
C VAL A 2855 -96.97 -1.71 53.06
N SER A 2856 -96.99 -0.82 52.06
CA SER A 2856 -98.14 -0.71 51.17
C SER A 2856 -98.46 -2.05 50.52
N CYS A 2857 -97.47 -2.67 49.89
CA CYS A 2857 -97.69 -3.94 49.22
C CYS A 2857 -98.17 -5.01 50.19
N ILE A 2858 -97.87 -4.83 51.48
CA ILE A 2858 -98.30 -5.82 52.47
C ILE A 2858 -99.81 -5.87 52.54
N GLN A 2859 -100.46 -4.70 52.63
CA GLN A 2859 -101.91 -4.70 52.59
C GLN A 2859 -102.41 -5.27 51.28
N ASP A 2860 -101.71 -4.96 50.18
CA ASP A 2860 -102.06 -5.52 48.89
C ASP A 2860 -102.10 -7.04 48.94
N ILE A 2861 -101.04 -7.64 49.47
CA ILE A 2861 -100.97 -9.09 49.54
C ILE A 2861 -102.11 -9.64 50.37
N SER A 2862 -102.35 -9.04 51.54
CA SER A 2862 -103.44 -9.47 52.39
C SER A 2862 -104.79 -9.25 51.71
N CYS A 2863 -104.97 -8.09 51.08
CA CYS A 2863 -106.23 -7.79 50.43
C CYS A 2863 -106.53 -8.76 49.30
N GLN A 2864 -105.51 -9.44 48.79
CA GLN A 2864 -105.71 -10.33 47.65
C GLN A 2864 -106.69 -11.45 47.99
N HIS A 2865 -106.59 -12.01 49.19
CA HIS A 2865 -107.46 -13.10 49.59
C HIS A 2865 -108.10 -12.82 50.94
N ALA A 2866 -109.42 -13.03 51.00
CA ALA A 2866 -110.14 -12.90 52.27
C ALA A 2866 -109.70 -13.95 53.28
N ALA A 2867 -109.11 -15.05 52.82
CA ALA A 2867 -108.58 -16.03 53.76
C ALA A 2867 -107.52 -15.40 54.65
N LEU A 2868 -106.63 -14.59 54.06
CA LEU A 2868 -105.67 -13.84 54.84
C LEU A 2868 -106.34 -12.87 55.78
N LEU A 2869 -107.54 -12.41 55.42
CA LEU A 2869 -108.12 -11.20 55.97
C LEU A 2869 -108.58 -11.38 57.41
N SER A 2870 -107.63 -11.64 58.32
CA SER A 2870 -107.96 -11.72 59.74
C SER A 2870 -106.86 -11.11 60.61
N LEU A 2871 -106.10 -10.16 60.08
CA LEU A 2871 -104.92 -9.66 60.77
C LEU A 2871 -105.27 -8.73 61.92
N ASP A 2872 -104.27 -8.47 62.75
CA ASP A 2872 -104.41 -7.62 63.92
C ASP A 2872 -104.57 -6.16 63.53
N PRO A 2873 -105.65 -5.49 63.96
CA PRO A 2873 -105.72 -4.03 63.77
C PRO A 2873 -104.60 -3.29 64.47
N ALA A 2874 -104.11 -3.80 65.61
CA ALA A 2874 -103.21 -3.02 66.45
C ALA A 2874 -101.93 -2.63 65.74
N ALA A 2875 -101.13 -3.62 65.35
CA ALA A 2875 -99.82 -3.32 64.78
C ALA A 2875 -99.95 -2.52 63.49
N VAL A 2876 -100.92 -2.89 62.65
CA VAL A 2876 -101.10 -2.17 61.39
C VAL A 2876 -101.54 -0.74 61.65
N SER A 2877 -102.45 -0.55 62.61
CA SER A 2877 -102.89 0.80 62.93
C SER A 2877 -101.73 1.65 63.41
N ALA A 2878 -100.86 1.07 64.23
CA ALA A 2878 -99.70 1.80 64.72
C ALA A 2878 -98.79 2.24 63.58
N GLY A 2879 -98.62 1.38 62.58
CA GLY A 2879 -97.65 1.66 61.53
C GLY A 2879 -98.09 2.59 60.41
N CYS A 2880 -99.28 2.36 59.84
CA CYS A 2880 -99.68 3.12 58.66
C CYS A 2880 -99.77 4.61 58.97
N LEU A 2881 -100.14 4.96 60.20
CA LEU A 2881 -100.13 6.38 60.57
C LEU A 2881 -98.74 6.97 60.44
N ALA A 2882 -97.71 6.22 60.82
CA ALA A 2882 -96.35 6.69 60.59
C ALA A 2882 -96.00 6.61 59.11
N SER A 2883 -96.37 5.52 58.45
CA SER A 2883 -96.14 5.42 57.01
C SER A 2883 -97.11 6.28 56.20
N LEU A 2884 -98.13 6.85 56.85
CA LEU A 2884 -99.13 7.66 56.16
C LEU A 2884 -99.85 6.85 55.09
N GLN A 2885 -100.00 5.55 55.33
CA GLN A 2885 -100.51 4.61 54.34
C GLN A 2885 -101.88 4.09 54.77
N GLN A 2886 -102.70 4.99 55.27
CA GLN A 2886 -104.03 4.61 55.77
C GLN A 2886 -104.92 3.92 54.75
N PRO A 2887 -105.11 4.44 53.52
CA PRO A 2887 -106.19 3.92 52.67
C PRO A 2887 -106.16 2.43 52.46
N VAL A 2888 -104.97 1.87 52.28
CA VAL A 2888 -104.85 0.43 52.04
C VAL A 2888 -105.32 -0.36 53.26
N GLY A 2889 -104.93 0.09 54.46
CA GLY A 2889 -105.47 -0.53 55.66
C GLY A 2889 -106.95 -0.26 55.84
N ILE A 2890 -107.39 0.94 55.47
CA ILE A 2890 -108.80 1.29 55.60
C ILE A 2890 -109.66 0.32 54.80
N ARG A 2891 -109.26 0.07 53.55
CA ARG A 2891 -109.94 -0.93 52.75
C ARG A 2891 -109.88 -2.28 53.43
N LEU A 2892 -108.71 -2.64 53.95
CA LEU A 2892 -108.55 -3.93 54.61
C LEU A 2892 -109.52 -4.07 55.78
N LEU A 2893 -109.59 -3.04 56.62
CA LEU A 2893 -110.42 -3.16 57.81
C LEU A 2893 -111.89 -3.32 57.46
N GLU A 2894 -112.37 -2.55 56.49
CA GLU A 2894 -113.77 -2.68 56.10
C GLU A 2894 -114.05 -4.08 55.56
N GLU A 2895 -113.27 -4.52 54.58
CA GLU A 2895 -113.47 -5.86 54.04
C GLU A 2895 -113.25 -6.92 55.11
N ALA A 2896 -112.36 -6.64 56.07
CA ALA A 2896 -112.23 -7.54 57.22
C ALA A 2896 -113.53 -7.58 58.00
N LEU A 2897 -114.10 -6.41 58.28
CA LEU A 2897 -115.41 -6.37 58.93
C LEU A 2897 -116.51 -6.92 58.03
N LEU A 2898 -116.25 -7.08 56.74
CA LEU A 2898 -117.24 -7.64 55.84
C LEU A 2898 -117.14 -9.16 55.73
N ARG A 2899 -115.99 -9.66 55.31
CA ARG A 2899 -115.84 -11.06 54.90
C ARG A 2899 -114.99 -11.86 55.88
N LEU A 2900 -115.17 -11.58 57.17
CA LEU A 2900 -114.52 -12.36 58.23
C LEU A 2900 -115.28 -13.64 58.52
N LEU A 2901 -114.94 -14.30 59.63
CA LEU A 2901 -115.71 -15.44 60.08
C LEU A 2901 -117.17 -15.03 60.27
N PRO A 2902 -118.11 -16.00 60.19
CA PRO A 2902 -119.53 -15.63 60.04
C PRO A 2902 -120.03 -14.61 61.06
N ALA A 2903 -120.25 -13.41 60.55
CA ALA A 2903 -120.91 -12.31 61.25
C ALA A 2903 -120.04 -11.72 62.36
N GLU A 2904 -118.97 -12.42 62.73
CA GLU A 2904 -118.00 -12.10 63.78
C GLU A 2904 -116.92 -13.17 63.75
N LEU A 2905 -115.83 -12.86 64.42
CA LEU A 2905 -114.79 -13.82 64.73
C LEU A 2905 -115.10 -14.52 66.04
N PRO A 2906 -114.52 -15.68 66.31
CA PRO A 2906 -114.75 -16.36 67.59
C PRO A 2906 -114.32 -15.49 68.77
N ALA A 2907 -114.72 -15.93 69.96
CA ALA A 2907 -114.52 -15.15 71.17
C ALA A 2907 -113.03 -14.96 71.45
N LYS A 2908 -112.65 -13.72 71.75
CA LYS A 2908 -111.28 -13.41 72.12
C LYS A 2908 -111.11 -13.66 73.62
N ARG A 2909 -109.85 -13.76 74.04
CA ARG A 2909 -109.54 -13.96 75.45
C ARG A 2909 -110.02 -12.77 76.27
N VAL A 2910 -109.97 -12.93 77.59
CA VAL A 2910 -110.40 -11.86 78.48
C VAL A 2910 -109.45 -10.67 78.42
N ARG A 2911 -108.25 -10.86 77.90
CA ARG A 2911 -107.21 -9.84 77.99
C ARG A 2911 -107.54 -8.66 77.09
N GLY A 2912 -107.76 -7.52 77.70
CA GLY A 2912 -107.91 -6.27 77.00
C GLY A 2912 -107.66 -5.18 78.02
N LYS A 2913 -108.34 -4.04 77.84
CA LYS A 2913 -108.40 -3.09 78.94
C LYS A 2913 -109.12 -3.72 80.13
N ALA A 2914 -110.31 -4.24 79.88
CA ALA A 2914 -110.92 -5.28 80.71
C ALA A 2914 -111.42 -6.45 79.87
N ARG A 2915 -112.02 -6.18 78.71
CA ARG A 2915 -112.45 -7.20 77.76
C ARG A 2915 -112.78 -6.55 76.43
N LEU A 2916 -112.19 -7.04 75.35
CA LEU A 2916 -112.27 -6.33 74.07
C LEU A 2916 -113.07 -7.11 73.04
N PRO A 2917 -114.19 -6.56 72.56
CA PRO A 2917 -114.86 -7.15 71.40
C PRO A 2917 -114.04 -6.92 70.15
N PRO A 2918 -113.61 -7.99 69.47
CA PRO A 2918 -112.70 -7.82 68.33
C PRO A 2918 -113.27 -6.96 67.22
N ASP A 2919 -114.58 -7.06 66.95
CA ASP A 2919 -115.19 -6.28 65.89
C ASP A 2919 -114.98 -4.79 66.11
N VAL A 2920 -115.52 -4.26 67.20
CA VAL A 2920 -115.36 -2.85 67.49
C VAL A 2920 -113.89 -2.50 67.69
N LEU A 2921 -113.07 -3.50 68.02
CA LEU A 2921 -111.64 -3.24 68.14
C LEU A 2921 -111.09 -2.68 66.84
N ARG A 2922 -111.28 -3.39 65.73
CA ARG A 2922 -110.87 -2.80 64.46
C ARG A 2922 -111.74 -1.60 64.09
N TRP A 2923 -113.00 -1.59 64.55
CA TRP A 2923 -113.84 -0.43 64.27
C TRP A 2923 -113.19 0.84 64.80
N VAL A 2924 -112.78 0.82 66.07
CA VAL A 2924 -112.17 2.01 66.65
C VAL A 2924 -110.77 2.23 66.10
N GLU A 2925 -110.05 1.15 65.78
CA GLU A 2925 -108.72 1.33 65.21
C GLU A 2925 -108.81 2.10 63.91
N LEU A 2926 -109.73 1.69 63.04
CA LEU A 2926 -109.98 2.44 61.82
C LEU A 2926 -110.43 3.86 62.14
N ALA A 2927 -111.26 4.00 63.17
CA ALA A 2927 -111.70 5.33 63.59
C ALA A 2927 -110.52 6.19 64.03
N LYS A 2928 -109.54 5.59 64.70
CA LYS A 2928 -108.46 6.41 65.21
C LYS A 2928 -107.43 6.72 64.11
N LEU A 2929 -107.45 5.96 63.02
CA LEU A 2929 -106.79 6.45 61.81
C LEU A 2929 -107.58 7.60 61.19
N TYR A 2930 -108.90 7.63 61.38
CA TYR A 2930 -109.66 8.80 60.99
C TYR A 2930 -109.29 9.96 61.89
N ARG A 2931 -108.56 9.68 62.93
CA ARG A 2931 -108.00 10.77 63.70
C ARG A 2931 -106.76 11.37 63.04
N SER A 2932 -105.90 10.51 62.49
CA SER A 2932 -104.89 11.02 61.56
C SER A 2932 -105.55 11.79 60.43
N ILE A 2933 -106.54 11.19 59.77
CA ILE A 2933 -107.16 11.84 58.62
C ILE A 2933 -108.06 12.99 59.07
N GLY A 2934 -108.96 12.72 60.01
CA GLY A 2934 -109.82 13.77 60.50
C GLY A 2934 -110.90 14.12 59.50
N GLU A 2935 -111.64 13.12 59.03
CA GLU A 2935 -112.73 13.33 58.09
C GLU A 2935 -114.01 13.06 58.84
N TYR A 2936 -114.83 14.10 59.02
CA TYR A 2936 -115.73 14.12 60.16
C TYR A 2936 -117.12 13.56 59.91
N ASP A 2937 -117.71 13.78 58.74
CA ASP A 2937 -119.04 13.22 58.51
C ASP A 2937 -119.00 11.70 58.50
N VAL A 2938 -117.91 11.13 57.98
CA VAL A 2938 -117.76 9.66 57.98
C VAL A 2938 -117.83 9.15 59.41
N LEU A 2939 -117.19 9.87 60.33
CA LEU A 2939 -117.17 9.53 61.74
C LEU A 2939 -118.57 9.41 62.31
N ARG A 2940 -119.36 10.48 62.20
CA ARG A 2940 -120.56 10.60 63.00
C ARG A 2940 -121.54 9.48 62.66
N GLY A 2941 -121.61 9.13 61.39
CA GLY A 2941 -122.40 7.98 61.01
C GLY A 2941 -121.83 6.68 61.56
N ILE A 2942 -120.53 6.49 61.40
CA ILE A 2942 -119.87 5.29 61.89
C ILE A 2942 -119.94 5.25 63.41
N PHE A 2943 -120.04 6.43 64.02
CA PHE A 2943 -120.12 6.54 65.47
C PHE A 2943 -121.38 5.86 65.98
N THR A 2944 -122.54 6.41 65.62
CA THR A 2944 -123.83 5.85 66.04
C THR A 2944 -124.30 4.77 65.08
N SER A 2945 -123.58 3.65 65.07
CA SER A 2945 -123.92 2.52 64.20
C SER A 2945 -123.24 1.25 64.70
N GLU A 2946 -122.23 1.43 65.56
CA GLU A 2946 -121.50 0.30 66.12
C GLU A 2946 -121.06 0.59 67.55
N ILE A 2947 -120.98 1.86 67.90
CA ILE A 2947 -120.59 2.27 69.24
C ILE A 2947 -121.49 3.37 69.78
N GLY A 2948 -122.26 3.99 68.90
CA GLY A 2948 -123.17 5.05 69.28
C GLY A 2948 -124.57 4.51 69.50
N THR A 2949 -124.71 3.62 70.48
CA THR A 2949 -125.99 3.01 70.78
C THR A 2949 -126.71 3.78 71.89
N LYS A 2950 -125.96 4.43 72.76
CA LYS A 2950 -126.57 5.21 73.81
C LYS A 2950 -127.11 6.51 73.24
N GLN A 2951 -128.21 6.98 73.83
CA GLN A 2951 -128.81 8.23 73.39
C GLN A 2951 -127.87 9.41 73.65
N ILE A 2952 -126.99 9.27 74.64
CA ILE A 2952 -126.01 10.31 74.93
C ILE A 2952 -125.09 10.52 73.74
N THR A 2953 -124.86 9.47 72.95
CA THR A 2953 -123.98 9.59 71.79
C THR A 2953 -124.52 10.60 70.79
N GLN A 2954 -125.78 10.43 70.39
CA GLN A 2954 -126.37 11.42 69.50
C GLN A 2954 -126.64 12.73 70.23
N SER A 2955 -126.74 12.71 71.56
CA SER A 2955 -126.85 13.95 72.30
C SER A 2955 -125.62 14.82 72.09
N ALA A 2956 -124.43 14.25 72.33
CA ALA A 2956 -123.22 14.97 72.00
C ALA A 2956 -123.08 15.17 70.51
N LEU A 2957 -123.61 14.22 69.72
CA LEU A 2957 -123.45 14.29 68.27
C LEU A 2957 -124.06 15.55 67.70
N LEU A 2958 -125.33 15.80 68.04
CA LEU A 2958 -125.99 17.02 67.60
C LEU A 2958 -125.29 18.25 68.17
N ALA A 2959 -124.81 18.15 69.41
CA ALA A 2959 -124.13 19.28 70.04
C ALA A 2959 -122.97 19.75 69.17
N GLU A 2960 -121.99 18.87 68.96
CA GLU A 2960 -120.89 19.21 68.07
C GLU A 2960 -121.40 19.55 66.67
N ALA A 2961 -122.44 18.84 66.22
CA ALA A 2961 -123.06 19.20 64.95
C ALA A 2961 -123.63 20.60 64.99
N ARG A 2962 -124.27 20.96 66.10
CA ARG A 2962 -124.76 22.30 66.31
C ARG A 2962 -123.70 23.23 66.90
N SER A 2963 -122.43 22.87 66.79
CA SER A 2963 -121.32 23.67 67.29
C SER A 2963 -121.42 23.92 68.78
N ASP A 2964 -122.09 23.01 69.49
CA ASP A 2964 -122.27 23.13 70.92
C ASP A 2964 -121.48 22.03 71.63
N TYR A 2965 -120.95 22.37 72.79
CA TYR A 2965 -120.12 21.45 73.54
C TYR A 2965 -120.42 21.42 75.02
N SER A 2966 -121.04 22.46 75.58
CA SER A 2966 -121.31 22.48 77.01
C SER A 2966 -122.26 21.36 77.41
N GLU A 2967 -123.40 21.23 76.71
CA GLU A 2967 -124.35 20.21 77.09
C GLU A 2967 -123.76 18.82 76.89
N ALA A 2968 -123.03 18.63 75.80
CA ALA A 2968 -122.36 17.35 75.57
C ALA A 2968 -121.32 17.08 76.64
N ALA A 2969 -120.62 18.13 77.09
CA ALA A 2969 -119.75 17.97 78.25
C ALA A 2969 -120.56 17.55 79.46
N LYS A 2970 -121.71 18.18 79.68
CA LYS A 2970 -122.60 17.75 80.75
C LYS A 2970 -123.05 16.31 80.52
N GLN A 2971 -123.34 15.96 79.26
CA GLN A 2971 -123.62 14.57 78.93
C GLN A 2971 -122.52 13.65 79.44
N TYR A 2972 -121.31 13.81 78.91
CA TYR A 2972 -120.29 12.79 79.12
C TYR A 2972 -119.70 12.84 80.51
N ASP A 2973 -119.62 14.04 81.12
CA ASP A 2973 -119.15 14.09 82.50
C ASP A 2973 -120.08 13.33 83.42
N GLU A 2974 -121.39 13.46 83.20
CA GLU A 2974 -122.34 12.60 83.89
C GLU A 2974 -122.11 11.15 83.52
N ALA A 2975 -121.92 10.88 82.23
CA ALA A 2975 -121.66 9.50 81.80
C ALA A 2975 -120.42 8.96 82.49
N LEU A 2976 -119.37 9.77 82.61
CA LEU A 2976 -118.23 9.40 83.42
C LEU A 2976 -118.66 9.15 84.86
N ASN A 2977 -119.47 10.04 85.43
CA ASN A 2977 -119.95 9.84 86.79
C ASN A 2977 -121.01 8.75 86.85
N LYS A 2978 -121.67 8.45 85.72
CA LYS A 2978 -122.66 7.38 85.67
C LYS A 2978 -121.94 6.06 85.41
N GLN A 2979 -121.42 5.48 86.49
CA GLN A 2979 -120.89 4.12 86.37
C GLN A 2979 -122.01 3.13 86.14
N ASP A 2980 -123.13 3.29 86.82
CA ASP A 2980 -124.26 2.41 86.66
C ASP A 2980 -124.85 2.55 85.26
N TRP A 2981 -125.42 1.47 84.76
CA TRP A 2981 -126.13 1.50 83.48
C TRP A 2981 -127.29 0.52 83.57
N VAL A 2982 -128.47 1.06 83.93
CA VAL A 2982 -129.67 0.23 84.02
C VAL A 2982 -130.00 -0.38 82.66
N ASP A 2983 -129.64 0.31 81.59
CA ASP A 2983 -129.74 -0.17 80.23
C ASP A 2983 -128.72 -1.23 79.91
N GLY A 2984 -127.96 -1.65 80.91
CA GLY A 2984 -126.85 -2.55 80.69
C GLY A 2984 -125.56 -1.79 80.56
N GLU A 2985 -124.53 -2.22 81.27
CA GLU A 2985 -123.25 -1.54 81.22
C GLU A 2985 -122.63 -1.70 79.84
N PRO A 2986 -122.34 -0.61 79.13
CA PRO A 2986 -121.73 -0.73 77.81
C PRO A 2986 -120.26 -1.13 77.91
N THR A 2987 -119.67 -1.39 76.76
CA THR A 2987 -118.25 -1.67 76.71
C THR A 2987 -117.47 -0.43 77.13
N GLU A 2988 -116.30 -0.65 77.71
CA GLU A 2988 -115.43 0.46 78.09
C GLU A 2988 -114.96 1.26 76.89
N ALA A 2989 -114.95 0.65 75.70
CA ALA A 2989 -114.51 1.38 74.52
C ALA A 2989 -115.41 2.57 74.25
N GLU A 2990 -116.73 2.38 74.37
CA GLU A 2990 -117.65 3.51 74.28
C GLU A 2990 -117.37 4.50 75.41
N LYS A 2991 -117.04 4.00 76.59
CA LYS A 2991 -116.64 4.89 77.68
C LYS A 2991 -115.37 5.66 77.30
N ASP A 2992 -114.40 4.97 76.72
CA ASP A 2992 -113.23 5.66 76.18
C ASP A 2992 -113.65 6.66 75.11
N PHE A 2993 -114.61 6.26 74.28
CA PHE A 2993 -115.13 7.19 73.28
C PHE A 2993 -115.65 8.45 73.93
N TRP A 2994 -116.41 8.31 75.02
CA TRP A 2994 -116.92 9.47 75.72
C TRP A 2994 -115.78 10.35 76.22
N GLU A 2995 -114.75 9.71 76.79
CA GLU A 2995 -113.65 10.47 77.39
C GLU A 2995 -112.86 11.22 76.35
N LEU A 2996 -112.54 10.57 75.23
CA LEU A 2996 -111.83 11.26 74.16
C LEU A 2996 -112.70 12.37 73.58
N ALA A 2997 -114.01 12.12 73.48
CA ALA A 2997 -114.91 13.17 73.05
C ALA A 2997 -114.91 14.32 74.03
N SER A 2998 -114.83 14.02 75.33
CA SER A 2998 -114.72 15.08 76.32
C SER A 2998 -113.47 15.92 76.08
N LEU A 2999 -112.37 15.27 75.71
CA LEU A 2999 -111.17 15.99 75.33
C LEU A 2999 -111.44 16.89 74.13
N ASP A 3000 -112.21 16.39 73.16
CA ASP A 3000 -112.38 17.09 71.90
C ASP A 3000 -113.10 18.43 72.08
N CYS A 3001 -114.22 18.42 72.80
CA CYS A 3001 -114.97 19.65 73.03
C CYS A 3001 -114.16 20.61 73.90
N TYR A 3002 -113.55 20.10 74.96
CA TYR A 3002 -112.69 20.92 75.79
C TYR A 3002 -111.53 21.48 74.97
N ASN A 3003 -111.04 20.69 74.02
CA ASN A 3003 -110.20 21.25 72.97
C ASN A 3003 -110.95 22.33 72.20
N HIS A 3004 -112.18 22.03 71.81
CA HIS A 3004 -112.99 23.01 71.09
C HIS A 3004 -113.38 24.17 71.97
N LEU A 3005 -113.14 24.08 73.27
CA LEU A 3005 -113.26 25.19 74.18
C LEU A 3005 -111.88 25.65 74.59
N ALA A 3006 -111.85 26.71 75.39
CA ALA A 3006 -110.61 27.29 75.86
C ALA A 3006 -110.50 27.25 77.38
N GLU A 3007 -111.53 26.75 78.06
CA GLU A 3007 -111.40 26.52 79.49
C GLU A 3007 -110.50 25.31 79.64
N TRP A 3008 -109.20 25.54 79.78
CA TRP A 3008 -108.27 24.44 79.83
C TRP A 3008 -108.20 23.82 81.22
N LYS A 3009 -108.72 24.51 82.25
CA LYS A 3009 -108.87 23.94 83.58
C LYS A 3009 -109.33 22.49 83.55
N SER A 3010 -110.39 22.23 82.79
CA SER A 3010 -110.83 20.86 82.60
C SER A 3010 -109.78 20.01 81.89
N LEU A 3011 -109.05 20.61 80.95
CA LEU A 3011 -108.10 19.83 80.16
C LEU A 3011 -107.03 19.20 81.04
N GLU A 3012 -106.42 19.96 81.96
CA GLU A 3012 -105.51 19.27 82.88
C GLU A 3012 -106.30 18.39 83.84
N TYR A 3013 -107.52 18.81 84.19
CA TYR A 3013 -108.35 17.99 85.05
C TYR A 3013 -108.62 16.63 84.42
N CYS A 3014 -109.10 16.63 83.16
CA CYS A 3014 -109.36 15.37 82.50
C CYS A 3014 -108.06 14.64 82.17
N SER A 3015 -106.98 15.39 81.92
CA SER A 3015 -105.69 14.75 81.65
C SER A 3015 -105.21 14.00 82.88
N THR A 3016 -105.20 14.67 84.04
CA THR A 3016 -104.87 13.99 85.28
C THR A 3016 -105.79 12.81 85.51
N ALA A 3017 -107.08 12.98 85.17
CA ALA A 3017 -108.03 11.87 85.30
C ALA A 3017 -107.66 10.72 84.38
N SER A 3018 -107.19 11.03 83.16
CA SER A 3018 -106.79 9.98 82.24
C SER A 3018 -105.61 9.16 82.76
N ILE A 3019 -104.92 9.68 83.77
CA ILE A 3019 -103.77 9.01 84.36
C ILE A 3019 -104.00 8.94 85.86
N ASP A 3020 -102.98 8.53 86.60
CA ASP A 3020 -102.99 8.71 88.04
C ASP A 3020 -103.30 10.17 88.38
N SER A 3021 -104.39 10.40 89.10
CA SER A 3021 -104.80 11.74 89.48
C SER A 3021 -104.85 11.95 90.98
N GLU A 3022 -105.04 10.88 91.76
CA GLU A 3022 -104.95 10.98 93.21
C GLU A 3022 -103.59 11.49 93.66
N ASN A 3023 -102.58 11.35 92.82
CA ASN A 3023 -101.23 11.76 93.11
C ASN A 3023 -100.81 12.88 92.16
N PRO A 3024 -99.66 13.51 92.36
CA PRO A 3024 -99.03 14.24 91.28
C PRO A 3024 -98.78 13.31 90.11
N PRO A 3025 -98.88 13.82 88.88
CA PRO A 3025 -98.85 12.92 87.72
C PRO A 3025 -97.55 12.13 87.66
N ASP A 3026 -97.66 10.90 87.18
CA ASP A 3026 -96.47 10.07 86.98
C ASP A 3026 -95.69 10.63 85.81
N LEU A 3027 -95.08 11.81 86.02
CA LEU A 3027 -94.60 12.69 84.99
C LEU A 3027 -93.18 12.39 84.54
N ASN A 3028 -92.69 11.18 84.78
CA ASN A 3028 -91.35 10.85 84.32
C ASN A 3028 -91.40 9.69 83.33
N LYS A 3029 -92.26 9.84 82.31
CA LYS A 3029 -92.39 8.94 81.18
C LYS A 3029 -92.97 7.58 81.58
N ILE A 3030 -94.13 7.61 82.23
CA ILE A 3030 -95.01 6.46 82.27
C ILE A 3030 -95.96 6.66 81.09
N TRP A 3031 -95.51 7.49 80.16
CA TRP A 3031 -96.26 7.75 78.93
C TRP A 3031 -95.81 6.84 77.81
N SER A 3032 -94.54 6.45 77.83
CA SER A 3032 -93.96 5.71 76.71
C SER A 3032 -94.64 4.36 76.51
N GLU A 3033 -94.96 3.67 77.61
CA GLU A 3033 -95.55 2.34 77.46
C GLU A 3033 -97.02 2.39 77.06
N PRO A 3034 -97.90 3.20 77.69
CA PRO A 3034 -99.30 3.20 77.25
C PRO A 3034 -99.47 4.09 76.03
N PHE A 3035 -99.66 3.46 74.87
CA PHE A 3035 -99.86 4.18 73.63
C PHE A 3035 -101.05 5.13 73.73
N TYR A 3036 -102.00 4.80 74.60
CA TYR A 3036 -103.06 5.73 74.92
C TYR A 3036 -102.47 7.06 75.33
N GLN A 3037 -101.69 7.05 76.41
CA GLN A 3037 -101.16 8.30 76.95
C GLN A 3037 -100.31 9.01 75.90
N GLU A 3038 -99.51 8.25 75.15
CA GLU A 3038 -98.85 8.84 73.99
C GLU A 3038 -99.85 9.48 73.05
N THR A 3039 -100.98 8.83 72.81
CA THR A 3039 -102.04 9.47 72.06
C THR A 3039 -102.56 10.69 72.79
N TYR A 3040 -102.72 10.59 74.12
CA TYR A 3040 -103.26 11.71 74.88
C TYR A 3040 -102.30 12.87 74.98
N LEU A 3041 -101.01 12.65 74.77
CA LEU A 3041 -100.02 13.68 75.07
C LEU A 3041 -100.36 15.03 74.45
N PRO A 3042 -100.76 15.14 73.17
CA PRO A 3042 -101.08 16.45 72.59
C PRO A 3042 -101.89 17.32 73.52
N TYR A 3043 -103.09 16.85 73.86
CA TYR A 3043 -104.03 17.66 74.63
C TYR A 3043 -103.46 17.99 75.99
N MET A 3044 -102.90 17.00 76.68
CA MET A 3044 -102.33 17.23 78.00
C MET A 3044 -101.23 18.27 77.92
N ILE A 3045 -100.39 18.18 76.89
CA ILE A 3045 -99.42 19.23 76.63
C ILE A 3045 -100.16 20.54 76.38
N ARG A 3046 -101.11 20.53 75.45
CA ARG A 3046 -101.78 21.75 75.04
C ARG A 3046 -102.48 22.44 76.20
N SER A 3047 -102.99 21.65 77.14
CA SER A 3047 -103.70 22.17 78.29
C SER A 3047 -102.85 23.23 78.98
N LYS A 3048 -101.69 22.82 79.48
CA LYS A 3048 -100.83 23.74 80.18
C LYS A 3048 -100.17 24.75 79.26
N LEU A 3049 -99.98 24.40 77.98
CA LEU A 3049 -99.37 25.34 77.04
C LEU A 3049 -100.18 26.62 76.99
N LYS A 3050 -101.43 26.48 76.55
CA LYS A 3050 -102.35 27.59 76.52
C LYS A 3050 -102.63 28.12 77.91
N LEU A 3051 -102.30 27.34 78.94
CA LEU A 3051 -102.47 27.75 80.31
C LEU A 3051 -101.15 28.19 80.93
N LEU A 3052 -100.19 28.57 80.10
CA LEU A 3052 -98.88 28.99 80.58
C LEU A 3052 -98.48 30.37 80.11
N LEU A 3053 -98.96 30.82 78.96
CA LEU A 3053 -98.53 32.07 78.37
C LEU A 3053 -99.43 33.23 78.77
N GLN A 3054 -100.18 33.08 79.86
CA GLN A 3054 -101.06 34.13 80.35
C GLN A 3054 -100.48 34.83 81.57
N GLY A 3055 -99.15 34.80 81.70
CA GLY A 3055 -98.47 35.39 82.84
C GLY A 3055 -98.12 34.41 83.94
N GLU A 3056 -98.32 33.12 83.72
CA GLU A 3056 -98.08 32.10 84.74
C GLU A 3056 -96.87 31.26 84.36
N ALA A 3057 -96.37 30.52 85.36
CA ALA A 3057 -95.22 29.65 85.15
C ALA A 3057 -95.23 28.59 86.24
N ASP A 3058 -95.58 27.35 85.87
CA ASP A 3058 -95.55 26.22 86.79
C ASP A 3058 -94.50 25.18 86.46
N GLN A 3059 -93.95 25.19 85.25
CA GLN A 3059 -92.81 24.38 84.86
C GLN A 3059 -93.10 22.89 84.87
N SER A 3060 -94.30 22.50 85.30
CA SER A 3060 -94.62 21.08 85.46
C SER A 3060 -94.36 20.33 84.17
N LEU A 3061 -94.95 20.80 83.08
CA LEU A 3061 -94.62 20.27 81.76
C LEU A 3061 -93.17 20.57 81.43
N LEU A 3062 -92.74 21.81 81.67
CA LEU A 3062 -91.36 22.21 81.39
C LEU A 3062 -90.38 21.31 82.11
N THR A 3063 -90.55 21.14 83.41
CA THR A 3063 -89.69 20.23 84.15
C THR A 3063 -89.80 18.83 83.58
N PHE A 3064 -91.01 18.37 83.32
CA PHE A 3064 -91.17 17.09 82.63
C PHE A 3064 -90.39 17.07 81.33
N ILE A 3065 -90.43 18.17 80.59
CA ILE A 3065 -89.75 18.23 79.30
C ILE A 3065 -88.25 18.12 79.47
N ASP A 3066 -87.68 18.95 80.34
CA ASP A 3066 -86.24 18.93 80.48
C ASP A 3066 -85.75 17.64 81.11
N LYS A 3067 -86.66 16.85 81.69
CA LYS A 3067 -86.32 15.45 81.95
C LYS A 3067 -86.57 14.60 80.71
N ALA A 3068 -87.60 14.92 79.94
CA ALA A 3068 -87.86 14.15 78.72
C ALA A 3068 -86.69 14.24 77.76
N MET A 3069 -86.12 15.43 77.60
CA MET A 3069 -84.92 15.55 76.79
C MET A 3069 -83.79 14.70 77.33
N HIS A 3070 -83.66 14.62 78.66
CA HIS A 3070 -82.70 13.70 79.25
C HIS A 3070 -83.09 12.26 78.94
N GLY A 3071 -82.24 11.57 78.20
CA GLY A 3071 -82.59 10.26 77.70
C GLY A 3071 -83.41 10.38 76.44
N GLU A 3072 -83.00 9.68 75.39
CA GLU A 3072 -83.71 9.78 74.12
C GLU A 3072 -84.98 8.92 74.20
N LEU A 3073 -85.60 8.65 73.06
CA LEU A 3073 -86.94 8.11 72.88
C LEU A 3073 -88.00 9.12 73.24
N GLN A 3074 -87.63 10.23 73.88
CA GLN A 3074 -88.56 11.32 74.11
C GLN A 3074 -88.38 12.39 73.06
N LYS A 3075 -87.15 12.88 72.88
CA LYS A 3075 -86.87 13.82 71.81
C LYS A 3075 -87.32 13.27 70.47
N ALA A 3076 -87.21 11.96 70.28
CA ALA A 3076 -87.76 11.33 69.08
C ALA A 3076 -89.24 11.66 68.92
N ILE A 3077 -90.01 11.44 69.98
CA ILE A 3077 -91.43 11.74 69.89
C ILE A 3077 -91.70 13.22 70.08
N LEU A 3078 -90.91 13.90 70.91
CA LEU A 3078 -90.98 15.36 70.98
C LEU A 3078 -90.78 15.96 69.60
N GLU A 3079 -89.84 15.41 68.85
CA GLU A 3079 -89.64 15.83 67.47
C GLU A 3079 -90.92 15.73 66.67
N LEU A 3080 -91.71 14.67 66.90
CA LEU A 3080 -92.68 14.25 65.89
C LEU A 3080 -93.65 15.36 65.53
N HIS A 3081 -94.24 16.00 66.54
CA HIS A 3081 -95.21 17.04 66.24
C HIS A 3081 -95.10 18.22 67.19
N TYR A 3082 -94.00 18.34 67.92
CA TYR A 3082 -94.07 19.15 69.11
C TYR A 3082 -92.92 20.13 69.28
N SER A 3083 -91.87 20.03 68.48
CA SER A 3083 -90.74 20.94 68.62
C SER A 3083 -91.12 22.39 68.39
N GLN A 3084 -92.25 22.64 67.73
CA GLN A 3084 -92.61 24.01 67.39
C GLN A 3084 -93.16 24.75 68.60
N GLU A 3085 -94.17 24.20 69.27
CA GLU A 3085 -94.56 24.78 70.55
C GLU A 3085 -93.46 24.58 71.59
N LEU A 3086 -92.66 23.53 71.42
CA LEU A 3086 -91.48 23.38 72.25
C LEU A 3086 -90.59 24.59 72.12
N SER A 3087 -90.40 25.08 70.90
CA SER A 3087 -89.69 26.34 70.72
C SER A 3087 -90.38 27.46 71.48
N LEU A 3088 -91.71 27.47 71.48
CA LEU A 3088 -92.44 28.51 72.20
C LEU A 3088 -92.05 28.56 73.67
N LEU A 3089 -91.84 27.39 74.27
CA LEU A 3089 -91.30 27.35 75.61
C LEU A 3089 -89.96 28.04 75.66
N TYR A 3090 -89.12 27.77 74.67
CA TYR A 3090 -87.83 28.43 74.58
C TYR A 3090 -87.98 29.92 74.32
N LEU A 3091 -89.08 30.33 73.68
CA LEU A 3091 -89.46 31.74 73.72
C LEU A 3091 -89.79 32.15 75.15
N LEU A 3092 -90.61 31.36 75.83
CA LEU A 3092 -90.88 31.64 77.23
C LEU A 3092 -89.60 31.54 78.03
N GLN A 3093 -88.75 30.58 77.68
CA GLN A 3093 -87.43 30.50 78.28
C GLN A 3093 -86.45 31.49 77.66
N ASP A 3094 -86.86 32.20 76.61
CA ASP A 3094 -86.09 33.26 75.97
C ASP A 3094 -84.79 32.79 75.36
N ASP A 3095 -84.45 31.50 75.49
CA ASP A 3095 -83.22 30.97 74.93
C ASP A 3095 -83.50 30.63 73.48
N VAL A 3096 -83.38 31.66 72.63
CA VAL A 3096 -83.56 31.49 71.19
C VAL A 3096 -82.46 30.65 70.57
N ASP A 3097 -81.38 30.43 71.32
CA ASP A 3097 -80.14 29.85 70.82
C ASP A 3097 -80.37 28.67 69.88
N ARG A 3098 -80.99 27.61 70.40
CA ARG A 3098 -81.26 26.43 69.60
C ARG A 3098 -82.75 26.19 69.46
N ALA A 3099 -83.57 27.05 70.07
CA ALA A 3099 -84.95 27.20 69.66
C ALA A 3099 -85.05 27.51 68.17
N LYS A 3100 -84.11 28.29 67.64
CA LYS A 3100 -84.06 28.50 66.21
C LYS A 3100 -83.84 27.18 65.50
N TYR A 3101 -82.88 26.38 65.97
CA TYR A 3101 -82.69 25.10 65.33
C TYR A 3101 -83.89 24.20 65.56
N TYR A 3102 -84.56 24.35 66.70
CA TYR A 3102 -85.88 23.74 66.88
C TYR A 3102 -86.82 24.06 65.73
N ILE A 3103 -86.95 25.34 65.39
CA ILE A 3103 -87.96 25.68 64.39
C ILE A 3103 -87.50 25.22 63.01
N GLN A 3104 -86.19 25.22 62.76
CA GLN A 3104 -85.71 24.61 61.52
C GLN A 3104 -86.23 23.18 61.42
N ASN A 3105 -86.05 22.44 62.50
CA ASN A 3105 -86.38 21.02 62.50
C ASN A 3105 -87.87 20.81 62.28
N GLY A 3106 -88.70 21.58 62.98
CA GLY A 3106 -90.14 21.43 62.83
C GLY A 3106 -90.58 21.68 61.41
N ILE A 3107 -89.96 22.65 60.75
CA ILE A 3107 -90.18 22.82 59.33
C ILE A 3107 -89.79 21.56 58.58
N GLN A 3108 -88.64 21.00 58.93
CA GLN A 3108 -88.16 19.83 58.21
C GLN A 3108 -89.15 18.69 58.35
N SER A 3109 -89.64 18.49 59.57
CA SER A 3109 -90.66 17.48 59.79
C SER A 3109 -91.89 17.76 58.95
N PHE A 3110 -92.36 19.02 58.97
CA PHE A 3110 -93.61 19.34 58.30
C PHE A 3110 -93.52 19.06 56.81
N MET A 3111 -92.49 19.61 56.16
CA MET A 3111 -92.35 19.41 54.73
C MET A 3111 -92.16 17.94 54.41
N GLN A 3112 -91.39 17.23 55.23
CA GLN A 3112 -91.32 15.78 55.06
C GLN A 3112 -92.69 15.16 55.24
N ASN A 3113 -93.41 15.57 56.29
CA ASN A 3113 -94.78 15.12 56.46
C ASN A 3113 -95.61 15.52 55.25
N TYR A 3114 -95.48 16.77 54.82
CA TYR A 3114 -96.20 17.21 53.64
C TYR A 3114 -95.79 16.45 52.39
N SER A 3115 -94.49 16.25 52.19
CA SER A 3115 -94.06 15.48 51.04
C SER A 3115 -94.69 14.09 51.09
N SER A 3116 -94.80 13.52 52.29
CA SER A 3116 -95.55 12.28 52.45
C SER A 3116 -97.01 12.44 52.11
N ILE A 3117 -97.55 13.66 52.24
CA ILE A 3117 -98.98 13.87 51.96
C ILE A 3117 -99.23 13.66 50.48
N ASP A 3118 -100.26 12.87 50.18
CA ASP A 3118 -100.71 12.67 48.81
C ASP A 3118 -101.66 13.79 48.40
N VAL A 3119 -101.72 14.02 47.08
CA VAL A 3119 -102.59 15.04 46.54
C VAL A 3119 -104.04 14.77 46.90
N LEU A 3120 -104.48 13.52 46.71
CA LEU A 3120 -105.89 13.20 46.88
C LEU A 3120 -106.36 13.44 48.31
N LEU A 3121 -105.45 13.32 49.28
CA LEU A 3121 -105.84 13.47 50.68
C LEU A 3121 -105.98 14.95 51.00
N HIS A 3122 -107.12 15.48 50.58
CA HIS A 3122 -107.47 16.88 50.66
C HIS A 3122 -107.18 17.56 51.99
N GLN A 3123 -107.89 17.16 53.04
CA GLN A 3123 -107.89 17.95 54.27
C GLN A 3123 -106.58 17.85 55.00
N SER A 3124 -105.85 16.75 54.83
CA SER A 3124 -104.52 16.66 55.43
C SER A 3124 -103.64 17.77 54.91
N ARG A 3125 -103.56 17.91 53.59
CA ARG A 3125 -102.88 19.04 53.01
C ARG A 3125 -103.52 20.34 53.48
N LEU A 3126 -104.85 20.36 53.59
CA LEU A 3126 -105.53 21.49 54.19
C LEU A 3126 -105.04 21.73 55.62
N THR A 3127 -105.04 20.68 56.43
CA THR A 3127 -104.61 20.85 57.82
C THR A 3127 -103.14 21.21 57.88
N LYS A 3128 -102.32 20.48 57.14
CA LYS A 3128 -100.91 20.83 57.01
C LYS A 3128 -100.78 22.27 56.56
N LEU A 3129 -101.56 22.67 55.55
CA LEU A 3129 -101.66 24.07 55.19
C LEU A 3129 -101.97 24.93 56.41
N GLN A 3130 -102.95 24.51 57.20
CA GLN A 3130 -103.38 25.34 58.31
C GLN A 3130 -102.31 25.47 59.38
N SER A 3131 -101.31 24.60 59.38
CA SER A 3131 -100.33 24.52 60.46
C SER A 3131 -99.04 25.24 60.13
N VAL A 3132 -99.11 26.35 59.39
CA VAL A 3132 -97.90 26.99 58.89
C VAL A 3132 -97.69 28.39 59.45
N GLN A 3133 -98.75 29.10 59.82
CA GLN A 3133 -98.60 30.53 60.09
C GLN A 3133 -97.70 30.79 61.30
N ALA A 3134 -97.82 29.94 62.32
CA ALA A 3134 -97.16 30.23 63.59
C ALA A 3134 -95.65 30.38 63.42
N LEU A 3135 -95.01 29.40 62.79
CA LEU A 3135 -93.56 29.42 62.68
C LEU A 3135 -93.08 30.68 62.01
N THR A 3136 -93.76 31.11 60.95
CA THR A 3136 -93.39 32.35 60.28
C THR A 3136 -93.43 33.51 61.25
N GLU A 3137 -94.50 33.61 62.03
CA GLU A 3137 -94.58 34.65 63.05
C GLU A 3137 -93.45 34.49 64.06
N ILE A 3138 -93.17 33.24 64.45
CA ILE A 3138 -92.14 32.99 65.45
C ILE A 3138 -90.80 33.54 64.98
N GLN A 3139 -90.28 32.97 63.90
CA GLN A 3139 -89.03 33.43 63.34
C GLN A 3139 -89.08 34.92 63.02
N GLU A 3140 -90.26 35.45 62.71
CA GLU A 3140 -90.36 36.86 62.40
C GLU A 3140 -90.01 37.70 63.62
N PHE A 3141 -90.63 37.41 64.77
CA PHE A 3141 -90.29 38.14 65.97
C PHE A 3141 -88.85 37.87 66.36
N ILE A 3142 -88.36 36.65 66.11
CA ILE A 3142 -86.97 36.33 66.40
C ILE A 3142 -86.05 37.30 65.67
N SER A 3143 -86.26 37.44 64.36
CA SER A 3143 -85.43 38.33 63.58
C SER A 3143 -85.60 39.77 64.03
N PHE A 3144 -86.84 40.20 64.27
CA PHE A 3144 -87.08 41.59 64.63
C PHE A 3144 -86.39 41.93 65.94
N ILE A 3145 -86.63 41.12 66.97
CA ILE A 3145 -86.02 41.41 68.25
C ILE A 3145 -84.53 41.18 68.21
N SER A 3146 -84.05 40.33 67.30
CA SER A 3146 -82.61 40.11 67.17
C SER A 3146 -81.89 41.40 66.82
N LYS A 3147 -82.48 42.20 65.94
CA LYS A 3147 -81.90 43.48 65.56
C LYS A 3147 -82.37 44.52 66.57
N GLN A 3148 -81.42 45.07 67.34
CA GLN A 3148 -81.77 46.05 68.36
C GLN A 3148 -82.28 47.35 67.74
N GLY A 3149 -81.79 47.69 66.56
CA GLY A 3149 -82.30 48.87 65.88
C GLY A 3149 -83.78 48.77 65.57
N ASN A 3150 -84.27 47.56 65.30
CA ASN A 3150 -85.70 47.33 65.20
C ASN A 3150 -86.39 47.77 66.48
N LEU A 3151 -85.81 47.42 67.62
CA LEU A 3151 -86.31 47.89 68.91
C LEU A 3151 -86.01 49.37 69.11
N SER A 3152 -84.93 49.87 68.51
CA SER A 3152 -84.54 51.26 68.72
C SER A 3152 -85.61 52.21 68.21
N SER A 3153 -86.18 51.91 67.05
CA SER A 3153 -87.14 52.80 66.41
C SER A 3153 -88.53 52.19 66.43
N GLN A 3154 -89.53 53.05 66.67
CA GLN A 3154 -90.91 52.60 66.65
C GLN A 3154 -91.37 52.26 65.24
N VAL A 3155 -90.76 52.88 64.22
CA VAL A 3155 -91.23 52.69 62.85
C VAL A 3155 -91.18 51.24 62.41
N PRO A 3156 -90.08 50.49 62.61
CA PRO A 3156 -90.12 49.06 62.23
C PRO A 3156 -91.24 48.32 62.90
N LEU A 3157 -91.56 48.70 64.13
CA LEU A 3157 -92.77 48.19 64.79
C LEU A 3157 -94.01 48.56 63.99
N LYS A 3158 -94.13 49.83 63.61
CA LYS A 3158 -95.32 50.28 62.90
C LYS A 3158 -95.47 49.53 61.59
N ARG A 3159 -94.42 49.49 60.79
CA ARG A 3159 -94.46 48.74 59.55
C ARG A 3159 -94.89 47.31 59.78
N LEU A 3160 -94.30 46.67 60.79
CA LEU A 3160 -94.57 45.26 60.97
C LEU A 3160 -95.92 45.00 61.63
N LEU A 3161 -96.41 45.91 62.48
CA LEU A 3161 -97.74 45.70 63.04
C LEU A 3161 -98.80 45.81 61.98
N ASN A 3162 -98.63 46.75 61.05
CA ASN A 3162 -99.43 46.75 59.83
C ASN A 3162 -99.26 45.42 59.11
N THR A 3163 -98.07 44.84 59.22
CA THR A 3163 -97.79 43.62 58.48
C THR A 3163 -98.54 42.45 59.10
N TRP A 3164 -98.68 42.40 60.42
CA TRP A 3164 -99.62 41.45 61.00
C TRP A 3164 -101.04 41.82 60.61
N THR A 3165 -101.34 43.13 60.63
CA THR A 3165 -102.64 43.62 60.23
C THR A 3165 -103.07 43.08 58.87
N ASN A 3166 -102.15 42.49 58.13
CA ASN A 3166 -102.46 41.81 56.89
C ASN A 3166 -102.33 40.30 57.01
N ARG A 3167 -101.88 39.80 58.15
CA ARG A 3167 -101.70 38.35 58.33
C ARG A 3167 -102.97 37.66 58.77
N TYR A 3168 -104.06 37.89 58.07
CA TYR A 3168 -105.35 37.34 58.48
C TYR A 3168 -105.99 36.55 57.36
N PRO A 3169 -106.08 35.24 57.50
CA PRO A 3169 -106.80 34.42 56.50
C PRO A 3169 -108.30 34.63 56.52
N ASP A 3170 -109.01 33.82 55.75
CA ASP A 3170 -110.47 33.87 55.77
C ASP A 3170 -111.01 33.05 56.93
N ALA A 3171 -111.90 33.67 57.71
CA ALA A 3171 -112.57 32.97 58.79
C ALA A 3171 -113.49 31.87 58.29
N LYS A 3172 -114.21 32.13 57.19
CA LYS A 3172 -115.25 31.21 56.74
C LYS A 3172 -114.67 29.84 56.44
N MET A 3173 -113.50 29.82 55.81
CA MET A 3173 -112.83 28.58 55.44
C MET A 3173 -111.88 28.08 56.52
N ASP A 3174 -111.70 28.84 57.60
CA ASP A 3174 -110.80 28.42 58.64
C ASP A 3174 -111.58 27.93 59.84
N PRO A 3175 -111.32 26.72 60.31
CA PRO A 3175 -111.75 26.35 61.66
C PRO A 3175 -111.19 27.32 62.67
N MET A 3176 -112.09 28.09 63.28
CA MET A 3176 -111.72 29.10 64.27
C MET A 3176 -110.81 28.51 65.34
N ASN A 3177 -110.99 27.24 65.66
CA ASN A 3177 -110.22 26.59 66.71
C ASN A 3177 -108.72 26.75 66.51
N ILE A 3178 -108.27 26.72 65.26
CA ILE A 3178 -106.84 26.83 64.99
C ILE A 3178 -106.54 28.28 64.69
N TRP A 3179 -107.54 29.03 64.24
CA TRP A 3179 -107.36 30.45 63.98
C TRP A 3179 -106.83 31.16 65.23
N ASP A 3180 -107.53 30.99 66.34
CA ASP A 3180 -107.23 31.72 67.56
C ASP A 3180 -105.81 31.53 68.05
N ASP A 3181 -105.20 30.39 67.73
CA ASP A 3181 -103.96 30.02 68.40
C ASP A 3181 -102.87 31.05 68.10
N ILE A 3182 -102.64 31.31 66.83
CA ILE A 3182 -101.66 32.33 66.43
C ILE A 3182 -102.08 33.68 66.96
N ILE A 3183 -103.39 33.94 67.02
CA ILE A 3183 -103.87 35.18 67.59
C ILE A 3183 -103.37 35.32 69.01
N THR A 3184 -103.55 34.26 69.80
CA THR A 3184 -103.06 34.23 71.17
C THR A 3184 -101.55 34.38 71.19
N ASN A 3185 -100.85 33.68 70.30
CA ASN A 3185 -99.40 33.78 70.26
C ASN A 3185 -98.97 35.18 69.88
N ARG A 3186 -99.63 35.76 68.88
CA ARG A 3186 -99.37 37.15 68.51
C ARG A 3186 -99.60 38.08 69.69
N CYS A 3187 -100.58 37.76 70.54
CA CYS A 3187 -100.81 38.53 71.74
C CYS A 3187 -99.61 38.46 72.68
N PHE A 3188 -99.12 37.25 72.94
CA PHE A 3188 -98.01 37.07 73.86
C PHE A 3188 -96.79 37.83 73.39
N PHE A 3189 -96.48 37.71 72.09
CA PHE A 3189 -95.35 38.44 71.54
C PHE A 3189 -95.55 39.93 71.69
N LEU A 3190 -96.78 40.40 71.45
CA LEU A 3190 -97.08 41.81 71.59
C LEU A 3190 -96.87 42.28 73.03
N SER A 3191 -97.02 41.38 74.00
CA SER A 3191 -96.65 41.71 75.36
C SER A 3191 -95.14 41.76 75.53
N LYS A 3192 -94.40 41.14 74.62
CA LYS A 3192 -92.96 40.97 74.77
C LYS A 3192 -92.16 42.06 74.08
N ILE A 3193 -92.79 43.18 73.73
CA ILE A 3193 -92.11 44.25 73.01
C ILE A 3193 -91.85 45.46 73.92
N GLU A 3194 -92.85 45.88 74.68
CA GLU A 3194 -92.65 46.91 75.68
C GLU A 3194 -91.55 46.53 76.66
N GLU A 3195 -91.40 45.23 76.91
CA GLU A 3195 -90.31 44.75 77.73
C GLU A 3195 -88.98 44.97 77.02
N LYS A 3196 -87.90 44.93 77.80
CA LYS A 3196 -86.52 45.05 77.34
C LYS A 3196 -86.37 46.13 76.27
N LEU A 3197 -87.13 47.21 76.41
CA LEU A 3197 -87.11 48.28 75.43
C LEU A 3197 -85.84 49.13 75.54
N ASP A 3226 -97.97 55.91 74.25
CA ASP A 3226 -97.45 55.73 72.89
C ASP A 3226 -97.54 54.27 72.47
N ILE A 3227 -96.41 53.57 72.56
CA ILE A 3227 -96.32 52.21 72.07
C ILE A 3227 -97.29 51.30 72.82
N SER A 3228 -97.31 51.40 74.15
CA SER A 3228 -98.21 50.57 74.93
C SER A 3228 -99.67 50.89 74.63
N SER A 3229 -99.99 52.18 74.47
CA SER A 3229 -101.30 52.55 74.00
C SER A 3229 -101.58 51.97 72.64
N LEU A 3230 -100.59 52.01 71.75
CA LEU A 3230 -100.69 51.26 70.51
C LEU A 3230 -100.87 49.78 70.77
N ILE A 3231 -100.10 49.24 71.72
CA ILE A 3231 -100.24 47.82 72.07
C ILE A 3231 -101.65 47.53 72.51
N ARG A 3232 -102.22 48.39 73.36
CA ARG A 3232 -103.56 48.14 73.88
C ARG A 3232 -104.59 48.15 72.77
N SER A 3233 -104.52 49.15 71.89
CA SER A 3233 -105.48 49.25 70.81
C SER A 3233 -105.41 48.05 69.89
N CYS A 3234 -104.19 47.65 69.51
CA CYS A 3234 -104.07 46.56 68.55
C CYS A 3234 -104.44 45.23 69.18
N LYS A 3235 -104.19 45.06 70.48
CA LYS A 3235 -104.75 43.87 71.11
C LYS A 3235 -106.26 43.83 70.93
N PHE A 3236 -106.94 44.84 71.45
CA PHE A 3236 -108.40 44.84 71.43
C PHE A 3236 -108.92 44.55 70.03
N SER A 3237 -108.30 45.15 69.02
CA SER A 3237 -108.77 45.01 67.65
C SER A 3237 -108.71 43.56 67.18
N MET A 3238 -107.56 42.91 67.37
CA MET A 3238 -107.46 41.53 66.93
C MET A 3238 -108.32 40.61 67.77
N LYS A 3239 -108.63 41.02 69.01
CA LYS A 3239 -109.66 40.33 69.77
C LYS A 3239 -111.00 40.44 69.06
N MET A 3240 -111.31 41.63 68.56
CA MET A 3240 -112.53 41.83 67.78
C MET A 3240 -112.58 40.90 66.60
N LYS A 3241 -111.54 40.94 65.76
CA LYS A 3241 -111.57 40.23 64.50
C LYS A 3241 -111.61 38.72 64.74
N MET A 3242 -110.89 38.25 65.74
CA MET A 3242 -110.92 36.83 66.06
C MET A 3242 -112.32 36.41 66.50
N ILE A 3243 -112.91 37.16 67.43
CA ILE A 3243 -114.21 36.74 67.95
C ILE A 3243 -115.29 36.92 66.89
N ASP A 3244 -115.18 37.99 66.08
CA ASP A 3244 -116.09 38.12 64.95
C ASP A 3244 -115.92 36.95 63.99
N SER A 3245 -114.68 36.54 63.76
CA SER A 3245 -114.44 35.34 62.99
C SER A 3245 -115.19 34.16 63.58
N ALA A 3246 -115.18 34.04 64.91
CA ALA A 3246 -115.94 32.97 65.56
C ALA A 3246 -117.43 33.10 65.26
N ARG A 3247 -117.94 34.33 65.25
CA ARG A 3247 -119.34 34.53 64.94
C ARG A 3247 -119.67 34.06 63.53
N LYS A 3248 -118.77 34.33 62.58
CA LYS A 3248 -119.04 33.97 61.19
C LYS A 3248 -119.15 32.46 61.04
N GLN A 3249 -118.25 31.71 61.67
CA GLN A 3249 -118.38 30.27 61.67
C GLN A 3249 -119.52 29.81 62.55
N ASN A 3250 -120.16 30.75 63.25
CA ASN A 3250 -121.39 30.55 64.02
C ASN A 3250 -121.15 29.83 65.33
N ASN A 3251 -119.94 29.86 65.86
CA ASN A 3251 -119.71 29.39 67.20
C ASN A 3251 -120.14 30.46 68.20
N PHE A 3252 -120.80 30.04 69.24
CA PHE A 3252 -121.24 30.89 70.32
C PHE A 3252 -120.68 30.45 71.66
N SER A 3253 -120.67 29.14 71.91
CA SER A 3253 -120.31 28.62 73.23
C SER A 3253 -118.95 29.16 73.65
N LEU A 3254 -117.92 28.84 72.86
CA LEU A 3254 -116.61 29.42 73.12
C LEU A 3254 -116.63 30.93 72.94
N ALA A 3255 -117.50 31.44 72.07
CA ALA A 3255 -117.50 32.87 71.79
C ALA A 3255 -117.83 33.68 73.04
N MET A 3256 -118.96 33.39 73.69
CA MET A 3256 -119.27 34.13 74.91
C MET A 3256 -118.25 33.86 76.00
N LYS A 3257 -117.71 32.64 76.03
CA LYS A 3257 -116.64 32.33 76.97
C LYS A 3257 -115.56 33.38 76.89
N LEU A 3258 -115.15 33.72 75.67
CA LEU A 3258 -114.21 34.82 75.50
C LEU A 3258 -114.86 36.14 75.88
N LEU A 3259 -116.05 36.42 75.32
CA LEU A 3259 -116.67 37.72 75.49
C LEU A 3259 -116.83 38.09 76.96
N LYS A 3260 -116.96 37.10 77.83
CA LYS A 3260 -117.13 37.37 79.24
C LYS A 3260 -115.98 38.22 79.77
N GLU A 3261 -114.76 37.69 79.76
CA GLU A 3261 -113.62 38.46 80.23
C GLU A 3261 -113.15 39.48 79.21
N LEU A 3262 -113.49 39.29 77.93
CA LEU A 3262 -113.19 40.31 76.95
C LEU A 3262 -113.94 41.59 77.26
N HIS A 3263 -115.16 41.48 77.76
CA HIS A 3263 -115.96 42.67 78.01
C HIS A 3263 -115.30 43.58 79.02
N LYS A 3264 -114.63 43.01 80.02
CA LYS A 3264 -113.94 43.84 81.00
C LYS A 3264 -112.90 44.71 80.33
N GLU A 3265 -112.10 44.12 79.44
CA GLU A 3265 -111.21 44.92 78.61
C GLU A 3265 -112.01 45.86 77.73
N SER A 3266 -113.13 45.38 77.18
CA SER A 3266 -114.07 46.27 76.52
C SER A 3266 -114.56 47.34 77.47
N LYS A 3267 -114.60 47.05 78.78
CA LYS A 3267 -114.99 48.03 79.76
C LYS A 3267 -113.84 48.96 80.08
N THR A 3268 -113.23 49.55 79.05
CA THR A 3268 -112.26 50.61 79.28
C THR A 3268 -112.40 51.79 78.33
N ARG A 3269 -113.04 51.64 77.18
CA ARG A 3269 -113.22 52.75 76.25
C ARG A 3269 -114.57 52.61 75.56
N ASP A 3270 -115.08 53.75 75.08
CA ASP A 3270 -116.41 53.78 74.47
C ASP A 3270 -116.48 52.89 73.23
N ASP A 3271 -115.53 53.06 72.31
CA ASP A 3271 -115.45 52.18 71.15
C ASP A 3271 -115.34 50.73 71.58
N TRP A 3272 -114.67 50.48 72.69
CA TRP A 3272 -114.54 49.11 73.17
C TRP A 3272 -115.87 48.59 73.68
N LEU A 3273 -116.62 49.41 74.41
CA LEU A 3273 -117.92 48.99 74.90
C LEU A 3273 -118.87 48.67 73.75
N VAL A 3274 -119.00 49.59 72.79
CA VAL A 3274 -119.97 49.40 71.72
C VAL A 3274 -119.61 48.19 70.89
N SER A 3275 -118.31 48.01 70.63
CA SER A 3275 -117.85 46.82 69.94
C SER A 3275 -118.33 45.56 70.64
N TRP A 3276 -118.14 45.50 71.96
CA TRP A 3276 -118.50 44.28 72.68
C TRP A 3276 -120.01 44.02 72.59
N VAL A 3277 -120.82 45.06 72.80
CA VAL A 3277 -122.25 44.83 72.87
C VAL A 3277 -122.81 44.45 71.50
N GLN A 3278 -122.42 45.20 70.47
CA GLN A 3278 -122.88 44.87 69.13
C GLN A 3278 -122.39 43.50 68.72
N SER A 3279 -121.19 43.13 69.19
CA SER A 3279 -120.72 41.77 69.01
C SER A 3279 -121.69 40.79 69.63
N TYR A 3280 -122.10 41.06 70.86
CA TYR A 3280 -123.09 40.19 71.51
C TYR A 3280 -124.39 40.17 70.73
N CYS A 3281 -124.84 41.33 70.26
CA CYS A 3281 -126.14 41.41 69.59
C CYS A 3281 -126.17 40.54 68.34
N ARG A 3282 -125.12 40.60 67.53
CA ARG A 3282 -125.11 39.85 66.29
C ARG A 3282 -125.19 38.36 66.55
N LEU A 3283 -124.39 37.87 67.50
CA LEU A 3283 -124.41 36.45 67.82
C LEU A 3283 -125.79 36.01 68.29
N SER A 3284 -126.37 36.77 69.22
CA SER A 3284 -127.68 36.42 69.76
C SER A 3284 -128.72 36.39 68.66
N HIS A 3285 -128.68 37.37 67.75
CA HIS A 3285 -129.58 37.34 66.61
C HIS A 3285 -129.34 36.13 65.72
N CYS A 3286 -128.06 35.83 65.44
CA CYS A 3286 -127.76 34.69 64.59
C CYS A 3286 -128.32 33.41 65.15
N ARG A 3287 -128.42 33.29 66.47
CA ARG A 3287 -129.03 32.12 67.08
C ARG A 3287 -130.54 32.29 67.19
N SER A 3288 -131.15 32.67 66.08
CA SER A 3288 -132.61 32.69 65.95
C SER A 3288 -133.06 31.32 65.48
N ARG A 3289 -132.86 30.33 66.36
CA ARG A 3289 -132.86 28.94 65.93
C ARG A 3289 -134.22 28.28 66.09
N SER A 3290 -134.76 28.26 67.31
CA SER A 3290 -136.00 27.54 67.59
C SER A 3290 -136.99 28.47 68.29
N GLN A 3291 -138.22 28.47 67.81
CA GLN A 3291 -139.28 29.24 68.44
C GLN A 3291 -139.54 28.71 69.84
N GLY A 3292 -140.08 29.57 70.69
CA GLY A 3292 -140.16 29.26 72.10
C GLY A 3292 -138.83 29.56 72.74
N CYS A 3293 -137.82 28.76 72.41
CA CYS A 3293 -136.45 29.08 72.82
C CYS A 3293 -136.02 30.45 72.29
N SER A 3294 -136.52 30.83 71.11
CA SER A 3294 -136.23 32.16 70.59
C SER A 3294 -136.58 33.24 71.60
N GLU A 3295 -137.70 33.07 72.30
CA GLU A 3295 -138.15 34.08 73.25
C GLU A 3295 -137.09 34.33 74.32
N GLN A 3296 -136.55 33.27 74.91
CA GLN A 3296 -135.47 33.46 75.88
C GLN A 3296 -134.25 34.07 75.21
N VAL A 3297 -133.93 33.62 74.00
CA VAL A 3297 -132.84 34.25 73.24
C VAL A 3297 -133.13 35.73 73.07
N LEU A 3298 -134.38 36.06 72.75
CA LEU A 3298 -134.76 37.45 72.56
C LEU A 3298 -134.64 38.23 73.86
N THR A 3299 -135.09 37.63 74.96
CA THR A 3299 -135.05 38.34 76.24
C THR A 3299 -133.62 38.58 76.68
N VAL A 3300 -132.80 37.52 76.68
CA VAL A 3300 -131.40 37.68 77.05
C VAL A 3300 -130.69 38.59 76.05
N LEU A 3301 -131.18 38.65 74.82
CA LEU A 3301 -130.68 39.65 73.89
C LEU A 3301 -131.06 41.04 74.36
N LYS A 3302 -132.36 41.29 74.53
CA LYS A 3302 -132.83 42.64 74.79
C LYS A 3302 -132.38 43.16 76.16
N THR A 3303 -132.22 42.26 77.14
CA THR A 3303 -131.91 42.72 78.49
C THR A 3303 -130.60 43.50 78.51
N VAL A 3304 -129.55 42.96 77.90
CA VAL A 3304 -128.29 43.66 77.80
C VAL A 3304 -128.16 44.44 76.50
N SER A 3305 -129.20 44.43 75.67
CA SER A 3305 -129.21 45.25 74.47
C SER A 3305 -128.97 46.71 74.79
N LEU A 3306 -129.38 47.15 75.97
CA LEU A 3306 -129.06 48.47 76.48
C LEU A 3306 -128.20 48.38 77.73
N LEU A 3307 -127.38 47.32 77.82
CA LEU A 3307 -126.53 47.02 78.97
C LEU A 3307 -127.35 46.82 80.24
N ASP A 3308 -128.68 46.75 80.11
CA ASP A 3308 -129.66 46.75 81.18
C ASP A 3308 -129.74 48.12 81.84
N GLU A 3309 -128.79 49.00 81.54
CA GLU A 3309 -128.91 50.42 81.86
C GLU A 3309 -128.82 51.31 80.63
N ASN A 3310 -127.67 51.35 79.98
CA ASN A 3310 -127.39 52.21 78.83
C ASN A 3310 -125.93 52.00 78.46
N ASN A 3311 -125.58 52.47 77.28
CA ASN A 3311 -124.20 52.71 76.89
C ASN A 3311 -123.85 54.17 77.19
N VAL A 3312 -122.72 54.62 76.69
CA VAL A 3312 -122.43 56.04 76.61
C VAL A 3312 -123.01 56.56 75.30
N SER A 3313 -123.61 57.75 75.35
CA SER A 3313 -124.40 58.25 74.23
C SER A 3313 -123.75 59.43 73.51
N SER A 3314 -122.44 59.60 73.63
CA SER A 3314 -121.74 60.71 72.97
C SER A 3314 -121.43 60.32 71.51
N TYR A 3315 -122.50 60.15 70.74
CA TYR A 3315 -122.34 59.64 69.39
C TYR A 3315 -121.77 60.67 68.43
N LEU A 3316 -121.72 61.94 68.81
CA LEU A 3316 -120.90 62.88 68.04
C LEU A 3316 -119.43 62.49 68.13
N SER A 3317 -118.93 62.30 69.36
CA SER A 3317 -117.61 61.71 69.51
C SER A 3317 -117.60 60.25 69.11
N LYS A 3318 -118.75 59.58 69.19
CA LYS A 3318 -118.89 58.21 68.74
C LYS A 3318 -119.35 58.15 67.27
N ASN A 3319 -119.37 59.27 66.58
CA ASN A 3319 -119.57 59.28 65.13
C ASN A 3319 -120.93 58.65 64.78
N ILE A 3320 -121.98 59.42 65.02
CA ILE A 3320 -123.38 59.00 64.87
C ILE A 3320 -123.58 58.10 63.66
N LEU A 3321 -122.76 58.29 62.61
CA LEU A 3321 -122.70 57.30 61.54
C LEU A 3321 -122.51 55.90 62.11
N ALA A 3322 -121.68 55.77 63.15
CA ALA A 3322 -121.62 54.51 63.87
C ALA A 3322 -122.94 54.20 64.57
N PHE A 3323 -123.59 55.23 65.15
CA PHE A 3323 -124.86 55.02 65.83
C PHE A 3323 -125.92 54.40 64.96
N ARG A 3324 -125.84 54.58 63.64
CA ARG A 3324 -126.77 53.89 62.76
C ARG A 3324 -126.74 52.39 63.00
N ASP A 3325 -125.58 51.87 63.39
CA ASP A 3325 -125.49 50.47 63.79
C ASP A 3325 -126.38 50.20 64.99
N GLN A 3326 -126.38 51.12 65.96
CA GLN A 3326 -127.28 50.98 67.10
C GLN A 3326 -128.73 51.04 66.66
N ASN A 3327 -129.03 51.89 65.68
CA ASN A 3327 -130.35 51.86 65.05
C ASN A 3327 -130.63 50.48 64.47
N ILE A 3328 -129.63 49.91 63.80
CA ILE A 3328 -129.77 48.55 63.27
C ILE A 3328 -129.90 47.55 64.40
N LEU A 3329 -129.11 47.71 65.46
CA LEU A 3329 -129.21 46.84 66.63
C LEU A 3329 -130.65 46.68 67.09
N LEU A 3330 -131.29 47.80 67.43
CA LEU A 3330 -132.62 47.75 68.01
C LEU A 3330 -133.68 47.36 67.00
N GLY A 3331 -133.64 47.96 65.80
CA GLY A 3331 -134.69 47.71 64.82
C GLY A 3331 -134.76 46.25 64.41
N THR A 3332 -133.60 45.64 64.14
CA THR A 3332 -133.56 44.22 63.85
C THR A 3332 -133.97 43.39 65.05
N THR A 3333 -133.63 43.85 66.25
CA THR A 3333 -134.11 43.19 67.46
C THR A 3333 -135.64 43.15 67.47
N TYR A 3334 -136.28 44.26 67.11
CA TYR A 3334 -137.72 44.27 67.03
C TYR A 3334 -138.23 43.37 65.92
N ARG A 3335 -137.50 43.31 64.80
CA ARG A 3335 -137.93 42.44 63.70
C ARG A 3335 -138.07 41.00 64.18
N ILE A 3336 -137.00 40.44 64.75
CA ILE A 3336 -137.00 39.04 65.14
C ILE A 3336 -138.04 38.78 66.23
N ILE A 3337 -138.13 39.68 67.22
CA ILE A 3337 -139.07 39.46 68.31
C ILE A 3337 -140.49 39.42 67.79
N ALA A 3338 -140.85 40.37 66.92
CA ALA A 3338 -142.18 40.35 66.33
C ALA A 3338 -142.39 39.09 65.51
N ASN A 3339 -141.39 38.70 64.72
CA ASN A 3339 -141.48 37.46 63.96
C ASN A 3339 -141.61 36.26 64.87
N ALA A 3340 -140.78 36.20 65.92
CA ALA A 3340 -140.84 35.07 66.84
C ALA A 3340 -142.19 35.01 67.54
N LEU A 3341 -142.69 36.16 67.98
CA LEU A 3341 -144.01 36.18 68.59
C LEU A 3341 -145.10 35.94 67.57
N SER A 3342 -144.99 36.54 66.38
CA SER A 3342 -145.99 36.30 65.35
C SER A 3342 -145.91 34.88 64.81
N SER A 3343 -144.80 34.17 65.05
CA SER A 3343 -144.71 32.78 64.61
C SER A 3343 -145.76 31.91 65.27
N GLU A 3344 -145.94 32.06 66.58
CA GLU A 3344 -146.94 31.33 67.34
C GLU A 3344 -147.70 32.30 68.24
N PRO A 3345 -148.56 33.15 67.65
CA PRO A 3345 -149.29 34.12 68.46
C PRO A 3345 -150.21 33.49 69.48
N ALA A 3346 -150.80 32.33 69.17
CA ALA A 3346 -151.79 31.74 70.05
C ALA A 3346 -151.15 31.09 71.28
N CYS A 3347 -150.00 30.45 71.10
CA CYS A 3347 -149.38 29.68 72.18
C CYS A 3347 -147.96 30.19 72.42
N LEU A 3348 -147.56 30.20 73.69
CA LEU A 3348 -146.24 30.67 74.11
C LEU A 3348 -145.98 32.10 73.69
N ALA A 3349 -147.04 32.90 73.60
CA ALA A 3349 -146.92 34.34 73.37
C ALA A 3349 -147.52 35.14 74.51
N GLU A 3350 -148.74 34.82 74.91
CA GLU A 3350 -149.35 35.43 76.08
C GLU A 3350 -149.23 34.58 77.33
N ILE A 3351 -148.94 33.29 77.16
CA ILE A 3351 -148.78 32.37 78.29
C ILE A 3351 -147.32 32.27 78.70
N GLU A 3352 -146.47 33.15 78.21
CA GLU A 3352 -145.06 33.12 78.58
C GLU A 3352 -144.90 33.41 80.05
N GLU A 3353 -143.85 32.83 80.63
CA GLU A 3353 -143.60 32.92 82.06
C GLU A 3353 -143.32 34.34 82.54
N ASP A 3354 -143.07 35.27 81.63
CA ASP A 3354 -142.79 36.66 81.96
C ASP A 3354 -141.54 36.75 82.86
N LYS A 3355 -140.41 36.35 82.29
CA LYS A 3355 -139.15 36.66 82.94
C LYS A 3355 -138.84 38.14 82.84
N ALA A 3356 -139.22 38.79 81.74
CA ALA A 3356 -139.08 40.23 81.58
C ALA A 3356 -140.27 40.85 80.87
N ARG A 3357 -141.35 40.11 80.64
CA ARG A 3357 -142.49 40.64 79.92
C ARG A 3357 -143.15 41.77 80.70
N ARG A 3358 -143.99 42.52 79.99
CA ARG A 3358 -144.63 43.75 80.46
C ARG A 3358 -143.59 44.86 80.62
N ILE A 3359 -142.32 44.52 80.43
CA ILE A 3359 -141.31 45.49 80.06
C ILE A 3359 -141.16 45.49 78.55
N LEU A 3360 -141.63 44.44 77.89
CA LEU A 3360 -141.54 44.25 76.46
C LEU A 3360 -142.41 45.27 75.73
N GLU A 3361 -143.71 45.25 76.01
CA GLU A 3361 -144.63 46.17 75.37
C GLU A 3361 -144.39 47.61 75.78
N LEU A 3362 -143.62 47.85 76.84
CA LEU A 3362 -143.05 49.18 77.03
C LEU A 3362 -142.32 49.62 75.78
N SER A 3363 -141.54 48.73 75.19
CA SER A 3363 -140.87 48.99 73.92
C SER A 3363 -141.70 48.51 72.75
N GLY A 3364 -142.96 48.91 72.73
CA GLY A 3364 -143.86 48.49 71.67
C GLY A 3364 -145.25 49.04 71.93
N SER A 3365 -146.23 48.52 71.19
CA SER A 3365 -147.61 48.93 71.37
C SER A 3365 -148.14 48.30 72.65
N SER A 3366 -147.84 48.95 73.77
CA SER A 3366 -148.13 48.41 75.09
C SER A 3366 -149.56 47.88 75.17
N SER A 3367 -149.68 46.57 75.36
CA SER A 3367 -150.98 45.92 75.34
C SER A 3367 -150.94 44.76 76.33
N GLU A 3368 -152.12 44.46 76.90
CA GLU A 3368 -152.24 43.34 77.83
C GLU A 3368 -151.90 42.02 77.16
N ASP A 3369 -152.02 41.96 75.84
CA ASP A 3369 -151.72 40.77 75.06
C ASP A 3369 -150.49 41.03 74.20
N SER A 3370 -149.66 40.00 74.04
CA SER A 3370 -148.48 40.13 73.20
C SER A 3370 -148.85 39.92 71.75
N GLU A 3371 -149.99 40.46 71.34
CA GLU A 3371 -150.41 40.44 69.94
C GLU A 3371 -150.83 41.80 69.44
N LYS A 3372 -151.06 42.78 70.31
CA LYS A 3372 -151.26 44.14 69.87
C LYS A 3372 -149.98 44.97 69.95
N VAL A 3373 -149.03 44.54 70.79
CA VAL A 3373 -147.74 45.21 70.86
C VAL A 3373 -146.99 45.10 69.54
N ILE A 3374 -147.27 44.07 68.75
CA ILE A 3374 -146.56 43.87 67.50
C ILE A 3374 -146.74 45.05 66.57
N ALA A 3375 -147.92 45.69 66.60
CA ALA A 3375 -148.15 46.83 65.73
C ALA A 3375 -147.14 47.93 66.02
N GLY A 3376 -146.99 48.30 67.29
CA GLY A 3376 -145.99 49.29 67.65
C GLY A 3376 -144.59 48.84 67.32
N LEU A 3377 -144.34 47.53 67.34
CA LEU A 3377 -143.03 47.01 66.98
C LEU A 3377 -142.67 47.37 65.54
N TYR A 3378 -143.65 47.25 64.63
CA TYR A 3378 -143.41 47.63 63.24
C TYR A 3378 -142.96 49.08 63.16
N GLN A 3379 -143.75 49.97 63.75
CA GLN A 3379 -143.48 51.39 63.58
C GLN A 3379 -142.25 51.80 64.36
N ARG A 3380 -141.96 51.12 65.46
CA ARG A 3380 -140.70 51.37 66.13
C ARG A 3380 -139.55 50.78 65.33
N ALA A 3381 -139.78 49.68 64.62
CA ALA A 3381 -138.87 49.31 63.55
C ALA A 3381 -138.88 50.36 62.45
N PHE A 3382 -140.07 50.89 62.13
CA PHE A 3382 -140.17 51.93 61.11
C PHE A 3382 -139.39 53.17 61.53
N GLN A 3383 -139.46 53.54 62.80
CA GLN A 3383 -138.73 54.73 63.21
C GLN A 3383 -137.23 54.46 63.35
N HIS A 3384 -136.85 53.23 63.71
CA HIS A 3384 -135.42 52.91 63.76
C HIS A 3384 -134.79 52.94 62.37
N LEU A 3385 -135.48 52.39 61.37
CA LEU A 3385 -134.96 52.45 60.02
C LEU A 3385 -134.85 53.88 59.53
N SER A 3386 -135.80 54.73 59.92
CA SER A 3386 -135.68 56.15 59.61
C SER A 3386 -134.45 56.74 60.26
N GLU A 3387 -134.20 56.39 61.53
CA GLU A 3387 -133.01 56.88 62.21
C GLU A 3387 -131.75 56.34 61.56
N ALA A 3388 -131.81 55.11 61.06
CA ALA A 3388 -130.66 54.56 60.35
C ALA A 3388 -130.45 55.25 59.00
N VAL A 3389 -131.54 55.58 58.31
CA VAL A 3389 -131.39 56.05 56.93
C VAL A 3389 -131.03 57.53 56.86
N GLN A 3390 -131.47 58.33 57.84
CA GLN A 3390 -131.24 59.76 57.78
C GLN A 3390 -129.76 60.09 57.70
N ALA A 3391 -128.96 59.46 58.54
CA ALA A 3391 -127.51 59.62 58.47
C ALA A 3391 -126.87 58.60 57.55
N ALA A 3392 -127.66 57.68 57.00
CA ALA A 3392 -127.14 56.82 55.94
C ALA A 3392 -127.05 57.59 54.63
N GLU A 3393 -127.84 58.64 54.47
CA GLU A 3393 -127.84 59.38 53.23
C GLU A 3393 -126.55 60.17 53.03
N GLU A 3394 -125.76 60.34 54.09
CA GLU A 3394 -124.54 61.11 54.00
C GLU A 3394 -123.52 60.53 54.96
N GLU A 3395 -122.25 60.54 54.56
CA GLU A 3395 -121.18 60.08 55.44
C GLU A 3395 -119.95 60.97 55.41
N ALA A 3396 -119.86 61.92 54.49
CA ALA A 3396 -118.70 62.79 54.39
C ALA A 3396 -119.12 64.24 54.14
N ALA A 3406 -117.42 54.71 52.56
CA ALA A 3406 -117.22 53.29 52.85
C ALA A 3406 -118.31 52.46 52.20
N ALA A 3407 -118.61 51.31 52.81
CA ALA A 3407 -119.65 50.42 52.31
C ALA A 3407 -120.67 50.08 53.39
N GLY A 3408 -120.74 50.88 54.45
CA GLY A 3408 -121.67 50.60 55.53
C GLY A 3408 -123.09 51.04 55.27
N VAL A 3409 -123.31 51.87 54.25
CA VAL A 3409 -124.66 52.36 53.97
C VAL A 3409 -125.56 51.23 53.47
N ILE A 3410 -125.06 50.43 52.52
CA ILE A 3410 -125.86 49.32 52.01
C ILE A 3410 -126.15 48.32 53.12
N ASP A 3411 -125.29 48.29 54.14
CA ASP A 3411 -125.52 47.39 55.28
C ASP A 3411 -126.86 47.70 55.94
N ALA A 3412 -127.11 48.97 56.24
CA ALA A 3412 -128.44 49.35 56.71
C ALA A 3412 -129.47 49.18 55.60
N TYR A 3413 -129.07 49.40 54.36
CA TYR A 3413 -130.02 49.36 53.25
C TYR A 3413 -130.66 47.99 53.12
N MET A 3414 -129.85 46.92 53.18
CA MET A 3414 -130.37 45.58 53.04
C MET A 3414 -131.38 45.26 54.12
N THR A 3415 -130.97 45.40 55.39
CA THR A 3415 -131.79 44.92 56.49
C THR A 3415 -133.08 45.70 56.60
N LEU A 3416 -133.06 46.98 56.24
CA LEU A 3416 -134.26 47.76 56.41
C LEU A 3416 -135.23 47.50 55.27
N ALA A 3417 -134.72 47.34 54.06
CA ALA A 3417 -135.54 46.83 52.96
C ALA A 3417 -136.04 45.43 53.26
N ASP A 3418 -135.26 44.65 54.00
CA ASP A 3418 -135.73 43.35 54.45
C ASP A 3418 -136.98 43.48 55.31
N PHE A 3419 -136.95 44.37 56.29
CA PHE A 3419 -138.11 44.59 57.15
C PHE A 3419 -139.35 44.90 56.32
N CYS A 3420 -139.22 45.83 55.39
CA CYS A 3420 -140.36 46.22 54.55
C CYS A 3420 -140.83 45.05 53.71
N ASP A 3421 -139.92 44.41 52.96
CA ASP A 3421 -140.34 43.33 52.07
C ASP A 3421 -141.00 42.21 52.85
N GLN A 3422 -140.42 41.82 53.99
CA GLN A 3422 -141.06 40.80 54.80
C GLN A 3422 -142.41 41.29 55.29
N GLN A 3423 -142.51 42.57 55.67
CA GLN A 3423 -143.81 43.15 55.93
C GLN A 3423 -144.72 42.97 54.73
N LEU A 3424 -144.22 43.29 53.53
CA LEU A 3424 -145.03 43.09 52.33
C LEU A 3424 -145.41 41.64 52.11
N ARG A 3425 -144.46 40.71 52.32
CA ARG A 3425 -144.81 39.30 52.21
C ARG A 3425 -146.01 38.96 53.08
N LYS A 3426 -146.14 39.63 54.23
CA LYS A 3426 -147.13 39.22 55.22
C LYS A 3426 -148.55 39.34 54.68
N GLU A 3427 -148.86 40.42 53.97
CA GLU A 3427 -150.26 40.71 53.65
C GLU A 3427 -150.84 39.68 52.68
N GLU A 3428 -150.05 39.23 51.71
CA GLU A 3428 -150.54 38.17 50.85
C GLU A 3428 -150.63 36.86 51.63
N GLU A 3429 -151.51 35.98 51.18
CA GLU A 3429 -151.75 34.74 51.90
C GLU A 3429 -151.70 33.54 50.96
N GLU A 3438 -151.91 49.64 59.75
CA GLU A 3438 -151.98 51.05 60.09
C GLU A 3438 -151.33 51.91 59.00
N LEU A 3439 -150.17 51.50 58.52
CA LEU A 3439 -149.56 52.14 57.37
C LEU A 3439 -150.03 51.47 56.08
N GLN A 3440 -150.10 52.25 55.01
CA GLN A 3440 -150.62 51.74 53.75
C GLN A 3440 -149.76 52.06 52.54
N ALA A 3441 -148.85 53.02 52.62
CA ALA A 3441 -148.03 53.37 51.46
C ALA A 3441 -146.85 52.41 51.32
N TYR A 3442 -147.13 51.11 51.37
CA TYR A 3442 -146.05 50.12 51.32
C TYR A 3442 -145.31 50.12 49.99
N PRO A 3443 -145.95 49.97 48.84
CA PRO A 3443 -145.17 49.86 47.59
C PRO A 3443 -144.32 51.09 47.32
N ALA A 3444 -144.80 52.26 47.71
CA ALA A 3444 -144.02 53.48 47.54
C ALA A 3444 -142.72 53.43 48.33
N LEU A 3445 -142.81 53.14 49.63
CA LEU A 3445 -141.63 53.20 50.47
C LEU A 3445 -140.64 52.09 50.12
N VAL A 3446 -141.14 50.90 49.76
CA VAL A 3446 -140.24 49.78 49.54
C VAL A 3446 -139.42 49.99 48.27
N VAL A 3447 -140.03 50.46 47.19
CA VAL A 3447 -139.28 50.66 45.95
C VAL A 3447 -138.24 51.76 46.16
N GLU A 3448 -138.60 52.80 46.90
CA GLU A 3448 -137.65 53.89 47.13
C GLU A 3448 -136.50 53.44 48.00
N LYS A 3449 -136.79 52.70 49.07
CA LYS A 3449 -135.75 52.21 49.95
C LYS A 3449 -134.79 51.29 49.22
N MET A 3450 -135.33 50.41 48.37
CA MET A 3450 -134.52 49.44 47.66
C MET A 3450 -133.73 50.09 46.53
N LEU A 3451 -134.32 51.09 45.86
CA LEU A 3451 -133.54 51.80 44.86
C LEU A 3451 -132.40 52.59 45.51
N LYS A 3452 -132.64 53.14 46.70
CA LYS A 3452 -131.55 53.70 47.49
C LYS A 3452 -130.54 52.62 47.86
N ALA A 3453 -131.03 51.45 48.27
CA ALA A 3453 -130.15 50.30 48.46
C ALA A 3453 -129.43 49.95 47.17
N LEU A 3454 -130.16 50.01 46.05
CA LEU A 3454 -129.60 49.70 44.74
C LEU A 3454 -128.48 50.65 44.36
N LYS A 3455 -128.47 51.86 44.92
CA LYS A 3455 -127.59 52.92 44.43
C LYS A 3455 -126.12 52.51 44.48
N LEU A 3456 -125.78 51.58 45.35
CA LEU A 3456 -124.41 51.09 45.46
C LEU A 3456 -124.39 49.60 45.15
N ASN A 3457 -123.24 49.12 44.69
CA ASN A 3457 -123.11 47.72 44.33
C ASN A 3457 -123.36 46.82 45.53
N SER A 3458 -124.17 45.79 45.32
CA SER A 3458 -124.40 44.78 46.34
C SER A 3458 -124.73 43.49 45.63
N ASN A 3459 -123.78 42.54 45.64
CA ASN A 3459 -124.00 41.25 45.02
C ASN A 3459 -125.26 40.58 45.54
N GLU A 3460 -125.61 40.85 46.79
CA GLU A 3460 -126.90 40.40 47.31
C GLU A 3460 -128.04 41.10 46.60
N ALA A 3461 -127.90 42.40 46.33
CA ALA A 3461 -129.04 43.21 45.90
C ALA A 3461 -129.58 42.76 44.55
N ARG A 3462 -128.70 42.30 43.65
CA ARG A 3462 -129.17 41.93 42.32
C ARG A 3462 -130.27 40.89 42.39
N LEU A 3463 -130.24 40.04 43.42
CA LEU A 3463 -131.26 39.02 43.56
C LEU A 3463 -132.59 39.62 44.00
N LYS A 3464 -132.56 40.81 44.58
CA LYS A 3464 -133.79 41.44 45.06
C LYS A 3464 -134.63 42.02 43.95
N PHE A 3465 -134.11 42.07 42.73
CA PHE A 3465 -134.85 42.73 41.65
C PHE A 3465 -136.25 42.18 41.38
N PRO A 3466 -136.48 40.87 41.24
CA PRO A 3466 -137.83 40.43 40.81
C PRO A 3466 -138.95 40.95 41.68
N ARG A 3467 -138.73 41.11 42.98
CA ARG A 3467 -139.77 41.69 43.84
C ARG A 3467 -140.18 43.09 43.37
N LEU A 3468 -139.25 43.85 42.81
CA LEU A 3468 -139.64 45.00 42.01
C LEU A 3468 -140.50 44.58 40.81
N LEU A 3469 -140.08 43.53 40.10
CA LEU A 3469 -140.51 43.35 38.72
C LEU A 3469 -142.03 43.24 38.59
N GLN A 3470 -142.73 42.85 39.65
CA GLN A 3470 -144.18 42.86 39.67
C GLN A 3470 -144.80 44.08 40.33
N ILE A 3471 -143.99 45.01 40.87
CA ILE A 3471 -144.58 46.13 41.59
C ILE A 3471 -145.39 47.01 40.65
N ILE A 3472 -144.87 47.29 39.45
CA ILE A 3472 -145.53 48.20 38.53
C ILE A 3472 -146.94 47.72 38.18
N GLU A 3473 -147.09 46.42 37.95
CA GLU A 3473 -148.40 45.88 37.61
C GLU A 3473 -149.27 45.64 38.84
N ARG A 3474 -148.66 45.39 39.99
CA ARG A 3474 -149.42 45.13 41.21
C ARG A 3474 -149.77 46.42 41.95
N TYR A 3475 -148.98 47.47 41.71
CA TYR A 3475 -149.22 48.75 42.36
C TYR A 3475 -148.86 49.91 41.44
N PRO A 3476 -149.88 50.56 40.86
CA PRO A 3476 -149.67 51.70 39.96
C PRO A 3476 -149.11 52.91 40.70
N GLU A 3477 -149.57 53.11 41.93
CA GLU A 3477 -149.09 54.23 42.75
C GLU A 3477 -147.62 54.04 43.10
N GLU A 3478 -147.23 52.81 43.40
CA GLU A 3478 -145.85 52.49 43.75
C GLU A 3478 -144.97 52.56 42.51
N THR A 3479 -145.54 52.19 41.36
CA THR A 3479 -144.82 52.20 40.11
C THR A 3479 -144.55 53.63 39.64
N LEU A 3480 -145.47 54.53 39.97
CA LEU A 3480 -145.34 55.93 39.60
C LEU A 3480 -144.05 56.53 40.17
N SER A 3481 -143.41 57.38 39.39
CA SER A 3481 -142.16 58.04 39.77
C SER A 3481 -141.14 57.03 40.31
N LEU A 3482 -141.44 55.75 40.13
CA LEU A 3482 -140.55 54.69 40.57
C LEU A 3482 -139.45 54.49 39.54
N MET A 3483 -139.74 54.89 38.30
CA MET A 3483 -138.79 54.79 37.20
C MET A 3483 -138.37 56.18 36.73
N THR A 3484 -139.15 57.18 37.13
CA THR A 3484 -138.85 58.56 36.76
C THR A 3484 -137.63 59.08 37.53
N LYS A 3485 -137.59 58.77 38.82
CA LYS A 3485 -136.47 59.20 39.67
C LYS A 3485 -135.31 58.23 39.52
N GLU A 3486 -135.59 56.94 39.63
CA GLU A 3486 -134.57 55.91 39.50
C GLU A 3486 -134.50 55.43 38.05
N ILE A 3487 -134.44 54.11 37.87
CA ILE A 3487 -134.38 53.50 36.55
C ILE A 3487 -133.31 54.09 35.63
N SER A 3488 -133.64 55.17 34.94
CA SER A 3488 -132.74 55.86 34.03
C SER A 3488 -131.35 56.10 34.62
N SER A 3489 -131.31 56.62 35.84
CA SER A 3489 -130.03 56.88 36.50
C SER A 3489 -129.46 55.59 37.10
N VAL A 3490 -128.69 54.87 36.30
CA VAL A 3490 -128.09 53.62 36.75
C VAL A 3490 -126.67 53.83 37.27
N PRO A 3491 -126.49 53.65 38.59
CA PRO A 3491 -125.18 53.82 39.24
C PRO A 3491 -124.14 52.87 38.64
N CYS A 3492 -124.43 51.58 38.67
CA CYS A 3492 -123.53 50.58 38.14
C CYS A 3492 -124.37 49.58 37.36
N TRP A 3493 -123.81 49.08 36.26
CA TRP A 3493 -124.57 48.16 35.44
C TRP A 3493 -124.81 46.85 36.18
N GLN A 3494 -126.07 46.45 36.26
CA GLN A 3494 -126.50 45.35 37.11
C GLN A 3494 -127.48 44.50 36.32
N PHE A 3495 -128.18 43.63 37.02
CA PHE A 3495 -129.40 42.96 36.52
C PHE A 3495 -129.15 42.17 35.25
N ILE A 3496 -127.92 41.69 35.07
CA ILE A 3496 -127.63 40.88 33.90
C ILE A 3496 -128.50 39.63 33.91
N SER A 3497 -128.92 39.20 35.12
CA SER A 3497 -129.77 38.05 35.28
C SER A 3497 -131.21 38.28 34.84
N TRP A 3498 -131.60 39.52 34.55
CA TRP A 3498 -133.01 39.85 34.47
C TRP A 3498 -133.48 40.34 33.11
N ILE A 3499 -132.61 40.42 32.11
CA ILE A 3499 -133.03 40.95 30.82
C ILE A 3499 -134.14 40.10 30.22
N SER A 3500 -134.04 38.78 30.39
CA SER A 3500 -135.13 37.90 30.00
C SER A 3500 -136.42 38.23 30.75
N HIS A 3501 -136.30 38.92 31.87
CA HIS A 3501 -137.45 39.27 32.68
C HIS A 3501 -138.02 40.63 32.29
N MET A 3502 -137.16 41.63 32.12
CA MET A 3502 -137.65 42.92 31.68
C MET A 3502 -138.33 42.85 30.32
N VAL A 3503 -137.85 41.97 29.43
CA VAL A 3503 -138.34 41.94 28.06
C VAL A 3503 -139.84 41.64 28.03
N ALA A 3504 -140.35 40.94 29.04
CA ALA A 3504 -141.79 40.71 29.12
C ALA A 3504 -142.56 41.99 29.43
N LEU A 3505 -142.00 42.87 30.26
CA LEU A 3505 -142.72 44.07 30.69
C LEU A 3505 -143.10 44.97 29.54
N LEU A 3506 -142.42 44.86 28.40
CA LEU A 3506 -142.75 45.61 27.21
C LEU A 3506 -143.24 44.74 26.06
N ASP A 3507 -142.73 43.51 25.94
CA ASP A 3507 -143.21 42.65 24.87
C ASP A 3507 -144.69 42.34 25.05
N LYS A 3508 -145.16 42.26 26.29
CA LYS A 3508 -146.52 41.88 26.58
C LYS A 3508 -147.33 42.97 27.26
N ASP A 3509 -146.70 43.88 27.99
CA ASP A 3509 -147.43 44.87 28.78
C ASP A 3509 -146.70 46.20 28.68
N GLN A 3510 -147.04 47.12 29.59
CA GLN A 3510 -146.45 48.45 29.60
C GLN A 3510 -145.18 48.56 30.44
N ALA A 3511 -144.27 49.40 29.98
CA ALA A 3511 -142.99 49.65 30.64
C ALA A 3511 -142.40 50.93 30.04
N VAL A 3512 -143.22 51.97 29.98
CA VAL A 3512 -142.85 53.27 29.41
C VAL A 3512 -141.45 53.78 29.76
N ALA A 3513 -141.07 53.72 31.03
CA ALA A 3513 -139.76 54.22 31.44
C ALA A 3513 -138.66 53.16 31.44
N VAL A 3514 -138.98 51.95 31.89
CA VAL A 3514 -138.00 50.86 31.92
C VAL A 3514 -137.51 50.65 30.48
N GLN A 3515 -138.24 51.26 29.56
CA GLN A 3515 -137.96 51.23 28.13
C GLN A 3515 -136.67 51.94 27.79
N HIS A 3516 -136.51 53.16 28.32
CA HIS A 3516 -135.28 53.91 28.08
C HIS A 3516 -134.07 53.23 28.69
N SER A 3517 -134.20 52.72 29.91
CA SER A 3517 -133.07 52.07 30.57
C SER A 3517 -132.70 50.78 29.86
N VAL A 3518 -133.70 50.09 29.31
CA VAL A 3518 -133.43 49.00 28.39
C VAL A 3518 -132.58 49.49 27.23
N GLU A 3519 -132.99 50.60 26.62
CA GLU A 3519 -132.20 51.18 25.56
C GLU A 3519 -130.84 51.63 26.06
N GLU A 3520 -130.75 52.01 27.33
CA GLU A 3520 -129.49 52.49 27.88
C GLU A 3520 -128.39 51.43 27.75
N ILE A 3521 -128.71 50.19 28.10
CA ILE A 3521 -127.70 49.16 28.27
C ILE A 3521 -127.70 48.18 27.10
N THR A 3522 -128.88 47.72 26.69
CA THR A 3522 -128.95 46.76 25.59
C THR A 3522 -128.34 47.35 24.33
N ASP A 3523 -128.67 48.59 24.02
CA ASP A 3523 -128.01 49.28 22.92
C ASP A 3523 -126.54 49.51 23.22
N ASN A 3524 -126.22 49.72 24.50
CA ASN A 3524 -124.81 49.83 24.90
C ASN A 3524 -124.08 48.52 24.63
N TYR A 3525 -124.72 47.38 24.92
CA TYR A 3525 -124.11 46.07 24.78
C TYR A 3525 -124.91 45.23 23.79
N PRO A 3526 -124.67 45.39 22.50
CA PRO A 3526 -125.26 44.49 21.50
C PRO A 3526 -124.62 43.11 21.59
N GLN A 3527 -125.20 42.19 20.85
CA GLN A 3527 -124.77 40.79 20.79
C GLN A 3527 -124.75 40.15 22.17
N ALA A 3528 -125.36 40.79 23.16
CA ALA A 3528 -125.50 40.24 24.48
C ALA A 3528 -126.96 40.13 24.90
N ILE A 3529 -127.86 40.74 24.15
CA ILE A 3529 -129.27 40.80 24.50
C ILE A 3529 -130.16 40.24 23.41
N VAL A 3530 -129.59 39.90 22.24
CA VAL A 3530 -130.41 39.46 21.12
C VAL A 3530 -131.18 38.19 21.48
N TYR A 3531 -130.48 37.20 22.03
CA TYR A 3531 -131.15 35.95 22.40
C TYR A 3531 -132.31 36.16 23.36
N PRO A 3532 -132.19 36.96 24.43
CA PRO A 3532 -133.38 37.27 25.24
C PRO A 3532 -134.54 37.77 24.40
N PHE A 3533 -134.27 38.66 23.45
CA PHE A 3533 -135.35 39.06 22.56
C PHE A 3533 -135.70 37.94 21.59
N ILE A 3534 -134.72 37.15 21.15
CA ILE A 3534 -135.04 36.04 20.26
C ILE A 3534 -136.07 35.14 20.90
N ILE A 3535 -135.95 34.93 22.22
CA ILE A 3535 -137.00 34.23 22.95
C ILE A 3535 -138.27 35.06 22.97
N SER A 3536 -138.13 36.37 23.10
CA SER A 3536 -139.28 37.26 23.04
C SER A 3536 -139.73 37.54 21.61
N SER A 3537 -139.02 37.00 20.63
CA SER A 3537 -139.25 37.32 19.23
C SER A 3537 -140.32 36.47 18.57
N GLU A 3538 -140.99 35.60 19.32
CA GLU A 3538 -142.14 34.88 18.79
C GLU A 3538 -143.42 35.21 19.56
N SER A 3539 -143.32 35.98 20.63
CA SER A 3539 -144.47 36.47 21.36
C SER A 3539 -144.61 37.96 21.09
N TYR A 3540 -145.80 38.38 20.66
CA TYR A 3540 -146.01 39.78 20.34
C TYR A 3540 -147.45 40.14 20.65
N SER A 3541 -147.64 40.93 21.72
CA SER A 3541 -148.95 41.44 22.10
C SER A 3541 -148.73 42.81 22.73
N PHE A 3542 -148.86 43.85 21.91
CA PHE A 3542 -148.80 45.21 22.41
C PHE A 3542 -150.13 45.57 23.07
N LYS A 3543 -150.09 46.62 23.90
CA LYS A 3543 -151.30 47.04 24.61
C LYS A 3543 -152.37 47.50 23.63
N ASP A 3544 -152.03 48.42 22.74
CA ASP A 3544 -152.97 49.01 21.80
C ASP A 3544 -152.19 49.97 20.91
N THR A 3545 -152.86 50.48 19.89
CA THR A 3545 -152.29 51.57 19.12
C THR A 3545 -152.33 52.88 19.91
N SER A 3546 -153.21 52.97 20.90
CA SER A 3546 -153.21 54.07 21.85
C SER A 3546 -152.10 53.84 22.86
N THR A 3547 -152.13 54.57 23.98
CA THR A 3547 -151.11 54.42 25.00
C THR A 3547 -150.87 52.94 25.32
N GLY A 3548 -149.68 52.47 24.99
CA GLY A 3548 -149.42 51.05 24.81
C GLY A 3548 -148.86 50.71 23.45
N HIS A 3549 -149.02 51.61 22.48
CA HIS A 3549 -148.28 51.53 21.24
C HIS A 3549 -146.78 51.63 21.48
N LYS A 3550 -146.39 52.14 22.65
CA LYS A 3550 -145.00 52.11 23.08
C LYS A 3550 -144.39 50.76 22.76
N ASN A 3551 -145.15 49.69 22.99
CA ASN A 3551 -144.71 48.37 22.55
C ASN A 3551 -144.49 48.36 21.05
N LYS A 3552 -145.48 48.85 20.29
CA LYS A 3552 -145.42 48.76 18.83
C LYS A 3552 -144.20 49.47 18.28
N GLU A 3553 -144.01 50.73 18.68
CA GLU A 3553 -142.88 51.50 18.19
C GLU A 3553 -141.56 50.91 18.66
N PHE A 3554 -141.51 50.48 19.92
CA PHE A 3554 -140.24 50.05 20.50
C PHE A 3554 -139.79 48.71 19.93
N VAL A 3555 -140.74 47.94 19.38
CA VAL A 3555 -140.37 46.77 18.58
C VAL A 3555 -139.45 47.18 17.44
N ALA A 3556 -139.94 48.07 16.58
CA ALA A 3556 -139.09 48.58 15.51
C ALA A 3556 -137.88 49.32 16.06
N ARG A 3557 -138.05 50.00 17.21
CA ARG A 3557 -136.94 50.73 17.80
C ARG A 3557 -135.77 49.80 18.10
N ILE A 3558 -136.01 48.73 18.84
CA ILE A 3558 -134.94 47.79 19.13
C ILE A 3558 -134.50 47.09 17.86
N LYS A 3559 -135.45 46.74 16.99
CA LYS A 3559 -135.09 46.19 15.68
C LYS A 3559 -134.11 47.11 14.97
N SER A 3560 -134.38 48.42 15.01
CA SER A 3560 -133.49 49.38 14.38
C SER A 3560 -132.14 49.41 15.09
N LYS A 3561 -132.13 49.23 16.40
CA LYS A 3561 -130.90 49.44 17.16
C LYS A 3561 -129.79 48.50 16.69
N LEU A 3562 -130.05 47.21 16.63
CA LEU A 3562 -129.03 46.24 16.28
C LEU A 3562 -129.39 45.56 14.98
N ASP A 3563 -128.57 44.57 14.60
CA ASP A 3563 -128.81 43.81 13.40
C ASP A 3563 -129.97 42.86 13.59
N GLN A 3564 -131.17 43.41 13.77
CA GLN A 3564 -132.36 42.57 13.86
C GLN A 3564 -132.54 41.75 12.59
N GLY A 3565 -131.98 42.20 11.47
CA GLY A 3565 -131.93 41.43 10.26
C GLY A 3565 -130.50 41.06 9.91
N GLY A 3566 -129.69 40.79 10.93
CA GLY A 3566 -128.31 40.42 10.69
C GLY A 3566 -128.18 38.97 10.28
N VAL A 3567 -127.19 38.28 10.84
CA VAL A 3567 -126.94 36.88 10.51
C VAL A 3567 -127.22 35.94 11.66
N ILE A 3568 -127.45 36.46 12.86
CA ILE A 3568 -127.76 35.61 14.00
C ILE A 3568 -129.05 34.85 13.76
N GLN A 3569 -130.01 35.48 13.09
CA GLN A 3569 -131.22 34.78 12.72
C GLN A 3569 -130.90 33.65 11.75
N ASP A 3570 -130.07 33.91 10.75
CA ASP A 3570 -129.69 32.84 9.84
C ASP A 3570 -128.92 31.75 10.57
N PHE A 3571 -128.14 32.13 11.58
CA PHE A 3571 -127.52 31.12 12.43
C PHE A 3571 -128.59 30.22 13.03
N ILE A 3572 -129.66 30.85 13.54
CA ILE A 3572 -130.80 30.11 14.05
C ILE A 3572 -131.40 29.25 12.96
N ASN A 3573 -131.42 29.77 11.72
CA ASN A 3573 -131.98 29.01 10.61
C ASN A 3573 -131.11 27.80 10.27
N ALA A 3574 -129.78 27.96 10.33
CA ALA A 3574 -128.92 26.79 10.17
C ALA A 3574 -129.18 25.79 11.29
N LEU A 3575 -129.37 26.30 12.51
CA LEU A 3575 -129.81 25.45 13.60
C LEU A 3575 -131.09 24.74 13.24
N ASP A 3576 -132.02 25.46 12.62
CA ASP A 3576 -133.25 24.85 12.15
C ASP A 3576 -132.96 23.78 11.11
N GLN A 3577 -132.09 24.09 10.15
CA GLN A 3577 -131.72 23.13 9.13
C GLN A 3577 -130.95 21.94 9.68
N LEU A 3578 -130.45 22.04 10.91
CA LEU A 3578 -129.68 20.97 11.53
C LEU A 3578 -130.46 20.25 12.63
N SER A 3579 -131.77 20.17 12.48
CA SER A 3579 -132.62 19.49 13.45
C SER A 3579 -133.03 18.12 12.94
N ASN A 3580 -133.60 17.32 13.85
CA ASN A 3580 -134.04 15.98 13.50
C ASN A 3580 -135.44 16.06 12.89
N PRO A 3581 -135.56 15.78 11.58
CA PRO A 3581 -136.85 16.01 10.91
C PRO A 3581 -138.00 15.19 11.48
N GLU A 3582 -137.76 13.93 11.84
CA GLU A 3582 -138.86 13.10 12.32
C GLU A 3582 -139.39 13.61 13.65
N LEU A 3583 -138.49 13.89 14.60
CA LEU A 3583 -138.90 14.33 15.92
C LEU A 3583 -139.73 15.60 15.83
N LEU A 3584 -139.25 16.58 15.07
CA LEU A 3584 -139.98 17.83 14.91
C LEU A 3584 -141.34 17.57 14.26
N PHE A 3585 -141.35 16.76 13.20
CA PHE A 3585 -142.61 16.44 12.55
C PHE A 3585 -143.55 15.68 13.49
N LYS A 3586 -143.02 14.68 14.19
CA LYS A 3586 -143.85 13.95 15.14
C LYS A 3586 -144.35 14.87 16.24
N ASP A 3587 -143.47 15.72 16.76
CA ASP A 3587 -143.91 16.69 17.75
C ASP A 3587 -144.82 17.73 17.15
N TRP A 3588 -144.61 18.11 15.89
CA TRP A 3588 -145.52 19.04 15.24
C TRP A 3588 -146.94 18.49 15.27
N SER A 3589 -147.10 17.24 14.84
CA SER A 3589 -148.41 16.59 14.90
C SER A 3589 -148.93 16.52 16.33
N ASN A 3590 -148.04 16.48 17.32
CA ASN A 3590 -148.48 16.39 18.70
C ASN A 3590 -149.24 17.64 19.13
N ASP A 3591 -148.64 18.81 18.93
CA ASP A 3591 -149.33 20.05 19.28
C ASP A 3591 -150.51 20.32 18.36
N VAL A 3592 -150.51 19.74 17.17
CA VAL A 3592 -151.69 19.79 16.31
C VAL A 3592 -152.87 19.16 17.03
N ARG A 3593 -152.65 17.97 17.61
CA ARG A 3593 -153.70 17.36 18.42
C ARG A 3593 -153.93 18.14 19.70
N ALA A 3594 -152.88 18.82 20.21
CA ALA A 3594 -153.07 19.66 21.39
C ALA A 3594 -153.88 20.90 21.09
N GLU A 3595 -153.88 21.35 19.83
CA GLU A 3595 -154.59 22.56 19.47
C GLU A 3595 -156.09 22.42 19.69
N LEU A 3596 -156.65 21.26 19.32
CA LEU A 3596 -158.07 21.01 19.48
C LEU A 3596 -158.38 20.21 20.74
N ALA A 3597 -157.38 20.06 21.62
CA ALA A 3597 -157.52 19.15 22.75
C ALA A 3597 -158.73 19.49 23.62
N LYS A 3598 -159.04 20.76 23.77
CA LYS A 3598 -160.23 21.14 24.52
C LYS A 3598 -161.18 22.03 23.73
N THR A 3599 -160.66 22.91 22.88
CA THR A 3599 -161.51 23.89 22.22
C THR A 3599 -162.22 23.27 21.02
N PRO A 3600 -163.55 23.34 20.96
CA PRO A 3600 -164.22 23.10 19.67
C PRO A 3600 -163.92 24.19 18.66
N VAL A 3601 -163.69 25.41 19.13
CA VAL A 3601 -163.30 26.52 18.27
C VAL A 3601 -161.79 26.44 18.06
N ASN A 3602 -161.38 25.75 17.01
CA ASN A 3602 -159.97 25.53 16.70
C ASN A 3602 -159.66 26.16 15.35
N LYS A 3603 -158.45 25.92 14.86
CA LYS A 3603 -157.96 26.37 13.56
C LYS A 3603 -157.76 27.87 13.50
N LYS A 3604 -158.07 28.60 14.57
CA LYS A 3604 -157.91 30.04 14.60
C LYS A 3604 -156.50 30.47 14.93
N ASN A 3605 -155.64 29.52 15.28
CA ASN A 3605 -154.24 29.81 15.53
C ASN A 3605 -153.31 28.84 14.81
N ILE A 3606 -153.86 27.90 14.04
CA ILE A 3606 -153.01 26.95 13.34
C ILE A 3606 -152.10 27.64 12.35
N GLU A 3607 -152.42 28.89 11.96
CA GLU A 3607 -151.54 29.67 11.11
C GLU A 3607 -150.13 29.62 11.67
N LYS A 3608 -150.04 29.69 12.99
CA LYS A 3608 -148.80 29.41 13.68
C LYS A 3608 -148.22 28.09 13.17
N MET A 3609 -148.96 26.99 13.40
CA MET A 3609 -148.40 25.66 13.18
C MET A 3609 -148.16 25.35 11.72
N TYR A 3610 -149.20 25.38 10.89
CA TYR A 3610 -149.01 24.84 9.54
C TYR A 3610 -148.08 25.68 8.70
N GLU A 3611 -147.71 26.88 9.18
CA GLU A 3611 -146.75 27.69 8.43
C GLU A 3611 -145.40 26.99 8.37
N ARG A 3612 -144.89 26.58 9.52
CA ARG A 3612 -143.63 25.88 9.60
C ARG A 3612 -143.82 24.49 9.03
N MET A 3613 -145.04 23.98 9.14
CA MET A 3613 -145.37 22.65 8.64
C MET A 3613 -145.10 22.57 7.15
N TYR A 3614 -145.52 23.59 6.40
CA TYR A 3614 -145.32 23.64 4.97
C TYR A 3614 -143.92 24.14 4.63
N ALA A 3615 -143.36 24.95 5.52
CA ALA A 3615 -142.03 25.50 5.33
C ALA A 3615 -140.97 24.42 5.49
N ALA A 3616 -141.09 23.62 6.54
CA ALA A 3616 -140.14 22.55 6.80
C ALA A 3616 -140.32 21.40 5.82
N LEU A 3617 -141.55 21.16 5.38
CA LEU A 3617 -141.80 20.08 4.44
C LEU A 3617 -141.80 20.54 2.99
N GLY A 3618 -142.22 21.76 2.72
CA GLY A 3618 -142.04 22.34 1.40
C GLY A 3618 -140.97 23.41 1.45
N ASP A 3619 -141.15 24.50 0.72
CA ASP A 3619 -140.25 25.64 0.74
C ASP A 3619 -138.81 25.26 0.41
N PRO A 3620 -138.54 24.78 -0.81
CA PRO A 3620 -137.16 24.37 -1.14
C PRO A 3620 -136.30 25.54 -1.59
N LYS A 3621 -136.39 26.65 -0.86
CA LYS A 3621 -135.63 27.85 -1.22
C LYS A 3621 -135.14 28.62 -0.01
N ALA A 3622 -135.29 28.09 1.20
CA ALA A 3622 -134.91 28.83 2.39
C ALA A 3622 -133.40 29.01 2.44
N PRO A 3623 -132.93 30.12 3.00
CA PRO A 3623 -131.49 30.30 3.21
C PRO A 3623 -130.94 29.28 4.20
N GLY A 3624 -129.68 28.91 4.01
CA GLY A 3624 -129.06 27.87 4.81
C GLY A 3624 -129.56 26.47 4.51
N LEU A 3625 -130.63 26.32 3.73
CA LEU A 3625 -131.09 25.02 3.31
C LEU A 3625 -130.05 24.33 2.45
N GLY A 3626 -129.90 23.03 2.65
CA GLY A 3626 -128.97 22.24 1.86
C GLY A 3626 -129.65 21.02 1.29
N ALA A 3627 -129.00 20.43 0.30
CA ALA A 3627 -129.47 19.17 -0.27
C ALA A 3627 -129.61 18.10 0.80
N PHE A 3628 -128.86 18.24 1.90
CA PHE A 3628 -129.14 17.45 3.09
C PHE A 3628 -130.61 17.61 3.48
N ARG A 3629 -131.00 18.83 3.86
CA ARG A 3629 -132.39 19.06 4.18
C ARG A 3629 -133.28 19.05 2.94
N ARG A 3630 -132.77 19.56 1.81
CA ARG A 3630 -133.61 19.65 0.62
C ARG A 3630 -134.09 18.28 0.18
N LYS A 3631 -133.23 17.27 0.29
CA LYS A 3631 -133.65 15.92 -0.04
C LYS A 3631 -134.75 15.44 0.90
N PHE A 3632 -134.63 15.76 2.20
CA PHE A 3632 -135.66 15.35 3.15
C PHE A 3632 -137.00 15.94 2.75
N ILE A 3633 -137.07 17.25 2.62
CA ILE A 3633 -138.32 17.89 2.24
C ILE A 3633 -138.73 17.46 0.84
N GLN A 3634 -137.77 17.08 0.01
CA GLN A 3634 -138.11 16.52 -1.30
C GLN A 3634 -138.91 15.25 -1.15
N THR A 3635 -138.41 14.29 -0.36
CA THR A 3635 -139.20 13.10 -0.10
C THR A 3635 -140.38 13.41 0.80
N PHE A 3636 -140.38 14.57 1.47
CA PHE A 3636 -141.59 15.06 2.11
C PHE A 3636 -142.47 15.82 1.14
N GLY A 3637 -141.86 16.46 0.14
CA GLY A 3637 -142.63 17.08 -0.92
C GLY A 3637 -143.25 16.09 -1.87
N LYS A 3638 -142.72 14.87 -1.92
CA LYS A 3638 -143.35 13.84 -2.74
C LYS A 3638 -144.74 13.53 -2.24
N GLU A 3639 -144.93 13.49 -0.92
CA GLU A 3639 -146.25 13.31 -0.31
C GLU A 3639 -146.51 14.54 0.56
N PHE A 3640 -147.19 15.52 -0.02
CA PHE A 3640 -147.51 16.76 0.68
C PHE A 3640 -148.97 17.16 0.60
N ASP A 3641 -149.69 16.74 -0.45
CA ASP A 3641 -151.12 16.97 -0.53
C ASP A 3641 -151.93 15.69 -0.46
N LYS A 3642 -151.30 14.52 -0.60
CA LYS A 3642 -152.02 13.28 -0.29
C LYS A 3642 -152.30 13.19 1.20
N HIS A 3643 -151.45 13.79 2.02
CA HIS A 3643 -151.70 13.88 3.45
C HIS A 3643 -153.01 14.61 3.72
N PHE A 3644 -153.04 15.90 3.42
CA PHE A 3644 -154.26 16.69 3.40
C PHE A 3644 -154.51 17.16 1.97
N GLY A 3645 -155.72 16.91 1.48
CA GLY A 3645 -156.07 17.40 0.15
C GLY A 3645 -155.93 18.90 0.04
N LYS A 3646 -156.04 19.60 1.17
CA LYS A 3646 -155.69 21.01 1.24
C LYS A 3646 -154.20 21.23 1.31
N GLY A 3647 -153.41 20.16 1.40
CA GLY A 3647 -151.97 20.30 1.41
C GLY A 3647 -151.46 20.87 2.72
N GLY A 3648 -150.28 21.50 2.63
CA GLY A 3648 -149.70 22.16 3.78
C GLY A 3648 -150.54 23.30 4.31
N SER A 3649 -151.36 23.92 3.47
CA SER A 3649 -152.30 24.92 3.94
C SER A 3649 -153.45 24.24 4.65
N LYS A 3650 -153.80 24.73 5.83
CA LYS A 3650 -154.95 24.24 6.57
C LYS A 3650 -155.70 25.43 7.14
N LEU A 3651 -156.90 25.70 6.63
CA LEU A 3651 -157.80 26.63 7.27
C LEU A 3651 -159.08 25.94 7.70
N LEU A 3652 -159.75 25.24 6.79
CA LEU A 3652 -160.77 24.25 7.12
C LEU A 3652 -160.32 22.96 6.44
N ARG A 3653 -159.40 22.27 7.06
CA ARG A 3653 -158.91 20.96 6.62
C ARG A 3653 -158.94 19.94 7.74
N MET A 3654 -158.65 20.35 8.97
CA MET A 3654 -158.74 19.51 10.15
C MET A 3654 -159.79 20.11 11.07
N LYS A 3655 -160.90 19.40 11.23
CA LYS A 3655 -161.97 19.90 12.08
C LYS A 3655 -161.88 19.34 13.50
N LEU A 3656 -161.79 18.03 13.64
CA LEU A 3656 -161.64 17.42 14.96
C LEU A 3656 -160.65 16.28 14.84
N SER A 3657 -160.58 15.45 15.88
CA SER A 3657 -159.58 14.38 15.94
C SER A 3657 -159.83 13.28 14.93
N ASP A 3658 -160.88 13.37 14.11
CA ASP A 3658 -161.06 12.41 13.03
C ASP A 3658 -159.90 12.49 12.05
N PHE A 3659 -159.46 13.70 11.71
CA PHE A 3659 -158.28 13.86 10.86
C PHE A 3659 -156.99 13.55 11.61
N ASN A 3660 -156.98 13.69 12.94
CA ASN A 3660 -155.80 13.36 13.71
C ASN A 3660 -155.40 11.90 13.52
N ASP A 3661 -156.38 11.02 13.34
CA ASP A 3661 -156.09 9.64 12.98
C ASP A 3661 -155.39 9.57 11.63
N ILE A 3662 -155.87 10.33 10.65
CA ILE A 3662 -155.23 10.34 9.34
C ILE A 3662 -153.79 10.80 9.45
N THR A 3663 -153.56 11.88 10.20
CA THR A 3663 -152.19 12.30 10.49
C THR A 3663 -151.43 11.18 11.15
N ASN A 3664 -152.05 10.53 12.14
CA ASN A 3664 -151.37 9.47 12.89
C ASN A 3664 -150.96 8.31 11.99
N MET A 3665 -151.86 7.89 11.09
CA MET A 3665 -151.51 6.77 10.25
C MET A 3665 -150.51 7.19 9.18
N LEU A 3666 -150.51 8.48 8.79
CA LEU A 3666 -149.36 9.02 8.08
C LEU A 3666 -148.12 9.07 8.97
N LEU A 3667 -148.31 9.41 10.25
CA LEU A 3667 -147.19 9.40 11.18
C LEU A 3667 -146.58 8.00 11.28
N LEU A 3668 -147.41 6.97 11.10
CA LEU A 3668 -146.92 5.60 11.17
C LEU A 3668 -145.93 5.31 10.06
N LYS A 3669 -146.16 5.85 8.87
CA LYS A 3669 -145.20 5.75 7.79
C LYS A 3669 -144.32 7.00 7.81
N MET A 3670 -143.49 7.15 6.79
CA MET A 3670 -142.62 8.32 6.63
C MET A 3670 -141.68 8.52 7.82
N ASN A 3671 -141.53 7.49 8.64
CA ASN A 3671 -140.54 7.48 9.72
C ASN A 3671 -139.72 6.21 9.77
N LYS A 3672 -140.22 5.09 9.26
CA LYS A 3672 -139.40 3.91 9.05
C LYS A 3672 -138.28 4.19 8.07
N ASP A 3673 -138.55 5.03 7.08
CA ASP A 3673 -137.58 5.46 6.08
C ASP A 3673 -136.65 6.54 6.60
N SER A 3674 -136.62 6.76 7.91
CA SER A 3674 -135.74 7.75 8.49
C SER A 3674 -134.28 7.38 8.28
N LYS A 3675 -133.45 8.40 8.04
CA LYS A 3675 -132.02 8.21 7.79
C LYS A 3675 -131.26 9.12 8.74
N PRO A 3676 -130.34 8.57 9.54
CA PRO A 3676 -129.62 9.41 10.49
C PRO A 3676 -128.73 10.40 9.78
N PRO A 3677 -128.55 11.59 10.33
CA PRO A 3677 -127.79 12.64 9.62
C PRO A 3677 -126.36 12.23 9.36
N GLY A 3678 -125.81 12.72 8.26
CA GLY A 3678 -124.44 12.45 7.93
C GLY A 3678 -123.48 13.15 8.87
N ASN A 3679 -122.26 12.64 8.92
CA ASN A 3679 -121.19 13.22 9.71
C ASN A 3679 -120.46 14.33 8.97
N LEU A 3680 -120.93 14.69 7.78
CA LEU A 3680 -120.30 15.72 6.98
C LEU A 3680 -120.87 17.08 7.34
N LYS A 3681 -120.10 18.12 7.01
CA LYS A 3681 -120.49 19.47 7.37
C LYS A 3681 -121.61 19.99 6.48
N GLU A 3682 -121.73 19.46 5.28
CA GLU A 3682 -122.81 19.92 4.41
C GLU A 3682 -124.18 19.42 4.86
N CYS A 3683 -124.31 18.85 6.06
CA CYS A 3683 -125.63 18.76 6.66
C CYS A 3683 -126.24 20.15 6.80
N SER A 3684 -125.41 21.15 7.09
CA SER A 3684 -125.72 22.55 6.86
C SER A 3684 -124.61 23.06 5.95
N PRO A 3685 -124.80 23.01 4.63
CA PRO A 3685 -123.73 23.44 3.73
C PRO A 3685 -123.29 24.86 4.00
N TRP A 3686 -124.22 25.72 4.41
CA TRP A 3686 -123.88 27.10 4.74
C TRP A 3686 -122.93 27.17 5.93
N MET A 3687 -123.18 26.39 6.97
CA MET A 3687 -122.18 26.19 8.01
C MET A 3687 -120.98 25.41 7.51
N SER A 3688 -121.18 24.51 6.54
CA SER A 3688 -120.04 23.81 5.93
C SER A 3688 -119.07 24.79 5.30
N ASP A 3689 -119.58 25.76 4.53
CA ASP A 3689 -118.73 26.75 3.89
C ASP A 3689 -118.70 28.06 4.67
N PHE A 3690 -119.02 28.01 5.96
CA PHE A 3690 -119.02 29.23 6.77
C PHE A 3690 -117.59 29.61 7.16
N LYS A 3691 -117.21 30.83 6.83
CA LYS A 3691 -115.97 31.43 7.26
C LYS A 3691 -116.29 32.74 7.97
N VAL A 3692 -115.25 33.43 8.39
CA VAL A 3692 -115.38 34.72 9.05
C VAL A 3692 -115.00 35.82 8.06
N GLU A 3693 -115.69 36.95 8.14
CA GLU A 3693 -115.42 38.07 7.25
C GLU A 3693 -115.24 39.35 8.06
N PHE A 3694 -114.39 40.24 7.55
CA PHE A 3694 -114.17 41.53 8.17
C PHE A 3694 -115.39 42.42 7.96
N LEU A 3695 -115.47 43.47 8.77
CA LEU A 3695 -116.58 44.42 8.75
C LEU A 3695 -117.90 43.66 8.83
N ARG A 3696 -118.07 43.01 9.96
CA ARG A 3696 -119.27 42.25 10.25
C ARG A 3696 -119.37 42.09 11.76
N ASN A 3697 -120.59 42.04 12.26
CA ASN A 3697 -120.78 41.71 13.66
C ASN A 3697 -120.16 40.34 13.97
N GLU A 3698 -119.38 40.29 15.03
CA GLU A 3698 -118.61 39.09 15.36
C GLU A 3698 -119.38 38.29 16.40
N LEU A 3699 -119.94 37.16 15.98
CA LEU A 3699 -120.63 36.30 16.93
C LEU A 3699 -119.65 35.71 17.91
N GLU A 3700 -120.06 35.68 19.16
CA GLU A 3700 -119.31 35.08 20.24
C GLU A 3700 -120.13 33.90 20.76
N ILE A 3701 -119.56 33.14 21.67
CA ILE A 3701 -120.37 32.05 22.23
C ILE A 3701 -121.45 32.66 23.11
N PRO A 3702 -122.67 32.13 23.08
CA PRO A 3702 -123.70 32.65 24.01
C PRO A 3702 -123.30 32.50 25.46
N GLY A 3703 -122.58 31.43 25.80
CA GLY A 3703 -122.32 31.13 27.20
C GLY A 3703 -121.35 32.08 27.86
N GLN A 3704 -120.49 32.72 27.07
CA GLN A 3704 -119.49 33.60 27.67
C GLN A 3704 -120.14 34.73 28.45
N TYR A 3705 -121.15 35.35 27.87
CA TYR A 3705 -121.69 36.57 28.46
C TYR A 3705 -122.48 36.20 29.71
N ASP A 3706 -121.90 36.52 30.86
CA ASP A 3706 -122.50 36.19 32.16
C ASP A 3706 -122.12 37.33 33.12
N GLY A 3707 -123.00 38.31 33.21
CA GLY A 3707 -122.68 39.51 33.97
C GLY A 3707 -122.78 39.26 35.46
N ARG A 3708 -121.84 39.86 36.19
CA ARG A 3708 -121.79 39.77 37.64
C ARG A 3708 -122.04 41.15 38.23
N GLY A 3709 -123.06 41.83 37.73
CA GLY A 3709 -123.34 43.18 38.19
C GLY A 3709 -122.23 44.14 37.83
N LYS A 3710 -121.74 44.06 36.58
CA LYS A 3710 -120.68 44.95 36.18
C LYS A 3710 -120.64 44.96 34.67
N PRO A 3711 -120.34 46.09 34.05
CA PRO A 3711 -120.32 46.17 32.59
C PRO A 3711 -119.44 45.09 31.97
N LEU A 3712 -119.97 44.45 30.94
CA LEU A 3712 -119.37 43.23 30.41
C LEU A 3712 -117.97 43.49 29.84
N PRO A 3713 -116.98 42.67 30.17
CA PRO A 3713 -115.70 42.75 29.48
C PRO A 3713 -115.80 42.20 28.07
N GLU A 3714 -114.71 42.32 27.31
CA GLU A 3714 -114.72 41.90 25.92
C GLU A 3714 -113.77 40.76 25.66
N TYR A 3715 -113.18 40.21 26.72
CA TYR A 3715 -112.31 39.05 26.60
C TYR A 3715 -113.21 37.84 26.47
N HIS A 3716 -113.72 37.67 25.26
CA HIS A 3716 -114.73 36.67 24.98
C HIS A 3716 -114.32 35.89 23.74
N VAL A 3717 -114.72 34.63 23.69
CA VAL A 3717 -114.29 33.74 22.61
C VAL A 3717 -115.28 33.89 21.47
N ARG A 3718 -114.98 34.83 20.59
CA ARG A 3718 -115.72 35.01 19.36
C ARG A 3718 -115.64 33.73 18.53
N ILE A 3719 -116.74 33.42 17.83
CA ILE A 3719 -116.79 32.16 17.11
C ILE A 3719 -115.68 32.12 16.08
N ALA A 3720 -115.07 30.94 15.92
CA ALA A 3720 -114.05 30.71 14.91
C ALA A 3720 -114.44 29.54 14.01
N GLY A 3721 -115.73 29.40 13.75
CA GLY A 3721 -116.24 28.24 13.08
C GLY A 3721 -116.54 27.11 14.06
N PHE A 3722 -117.14 26.05 13.53
CA PHE A 3722 -117.58 24.92 14.33
C PHE A 3722 -116.67 23.75 14.03
N ASP A 3723 -116.22 23.07 15.09
CA ASP A 3723 -115.18 22.08 14.92
C ASP A 3723 -115.65 20.90 14.07
N GLU A 3724 -114.69 20.30 13.37
CA GLU A 3724 -114.95 19.35 12.31
C GLU A 3724 -115.35 17.99 12.87
N ARG A 3725 -115.87 17.13 12.00
CA ARG A 3725 -116.34 15.80 12.34
C ARG A 3725 -117.43 15.87 13.42
N VAL A 3726 -118.58 16.41 13.00
CA VAL A 3726 -119.75 16.52 13.87
C VAL A 3726 -119.97 15.18 14.58
N THR A 3727 -120.18 15.25 15.88
CA THR A 3727 -120.37 14.07 16.72
C THR A 3727 -121.83 14.01 17.14
N VAL A 3728 -122.38 12.80 17.17
CA VAL A 3728 -123.75 12.57 17.64
C VAL A 3728 -123.74 11.32 18.52
N MET A 3729 -124.53 11.36 19.60
CA MET A 3729 -124.79 10.19 20.41
C MET A 3729 -126.28 9.86 20.30
N ALA A 3730 -126.58 8.61 19.94
CA ALA A 3730 -127.97 8.19 19.86
C ALA A 3730 -128.52 8.07 21.26
N SER A 3731 -129.43 8.97 21.62
CA SER A 3731 -129.99 8.99 22.96
C SER A 3731 -131.50 9.15 22.87
N LEU A 3732 -132.12 8.43 21.94
CA LEU A 3732 -133.54 8.47 21.64
C LEU A 3732 -133.91 9.77 20.94
N ARG A 3733 -132.96 10.70 20.89
CA ARG A 3733 -133.09 11.89 20.06
C ARG A 3733 -131.78 12.25 19.38
N ARG A 3734 -130.73 11.44 19.53
CA ARG A 3734 -129.47 11.56 18.82
C ARG A 3734 -129.04 13.02 18.61
N PRO A 3735 -128.85 13.78 19.69
CA PRO A 3735 -128.36 15.15 19.56
C PRO A 3735 -126.94 15.15 19.06
N LYS A 3736 -126.57 16.22 18.36
CA LYS A 3736 -125.28 16.27 17.70
C LYS A 3736 -124.31 16.96 18.64
N ARG A 3737 -123.54 16.16 19.38
CA ARG A 3737 -122.57 16.67 20.35
C ARG A 3737 -121.23 17.07 19.71
N ILE A 3738 -121.27 18.06 18.84
CA ILE A 3738 -120.05 18.54 18.17
C ILE A 3738 -119.29 19.57 19.00
N ILE A 3739 -118.23 20.13 18.41
CA ILE A 3739 -117.41 21.13 19.08
C ILE A 3739 -117.37 22.43 18.27
N ILE A 3740 -116.98 23.51 18.92
CA ILE A 3740 -116.92 24.81 18.26
C ILE A 3740 -115.46 25.27 18.21
N ARG A 3741 -114.97 25.56 17.01
CA ARG A 3741 -113.61 26.06 16.89
C ARG A 3741 -113.42 27.36 17.68
N GLY A 3742 -112.32 27.42 18.41
CA GLY A 3742 -112.03 28.59 19.21
C GLY A 3742 -110.77 29.28 18.75
N HIS A 3743 -110.92 30.54 18.32
CA HIS A 3743 -109.75 31.35 18.02
C HIS A 3743 -108.89 31.57 19.26
N ASP A 3744 -109.51 31.59 20.44
CA ASP A 3744 -108.77 31.66 21.70
C ASP A 3744 -108.35 30.29 22.20
N GLU A 3745 -108.25 29.32 21.30
CA GLU A 3745 -107.70 27.99 21.54
C GLU A 3745 -108.61 27.12 22.40
N ARG A 3746 -109.77 27.61 22.81
CA ARG A 3746 -110.70 26.82 23.61
C ARG A 3746 -111.90 26.42 22.77
N GLU A 3747 -112.26 25.14 22.85
CA GLU A 3747 -113.31 24.54 22.04
C GLU A 3747 -114.22 23.71 22.94
N HIS A 3748 -115.52 23.80 22.68
CA HIS A 3748 -116.54 23.32 23.62
C HIS A 3748 -117.55 22.44 22.92
N PRO A 3749 -117.80 21.24 23.42
CA PRO A 3749 -118.70 20.32 22.75
C PRO A 3749 -120.19 20.62 22.93
N PHE A 3750 -120.78 21.52 22.17
CA PHE A 3750 -122.18 21.80 22.41
C PHE A 3750 -123.02 20.75 21.69
N LEU A 3751 -124.33 20.96 21.64
CA LEU A 3751 -125.27 19.93 21.26
C LEU A 3751 -126.35 20.61 20.44
N VAL A 3752 -127.42 19.89 20.10
CA VAL A 3752 -128.51 20.50 19.35
C VAL A 3752 -129.72 19.58 19.50
N LYS A 3753 -130.91 20.19 19.59
CA LYS A 3753 -132.14 19.50 19.90
C LYS A 3753 -133.29 20.47 19.67
N GLY A 3754 -134.36 19.99 19.06
CA GLY A 3754 -135.44 20.85 18.60
C GLY A 3754 -136.53 21.16 19.60
N GLY A 3755 -136.91 20.18 20.41
CA GLY A 3755 -137.97 20.35 21.37
C GLY A 3755 -137.46 20.88 22.70
N GLU A 3756 -138.34 20.82 23.70
CA GLU A 3756 -137.96 20.93 25.10
C GLU A 3756 -137.23 22.24 25.37
N ASP A 3757 -138.01 23.33 25.26
CA ASP A 3757 -137.50 24.69 25.49
C ASP A 3757 -136.73 24.77 26.80
N LEU A 3758 -135.73 25.66 26.86
CA LEU A 3758 -134.82 25.67 28.00
C LEU A 3758 -135.00 26.86 28.92
N ARG A 3759 -136.07 27.63 28.77
CA ARG A 3759 -136.27 28.78 29.65
C ARG A 3759 -136.34 28.35 31.11
N GLN A 3760 -137.21 27.38 31.42
CA GLN A 3760 -137.24 26.83 32.77
C GLN A 3760 -135.88 26.26 33.13
N ASP A 3761 -135.31 25.47 32.23
CA ASP A 3761 -133.99 24.91 32.47
C ASP A 3761 -132.98 26.02 32.66
N GLN A 3762 -133.10 27.09 31.87
CA GLN A 3762 -132.26 28.26 32.11
C GLN A 3762 -132.46 28.75 33.53
N ARG A 3763 -133.70 29.11 33.87
CA ARG A 3763 -133.93 29.82 35.12
C ARG A 3763 -133.46 28.97 36.29
N VAL A 3764 -133.75 27.68 36.25
CA VAL A 3764 -133.34 26.81 37.34
C VAL A 3764 -131.83 26.72 37.41
N GLU A 3765 -131.15 26.71 36.26
CA GLU A 3765 -129.70 26.53 36.32
C GLU A 3765 -129.04 27.71 37.01
N GLN A 3766 -129.56 28.91 36.80
CA GLN A 3766 -129.01 30.05 37.52
C GLN A 3766 -129.30 29.95 39.01
N LEU A 3767 -130.45 29.37 39.37
CA LEU A 3767 -130.76 29.17 40.79
C LEU A 3767 -129.69 28.35 41.48
N PHE A 3768 -129.10 27.40 40.75
CA PHE A 3768 -128.08 26.54 41.37
C PHE A 3768 -126.81 27.33 41.63
N GLN A 3769 -126.43 28.21 40.72
CA GLN A 3769 -125.35 29.15 41.03
C GLN A 3769 -125.74 30.03 42.20
N VAL A 3770 -127.02 30.40 42.28
CA VAL A 3770 -127.46 31.26 43.36
C VAL A 3770 -127.27 30.58 44.70
N MET A 3771 -127.85 29.40 44.88
CA MET A 3771 -127.59 28.63 46.09
C MET A 3771 -126.11 28.33 46.25
N ASN A 3772 -125.40 28.15 45.14
CA ASN A 3772 -123.97 27.91 45.23
C ASN A 3772 -123.26 29.12 45.80
N GLY A 3773 -123.67 30.32 45.40
CA GLY A 3773 -123.16 31.51 46.05
C GLY A 3773 -123.53 31.55 47.51
N ILE A 3774 -124.80 31.25 47.81
CA ILE A 3774 -125.19 31.09 49.20
C ILE A 3774 -124.35 30.01 49.86
N LEU A 3775 -124.22 28.87 49.17
CA LEU A 3775 -123.30 27.83 49.60
C LEU A 3775 -121.94 28.42 49.94
N ALA A 3776 -121.41 29.27 49.05
CA ALA A 3776 -120.12 29.89 49.31
C ALA A 3776 -120.17 30.74 50.57
N GLN A 3777 -121.21 31.55 50.72
CA GLN A 3777 -121.33 32.38 51.91
C GLN A 3777 -121.43 31.52 53.17
N ASP A 3778 -122.00 30.33 53.04
CA ASP A 3778 -122.32 29.53 54.21
C ASP A 3778 -121.06 29.13 54.96
N SER A 3779 -121.21 28.99 56.29
CA SER A 3779 -120.04 28.97 57.17
C SER A 3779 -119.32 27.63 57.13
N ALA A 3780 -120.01 26.55 57.53
CA ALA A 3780 -119.34 25.26 57.66
C ALA A 3780 -119.01 24.66 56.30
N CYS A 3781 -119.76 25.01 55.26
CA CYS A 3781 -119.54 24.42 53.95
C CYS A 3781 -118.15 24.73 53.42
N SER A 3782 -117.61 25.89 53.80
CA SER A 3782 -116.28 26.27 53.34
C SER A 3782 -115.23 25.25 53.78
N GLN A 3783 -115.26 24.86 55.06
CA GLN A 3783 -114.40 23.77 55.49
C GLN A 3783 -114.72 22.48 54.75
N ARG A 3784 -115.94 22.32 54.29
CA ARG A 3784 -116.28 21.20 53.44
C ARG A 3784 -116.07 21.50 51.97
N ALA A 3785 -115.81 22.76 51.64
CA ALA A 3785 -115.43 23.16 50.29
C ALA A 3785 -116.38 22.60 49.24
N LEU A 3786 -117.63 22.38 49.63
CA LEU A 3786 -118.58 21.80 48.71
C LEU A 3786 -118.91 22.81 47.62
N GLN A 3787 -119.42 22.30 46.49
CA GLN A 3787 -119.80 23.16 45.39
C GLN A 3787 -120.66 22.39 44.38
N LEU A 3788 -121.85 22.90 44.09
CA LEU A 3788 -122.68 22.29 43.05
C LEU A 3788 -122.19 22.76 41.69
N ARG A 3789 -121.26 22.01 41.13
CA ARG A 3789 -120.82 22.29 39.77
C ARG A 3789 -121.99 22.10 38.81
N THR A 3790 -122.36 23.17 38.14
CA THR A 3790 -123.54 23.17 37.28
C THR A 3790 -123.16 23.91 36.01
N TYR A 3791 -123.30 23.24 34.88
CA TYR A 3791 -122.96 23.85 33.60
C TYR A 3791 -124.07 24.81 33.18
N SER A 3792 -123.96 25.34 31.99
CA SER A 3792 -124.99 26.22 31.47
C SER A 3792 -125.26 25.90 30.00
N VAL A 3793 -126.51 26.14 29.61
CA VAL A 3793 -126.92 26.01 28.22
C VAL A 3793 -127.78 27.23 27.88
N VAL A 3794 -128.35 27.23 26.68
CA VAL A 3794 -129.13 28.38 26.22
C VAL A 3794 -130.17 27.94 25.21
N PRO A 3795 -131.41 28.38 25.35
CA PRO A 3795 -132.44 28.03 24.36
C PRO A 3795 -132.30 28.89 23.10
N MET A 3796 -132.69 28.29 21.99
CA MET A 3796 -132.62 28.95 20.68
C MET A 3796 -133.95 29.51 20.23
N THR A 3797 -135.02 28.74 20.35
CA THR A 3797 -136.32 29.13 19.86
C THR A 3797 -137.32 28.97 20.99
N SER A 3798 -138.61 29.18 20.67
CA SER A 3798 -139.65 28.93 21.65
C SER A 3798 -139.56 27.52 22.21
N ARG A 3799 -139.18 26.55 21.36
CA ARG A 3799 -138.93 25.20 21.81
C ARG A 3799 -137.51 24.72 21.54
N LEU A 3800 -136.84 25.24 20.52
CA LEU A 3800 -135.49 24.79 20.23
C LEU A 3800 -134.51 25.39 21.22
N GLY A 3801 -133.45 24.64 21.52
CA GLY A 3801 -132.45 25.11 22.46
C GLY A 3801 -131.07 24.59 22.15
N LEU A 3802 -130.09 25.21 22.79
CA LEU A 3802 -128.68 24.88 22.64
C LEU A 3802 -128.16 24.19 23.89
N ILE A 3803 -127.44 23.10 23.70
CA ILE A 3803 -126.92 22.30 24.81
C ILE A 3803 -125.44 22.10 24.61
N GLU A 3804 -124.70 21.96 25.71
CA GLU A 3804 -123.28 21.64 25.66
C GLU A 3804 -123.01 20.28 26.28
N TRP A 3805 -121.97 19.62 25.76
CA TRP A 3805 -121.46 18.42 26.41
C TRP A 3805 -120.54 18.81 27.54
N LEU A 3806 -120.34 17.86 28.45
CA LEU A 3806 -119.63 18.11 29.68
C LEU A 3806 -118.55 17.08 29.90
N GLU A 3807 -117.74 16.84 28.88
CA GLU A 3807 -116.44 16.19 29.05
C GLU A 3807 -116.60 14.78 29.65
N ASN A 3808 -117.24 13.93 28.85
CA ASN A 3808 -117.29 12.50 29.12
C ASN A 3808 -117.93 12.19 30.47
N THR A 3809 -119.21 12.51 30.57
CA THR A 3809 -120.03 12.10 31.72
C THR A 3809 -121.25 11.35 31.20
N VAL A 3810 -121.52 10.19 31.80
CA VAL A 3810 -122.47 9.22 31.25
C VAL A 3810 -123.14 8.46 32.40
N THR A 3811 -124.16 7.67 32.07
CA THR A 3811 -124.89 6.87 33.06
C THR A 3811 -124.04 5.79 33.67
N LEU A 3812 -124.59 5.04 34.62
CA LEU A 3812 -123.93 3.86 35.19
C LEU A 3812 -124.40 2.56 34.57
N LYS A 3813 -125.69 2.51 34.19
CA LYS A 3813 -126.28 1.29 33.67
C LYS A 3813 -125.44 0.70 32.54
N ASP A 3814 -125.09 1.53 31.57
CA ASP A 3814 -124.15 1.11 30.54
C ASP A 3814 -122.86 0.56 31.15
N LEU A 3815 -122.26 1.33 32.07
CA LEU A 3815 -121.06 0.82 32.72
C LEU A 3815 -121.35 -0.39 33.57
N LEU A 3816 -122.56 -0.48 34.13
CA LEU A 3816 -122.96 -1.73 34.77
C LEU A 3816 -122.90 -2.88 33.79
N LEU A 3817 -123.36 -2.65 32.56
CA LEU A 3817 -123.12 -3.62 31.50
C LEU A 3817 -121.63 -3.75 31.23
N ASN A 3818 -120.91 -2.63 31.19
CA ASN A 3818 -119.50 -2.65 30.84
C ASN A 3818 -118.62 -3.30 31.90
N THR A 3819 -119.14 -3.58 33.09
CA THR A 3819 -118.31 -4.01 34.20
C THR A 3819 -118.17 -5.53 34.28
N MET A 3820 -119.27 -6.22 34.53
CA MET A 3820 -119.31 -7.64 34.86
C MET A 3820 -119.47 -8.48 33.60
N SER A 3821 -119.78 -9.76 33.76
CA SER A 3821 -119.82 -10.72 32.65
C SER A 3821 -120.99 -10.32 31.75
N GLN A 3822 -120.72 -9.31 30.93
CA GLN A 3822 -121.75 -8.68 30.12
C GLN A 3822 -122.41 -9.64 29.16
N GLU A 3823 -121.67 -10.66 28.69
CA GLU A 3823 -122.20 -11.55 27.68
C GLU A 3823 -123.45 -12.26 28.18
N GLU A 3824 -123.34 -12.95 29.30
CA GLU A 3824 -124.51 -13.52 29.93
C GLU A 3824 -125.41 -12.45 30.53
N LYS A 3825 -124.84 -11.29 30.88
CA LYS A 3825 -125.65 -10.19 31.38
C LYS A 3825 -126.74 -9.82 30.38
N ALA A 3826 -126.32 -9.25 29.24
CA ALA A 3826 -127.30 -8.83 28.25
C ALA A 3826 -128.11 -9.99 27.72
N ALA A 3827 -127.53 -11.19 27.69
CA ALA A 3827 -128.23 -12.35 27.17
C ALA A 3827 -129.33 -12.78 28.13
N TYR A 3828 -128.95 -13.19 29.34
CA TYR A 3828 -129.95 -13.71 30.27
C TYR A 3828 -129.67 -13.29 31.71
N LEU A 3829 -129.09 -12.12 31.92
CA LEU A 3829 -128.97 -11.62 33.28
C LEU A 3829 -129.45 -10.18 33.40
N SER A 3830 -129.26 -9.40 32.33
CA SER A 3830 -129.72 -8.02 32.36
C SER A 3830 -131.23 -7.95 32.48
N ASP A 3831 -131.93 -8.65 31.60
CA ASP A 3831 -133.37 -8.58 31.64
C ASP A 3831 -134.09 -9.80 31.08
N PRO A 3832 -133.82 -11.02 31.56
CA PRO A 3832 -134.73 -12.12 31.24
C PRO A 3832 -135.83 -12.24 32.29
N ARG A 3833 -135.52 -11.87 33.52
CA ARG A 3833 -136.46 -11.94 34.63
C ARG A 3833 -136.52 -10.66 35.45
N ALA A 3834 -135.39 -9.95 35.62
CA ALA A 3834 -135.36 -8.87 36.62
C ALA A 3834 -136.25 -7.71 36.21
N PRO A 3835 -136.08 -7.07 35.05
CA PRO A 3835 -137.12 -6.15 34.59
C PRO A 3835 -138.42 -6.86 34.26
N PRO A 3836 -138.43 -7.84 33.32
CA PRO A 3836 -139.73 -8.32 32.83
C PRO A 3836 -140.51 -9.17 33.81
N CYS A 3837 -139.90 -10.25 34.31
CA CYS A 3837 -140.68 -11.27 35.01
C CYS A 3837 -141.22 -10.76 36.33
N GLU A 3838 -140.39 -10.07 37.10
CA GLU A 3838 -140.80 -9.63 38.44
C GLU A 3838 -142.03 -8.73 38.39
N TYR A 3839 -142.02 -7.72 37.53
CA TYR A 3839 -143.12 -6.76 37.54
C TYR A 3839 -144.25 -7.13 36.59
N LYS A 3840 -143.94 -7.79 35.47
CA LYS A 3840 -145.02 -8.22 34.58
C LYS A 3840 -145.98 -9.15 35.30
N ASP A 3841 -145.45 -10.20 35.93
CA ASP A 3841 -146.30 -11.08 36.71
C ASP A 3841 -146.87 -10.36 37.91
N TRP A 3842 -146.11 -9.42 38.47
CA TRP A 3842 -146.63 -8.63 39.56
C TRP A 3842 -147.85 -7.86 39.09
N LEU A 3843 -147.74 -7.21 37.93
CA LEU A 3843 -148.91 -6.66 37.26
C LEU A 3843 -149.93 -7.74 36.94
N THR A 3844 -149.45 -8.90 36.46
CA THR A 3844 -150.38 -9.92 35.98
C THR A 3844 -151.28 -10.43 37.11
N LYS A 3845 -150.69 -10.81 38.25
CA LYS A 3845 -151.49 -11.47 39.26
C LYS A 3845 -152.27 -10.47 40.13
N MET A 3846 -151.65 -9.34 40.47
CA MET A 3846 -152.27 -8.38 41.37
C MET A 3846 -153.08 -7.34 40.64
N SER A 3847 -153.03 -7.31 39.31
CA SER A 3847 -153.89 -6.48 38.51
C SER A 3847 -154.58 -7.30 37.43
N GLY A 3848 -155.90 -7.13 37.27
CA GLY A 3848 -156.58 -7.79 36.17
C GLY A 3848 -155.95 -7.47 34.83
N LYS A 3849 -155.67 -6.20 34.58
CA LYS A 3849 -154.96 -5.77 33.39
C LYS A 3849 -153.48 -5.74 33.65
N HIS A 3850 -152.74 -6.34 32.72
CA HIS A 3850 -151.29 -6.41 32.81
C HIS A 3850 -150.62 -5.21 32.19
N ASP A 3851 -151.35 -4.10 32.06
CA ASP A 3851 -150.86 -2.92 31.35
C ASP A 3851 -150.93 -1.68 32.24
N VAL A 3852 -150.77 -0.52 31.63
CA VAL A 3852 -150.72 0.73 32.37
C VAL A 3852 -152.12 1.16 32.79
N GLY A 3853 -152.24 1.63 34.03
CA GLY A 3853 -153.50 2.10 34.58
C GLY A 3853 -153.97 1.29 35.76
N ALA A 3854 -153.66 0.00 35.78
CA ALA A 3854 -154.09 -0.89 36.85
C ALA A 3854 -153.20 -0.79 38.08
N TYR A 3855 -152.19 0.08 38.06
CA TYR A 3855 -151.44 0.36 39.28
C TYR A 3855 -152.33 0.84 40.42
N MET A 3856 -153.36 1.64 40.14
CA MET A 3856 -154.32 1.96 41.18
C MET A 3856 -154.85 0.68 41.80
N LEU A 3857 -155.17 -0.28 40.95
CA LEU A 3857 -155.64 -1.56 41.41
C LEU A 3857 -154.53 -2.41 42.00
N MET A 3858 -153.29 -2.13 41.62
CA MET A 3858 -152.18 -2.79 42.28
C MET A 3858 -152.10 -2.44 43.76
N TYR A 3859 -152.24 -1.16 44.09
CA TYR A 3859 -152.17 -0.74 45.48
C TYR A 3859 -153.43 -1.16 46.24
N LYS A 3860 -154.55 -1.33 45.51
CA LYS A 3860 -155.73 -1.94 46.11
C LYS A 3860 -155.45 -3.36 46.59
N GLY A 3861 -154.77 -4.15 45.75
CA GLY A 3861 -154.42 -5.53 46.08
C GLY A 3861 -153.11 -5.73 46.79
N ALA A 3862 -152.26 -4.71 46.84
CA ALA A 3862 -150.97 -4.84 47.49
C ALA A 3862 -151.11 -4.83 49.01
N ASN A 3863 -150.21 -5.55 49.67
CA ASN A 3863 -150.15 -5.59 51.12
C ASN A 3863 -148.76 -5.17 51.57
N ARG A 3864 -148.72 -4.27 52.56
CA ARG A 3864 -147.45 -3.77 53.07
C ARG A 3864 -146.47 -4.90 53.33
N THR A 3865 -146.88 -5.87 54.14
CA THR A 3865 -146.04 -7.02 54.39
C THR A 3865 -145.78 -7.79 53.11
N GLU A 3866 -146.80 -7.96 52.27
CA GLU A 3866 -146.59 -8.61 50.98
C GLU A 3866 -145.60 -7.82 50.15
N THR A 3867 -145.80 -6.50 50.04
CA THR A 3867 -144.93 -5.68 49.21
C THR A 3867 -143.48 -5.73 49.71
N VAL A 3868 -143.27 -5.49 51.01
CA VAL A 3868 -141.91 -5.48 51.53
C VAL A 3868 -141.27 -6.85 51.33
N THR A 3869 -142.04 -7.91 51.56
CA THR A 3869 -141.53 -9.25 51.29
C THR A 3869 -141.32 -9.48 49.80
N SER A 3870 -142.33 -9.16 48.98
CA SER A 3870 -142.20 -9.38 47.54
C SER A 3870 -141.06 -8.54 46.97
N PHE A 3871 -141.00 -7.27 47.39
CA PHE A 3871 -139.88 -6.44 46.98
C PHE A 3871 -138.56 -7.03 47.44
N ARG A 3872 -138.51 -7.51 48.68
CA ARG A 3872 -137.26 -8.04 49.24
C ARG A 3872 -136.68 -9.15 48.38
N LYS A 3873 -137.53 -10.03 47.87
CA LYS A 3873 -136.99 -11.04 46.98
C LYS A 3873 -136.67 -10.47 45.60
N ARG A 3874 -137.30 -9.32 45.25
CA ARG A 3874 -136.99 -8.69 43.97
C ARG A 3874 -135.54 -8.25 43.91
N GLU A 3875 -135.00 -7.70 44.99
CA GLU A 3875 -133.60 -7.30 44.94
C GLU A 3875 -132.68 -8.51 44.96
N SER A 3876 -133.13 -9.61 45.57
CA SER A 3876 -132.30 -10.80 45.64
C SER A 3876 -132.11 -11.44 44.28
N LYS A 3877 -132.95 -11.10 43.30
CA LYS A 3877 -132.84 -11.68 41.97
C LYS A 3877 -131.51 -11.35 41.33
N VAL A 3878 -131.04 -10.11 41.49
CA VAL A 3878 -129.84 -9.62 40.82
C VAL A 3878 -128.92 -8.96 41.84
N PRO A 3879 -127.60 -9.16 41.75
CA PRO A 3879 -126.68 -8.46 42.66
C PRO A 3879 -126.77 -6.95 42.51
N ALA A 3880 -126.57 -6.24 43.62
CA ALA A 3880 -126.69 -4.79 43.66
C ALA A 3880 -125.43 -4.14 44.22
N ASP A 3881 -124.26 -4.69 43.86
CA ASP A 3881 -123.00 -4.09 44.27
C ASP A 3881 -121.99 -4.04 43.12
N LEU A 3882 -122.46 -4.10 41.87
CA LEU A 3882 -121.55 -4.20 40.73
C LEU A 3882 -120.70 -2.94 40.59
N LEU A 3883 -121.23 -1.80 41.07
CA LEU A 3883 -120.50 -0.56 41.07
C LEU A 3883 -119.13 -0.69 41.73
N LYS A 3884 -119.03 -1.54 42.76
CA LYS A 3884 -117.77 -1.66 43.50
C LYS A 3884 -116.67 -2.20 42.59
N ARG A 3885 -116.95 -3.32 41.93
CA ARG A 3885 -115.97 -3.88 41.00
C ARG A 3885 -115.65 -2.91 39.87
N ALA A 3886 -116.64 -2.13 39.42
CA ALA A 3886 -116.33 -1.03 38.53
C ALA A 3886 -115.28 -0.11 39.16
N PHE A 3887 -115.59 0.42 40.36
CA PHE A 3887 -114.65 1.31 41.04
C PHE A 3887 -113.31 0.65 41.16
N VAL A 3888 -113.31 -0.62 41.56
CA VAL A 3888 -112.08 -1.38 41.58
C VAL A 3888 -111.41 -1.32 40.22
N ARG A 3889 -112.19 -1.26 39.15
CA ARG A 3889 -111.59 -1.32 37.83
C ARG A 3889 -111.45 0.07 37.19
N MET A 3890 -112.02 1.10 37.81
CA MET A 3890 -111.46 2.40 37.49
C MET A 3890 -110.34 2.77 38.45
N SER A 3891 -110.47 2.45 39.74
CA SER A 3891 -109.49 2.88 40.73
C SER A 3891 -108.50 1.74 40.96
N THR A 3892 -107.27 1.94 40.50
CA THR A 3892 -106.19 1.00 40.75
C THR A 3892 -105.60 1.16 42.15
N SER A 3893 -105.92 2.25 42.84
CA SER A 3893 -105.43 2.49 44.17
C SER A 3893 -106.61 2.83 45.06
N PRO A 3894 -106.59 2.38 46.32
CA PRO A 3894 -107.69 2.72 47.23
C PRO A 3894 -107.85 4.20 47.41
N GLU A 3895 -106.76 4.97 47.28
CA GLU A 3895 -106.84 6.41 47.40
C GLU A 3895 -107.81 6.99 46.38
N ALA A 3896 -107.68 6.54 45.13
CA ALA A 3896 -108.64 6.95 44.10
C ALA A 3896 -110.05 6.49 44.47
N PHE A 3897 -110.16 5.25 44.96
CA PHE A 3897 -111.47 4.72 45.33
C PHE A 3897 -112.16 5.62 46.34
N LEU A 3898 -111.48 5.93 47.43
CA LEU A 3898 -112.10 6.68 48.51
C LEU A 3898 -112.42 8.11 48.09
N ALA A 3899 -111.57 8.71 47.27
CA ALA A 3899 -111.87 10.04 46.76
C ALA A 3899 -113.15 10.00 45.94
N LEU A 3900 -113.31 8.96 45.13
CA LEU A 3900 -114.57 8.72 44.47
C LEU A 3900 -115.70 8.64 45.47
N ARG A 3901 -115.50 7.87 46.54
CA ARG A 3901 -116.51 7.77 47.59
C ARG A 3901 -116.85 9.16 48.11
N SER A 3902 -115.82 9.91 48.51
CA SER A 3902 -116.05 11.23 49.09
C SER A 3902 -116.65 12.17 48.07
N HIS A 3903 -116.03 12.27 46.89
CA HIS A 3903 -116.53 13.21 45.89
C HIS A 3903 -117.97 12.92 45.52
N PHE A 3904 -118.25 11.67 45.14
CA PHE A 3904 -119.58 11.34 44.68
C PHE A 3904 -120.62 11.59 45.75
N ALA A 3905 -120.38 11.09 46.96
CA ALA A 3905 -121.39 11.14 48.01
C ALA A 3905 -121.81 12.57 48.26
N SER A 3906 -120.83 13.47 48.40
CA SER A 3906 -121.13 14.88 48.46
C SER A 3906 -121.93 15.32 47.25
N SER A 3907 -121.43 15.00 46.05
CA SER A 3907 -122.11 15.42 44.84
C SER A 3907 -123.51 14.82 44.76
N HIS A 3908 -123.61 13.51 44.98
CA HIS A 3908 -124.91 12.87 44.89
C HIS A 3908 -125.86 13.37 45.96
N ALA A 3909 -125.37 13.56 47.18
CA ALA A 3909 -126.25 14.00 48.26
C ALA A 3909 -126.87 15.35 47.92
N LEU A 3910 -126.05 16.28 47.43
CA LEU A 3910 -126.59 17.57 46.99
C LEU A 3910 -127.54 17.38 45.80
N ILE A 3911 -127.19 16.46 44.91
CA ILE A 3911 -128.06 16.19 43.76
C ILE A 3911 -129.45 15.79 44.26
N CYS A 3912 -129.50 14.88 45.23
CA CYS A 3912 -130.78 14.39 45.72
C CYS A 3912 -131.62 15.51 46.32
N ILE A 3913 -131.01 16.33 47.17
CA ILE A 3913 -131.77 17.36 47.86
C ILE A 3913 -132.27 18.42 46.89
N SER A 3914 -131.36 18.94 46.05
CA SER A 3914 -131.73 19.98 45.11
C SER A 3914 -132.93 19.54 44.27
N HIS A 3915 -132.95 18.27 43.88
CA HIS A 3915 -134.14 17.70 43.29
C HIS A 3915 -135.35 17.90 44.19
N TRP A 3916 -135.18 17.64 45.48
CA TRP A 3916 -136.32 17.63 46.40
C TRP A 3916 -136.96 19.01 46.54
N ILE A 3917 -136.15 20.06 46.68
CA ILE A 3917 -136.74 21.38 46.92
C ILE A 3917 -137.71 21.74 45.81
N LEU A 3918 -137.31 21.49 44.57
CA LEU A 3918 -138.21 21.72 43.46
C LEU A 3918 -139.08 20.51 43.15
N GLY A 3919 -138.70 19.32 43.60
CA GLY A 3919 -139.45 18.14 43.22
C GLY A 3919 -139.24 17.73 41.78
N ILE A 3920 -138.00 17.77 41.31
CA ILE A 3920 -137.70 17.26 39.97
C ILE A 3920 -137.91 15.75 39.98
N GLY A 3921 -138.68 15.25 39.04
CA GLY A 3921 -138.83 13.82 38.89
C GLY A 3921 -137.73 13.23 38.02
N ASP A 3922 -138.09 12.24 37.19
CA ASP A 3922 -137.17 11.63 36.24
C ASP A 3922 -135.95 11.03 36.94
N ARG A 3923 -136.14 10.46 38.11
CA ARG A 3923 -135.03 9.83 38.83
C ARG A 3923 -134.78 8.44 38.26
N HIS A 3924 -133.66 8.27 37.58
CA HIS A 3924 -133.33 6.99 36.97
C HIS A 3924 -131.88 7.04 36.51
N LEU A 3925 -131.40 5.88 36.03
CA LEU A 3925 -130.00 5.74 35.64
C LEU A 3925 -129.66 6.65 34.46
N ASN A 3926 -130.54 6.71 33.46
CA ASN A 3926 -130.31 7.61 32.34
C ASN A 3926 -130.32 9.07 32.76
N ASN A 3927 -130.99 9.38 33.87
CA ASN A 3927 -131.04 10.76 34.33
C ASN A 3927 -129.67 11.28 34.73
N PHE A 3928 -128.81 10.40 35.23
CA PHE A 3928 -127.59 10.84 35.90
C PHE A 3928 -126.37 10.49 35.05
N MET A 3929 -125.72 11.52 34.52
CA MET A 3929 -124.44 11.38 33.87
C MET A 3929 -123.37 11.19 34.93
N VAL A 3930 -122.29 10.52 34.56
CA VAL A 3930 -121.19 10.27 35.49
C VAL A 3930 -119.89 10.61 34.78
N ALA A 3931 -119.20 11.64 35.27
CA ALA A 3931 -117.88 11.99 34.77
C ALA A 3931 -116.86 11.21 35.56
N MET A 3932 -116.67 9.95 35.15
CA MET A 3932 -115.72 9.03 35.76
C MET A 3932 -114.36 9.70 35.96
N GLU A 3933 -114.05 10.66 35.09
CA GLU A 3933 -112.87 11.50 35.22
C GLU A 3933 -112.63 11.88 36.68
N THR A 3934 -113.64 12.46 37.32
CA THR A 3934 -113.60 12.70 38.75
C THR A 3934 -114.70 11.93 39.47
N GLY A 3935 -115.39 11.04 38.78
CA GLY A 3935 -116.63 10.52 39.33
C GLY A 3935 -117.74 11.53 39.32
N GLY A 3936 -117.63 12.58 38.50
CA GLY A 3936 -118.63 13.61 38.45
C GLY A 3936 -119.98 13.11 38.00
N VAL A 3937 -120.92 12.98 38.94
CA VAL A 3937 -122.28 12.57 38.64
C VAL A 3937 -123.14 13.81 38.52
N ILE A 3938 -123.92 13.90 37.45
CA ILE A 3938 -124.79 15.04 37.24
C ILE A 3938 -126.14 14.55 36.74
N GLY A 3939 -127.21 15.10 37.30
CA GLY A 3939 -128.54 14.92 36.76
C GLY A 3939 -128.84 16.03 35.78
N ILE A 3940 -129.31 15.65 34.59
CA ILE A 3940 -129.61 16.61 33.54
C ILE A 3940 -130.97 16.27 32.94
N ASP A 3941 -131.37 17.00 31.91
CA ASP A 3941 -132.65 16.81 31.23
C ASP A 3941 -133.79 16.99 32.24
N PHE A 3942 -133.91 18.22 32.72
CA PHE A 3942 -134.80 18.58 33.82
C PHE A 3942 -136.00 19.35 33.31
N GLY A 3943 -136.76 19.90 34.24
CA GLY A 3943 -138.03 20.53 33.97
C GLY A 3943 -139.14 19.77 34.67
N HIS A 3944 -139.55 20.27 35.83
CA HIS A 3944 -140.50 19.61 36.69
C HIS A 3944 -141.12 20.66 37.60
N ALA A 3945 -141.87 20.21 38.59
CA ALA A 3945 -142.54 21.11 39.52
C ALA A 3945 -142.59 20.40 40.87
N PHE A 3946 -143.42 20.89 41.78
CA PHE A 3946 -143.57 20.22 43.07
C PHE A 3946 -144.27 18.90 42.80
N GLY A 3947 -143.50 17.95 42.28
CA GLY A 3947 -144.07 16.72 41.77
C GLY A 3947 -144.58 16.89 40.36
N SER A 3948 -144.41 15.87 39.53
CA SER A 3948 -144.95 15.87 38.19
C SER A 3948 -145.94 14.74 37.96
N ALA A 3949 -145.55 13.51 38.28
CA ALA A 3949 -146.42 12.36 38.05
C ALA A 3949 -147.63 12.40 38.94
N THR A 3950 -147.44 12.75 40.21
CA THR A 3950 -148.53 12.70 41.19
C THR A 3950 -149.67 13.65 40.85
N GLN A 3951 -149.43 14.64 39.99
CA GLN A 3951 -150.52 15.48 39.51
C GLN A 3951 -151.00 15.05 38.14
N PHE A 3952 -150.12 14.53 37.31
CA PHE A 3952 -150.40 14.30 35.90
C PHE A 3952 -150.37 12.83 35.52
N LEU A 3953 -149.27 12.14 35.79
CA LEU A 3953 -149.16 10.76 35.39
C LEU A 3953 -150.11 9.88 36.20
N PRO A 3954 -150.62 8.81 35.61
CA PRO A 3954 -151.38 7.85 36.41
C PRO A 3954 -150.58 7.30 37.57
N VAL A 3955 -149.30 7.03 37.37
CA VAL A 3955 -148.42 6.68 38.48
C VAL A 3955 -148.05 7.97 39.19
N PRO A 3956 -148.09 8.01 40.49
CA PRO A 3956 -147.56 9.18 41.22
C PRO A 3956 -146.12 8.97 41.63
N GLU A 3957 -145.43 10.04 42.01
CA GLU A 3957 -144.08 9.93 42.55
C GLU A 3957 -144.08 10.35 44.00
N LEU A 3958 -143.50 9.52 44.85
CA LEU A 3958 -143.44 9.78 46.28
C LEU A 3958 -142.03 9.91 46.82
N MET A 3959 -141.05 9.27 46.20
CA MET A 3959 -139.69 9.36 46.70
C MET A 3959 -139.15 10.77 46.46
N PRO A 3960 -138.30 11.26 47.37
CA PRO A 3960 -137.67 12.57 47.14
C PRO A 3960 -136.55 12.50 46.12
N PHE A 3961 -136.10 11.30 45.79
CA PHE A 3961 -134.96 11.01 44.92
C PHE A 3961 -134.83 9.50 44.84
N ARG A 3962 -134.02 9.05 43.88
CA ARG A 3962 -133.67 7.64 43.82
C ARG A 3962 -132.67 7.30 44.92
N LEU A 3963 -132.86 6.14 45.55
CA LEU A 3963 -131.97 5.69 46.61
C LEU A 3963 -132.04 4.17 46.64
N THR A 3964 -131.00 3.51 46.12
CA THR A 3964 -131.04 2.10 45.78
C THR A 3964 -129.98 1.31 46.55
N ARG A 3965 -130.10 -0.02 46.43
CA ARG A 3965 -129.20 -0.92 47.13
C ARG A 3965 -127.77 -0.78 46.64
N GLN A 3966 -127.56 -0.28 45.43
CA GLN A 3966 -126.21 0.03 45.00
C GLN A 3966 -125.57 1.08 45.89
N PHE A 3967 -126.37 1.84 46.63
CA PHE A 3967 -125.81 2.83 47.53
C PHE A 3967 -125.38 2.20 48.85
N ILE A 3968 -126.24 1.37 49.44
CA ILE A 3968 -125.79 0.64 50.62
C ILE A 3968 -124.57 -0.20 50.29
N ASN A 3969 -124.38 -0.55 49.02
CA ASN A 3969 -123.09 -1.09 48.60
C ASN A 3969 -121.97 -0.13 48.96
N LEU A 3970 -122.19 1.16 48.71
CA LEU A 3970 -121.24 2.16 49.18
C LEU A 3970 -121.19 2.18 50.70
N MET A 3971 -122.33 2.00 51.34
CA MET A 3971 -122.44 2.12 52.80
C MET A 3971 -122.44 0.75 53.49
N LEU A 3972 -121.62 -0.19 53.02
CA LEU A 3972 -121.26 -1.30 53.90
C LEU A 3972 -120.63 -0.84 55.21
N PRO A 3973 -119.63 0.07 55.22
CA PRO A 3973 -118.97 0.38 56.49
C PRO A 3973 -119.92 1.00 57.51
N MET A 3974 -120.54 2.12 57.18
CA MET A 3974 -121.60 2.70 58.00
C MET A 3974 -122.92 2.05 57.61
N LYS A 3975 -124.03 2.62 58.05
CA LYS A 3975 -125.35 2.07 57.79
C LYS A 3975 -126.24 3.09 57.09
N GLU A 3976 -125.66 3.86 56.17
CA GLU A 3976 -126.38 4.76 55.28
C GLU A 3976 -126.99 5.94 56.04
N THR A 3977 -126.82 5.96 57.36
CA THR A 3977 -127.24 7.08 58.19
C THR A 3977 -126.11 8.06 58.44
N GLY A 3978 -125.04 7.98 57.65
CA GLY A 3978 -123.83 8.68 57.97
C GLY A 3978 -123.62 9.96 57.20
N LEU A 3979 -122.84 9.85 56.12
CA LEU A 3979 -122.37 11.00 55.37
C LEU A 3979 -123.53 11.86 54.91
N MET A 3980 -124.31 11.34 53.96
CA MET A 3980 -125.35 12.12 53.32
C MET A 3980 -126.28 12.71 54.35
N TYR A 3981 -126.53 11.98 55.43
CA TYR A 3981 -127.29 12.50 56.55
C TYR A 3981 -126.75 13.84 57.01
N SER A 3982 -125.45 13.92 57.26
CA SER A 3982 -124.93 15.13 57.86
C SER A 3982 -124.63 16.22 56.83
N ILE A 3983 -124.27 15.86 55.59
CA ILE A 3983 -124.21 16.92 54.58
C ILE A 3983 -125.56 17.59 54.46
N MET A 3984 -126.62 16.79 54.40
CA MET A 3984 -127.94 17.36 54.28
C MET A 3984 -128.32 18.13 55.52
N VAL A 3985 -127.84 17.69 56.69
CA VAL A 3985 -127.95 18.49 57.89
C VAL A 3985 -127.34 19.86 57.66
N HIS A 3986 -126.14 19.88 57.08
CA HIS A 3986 -125.52 21.16 56.71
C HIS A 3986 -126.37 21.88 55.68
N ALA A 3987 -126.91 21.15 54.71
CA ALA A 3987 -127.70 21.78 53.66
C ALA A 3987 -128.89 22.51 54.26
N LEU A 3988 -129.65 21.83 55.11
CA LEU A 3988 -130.80 22.45 55.74
C LEU A 3988 -130.37 23.60 56.64
N ARG A 3989 -129.28 23.42 57.37
CA ARG A 3989 -128.70 24.52 58.14
C ARG A 3989 -128.48 25.72 57.25
N ALA A 3990 -127.89 25.50 56.07
CA ALA A 3990 -127.68 26.58 55.13
C ALA A 3990 -129.00 27.20 54.69
N PHE A 3991 -130.01 26.35 54.43
CA PHE A 3991 -131.28 26.86 53.92
C PHE A 3991 -131.96 27.73 54.96
N ARG A 3992 -132.08 27.23 56.18
CA ARG A 3992 -132.73 27.95 57.25
C ARG A 3992 -131.94 29.17 57.69
N SER A 3993 -130.69 29.31 57.23
CA SER A 3993 -129.88 30.46 57.57
C SER A 3993 -130.53 31.76 57.10
N ASP A 3994 -130.68 31.93 55.79
CA ASP A 3994 -131.40 33.07 55.24
C ASP A 3994 -132.43 32.56 54.24
N PRO A 3995 -133.67 32.39 54.68
CA PRO A 3995 -134.72 31.97 53.75
C PRO A 3995 -134.97 32.97 52.64
N GLY A 3996 -135.18 34.23 53.01
CA GLY A 3996 -135.69 35.26 52.12
C GLY A 3996 -135.14 35.26 50.71
N LEU A 3997 -133.81 35.37 50.59
CA LEU A 3997 -133.22 35.31 49.25
C LEU A 3997 -133.52 33.98 48.60
N LEU A 3998 -133.37 32.90 49.34
CA LEU A 3998 -133.70 31.59 48.80
C LEU A 3998 -135.17 31.51 48.42
N THR A 3999 -136.05 32.03 49.28
CA THR A 3999 -137.47 32.03 48.98
C THR A 3999 -137.79 32.81 47.71
N ASN A 4000 -137.57 34.13 47.74
CA ASN A 4000 -137.96 34.94 46.58
C ASN A 4000 -137.33 34.41 45.31
N THR A 4001 -136.13 33.83 45.42
CA THR A 4001 -135.52 33.11 44.32
C THR A 4001 -136.48 32.08 43.74
N MET A 4002 -136.90 31.12 44.58
CA MET A 4002 -137.70 30.02 44.08
C MET A 4002 -139.09 30.45 43.66
N ASP A 4003 -139.61 31.55 44.19
CA ASP A 4003 -140.99 31.92 43.88
C ASP A 4003 -141.08 32.64 42.54
N VAL A 4004 -140.37 33.76 42.40
CA VAL A 4004 -140.63 34.69 41.32
C VAL A 4004 -140.56 33.98 39.97
N PHE A 4005 -139.62 33.05 39.82
CA PHE A 4005 -139.52 32.34 38.55
C PHE A 4005 -140.73 31.45 38.31
N VAL A 4006 -141.10 30.62 39.29
CA VAL A 4006 -142.25 29.74 39.06
C VAL A 4006 -143.52 30.56 38.95
N LYS A 4007 -143.55 31.73 39.57
CA LYS A 4007 -144.71 32.61 39.42
C LYS A 4007 -144.85 33.14 38.00
N GLU A 4008 -143.86 32.95 37.16
CA GLU A 4008 -143.93 33.48 35.80
C GLU A 4008 -144.99 32.70 35.02
N PRO A 4009 -146.05 33.35 34.54
CA PRO A 4009 -147.11 32.63 33.81
C PRO A 4009 -146.69 32.16 32.43
N SER A 4010 -145.54 32.59 31.91
CA SER A 4010 -145.09 32.13 30.60
C SER A 4010 -145.01 30.60 30.54
N PHE A 4011 -145.01 29.96 31.70
CA PHE A 4011 -145.02 28.50 31.79
C PHE A 4011 -146.42 28.06 32.20
N ASP A 4012 -146.98 27.12 31.49
CA ASP A 4012 -148.34 26.68 31.73
C ASP A 4012 -148.40 25.18 31.87
N TRP A 4013 -149.47 24.73 32.53
CA TRP A 4013 -149.85 23.33 32.56
C TRP A 4013 -149.74 22.71 31.18
N LYS A 4014 -150.19 23.45 30.15
CA LYS A 4014 -150.05 22.95 28.78
C LYS A 4014 -148.58 22.80 28.41
N ASN A 4015 -147.76 23.76 28.79
CA ASN A 4015 -146.35 23.72 28.41
C ASN A 4015 -145.68 22.49 28.98
N PHE A 4016 -145.94 22.20 30.26
CA PHE A 4016 -145.39 21.01 30.87
C PHE A 4016 -145.92 19.77 30.19
N GLU A 4017 -147.22 19.75 29.88
CA GLU A 4017 -147.79 18.63 29.16
C GLU A 4017 -147.10 18.45 27.81
N GLN A 4018 -146.79 19.56 27.15
CA GLN A 4018 -146.00 19.48 25.93
C GLN A 4018 -144.65 18.86 26.21
N LYS A 4019 -144.02 19.23 27.33
CA LYS A 4019 -142.74 18.67 27.70
C LYS A 4019 -142.89 17.28 28.30
N MET A 4020 -144.10 16.89 28.69
CA MET A 4020 -144.40 15.53 29.13
C MET A 4020 -144.85 14.60 28.01
N LEU A 4021 -145.49 15.13 26.96
CA LEU A 4021 -146.16 14.24 26.00
C LEU A 4021 -145.16 13.30 25.34
N LYS A 4022 -144.01 13.81 24.94
CA LYS A 4022 -142.98 12.94 24.37
C LYS A 4022 -142.16 12.24 25.45
N LYS A 4023 -141.93 12.91 26.57
CA LYS A 4023 -140.99 12.39 27.55
C LYS A 4023 -141.63 11.36 28.46
N GLY A 4024 -140.81 10.43 28.92
CA GLY A 4024 -141.23 9.45 29.90
C GLY A 4024 -141.96 8.27 29.31
N GLY A 4025 -141.55 7.06 29.72
CA GLY A 4025 -142.30 5.88 29.35
C GLY A 4025 -143.67 5.79 29.99
N SER A 4026 -143.88 6.53 31.09
CA SER A 4026 -145.20 6.58 31.70
C SER A 4026 -146.17 7.40 30.89
N TRP A 4027 -145.68 8.34 30.08
CA TRP A 4027 -146.55 9.19 29.26
C TRP A 4027 -146.00 9.26 27.85
N ILE A 4028 -146.62 8.55 26.92
CA ILE A 4028 -146.22 8.59 25.51
C ILE A 4028 -147.43 8.90 24.64
N GLN A 4029 -148.50 8.11 24.79
CA GLN A 4029 -149.66 8.21 23.92
C GLN A 4029 -150.96 8.37 24.70
N GLU A 4030 -150.88 8.74 25.98
CA GLU A 4030 -152.04 8.81 26.85
C GLU A 4030 -152.76 10.15 26.76
N ILE A 4031 -152.64 10.86 25.65
CA ILE A 4031 -153.19 12.21 25.52
C ILE A 4031 -154.68 12.20 25.83
N ASN A 4032 -155.09 13.09 26.73
CA ASN A 4032 -156.46 13.11 27.23
C ASN A 4032 -156.80 14.56 27.57
N VAL A 4033 -157.85 14.74 28.37
CA VAL A 4033 -158.24 16.07 28.81
C VAL A 4033 -157.08 16.71 29.56
N ALA A 4034 -156.89 18.01 29.32
CA ALA A 4034 -155.82 18.77 29.95
C ALA A 4034 -156.35 19.52 31.16
N GLU A 4035 -155.51 20.38 31.71
CA GLU A 4035 -155.83 21.24 32.86
C GLU A 4035 -156.48 20.42 33.97
N LYS A 4036 -155.68 19.53 34.54
CA LYS A 4036 -156.15 18.76 35.69
C LYS A 4036 -155.99 19.57 36.98
N ASN A 4037 -154.79 20.13 37.19
CA ASN A 4037 -154.52 20.95 38.36
C ASN A 4037 -153.40 21.92 38.00
N TRP A 4038 -153.75 23.17 37.76
CA TRP A 4038 -152.75 24.19 37.41
C TRP A 4038 -152.94 25.37 38.36
N TYR A 4039 -152.24 25.33 39.49
CA TYR A 4039 -152.37 26.35 40.51
C TYR A 4039 -150.99 26.71 41.04
N PRO A 4040 -150.38 27.81 40.58
CA PRO A 4040 -149.07 28.19 41.13
C PRO A 4040 -149.18 28.66 42.57
N ARG A 4041 -150.28 29.32 42.93
CA ARG A 4041 -150.48 29.76 44.29
C ARG A 4041 -150.68 28.60 45.24
N GLN A 4042 -151.07 27.43 44.72
CA GLN A 4042 -151.15 26.23 45.51
C GLN A 4042 -149.80 25.52 45.65
N LYS A 4043 -148.81 25.91 44.84
CA LYS A 4043 -147.50 25.28 44.88
C LYS A 4043 -146.53 26.02 45.79
N ILE A 4044 -146.59 27.36 45.79
CA ILE A 4044 -145.70 28.15 46.63
C ILE A 4044 -145.90 27.85 48.10
N CYS A 4045 -147.15 27.60 48.51
CA CYS A 4045 -147.44 27.28 49.91
C CYS A 4045 -146.56 26.14 50.38
N TYR A 4046 -146.42 25.10 49.56
CA TYR A 4046 -145.51 24.01 49.90
C TYR A 4046 -144.07 24.49 49.92
N ALA A 4047 -143.69 25.36 48.99
CA ALA A 4047 -142.30 25.79 48.87
C ALA A 4047 -141.77 26.34 50.19
N LYS A 4048 -142.53 27.23 50.81
CA LYS A 4048 -142.15 27.72 52.13
C LYS A 4048 -142.19 26.61 53.16
N ARG A 4049 -143.03 25.59 52.96
CA ARG A 4049 -143.06 24.47 53.90
C ARG A 4049 -141.82 23.60 53.76
N LYS A 4050 -141.15 23.65 52.61
CA LYS A 4050 -139.86 22.98 52.49
C LYS A 4050 -138.92 23.46 53.59
N LEU A 4051 -138.77 24.78 53.71
CA LEU A 4051 -137.89 25.33 54.72
C LEU A 4051 -138.59 25.48 56.06
N ALA A 4052 -139.92 25.56 56.08
CA ALA A 4052 -140.64 25.72 57.34
C ALA A 4052 -140.28 24.61 58.32
N GLY A 4053 -140.19 23.37 57.83
CA GLY A 4053 -139.76 22.27 58.67
C GLY A 4053 -140.93 21.49 59.23
N ALA A 4054 -141.20 20.34 58.65
CA ALA A 4054 -142.34 19.51 59.01
C ALA A 4054 -142.17 18.16 58.31
N ASN A 4055 -142.83 17.15 58.87
CA ASN A 4055 -142.73 15.80 58.33
C ASN A 4055 -143.10 15.80 56.85
N PRO A 4056 -142.16 15.49 55.96
CA PRO A 4056 -142.48 15.48 54.53
C PRO A 4056 -143.53 14.46 54.12
N ALA A 4057 -143.84 13.50 54.99
CA ALA A 4057 -144.86 12.50 54.66
C ALA A 4057 -146.17 13.18 54.27
N VAL A 4058 -146.67 14.07 55.13
CA VAL A 4058 -147.84 14.85 54.75
C VAL A 4058 -147.53 15.77 53.58
N ILE A 4059 -146.32 16.35 53.55
CA ILE A 4059 -145.99 17.33 52.53
C ILE A 4059 -146.10 16.72 51.14
N THR A 4060 -145.86 15.41 51.03
CA THR A 4060 -146.08 14.72 49.76
C THR A 4060 -147.46 14.07 49.67
N CYS A 4061 -148.10 13.79 50.80
CA CYS A 4061 -149.48 13.32 50.77
C CYS A 4061 -150.40 14.35 50.12
N ASP A 4062 -150.56 15.51 50.76
CA ASP A 4062 -151.44 16.54 50.24
C ASP A 4062 -151.04 16.97 48.84
N GLU A 4063 -149.77 16.81 48.49
CA GLU A 4063 -149.35 16.98 47.10
C GLU A 4063 -150.17 16.08 46.19
N LEU A 4064 -150.26 14.79 46.53
CA LEU A 4064 -151.12 13.90 45.75
C LEU A 4064 -152.57 14.32 45.86
N LEU A 4065 -153.00 14.72 47.06
CA LEU A 4065 -154.35 15.24 47.24
C LEU A 4065 -154.63 16.35 46.23
N LEU A 4066 -153.74 17.33 46.15
CA LEU A 4066 -153.84 18.30 45.07
C LEU A 4066 -153.60 17.65 43.72
N GLY A 4067 -152.64 16.73 43.65
CA GLY A 4067 -152.26 16.14 42.39
C GLY A 4067 -153.36 15.31 41.76
N HIS A 4068 -153.70 14.18 42.39
CA HIS A 4068 -154.80 13.34 41.94
C HIS A 4068 -155.80 13.20 43.08
N GLU A 4069 -157.07 13.46 42.78
CA GLU A 4069 -158.12 13.41 43.80
C GLU A 4069 -158.94 12.14 43.72
N LYS A 4070 -159.19 11.61 42.53
CA LYS A 4070 -159.98 10.40 42.35
C LYS A 4070 -159.04 9.26 41.99
N ALA A 4071 -158.87 8.31 42.90
CA ALA A 4071 -157.92 7.22 42.68
C ALA A 4071 -158.21 6.03 43.58
N PRO A 4072 -158.29 4.83 43.02
CA PRO A 4072 -158.25 3.63 43.86
C PRO A 4072 -157.00 3.63 44.72
N ALA A 4073 -157.14 3.09 45.93
CA ALA A 4073 -156.06 3.10 46.93
C ALA A 4073 -155.69 4.53 47.32
N PHE A 4074 -156.68 5.42 47.28
CA PHE A 4074 -156.44 6.82 47.57
C PHE A 4074 -155.96 7.00 49.00
N ARG A 4075 -156.60 6.30 49.94
CA ARG A 4075 -156.12 6.30 51.31
C ARG A 4075 -154.87 5.45 51.49
N ASP A 4076 -154.67 4.46 50.62
CA ASP A 4076 -153.49 3.62 50.73
C ASP A 4076 -152.21 4.42 50.47
N TYR A 4077 -152.27 5.34 49.51
CA TYR A 4077 -151.11 6.17 49.21
C TYR A 4077 -150.75 7.05 50.39
N VAL A 4078 -151.72 7.79 50.92
CA VAL A 4078 -151.47 8.66 52.06
C VAL A 4078 -151.05 7.83 53.27
N ALA A 4079 -151.64 6.64 53.43
CA ALA A 4079 -151.23 5.75 54.50
C ALA A 4079 -149.79 5.29 54.29
N VAL A 4080 -149.48 4.82 53.08
CA VAL A 4080 -148.12 4.36 52.79
C VAL A 4080 -147.13 5.49 52.96
N ALA A 4081 -147.49 6.68 52.47
CA ALA A 4081 -146.59 7.82 52.58
C ALA A 4081 -146.24 8.11 54.03
N ARG A 4082 -147.26 8.18 54.90
CA ARG A 4082 -147.00 8.25 56.33
C ARG A 4082 -146.38 6.96 56.86
N GLY A 4083 -146.71 5.83 56.23
CA GLY A 4083 -146.24 4.54 56.68
C GLY A 4083 -146.97 4.07 57.93
N SER A 4084 -146.42 3.00 58.51
CA SER A 4084 -147.01 2.36 59.67
C SER A 4084 -146.16 2.65 60.91
N LYS A 4085 -146.80 2.58 62.08
CA LYS A 4085 -146.07 2.77 63.33
C LYS A 4085 -144.85 1.87 63.38
N ASP A 4086 -145.04 0.61 63.00
CA ASP A 4086 -143.99 -0.39 63.07
C ASP A 4086 -143.18 -0.50 61.78
N HIS A 4087 -143.39 0.39 60.80
CA HIS A 4087 -142.76 0.22 59.50
C HIS A 4087 -142.08 1.45 58.91
N ASN A 4088 -142.40 2.67 59.37
CA ASN A 4088 -141.62 3.87 59.06
C ASN A 4088 -141.47 4.68 60.34
N ILE A 4089 -140.25 5.17 60.58
CA ILE A 4089 -140.03 6.00 61.75
C ILE A 4089 -140.83 7.29 61.64
N ARG A 4090 -140.96 7.82 60.42
CA ARG A 4090 -141.72 9.05 60.22
C ARG A 4090 -143.13 8.92 60.78
N ALA A 4091 -143.70 7.72 60.73
CA ALA A 4091 -145.06 7.52 61.21
C ALA A 4091 -145.18 7.90 62.68
N GLN A 4092 -144.33 7.35 63.54
CA GLN A 4092 -144.48 7.69 64.96
C GLN A 4092 -143.99 9.09 65.26
N GLU A 4093 -143.24 9.70 64.37
CA GLU A 4093 -142.82 11.07 64.62
C GLU A 4093 -143.97 12.02 64.30
N PRO A 4094 -144.01 13.19 64.94
CA PRO A 4094 -145.04 14.19 64.60
C PRO A 4094 -144.94 14.65 63.16
N GLU A 4095 -145.87 15.52 62.75
CA GLU A 4095 -145.92 15.94 61.36
C GLU A 4095 -145.42 17.34 61.10
N SER A 4096 -145.37 18.20 62.13
CA SER A 4096 -144.90 19.56 61.96
C SER A 4096 -144.02 19.96 63.14
N GLY A 4097 -143.18 20.95 62.91
CA GLY A 4097 -142.35 21.51 63.96
C GLY A 4097 -141.18 20.64 64.37
N LEU A 4098 -140.88 19.59 63.61
CA LEU A 4098 -139.85 18.66 64.01
C LEU A 4098 -138.46 19.22 63.69
N SER A 4099 -137.45 18.61 64.29
CA SER A 4099 -136.08 19.05 64.06
C SER A 4099 -135.68 18.79 62.62
N GLU A 4100 -134.79 19.64 62.12
CA GLU A 4100 -134.41 19.58 60.70
C GLU A 4100 -133.89 18.21 60.32
N GLU A 4101 -132.92 17.69 61.08
CA GLU A 4101 -132.44 16.35 60.82
C GLU A 4101 -133.53 15.31 61.01
N THR A 4102 -134.49 15.60 61.89
CA THR A 4102 -135.57 14.65 62.09
C THR A 4102 -136.34 14.44 60.79
N GLN A 4103 -136.58 15.52 60.03
CA GLN A 4103 -137.18 15.35 58.72
C GLN A 4103 -136.29 14.56 57.78
N VAL A 4104 -134.97 14.63 57.93
CA VAL A 4104 -134.17 13.92 56.95
C VAL A 4104 -134.15 12.43 57.26
N LYS A 4105 -134.35 12.04 58.53
CA LYS A 4105 -134.70 10.65 58.76
C LYS A 4105 -136.00 10.30 58.06
N CYS A 4106 -136.97 11.22 58.10
CA CYS A 4106 -138.22 10.99 57.38
C CYS A 4106 -137.94 10.83 55.88
N LEU A 4107 -137.04 11.65 55.34
CA LEU A 4107 -136.72 11.57 53.93
C LEU A 4107 -136.02 10.26 53.59
N MET A 4108 -135.01 9.89 54.39
CA MET A 4108 -134.33 8.62 54.17
C MET A 4108 -135.29 7.46 54.37
N ASP A 4109 -136.12 7.52 55.42
CA ASP A 4109 -137.08 6.47 55.68
C ASP A 4109 -138.04 6.28 54.51
N GLN A 4110 -138.60 7.39 54.04
CA GLN A 4110 -139.51 7.31 52.90
C GLN A 4110 -138.77 6.89 51.63
N ALA A 4111 -137.56 7.43 51.43
CA ALA A 4111 -136.78 7.04 50.27
C ALA A 4111 -136.28 5.61 50.36
N THR A 4112 -136.44 4.96 51.52
CA THR A 4112 -136.05 3.58 51.70
C THR A 4112 -137.18 2.67 52.17
N ASP A 4113 -138.40 3.17 52.25
CA ASP A 4113 -139.51 2.35 52.73
C ASP A 4113 -139.76 1.18 51.78
N PRO A 4114 -139.41 -0.04 52.16
CA PRO A 4114 -139.52 -1.17 51.21
C PRO A 4114 -140.91 -1.34 50.67
N ASN A 4115 -141.92 -0.99 51.46
CA ASN A 4115 -143.28 -0.95 50.95
C ASN A 4115 -143.37 -0.02 49.75
N ILE A 4116 -143.06 1.26 49.96
CA ILE A 4116 -143.10 2.19 48.84
C ILE A 4116 -141.97 1.89 47.86
N LEU A 4117 -140.91 1.23 48.31
CA LEU A 4117 -139.88 0.77 47.38
C LEU A 4117 -140.48 -0.20 46.38
N GLY A 4118 -141.28 -1.15 46.86
CA GLY A 4118 -142.06 -1.97 45.96
C GLY A 4118 -143.13 -1.15 45.23
N ARG A 4119 -143.78 -0.24 45.96
CA ARG A 4119 -144.82 0.60 45.39
C ARG A 4119 -144.20 1.69 44.51
N THR A 4120 -143.91 1.35 43.26
CA THR A 4120 -143.24 2.30 42.37
C THR A 4120 -143.61 1.99 40.93
N TRP A 4121 -143.30 2.94 40.06
CA TRP A 4121 -143.41 2.70 38.64
C TRP A 4121 -142.45 1.62 38.19
N GLU A 4122 -142.89 0.81 37.22
CA GLU A 4122 -142.08 -0.29 36.74
C GLU A 4122 -140.77 0.20 36.15
N GLY A 4123 -140.85 1.17 35.24
CA GLY A 4123 -139.67 1.74 34.61
C GLY A 4123 -138.79 2.55 35.53
N TRP A 4124 -139.22 2.77 36.77
CA TRP A 4124 -138.36 3.45 37.74
C TRP A 4124 -137.10 2.67 38.06
N GLU A 4125 -137.05 1.38 37.73
CA GLU A 4125 -135.88 0.54 37.95
C GLU A 4125 -135.45 0.48 39.41
N PRO A 4126 -136.36 0.16 40.34
CA PRO A 4126 -135.97 0.15 41.76
C PRO A 4126 -135.02 -0.99 42.12
N TRP A 4127 -135.20 -2.18 41.56
CA TRP A 4127 -134.39 -3.34 41.96
C TRP A 4127 -132.94 -3.20 41.54
N MET A 4128 -132.61 -2.25 40.68
CA MET A 4128 -131.26 -2.13 40.15
C MET A 4128 -130.90 -0.67 39.91
N UNK A 4129 -36.45 -10.76 23.23
CA UNK A 4129 -37.85 -10.34 23.19
C UNK A 4129 -37.98 -8.88 23.54
N UNK A 4130 -39.15 -8.49 24.04
CA UNK A 4130 -39.39 -7.10 24.44
C UNK A 4130 -38.58 -6.69 25.64
N UNK A 4131 -37.78 -7.59 26.22
CA UNK A 4131 -36.95 -7.25 27.36
C UNK A 4131 -35.95 -6.15 27.03
N UNK A 4132 -35.70 -5.93 25.74
CA UNK A 4132 -34.84 -4.83 25.32
C UNK A 4132 -35.29 -3.48 25.87
N UNK A 4133 -36.51 -3.41 26.41
CA UNK A 4133 -36.98 -2.19 27.04
C UNK A 4133 -36.01 -1.68 28.11
N UNK A 4134 -35.17 -2.56 28.65
CA UNK A 4134 -34.16 -2.16 29.63
C UNK A 4134 -33.10 -1.26 29.01
N UNK A 4135 -33.20 -1.02 27.70
CA UNK A 4135 -32.24 -0.15 27.04
C UNK A 4135 -32.21 1.25 27.65
N UNK A 4136 -33.31 1.67 28.28
CA UNK A 4136 -33.36 2.96 28.94
C UNK A 4136 -32.39 3.01 30.11
N UNK A 4137 -60.29 37.34 8.77
CA UNK A 4137 -60.45 36.50 9.95
C UNK A 4137 -61.43 37.12 10.93
N UNK A 4138 -61.09 37.07 12.21
CA UNK A 4138 -61.93 37.68 13.24
C UNK A 4138 -61.84 39.19 13.13
N UNK A 4139 -63.00 39.85 13.09
CA UNK A 4139 -63.03 41.30 13.04
C UNK A 4139 -62.28 41.90 14.23
N UNK A 4140 -62.43 41.28 15.40
CA UNK A 4140 -61.70 41.74 16.58
C UNK A 4140 -60.20 41.54 16.40
N UNK A 4141 -59.80 40.36 15.92
CA UNK A 4141 -58.39 40.15 15.61
C UNK A 4141 -57.93 41.11 14.53
N UNK A 4142 -58.81 41.40 13.56
CA UNK A 4142 -58.55 42.48 12.64
C UNK A 4142 -58.43 43.81 13.38
N UNK A 4143 -59.33 44.05 14.33
CA UNK A 4143 -59.20 45.24 15.17
C UNK A 4143 -57.91 45.18 15.99
N UNK A 4144 -57.61 44.01 16.52
CA UNK A 4144 -56.41 43.82 17.31
C UNK A 4144 -55.20 44.06 16.42
N UNK A 4145 -55.25 43.52 15.22
CA UNK A 4145 -54.17 43.70 14.25
C UNK A 4145 -54.14 45.15 13.78
N UNK A 4146 -55.34 45.72 13.60
CA UNK A 4146 -55.46 47.10 13.17
C UNK A 4146 -54.87 48.02 14.23
N UNK A 4147 -55.16 47.72 15.49
CA UNK A 4147 -54.65 48.51 16.60
C UNK A 4147 -53.15 48.30 16.72
N UNK A 4148 -52.70 47.08 16.45
CA UNK A 4148 -51.29 46.75 16.52
C UNK A 4148 -50.55 47.42 15.36
N UNK A 4149 -51.21 47.53 14.23
CA UNK A 4149 -50.62 48.16 13.04
C UNK A 4149 -50.49 49.66 13.25
N UNK A 4150 -51.42 50.24 14.01
CA UNK A 4150 -51.39 51.67 14.29
C UNK A 4150 -50.06 52.06 14.92
N UNK A 4151 -49.65 51.30 15.93
CA UNK A 4151 -48.38 51.54 16.62
C UNK A 4151 -47.30 50.61 16.09
N UNK A 4152 -47.59 49.95 14.97
CA UNK A 4152 -46.65 49.02 14.33
C UNK A 4152 -46.07 48.01 15.32
N UNK A 4153 -46.93 47.17 15.89
CA UNK A 4153 -46.47 46.16 16.83
C UNK A 4153 -46.65 44.77 16.24
N UNK A 4154 -46.35 43.75 17.03
CA UNK A 4154 -46.44 42.36 16.58
C UNK A 4154 -46.59 41.46 17.80
N UNK A 4155 -47.62 40.61 17.77
CA UNK A 4155 -47.95 39.78 18.92
C UNK A 4155 -46.98 38.61 19.05
N UNK A 4156 -47.08 37.91 20.18
CA UNK A 4156 -46.27 36.74 20.45
C UNK A 4156 -46.71 35.57 19.56
N TYR B 32 -29.48 5.99 84.49
CA TYR B 32 -29.74 5.24 83.27
C TYR B 32 -31.24 5.05 83.06
N SER B 33 -31.69 5.31 81.84
CA SER B 33 -33.10 5.07 81.50
C SER B 33 -33.41 3.59 81.62
N GLY B 34 -34.52 3.27 82.27
CA GLY B 34 -34.87 1.90 82.56
C GLY B 34 -35.50 1.75 83.93
N ARG B 35 -36.52 0.92 84.05
CA ARG B 35 -37.22 0.72 85.32
C ARG B 35 -37.26 -0.76 85.66
N ASP B 36 -36.84 -1.09 86.88
CA ASP B 36 -36.89 -2.43 87.41
C ASP B 36 -38.26 -2.69 88.04
N SER B 37 -38.62 -3.97 88.10
CA SER B 37 -39.89 -4.36 88.71
C SER B 37 -39.68 -5.62 89.55
N LEU B 38 -40.23 -5.61 90.74
CA LEU B 38 -40.28 -6.78 91.62
C LEU B 38 -41.70 -6.92 92.15
N ILE B 39 -42.22 -8.13 92.12
CA ILE B 39 -43.58 -8.41 92.54
C ILE B 39 -43.56 -9.53 93.57
N PHE B 40 -44.33 -9.36 94.63
CA PHE B 40 -44.45 -10.37 95.67
C PHE B 40 -45.57 -11.33 95.29
N LEU B 41 -45.22 -12.60 95.13
CA LEU B 41 -46.21 -13.61 94.81
C LEU B 41 -46.51 -14.43 96.05
N VAL B 42 -47.78 -14.48 96.43
CA VAL B 42 -48.20 -15.23 97.59
C VAL B 42 -49.31 -16.19 97.17
N ASP B 43 -49.40 -17.28 97.91
CA ASP B 43 -50.33 -18.35 97.64
C ASP B 43 -51.64 -18.11 98.36
N ALA B 44 -52.69 -18.77 97.88
CA ALA B 44 -54.01 -18.74 98.53
C ALA B 44 -54.40 -20.17 98.88
N SER B 45 -53.90 -20.64 100.02
CA SER B 45 -54.28 -21.93 100.57
C SER B 45 -54.07 -21.88 102.08
N LYS B 46 -54.05 -23.06 102.70
CA LYS B 46 -53.96 -23.14 104.16
C LYS B 46 -52.58 -22.72 104.65
N ALA B 47 -51.53 -23.33 104.09
CA ALA B 47 -50.18 -23.40 104.67
C ALA B 47 -49.74 -22.13 105.38
N MET B 48 -50.17 -20.98 104.87
CA MET B 48 -49.74 -19.71 105.44
C MET B 48 -50.25 -19.51 106.86
N PHE B 49 -51.56 -19.71 107.08
CA PHE B 49 -52.14 -19.46 108.39
C PHE B 49 -51.64 -20.42 109.45
N GLU B 50 -51.03 -21.54 109.05
CA GLU B 50 -50.47 -22.47 110.02
C GLU B 50 -48.97 -22.22 110.09
N SER B 51 -48.43 -22.27 111.31
CA SER B 51 -47.05 -21.88 111.56
C SER B 51 -46.05 -22.81 110.87
N GLN B 52 -46.49 -23.96 110.36
CA GLN B 52 -45.67 -24.86 109.56
C GLN B 52 -44.49 -25.40 110.36
N SER B 53 -44.81 -26.16 111.40
CA SER B 53 -43.83 -26.89 112.22
C SER B 53 -42.82 -25.93 112.86
N GLU B 54 -43.26 -24.71 113.19
CA GLU B 54 -42.39 -23.72 113.80
C GLU B 54 -43.19 -22.93 114.83
N ASP B 55 -42.70 -22.91 116.07
CA ASP B 55 -43.46 -22.28 117.14
C ASP B 55 -43.67 -20.79 116.93
N GLU B 56 -42.86 -20.16 116.08
CA GLU B 56 -42.94 -18.72 115.88
C GLU B 56 -44.18 -18.39 115.06
N LEU B 57 -44.27 -17.14 114.60
CA LEU B 57 -45.45 -16.69 113.87
C LEU B 57 -45.61 -17.49 112.58
N THR B 58 -46.85 -17.55 112.12
CA THR B 58 -47.18 -18.32 110.93
C THR B 58 -46.52 -17.69 109.72
N PRO B 59 -46.28 -18.49 108.66
CA PRO B 59 -45.84 -17.89 107.40
C PRO B 59 -46.81 -16.85 106.89
N PHE B 60 -48.10 -16.97 107.20
CA PHE B 60 -49.02 -15.87 106.96
C PHE B 60 -48.55 -14.61 107.66
N ASP B 61 -48.32 -14.70 108.98
CA ASP B 61 -47.98 -13.52 109.75
C ASP B 61 -46.61 -12.98 109.35
N MET B 62 -45.57 -13.81 109.45
CA MET B 62 -44.20 -13.37 109.17
C MET B 62 -44.05 -12.77 107.78
N SER B 63 -44.75 -13.32 106.78
CA SER B 63 -44.72 -12.70 105.46
C SER B 63 -45.27 -11.28 105.51
N ILE B 64 -46.42 -11.10 106.14
CA ILE B 64 -47.05 -9.78 106.19
C ILE B 64 -46.08 -8.76 106.76
N GLN B 65 -45.40 -9.13 107.84
CA GLN B 65 -44.46 -8.23 108.46
C GLN B 65 -43.27 -7.96 107.54
N CYS B 66 -42.69 -9.02 106.98
CA CYS B 66 -41.48 -8.86 106.18
C CYS B 66 -41.74 -8.08 104.91
N ILE B 67 -42.84 -8.39 104.21
CA ILE B 67 -43.11 -7.74 102.94
C ILE B 67 -43.34 -6.25 103.15
N GLN B 68 -44.07 -5.88 104.20
CA GLN B 68 -44.29 -4.47 104.49
C GLN B 68 -42.98 -3.77 104.78
N SER B 69 -42.13 -4.38 105.60
CA SER B 69 -40.84 -3.77 105.91
C SER B 69 -40.04 -3.56 104.64
N VAL B 70 -39.93 -4.58 103.80
CA VAL B 70 -39.21 -4.41 102.54
C VAL B 70 -40.01 -3.55 101.58
N TYR B 71 -41.35 -3.56 101.69
CA TYR B 71 -42.13 -2.59 100.93
C TYR B 71 -41.69 -1.18 101.25
N ILE B 72 -41.64 -0.85 102.55
CA ILE B 72 -41.29 0.49 102.97
C ILE B 72 -39.91 0.87 102.49
N SER B 73 -38.96 -0.07 102.57
CA SER B 73 -37.60 0.19 102.10
C SER B 73 -37.59 0.53 100.62
N LYS B 74 -38.31 -0.23 99.81
CA LYS B 74 -38.38 0.07 98.38
C LYS B 74 -39.06 1.40 98.12
N ILE B 75 -40.05 1.76 98.95
CA ILE B 75 -40.73 3.03 98.80
C ILE B 75 -39.75 4.18 98.92
N ILE B 76 -38.98 4.19 100.01
CA ILE B 76 -37.98 5.23 100.19
C ILE B 76 -36.82 5.02 99.25
N SER B 77 -36.67 3.81 98.69
CA SER B 77 -35.66 3.59 97.67
C SER B 77 -35.99 4.41 96.42
N SER B 78 -37.22 4.29 95.93
CA SER B 78 -37.62 5.01 94.73
C SER B 78 -39.14 5.01 94.62
N ASP B 79 -39.65 6.06 93.99
CA ASP B 79 -41.02 6.05 93.48
C ASP B 79 -41.04 5.69 92.00
N ARG B 80 -39.95 5.97 91.29
CA ARG B 80 -39.81 5.60 89.89
C ARG B 80 -39.57 4.09 89.83
N ASP B 81 -40.59 3.33 90.23
CA ASP B 81 -40.52 1.88 90.31
C ASP B 81 -41.94 1.34 90.43
N LEU B 82 -42.16 0.15 89.92
CA LEU B 82 -43.49 -0.43 89.84
C LEU B 82 -43.62 -1.59 90.83
N LEU B 83 -44.68 -1.58 91.62
CA LEU B 83 -44.84 -2.59 92.67
C LEU B 83 -46.27 -3.11 92.67
N ALA B 84 -46.43 -4.35 93.13
CA ALA B 84 -47.74 -4.98 93.27
C ALA B 84 -47.58 -6.31 94.00
N VAL B 85 -48.71 -6.82 94.50
CA VAL B 85 -48.79 -8.13 95.12
C VAL B 85 -50.08 -8.80 94.66
N VAL B 86 -50.03 -10.12 94.48
CA VAL B 86 -51.18 -10.90 94.05
C VAL B 86 -51.20 -12.22 94.80
N PHE B 87 -52.40 -12.74 95.01
CA PHE B 87 -52.63 -13.98 95.74
C PHE B 87 -53.11 -15.01 94.73
N TYR B 88 -52.18 -15.83 94.22
CA TYR B 88 -52.61 -16.83 93.26
C TYR B 88 -53.37 -17.93 93.98
N GLY B 89 -54.44 -18.38 93.35
CA GLY B 89 -55.45 -19.07 94.13
C GLY B 89 -56.43 -18.09 94.72
N THR B 90 -57.67 -18.55 94.88
CA THR B 90 -58.68 -17.77 95.58
C THR B 90 -59.94 -18.61 95.70
N GLU B 91 -60.82 -18.18 96.59
CA GLU B 91 -62.19 -18.65 96.63
C GLU B 91 -63.16 -17.68 95.96
N LYS B 92 -62.70 -16.44 95.77
CA LYS B 92 -63.50 -15.41 95.10
C LYS B 92 -62.61 -14.69 94.09
N ASP B 93 -62.83 -14.99 92.81
CA ASP B 93 -62.05 -14.39 91.72
C ASP B 93 -61.94 -12.87 91.83
N LYS B 94 -60.72 -12.36 91.66
CA LYS B 94 -60.47 -10.92 91.73
C LYS B 94 -59.18 -10.51 91.03
N ASN B 95 -59.23 -10.46 89.71
CA ASN B 95 -58.08 -10.07 88.90
C ASN B 95 -58.58 -9.39 87.62
N SER B 96 -57.67 -8.92 86.77
CA SER B 96 -58.12 -8.26 85.55
C SER B 96 -58.73 -9.25 84.57
N VAL B 97 -58.07 -10.40 84.37
CA VAL B 97 -58.45 -11.33 83.31
C VAL B 97 -59.55 -12.30 83.75
N ASN B 98 -59.83 -12.36 85.05
CA ASN B 98 -60.94 -13.17 85.57
C ASN B 98 -60.72 -14.65 85.32
N PHE B 99 -59.53 -15.13 85.64
CA PHE B 99 -59.24 -16.55 85.65
C PHE B 99 -59.33 -17.07 87.07
N LYS B 100 -59.85 -18.29 87.21
CA LYS B 100 -60.16 -18.85 88.51
C LYS B 100 -58.88 -19.18 89.27
N ASN B 101 -58.97 -19.17 90.62
CA ASN B 101 -57.82 -19.23 91.53
C ASN B 101 -56.79 -18.14 91.24
N ILE B 102 -57.27 -16.90 91.19
CA ILE B 102 -56.41 -15.73 91.05
C ILE B 102 -57.02 -14.61 91.88
N TYR B 103 -56.26 -14.09 92.84
CA TYR B 103 -56.70 -13.00 93.69
C TYR B 103 -55.65 -11.89 93.59
N VAL B 104 -55.98 -10.81 92.90
CA VAL B 104 -55.10 -9.66 92.81
C VAL B 104 -55.45 -8.74 93.96
N LEU B 105 -54.47 -8.43 94.79
CA LEU B 105 -54.67 -7.51 95.91
C LEU B 105 -54.09 -6.13 95.64
N GLN B 106 -52.90 -6.06 95.09
CA GLN B 106 -52.28 -4.80 94.71
C GLN B 106 -52.26 -4.69 93.19
N GLU B 107 -52.78 -3.58 92.68
CA GLU B 107 -52.54 -3.21 91.30
C GLU B 107 -51.07 -2.86 91.12
N LEU B 108 -50.57 -3.04 89.90
CA LEU B 108 -49.17 -2.73 89.63
C LEU B 108 -48.95 -1.25 89.86
N ASP B 109 -48.35 -0.90 90.99
CA ASP B 109 -48.39 0.47 91.47
C ASP B 109 -46.99 1.00 91.71
N ASN B 110 -46.86 2.30 91.61
CA ASN B 110 -45.77 3.00 92.25
C ASN B 110 -46.07 3.06 93.75
N PRO B 111 -45.05 3.29 94.58
CA PRO B 111 -45.32 3.43 96.02
C PRO B 111 -46.25 4.60 96.30
N GLY B 112 -47.20 4.37 97.21
CA GLY B 112 -48.19 5.37 97.58
C GLY B 112 -48.71 5.20 99.00
N ALA B 113 -48.75 6.30 99.75
CA ALA B 113 -49.01 6.23 101.19
C ALA B 113 -50.31 5.52 101.50
N LYS B 114 -51.34 5.74 100.68
CA LYS B 114 -52.62 5.06 100.91
C LYS B 114 -52.43 3.54 100.85
N ARG B 115 -51.56 3.07 99.95
CA ARG B 115 -51.29 1.64 99.90
C ARG B 115 -50.75 1.15 101.22
N ILE B 116 -49.77 1.85 101.79
CA ILE B 116 -49.27 1.50 103.11
C ILE B 116 -50.39 1.58 104.12
N LEU B 117 -51.26 2.58 103.98
CA LEU B 117 -52.41 2.70 104.86
C LEU B 117 -53.25 1.43 104.84
N GLU B 118 -53.54 0.91 103.64
CA GLU B 118 -54.37 -0.28 103.54
C GLU B 118 -53.60 -1.55 103.85
N LEU B 119 -52.27 -1.54 103.75
CA LEU B 119 -51.49 -2.73 104.05
C LEU B 119 -51.25 -2.93 105.53
N ASP B 120 -51.40 -1.87 106.32
CA ASP B 120 -51.08 -1.95 107.75
C ASP B 120 -51.98 -2.95 108.47
N GLN B 121 -53.23 -3.08 108.04
CA GLN B 121 -54.25 -3.75 108.84
C GLN B 121 -54.33 -5.24 108.55
N PHE B 122 -53.49 -5.77 107.67
CA PHE B 122 -53.35 -7.21 107.46
C PHE B 122 -52.77 -7.92 108.67
N LYS B 123 -52.21 -7.19 109.64
CA LYS B 123 -51.46 -7.81 110.71
C LYS B 123 -52.36 -8.66 111.61
N GLY B 124 -51.75 -9.64 112.26
CA GLY B 124 -52.37 -10.32 113.37
C GLY B 124 -53.54 -11.20 112.98
N GLN B 125 -54.22 -11.71 114.02
CA GLN B 125 -55.38 -12.53 113.80
C GLN B 125 -56.49 -11.75 113.14
N GLN B 126 -56.61 -10.45 113.46
CA GLN B 126 -57.58 -9.62 112.77
C GLN B 126 -57.32 -9.62 111.27
N GLY B 127 -56.06 -9.52 110.86
CA GLY B 127 -55.74 -9.61 109.44
C GLY B 127 -56.10 -10.97 108.87
N GLN B 128 -55.90 -12.03 109.65
CA GLN B 128 -56.34 -13.35 109.24
C GLN B 128 -57.84 -13.39 109.05
N LYS B 129 -58.58 -12.72 109.93
CA LYS B 129 -60.02 -12.60 109.76
C LYS B 129 -60.36 -11.92 108.45
N ARG B 130 -59.73 -10.77 108.19
CA ARG B 130 -59.91 -10.10 106.90
C ARG B 130 -59.65 -11.06 105.75
N PHE B 131 -58.53 -11.78 105.83
CA PHE B 131 -58.19 -12.70 104.77
C PHE B 131 -59.33 -13.68 104.54
N GLN B 132 -59.94 -14.13 105.63
CA GLN B 132 -61.18 -14.89 105.52
C GLN B 132 -62.29 -14.05 104.92
N ASP B 133 -62.40 -12.79 105.33
CA ASP B 133 -63.45 -11.93 104.80
C ASP B 133 -63.24 -11.68 103.31
N MET B 134 -62.01 -11.29 102.94
CA MET B 134 -61.73 -10.89 101.57
C MET B 134 -61.83 -12.06 100.60
N MET B 135 -61.24 -13.21 100.95
CA MET B 135 -61.25 -14.34 100.06
C MET B 135 -61.76 -15.57 100.79
N GLY B 136 -61.39 -15.68 102.06
CA GLY B 136 -61.55 -16.93 102.77
C GLY B 136 -60.18 -17.43 103.15
N HIS B 137 -59.97 -18.75 103.07
CA HIS B 137 -58.66 -19.31 103.36
C HIS B 137 -58.62 -20.70 102.77
N GLY B 138 -57.73 -20.92 101.82
CA GLY B 138 -57.65 -22.22 101.20
C GLY B 138 -58.31 -22.27 99.84
N SER B 139 -57.52 -22.62 98.84
CA SER B 139 -57.99 -22.81 97.48
C SER B 139 -56.86 -23.48 96.72
N ASP B 140 -57.22 -24.32 95.76
CA ASP B 140 -56.20 -25.01 94.99
C ASP B 140 -55.55 -23.99 94.06
N TYR B 141 -54.67 -24.47 93.19
CA TYR B 141 -53.82 -23.58 92.43
C TYR B 141 -53.30 -24.34 91.22
N SER B 142 -52.77 -23.59 90.26
CA SER B 142 -52.10 -24.19 89.11
C SER B 142 -51.06 -23.17 88.67
N LEU B 143 -49.79 -23.47 88.95
CA LEU B 143 -48.72 -22.52 88.67
C LEU B 143 -48.65 -22.17 87.19
N SER B 144 -49.21 -23.02 86.33
CA SER B 144 -49.23 -22.74 84.90
C SER B 144 -49.93 -21.41 84.61
N GLU B 145 -51.21 -21.32 84.98
CA GLU B 145 -51.93 -20.05 84.85
C GLU B 145 -51.29 -18.96 85.68
N VAL B 146 -50.86 -19.31 86.90
CA VAL B 146 -50.26 -18.32 87.81
C VAL B 146 -49.11 -17.61 87.12
N LEU B 147 -48.15 -18.38 86.62
CA LEU B 147 -47.00 -17.78 85.97
C LEU B 147 -47.42 -17.02 84.72
N TRP B 148 -48.37 -17.58 83.95
CA TRP B 148 -48.75 -16.95 82.70
C TRP B 148 -49.35 -15.58 82.93
N VAL B 149 -50.32 -15.49 83.85
CA VAL B 149 -50.99 -14.22 84.08
C VAL B 149 -50.04 -13.20 84.67
N CYS B 150 -49.06 -13.64 85.46
CA CYS B 150 -48.05 -12.72 85.96
C CYS B 150 -47.29 -12.07 84.82
N ALA B 151 -46.87 -12.86 83.84
CA ALA B 151 -46.24 -12.30 82.65
C ALA B 151 -47.18 -11.33 81.96
N ASN B 152 -48.46 -11.68 81.90
CA ASN B 152 -49.45 -10.76 81.35
C ASN B 152 -49.43 -9.45 82.13
N LEU B 153 -49.30 -9.53 83.45
CA LEU B 153 -49.20 -8.33 84.26
C LEU B 153 -48.04 -7.46 83.80
N PHE B 154 -46.89 -8.09 83.57
CA PHE B 154 -45.74 -7.35 83.10
C PHE B 154 -45.91 -6.89 81.67
N SER B 155 -46.65 -7.65 80.86
CA SER B 155 -46.92 -7.21 79.49
C SER B 155 -47.80 -5.98 79.50
N ASP B 156 -48.63 -5.83 80.54
CA ASP B 156 -49.51 -4.70 80.64
C ASP B 156 -48.73 -3.39 80.69
N VAL B 157 -47.74 -3.31 81.59
CA VAL B 157 -47.02 -2.06 81.77
C VAL B 157 -46.18 -1.76 80.54
N GLN B 158 -46.29 -0.52 80.06
CA GLN B 158 -45.53 -0.06 78.91
C GLN B 158 -44.36 0.83 79.29
N PHE B 159 -44.17 1.09 80.58
CA PHE B 159 -43.10 1.97 81.01
C PHE B 159 -41.75 1.41 80.59
N LYS B 160 -40.73 2.26 80.73
CA LYS B 160 -39.38 1.81 80.44
C LYS B 160 -39.05 0.65 81.37
N MET B 161 -38.31 -0.31 80.84
CA MET B 161 -38.15 -1.60 81.50
C MET B 161 -36.67 -1.89 81.63
N SER B 162 -36.17 -1.91 82.86
CA SER B 162 -34.77 -2.25 83.09
C SER B 162 -34.60 -3.67 83.58
N HIS B 163 -35.36 -4.06 84.61
CA HIS B 163 -35.17 -5.35 85.25
C HIS B 163 -36.49 -5.85 85.80
N LYS B 164 -36.56 -7.16 86.01
CA LYS B 164 -37.77 -7.82 86.48
C LYS B 164 -37.42 -9.02 87.35
N ARG B 165 -38.11 -9.13 88.48
CA ARG B 165 -37.88 -10.18 89.46
C ARG B 165 -39.17 -10.45 90.20
N ILE B 166 -39.25 -11.61 90.83
CA ILE B 166 -40.46 -12.04 91.54
C ILE B 166 -40.07 -12.56 92.91
N MET B 167 -40.82 -12.15 93.92
CA MET B 167 -40.70 -12.72 95.25
C MET B 167 -41.86 -13.67 95.48
N LEU B 168 -41.57 -14.95 95.63
CA LEU B 168 -42.59 -15.97 95.80
C LEU B 168 -42.48 -16.58 97.20
N PHE B 169 -43.62 -17.05 97.70
CA PHE B 169 -43.75 -17.58 99.04
C PHE B 169 -44.43 -18.95 98.98
N THR B 170 -43.87 -19.92 99.70
CA THR B 170 -44.52 -21.20 99.89
C THR B 170 -43.94 -21.88 101.12
N ASN B 171 -44.68 -22.86 101.62
CA ASN B 171 -44.24 -23.71 102.71
C ASN B 171 -43.86 -25.09 102.24
N GLU B 172 -44.50 -25.59 101.19
CA GLU B 172 -44.15 -26.88 100.63
C GLU B 172 -42.87 -26.80 99.80
N ASP B 173 -42.18 -27.93 99.70
CA ASP B 173 -41.04 -28.07 98.82
C ASP B 173 -41.43 -28.37 97.38
N ASN B 174 -42.66 -28.74 97.14
CA ASN B 174 -43.11 -29.11 95.80
C ASN B 174 -44.62 -29.10 95.70
N PRO B 175 -45.18 -28.35 94.74
CA PRO B 175 -46.61 -28.50 94.45
C PRO B 175 -46.92 -29.76 93.68
N HIS B 176 -45.91 -30.42 93.11
CA HIS B 176 -46.15 -31.62 92.34
C HIS B 176 -46.37 -32.82 93.27
N GLY B 177 -47.53 -32.84 93.90
CA GLY B 177 -48.02 -34.03 94.59
C GLY B 177 -49.22 -34.52 93.83
N ASN B 178 -49.19 -34.25 92.53
CA ASN B 178 -50.32 -34.43 91.63
C ASN B 178 -49.77 -34.81 90.26
N ASP B 179 -50.60 -34.68 89.24
CA ASP B 179 -50.19 -35.03 87.88
C ASP B 179 -48.98 -34.20 87.46
N SER B 180 -48.07 -34.84 86.72
CA SER B 180 -46.86 -34.16 86.27
C SER B 180 -47.14 -33.08 85.24
N ALA B 181 -48.35 -33.02 84.70
CA ALA B 181 -48.62 -32.04 83.65
C ALA B 181 -48.41 -30.62 84.15
N LYS B 182 -48.93 -30.30 85.34
CA LYS B 182 -48.66 -28.99 85.93
C LYS B 182 -47.17 -28.80 86.16
N ALA B 183 -46.52 -29.83 86.72
CA ALA B 183 -45.09 -29.73 86.97
C ALA B 183 -44.31 -29.55 85.69
N SER B 184 -44.67 -30.30 84.64
CA SER B 184 -44.03 -30.12 83.34
C SER B 184 -44.30 -28.72 82.81
N ARG B 185 -45.56 -28.29 82.82
CA ARG B 185 -45.89 -26.97 82.31
C ARG B 185 -45.16 -25.89 83.09
N ALA B 186 -45.11 -26.03 84.41
CA ALA B 186 -44.45 -25.02 85.24
C ALA B 186 -42.98 -24.89 84.87
N ARG B 187 -42.27 -26.02 84.84
CA ARG B 187 -40.83 -25.96 84.63
C ARG B 187 -40.50 -25.59 83.18
N THR B 188 -41.31 -26.04 82.23
CA THR B 188 -41.05 -25.71 80.83
C THR B 188 -41.02 -24.19 80.63
N LYS B 189 -42.07 -23.51 81.07
CA LYS B 189 -42.10 -22.05 80.95
C LYS B 189 -41.25 -21.37 82.00
N ALA B 190 -40.82 -22.09 83.04
CA ALA B 190 -39.83 -21.52 83.95
C ALA B 190 -38.54 -21.21 83.20
N GLY B 191 -38.09 -22.14 82.36
CA GLY B 191 -37.04 -21.81 81.42
C GLY B 191 -37.46 -20.73 80.44
N ASP B 192 -38.72 -20.78 80.00
CA ASP B 192 -39.19 -19.79 79.03
C ASP B 192 -39.18 -18.39 79.61
N LEU B 193 -39.66 -18.23 80.84
CA LEU B 193 -39.54 -16.94 81.49
C LEU B 193 -38.10 -16.63 81.85
N ARG B 194 -37.28 -17.67 82.03
CA ARG B 194 -35.85 -17.44 82.09
C ARG B 194 -35.33 -16.88 80.78
N ASP B 195 -35.81 -17.40 79.66
CA ASP B 195 -35.53 -16.73 78.39
C ASP B 195 -36.09 -15.33 78.39
N THR B 196 -37.29 -15.16 78.94
CA THR B 196 -37.79 -13.81 79.17
C THR B 196 -36.91 -13.06 80.16
N GLY B 197 -36.35 -13.78 81.14
CA GLY B 197 -35.36 -13.18 82.02
C GLY B 197 -35.92 -12.66 83.33
N ILE B 198 -36.68 -13.50 84.03
CA ILE B 198 -37.15 -13.18 85.37
C ILE B 198 -36.30 -13.98 86.35
N PHE B 199 -35.57 -13.27 87.20
CA PHE B 199 -34.86 -13.91 88.28
C PHE B 199 -35.81 -14.24 89.42
N LEU B 200 -35.64 -15.42 89.99
CA LEU B 200 -36.52 -15.93 91.02
C LEU B 200 -35.75 -16.23 92.29
N ASP B 201 -36.46 -16.19 93.41
CA ASP B 201 -35.90 -16.57 94.69
C ASP B 201 -37.02 -17.09 95.57
N LEU B 202 -36.96 -18.37 95.91
CA LEU B 202 -37.88 -18.95 96.86
C LEU B 202 -37.33 -18.82 98.26
N MET B 203 -38.14 -18.29 99.16
CA MET B 203 -37.73 -18.15 100.55
C MET B 203 -38.20 -19.36 101.36
N HIS B 204 -37.39 -19.73 102.35
CA HIS B 204 -37.74 -20.83 103.24
C HIS B 204 -38.72 -20.31 104.29
N LEU B 205 -40.00 -20.65 104.10
CA LEU B 205 -41.01 -20.36 105.10
C LEU B 205 -41.19 -21.50 106.09
N LYS B 206 -40.72 -22.69 105.72
CA LYS B 206 -40.53 -23.79 106.66
C LYS B 206 -39.24 -23.52 107.43
N LYS B 207 -38.66 -24.57 108.00
CA LYS B 207 -37.34 -24.50 108.60
C LYS B 207 -36.39 -23.73 107.70
N PRO B 208 -35.92 -22.57 108.14
CA PRO B 208 -35.02 -21.76 107.30
C PRO B 208 -33.69 -22.49 107.10
N GLY B 209 -33.23 -22.49 105.86
CA GLY B 209 -32.06 -23.27 105.53
C GLY B 209 -32.29 -24.74 105.86
N GLY B 210 -31.31 -25.34 106.52
CA GLY B 210 -31.41 -26.74 106.90
C GLY B 210 -31.36 -27.71 105.75
N PHE B 211 -31.18 -27.22 104.52
CA PHE B 211 -31.15 -28.06 103.32
C PHE B 211 -32.42 -28.89 103.24
N ASP B 212 -33.52 -28.33 103.73
CA ASP B 212 -34.79 -29.04 103.83
C ASP B 212 -35.63 -28.88 102.58
N ILE B 213 -35.88 -27.63 102.18
CA ILE B 213 -36.76 -27.36 101.05
C ILE B 213 -35.94 -27.41 99.77
N SER B 214 -35.78 -28.62 99.21
CA SER B 214 -35.18 -28.76 97.88
C SER B 214 -35.78 -30.01 97.23
N LEU B 215 -36.91 -29.84 96.56
CA LEU B 215 -37.50 -30.93 95.80
C LEU B 215 -37.89 -30.55 94.38
N PHE B 216 -38.42 -29.35 94.20
CA PHE B 216 -38.79 -28.85 92.88
C PHE B 216 -37.96 -27.66 92.49
N TYR B 217 -36.87 -27.40 93.22
CA TYR B 217 -36.18 -26.14 93.08
C TYR B 217 -34.68 -26.28 92.97
N ARG B 218 -34.13 -27.48 93.18
CA ARG B 218 -32.76 -27.76 92.75
C ARG B 218 -32.66 -27.80 91.25
N ASP B 219 -33.78 -27.66 90.56
CA ASP B 219 -33.86 -27.65 89.11
C ASP B 219 -33.50 -26.26 88.59
N ILE B 220 -33.82 -26.01 87.33
CA ILE B 220 -33.60 -24.73 86.66
C ILE B 220 -34.15 -23.58 87.50
N ILE B 221 -35.10 -23.89 88.39
CA ILE B 221 -35.76 -22.86 89.17
C ILE B 221 -34.75 -22.15 90.06
N SER B 222 -34.76 -20.82 90.02
CA SER B 222 -33.87 -20.01 90.84
C SER B 222 -34.53 -19.65 92.17
N SER B 237 -33.52 -17.97 106.22
CA SER B 237 -32.20 -17.52 105.78
C SER B 237 -32.15 -16.01 105.59
N LYS B 238 -32.29 -15.57 104.33
CA LYS B 238 -32.11 -14.17 104.00
C LYS B 238 -33.27 -13.31 104.49
N LEU B 239 -34.33 -13.93 105.01
CA LEU B 239 -35.57 -13.20 105.31
C LEU B 239 -35.32 -11.98 106.19
N GLU B 240 -34.59 -12.16 107.29
CA GLU B 240 -34.28 -11.02 108.14
C GLU B 240 -33.37 -10.03 107.41
N ASP B 241 -32.38 -10.55 106.69
CA ASP B 241 -31.52 -9.68 105.92
C ASP B 241 -32.26 -9.04 104.77
N LEU B 242 -33.37 -9.65 104.33
CA LEU B 242 -34.25 -8.97 103.39
C LEU B 242 -34.88 -7.74 104.04
N LEU B 243 -35.42 -7.91 105.25
CA LEU B 243 -35.91 -6.75 105.99
C LEU B 243 -34.76 -5.82 106.37
N ARG B 244 -33.66 -6.38 106.83
CA ARG B 244 -32.45 -5.59 107.10
C ARG B 244 -31.54 -5.56 105.89
N LYS B 245 -32.12 -5.18 104.75
CA LYS B 245 -31.37 -5.07 103.49
C LYS B 245 -31.01 -3.63 103.15
N VAL B 246 -31.94 -2.69 103.32
CA VAL B 246 -31.72 -1.29 102.97
C VAL B 246 -32.66 -0.45 103.81
N ARG B 247 -32.18 0.73 104.21
CA ARG B 247 -33.00 1.63 105.00
C ARG B 247 -32.61 3.07 104.69
N ALA B 248 -33.60 3.86 104.28
CA ALA B 248 -33.43 5.30 104.08
C ALA B 248 -32.35 5.60 103.02
N LYS B 249 -32.61 5.15 101.80
CA LYS B 249 -31.73 5.43 100.67
C LYS B 249 -32.55 5.71 99.43
N GLU B 250 -32.10 6.66 98.62
CA GLU B 250 -32.70 6.98 97.32
C GLU B 250 -31.60 6.88 96.27
N THR B 251 -31.59 5.77 95.54
CA THR B 251 -30.51 5.50 94.58
C THR B 251 -30.55 6.50 93.42
N ARG B 252 -29.38 7.01 93.05
CA ARG B 252 -29.23 7.92 91.93
C ARG B 252 -28.58 7.19 90.76
N LYS B 253 -28.34 7.93 89.67
CA LYS B 253 -27.73 7.38 88.46
C LYS B 253 -27.34 8.54 87.55
N ARG B 254 -26.55 8.21 86.53
CA ARG B 254 -26.20 9.13 85.45
C ARG B 254 -25.50 10.39 86.00
N ALA B 255 -24.30 10.15 86.53
CA ALA B 255 -23.52 11.24 87.13
C ALA B 255 -23.25 12.35 86.13
N LEU B 256 -23.28 13.58 86.62
CA LEU B 256 -23.21 14.78 85.80
C LEU B 256 -21.76 15.25 85.68
N SER B 257 -21.57 16.51 85.27
CA SER B 257 -20.27 17.16 85.31
C SER B 257 -19.24 16.50 84.41
N ARG B 258 -19.48 16.51 83.10
CA ARG B 258 -18.50 16.05 82.14
C ARG B 258 -17.88 17.24 81.40
N LEU B 259 -16.62 17.08 81.00
CA LEU B 259 -15.87 18.13 80.35
C LEU B 259 -14.77 17.47 79.53
N LYS B 260 -14.00 18.28 78.81
CA LYS B 260 -12.93 17.79 77.96
C LYS B 260 -11.60 18.26 78.52
N LEU B 261 -10.60 17.39 78.44
CA LEU B 261 -9.25 17.74 78.83
C LEU B 261 -8.45 18.12 77.59
N LYS B 262 -7.22 18.56 77.82
CA LYS B 262 -6.30 18.82 76.72
C LYS B 262 -4.87 18.59 77.19
N LEU B 263 -3.98 18.35 76.23
CA LEU B 263 -2.55 18.20 76.51
C LEU B 263 -1.79 19.49 76.27
N ASN B 264 -1.78 19.96 75.03
CA ASN B 264 -1.36 21.30 74.65
C ASN B 264 -2.56 21.98 74.03
N LYS B 265 -2.42 23.28 73.77
CA LYS B 265 -3.52 24.05 73.19
C LYS B 265 -3.89 23.55 71.80
N ASP B 266 -3.15 22.56 71.31
CA ASP B 266 -3.41 21.97 70.01
C ASP B 266 -4.53 20.95 70.04
N ILE B 267 -4.57 20.07 71.04
CA ILE B 267 -5.49 18.94 71.05
C ILE B 267 -6.24 18.90 72.38
N VAL B 268 -7.54 18.64 72.30
CA VAL B 268 -8.39 18.42 73.46
C VAL B 268 -9.07 17.07 73.27
N ILE B 269 -9.35 16.40 74.39
CA ILE B 269 -9.89 15.05 74.38
C ILE B 269 -11.13 15.00 75.25
N SER B 270 -12.18 14.36 74.74
CA SER B 270 -13.40 14.18 75.52
C SER B 270 -13.19 13.09 76.58
N VAL B 271 -13.72 13.35 77.77
CA VAL B 271 -13.63 12.44 78.90
C VAL B 271 -14.79 12.71 79.86
N GLY B 272 -15.38 11.65 80.40
CA GLY B 272 -16.48 11.79 81.33
C GLY B 272 -16.05 11.78 82.78
N ILE B 273 -16.27 12.89 83.47
CA ILE B 273 -15.90 13.01 84.88
C ILE B 273 -17.08 12.72 85.79
N TYR B 274 -16.95 11.66 86.59
CA TYR B 274 -18.01 11.26 87.50
C TYR B 274 -17.67 11.68 88.93
N ASN B 275 -18.72 11.75 89.75
CA ASN B 275 -18.57 12.15 91.15
C ASN B 275 -18.76 10.93 92.04
N LEU B 276 -17.87 10.77 93.00
CA LEU B 276 -17.92 9.59 93.86
C LEU B 276 -18.87 9.80 95.03
N VAL B 277 -18.79 10.97 95.68
CA VAL B 277 -19.46 11.19 96.95
C VAL B 277 -19.77 12.67 97.07
N GLN B 278 -20.67 12.99 97.99
CA GLN B 278 -21.03 14.37 98.26
C GLN B 278 -21.47 14.44 99.72
N LYS B 279 -22.12 15.55 100.08
CA LYS B 279 -22.69 15.68 101.41
C LYS B 279 -24.15 15.19 101.39
N ALA B 280 -24.70 15.00 102.58
CA ALA B 280 -26.08 14.54 102.69
C ALA B 280 -27.04 15.68 102.39
N LEU B 281 -27.99 15.42 101.50
CA LEU B 281 -28.98 16.41 101.10
C LEU B 281 -30.26 16.26 101.92
N LYS B 282 -31.05 17.30 101.91
CA LYS B 282 -32.36 17.22 102.52
C LYS B 282 -33.43 17.31 101.44
N PRO B 283 -34.54 16.60 101.63
CA PRO B 283 -35.63 16.68 100.69
C PRO B 283 -36.15 18.10 100.58
N PRO B 284 -36.50 18.55 99.39
CA PRO B 284 -37.05 19.90 99.23
C PRO B 284 -38.40 20.00 99.90
N PRO B 285 -38.54 20.87 100.89
CA PRO B 285 -39.86 21.12 101.48
C PRO B 285 -40.84 21.62 100.44
N ILE B 286 -42.08 21.15 100.55
CA ILE B 286 -43.11 21.49 99.59
C ILE B 286 -44.23 22.22 100.32
N LYS B 287 -44.40 23.49 99.98
CA LYS B 287 -45.42 24.30 100.61
C LYS B 287 -46.80 23.74 100.31
N LEU B 288 -47.73 23.94 101.24
CA LEU B 288 -49.08 23.47 101.09
C LEU B 288 -50.02 24.50 101.71
N TYR B 289 -51.26 24.49 101.23
CA TYR B 289 -52.25 25.40 101.76
C TYR B 289 -52.60 25.06 103.21
N ARG B 290 -53.15 26.06 103.91
CA ARG B 290 -53.57 25.92 105.29
C ARG B 290 -54.28 24.61 105.57
N GLU B 291 -55.38 24.35 104.85
CA GLU B 291 -56.07 23.08 105.03
C GLU B 291 -56.40 22.36 103.73
N THR B 292 -56.53 23.03 102.60
CA THR B 292 -56.62 22.31 101.35
C THR B 292 -55.27 21.74 100.95
N ASN B 293 -54.20 22.28 101.51
CA ASN B 293 -52.87 21.68 101.49
C ASN B 293 -52.40 21.42 100.06
N GLU B 294 -52.29 22.51 99.31
CA GLU B 294 -51.66 22.47 98.00
C GLU B 294 -50.72 23.65 97.92
N PRO B 295 -49.66 23.56 97.13
CA PRO B 295 -48.75 24.70 96.99
C PRO B 295 -49.37 25.81 96.16
N VAL B 296 -48.88 27.01 96.41
CA VAL B 296 -49.26 28.20 95.66
C VAL B 296 -47.96 28.86 95.18
N LYS B 297 -48.09 29.93 94.41
CA LYS B 297 -46.91 30.47 93.79
C LYS B 297 -46.03 31.15 94.84
N THR B 298 -44.73 31.17 94.55
CA THR B 298 -43.81 32.08 95.20
C THR B 298 -43.45 33.14 94.17
N LYS B 299 -43.64 34.41 94.52
CA LYS B 299 -43.60 35.47 93.53
C LYS B 299 -42.87 36.65 94.15
N THR B 300 -41.55 36.67 93.97
CA THR B 300 -40.73 37.78 94.44
C THR B 300 -40.93 38.96 93.49
N ARG B 301 -41.28 40.11 94.03
CA ARG B 301 -41.58 41.25 93.17
C ARG B 301 -41.17 42.50 93.94
N THR B 302 -39.94 42.95 93.70
CA THR B 302 -39.42 44.09 94.44
C THR B 302 -40.29 45.31 94.18
N PHE B 303 -41.11 45.65 95.15
CA PHE B 303 -41.94 46.82 95.00
C PHE B 303 -41.09 48.08 95.12
N ASN B 304 -41.61 49.18 94.60
CA ASN B 304 -40.94 50.46 94.68
C ASN B 304 -41.69 51.41 95.61
N THR B 305 -40.94 52.08 96.48
CA THR B 305 -41.53 53.11 97.30
C THR B 305 -41.78 54.40 96.52
N SER B 306 -41.19 54.51 95.33
CA SER B 306 -41.36 55.73 94.53
C SER B 306 -42.81 55.90 94.11
N THR B 307 -43.40 54.88 93.50
CA THR B 307 -44.76 54.98 92.99
C THR B 307 -45.65 53.81 93.32
N GLY B 308 -45.14 52.76 93.96
CA GLY B 308 -45.92 51.55 94.07
C GLY B 308 -45.99 50.76 92.80
N GLY B 309 -45.20 51.12 91.79
CA GLY B 309 -45.24 50.50 90.49
C GLY B 309 -44.32 49.30 90.39
N LEU B 310 -43.85 49.05 89.17
CA LEU B 310 -43.07 47.87 88.85
C LEU B 310 -41.62 48.23 88.57
N LEU B 311 -40.79 47.20 88.61
CA LEU B 311 -39.36 47.33 88.39
C LEU B 311 -38.95 46.41 87.26
N LEU B 312 -37.89 46.77 86.58
CA LEU B 312 -37.42 45.86 85.55
C LEU B 312 -36.07 45.27 85.93
N PRO B 313 -35.82 44.01 85.57
CA PRO B 313 -34.47 43.46 85.79
C PRO B 313 -33.41 44.26 85.08
N SER B 314 -33.74 44.80 83.91
CA SER B 314 -32.84 45.75 83.24
C SER B 314 -32.57 46.95 84.12
N ASP B 315 -33.59 47.44 84.84
CA ASP B 315 -33.40 48.55 85.75
C ASP B 315 -32.49 48.19 86.93
N THR B 316 -32.29 46.90 87.18
CA THR B 316 -31.50 46.46 88.33
C THR B 316 -30.02 46.44 87.95
N LYS B 317 -29.21 47.19 88.72
CA LYS B 317 -27.78 47.22 88.49
C LYS B 317 -27.12 47.23 89.87
N ARG B 318 -26.20 46.28 90.07
CA ARG B 318 -25.77 45.98 91.44
C ARG B 318 -24.93 47.11 92.01
N SER B 319 -24.97 47.23 93.33
CA SER B 319 -24.31 48.32 94.03
C SER B 319 -23.45 47.79 95.16
N GLN B 320 -22.24 48.32 95.24
CA GLN B 320 -21.39 48.15 96.42
C GLN B 320 -21.33 49.49 97.15
N ILE B 321 -21.76 49.48 98.41
CA ILE B 321 -21.75 50.67 99.24
C ILE B 321 -20.41 50.66 99.96
N TYR B 322 -19.45 51.42 99.44
CA TYR B 322 -18.10 51.45 99.99
C TYR B 322 -17.85 52.86 100.51
N GLY B 323 -18.31 53.11 101.74
CA GLY B 323 -18.24 54.45 102.29
C GLY B 323 -18.95 55.42 101.38
N SER B 324 -18.25 56.50 101.06
CA SER B 324 -18.75 57.43 100.04
C SER B 324 -18.55 56.89 98.64
N ARG B 325 -17.74 55.84 98.46
CA ARG B 325 -17.44 55.32 97.14
C ARG B 325 -18.56 54.34 96.77
N GLN B 326 -19.65 54.89 96.25
CA GLN B 326 -20.67 54.07 95.64
C GLN B 326 -20.09 53.32 94.45
N ILE B 327 -20.35 52.03 94.36
CA ILE B 327 -19.89 51.20 93.26
C ILE B 327 -21.12 50.60 92.61
N ILE B 328 -21.34 50.92 91.33
CA ILE B 328 -22.55 50.53 90.61
C ILE B 328 -22.11 49.71 89.41
N LEU B 329 -22.37 48.40 89.44
CA LEU B 329 -22.04 47.52 88.32
C LEU B 329 -23.23 46.64 88.00
N GLU B 330 -23.37 46.30 86.73
CA GLU B 330 -24.44 45.43 86.32
C GLU B 330 -24.12 43.98 86.67
N LYS B 331 -25.14 43.14 86.49
CA LYS B 331 -25.01 41.73 86.83
C LYS B 331 -24.08 41.00 85.85
N GLU B 332 -24.27 41.22 84.55
CA GLU B 332 -23.51 40.46 83.57
C GLU B 332 -22.05 40.88 83.55
N GLU B 333 -21.78 42.18 83.71
CA GLU B 333 -20.39 42.59 83.89
C GLU B 333 -19.85 42.06 85.20
N THR B 334 -20.69 41.97 86.23
CA THR B 334 -20.31 41.24 87.44
C THR B 334 -20.04 39.78 87.12
N GLU B 335 -20.95 39.14 86.38
CA GLU B 335 -20.79 37.72 86.08
C GLU B 335 -19.55 37.50 85.21
N GLU B 336 -19.27 38.44 84.30
CA GLU B 336 -18.05 38.34 83.52
C GLU B 336 -16.82 38.48 84.41
N LEU B 337 -16.90 39.35 85.41
CA LEU B 337 -15.80 39.46 86.38
C LEU B 337 -15.56 38.13 87.08
N LYS B 338 -16.58 37.29 87.18
CA LYS B 338 -16.40 35.97 87.77
C LYS B 338 -15.63 35.01 86.88
N ARG B 339 -15.40 35.36 85.62
CA ARG B 339 -14.72 34.46 84.71
C ARG B 339 -13.28 34.95 84.53
N PHE B 340 -12.37 34.00 84.34
CA PHE B 340 -11.01 34.34 83.96
C PHE B 340 -10.62 33.65 82.67
N ASP B 341 -11.16 32.45 82.46
CA ASP B 341 -10.75 31.63 81.33
C ASP B 341 -11.85 30.62 81.00
N ASP B 342 -11.74 30.05 79.80
CA ASP B 342 -12.74 29.14 79.28
C ASP B 342 -12.68 27.80 80.01
N PRO B 343 -13.82 27.09 80.10
CA PRO B 343 -13.81 25.71 80.63
C PRO B 343 -12.76 24.84 79.95
N GLY B 344 -11.75 24.40 80.71
CA GLY B 344 -10.68 23.64 80.12
C GLY B 344 -9.71 23.16 81.18
N LEU B 345 -8.76 22.33 80.73
CA LEU B 345 -7.74 21.73 81.59
C LEU B 345 -6.37 21.83 80.92
N MET B 346 -5.55 22.84 81.26
CA MET B 346 -4.20 22.84 80.70
C MET B 346 -3.31 22.06 81.65
N LEU B 347 -2.68 21.01 81.14
CA LEU B 347 -1.85 20.16 81.98
C LEU B 347 -0.62 20.95 82.38
N MET B 348 -0.40 21.10 83.68
CA MET B 348 0.80 21.77 84.15
C MET B 348 2.04 20.95 83.79
N GLY B 349 1.98 19.65 84.03
CA GLY B 349 3.11 18.79 83.78
C GLY B 349 3.06 17.56 84.67
N PHE B 350 4.15 17.29 85.36
CA PHE B 350 4.23 16.18 86.28
C PHE B 350 4.82 16.61 87.62
N LYS B 351 4.50 15.83 88.64
CA LYS B 351 4.84 16.17 90.00
C LYS B 351 4.99 14.88 90.80
N PRO B 352 6.12 14.68 91.46
CA PRO B 352 6.34 13.42 92.18
C PRO B 352 5.41 13.30 93.38
N LEU B 353 5.49 12.15 94.05
CA LEU B 353 4.71 11.92 95.25
C LEU B 353 5.36 12.63 96.44
N VAL B 354 5.39 13.94 96.34
CA VAL B 354 5.88 14.78 97.43
C VAL B 354 4.78 15.66 98.01
N LEU B 355 3.68 15.85 97.30
CA LEU B 355 2.55 16.63 97.77
C LEU B 355 1.69 15.83 98.73
N LEU B 356 0.47 16.31 98.97
CA LEU B 356 -0.45 15.75 99.95
C LEU B 356 0.08 16.00 101.36
N LYS B 357 0.56 17.21 101.60
CA LYS B 357 0.85 17.65 102.96
C LYS B 357 -0.37 17.47 103.83
N LYS B 358 -0.16 16.97 105.05
CA LYS B 358 -1.28 16.62 105.90
C LYS B 358 -1.87 17.87 106.55
N HIS B 359 -2.21 18.85 105.71
CA HIS B 359 -2.82 20.09 106.18
C HIS B 359 -3.96 20.57 105.30
N HIS B 360 -4.11 20.06 104.08
CA HIS B 360 -4.98 20.65 103.08
C HIS B 360 -5.91 19.60 102.51
N TYR B 361 -7.19 19.98 102.39
CA TYR B 361 -8.15 19.16 101.66
C TYR B 361 -9.32 20.05 101.29
N LEU B 362 -9.44 20.39 100.01
CA LEU B 362 -10.60 21.10 99.50
C LEU B 362 -11.72 20.11 99.27
N ARG B 363 -12.71 20.50 98.48
CA ARG B 363 -13.87 19.67 98.21
C ARG B 363 -13.41 18.33 97.65
N PRO B 364 -14.16 17.25 97.88
CA PRO B 364 -13.64 15.92 97.55
C PRO B 364 -13.32 15.79 96.06
N SER B 365 -12.32 14.97 95.76
CA SER B 365 -11.90 14.81 94.38
C SER B 365 -12.99 14.06 93.60
N LEU B 366 -12.76 13.91 92.31
CA LEU B 366 -13.85 13.67 91.38
C LEU B 366 -13.38 12.67 90.33
N PHE B 367 -14.18 11.63 90.08
CA PHE B 367 -13.73 10.57 89.21
C PHE B 367 -13.66 11.02 87.77
N VAL B 368 -12.65 10.52 87.05
CA VAL B 368 -12.42 10.85 85.65
C VAL B 368 -12.36 9.56 84.86
N TYR B 369 -13.08 9.53 83.73
CA TYR B 369 -13.10 8.38 82.85
C TYR B 369 -12.99 8.87 81.42
N PRO B 370 -12.14 8.27 80.60
CA PRO B 370 -12.00 8.74 79.21
C PRO B 370 -13.19 8.30 78.37
N GLU B 371 -14.03 9.26 77.99
CA GLU B 371 -15.28 8.99 77.30
C GLU B 371 -15.19 9.49 75.86
N GLU B 372 -15.69 8.67 74.93
CA GLU B 372 -15.72 9.04 73.53
C GLU B 372 -16.92 9.92 73.25
N SER B 373 -17.05 11.01 74.00
CA SER B 373 -18.20 11.88 73.88
C SER B 373 -18.29 12.44 72.47
N LEU B 374 -17.28 13.21 72.07
CA LEU B 374 -17.15 13.66 70.69
C LEU B 374 -15.72 13.54 70.16
N VAL B 375 -14.71 13.54 71.02
CA VAL B 375 -13.34 13.38 70.58
C VAL B 375 -13.14 11.90 70.32
N ILE B 376 -13.05 11.52 69.04
CA ILE B 376 -12.94 10.11 68.68
C ILE B 376 -11.57 9.63 69.13
N GLY B 377 -11.55 8.79 70.16
CA GLY B 377 -10.32 8.32 70.74
C GLY B 377 -10.00 9.04 72.05
N SER B 378 -10.33 8.41 73.17
CA SER B 378 -9.99 8.95 74.49
C SER B 378 -9.13 7.99 75.29
N SER B 379 -9.58 6.76 75.52
CA SER B 379 -8.85 5.82 76.33
C SER B 379 -7.65 5.21 75.61
N THR B 380 -7.63 5.27 74.28
CA THR B 380 -6.52 4.69 73.55
C THR B 380 -5.20 5.36 73.92
N LEU B 381 -5.22 6.68 74.10
CA LEU B 381 -4.06 7.37 74.63
C LEU B 381 -3.74 6.90 76.05
N PHE B 382 -4.75 6.81 76.89
CA PHE B 382 -4.55 6.49 78.29
C PHE B 382 -4.47 4.99 78.53
N SER B 383 -4.43 4.18 77.47
CA SER B 383 -4.13 2.77 77.62
C SER B 383 -2.74 2.55 78.18
N ALA B 384 -1.87 3.56 78.13
CA ALA B 384 -0.49 3.45 78.57
C ALA B 384 -0.24 4.11 79.92
N LEU B 385 -1.20 4.85 80.46
CA LEU B 385 -1.02 5.48 81.77
C LEU B 385 -1.65 4.68 82.91
N LEU B 386 -2.75 3.97 82.65
CA LEU B 386 -3.33 3.13 83.69
C LEU B 386 -2.32 2.09 84.17
N ILE B 387 -1.59 1.50 83.23
CA ILE B 387 -0.44 0.67 83.61
C ILE B 387 0.65 1.54 84.21
N LYS B 388 0.73 2.81 83.81
CA LYS B 388 1.82 3.65 84.26
C LYS B 388 1.45 4.34 85.57
N CYS B 389 0.93 3.55 86.50
CA CYS B 389 0.48 4.05 87.79
C CYS B 389 1.31 3.46 88.93
N LEU B 390 1.31 2.13 89.05
CA LEU B 390 2.18 1.48 90.01
C LEU B 390 3.64 1.63 89.63
N GLU B 391 3.92 1.69 88.32
CA GLU B 391 5.27 1.85 87.82
C GLU B 391 5.65 3.31 87.64
N LYS B 392 4.78 4.24 88.01
CA LYS B 392 5.13 5.65 87.96
C LYS B 392 4.24 6.44 88.90
N GLU B 393 4.83 7.02 89.93
CA GLU B 393 4.11 7.77 90.96
C GLU B 393 4.26 9.27 90.82
N VAL B 394 5.03 9.75 89.86
CA VAL B 394 5.06 11.18 89.58
C VAL B 394 3.67 11.57 89.06
N ALA B 395 2.96 12.38 89.84
CA ALA B 395 1.57 12.69 89.52
C ALA B 395 1.53 13.87 88.55
N ALA B 396 0.32 14.33 88.23
CA ALA B 396 0.11 15.43 87.31
C ALA B 396 -0.93 16.37 87.87
N LEU B 397 -0.87 17.64 87.46
CA LEU B 397 -1.81 18.62 87.96
C LEU B 397 -2.17 19.58 86.84
N CYS B 398 -3.34 20.20 86.98
CA CYS B 398 -3.81 21.21 86.06
C CYS B 398 -4.77 22.12 86.83
N ARG B 399 -4.94 23.35 86.35
CA ARG B 399 -6.02 24.09 86.96
C ARG B 399 -7.31 23.62 86.28
N TYR B 400 -8.43 23.83 86.93
CA TYR B 400 -9.67 23.34 86.36
C TYR B 400 -10.72 24.41 86.40
N THR B 401 -11.49 24.50 85.33
CA THR B 401 -12.63 25.41 85.23
C THR B 401 -13.89 24.60 85.00
N PRO B 402 -14.78 24.52 85.99
CA PRO B 402 -16.07 23.85 85.77
C PRO B 402 -16.82 24.38 84.57
N ARG B 403 -16.87 25.69 84.41
CA ARG B 403 -17.55 26.31 83.29
C ARG B 403 -17.17 27.79 83.37
N ARG B 404 -17.57 28.56 82.37
CA ARG B 404 -17.41 30.00 82.45
C ARG B 404 -18.25 30.52 83.61
N ASN B 405 -17.78 31.62 84.20
CA ASN B 405 -18.22 32.16 85.50
C ASN B 405 -17.64 31.39 86.68
N ILE B 406 -16.61 30.57 86.47
CA ILE B 406 -16.02 29.88 87.61
C ILE B 406 -14.51 30.10 87.57
N PRO B 407 -13.88 30.40 88.70
CA PRO B 407 -12.43 30.60 88.70
C PRO B 407 -11.72 29.33 88.28
N PRO B 408 -10.54 29.46 87.68
CA PRO B 408 -9.72 28.27 87.40
C PRO B 408 -9.17 27.69 88.69
N TYR B 409 -9.19 26.37 88.80
CA TYR B 409 -8.89 25.67 90.04
C TYR B 409 -7.69 24.76 89.82
N PHE B 410 -6.51 25.22 90.24
CA PHE B 410 -5.35 24.34 90.32
C PHE B 410 -5.74 23.05 91.03
N VAL B 411 -5.61 21.94 90.32
CA VAL B 411 -6.05 20.65 90.86
C VAL B 411 -5.08 19.59 90.39
N ALA B 412 -4.77 18.66 91.29
CA ALA B 412 -3.81 17.60 91.02
C ALA B 412 -4.55 16.29 90.81
N LEU B 413 -3.97 15.42 90.01
CA LEU B 413 -4.61 14.19 89.61
C LEU B 413 -3.80 12.98 90.04
N VAL B 414 -4.49 11.95 90.50
CA VAL B 414 -3.93 10.62 90.63
C VAL B 414 -4.68 9.70 89.67
N PRO B 415 -4.00 8.99 88.79
CA PRO B 415 -4.66 7.95 88.01
C PRO B 415 -5.07 6.81 88.92
N GLN B 416 -6.18 6.17 88.57
CA GLN B 416 -6.86 5.28 89.49
C GLN B 416 -6.58 3.81 89.16
N GLU B 417 -6.60 2.99 90.20
CA GLU B 417 -6.24 1.58 90.16
C GLU B 417 -7.48 0.71 90.27
N GLU B 418 -7.25 -0.59 90.43
CA GLU B 418 -8.30 -1.60 90.49
C GLU B 418 -8.37 -2.20 91.88
N GLU B 419 -9.57 -2.53 92.31
CA GLU B 419 -9.77 -3.43 93.45
C GLU B 419 -10.93 -4.37 93.15
N LEU B 420 -10.94 -4.90 91.93
CA LEU B 420 -11.90 -5.93 91.53
C LEU B 420 -11.97 -7.02 92.59
N ASP B 421 -13.17 -7.18 93.16
CA ASP B 421 -13.35 -8.05 94.32
C ASP B 421 -13.35 -9.51 93.89
N ASP B 422 -13.65 -10.39 94.84
CA ASP B 422 -13.61 -11.83 94.57
C ASP B 422 -14.57 -12.20 93.44
N GLN B 423 -15.82 -11.77 93.54
CA GLN B 423 -16.79 -12.06 92.49
C GLN B 423 -16.80 -10.94 91.45
N LYS B 424 -15.61 -10.62 90.95
CA LYS B 424 -15.40 -9.69 89.85
C LYS B 424 -15.96 -8.30 90.13
N ILE B 425 -16.06 -7.91 91.39
CA ILE B 425 -16.66 -6.62 91.72
C ILE B 425 -15.60 -5.53 91.54
N GLN B 426 -15.53 -4.95 90.34
CA GLN B 426 -14.58 -3.88 90.05
C GLN B 426 -15.17 -2.53 90.48
N VAL B 427 -15.27 -2.36 91.79
CA VAL B 427 -15.57 -1.04 92.33
C VAL B 427 -14.37 -0.14 92.09
N THR B 428 -14.66 1.16 91.91
CA THR B 428 -13.67 2.17 91.57
C THR B 428 -12.88 1.70 90.36
N PRO B 429 -13.48 1.74 89.17
CA PRO B 429 -12.77 1.30 87.97
C PRO B 429 -11.52 2.13 87.77
N PRO B 430 -10.51 1.57 87.12
CA PRO B 430 -9.24 2.30 87.01
C PRO B 430 -9.37 3.49 86.09
N GLY B 431 -9.42 4.68 86.68
CA GLY B 431 -9.52 5.92 85.95
C GLY B 431 -8.56 6.94 86.50
N PHE B 432 -9.09 8.08 86.93
CA PHE B 432 -8.28 9.17 87.43
C PHE B 432 -9.05 9.89 88.53
N GLN B 433 -8.31 10.38 89.52
CA GLN B 433 -8.89 11.08 90.66
C GLN B 433 -8.20 12.43 90.79
N LEU B 434 -8.92 13.50 90.44
CA LEU B 434 -8.36 14.86 90.37
C LEU B 434 -8.59 15.55 91.71
N VAL B 435 -7.56 15.58 92.55
CA VAL B 435 -7.67 16.21 93.85
C VAL B 435 -7.40 17.70 93.70
N PHE B 436 -8.07 18.50 94.52
CA PHE B 436 -7.84 19.93 94.51
C PHE B 436 -6.56 20.26 95.27
N LEU B 437 -6.09 21.48 95.10
CA LEU B 437 -4.98 21.93 95.92
C LEU B 437 -5.31 23.26 96.55
N PRO B 438 -4.80 23.52 97.75
CA PRO B 438 -5.16 24.75 98.45
C PRO B 438 -4.57 25.98 97.78
N PHE B 439 -5.23 27.10 97.99
CA PHE B 439 -4.72 28.40 97.59
C PHE B 439 -4.09 29.11 98.78
N ALA B 440 -3.39 30.21 98.49
CA ALA B 440 -2.74 30.96 99.55
C ALA B 440 -3.75 31.49 100.55
N ASP B 441 -4.87 32.03 100.06
CA ASP B 441 -5.90 32.53 100.95
C ASP B 441 -6.58 31.42 101.73
N ASP B 442 -6.45 30.17 101.30
CA ASP B 442 -7.09 29.05 101.98
C ASP B 442 -6.29 28.58 103.18
N LYS B 443 -4.96 28.64 103.09
CA LYS B 443 -4.12 28.19 104.18
C LYS B 443 -4.35 29.04 105.42
N ARG B 444 -4.39 28.38 106.58
CA ARG B 444 -4.57 29.04 107.86
C ARG B 444 -3.23 29.20 108.56
N LYS B 445 -3.19 30.15 109.49
CA LYS B 445 -1.95 30.41 110.23
C LYS B 445 -1.62 29.26 111.16
N MET B 446 -0.33 28.91 111.22
CA MET B 446 0.11 27.94 112.19
C MET B 446 -0.07 28.51 113.61
N PRO B 447 -0.49 27.69 114.57
CA PRO B 447 -0.66 28.19 115.94
C PRO B 447 0.65 28.77 116.47
N PHE B 448 0.53 29.91 117.15
CA PHE B 448 1.72 30.64 117.58
C PHE B 448 2.45 29.90 118.70
N THR B 449 1.73 29.21 119.58
CA THR B 449 2.38 28.35 120.54
C THR B 449 3.02 27.19 119.79
N GLU B 450 4.34 27.05 119.92
CA GLU B 450 5.08 26.17 119.03
C GLU B 450 6.30 25.65 119.78
N LYS B 451 6.18 24.45 120.35
CA LYS B 451 7.24 23.89 121.19
C LYS B 451 7.40 22.41 120.90
N ILE B 452 8.27 21.78 121.67
CA ILE B 452 8.65 20.39 121.48
C ILE B 452 7.72 19.51 122.30
N MET B 453 7.67 18.22 121.95
CA MET B 453 6.70 17.30 122.54
C MET B 453 7.13 16.89 123.94
N ALA B 454 6.47 15.87 124.49
CA ALA B 454 6.63 15.51 125.89
C ALA B 454 7.05 14.04 126.01
N THR B 455 7.02 13.54 127.25
CA THR B 455 7.64 12.27 127.58
C THR B 455 6.85 11.09 126.98
N PRO B 456 7.51 9.97 126.73
CA PRO B 456 6.80 8.73 126.38
C PRO B 456 6.45 7.85 127.57
N GLU B 457 6.57 8.35 128.80
CA GLU B 457 6.17 7.55 129.95
C GLU B 457 4.66 7.29 129.91
N GLN B 458 3.89 8.28 129.45
CA GLN B 458 2.46 8.06 129.23
C GLN B 458 2.21 7.12 128.06
N VAL B 459 3.14 7.03 127.11
CA VAL B 459 2.94 6.08 126.02
C VAL B 459 2.91 4.66 126.57
N GLY B 460 3.72 4.38 127.59
CA GLY B 460 3.68 3.07 128.21
C GLY B 460 2.32 2.73 128.79
N LYS B 461 1.70 3.66 129.51
CA LYS B 461 0.42 3.38 130.14
C LYS B 461 -0.68 3.13 129.11
N MET B 462 -0.75 3.98 128.09
CA MET B 462 -1.83 3.95 127.12
C MET B 462 -1.53 3.09 125.92
N LYS B 463 -0.37 2.44 125.87
CA LYS B 463 -0.27 1.25 125.03
C LYS B 463 -1.44 0.33 125.32
N ALA B 464 -1.56 -0.10 126.57
CA ALA B 464 -2.62 -1.01 126.95
C ALA B 464 -3.99 -0.48 126.57
N ILE B 465 -4.18 0.85 126.63
CA ILE B 465 -5.44 1.42 126.17
C ILE B 465 -5.62 1.18 124.67
N VAL B 466 -4.59 1.51 123.88
CA VAL B 466 -4.79 1.60 122.44
C VAL B 466 -4.95 0.21 121.81
N GLU B 467 -4.15 -0.77 122.23
CA GLU B 467 -4.35 -2.10 121.66
C GLU B 467 -5.45 -2.89 122.35
N LYS B 468 -6.07 -2.38 123.41
CA LYS B 468 -7.13 -3.14 124.06
C LYS B 468 -8.41 -3.14 123.24
N LEU B 469 -9.00 -1.98 123.04
CA LEU B 469 -10.26 -1.88 122.32
C LEU B 469 -10.02 -1.29 120.94
N ARG B 470 -10.62 -1.92 119.94
CA ARG B 470 -10.40 -1.57 118.55
C ARG B 470 -11.63 -1.99 117.77
N PHE B 471 -11.74 -1.46 116.55
CA PHE B 471 -12.81 -1.86 115.65
C PHE B 471 -12.20 -2.22 114.30
N THR B 472 -13.06 -2.59 113.36
CA THR B 472 -12.62 -3.13 112.09
C THR B 472 -12.48 -2.08 111.00
N TYR B 473 -12.71 -0.81 111.30
CA TYR B 473 -12.73 0.25 110.30
C TYR B 473 -13.72 -0.09 109.18
N ARG B 474 -14.90 -0.55 109.59
CA ARG B 474 -15.94 -0.81 108.60
C ARG B 474 -16.46 0.53 108.11
N SER B 475 -16.02 0.93 106.92
CA SER B 475 -16.43 2.19 106.33
C SER B 475 -17.91 2.13 105.99
N ASP B 476 -18.50 0.93 106.07
CA ASP B 476 -19.90 0.73 105.73
C ASP B 476 -20.66 0.29 106.97
N SER B 477 -20.36 0.91 108.11
CA SER B 477 -20.95 0.53 109.39
C SER B 477 -21.90 1.59 109.93
N PHE B 478 -22.34 2.53 109.11
CA PHE B 478 -23.06 3.67 109.62
C PHE B 478 -23.69 4.46 108.47
N GLU B 479 -24.67 5.27 108.83
CA GLU B 479 -25.29 6.23 107.94
C GLU B 479 -25.49 7.51 108.75
N ASN B 480 -26.34 8.41 108.26
CA ASN B 480 -26.72 9.53 109.10
C ASN B 480 -27.97 9.16 109.88
N PRO B 481 -27.83 8.75 111.14
CA PRO B 481 -29.03 8.40 111.92
C PRO B 481 -29.94 9.58 112.13
N VAL B 482 -29.37 10.78 112.27
CA VAL B 482 -30.18 11.97 112.43
C VAL B 482 -31.17 12.09 111.28
N LEU B 483 -30.67 11.93 110.06
CA LEU B 483 -31.49 12.17 108.88
C LEU B 483 -32.61 11.14 108.77
N GLN B 484 -32.27 9.86 108.88
CA GLN B 484 -33.29 8.82 108.71
C GLN B 484 -34.35 8.91 109.80
N GLN B 485 -33.97 9.34 111.00
CA GLN B 485 -34.94 9.55 112.06
C GLN B 485 -36.03 10.49 111.59
N HIS B 486 -35.64 11.54 110.87
CA HIS B 486 -36.61 12.47 110.33
C HIS B 486 -37.56 11.74 109.39
N PHE B 487 -37.00 10.97 108.46
CA PHE B 487 -37.83 10.13 107.61
C PHE B 487 -38.77 9.29 108.45
N ARG B 488 -38.25 8.69 109.51
CA ARG B 488 -39.10 7.89 110.37
C ARG B 488 -40.18 8.77 110.96
N ASN B 489 -39.80 9.98 111.37
CA ASN B 489 -40.76 10.95 111.87
C ASN B 489 -41.75 11.34 110.78
N LEU B 490 -41.26 11.57 109.58
CA LEU B 490 -42.09 12.05 108.48
C LEU B 490 -43.19 11.05 108.15
N GLU B 491 -42.79 9.86 107.73
CA GLU B 491 -43.75 8.81 107.40
C GLU B 491 -44.51 8.28 108.60
N ALA B 492 -44.04 8.53 109.83
CA ALA B 492 -44.80 8.05 110.99
C ALA B 492 -46.20 8.61 110.98
N LEU B 493 -46.42 9.73 110.30
CA LEU B 493 -47.73 10.33 110.20
C LEU B 493 -48.53 9.63 109.11
N ALA B 494 -48.47 8.30 109.12
CA ALA B 494 -49.35 7.47 108.32
C ALA B 494 -49.81 6.25 109.09
N LEU B 495 -49.18 5.92 110.21
CA LEU B 495 -49.52 4.74 110.97
C LEU B 495 -49.84 5.05 112.42
N ASP B 496 -49.77 6.32 112.82
CA ASP B 496 -50.10 6.77 114.17
C ASP B 496 -49.25 6.01 115.19
N LEU B 497 -47.94 6.25 115.09
CA LEU B 497 -46.99 5.72 116.04
C LEU B 497 -45.97 6.80 116.32
N MET B 498 -45.52 6.88 117.58
CA MET B 498 -44.71 8.01 118.02
C MET B 498 -43.47 8.18 117.16
N GLU B 499 -42.68 7.12 117.02
CA GLU B 499 -41.58 7.12 116.09
C GLU B 499 -41.17 5.67 115.84
N PRO B 500 -41.14 5.23 114.59
CA PRO B 500 -40.82 3.83 114.30
C PRO B 500 -39.33 3.57 114.10
N GLU B 501 -38.89 2.43 114.64
CA GLU B 501 -37.53 1.90 114.49
C GLU B 501 -36.46 2.98 114.65
N GLN B 502 -36.35 3.49 115.88
CA GLN B 502 -35.29 4.43 116.21
C GLN B 502 -33.97 3.67 116.34
N ALA B 503 -33.07 3.86 115.39
CA ALA B 503 -31.83 3.10 115.33
C ALA B 503 -30.65 4.04 115.55
N VAL B 504 -29.77 3.67 116.48
CA VAL B 504 -28.47 4.31 116.66
C VAL B 504 -27.47 3.17 116.69
N ASP B 505 -26.85 2.88 115.56
CA ASP B 505 -25.98 1.72 115.42
C ASP B 505 -24.68 1.96 116.17
N LEU B 506 -23.69 1.10 115.93
CA LEU B 506 -22.41 1.18 116.63
C LEU B 506 -21.65 2.38 116.06
N THR B 507 -22.12 3.57 116.46
CA THR B 507 -21.49 4.82 116.05
C THR B 507 -21.28 5.79 117.20
N LEU B 508 -22.02 5.68 118.30
CA LEU B 508 -21.69 6.53 119.43
C LEU B 508 -20.96 5.73 120.49
N PRO B 509 -19.86 6.26 121.02
CA PRO B 509 -19.22 5.60 122.16
C PRO B 509 -20.08 5.65 123.40
N LYS B 510 -19.92 4.64 124.25
CA LYS B 510 -20.70 4.51 125.47
C LYS B 510 -19.81 4.75 126.68
N VAL B 511 -20.29 5.57 127.61
CA VAL B 511 -19.49 5.99 128.76
C VAL B 511 -19.15 4.82 129.67
N GLU B 512 -19.89 3.71 129.59
CA GLU B 512 -19.64 2.59 130.48
C GLU B 512 -19.53 1.28 129.72
N ALA B 513 -20.26 1.14 128.61
CA ALA B 513 -20.32 -0.14 127.93
C ALA B 513 -18.98 -0.46 127.29
N MET B 514 -18.53 0.38 126.36
CA MET B 514 -17.22 0.19 125.78
C MET B 514 -16.11 0.76 126.64
N ASN B 515 -16.43 1.60 127.62
CA ASN B 515 -15.43 1.97 128.62
C ASN B 515 -14.96 0.71 129.36
N LYS B 516 -15.89 -0.13 129.77
CA LYS B 516 -15.55 -1.37 130.43
C LYS B 516 -15.36 -2.52 129.46
N ARG B 517 -15.80 -2.37 128.21
CA ARG B 517 -15.36 -3.30 127.17
C ARG B 517 -13.87 -3.17 126.91
N LEU B 518 -13.37 -1.94 126.81
CA LEU B 518 -11.94 -1.72 126.93
C LEU B 518 -11.48 -2.03 128.34
N GLY B 519 -12.35 -1.88 129.30
CA GLY B 519 -12.02 -2.20 130.68
C GLY B 519 -11.66 -0.97 131.47
N SER B 520 -11.91 -1.02 132.77
CA SER B 520 -11.49 0.03 133.68
C SER B 520 -9.97 0.10 133.83
N LEU B 521 -9.23 -0.74 133.10
CA LEU B 521 -7.79 -0.57 133.04
C LEU B 521 -7.43 0.85 132.61
N VAL B 522 -8.21 1.40 131.67
CA VAL B 522 -8.02 2.81 131.30
C VAL B 522 -8.25 3.72 132.50
N ASP B 523 -9.21 3.36 133.36
CA ASP B 523 -9.37 4.09 134.60
C ASP B 523 -8.16 3.90 135.51
N GLU B 524 -7.57 2.70 135.48
CA GLU B 524 -6.35 2.46 136.25
C GLU B 524 -5.18 3.25 135.68
N PHE B 525 -5.01 3.24 134.36
CA PHE B 525 -3.91 4.00 133.77
C PHE B 525 -4.13 5.49 133.95
N LYS B 526 -3.49 6.04 134.97
CA LYS B 526 -3.43 7.47 135.22
C LYS B 526 -2.01 7.82 135.64
N GLU B 527 -1.26 8.44 134.72
CA GLU B 527 0.13 8.79 135.01
C GLU B 527 0.42 10.26 134.83
N LEU B 528 -0.49 11.03 134.26
CA LEU B 528 -0.38 12.48 134.24
C LEU B 528 -1.11 13.00 135.47
N VAL B 529 -0.34 13.53 136.43
CA VAL B 529 -0.91 13.93 137.70
C VAL B 529 -1.85 15.11 137.52
N TYR B 530 -2.81 15.24 138.43
CA TYR B 530 -3.76 16.34 138.48
C TYR B 530 -4.46 16.54 137.14
N PRO B 531 -5.43 15.71 136.80
CA PRO B 531 -6.30 16.02 135.67
C PRO B 531 -6.84 17.42 135.81
N PRO B 532 -6.48 18.34 134.90
CA PRO B 532 -6.77 19.76 135.11
C PRO B 532 -8.26 20.09 135.16
N ASP B 533 -9.13 19.18 134.75
CA ASP B 533 -10.56 19.46 134.77
C ASP B 533 -11.06 19.66 136.19
N TYR B 534 -12.10 20.48 136.31
CA TYR B 534 -12.68 20.79 137.62
C TYR B 534 -14.15 20.36 137.67
N ASN C 6 -8.02 41.31 113.95
CA ASN C 6 -6.61 41.66 114.07
C ASN C 6 -6.39 43.15 113.87
N LYS C 7 -5.38 43.70 114.54
CA LYS C 7 -5.04 45.12 114.46
C LYS C 7 -3.55 45.26 114.21
N ALA C 8 -3.17 46.36 113.56
CA ALA C 8 -1.78 46.59 113.22
C ALA C 8 -1.52 48.08 113.08
N ALA C 9 -0.24 48.44 113.17
CA ALA C 9 0.23 49.79 112.89
C ALA C 9 1.20 49.71 111.72
N VAL C 10 0.94 50.49 110.68
CA VAL C 10 1.73 50.46 109.46
C VAL C 10 2.01 51.90 109.02
N VAL C 11 3.25 52.14 108.61
CA VAL C 11 3.65 53.41 108.02
C VAL C 11 4.27 53.13 106.66
N LEU C 12 3.82 53.85 105.65
CA LEU C 12 4.20 53.56 104.27
C LEU C 12 5.44 54.38 103.91
N CYS C 13 6.59 53.71 103.89
CA CYS C 13 7.84 54.34 103.51
C CYS C 13 8.08 54.02 102.04
N MET C 14 7.76 54.98 101.19
CA MET C 14 7.82 54.77 99.75
C MET C 14 9.06 55.44 99.15
N ASP C 15 9.33 55.09 97.90
CA ASP C 15 10.48 55.60 97.19
C ASP C 15 10.02 56.46 96.01
N VAL C 16 10.82 57.47 95.70
CA VAL C 16 10.55 58.38 94.59
C VAL C 16 11.88 58.77 93.95
N GLY C 17 12.05 58.42 92.68
CA GLY C 17 13.31 58.65 92.01
C GLY C 17 13.45 57.83 90.75
N PHE C 18 13.97 58.45 89.69
CA PHE C 18 14.11 57.76 88.42
C PHE C 18 15.07 56.60 88.52
N THR C 19 16.19 56.78 89.22
CA THR C 19 17.11 55.67 89.43
C THR C 19 16.43 54.52 90.15
N MET C 20 15.51 54.84 91.05
CA MET C 20 14.67 53.84 91.68
C MET C 20 13.52 53.40 90.78
N SER C 21 13.36 54.01 89.62
CA SER C 21 12.57 53.45 88.53
C SER C 21 13.42 52.93 87.39
N ASN C 22 14.74 53.02 87.51
CA ASN C 22 15.64 52.51 86.48
C ASN C 22 15.47 51.00 86.36
N SER C 23 15.18 50.54 85.14
CA SER C 23 14.89 49.13 84.92
C SER C 23 15.31 48.77 83.50
N ILE C 24 14.84 47.62 83.05
CA ILE C 24 15.15 47.10 81.72
C ILE C 24 13.85 46.61 81.08
N PRO C 25 13.72 46.67 79.75
CA PRO C 25 12.50 46.17 79.11
C PRO C 25 12.30 44.68 79.39
N GLY C 26 11.04 44.31 79.57
CA GLY C 26 10.70 42.96 79.98
C GLY C 26 10.65 42.76 81.48
N ILE C 27 11.23 43.68 82.24
CA ILE C 27 11.14 43.68 83.70
C ILE C 27 10.55 45.01 84.12
N GLU C 28 9.46 44.95 84.90
CA GLU C 28 8.77 46.17 85.28
C GLU C 28 9.62 46.98 86.26
N SER C 29 9.32 48.26 86.34
CA SER C 29 9.98 49.12 87.30
C SER C 29 9.65 48.64 88.71
N PRO C 30 10.65 48.41 89.57
CA PRO C 30 10.34 48.09 90.96
C PRO C 30 9.50 49.15 91.63
N PHE C 31 9.64 50.40 91.18
CA PHE C 31 8.71 51.44 91.60
C PHE C 31 7.27 51.01 91.34
N GLU C 32 6.99 50.58 90.12
CA GLU C 32 5.64 50.15 89.75
C GLU C 32 5.30 48.77 90.31
N GLN C 33 6.27 47.86 90.35
CA GLN C 33 6.04 46.56 90.95
C GLN C 33 5.64 46.69 92.41
N ALA C 34 6.41 47.47 93.16
CA ALA C 34 6.08 47.69 94.56
C ALA C 34 4.72 48.38 94.70
N LYS C 35 4.44 49.35 93.83
CA LYS C 35 3.18 50.07 93.91
C LYS C 35 2.01 49.12 93.70
N LYS C 36 2.12 48.22 92.73
CA LYS C 36 1.05 47.27 92.48
C LYS C 36 0.83 46.36 93.68
N VAL C 37 1.91 45.95 94.34
CA VAL C 37 1.79 45.11 95.52
C VAL C 37 1.16 45.89 96.68
N ILE C 38 1.50 47.17 96.80
CA ILE C 38 1.03 47.93 97.95
C ILE C 38 -0.40 48.39 97.77
N THR C 39 -0.78 48.82 96.56
CA THR C 39 -2.18 49.10 96.31
C THR C 39 -3.02 47.84 96.47
N MET C 40 -2.41 46.68 96.20
CA MET C 40 -2.99 45.41 96.61
C MET C 40 -3.20 45.39 98.12
N PHE C 41 -2.15 45.72 98.89
CA PHE C 41 -2.31 45.80 100.34
C PHE C 41 -3.45 46.72 100.71
N VAL C 42 -3.47 47.93 100.13
CA VAL C 42 -4.47 48.90 100.53
C VAL C 42 -5.86 48.46 100.09
N GLN C 43 -5.99 47.94 98.86
CA GLN C 43 -7.31 47.52 98.41
C GLN C 43 -7.82 46.36 99.27
N ARG C 44 -6.96 45.42 99.62
CA ARG C 44 -7.35 44.39 100.57
C ARG C 44 -7.62 44.99 101.94
N GLN C 45 -6.89 46.05 102.29
CA GLN C 45 -7.11 46.72 103.56
C GLN C 45 -8.49 47.35 103.63
N VAL C 46 -8.94 47.98 102.55
CA VAL C 46 -10.17 48.75 102.56
C VAL C 46 -11.35 47.95 102.05
N PHE C 47 -11.20 47.26 100.93
CA PHE C 47 -12.31 46.49 100.36
C PHE C 47 -12.82 45.45 101.34
N ALA C 48 -11.91 44.78 102.04
CA ALA C 48 -12.29 43.79 103.02
C ALA C 48 -12.69 44.40 104.36
N GLU C 49 -12.71 45.73 104.44
CA GLU C 49 -13.10 46.44 105.67
C GLU C 49 -12.20 46.06 106.84
N ASN C 50 -10.92 46.37 106.69
CA ASN C 50 -9.93 46.17 107.74
C ASN C 50 -9.43 47.53 108.21
N LYS C 51 -9.29 47.67 109.52
CA LYS C 51 -8.99 48.95 110.15
C LYS C 51 -7.52 49.01 110.53
N ASP C 52 -6.84 50.06 110.09
CA ASP C 52 -5.46 50.30 110.48
C ASP C 52 -5.15 51.78 110.30
N GLU C 53 -4.09 52.22 110.95
CA GLU C 53 -3.60 53.59 110.83
C GLU C 53 -2.34 53.57 109.96
N ILE C 54 -2.40 54.30 108.85
CA ILE C 54 -1.31 54.33 107.89
C ILE C 54 -0.61 55.68 107.99
N ALA C 55 0.51 55.80 107.28
CA ALA C 55 1.21 57.07 107.14
C ALA C 55 2.18 56.95 105.99
N LEU C 56 2.27 58.01 105.18
CA LEU C 56 3.10 57.99 103.99
C LEU C 56 4.32 58.87 104.19
N VAL C 57 5.50 58.30 103.96
CA VAL C 57 6.76 59.02 103.96
C VAL C 57 7.55 58.60 102.73
N LEU C 58 8.24 59.56 102.12
CA LEU C 58 9.00 59.31 100.90
C LEU C 58 10.45 59.70 101.14
N PHE C 59 11.35 59.03 100.42
CA PHE C 59 12.76 59.40 100.43
C PHE C 59 13.23 59.59 99.00
N GLY C 60 14.28 60.40 98.85
CA GLY C 60 14.66 60.82 97.52
C GLY C 60 13.62 61.71 96.89
N THR C 61 12.88 62.47 97.69
CA THR C 61 11.84 63.33 97.15
C THR C 61 12.45 64.63 96.69
N ASP C 62 11.91 65.17 95.60
CA ASP C 62 12.32 66.48 95.13
C ASP C 62 11.86 67.49 96.17
N GLY C 63 12.77 67.87 97.05
CA GLY C 63 12.42 68.61 98.25
C GLY C 63 12.01 67.66 99.37
N THR C 64 11.83 68.25 100.55
CA THR C 64 11.46 67.50 101.73
C THR C 64 10.27 68.15 102.43
N ASP C 65 9.46 67.34 103.09
CA ASP C 65 8.37 67.83 103.91
C ASP C 65 8.47 67.41 105.36
N ASN C 66 9.42 66.56 105.72
CA ASN C 66 9.53 66.10 107.09
C ASN C 66 9.94 67.27 107.97
N PRO C 67 9.12 67.66 108.95
CA PRO C 67 9.48 68.82 109.78
C PRO C 67 10.77 68.64 110.55
N LEU C 68 11.04 67.43 111.03
CA LEU C 68 12.26 67.16 111.77
C LEU C 68 13.43 67.19 110.79
N SER C 69 14.17 68.31 110.79
CA SER C 69 15.35 68.36 109.94
C SER C 69 16.38 67.32 110.37
N GLY C 70 16.60 67.18 111.67
CA GLY C 70 17.47 66.15 112.21
C GLY C 70 18.87 66.17 111.64
N GLY C 71 19.46 67.36 111.56
CA GLY C 71 20.76 67.51 110.96
C GLY C 71 20.79 67.24 109.47
N ASP C 72 19.76 67.66 108.75
CA ASP C 72 19.64 67.52 107.30
C ASP C 72 19.72 66.07 106.84
N GLN C 73 19.67 65.10 107.75
CA GLN C 73 19.53 63.71 107.37
C GLN C 73 18.12 63.39 106.90
N TYR C 74 17.17 64.29 107.16
CA TYR C 74 15.78 64.10 106.79
C TYR C 74 15.40 64.91 105.56
N GLN C 75 16.38 65.28 104.74
CA GLN C 75 16.08 66.01 103.52
C GLN C 75 15.66 65.04 102.43
N ASN C 76 14.98 65.58 101.42
CA ASN C 76 14.33 64.80 100.37
C ASN C 76 13.31 63.83 100.95
N ILE C 77 12.79 64.13 102.13
CA ILE C 77 11.82 63.30 102.82
C ILE C 77 10.51 64.08 102.84
N THR C 78 9.53 63.61 102.06
CA THR C 78 8.23 64.25 101.99
C THR C 78 7.22 63.41 102.75
N VAL C 79 6.82 63.89 103.92
CA VAL C 79 5.74 63.27 104.67
C VAL C 79 4.42 63.69 104.06
N HIS C 80 3.60 62.70 103.67
CA HIS C 80 2.35 62.97 102.98
C HIS C 80 1.13 62.62 103.82
N ARG C 81 1.02 61.38 104.27
CA ARG C 81 -0.17 60.94 104.98
C ARG C 81 0.07 60.83 106.47
N HIS C 82 -1.03 60.83 107.21
CA HIS C 82 -1.00 60.82 108.67
C HIS C 82 -1.88 59.69 109.18
N LEU C 83 -2.18 59.67 110.47
CA LEU C 83 -2.99 58.60 111.01
C LEU C 83 -4.46 58.79 110.64
N MET C 84 -4.89 58.12 109.57
CA MET C 84 -6.30 57.92 109.28
C MET C 84 -6.47 56.59 108.58
N LEU C 85 -7.71 56.11 108.56
CA LEU C 85 -8.01 54.89 107.83
C LEU C 85 -7.76 55.11 106.34
N PRO C 86 -7.15 54.15 105.64
CA PRO C 86 -6.91 54.32 104.21
C PRO C 86 -8.20 54.53 103.44
N ASP C 87 -8.15 55.40 102.43
CA ASP C 87 -9.30 55.74 101.63
C ASP C 87 -8.94 55.67 100.15
N PHE C 88 -9.97 55.56 99.32
CA PHE C 88 -9.79 55.36 97.89
C PHE C 88 -9.07 56.54 97.25
N ASP C 89 -9.41 57.76 97.67
CA ASP C 89 -8.70 58.93 97.16
C ASP C 89 -7.22 58.91 97.56
N LEU C 90 -6.91 58.47 98.78
CA LEU C 90 -5.51 58.32 99.16
C LEU C 90 -4.79 57.36 98.23
N LEU C 91 -5.37 56.18 98.00
CA LEU C 91 -4.75 55.23 97.09
C LEU C 91 -4.67 55.78 95.68
N GLU C 92 -5.69 56.53 95.26
CA GLU C 92 -5.62 57.24 94.00
C GLU C 92 -4.46 58.22 94.00
N ASP C 93 -4.26 58.91 95.12
CA ASP C 93 -3.08 59.76 95.26
C ASP C 93 -1.80 58.94 95.18
N ILE C 94 -1.81 57.75 95.80
CA ILE C 94 -0.63 56.89 95.76
C ILE C 94 -0.30 56.54 94.32
N GLU C 95 -1.31 56.16 93.54
CA GLU C 95 -1.09 55.90 92.13
C GLU C 95 -0.62 57.16 91.41
N SER C 96 -1.27 58.28 91.68
CA SER C 96 -1.05 59.49 90.89
C SER C 96 0.17 60.27 91.38
N LYS C 97 0.15 60.71 92.64
CA LYS C 97 1.20 61.60 93.13
C LYS C 97 2.56 60.90 93.14
N ILE C 98 2.60 59.65 93.59
CA ILE C 98 3.87 58.95 93.78
C ILE C 98 4.35 58.53 92.39
N GLN C 99 5.23 59.33 91.81
CA GLN C 99 5.87 59.05 90.53
C GLN C 99 7.37 59.26 90.69
N PRO C 100 8.20 58.45 90.03
CA PRO C 100 9.63 58.48 90.31
C PRO C 100 10.23 59.83 89.94
N GLY C 101 10.80 60.49 90.94
CA GLY C 101 11.36 61.82 90.77
C GLY C 101 12.79 61.78 90.30
N SER C 102 13.52 62.86 90.62
CA SER C 102 14.91 63.02 90.23
C SER C 102 15.76 63.32 91.45
N GLN C 103 15.52 62.58 92.53
CA GLN C 103 16.22 62.80 93.79
C GLN C 103 16.40 61.47 94.49
N GLN C 104 17.55 61.31 95.15
CA GLN C 104 17.87 60.11 95.89
C GLN C 104 18.29 60.49 97.30
N ALA C 105 17.71 59.83 98.30
CA ALA C 105 18.07 60.03 99.68
C ALA C 105 18.25 58.68 100.34
N ASP C 106 18.98 58.66 101.46
CA ASP C 106 19.29 57.41 102.12
C ASP C 106 18.02 56.70 102.55
N PHE C 107 17.95 55.41 102.21
CA PHE C 107 16.85 54.57 102.69
C PHE C 107 16.90 54.37 104.20
N LEU C 108 18.10 54.38 104.78
CA LEU C 108 18.22 54.27 106.23
C LEU C 108 17.77 55.54 106.93
N ASP C 109 18.01 56.70 106.31
CA ASP C 109 17.45 57.94 106.86
C ASP C 109 15.94 57.90 106.86
N ALA C 110 15.34 57.43 105.77
CA ALA C 110 13.89 57.21 105.76
C ALA C 110 13.49 56.18 106.79
N LEU C 111 14.40 55.25 107.11
CA LEU C 111 14.13 54.29 108.17
C LEU C 111 14.02 54.99 109.52
N ILE C 112 14.89 55.98 109.77
CA ILE C 112 14.78 56.76 110.98
C ILE C 112 13.49 57.59 110.96
N VAL C 113 13.07 58.03 109.77
CA VAL C 113 11.78 58.69 109.64
C VAL C 113 10.67 57.77 110.15
N SER C 114 10.72 56.50 109.75
CA SER C 114 9.64 55.57 110.06
C SER C 114 9.52 55.33 111.56
N MET C 115 10.64 55.08 112.23
CA MET C 115 10.58 54.86 113.68
C MET C 115 10.04 56.10 114.37
N ASP C 116 10.42 57.28 113.91
CA ASP C 116 9.98 58.52 114.54
C ASP C 116 8.47 58.66 114.45
N VAL C 117 7.91 58.52 113.25
CA VAL C 117 6.48 58.70 113.09
C VAL C 117 5.70 57.57 113.75
N ILE C 118 6.23 56.33 113.68
CA ILE C 118 5.51 55.21 114.29
C ILE C 118 5.55 55.33 115.81
N GLN C 119 6.62 55.90 116.35
CA GLN C 119 6.64 56.16 117.79
C GLN C 119 5.76 57.34 118.15
N HIS C 120 5.58 58.29 117.22
CA HIS C 120 4.59 59.33 117.41
C HIS C 120 3.18 58.75 117.39
N GLU C 121 2.94 57.80 116.50
CA GLU C 121 1.60 57.22 116.33
C GLU C 121 1.30 56.11 117.30
N THR C 122 2.27 55.68 118.10
CA THR C 122 2.05 54.66 119.11
C THR C 122 1.72 55.26 120.48
N ILE C 123 1.58 56.59 120.56
CA ILE C 123 1.31 57.27 121.82
C ILE C 123 -0.17 57.16 122.14
N GLY C 124 -0.54 56.13 122.91
CA GLY C 124 -1.91 55.95 123.32
C GLY C 124 -2.84 55.42 122.26
N LYS C 125 -2.33 54.99 121.11
CA LYS C 125 -3.16 54.47 120.04
C LYS C 125 -3.23 52.95 120.11
N LYS C 126 -4.45 52.42 120.01
CA LYS C 126 -4.65 50.99 120.13
C LYS C 126 -4.12 50.28 118.88
N PHE C 127 -3.11 49.43 119.08
CA PHE C 127 -2.51 48.67 117.99
C PHE C 127 -2.16 47.29 118.49
N GLU C 128 -2.46 46.28 117.69
CA GLU C 128 -2.09 44.90 117.98
C GLU C 128 -0.86 44.46 117.20
N LYS C 129 -0.27 45.34 116.39
CA LYS C 129 0.90 45.00 115.59
C LYS C 129 1.55 46.28 115.10
N ARG C 130 2.88 46.28 115.07
CA ARG C 130 3.66 47.37 114.49
C ARG C 130 4.46 46.80 113.34
N HIS C 131 4.25 47.34 112.14
CA HIS C 131 4.95 46.86 110.97
C HIS C 131 5.47 48.03 110.14
N ILE C 132 6.58 47.79 109.45
CA ILE C 132 7.21 48.76 108.57
C ILE C 132 7.27 48.20 107.16
N GLU C 133 6.99 49.06 106.18
CA GLU C 133 6.92 48.65 104.78
C GLU C 133 7.87 49.54 103.97
N ILE C 134 8.85 48.91 103.33
CA ILE C 134 9.85 49.61 102.54
C ILE C 134 10.22 48.78 101.33
N PHE C 135 10.44 49.46 100.20
CA PHE C 135 10.88 48.80 98.98
C PHE C 135 11.77 49.75 98.21
N THR C 136 12.94 49.27 97.81
CA THR C 136 13.88 50.06 97.04
C THR C 136 14.68 49.12 96.15
N ASP C 137 14.91 49.55 94.90
CA ASP C 137 15.70 48.78 93.96
C ASP C 137 17.20 48.98 94.16
N LEU C 138 17.61 49.52 95.31
CA LEU C 138 19.01 49.76 95.63
C LEU C 138 19.66 50.69 94.61
N SER C 139 19.18 51.93 94.57
CA SER C 139 19.87 53.01 93.87
C SER C 139 19.83 54.27 94.72
N SER C 140 20.03 54.09 96.02
CA SER C 140 20.11 55.20 96.97
C SER C 140 21.32 54.98 97.87
N ARG C 141 21.81 56.07 98.43
CA ARG C 141 22.97 55.99 99.30
C ARG C 141 22.63 55.23 100.58
N PHE C 142 23.63 54.51 101.08
CA PHE C 142 23.55 53.79 102.34
C PHE C 142 24.26 54.56 103.44
N SER C 143 24.19 54.03 104.65
CA SER C 143 24.77 54.72 105.81
C SER C 143 25.06 53.70 106.90
N LYS C 144 25.91 54.11 107.84
CA LYS C 144 26.28 53.26 108.97
C LYS C 144 26.17 53.96 110.32
N SER C 145 26.19 55.29 110.36
CA SER C 145 26.14 56.01 111.63
C SER C 145 24.84 55.79 112.38
N GLN C 146 23.78 55.38 111.67
CA GLN C 146 22.48 55.17 112.27
C GLN C 146 22.25 53.73 112.70
N LEU C 147 23.27 52.88 112.63
CA LEU C 147 23.08 51.46 112.94
C LEU C 147 22.65 51.25 114.39
N ASP C 148 23.24 52.00 115.32
CA ASP C 148 22.91 51.79 116.74
C ASP C 148 21.48 52.22 117.04
N ILE C 149 21.07 53.38 116.53
CA ILE C 149 19.74 53.88 116.85
C ILE C 149 18.66 53.02 116.20
N ILE C 150 18.89 52.56 114.98
CA ILE C 150 17.90 51.71 114.32
C ILE C 150 17.80 50.36 115.01
N ILE C 151 18.95 49.82 115.45
CA ILE C 151 18.95 48.54 116.15
C ILE C 151 18.21 48.66 117.48
N HIS C 152 18.47 49.73 118.23
CA HIS C 152 17.78 49.93 119.49
C HIS C 152 16.29 50.20 119.27
N SER C 153 15.94 50.83 118.16
CA SER C 153 14.53 51.08 117.88
C SER C 153 13.77 49.79 117.63
N LEU C 154 14.33 48.91 116.78
CA LEU C 154 13.69 47.62 116.52
C LEU C 154 13.80 46.69 117.71
N LYS C 155 14.75 46.93 118.61
CA LYS C 155 14.95 46.08 119.77
C LYS C 155 14.12 46.55 120.96
N LYS C 156 14.05 47.86 121.19
CA LYS C 156 13.25 48.39 122.29
C LYS C 156 11.82 48.66 121.86
N CYS C 157 11.63 49.56 120.89
CA CYS C 157 10.27 49.88 120.44
C CYS C 157 9.66 48.70 119.68
N ASP C 158 10.48 47.81 119.14
CA ASP C 158 10.07 46.52 118.60
C ASP C 158 9.02 46.68 117.49
N ILE C 159 9.46 47.29 116.40
CA ILE C 159 8.63 47.51 115.23
C ILE C 159 9.09 46.57 114.13
N SER C 160 8.20 45.70 113.68
CA SER C 160 8.52 44.76 112.63
C SER C 160 8.64 45.47 111.29
N LEU C 161 9.34 44.84 110.35
CA LEU C 161 9.58 45.43 109.05
C LEU C 161 9.67 44.32 108.01
N GLN C 162 9.51 44.72 106.75
CA GLN C 162 9.65 43.80 105.63
C GLN C 162 10.04 44.58 104.39
N PHE C 163 10.77 43.92 103.50
CA PHE C 163 11.27 44.57 102.29
C PHE C 163 11.61 43.48 101.29
N PHE C 164 11.81 43.91 100.04
CA PHE C 164 12.27 43.02 99.00
C PHE C 164 13.14 43.80 98.03
N LEU C 165 13.88 43.05 97.22
CA LEU C 165 14.89 43.62 96.33
C LEU C 165 14.60 43.16 94.92
N PRO C 166 15.37 43.58 93.91
CA PRO C 166 15.31 42.91 92.61
C PRO C 166 16.07 41.60 92.56
N PHE C 167 16.61 41.16 93.69
CA PHE C 167 17.40 39.94 93.77
C PHE C 167 16.76 38.99 94.79
N SER C 168 16.69 37.72 94.43
CA SER C 168 16.12 36.69 95.29
C SER C 168 17.23 35.90 95.96
N LEU C 169 17.10 35.69 97.27
CA LEU C 169 18.05 34.89 98.04
C LEU C 169 17.41 33.68 98.69
N GLY C 170 16.23 33.84 99.29
CA GLY C 170 15.57 32.73 99.95
C GLY C 170 16.29 32.27 101.20
N GLY C 181 15.79 32.78 83.60
CA GLY C 181 16.43 33.00 82.32
C GLY C 181 15.66 33.97 81.45
N PRO C 182 14.58 33.50 80.82
CA PRO C 182 13.77 34.39 79.98
C PRO C 182 13.11 35.48 80.79
N PHE C 183 12.96 36.64 80.16
CA PHE C 183 12.36 37.78 80.84
C PHE C 183 10.96 37.46 81.30
N ARG C 184 10.66 37.80 82.56
CA ARG C 184 9.36 37.55 83.14
C ARG C 184 8.98 38.70 84.07
N LEU C 185 7.71 39.11 84.00
CA LEU C 185 7.22 40.14 84.90
C LEU C 185 7.28 39.68 86.35
N GLY C 186 6.95 38.42 86.60
CA GLY C 186 6.96 37.91 87.96
C GLY C 186 7.92 36.76 88.20
N GLY C 187 8.27 36.04 87.14
CA GLY C 187 9.26 35.00 87.25
C GLY C 187 10.67 35.54 87.15
N HIS C 188 11.63 34.62 87.15
CA HIS C 188 13.03 34.99 87.03
C HIS C 188 13.32 35.38 85.59
N GLY C 189 13.65 36.64 85.36
CA GLY C 189 14.07 37.08 84.06
C GLY C 189 15.52 36.75 83.85
N PRO C 190 16.31 37.72 83.41
CA PRO C 190 17.76 37.52 83.36
C PRO C 190 18.30 37.31 84.76
N SER C 191 19.43 36.62 84.84
CA SER C 191 20.05 36.37 86.13
C SER C 191 20.30 37.69 86.87
N PHE C 192 20.00 37.70 88.16
CA PHE C 192 20.08 38.90 89.00
C PHE C 192 21.26 38.79 89.94
N PRO C 193 22.45 39.24 89.55
CA PRO C 193 23.59 39.21 90.47
C PRO C 193 23.64 40.43 91.38
N LEU C 194 23.54 40.21 92.69
CA LEU C 194 23.68 41.30 93.64
C LEU C 194 25.13 41.65 93.94
N LYS C 195 26.07 40.92 93.34
CA LYS C 195 27.47 41.29 93.38
C LYS C 195 27.93 42.03 92.13
N GLY C 196 27.27 41.79 91.00
CA GLY C 196 27.56 42.48 89.76
C GLY C 196 26.93 43.84 89.64
N ILE C 197 26.39 44.38 90.74
CA ILE C 197 25.78 45.68 90.76
C ILE C 197 26.76 46.66 91.40
N THR C 198 26.42 47.95 91.32
CA THR C 198 27.25 48.95 91.96
C THR C 198 27.27 48.73 93.47
N GLU C 199 28.37 49.10 94.10
CA GLU C 199 28.65 48.66 95.45
C GLU C 199 27.72 49.28 96.49
N GLN C 200 27.17 50.47 96.21
CA GLN C 200 26.25 51.07 97.17
C GLN C 200 25.00 50.22 97.34
N GLN C 201 24.55 49.60 96.25
CA GLN C 201 23.43 48.67 96.34
C GLN C 201 23.78 47.51 97.26
N LYS C 202 24.93 46.89 97.01
CA LYS C 202 25.37 45.76 97.82
C LYS C 202 25.60 46.17 99.27
N GLU C 203 26.19 47.34 99.48
CA GLU C 203 26.41 47.83 100.83
C GLU C 203 25.08 48.06 101.54
N GLY C 204 24.14 48.72 100.85
CA GLY C 204 22.79 48.80 101.37
C GLY C 204 22.19 47.42 101.59
N LEU C 205 22.44 46.51 100.65
CA LEU C 205 21.96 45.13 100.78
C LEU C 205 22.57 44.44 102.00
N GLU C 206 23.89 44.59 102.18
CA GLU C 206 24.56 43.94 103.30
C GLU C 206 24.12 44.53 104.62
N ILE C 207 24.07 45.87 104.71
CA ILE C 207 23.71 46.52 105.96
C ILE C 207 22.27 46.19 106.34
N VAL C 208 21.36 46.21 105.37
CA VAL C 208 19.97 45.93 105.69
C VAL C 208 19.78 44.50 106.16
N LYS C 209 20.48 43.54 105.53
CA LYS C 209 20.21 42.13 105.82
C LYS C 209 20.73 41.75 107.20
N MET C 210 21.91 42.23 107.57
CA MET C 210 22.44 41.94 108.90
C MET C 210 21.59 42.59 109.98
N VAL C 211 21.00 43.76 109.67
CA VAL C 211 20.06 44.40 110.59
C VAL C 211 18.79 43.57 110.75
N MET C 212 18.24 43.08 109.64
CA MET C 212 16.91 42.50 109.65
C MET C 212 16.95 41.02 110.01
N ILE C 213 18.10 40.36 109.85
CA ILE C 213 18.31 39.08 110.50
C ILE C 213 18.63 39.27 111.97
N SER C 214 19.06 40.47 112.38
CA SER C 214 19.25 40.74 113.80
C SER C 214 17.92 40.98 114.51
N LEU C 215 16.97 41.61 113.81
CA LEU C 215 15.68 41.94 114.42
C LEU C 215 14.74 40.74 114.42
N GLU C 216 14.41 40.23 113.24
CA GLU C 216 13.44 39.16 113.09
C GLU C 216 14.05 37.77 113.28
N GLY C 217 15.35 37.69 113.54
CA GLY C 217 16.01 36.42 113.73
C GLY C 217 16.12 35.63 112.44
N GLU C 218 15.38 34.53 112.36
CA GLU C 218 15.38 33.69 111.18
C GLU C 218 14.18 33.97 110.27
N ASP C 219 13.37 34.96 110.59
CA ASP C 219 12.32 35.43 109.71
C ASP C 219 12.83 36.39 108.64
N GLY C 220 14.15 36.44 108.44
CA GLY C 220 14.75 37.40 107.53
C GLY C 220 15.06 36.91 106.14
N LEU C 221 15.74 35.76 106.04
CA LEU C 221 16.18 35.27 104.75
C LEU C 221 15.02 34.89 103.84
N ASP C 222 13.86 34.57 104.42
CA ASP C 222 12.71 34.18 103.61
C ASP C 222 12.14 35.35 102.83
N GLU C 223 12.21 36.57 103.38
CA GLU C 223 11.62 37.73 102.73
C GLU C 223 12.63 38.47 101.85
N ILE C 224 13.54 37.73 101.21
CA ILE C 224 14.46 38.32 100.26
C ILE C 224 14.14 37.77 98.88
N TYR C 225 13.28 38.46 98.15
CA TYR C 225 12.87 38.06 96.81
C TYR C 225 13.36 39.07 95.79
N SER C 226 13.39 38.65 94.54
CA SER C 226 13.39 39.61 93.44
C SER C 226 12.02 40.28 93.38
N PHE C 227 12.01 41.54 92.93
CA PHE C 227 10.77 42.28 92.88
C PHE C 227 9.74 41.61 91.97
N SER C 228 10.22 40.85 90.98
CA SER C 228 9.31 40.04 90.18
C SER C 228 8.67 38.94 91.01
N GLU C 229 9.47 38.23 91.81
CA GLU C 229 8.94 37.13 92.60
C GLU C 229 7.94 37.61 93.63
N SER C 230 8.24 38.72 94.31
CA SER C 230 7.25 39.32 95.20
C SER C 230 6.02 39.76 94.45
N LEU C 231 6.19 40.16 93.19
CA LEU C 231 5.07 40.55 92.34
C LEU C 231 4.13 39.39 92.04
N ARG C 232 4.63 38.15 92.07
CA ARG C 232 3.78 36.99 91.86
C ARG C 232 3.27 36.39 93.17
N LYS C 233 4.19 35.93 94.01
CA LYS C 233 3.86 35.10 95.14
C LYS C 233 3.75 35.93 96.41
N LEU C 234 3.62 35.25 97.55
CA LEU C 234 3.41 35.92 98.82
C LEU C 234 4.63 36.73 99.20
N CYS C 235 4.44 38.03 99.35
CA CYS C 235 5.46 38.94 99.86
C CYS C 235 5.01 39.63 101.14
N VAL C 236 3.79 40.17 101.15
CA VAL C 236 3.25 40.86 102.32
C VAL C 236 2.04 40.13 102.89
N PHE C 237 1.45 39.20 102.15
CA PHE C 237 0.26 38.49 102.60
C PHE C 237 0.49 37.88 103.98
N LYS C 238 1.65 37.24 104.14
CA LYS C 238 1.96 36.52 105.37
C LYS C 238 2.12 37.45 106.57
N LYS C 239 2.67 38.65 106.36
CA LYS C 239 2.89 39.55 107.48
C LYS C 239 1.57 39.96 108.14
N ILE C 240 0.56 40.24 107.33
CA ILE C 240 -0.78 40.52 107.85
C ILE C 240 -1.69 39.37 107.42
N GLU C 241 -1.82 38.35 108.27
CA GLU C 241 -2.61 37.17 107.95
C GLU C 241 -3.45 36.78 109.15
N ARG C 242 -4.58 36.13 108.88
CA ARG C 242 -5.55 35.78 109.92
C ARG C 242 -5.14 34.50 110.62
N HIS C 243 -5.03 34.56 111.94
CA HIS C 243 -4.69 33.40 112.76
C HIS C 243 -5.94 32.59 113.07
N SER C 244 -5.73 31.29 113.24
CA SER C 244 -6.84 30.40 113.60
C SER C 244 -7.39 30.77 114.98
N ILE C 245 -8.71 30.70 115.12
CA ILE C 245 -9.40 31.11 116.34
C ILE C 245 -9.64 29.89 117.21
N HIS C 246 -9.50 30.07 118.52
CA HIS C 246 -9.67 28.98 119.48
C HIS C 246 -11.10 28.44 119.43
N TRP C 247 -11.22 27.16 119.71
CA TRP C 247 -12.53 26.53 119.92
C TRP C 247 -12.53 25.84 121.27
N PRO C 248 -13.29 26.33 122.25
CA PRO C 248 -13.39 25.61 123.52
C PRO C 248 -14.03 24.24 123.32
N CYS C 249 -13.25 23.18 123.55
CA CYS C 249 -13.73 21.82 123.44
C CYS C 249 -13.01 20.96 124.47
N ARG C 250 -13.48 19.73 124.64
CA ARG C 250 -12.90 18.83 125.61
C ARG C 250 -12.84 17.42 125.04
N LEU C 251 -11.81 16.69 125.41
CA LEU C 251 -11.66 15.28 125.10
C LEU C 251 -11.85 14.47 126.36
N THR C 252 -12.78 13.53 126.33
CA THR C 252 -13.01 12.62 127.44
C THR C 252 -12.82 11.20 126.96
N ILE C 253 -11.99 10.44 127.66
CA ILE C 253 -11.76 9.04 127.37
C ILE C 253 -11.93 8.26 128.67
N GLY C 254 -12.79 7.24 128.64
CA GLY C 254 -13.04 6.49 129.85
C GLY C 254 -13.79 7.31 130.88
N SER C 255 -13.49 7.05 132.15
CA SER C 255 -14.12 7.78 133.24
C SER C 255 -13.12 8.39 134.22
N ASN C 256 -11.82 8.23 134.00
CA ASN C 256 -10.84 8.90 134.86
C ASN C 256 -10.27 10.17 134.22
N LEU C 257 -9.94 10.13 132.93
CA LEU C 257 -9.21 11.20 132.28
C LEU C 257 -10.10 11.92 131.29
N SER C 258 -10.08 13.25 131.35
CA SER C 258 -10.73 14.08 130.36
C SER C 258 -9.92 15.37 130.27
N ILE C 259 -9.60 15.77 129.05
CA ILE C 259 -8.72 16.91 128.81
C ILE C 259 -9.41 17.88 127.88
N ARG C 260 -9.31 19.17 128.19
CA ARG C 260 -9.87 20.20 127.33
C ARG C 260 -8.99 20.38 126.10
N ILE C 261 -9.62 20.66 124.97
CA ILE C 261 -8.91 20.78 123.69
C ILE C 261 -9.35 22.04 122.97
N ALA C 262 -8.49 22.51 122.07
CA ALA C 262 -8.78 23.66 121.23
C ALA C 262 -8.64 23.25 119.78
N ALA C 263 -9.71 23.43 119.01
CA ALA C 263 -9.74 23.05 117.61
C ALA C 263 -9.57 24.29 116.74
N TYR C 264 -9.06 24.07 115.52
CA TYR C 264 -8.79 25.16 114.61
C TYR C 264 -9.02 24.67 113.19
N LYS C 265 -9.62 25.52 112.36
CA LYS C 265 -9.86 25.19 110.97
C LYS C 265 -8.64 25.50 110.13
N SER C 266 -8.40 24.68 109.12
CA SER C 266 -7.26 24.86 108.22
C SER C 266 -7.66 25.17 106.79
N ILE C 267 -8.80 24.68 106.33
CA ILE C 267 -9.25 24.88 104.95
C ILE C 267 -10.62 25.55 105.00
N LEU C 268 -10.86 26.47 104.08
CA LEU C 268 -12.14 27.16 104.00
C LEU C 268 -12.38 27.59 102.56
N GLN C 269 -13.65 27.86 102.24
CA GLN C 269 -14.01 28.48 100.98
C GLN C 269 -14.06 29.99 101.20
N GLU C 270 -13.12 30.71 100.58
CA GLU C 270 -13.07 32.15 100.73
C GLU C 270 -14.30 32.78 100.11
N ARG C 271 -14.90 33.74 100.82
CA ARG C 271 -16.13 34.35 100.38
C ARG C 271 -16.26 35.74 100.99
N VAL C 272 -17.20 36.51 100.46
CA VAL C 272 -17.37 37.91 100.84
C VAL C 272 -18.53 38.03 101.81
N LYS C 273 -18.31 38.74 102.91
CA LYS C 273 -19.39 39.01 103.84
C LYS C 273 -20.45 39.92 103.22
N LYS C 274 -20.05 40.76 102.28
CA LYS C 274 -20.93 41.76 101.70
C LYS C 274 -21.74 41.16 100.54
N THR C 275 -22.64 41.97 99.98
CA THR C 275 -23.50 41.56 98.89
C THR C 275 -23.58 42.67 97.85
N TRP C 276 -23.96 42.27 96.63
CA TRP C 276 -24.19 43.22 95.55
C TRP C 276 -25.54 43.89 95.78
N THR C 277 -25.52 44.91 96.64
CA THR C 277 -26.75 45.59 97.02
C THR C 277 -27.47 46.09 95.79
N VAL C 278 -28.77 45.81 95.74
CA VAL C 278 -29.55 46.15 94.57
C VAL C 278 -29.92 47.62 94.61
N VAL C 279 -29.53 48.36 93.58
CA VAL C 279 -30.00 49.71 93.37
C VAL C 279 -30.51 49.80 91.94
N ASP C 280 -31.51 50.65 91.74
CA ASP C 280 -31.99 50.87 90.39
C ASP C 280 -30.97 51.70 89.62
N ALA C 281 -31.05 51.62 88.30
CA ALA C 281 -30.17 52.44 87.48
C ALA C 281 -30.64 53.88 87.37
N LYS C 282 -31.91 54.16 87.71
CA LYS C 282 -32.45 55.50 87.61
C LYS C 282 -32.29 56.29 88.90
N THR C 283 -32.33 55.62 90.05
CA THR C 283 -32.18 56.27 91.33
C THR C 283 -30.94 55.83 92.09
N LEU C 284 -30.31 54.72 91.69
CA LEU C 284 -29.03 54.29 92.25
C LEU C 284 -29.15 54.15 93.77
N LYS C 285 -30.24 53.53 94.21
CA LYS C 285 -30.51 53.40 95.63
C LYS C 285 -31.40 52.18 95.85
N LYS C 286 -31.42 51.74 97.11
CA LYS C 286 -32.28 50.62 97.53
C LYS C 286 -33.70 51.05 97.83
N GLU C 287 -33.98 52.35 97.83
CA GLU C 287 -35.22 52.87 98.38
C GLU C 287 -36.42 52.70 97.45
N ASP C 288 -36.22 52.12 96.27
CA ASP C 288 -37.30 51.83 95.34
C ASP C 288 -37.38 50.34 95.03
N ILE C 289 -36.64 49.52 95.77
CA ILE C 289 -36.56 48.11 95.47
C ILE C 289 -37.12 47.37 96.68
N GLN C 290 -38.09 48.00 97.33
CA GLN C 290 -38.62 47.46 98.58
C GLN C 290 -39.25 46.10 98.34
N LYS C 291 -39.04 45.19 99.29
CA LYS C 291 -39.32 43.79 99.06
C LYS C 291 -40.82 43.57 98.95
N GLU C 292 -41.21 42.64 98.09
CA GLU C 292 -42.60 42.21 98.02
C GLU C 292 -42.63 40.84 97.34
N THR C 293 -42.96 39.81 98.11
CA THR C 293 -43.06 38.45 97.58
C THR C 293 -44.39 37.87 98.00
N VAL C 294 -45.25 37.59 97.02
CA VAL C 294 -46.65 37.29 97.25
C VAL C 294 -46.99 35.94 96.65
N TYR C 295 -48.00 35.29 97.21
CA TYR C 295 -48.31 33.89 96.93
C TYR C 295 -49.80 33.75 96.62
N CYS C 296 -50.16 33.60 95.35
CA CYS C 296 -51.57 33.45 95.01
C CYS C 296 -51.90 31.96 94.92
N LEU C 297 -53.11 31.60 95.33
CA LEU C 297 -53.64 30.29 94.99
C LEU C 297 -53.46 30.03 93.51
N ASN C 298 -52.70 28.98 93.20
CA ASN C 298 -52.24 28.69 91.85
C ASN C 298 -53.28 28.04 91.00
N ASP C 299 -54.53 28.07 91.44
CA ASP C 299 -55.62 27.58 90.61
C ASP C 299 -55.76 28.46 89.37
N ASP C 300 -56.69 28.08 88.50
CA ASP C 300 -57.02 28.95 87.38
C ASP C 300 -57.37 30.35 87.88
N ASP C 301 -58.03 30.44 89.03
CA ASP C 301 -58.22 31.70 89.71
C ASP C 301 -57.07 31.90 90.68
N GLU C 302 -56.24 32.89 90.41
CA GLU C 302 -55.24 33.32 91.37
C GLU C 302 -55.92 33.88 92.61
N THR C 303 -55.31 33.62 93.77
CA THR C 303 -55.87 34.12 95.03
C THR C 303 -54.73 34.21 96.02
N GLU C 304 -54.32 35.42 96.37
CA GLU C 304 -53.23 35.58 97.31
C GLU C 304 -53.58 34.91 98.63
N VAL C 305 -52.67 34.08 99.13
CA VAL C 305 -52.85 33.41 100.41
C VAL C 305 -51.95 34.08 101.43
N LEU C 306 -52.49 34.29 102.62
CA LEU C 306 -51.71 34.92 103.68
C LEU C 306 -50.56 34.02 104.09
N LYS C 307 -49.40 34.64 104.36
CA LYS C 307 -48.17 33.88 104.57
C LYS C 307 -48.30 32.92 105.74
N GLU C 308 -48.88 33.38 106.84
CA GLU C 308 -49.03 32.53 108.02
C GLU C 308 -49.93 31.32 107.76
N ASP C 309 -50.78 31.37 106.74
CA ASP C 309 -51.63 30.22 106.41
C ASP C 309 -50.85 29.08 105.79
N ILE C 310 -49.52 29.20 105.79
CA ILE C 310 -48.68 28.20 105.17
C ILE C 310 -48.79 26.85 105.88
N ILE C 311 -48.71 25.79 105.08
CA ILE C 311 -48.44 24.44 105.55
C ILE C 311 -47.30 23.90 104.72
N GLN C 312 -46.33 23.28 105.38
CA GLN C 312 -45.10 22.84 104.74
C GLN C 312 -45.01 21.32 104.80
N GLY C 313 -45.67 20.67 103.85
CA GLY C 313 -45.60 19.23 103.75
C GLY C 313 -44.40 18.77 102.94
N PHE C 314 -44.16 17.47 102.99
CA PHE C 314 -43.06 16.89 102.25
C PHE C 314 -43.61 15.85 101.28
N ARG C 315 -42.91 15.67 100.16
CA ARG C 315 -43.28 14.63 99.22
C ARG C 315 -43.00 13.27 99.83
N TYR C 316 -44.01 12.41 99.84
CA TYR C 316 -43.83 11.03 100.28
C TYR C 316 -44.37 10.14 99.17
N GLY C 317 -43.47 9.42 98.51
CA GLY C 317 -43.88 8.72 97.30
C GLY C 317 -44.41 9.73 96.32
N SER C 318 -45.60 9.46 95.80
CA SER C 318 -46.28 10.40 94.93
C SER C 318 -47.09 11.43 95.69
N ASP C 319 -47.04 11.40 97.03
CA ASP C 319 -47.89 12.24 97.85
C ASP C 319 -47.06 13.27 98.60
N ILE C 320 -47.69 14.41 98.87
CA ILE C 320 -47.07 15.47 99.65
C ILE C 320 -47.78 15.50 101.00
N VAL C 321 -47.26 14.78 101.98
CA VAL C 321 -47.98 14.67 103.23
C VAL C 321 -47.79 15.98 104.00
N PRO C 322 -48.87 16.69 104.32
CA PRO C 322 -48.72 18.02 104.93
C PRO C 322 -48.09 17.94 106.30
N PHE C 323 -47.07 18.76 106.50
CA PHE C 323 -46.27 18.79 107.72
C PHE C 323 -46.25 20.20 108.28
N SER C 324 -46.28 20.29 109.61
CA SER C 324 -46.06 21.57 110.27
C SER C 324 -44.56 21.75 110.45
N LYS C 325 -44.17 22.78 111.19
CA LYS C 325 -42.77 23.00 111.53
C LYS C 325 -42.46 22.72 112.99
N VAL C 326 -43.35 23.13 113.90
CA VAL C 326 -43.09 22.97 115.33
C VAL C 326 -43.01 21.49 115.68
N ASP C 327 -43.87 20.68 115.08
CA ASP C 327 -43.76 19.23 115.23
C ASP C 327 -42.36 18.76 114.86
N GLU C 328 -41.97 18.97 113.60
CA GLU C 328 -40.65 18.55 113.15
C GLU C 328 -39.57 19.21 113.99
N GLU C 329 -39.83 20.42 114.48
CA GLU C 329 -38.94 21.05 115.44
C GLU C 329 -38.82 20.23 116.72
N GLN C 330 -39.78 19.37 117.02
CA GLN C 330 -39.74 18.61 118.26
C GLN C 330 -39.14 17.21 118.08
N MET C 331 -39.77 16.38 117.26
CA MET C 331 -39.37 14.97 117.25
C MET C 331 -38.16 14.72 116.36
N LYS C 332 -37.45 15.78 115.94
CA LYS C 332 -36.21 15.54 115.23
C LYS C 332 -35.16 15.00 116.18
N TYR C 333 -34.03 14.57 115.62
CA TYR C 333 -32.90 14.15 116.41
C TYR C 333 -31.72 15.07 116.10
N LYS C 334 -30.85 15.25 117.10
CA LYS C 334 -29.75 16.18 116.99
C LYS C 334 -28.51 15.58 117.63
N SER C 335 -27.35 16.13 117.27
CA SER C 335 -26.12 15.78 117.96
C SER C 335 -26.20 16.21 119.41
N GLU C 336 -25.48 15.48 120.27
CA GLU C 336 -25.56 15.72 121.70
C GLU C 336 -24.36 16.56 122.12
N GLY C 337 -24.46 17.86 121.86
CA GLY C 337 -23.58 18.84 122.44
C GLY C 337 -22.27 19.04 121.71
N LYS C 338 -21.51 20.01 122.22
CA LYS C 338 -20.16 20.33 121.75
C LYS C 338 -19.17 19.33 122.35
N CYS C 339 -19.25 18.10 121.86
CA CYS C 339 -18.50 16.99 122.42
C CYS C 339 -17.61 16.37 121.36
N PHE C 340 -16.50 15.79 121.81
CA PHE C 340 -15.55 15.21 120.88
C PHE C 340 -14.80 14.10 121.59
N SER C 341 -14.94 12.88 121.11
CA SER C 341 -14.25 11.74 121.69
C SER C 341 -14.11 10.65 120.64
N VAL C 342 -13.03 9.88 120.76
CA VAL C 342 -12.76 8.84 119.78
C VAL C 342 -13.74 7.68 119.99
N LEU C 343 -14.05 7.00 118.88
CA LEU C 343 -14.95 5.86 118.92
C LEU C 343 -14.29 4.57 118.46
N GLY C 344 -13.65 4.57 117.29
CA GLY C 344 -13.11 3.37 116.70
C GLY C 344 -11.61 3.46 116.47
N PHE C 345 -11.05 2.33 116.05
CA PHE C 345 -9.61 2.24 115.85
C PHE C 345 -9.32 1.26 114.73
N CYS C 346 -8.23 1.52 114.02
CA CYS C 346 -7.69 0.61 113.02
C CYS C 346 -6.33 1.15 112.59
N LYS C 347 -5.64 0.40 111.75
CA LYS C 347 -4.33 0.85 111.32
C LYS C 347 -4.44 1.89 110.23
N SER C 348 -3.37 2.67 110.07
CA SER C 348 -3.37 3.79 109.14
C SER C 348 -3.48 3.34 107.68
N SER C 349 -3.18 2.08 107.39
CA SER C 349 -3.14 1.63 105.99
C SER C 349 -4.52 1.42 105.40
N GLN C 350 -5.56 1.32 106.23
CA GLN C 350 -6.89 1.02 105.74
C GLN C 350 -7.59 2.23 105.14
N VAL C 351 -7.05 3.44 105.37
CA VAL C 351 -7.71 4.65 104.90
C VAL C 351 -7.68 4.70 103.37
N GLN C 352 -8.69 5.33 102.79
CA GLN C 352 -8.76 5.54 101.35
C GLN C 352 -8.52 6.99 101.00
N ARG C 353 -7.57 7.23 100.10
CA ARG C 353 -7.34 8.56 99.59
C ARG C 353 -8.60 9.13 98.95
N ARG C 354 -9.45 8.27 98.42
CA ARG C 354 -10.66 8.69 97.74
C ARG C 354 -11.85 8.84 98.68
N PHE C 355 -11.88 8.07 99.76
CA PHE C 355 -13.07 8.01 100.61
C PHE C 355 -12.96 9.11 101.67
N PHE C 356 -13.44 10.29 101.31
CA PHE C 356 -13.26 11.48 102.14
C PHE C 356 -14.45 12.41 101.97
N MET C 357 -14.74 13.16 103.03
CA MET C 357 -15.40 14.46 102.88
C MET C 357 -14.70 15.43 103.82
N GLY C 358 -15.38 16.53 104.09
CA GLY C 358 -14.89 17.61 104.92
C GLY C 358 -14.46 18.75 104.04
N ASN C 359 -15.37 19.68 103.80
CA ASN C 359 -15.03 20.84 102.98
C ASN C 359 -13.96 21.70 103.64
N GLN C 360 -14.00 21.81 104.97
CA GLN C 360 -12.91 22.43 105.70
C GLN C 360 -11.86 21.38 106.06
N VAL C 361 -10.75 21.83 106.63
CA VAL C 361 -9.81 20.97 107.32
C VAL C 361 -9.64 21.54 108.72
N LEU C 362 -9.74 20.68 109.73
CA LEU C 362 -9.74 21.11 111.11
C LEU C 362 -8.53 20.54 111.82
N LYS C 363 -7.80 21.41 112.52
CA LYS C 363 -6.65 21.01 113.31
C LYS C 363 -6.96 21.26 114.78
N VAL C 364 -6.73 20.25 115.61
CA VAL C 364 -7.15 20.28 117.00
C VAL C 364 -5.93 20.21 117.90
N PHE C 365 -5.94 21.01 118.96
CA PHE C 365 -4.86 21.01 119.93
C PHE C 365 -5.49 21.11 121.30
N ALA C 366 -4.65 21.15 122.33
CA ALA C 366 -5.15 21.23 123.68
C ALA C 366 -5.67 22.63 123.99
N ALA C 367 -6.46 22.73 125.05
CA ALA C 367 -6.80 24.03 125.57
C ALA C 367 -5.55 24.72 126.11
N ARG C 368 -5.40 26.00 125.78
CA ARG C 368 -4.18 26.72 126.12
C ARG C 368 -4.16 27.01 127.62
N ASP C 369 -3.00 27.49 128.08
CA ASP C 369 -2.75 27.71 129.51
C ASP C 369 -2.89 26.41 130.29
N ASP C 370 -2.74 25.28 129.61
CA ASP C 370 -2.79 23.96 130.24
C ASP C 370 -1.81 23.07 129.48
N GLU C 371 -0.59 22.98 130.01
CA GLU C 371 0.44 22.18 129.35
C GLU C 371 0.23 20.69 129.59
N ALA C 372 -0.50 20.33 130.64
CA ALA C 372 -0.78 18.93 130.90
C ALA C 372 -1.57 18.30 129.76
N ALA C 373 -2.61 19.00 129.28
CA ALA C 373 -3.38 18.50 128.15
C ALA C 373 -2.51 18.43 126.90
N ALA C 374 -1.66 19.43 126.67
CA ALA C 374 -0.74 19.40 125.54
C ALA C 374 0.23 18.24 125.66
N VAL C 375 0.76 18.01 126.87
CA VAL C 375 1.65 16.88 127.10
C VAL C 375 0.92 15.58 126.78
N ALA C 376 -0.33 15.44 127.24
CA ALA C 376 -1.10 14.23 126.96
C ALA C 376 -1.31 14.05 125.47
N LEU C 377 -1.71 15.12 124.77
CA LEU C 377 -1.86 15.00 123.32
C LEU C 377 -0.54 14.71 122.63
N SER C 378 0.52 15.40 123.05
CA SER C 378 1.83 15.11 122.51
C SER C 378 2.21 13.66 122.80
N SER C 379 1.93 13.21 124.02
CA SER C 379 2.15 11.81 124.33
C SER C 379 1.22 10.91 123.53
N LEU C 380 -0.06 11.29 123.40
CA LEU C 380 -1.00 10.46 122.65
C LEU C 380 -0.60 10.36 121.19
N ILE C 381 -0.12 11.46 120.61
CA ILE C 381 0.37 11.44 119.25
C ILE C 381 1.46 10.40 119.08
N HIS C 382 2.40 10.35 120.04
CA HIS C 382 3.51 9.43 119.93
C HIS C 382 3.03 8.00 119.73
N ALA C 383 2.01 7.60 120.51
CA ALA C 383 1.54 6.21 120.45
C ALA C 383 1.15 5.81 119.04
N LEU C 384 0.09 6.42 118.52
CA LEU C 384 -0.37 6.01 117.21
C LEU C 384 0.61 6.43 116.13
N ASP C 385 1.60 7.26 116.45
CA ASP C 385 2.68 7.51 115.51
C ASP C 385 3.66 6.34 115.48
N ASP C 386 4.25 6.01 116.64
CA ASP C 386 5.12 4.85 116.68
C ASP C 386 4.34 3.58 116.40
N LEU C 387 3.02 3.62 116.54
CA LEU C 387 2.16 2.49 116.21
C LEU C 387 1.60 2.56 114.80
N ASP C 388 1.84 3.68 114.08
CA ASP C 388 1.29 3.87 112.73
C ASP C 388 -0.22 3.61 112.74
N MET C 389 -0.88 4.11 113.77
CA MET C 389 -2.24 3.75 114.11
C MET C 389 -3.14 4.93 113.77
N VAL C 390 -4.40 4.66 113.44
CA VAL C 390 -5.36 5.73 113.25
C VAL C 390 -6.58 5.46 114.10
N ALA C 391 -7.17 6.54 114.60
CA ALA C 391 -8.32 6.47 115.48
C ALA C 391 -9.50 7.13 114.82
N ILE C 392 -10.68 6.59 115.07
CA ILE C 392 -11.91 7.09 114.49
C ILE C 392 -12.62 7.88 115.58
N VAL C 393 -12.55 9.20 115.49
CA VAL C 393 -13.10 10.11 116.49
C VAL C 393 -14.44 10.64 116.00
N ARG C 394 -15.46 10.50 116.84
CA ARG C 394 -16.76 11.10 116.54
C ARG C 394 -16.67 12.61 116.69
N TYR C 395 -17.34 13.32 115.77
CA TYR C 395 -17.27 14.77 115.69
C TYR C 395 -18.67 15.33 115.85
N ALA C 396 -19.05 15.67 117.07
CA ALA C 396 -20.29 16.42 117.31
C ALA C 396 -19.87 17.80 117.84
N TYR C 397 -19.65 18.72 116.90
CA TYR C 397 -19.13 20.04 117.25
C TYR C 397 -20.04 20.79 118.20
N ASP C 398 -21.35 20.59 118.08
CA ASP C 398 -22.35 21.22 118.93
C ASP C 398 -23.70 20.62 118.57
N LYS C 399 -24.75 21.12 119.22
CA LYS C 399 -26.10 20.63 118.94
C LYS C 399 -26.66 21.20 117.64
N ARG C 400 -26.03 22.22 117.07
CA ARG C 400 -26.59 22.92 115.92
C ARG C 400 -26.49 22.12 114.61
N ALA C 401 -26.08 20.86 114.64
CA ALA C 401 -26.00 20.03 113.46
C ALA C 401 -25.93 18.57 113.89
N ASN C 402 -26.04 17.67 112.91
CA ASN C 402 -25.87 16.26 113.23
C ASN C 402 -24.39 15.95 113.46
N PRO C 403 -24.08 14.89 114.21
CA PRO C 403 -22.68 14.57 114.46
C PRO C 403 -21.93 14.27 113.18
N GLN C 404 -20.68 14.70 113.12
CA GLN C 404 -19.79 14.33 112.02
C GLN C 404 -18.97 13.12 112.40
N VAL C 405 -18.47 12.43 111.39
CA VAL C 405 -17.84 11.13 111.58
C VAL C 405 -16.67 11.00 110.63
N GLY C 406 -15.64 10.32 111.07
CA GLY C 406 -14.48 10.08 110.25
C GLY C 406 -13.26 9.81 111.12
N VAL C 407 -12.14 9.60 110.44
CA VAL C 407 -10.89 9.22 111.08
C VAL C 407 -10.04 10.46 111.28
N ALA C 408 -9.32 10.50 112.39
CA ALA C 408 -8.33 11.53 112.65
C ALA C 408 -6.95 10.95 112.38
N PHE C 409 -6.17 11.65 111.58
CA PHE C 409 -4.83 11.20 111.25
C PHE C 409 -3.80 12.11 111.90
N PRO C 410 -2.65 11.56 112.29
CA PRO C 410 -1.62 12.40 112.91
C PRO C 410 -1.01 13.36 111.91
N HIS C 411 -0.50 14.48 112.43
CA HIS C 411 0.18 15.47 111.64
C HIS C 411 1.61 15.61 112.13
N ILE C 412 2.55 15.56 111.22
CA ILE C 412 3.95 15.70 111.56
C ILE C 412 4.32 17.17 111.55
N LYS C 413 5.30 17.52 112.36
CA LYS C 413 5.77 18.90 112.45
C LYS C 413 7.13 18.90 113.13
N HIS C 414 7.94 19.93 112.82
CA HIS C 414 9.20 20.14 113.50
C HIS C 414 9.02 20.46 114.98
N ASN C 415 7.79 20.75 115.38
CA ASN C 415 7.43 20.97 116.78
C ASN C 415 6.13 20.18 116.97
N TYR C 416 5.38 20.54 118.02
CA TYR C 416 4.17 19.84 118.44
C TYR C 416 3.39 19.26 117.28
N GLU C 417 3.05 17.98 117.36
CA GLU C 417 2.33 17.36 116.27
C GLU C 417 0.85 17.71 116.36
N CYS C 418 0.08 17.26 115.37
CA CYS C 418 -1.33 17.58 115.34
C CYS C 418 -2.12 16.38 114.84
N LEU C 419 -3.43 16.45 115.05
CA LEU C 419 -4.36 15.47 114.53
C LEU C 419 -5.47 16.22 113.79
N VAL C 420 -5.88 15.67 112.65
CA VAL C 420 -6.86 16.33 111.80
C VAL C 420 -8.00 15.35 111.52
N TYR C 421 -9.20 15.74 111.90
CA TYR C 421 -10.39 14.94 111.60
C TYR C 421 -10.84 15.18 110.17
N VAL C 422 -11.22 14.10 109.49
CA VAL C 422 -11.69 14.16 108.11
C VAL C 422 -12.98 13.35 108.03
N GLN C 423 -13.98 13.89 107.36
CA GLN C 423 -15.23 13.17 107.20
C GLN C 423 -15.07 12.01 106.24
N LEU C 424 -15.81 10.94 106.51
CA LEU C 424 -15.75 9.71 105.75
C LEU C 424 -17.10 9.39 105.12
N PRO C 425 -17.12 8.81 103.92
CA PRO C 425 -18.37 8.69 103.17
C PRO C 425 -19.45 7.91 103.90
N PHE C 426 -20.69 8.36 103.75
CA PHE C 426 -21.84 7.57 104.13
C PHE C 426 -22.20 6.59 103.02
N MET C 427 -22.98 5.58 103.39
CA MET C 427 -23.58 4.71 102.39
C MET C 427 -24.50 5.47 101.46
N GLU C 428 -25.21 6.46 102.01
CA GLU C 428 -26.14 7.25 101.22
C GLU C 428 -25.40 8.09 100.17
N ASP C 429 -24.22 8.59 100.50
CA ASP C 429 -23.51 9.50 99.60
C ASP C 429 -22.61 8.79 98.60
N LEU C 430 -22.56 7.47 98.64
CA LEU C 430 -21.66 6.71 97.80
C LEU C 430 -22.31 6.41 96.44
N ARG C 431 -21.57 6.69 95.37
CA ARG C 431 -22.01 6.28 94.05
C ARG C 431 -21.58 4.84 93.78
N GLN C 432 -22.36 4.17 92.94
CA GLN C 432 -22.08 2.78 92.57
C GLN C 432 -21.80 2.64 91.08
N TYR C 433 -21.43 3.74 90.42
CA TYR C 433 -21.11 3.67 89.00
C TYR C 433 -19.88 2.80 88.80
N MET C 434 -20.09 1.61 88.23
CA MET C 434 -19.03 0.66 87.96
C MET C 434 -18.77 0.61 86.46
N PHE C 435 -17.51 0.38 86.11
CA PHE C 435 -17.09 0.44 84.71
C PHE C 435 -16.04 -0.63 84.46
N SER C 436 -15.93 -1.03 83.20
CA SER C 436 -14.97 -2.05 82.82
C SER C 436 -13.55 -1.53 82.97
N SER C 437 -12.63 -2.45 83.23
CA SER C 437 -11.23 -2.11 83.40
C SER C 437 -10.57 -1.99 82.04
N LEU C 438 -9.91 -0.85 81.80
CA LEU C 438 -9.27 -0.61 80.52
C LEU C 438 -8.05 -1.48 80.32
N LYS C 439 -7.50 -2.05 81.39
CA LYS C 439 -6.36 -2.95 81.25
C LYS C 439 -6.74 -4.16 80.40
N ASN C 440 -7.93 -4.71 80.62
CA ASN C 440 -8.43 -5.82 79.83
C ASN C 440 -9.21 -5.37 78.61
N SER C 441 -9.17 -4.09 78.27
CA SER C 441 -9.89 -3.59 77.10
C SER C 441 -9.27 -4.22 75.86
N LYS C 442 -9.95 -5.22 75.30
CA LYS C 442 -9.47 -5.88 74.11
C LYS C 442 -9.41 -4.94 72.91
N LYS C 443 -10.16 -3.84 72.96
CA LYS C 443 -10.21 -2.92 71.84
C LYS C 443 -8.94 -2.10 71.74
N TYR C 444 -8.30 -1.80 72.86
CA TYR C 444 -7.15 -0.91 72.88
C TYR C 444 -6.10 -1.42 73.85
N ALA C 445 -4.86 -1.38 73.41
CA ALA C 445 -3.73 -1.78 74.22
C ALA C 445 -2.68 -0.69 74.19
N PRO C 446 -1.93 -0.52 75.28
CA PRO C 446 -0.82 0.45 75.26
C PRO C 446 0.27 -0.03 74.32
N THR C 447 0.68 0.86 73.42
CA THR C 447 1.79 0.60 72.53
C THR C 447 3.05 1.26 73.05
N GLU C 448 4.19 0.65 72.75
CA GLU C 448 5.47 1.26 73.07
C GLU C 448 5.58 2.67 72.48
N ALA C 449 4.91 2.91 71.36
CA ALA C 449 4.91 4.26 70.79
C ALA C 449 4.26 5.24 71.74
N GLN C 450 3.04 4.96 72.18
CA GLN C 450 2.41 5.86 73.14
C GLN C 450 3.09 5.76 74.50
N LEU C 451 3.60 4.58 74.84
CA LEU C 451 4.38 4.45 76.07
C LEU C 451 5.52 5.46 76.07
N ASN C 452 6.31 5.48 75.01
CA ASN C 452 7.36 6.48 74.88
C ASN C 452 6.76 7.88 74.86
N ALA C 453 5.65 8.05 74.15
CA ALA C 453 4.98 9.35 74.14
C ALA C 453 4.64 9.79 75.57
N VAL C 454 4.10 8.86 76.36
CA VAL C 454 3.87 9.16 77.78
C VAL C 454 5.19 9.39 78.48
N ASP C 455 6.16 8.50 78.27
CA ASP C 455 7.44 8.62 78.96
C ASP C 455 8.17 9.90 78.60
N ALA C 456 7.98 10.38 77.37
CA ALA C 456 8.72 11.56 76.92
C ALA C 456 8.32 12.81 77.70
N LEU C 457 7.07 12.87 78.17
CA LEU C 457 6.68 13.95 79.06
C LEU C 457 6.84 13.61 80.53
N ILE C 458 6.96 12.33 80.88
CA ILE C 458 7.19 11.97 82.28
C ILE C 458 8.51 12.55 82.75
N ASP C 459 9.56 12.36 81.96
CA ASP C 459 10.90 12.76 82.32
C ASP C 459 11.22 14.19 81.94
N SER C 460 10.69 14.66 80.81
CA SER C 460 10.90 16.06 80.43
C SER C 460 10.21 16.99 81.42
N MET C 461 8.98 16.66 81.81
CA MET C 461 8.16 17.53 82.64
C MET C 461 8.08 17.04 84.07
N SER C 462 8.49 17.90 85.00
CA SER C 462 8.23 17.76 86.42
C SER C 462 8.38 19.14 87.04
N LEU C 463 7.65 19.40 88.11
CA LEU C 463 7.68 20.69 88.78
C LEU C 463 8.36 20.66 90.14
N ALA C 464 8.93 19.53 90.54
CA ALA C 464 9.73 19.47 91.74
C ALA C 464 11.18 19.79 91.39
N LYS C 465 11.92 20.25 92.39
CA LYS C 465 13.33 20.57 92.21
C LYS C 465 14.15 19.32 92.52
N LYS C 466 14.76 18.75 91.48
CA LYS C 466 15.48 17.49 91.57
C LYS C 466 16.94 17.74 91.22
N ASP C 467 17.80 17.77 92.23
CA ASP C 467 19.24 17.82 92.00
C ASP C 467 19.97 16.85 92.91
N GLU C 468 19.43 16.60 94.09
CA GLU C 468 20.12 15.75 95.06
C GLU C 468 19.11 15.04 95.96
N LYS C 469 19.54 13.91 96.52
CA LYS C 469 18.73 13.22 97.52
C LYS C 469 18.67 13.99 98.82
N THR C 470 19.81 14.52 99.28
CA THR C 470 19.82 15.28 100.52
C THR C 470 18.98 16.53 100.41
N ASP C 471 18.77 17.03 99.20
CA ASP C 471 17.89 18.17 98.96
C ASP C 471 16.49 17.64 98.68
N THR C 472 15.60 17.81 99.66
CA THR C 472 14.22 17.37 99.49
C THR C 472 13.58 18.10 98.32
N LEU C 473 12.85 17.34 97.50
CA LEU C 473 12.22 17.91 96.32
C LEU C 473 11.17 18.94 96.73
N GLU C 474 11.16 20.07 96.03
CA GLU C 474 10.26 21.18 96.35
C GLU C 474 9.72 21.76 95.05
N ASP C 475 8.58 22.45 95.17
CA ASP C 475 7.92 23.03 94.01
C ASP C 475 8.70 24.26 93.56
N LEU C 476 9.36 24.14 92.41
CA LEU C 476 10.05 25.28 91.82
C LEU C 476 9.09 26.40 91.45
N PHE C 477 7.83 26.08 91.19
CA PHE C 477 6.81 27.08 90.91
C PHE C 477 5.63 26.78 91.83
N PRO C 478 5.69 27.26 93.08
CA PRO C 478 4.69 26.87 94.07
C PRO C 478 3.29 27.28 93.65
N THR C 479 2.33 26.42 93.97
CA THR C 479 0.93 26.63 93.60
C THR C 479 0.00 26.87 94.77
N THR C 480 0.29 26.29 95.94
CA THR C 480 -0.51 26.56 97.12
C THR C 480 -0.26 27.95 97.67
N LYS C 481 0.77 28.63 97.20
CA LYS C 481 1.09 30.00 97.63
C LYS C 481 0.46 31.04 96.72
N ILE C 482 -0.68 30.71 96.11
CA ILE C 482 -1.40 31.62 95.23
C ILE C 482 -2.87 31.60 95.65
N PRO C 483 -3.46 32.72 96.05
CA PRO C 483 -4.85 32.72 96.51
C PRO C 483 -5.84 32.68 95.37
N ASN C 484 -7.12 32.81 95.69
CA ASN C 484 -8.15 32.84 94.66
C ASN C 484 -7.94 34.06 93.77
N PRO C 485 -7.73 33.88 92.47
CA PRO C 485 -7.49 35.04 91.60
C PRO C 485 -8.66 36.01 91.52
N ARG C 486 -9.87 35.56 91.85
CA ARG C 486 -11.04 36.38 91.61
C ARG C 486 -11.00 37.65 92.46
N PHE C 487 -10.54 37.53 93.71
CA PHE C 487 -10.71 38.61 94.67
C PHE C 487 -9.97 39.87 94.22
N GLN C 488 -8.70 39.73 93.86
CA GLN C 488 -7.98 40.89 93.38
C GLN C 488 -8.49 41.31 92.00
N ARG C 489 -8.93 40.34 91.20
CA ARG C 489 -9.55 40.68 89.92
C ARG C 489 -10.82 41.49 90.16
N LEU C 490 -11.61 41.09 91.16
CA LEU C 490 -12.65 41.96 91.68
C LEU C 490 -12.08 43.31 92.07
N PHE C 491 -11.01 43.30 92.86
CA PHE C 491 -10.45 44.56 93.34
C PHE C 491 -9.97 45.41 92.18
N GLN C 492 -9.50 44.75 91.11
CA GLN C 492 -9.05 45.46 89.92
C GLN C 492 -10.18 46.32 89.35
N CYS C 493 -11.34 45.70 89.11
CA CYS C 493 -12.45 46.45 88.54
C CYS C 493 -13.06 47.43 89.54
N LEU C 494 -13.06 47.07 90.83
CA LEU C 494 -13.62 47.98 91.83
C LEU C 494 -12.92 49.32 91.80
N LEU C 495 -11.59 49.32 91.88
CA LEU C 495 -10.83 50.55 91.72
C LEU C 495 -10.93 51.07 90.29
N HIS C 496 -11.09 50.17 89.32
CA HIS C 496 -11.25 50.59 87.94
C HIS C 496 -12.49 51.47 87.78
N ARG C 497 -13.57 51.13 88.45
CA ARG C 497 -14.78 51.94 88.40
C ARG C 497 -14.75 53.04 89.45
N ALA C 498 -14.17 52.76 90.62
CA ALA C 498 -14.12 53.77 91.67
C ALA C 498 -13.28 54.97 91.24
N LEU C 499 -12.06 54.71 90.76
CA LEU C 499 -11.23 55.83 90.30
C LEU C 499 -11.73 56.36 88.97
N HIS C 500 -12.29 55.48 88.13
CA HIS C 500 -12.73 55.85 86.78
C HIS C 500 -14.20 55.44 86.65
N PRO C 501 -15.11 56.29 87.11
CA PRO C 501 -16.54 55.95 86.98
C PRO C 501 -16.99 55.75 85.55
N ARG C 502 -16.39 56.45 84.59
CA ARG C 502 -16.81 56.35 83.19
C ARG C 502 -16.05 55.28 82.43
N GLU C 503 -14.92 54.82 82.94
CA GLU C 503 -14.13 53.83 82.22
C GLU C 503 -14.84 52.48 82.20
N PRO C 504 -14.89 51.81 81.06
CA PRO C 504 -15.43 50.44 81.03
C PRO C 504 -14.54 49.47 81.78
N LEU C 505 -14.83 48.18 81.64
CA LEU C 505 -14.16 47.08 82.31
C LEU C 505 -12.65 47.25 82.35
N PRO C 506 -11.99 46.77 83.41
CA PRO C 506 -10.53 46.77 83.44
C PRO C 506 -9.98 45.88 82.33
N PRO C 507 -8.78 46.16 81.86
CA PRO C 507 -8.24 45.42 80.71
C PRO C 507 -7.93 43.97 81.04
N ILE C 508 -7.39 43.24 80.05
CA ILE C 508 -7.13 41.82 80.23
C ILE C 508 -6.09 41.60 81.32
N GLN C 509 -5.11 42.49 81.42
CA GLN C 509 -4.19 42.53 82.56
C GLN C 509 -3.47 41.18 82.73
N GLN C 510 -2.59 40.94 81.75
CA GLN C 510 -1.79 39.74 81.58
C GLN C 510 -1.25 39.16 82.89
N HIS C 511 -0.97 40.03 83.85
CA HIS C 511 -0.17 39.65 85.01
C HIS C 511 -0.78 38.50 85.80
N ILE C 512 -2.10 38.33 85.74
CA ILE C 512 -2.70 37.18 86.41
C ILE C 512 -2.24 35.88 85.76
N TRP C 513 -2.18 35.84 84.43
CA TRP C 513 -1.61 34.67 83.78
C TRP C 513 -0.16 34.50 84.18
N ASN C 514 0.60 35.60 84.20
CA ASN C 514 2.03 35.48 84.41
C ASN C 514 2.36 34.95 85.79
N MET C 515 1.58 35.35 86.81
CA MET C 515 1.77 34.75 88.12
C MET C 515 1.40 33.27 88.10
N LEU C 516 0.62 32.84 87.12
CA LEU C 516 0.16 31.46 87.01
C LEU C 516 0.73 30.75 85.80
N ASN C 517 1.42 31.46 84.91
CA ASN C 517 1.98 30.85 83.73
C ASN C 517 3.05 29.83 84.14
N PRO C 518 3.15 28.70 83.44
CA PRO C 518 4.21 27.72 83.75
C PRO C 518 5.58 28.29 83.47
N PRO C 519 6.62 27.78 84.13
CA PRO C 519 7.99 28.21 83.80
C PRO C 519 8.28 28.05 82.32
N ALA C 520 8.61 29.18 81.67
CA ALA C 520 8.76 29.17 80.21
C ALA C 520 9.86 28.22 79.78
N GLU C 521 10.97 28.21 80.52
CA GLU C 521 12.04 27.26 80.22
C GLU C 521 11.54 25.83 80.32
N VAL C 522 10.74 25.54 81.35
CA VAL C 522 10.09 24.24 81.43
C VAL C 522 9.09 24.08 80.31
N THR C 523 8.34 25.15 80.01
CA THR C 523 7.37 25.08 78.92
C THR C 523 8.05 24.82 77.59
N THR C 524 9.14 25.54 77.30
CA THR C 524 9.89 25.25 76.08
C THR C 524 10.53 23.86 76.16
N LYS C 525 11.02 23.50 77.34
CA LYS C 525 11.47 22.13 77.54
C LYS C 525 10.34 21.15 77.31
N SER C 526 9.11 21.55 77.57
CA SER C 526 7.97 20.74 77.18
C SER C 526 7.78 20.75 75.68
N GLN C 527 8.04 21.91 75.06
CA GLN C 527 7.77 22.05 73.63
C GLN C 527 8.57 21.07 72.81
N ILE C 528 9.70 20.59 73.34
CA ILE C 528 10.59 19.72 72.59
C ILE C 528 9.95 18.34 72.40
N PRO C 529 9.57 17.61 73.47
CA PRO C 529 8.98 16.29 73.25
C PRO C 529 7.52 16.33 72.84
N LEU C 530 6.73 17.27 73.38
CA LEU C 530 5.29 17.25 73.09
C LEU C 530 5.01 17.37 71.60
N SER C 531 5.89 18.05 70.88
CA SER C 531 5.71 18.19 69.43
C SER C 531 5.72 16.84 68.75
N LYS C 532 6.76 16.04 69.01
CA LYS C 532 6.81 14.71 68.42
C LYS C 532 5.76 13.79 69.03
N ILE C 533 5.41 14.01 70.30
CA ILE C 533 4.38 13.20 70.94
C ILE C 533 3.03 13.43 70.28
N LYS C 534 2.67 14.70 70.06
CA LYS C 534 1.46 14.98 69.30
C LYS C 534 1.50 14.33 67.93
N THR C 535 2.56 14.59 67.17
CA THR C 535 2.62 14.11 65.80
C THR C 535 2.64 12.60 65.74
N LEU C 536 3.05 11.94 66.82
CA LEU C 536 3.03 10.48 66.86
C LEU C 536 1.60 9.96 66.69
N PHE C 537 0.68 10.44 67.52
CA PHE C 537 -0.70 9.98 67.51
C PHE C 537 -1.65 11.16 67.52
N PRO C 538 -1.84 11.82 66.38
CA PRO C 538 -2.92 12.80 66.26
C PRO C 538 -4.28 12.13 66.37
N LEU C 539 -5.26 12.89 66.84
CA LEU C 539 -6.59 12.36 67.10
C LEU C 539 -7.65 13.24 66.44
N ILE C 540 -8.81 12.63 66.20
CA ILE C 540 -9.92 13.28 65.52
C ILE C 540 -11.05 13.52 66.50
N GLU C 541 -11.85 14.54 66.21
CA GLU C 541 -12.89 15.04 67.10
C GLU C 541 -14.16 15.28 66.30
N ALA C 542 -15.29 15.25 67.01
CA ALA C 542 -16.57 15.54 66.37
C ALA C 542 -16.86 17.04 66.42
N LYS C 543 -18.00 17.43 65.85
CA LYS C 543 -18.33 18.84 65.69
C LYS C 543 -19.09 19.33 66.91
N LYS C 544 -19.61 20.56 66.85
CA LYS C 544 -20.21 21.24 67.98
C LYS C 544 -19.27 21.19 69.20
N LYS C 545 -18.16 21.89 69.02
CA LYS C 545 -17.17 22.07 70.07
C LYS C 545 -16.72 23.52 70.11
N ASP C 546 -17.67 24.44 69.98
CA ASP C 546 -17.37 25.85 69.84
C ASP C 546 -18.36 26.68 70.63
N GLN C 547 -17.95 27.90 70.97
CA GLN C 547 -18.84 28.85 71.63
C GLN C 547 -19.95 29.27 70.69
N VAL C 548 -20.87 30.11 71.18
CA VAL C 548 -22.09 30.38 70.43
C VAL C 548 -22.01 31.74 69.74
N THR C 549 -22.03 32.81 70.52
CA THR C 549 -22.12 34.14 69.94
C THR C 549 -20.73 34.72 69.69
N ALA C 550 -20.68 35.68 68.78
CA ALA C 550 -19.47 36.45 68.53
C ALA C 550 -19.79 37.92 68.27
N GLN C 551 -21.02 38.35 68.55
CA GLN C 551 -21.49 39.67 68.13
C GLN C 551 -20.91 40.71 69.10
N GLU C 552 -19.65 41.05 68.85
CA GLU C 552 -18.99 42.16 69.50
C GLU C 552 -19.19 43.46 68.70
N ILE C 553 -18.91 43.42 67.40
CA ILE C 553 -19.12 44.53 66.50
C ILE C 553 -19.37 43.93 65.12
N PHE C 554 -19.92 44.75 64.21
CA PHE C 554 -20.41 44.25 62.93
C PHE C 554 -19.30 43.90 61.95
N GLN C 555 -18.05 44.21 62.24
CA GLN C 555 -16.96 43.99 61.31
C GLN C 555 -15.66 43.95 62.10
N ASP C 556 -14.52 43.99 61.41
CA ASP C 556 -13.24 44.12 62.10
C ASP C 556 -13.24 45.37 62.98
N ASN C 557 -13.90 46.43 62.51
CA ASN C 557 -14.02 47.67 63.26
C ASN C 557 -15.36 48.28 62.89
N HIS C 558 -15.71 49.37 63.57
CA HIS C 558 -16.96 50.05 63.26
C HIS C 558 -16.94 50.59 61.83
N GLU C 559 -16.00 51.49 61.53
CA GLU C 559 -15.88 52.07 60.20
C GLU C 559 -14.62 52.91 60.11
N ASP C 560 -14.16 53.12 58.88
CA ASP C 560 -13.14 54.10 58.57
C ASP C 560 -13.76 55.22 57.75
N GLY C 561 -13.17 56.41 57.83
CA GLY C 561 -13.67 57.56 57.11
C GLY C 561 -12.99 57.95 55.82
N PRO C 562 -12.98 57.13 54.75
CA PRO C 562 -12.65 57.69 53.43
C PRO C 562 -13.92 58.06 52.67
N THR C 563 -13.79 58.88 51.63
CA THR C 563 -14.94 59.22 50.81
C THR C 563 -14.46 59.64 49.43
N ALA C 564 -15.36 59.52 48.46
CA ALA C 564 -15.04 59.90 47.10
C ALA C 564 -15.00 61.42 46.98
N LYS C 565 -13.94 61.93 46.37
CA LYS C 565 -13.77 63.35 46.14
C LYS C 565 -13.24 63.56 44.73
N LYS C 566 -12.88 64.80 44.41
CA LYS C 566 -12.22 65.16 43.16
C LYS C 566 -13.08 64.87 41.93
N LEU C 567 -14.39 64.79 42.09
CA LEU C 567 -15.29 64.64 40.94
C LEU C 567 -16.51 65.51 41.07
N LYS C 568 -16.40 66.63 41.79
CA LYS C 568 -17.53 67.53 41.97
C LYS C 568 -17.80 68.33 40.71
N THR C 569 -18.56 67.76 39.80
CA THR C 569 -18.95 68.43 38.56
C THR C 569 -20.46 68.60 38.43
N GLU C 570 -21.25 67.97 39.29
CA GLU C 570 -22.71 67.91 39.22
C GLU C 570 -23.20 66.96 38.13
N GLN C 571 -22.34 66.07 37.63
CA GLN C 571 -22.75 65.04 36.68
C GLN C 571 -22.19 63.68 37.09
N GLY C 572 -22.34 63.34 38.37
CA GLY C 572 -22.04 61.98 38.79
C GLY C 572 -22.85 60.96 38.03
N GLY C 573 -24.12 61.26 37.79
CA GLY C 573 -24.95 60.47 36.91
C GLY C 573 -25.80 61.36 36.02
N ALA C 574 -27.02 60.92 35.72
CA ALA C 574 -28.02 61.72 35.00
C ALA C 574 -27.59 61.91 33.55
N HIS C 575 -26.37 61.49 33.25
CA HIS C 575 -25.84 61.28 31.91
C HIS C 575 -25.08 59.97 31.91
N PHE C 576 -25.62 59.00 32.63
CA PHE C 576 -24.92 57.76 32.99
C PHE C 576 -24.14 57.18 31.82
N SER C 577 -22.88 56.86 32.09
CA SER C 577 -22.02 56.23 31.10
C SER C 577 -22.50 54.81 30.90
N VAL C 578 -23.47 54.66 30.00
CA VAL C 578 -24.16 53.39 29.81
C VAL C 578 -23.14 52.32 29.38
N SER C 579 -23.19 51.18 30.06
CA SER C 579 -22.27 50.09 29.77
C SER C 579 -22.91 48.78 30.22
N SER C 580 -23.25 47.92 29.27
CA SER C 580 -23.95 46.68 29.59
C SER C 580 -22.98 45.56 29.91
N ASN C 593 -15.37 43.76 18.72
CA ASN C 593 -14.71 44.98 19.19
C ASN C 593 -14.25 45.84 18.02
N PRO C 594 -15.19 46.23 17.14
CA PRO C 594 -14.78 46.79 15.84
C PRO C 594 -13.92 48.04 15.96
N ALA C 595 -14.45 49.12 16.50
CA ALA C 595 -13.60 50.26 16.82
C ALA C 595 -13.88 50.83 18.20
N GLU C 596 -15.14 50.90 18.61
CA GLU C 596 -15.49 51.56 19.86
C GLU C 596 -15.20 50.71 21.08
N ASN C 597 -15.37 49.40 20.98
CA ASN C 597 -15.09 48.54 22.13
C ASN C 597 -13.62 48.62 22.51
N PHE C 598 -12.74 48.55 21.51
CA PHE C 598 -11.33 48.72 21.78
C PHE C 598 -11.03 50.12 22.30
N ARG C 599 -11.68 51.14 21.72
CA ARG C 599 -11.40 52.50 22.14
C ARG C 599 -11.90 52.76 23.55
N VAL C 600 -13.08 52.24 23.90
CA VAL C 600 -13.53 52.39 25.28
C VAL C 600 -12.64 51.58 26.20
N LEU C 601 -12.13 50.44 25.74
CA LEU C 601 -11.20 49.67 26.55
C LEU C 601 -9.91 50.44 26.82
N VAL C 602 -9.38 51.13 25.81
CA VAL C 602 -8.18 51.93 26.05
C VAL C 602 -8.52 53.19 26.81
N LYS C 603 -9.73 53.73 26.64
CA LYS C 603 -10.15 54.81 27.53
C LYS C 603 -10.21 54.34 28.97
N GLN C 604 -10.40 53.03 29.17
CA GLN C 604 -10.41 52.44 30.49
C GLN C 604 -8.99 52.24 31.04
N LYS C 605 -7.96 52.73 30.34
CA LYS C 605 -6.60 52.70 30.88
C LYS C 605 -6.54 53.68 32.04
N LYS C 606 -7.09 53.23 33.17
CA LYS C 606 -7.05 53.97 34.42
C LYS C 606 -6.61 53.09 35.57
N ALA C 607 -6.62 51.78 35.42
CA ALA C 607 -6.21 50.82 36.47
C ALA C 607 -5.05 50.00 35.92
N SER C 608 -3.83 50.43 36.25
CA SER C 608 -2.59 49.72 35.95
C SER C 608 -2.22 49.75 34.47
N PHE C 609 -3.12 50.25 33.63
CA PHE C 609 -2.86 50.51 32.21
C PHE C 609 -2.43 49.27 31.43
N GLU C 610 -2.49 48.08 32.04
CA GLU C 610 -1.95 46.86 31.44
C GLU C 610 -3.05 45.82 31.40
N GLU C 611 -3.89 45.90 30.36
CA GLU C 611 -5.01 45.00 30.13
C GLU C 611 -5.70 45.46 28.86
N ALA C 612 -6.56 44.59 28.33
CA ALA C 612 -7.42 44.91 27.20
C ALA C 612 -6.64 45.29 25.95
N SER C 613 -5.33 45.24 26.04
CA SER C 613 -4.44 45.53 24.92
C SER C 613 -3.46 44.39 24.67
N ASN C 614 -2.97 43.76 25.73
CA ASN C 614 -2.05 42.65 25.61
C ASN C 614 -2.70 41.41 25.05
N GLN C 615 -4.03 41.39 24.96
CA GLN C 615 -4.77 40.20 24.60
C GLN C 615 -5.86 40.46 23.58
N LEU C 616 -6.07 41.71 23.17
CA LEU C 616 -7.06 42.03 22.16
C LEU C 616 -6.50 42.02 20.75
N ILE C 617 -5.19 41.83 20.61
CA ILE C 617 -4.57 41.82 19.28
C ILE C 617 -5.04 40.62 18.48
N ASN C 618 -5.38 39.52 19.16
CA ASN C 618 -6.00 38.39 18.47
C ASN C 618 -7.27 38.82 17.78
N HIS C 619 -8.08 39.63 18.45
CA HIS C 619 -9.24 40.23 17.82
C HIS C 619 -8.82 41.09 16.64
N ILE C 620 -7.70 41.80 16.77
CA ILE C 620 -7.20 42.58 15.65
C ILE C 620 -6.91 41.67 14.47
N GLU C 621 -6.27 40.53 14.73
CA GLU C 621 -5.95 39.59 13.65
C GLU C 621 -7.21 39.12 12.95
N GLN C 622 -8.16 38.60 13.72
CA GLN C 622 -9.36 38.03 13.10
C GLN C 622 -10.27 39.10 12.54
N PHE C 623 -10.11 40.34 12.98
CA PHE C 623 -10.73 41.46 12.31
C PHE C 623 -9.98 41.90 11.05
N LEU C 624 -8.74 41.46 10.90
CA LEU C 624 -7.94 41.77 9.73
C LEU C 624 -8.07 40.70 8.65
N ASP C 625 -8.95 39.71 8.86
CA ASP C 625 -9.04 38.53 8.01
C ASP C 625 -9.37 38.86 6.57
N THR C 626 -9.58 40.14 6.26
CA THR C 626 -9.76 40.61 4.88
C THR C 626 -10.99 39.99 4.24
N ASN C 627 -11.83 39.33 5.03
CA ASN C 627 -13.09 38.81 4.50
C ASN C 627 -13.93 39.93 3.91
N GLU C 628 -13.84 41.12 4.50
CA GLU C 628 -14.47 42.31 3.95
C GLU C 628 -13.44 43.43 3.96
N THR C 629 -13.59 44.34 2.99
CA THR C 629 -12.71 45.51 2.99
C THR C 629 -12.81 46.33 4.26
N PRO C 630 -13.99 46.66 4.79
CA PRO C 630 -14.02 47.42 6.06
C PRO C 630 -13.39 46.67 7.20
N TYR C 631 -13.45 45.33 7.15
CA TYR C 631 -12.85 44.53 8.21
C TYR C 631 -11.42 44.97 8.46
N PHE C 632 -10.57 44.87 7.45
CA PHE C 632 -9.18 45.25 7.65
C PHE C 632 -9.01 46.76 7.71
N MET C 633 -9.87 47.52 7.02
CA MET C 633 -9.76 48.97 7.12
C MET C 633 -10.10 49.43 8.54
N LYS C 634 -11.23 48.99 9.08
CA LYS C 634 -11.50 49.28 10.47
C LYS C 634 -10.51 48.58 11.39
N SER C 635 -9.89 47.49 10.93
CA SER C 635 -8.82 46.88 11.72
C SER C 635 -7.64 47.84 11.86
N ILE C 636 -7.17 48.38 10.74
CA ILE C 636 -6.01 49.25 10.78
C ILE C 636 -6.33 50.57 11.47
N ASP C 637 -7.58 51.05 11.36
CA ASP C 637 -7.96 52.26 12.09
C ASP C 637 -7.82 52.05 13.59
N CYS C 638 -8.27 50.89 14.08
CA CYS C 638 -8.18 50.60 15.50
C CYS C 638 -6.75 50.61 15.99
N ILE C 639 -5.85 49.98 15.22
CA ILE C 639 -4.43 49.98 15.60
C ILE C 639 -3.88 51.39 15.51
N ARG C 640 -4.14 52.08 14.42
CA ARG C 640 -3.67 53.44 14.23
C ARG C 640 -4.36 54.44 15.14
N ALA C 641 -5.47 54.05 15.76
CA ALA C 641 -6.04 54.83 16.86
C ALA C 641 -5.44 54.38 18.19
N PHE C 642 -5.17 53.08 18.33
CA PHE C 642 -4.47 52.56 19.49
C PHE C 642 -3.11 53.23 19.67
N ARG C 643 -2.45 53.62 18.58
CA ARG C 643 -1.12 54.17 18.65
C ARG C 643 -1.08 55.46 19.47
N GLU C 644 -2.09 56.32 19.31
CA GLU C 644 -2.16 57.52 20.15
C GLU C 644 -2.46 57.18 21.59
N GLU C 645 -3.35 56.20 21.81
CA GLU C 645 -3.72 55.83 23.18
C GLU C 645 -2.49 55.45 23.98
N ALA C 646 -1.71 54.50 23.47
CA ALA C 646 -0.51 54.06 24.20
C ALA C 646 0.49 55.20 24.36
N ILE C 647 0.53 56.14 23.41
CA ILE C 647 1.33 57.34 23.59
C ILE C 647 0.78 58.16 24.75
N LYS C 648 -0.52 58.36 24.79
CA LYS C 648 -1.13 59.15 25.85
C LYS C 648 -1.50 58.35 27.08
N PHE C 649 -1.45 57.01 27.01
CA PHE C 649 -1.65 56.16 28.18
C PHE C 649 -0.34 55.56 28.67
N SER C 650 0.77 56.24 28.39
CA SER C 650 2.10 55.87 28.88
C SER C 650 2.54 54.48 28.41
N GLU C 651 1.83 53.89 27.46
CA GLU C 651 2.15 52.55 26.99
C GLU C 651 2.91 52.58 25.67
N GLU C 652 3.68 53.64 25.44
CA GLU C 652 4.49 53.74 24.23
C GLU C 652 5.51 52.63 24.14
N GLN C 653 5.98 52.13 25.30
CA GLN C 653 6.95 51.05 25.31
C GLN C 653 6.36 49.77 24.72
N ARG C 654 5.18 49.37 25.19
CA ARG C 654 4.48 48.26 24.57
C ARG C 654 3.96 48.64 23.18
N PHE C 655 3.67 49.91 22.95
CA PHE C 655 3.28 50.38 21.63
C PHE C 655 4.36 50.09 20.60
N ASN C 656 5.59 50.52 20.88
CA ASN C 656 6.68 50.19 19.97
C ASN C 656 6.92 48.70 19.93
N ASN C 657 6.77 48.03 21.07
CA ASN C 657 6.87 46.58 21.10
C ASN C 657 5.89 45.95 20.12
N PHE C 658 4.63 46.38 20.17
CA PHE C 658 3.65 45.84 19.25
C PHE C 658 3.93 46.31 17.83
N LEU C 659 4.47 47.52 17.67
CA LEU C 659 4.81 47.99 16.33
C LEU C 659 5.76 47.02 15.64
N LYS C 660 6.85 46.67 16.31
CA LYS C 660 7.78 45.70 15.74
C LYS C 660 7.14 44.33 15.65
N ALA C 661 6.27 43.99 16.61
CA ALA C 661 5.64 42.67 16.62
C ALA C 661 4.70 42.51 15.43
N LEU C 662 3.85 43.51 15.18
CA LEU C 662 2.78 43.33 14.22
C LEU C 662 3.31 43.06 12.81
N GLN C 663 4.36 43.79 12.41
CA GLN C 663 4.88 43.62 11.05
C GLN C 663 5.34 42.19 10.80
N GLU C 664 6.17 41.66 11.71
CA GLU C 664 6.62 40.29 11.53
C GLU C 664 5.46 39.30 11.64
N LYS C 665 4.50 39.57 12.54
CA LYS C 665 3.42 38.63 12.75
C LYS C 665 2.53 38.53 11.51
N VAL C 666 2.39 39.61 10.75
CA VAL C 666 1.59 39.57 9.54
C VAL C 666 2.39 39.10 8.33
N GLU C 667 3.72 39.05 8.43
CA GLU C 667 4.53 38.58 7.33
C GLU C 667 4.88 37.10 7.42
N ILE C 668 4.92 36.54 8.63
CA ILE C 668 5.18 35.11 8.78
C ILE C 668 4.08 34.30 8.12
N LYS C 669 2.82 34.66 8.37
CA LYS C 669 1.70 34.17 7.56
C LYS C 669 1.52 35.20 6.46
N GLN C 670 2.07 34.92 5.29
CA GLN C 670 2.07 35.87 4.20
C GLN C 670 1.03 35.47 3.16
N LEU C 671 0.12 36.39 2.86
CA LEU C 671 -0.79 36.28 1.74
C LEU C 671 -0.86 37.65 1.07
N ASN C 672 -0.97 37.65 -0.26
CA ASN C 672 -0.92 38.87 -1.05
C ASN C 672 -2.09 39.80 -0.81
N HIS C 673 -3.15 39.33 -0.15
CA HIS C 673 -4.36 40.14 -0.01
C HIS C 673 -4.15 41.23 1.03
N PHE C 674 -3.90 40.84 2.27
CA PHE C 674 -3.97 41.76 3.40
C PHE C 674 -2.70 42.60 3.52
N TRP C 675 -1.55 41.94 3.68
CA TRP C 675 -0.33 42.63 4.11
C TRP C 675 0.07 43.70 3.13
N GLU C 676 -0.17 43.48 1.84
CA GLU C 676 0.17 44.47 0.83
C GLU C 676 -0.59 45.75 1.11
N ILE C 677 -1.90 45.63 1.36
CA ILE C 677 -2.68 46.77 1.80
C ILE C 677 -2.23 47.22 3.18
N VAL C 678 -1.84 46.28 4.03
CA VAL C 678 -1.45 46.63 5.39
C VAL C 678 -0.24 47.55 5.38
N VAL C 679 0.81 47.17 4.66
CA VAL C 679 1.95 48.07 4.56
C VAL C 679 1.59 49.29 3.74
N GLN C 680 0.74 49.13 2.71
CA GLN C 680 0.26 50.29 1.96
C GLN C 680 -0.30 51.33 2.92
N ASP C 681 -1.34 50.97 3.65
CA ASP C 681 -1.91 51.90 4.61
C ASP C 681 -0.90 52.30 5.67
N GLY C 682 -0.17 51.33 6.19
CA GLY C 682 0.83 51.59 7.21
C GLY C 682 1.83 52.64 6.79
N ILE C 683 2.62 52.36 5.75
CA ILE C 683 3.67 53.27 5.34
C ILE C 683 3.11 54.59 4.81
N THR C 684 1.85 54.62 4.38
CA THR C 684 1.26 55.89 3.98
C THR C 684 0.95 56.78 5.17
N LEU C 685 0.75 56.19 6.35
CA LEU C 685 0.40 56.97 7.53
C LEU C 685 1.10 56.46 8.79
N ILE C 686 2.28 55.85 8.64
CA ILE C 686 3.07 55.45 9.79
C ILE C 686 3.60 56.71 10.48
N THR C 687 3.33 56.83 11.77
CA THR C 687 3.77 57.98 12.56
C THR C 687 4.47 57.46 13.81
N LYS C 688 5.71 57.88 14.02
CA LYS C 688 6.49 57.46 15.17
C LYS C 688 7.12 58.68 15.84
N GLU C 689 6.90 58.80 17.14
CA GLU C 689 7.57 59.79 17.97
C GLU C 689 8.31 59.07 19.09
N GLU C 690 9.48 59.61 19.45
CA GLU C 690 10.47 58.89 20.25
C GLU C 690 9.85 58.18 21.44
N ALA C 691 9.88 56.85 21.39
CA ALA C 691 9.36 56.00 22.45
C ALA C 691 10.39 54.90 22.69
N SER C 692 10.77 54.73 23.96
CA SER C 692 11.89 53.86 24.32
C SER C 692 13.13 54.25 23.53
N GLY C 693 13.34 55.55 23.37
CA GLY C 693 14.43 56.05 22.58
C GLY C 693 14.08 56.12 21.10
N SER C 694 15.11 56.07 20.29
CA SER C 694 15.00 56.16 18.83
C SER C 694 14.46 54.89 18.19
N SER C 695 13.91 53.97 18.99
CA SER C 695 13.41 52.71 18.45
C SER C 695 12.33 52.96 17.40
N VAL C 696 11.31 53.75 17.75
CA VAL C 696 10.28 54.09 16.77
C VAL C 696 10.84 55.00 15.69
N THR C 697 11.83 55.84 16.04
CA THR C 697 12.45 56.69 15.03
C THR C 697 13.13 55.85 13.97
N ALA C 698 13.80 54.77 14.38
CA ALA C 698 14.30 53.80 13.41
C ALA C 698 13.17 53.10 12.69
N GLU C 699 12.07 52.81 13.39
CA GLU C 699 10.92 52.17 12.77
C GLU C 699 10.35 53.03 11.64
N GLU C 700 10.20 54.33 11.90
CA GLU C 700 9.72 55.22 10.86
C GLU C 700 10.79 55.53 9.81
N ALA C 701 12.07 55.47 10.21
CA ALA C 701 13.13 55.68 9.25
C ALA C 701 13.26 54.53 8.25
N LYS C 702 12.68 53.37 8.56
CA LYS C 702 12.81 52.18 7.72
C LYS C 702 11.49 51.42 7.73
N LYS C 703 10.70 51.56 6.66
CA LYS C 703 9.46 50.80 6.51
C LYS C 703 9.27 50.55 5.02
N PHE C 704 9.77 49.41 4.56
CA PHE C 704 9.78 49.06 3.14
C PHE C 704 9.51 47.57 3.01
N LEU C 705 9.77 47.03 1.82
CA LEU C 705 9.58 45.62 1.51
C LEU C 705 10.93 44.97 1.18
N ALA C 706 10.89 43.68 0.93
CA ALA C 706 12.05 42.91 0.53
C ALA C 706 11.73 42.10 -0.71
N PRO C 707 12.71 41.88 -1.58
CA PRO C 707 12.45 41.09 -2.80
C PRO C 707 12.20 39.63 -2.47
N LYS C 708 11.47 38.97 -3.36
CA LYS C 708 11.15 37.55 -3.23
C LYS C 708 11.98 36.74 -4.21
N ASP C 709 12.52 35.63 -3.74
CA ASP C 709 13.37 34.77 -4.54
C ASP C 709 12.59 33.57 -5.09
N LYS C 710 13.26 32.77 -5.91
CA LYS C 710 12.62 31.64 -6.54
C LYS C 710 12.28 30.57 -5.50
N PRO C 711 11.13 29.91 -5.62
CA PRO C 711 10.78 28.84 -4.68
C PRO C 711 11.72 27.65 -4.84
N SER C 712 11.94 26.96 -3.74
CA SER C 712 12.81 25.79 -3.72
C SER C 712 11.99 24.53 -3.97
N GLY C 713 12.57 23.63 -4.77
CA GLY C 713 12.00 22.32 -4.93
C GLY C 713 12.74 21.36 -4.02
N ASP C 714 13.70 20.62 -4.59
CA ASP C 714 14.64 19.81 -3.80
C ASP C 714 13.88 18.81 -2.92
N THR C 715 12.92 18.12 -3.53
CA THR C 715 12.05 17.19 -2.82
C THR C 715 12.27 15.81 -3.40
N ALA C 716 13.26 15.09 -2.87
CA ALA C 716 13.46 13.69 -3.18
C ALA C 716 13.28 12.92 -1.88
N ALA C 717 12.03 12.74 -1.50
CA ALA C 717 11.64 11.85 -0.42
C ALA C 717 10.40 11.02 -0.73
N VAL C 718 9.54 11.47 -1.63
CA VAL C 718 8.28 10.82 -1.98
C VAL C 718 8.00 11.06 -3.45
N PHE C 719 6.86 10.58 -3.91
CA PHE C 719 6.46 10.74 -5.30
C PHE C 719 5.76 12.07 -5.57
N GLU C 720 5.64 12.92 -4.56
CA GLU C 720 5.02 14.24 -4.77
C GLU C 720 5.75 15.04 -5.82
N GLU C 721 7.06 14.84 -5.96
CA GLU C 721 7.81 15.49 -7.03
C GLU C 721 7.34 15.08 -8.41
N GLY C 722 6.64 13.95 -8.52
CA GLY C 722 6.09 13.52 -9.79
C GLY C 722 5.23 14.59 -10.42
N GLY C 723 4.13 14.95 -9.76
CA GLY C 723 3.33 16.07 -10.22
C GLY C 723 4.13 17.35 -10.30
N ASP C 724 5.06 17.54 -9.36
CA ASP C 724 5.98 18.67 -9.43
C ASP C 724 6.75 18.64 -10.74
N VAL C 725 7.41 17.52 -11.02
CA VAL C 725 8.19 17.42 -12.25
C VAL C 725 7.28 17.50 -13.46
N ASP C 726 6.07 16.92 -13.38
CA ASP C 726 5.10 17.08 -14.46
C ASP C 726 4.88 18.54 -14.78
N ASP C 727 4.57 19.33 -13.75
CA ASP C 727 4.44 20.77 -13.94
C ASP C 727 5.76 21.37 -14.40
N LEU C 728 6.86 20.91 -13.81
CA LEU C 728 8.15 21.49 -14.16
C LEU C 728 8.58 21.17 -15.60
N LEU C 729 7.94 20.20 -16.24
CA LEU C 729 8.24 19.94 -17.65
C LEU C 729 7.13 20.37 -18.60
N ASP C 730 5.88 20.40 -18.15
CA ASP C 730 4.82 20.95 -19.00
C ASP C 730 5.09 22.42 -19.28
N MET C 731 5.05 23.26 -18.25
CA MET C 731 5.22 24.70 -18.40
C MET C 731 6.47 25.24 -17.73
N ILE C 732 7.21 24.41 -17.00
CA ILE C 732 8.41 24.85 -16.28
C ILE C 732 8.07 25.97 -15.30
N CYS D 10 87.53 -31.92 -42.69
CA CYS D 10 88.79 -31.52 -42.07
C CYS D 10 88.59 -31.28 -40.59
N SER D 11 87.85 -30.21 -40.27
CA SER D 11 87.51 -29.94 -38.87
C SER D 11 86.78 -31.12 -38.26
N LEU D 12 85.74 -31.59 -38.93
CA LEU D 12 85.09 -32.81 -38.48
C LEU D 12 86.04 -33.99 -38.54
N LEU D 13 86.89 -34.04 -39.58
CA LEU D 13 87.88 -35.10 -39.65
C LEU D 13 88.74 -35.05 -38.39
N ARG D 14 89.52 -33.98 -38.23
CA ARG D 14 90.46 -33.90 -37.11
C ARG D 14 89.77 -34.20 -35.78
N LEU D 15 88.48 -33.87 -35.69
CA LEU D 15 87.69 -34.32 -34.56
C LEU D 15 87.66 -35.84 -34.47
N GLN D 16 87.48 -36.51 -35.61
CA GLN D 16 87.30 -37.96 -35.56
C GLN D 16 88.62 -38.66 -35.20
N GLU D 17 89.76 -38.13 -35.65
CA GLU D 17 91.01 -38.74 -35.18
C GLU D 17 91.24 -38.47 -33.70
N THR D 18 90.87 -37.29 -33.22
CA THR D 18 90.96 -37.04 -31.78
C THR D 18 90.09 -38.03 -31.01
N LEU D 19 88.88 -38.29 -31.51
CA LEU D 19 88.03 -39.29 -30.89
C LEU D 19 88.59 -40.68 -31.12
N SER D 20 89.08 -40.96 -32.32
CA SER D 20 89.65 -42.28 -32.60
C SER D 20 90.96 -42.50 -31.87
N ALA D 21 91.53 -41.47 -31.26
CA ALA D 21 92.71 -41.60 -30.42
C ALA D 21 92.36 -41.65 -28.94
N ALA D 22 91.55 -40.70 -28.47
CA ALA D 22 91.17 -40.67 -27.06
C ALA D 22 90.33 -41.88 -26.67
N ASP D 23 89.81 -42.63 -27.65
CA ASP D 23 89.10 -43.85 -27.36
C ASP D 23 90.00 -44.89 -26.70
N ARG D 24 91.31 -44.81 -26.90
CA ARG D 24 92.21 -45.87 -26.43
C ARG D 24 92.15 -46.00 -24.91
N CYS D 25 92.18 -44.88 -24.19
CA CYS D 25 92.21 -44.96 -22.73
C CYS D 25 90.87 -45.47 -22.23
N GLY D 26 90.77 -46.78 -22.03
CA GLY D 26 89.52 -47.38 -21.60
C GLY D 26 89.11 -46.89 -20.24
N ALA D 27 88.07 -46.06 -20.21
CA ALA D 27 87.58 -45.45 -18.98
C ALA D 27 86.22 -44.85 -19.26
N ALA D 28 85.38 -44.83 -18.22
CA ALA D 28 84.03 -44.29 -18.37
C ALA D 28 84.09 -42.82 -18.76
N LEU D 29 84.84 -42.02 -17.99
CA LEU D 29 84.89 -40.59 -18.23
C LEU D 29 85.44 -40.29 -19.62
N ALA D 30 86.42 -41.07 -20.08
CA ALA D 30 86.88 -40.95 -21.45
C ALA D 30 85.75 -41.24 -22.43
N GLY D 31 84.93 -42.25 -22.13
CA GLY D 31 83.83 -42.59 -23.02
C GLY D 31 82.85 -41.45 -23.21
N HIS D 32 82.47 -40.78 -22.12
CA HIS D 32 81.56 -39.64 -22.25
C HIS D 32 82.19 -38.51 -23.05
N GLN D 33 83.48 -38.25 -22.82
CA GLN D 33 84.17 -37.23 -23.61
C GLN D 33 84.08 -37.55 -25.09
N LEU D 34 84.40 -38.79 -25.44
CA LEU D 34 84.34 -39.23 -26.83
C LEU D 34 82.91 -39.16 -27.33
N ILE D 35 81.98 -39.67 -26.53
CA ILE D 35 80.57 -39.65 -26.89
C ILE D 35 80.05 -38.22 -26.94
N ARG D 36 80.49 -37.40 -26.00
CA ARG D 36 80.09 -36.01 -25.94
C ARG D 36 80.58 -35.27 -27.19
N GLY D 37 81.85 -35.46 -27.50
CA GLY D 37 82.44 -34.82 -28.67
C GLY D 37 81.76 -35.29 -29.94
N LEU D 38 81.49 -36.58 -30.01
CA LEU D 38 80.81 -37.15 -31.17
C LEU D 38 79.35 -36.74 -31.19
N GLY D 39 78.77 -36.60 -29.99
CA GLY D 39 77.39 -36.20 -29.86
C GLY D 39 77.15 -34.85 -30.53
N GLN D 40 77.98 -33.88 -30.18
CA GLN D 40 77.88 -32.54 -30.76
C GLN D 40 78.23 -32.57 -32.24
N GLU D 41 79.20 -33.39 -32.62
CA GLU D 41 79.58 -33.50 -34.02
C GLU D 41 78.40 -33.91 -34.89
N CYS D 42 77.70 -34.98 -34.49
CA CYS D 42 76.66 -35.53 -35.35
C CYS D 42 75.47 -34.59 -35.45
N VAL D 43 75.04 -34.00 -34.33
CA VAL D 43 73.93 -33.07 -34.37
C VAL D 43 74.31 -31.84 -35.18
N LEU D 44 75.58 -31.46 -35.15
CA LEU D 44 76.06 -30.41 -36.05
C LEU D 44 75.88 -30.82 -37.50
N SER D 45 76.26 -32.04 -37.84
CA SER D 45 76.06 -32.54 -39.19
C SER D 45 74.64 -33.05 -39.41
N SER D 46 73.86 -33.18 -38.33
CA SER D 46 72.46 -33.53 -38.48
C SER D 46 71.70 -32.30 -38.96
N SER D 47 72.00 -31.87 -40.17
CA SER D 47 71.43 -30.65 -40.73
C SER D 47 71.16 -30.86 -42.21
N PRO D 48 70.19 -30.15 -42.75
CA PRO D 48 69.98 -30.17 -44.20
C PRO D 48 70.90 -29.19 -44.91
N ALA D 49 71.97 -28.77 -44.22
CA ALA D 49 72.91 -27.80 -44.75
C ALA D 49 73.44 -28.23 -46.11
N VAL D 50 73.08 -27.47 -47.15
CA VAL D 50 73.49 -27.82 -48.50
C VAL D 50 74.98 -27.63 -48.66
N LEU D 51 75.59 -28.45 -49.50
CA LEU D 51 77.02 -28.51 -49.79
C LEU D 51 77.84 -29.09 -48.64
N ALA D 52 77.20 -29.47 -47.54
CA ALA D 52 77.85 -30.28 -46.53
C ALA D 52 77.78 -31.77 -46.84
N LEU D 53 77.02 -32.13 -47.88
CA LEU D 53 76.82 -33.54 -48.21
C LEU D 53 78.14 -34.22 -48.52
N GLN D 54 78.92 -33.63 -49.43
CA GLN D 54 80.20 -34.22 -49.80
C GLN D 54 81.17 -34.19 -48.63
N THR D 55 81.18 -33.10 -47.87
CA THR D 55 82.08 -32.99 -46.72
C THR D 55 81.78 -34.10 -45.72
N SER D 56 80.50 -34.30 -45.41
CA SER D 56 80.11 -35.44 -44.59
C SER D 56 80.45 -36.75 -45.29
N LEU D 57 80.18 -36.83 -46.60
CA LEU D 57 80.38 -38.08 -47.32
C LEU D 57 81.85 -38.49 -47.31
N VAL D 58 82.73 -37.57 -47.70
CA VAL D 58 84.16 -37.88 -47.71
C VAL D 58 84.65 -38.14 -46.30
N PHE D 59 84.09 -37.44 -45.31
CA PHE D 59 84.39 -37.76 -43.92
C PHE D 59 84.02 -39.20 -43.59
N SER D 60 82.81 -39.61 -43.97
CA SER D 60 82.35 -40.95 -43.63
C SER D 60 83.24 -42.00 -44.26
N ARG D 61 83.80 -41.70 -45.44
CA ARG D 61 84.79 -42.58 -46.04
C ARG D 61 85.96 -42.81 -45.11
N ASP D 62 86.54 -41.73 -44.60
CA ASP D 62 87.69 -41.84 -43.72
C ASP D 62 87.29 -42.21 -42.30
N PHE D 63 86.01 -42.44 -42.05
CA PHE D 63 85.49 -42.57 -40.70
C PHE D 63 84.88 -43.93 -40.38
N GLY D 64 84.39 -44.65 -41.39
CA GLY D 64 83.64 -45.86 -41.13
C GLY D 64 84.40 -46.90 -40.33
N LEU D 65 85.73 -46.89 -40.42
CA LEU D 65 86.54 -47.85 -39.71
C LEU D 65 86.63 -47.58 -38.22
N LEU D 66 86.02 -46.48 -37.75
CA LEU D 66 86.14 -46.13 -36.33
C LEU D 66 85.63 -47.24 -35.43
N VAL D 67 84.62 -47.98 -35.88
CA VAL D 67 84.17 -49.15 -35.13
C VAL D 67 85.34 -50.10 -34.91
N PHE D 68 86.17 -50.27 -35.93
CA PHE D 68 87.38 -51.06 -35.80
C PHE D 68 88.50 -50.30 -35.14
N VAL D 69 88.48 -48.96 -35.20
CA VAL D 69 89.51 -48.18 -34.52
C VAL D 69 89.40 -48.36 -33.01
N ARG D 70 88.18 -48.35 -32.49
CA ARG D 70 87.97 -48.63 -31.07
C ARG D 70 87.90 -50.13 -30.83
N LYS D 71 88.43 -50.57 -29.70
CA LYS D 71 88.56 -51.99 -29.43
C LYS D 71 87.21 -52.62 -29.14
N SER D 72 87.11 -53.91 -29.49
CA SER D 72 85.85 -54.65 -29.38
C SER D 72 85.78 -55.32 -28.03
N LEU D 73 85.48 -54.54 -27.00
CA LEU D 73 85.15 -55.07 -25.69
C LEU D 73 83.74 -54.63 -25.37
N ASN D 74 82.94 -55.55 -24.84
CA ASN D 74 81.55 -55.22 -24.59
C ASN D 74 81.48 -54.26 -23.40
N SER D 75 82.08 -53.10 -23.57
CA SER D 75 82.03 -52.03 -22.60
C SER D 75 81.20 -50.91 -23.19
N ILE D 76 80.39 -50.27 -22.36
CA ILE D 76 79.55 -49.20 -22.85
C ILE D 76 80.41 -48.10 -23.48
N GLU D 77 81.60 -47.86 -22.90
CA GLU D 77 82.51 -46.85 -23.43
C GLU D 77 82.86 -47.09 -24.89
N PHE D 78 82.46 -48.20 -25.43
CA PHE D 78 82.65 -48.54 -26.84
C PHE D 78 81.35 -48.92 -27.51
N ARG D 79 80.46 -49.61 -26.80
CA ARG D 79 79.13 -49.92 -27.34
C ARG D 79 78.29 -48.67 -27.55
N GLU D 80 78.22 -47.78 -26.58
CA GLU D 80 77.37 -46.61 -26.79
C GLU D 80 77.99 -45.63 -27.75
N CYS D 81 79.33 -45.61 -27.86
CA CYS D 81 79.96 -44.94 -28.98
C CYS D 81 79.49 -45.55 -30.30
N ARG D 82 79.44 -46.88 -30.35
CA ARG D 82 78.97 -47.55 -31.55
C ARG D 82 77.57 -47.10 -31.93
N GLU D 83 76.63 -47.15 -30.98
CA GLU D 83 75.24 -46.90 -31.33
C GLU D 83 74.96 -45.43 -31.60
N GLU D 84 75.68 -44.51 -30.96
CA GLU D 84 75.55 -43.11 -31.36
C GLU D 84 75.93 -42.94 -32.82
N ILE D 85 77.04 -43.57 -33.22
CA ILE D 85 77.39 -43.62 -34.63
C ILE D 85 76.25 -44.26 -35.41
N LEU D 86 75.68 -45.33 -34.87
CA LEU D 86 74.59 -46.02 -35.55
C LEU D 86 73.39 -45.10 -35.72
N LYS D 87 72.98 -44.43 -34.64
CA LYS D 87 71.90 -43.47 -34.75
C LYS D 87 72.21 -42.42 -35.81
N PHE D 88 73.44 -41.94 -35.83
CA PHE D 88 73.82 -40.92 -36.80
C PHE D 88 73.65 -41.41 -38.23
N LEU D 89 74.13 -42.61 -38.53
CA LEU D 89 73.96 -43.11 -39.88
C LEU D 89 72.51 -43.48 -40.14
N CYS D 90 71.78 -43.90 -39.10
CA CYS D 90 70.36 -44.14 -39.27
C CYS D 90 69.63 -42.85 -39.58
N ILE D 91 69.84 -41.81 -38.78
CA ILE D 91 69.23 -40.51 -39.07
C ILE D 91 69.79 -39.90 -40.34
N PHE D 92 70.90 -40.43 -40.83
CA PHE D 92 71.41 -40.09 -42.15
C PHE D 92 70.57 -40.73 -43.26
N LEU D 93 69.41 -41.25 -42.90
CA LEU D 93 68.55 -41.90 -43.88
C LEU D 93 68.11 -40.96 -44.98
N GLU D 94 68.21 -39.64 -44.77
CA GLU D 94 67.87 -38.74 -45.86
C GLU D 94 68.77 -39.05 -47.04
N LYS D 95 68.15 -39.32 -48.17
CA LYS D 95 68.75 -40.12 -49.21
C LYS D 95 68.94 -39.25 -50.45
N MET D 96 70.20 -39.10 -50.88
CA MET D 96 70.48 -38.40 -52.12
C MET D 96 69.78 -39.05 -53.30
N GLY D 97 69.47 -40.34 -53.19
CA GLY D 97 68.55 -40.99 -54.09
C GLY D 97 69.08 -42.28 -54.66
N GLN D 98 70.33 -42.27 -55.14
CA GLN D 98 71.05 -43.53 -55.35
C GLN D 98 72.54 -43.47 -55.10
N LYS D 99 73.14 -42.30 -54.90
CA LYS D 99 74.60 -42.20 -54.96
C LYS D 99 75.18 -42.25 -53.54
N ILE D 100 75.00 -43.42 -52.96
CA ILE D 100 75.70 -43.85 -51.75
C ILE D 100 76.34 -45.17 -52.11
N ALA D 101 76.23 -45.55 -53.40
CA ALA D 101 76.55 -46.90 -53.84
C ALA D 101 77.92 -47.38 -53.38
N PRO D 102 79.02 -46.63 -53.56
CA PRO D 102 80.30 -47.14 -53.05
C PRO D 102 80.29 -47.27 -51.55
N TYR D 103 79.83 -46.22 -50.86
CA TYR D 103 79.78 -46.25 -49.40
C TYR D 103 78.84 -47.34 -48.92
N SER D 104 77.69 -47.46 -49.57
CA SER D 104 76.72 -48.47 -49.17
C SER D 104 77.32 -49.86 -49.28
N VAL D 105 78.09 -50.12 -50.34
CA VAL D 105 78.88 -51.35 -50.39
C VAL D 105 79.80 -51.43 -49.19
N GLU D 106 80.56 -50.36 -48.94
CA GLU D 106 81.50 -50.37 -47.83
C GLU D 106 80.77 -50.56 -46.50
N ILE D 107 79.68 -49.81 -46.30
CA ILE D 107 79.04 -49.86 -45.00
C ILE D 107 78.32 -51.17 -44.79
N LYS D 108 77.77 -51.77 -45.87
CA LYS D 108 77.05 -53.01 -45.66
C LYS D 108 78.01 -54.12 -45.26
N ASN D 109 79.18 -54.18 -45.90
CA ASN D 109 80.14 -55.20 -45.52
C ASN D 109 80.64 -54.96 -44.11
N THR D 110 80.92 -53.71 -43.74
CA THR D 110 81.34 -53.42 -42.39
C THR D 110 80.24 -53.69 -41.37
N CYS D 111 78.99 -53.32 -41.70
CA CYS D 111 77.93 -53.51 -40.72
C CYS D 111 77.62 -54.99 -40.55
N THR D 112 77.56 -55.74 -41.65
CA THR D 112 77.34 -57.17 -41.55
C THR D 112 78.50 -57.85 -40.84
N SER D 113 79.73 -57.38 -41.10
CA SER D 113 80.90 -57.92 -40.43
C SER D 113 80.78 -57.75 -38.91
N VAL D 114 80.51 -56.52 -38.46
CA VAL D 114 80.34 -56.34 -37.02
C VAL D 114 79.04 -56.94 -36.53
N TYR D 115 78.05 -57.06 -37.42
CA TYR D 115 76.78 -57.70 -37.10
C TYR D 115 76.85 -59.20 -37.32
N THR D 116 78.04 -59.74 -37.56
CA THR D 116 78.23 -61.17 -37.38
C THR D 116 77.82 -61.59 -35.98
N LYS D 117 78.06 -60.74 -34.98
CA LYS D 117 77.41 -60.96 -33.69
C LYS D 117 75.90 -61.03 -33.86
N ASP D 118 75.36 -60.08 -34.61
CA ASP D 118 73.92 -59.82 -34.79
C ASP D 118 73.27 -59.23 -33.55
N ARG D 119 74.00 -59.08 -32.44
CA ARG D 119 73.38 -58.61 -31.21
C ARG D 119 74.27 -57.71 -30.38
N ALA D 120 75.45 -57.33 -30.86
CA ALA D 120 76.44 -56.61 -30.07
C ALA D 120 76.82 -57.41 -28.82
N ALA D 121 76.70 -58.74 -28.92
CA ALA D 121 77.08 -59.66 -27.83
C ALA D 121 76.39 -59.31 -26.53
N LYS D 122 75.14 -58.87 -26.63
CA LYS D 122 74.32 -58.49 -25.48
C LYS D 122 72.90 -58.29 -26.00
N CYS D 123 72.03 -57.82 -25.11
CA CYS D 123 70.70 -57.37 -25.50
C CYS D 123 70.72 -55.85 -25.66
N LYS D 124 71.41 -55.42 -26.71
CA LYS D 124 71.73 -54.01 -26.92
C LYS D 124 71.01 -53.45 -28.13
N ILE D 125 70.64 -52.17 -28.04
CA ILE D 125 69.97 -51.48 -29.13
C ILE D 125 70.89 -51.25 -30.32
N PRO D 126 72.20 -51.46 -30.17
CA PRO D 126 73.10 -51.37 -31.31
C PRO D 126 72.64 -52.31 -32.42
N ALA D 127 72.22 -53.51 -32.06
CA ALA D 127 71.61 -54.39 -33.05
C ALA D 127 70.35 -53.77 -33.62
N LEU D 128 69.53 -53.15 -32.78
CA LEU D 128 68.30 -52.53 -33.25
C LEU D 128 68.60 -51.42 -34.24
N ASP D 129 69.62 -50.62 -33.95
CA ASP D 129 70.02 -49.57 -34.88
C ASP D 129 70.46 -50.15 -36.20
N LEU D 130 71.24 -51.23 -36.16
CA LEU D 130 71.74 -51.84 -37.38
C LEU D 130 70.62 -52.38 -38.25
N LEU D 131 69.66 -53.08 -37.64
CA LEU D 131 68.60 -53.70 -38.44
C LEU D 131 67.72 -52.64 -39.10
N ILE D 132 67.31 -51.62 -38.36
CA ILE D 132 66.51 -50.56 -38.95
C ILE D 132 67.31 -49.82 -40.00
N LYS D 133 68.62 -49.68 -39.79
CA LYS D 133 69.48 -49.10 -40.80
C LYS D 133 69.43 -49.91 -42.09
N LEU D 134 69.51 -51.24 -41.97
CA LEU D 134 69.38 -52.09 -43.14
C LEU D 134 68.00 -51.92 -43.77
N LEU D 135 66.98 -51.76 -42.95
CA LEU D 135 65.63 -51.54 -43.47
C LEU D 135 65.60 -50.30 -44.34
N GLN D 136 66.26 -49.23 -43.90
CA GLN D 136 66.38 -48.05 -44.73
C GLN D 136 67.10 -48.38 -46.02
N THR D 137 68.15 -49.19 -45.92
CA THR D 137 68.88 -49.62 -47.11
C THR D 137 67.95 -50.37 -48.06
N PHE D 138 67.11 -51.25 -47.53
CA PHE D 138 66.17 -51.96 -48.39
C PHE D 138 65.19 -51.02 -49.05
N ARG D 139 65.00 -49.83 -48.49
CA ARG D 139 64.15 -48.84 -49.09
C ARG D 139 64.91 -47.85 -49.94
N SER D 140 66.06 -48.25 -50.44
CA SER D 140 66.94 -47.39 -51.23
C SER D 140 67.96 -48.29 -51.92
N SER D 141 68.92 -47.67 -52.60
CA SER D 141 70.11 -48.34 -53.12
C SER D 141 69.74 -49.58 -53.94
N ARG D 142 69.13 -49.32 -55.09
CA ARG D 142 68.61 -50.38 -55.93
C ARG D 142 69.60 -50.77 -57.02
N LEU D 143 69.37 -51.95 -57.59
CA LEU D 143 70.12 -52.42 -58.75
C LEU D 143 71.56 -52.74 -58.34
N MET D 144 71.89 -52.57 -57.07
CA MET D 144 73.17 -53.03 -56.55
C MET D 144 72.95 -53.50 -55.11
N ASP D 145 73.85 -54.39 -54.64
CA ASP D 145 73.67 -55.22 -53.45
C ASP D 145 72.55 -56.22 -53.67
N GLU D 146 71.87 -56.12 -54.81
CA GLU D 146 70.77 -57.00 -55.15
C GLU D 146 71.17 -58.47 -55.09
N PHE D 147 72.44 -58.75 -55.34
CA PHE D 147 72.95 -60.11 -55.29
C PHE D 147 73.93 -60.33 -54.16
N LYS D 148 74.35 -59.25 -53.49
CA LYS D 148 75.21 -59.36 -52.32
C LYS D 148 74.39 -59.62 -51.07
N ILE D 149 73.20 -60.16 -51.24
CA ILE D 149 72.28 -60.41 -50.13
C ILE D 149 71.79 -61.86 -50.06
N GLY D 150 71.88 -62.64 -51.13
CA GLY D 150 71.46 -64.03 -51.05
C GLY D 150 72.25 -64.79 -50.00
N GLU D 151 73.56 -64.56 -49.96
CA GLU D 151 74.39 -65.14 -48.91
C GLU D 151 73.99 -64.61 -47.53
N LEU D 152 73.64 -63.32 -47.46
CA LEU D 152 73.14 -62.77 -46.21
C LEU D 152 71.88 -63.49 -45.76
N PHE D 153 70.90 -63.59 -46.65
CA PHE D 153 69.69 -64.35 -46.37
C PHE D 153 70.01 -65.68 -45.73
N SER D 154 70.88 -66.46 -46.38
CA SER D 154 71.30 -67.73 -45.82
C SER D 154 71.75 -67.59 -44.37
N LYS D 155 72.60 -66.61 -44.10
CA LYS D 155 73.05 -66.38 -42.74
C LYS D 155 71.89 -66.05 -41.82
N PHE D 156 71.01 -65.15 -42.26
CA PHE D 156 69.84 -64.84 -41.46
C PHE D 156 68.89 -66.01 -41.40
N TYR D 157 68.75 -66.75 -42.51
CA TYR D 157 67.92 -67.94 -42.47
C TYR D 157 68.48 -68.96 -41.50
N GLY D 158 69.80 -69.13 -41.49
CA GLY D 158 70.40 -70.11 -40.59
C GLY D 158 70.27 -69.71 -39.13
N GLU D 159 70.64 -68.47 -38.80
CA GLU D 159 70.55 -68.02 -37.42
C GLU D 159 69.10 -68.03 -36.93
N LEU D 160 68.14 -67.78 -37.82
CA LEU D 160 66.74 -67.93 -37.45
C LEU D 160 66.41 -69.38 -37.13
N ALA D 161 67.00 -70.32 -37.88
CA ALA D 161 66.74 -71.73 -37.65
C ALA D 161 67.35 -72.23 -36.34
N LEU D 162 68.19 -71.43 -35.70
CA LEU D 162 68.66 -71.78 -34.36
C LEU D 162 67.47 -71.89 -33.44
N LYS D 163 67.14 -73.12 -33.04
CA LYS D 163 65.97 -73.36 -32.22
C LYS D 163 66.08 -72.60 -30.89
N LYS D 164 67.24 -72.66 -30.26
CA LYS D 164 67.49 -71.90 -29.03
C LYS D 164 68.01 -70.53 -29.46
N LYS D 165 67.06 -69.64 -29.78
CA LYS D 165 67.40 -68.27 -30.12
C LYS D 165 67.86 -67.59 -28.86
N ILE D 166 69.18 -67.49 -28.68
CA ILE D 166 69.74 -66.88 -27.49
C ILE D 166 69.16 -65.49 -27.24
N PRO D 167 69.04 -64.60 -28.24
CA PRO D 167 68.29 -63.37 -27.99
C PRO D 167 66.81 -63.65 -27.90
N ASP D 168 66.31 -63.71 -26.67
CA ASP D 168 64.89 -63.86 -26.42
C ASP D 168 64.27 -62.56 -25.94
N THR D 169 65.03 -61.47 -26.01
CA THR D 169 64.55 -60.15 -25.62
C THR D 169 63.71 -59.57 -26.75
N VAL D 170 63.49 -58.26 -26.72
CA VAL D 170 62.73 -57.63 -27.77
C VAL D 170 63.65 -57.43 -28.98
N LEU D 171 63.68 -58.43 -29.86
CA LEU D 171 64.56 -58.40 -31.02
C LEU D 171 63.93 -59.12 -32.21
N GLU D 172 62.60 -59.30 -32.18
CA GLU D 172 61.86 -60.02 -33.21
C GLU D 172 61.85 -59.29 -34.55
N LYS D 173 62.31 -58.03 -34.57
CA LYS D 173 62.28 -57.23 -35.77
C LYS D 173 63.09 -57.85 -36.90
N VAL D 174 64.08 -58.68 -36.55
CA VAL D 174 64.89 -59.39 -37.54
C VAL D 174 64.01 -60.16 -38.51
N TYR D 175 62.82 -60.55 -38.07
CA TYR D 175 61.84 -61.12 -38.99
C TYR D 175 61.61 -60.18 -40.16
N GLU D 176 61.14 -58.97 -39.87
CA GLU D 176 60.90 -57.98 -40.91
C GLU D 176 62.14 -57.78 -41.76
N LEU D 177 63.31 -57.82 -41.13
CA LEU D 177 64.56 -57.62 -41.85
C LEU D 177 64.72 -58.64 -42.97
N LEU D 178 64.41 -59.90 -42.68
CA LEU D 178 64.61 -60.96 -43.66
C LEU D 178 63.71 -60.76 -44.87
N GLY D 179 62.48 -60.29 -44.65
CA GLY D 179 61.55 -60.16 -45.75
C GLY D 179 62.03 -59.17 -46.79
N LEU D 180 61.60 -59.39 -48.02
CA LEU D 180 61.99 -58.53 -49.14
C LEU D 180 60.97 -58.68 -50.26
N LEU D 181 60.34 -57.57 -50.63
CA LEU D 181 59.59 -57.49 -51.88
C LEU D 181 60.34 -56.67 -52.91
N GLY D 182 61.65 -56.86 -52.99
CA GLY D 182 62.47 -56.09 -53.89
C GLY D 182 62.46 -56.71 -55.27
N GLU D 183 63.62 -57.04 -55.79
CA GLU D 183 63.73 -57.53 -57.15
C GLU D 183 63.29 -59.00 -57.18
N VAL D 184 63.61 -59.69 -58.29
CA VAL D 184 63.03 -60.99 -58.64
C VAL D 184 63.03 -61.96 -57.47
N HIS D 185 63.89 -61.74 -56.48
CA HIS D 185 64.09 -62.73 -55.43
C HIS D 185 64.38 -64.05 -56.09
N PRO D 186 65.57 -64.25 -56.67
CA PRO D 186 65.82 -65.47 -57.45
C PRO D 186 65.48 -66.73 -56.66
N SER D 187 65.35 -67.85 -57.38
CA SER D 187 64.65 -69.04 -56.92
C SER D 187 64.94 -69.41 -55.46
N GLU D 188 66.12 -69.06 -54.95
CA GLU D 188 66.47 -69.48 -53.59
C GLU D 188 65.48 -68.89 -52.58
N MET D 189 65.15 -67.61 -52.71
CA MET D 189 64.11 -67.06 -51.87
C MET D 189 62.74 -67.65 -52.23
N ILE D 190 62.53 -68.00 -53.50
CA ILE D 190 61.24 -68.53 -53.92
C ILE D 190 60.94 -69.84 -53.20
N ASN D 191 61.92 -70.73 -53.15
CA ASN D 191 61.72 -72.01 -52.47
C ASN D 191 61.80 -71.88 -50.95
N ASN D 192 62.52 -70.88 -50.46
CA ASN D 192 62.60 -70.67 -49.01
C ASN D 192 61.37 -69.97 -48.46
N ALA D 193 60.53 -69.41 -49.33
CA ALA D 193 59.31 -68.76 -48.86
C ALA D 193 58.39 -69.75 -48.16
N GLU D 194 58.26 -70.95 -48.72
CA GLU D 194 57.39 -71.95 -48.13
C GLU D 194 57.85 -72.34 -46.74
N ASN D 195 59.16 -72.53 -46.58
CA ASN D 195 59.72 -72.75 -45.25
C ASN D 195 59.43 -71.56 -44.36
N LEU D 196 59.57 -70.36 -44.91
CA LEU D 196 59.28 -69.16 -44.15
C LEU D 196 57.82 -69.13 -43.72
N PHE D 197 56.93 -69.48 -44.65
CA PHE D 197 55.52 -69.62 -44.28
C PHE D 197 55.36 -70.65 -43.18
N ARG D 198 56.10 -71.76 -43.28
CA ARG D 198 56.02 -72.80 -42.27
C ARG D 198 56.47 -72.28 -40.92
N ALA D 199 57.58 -71.55 -40.89
CA ALA D 199 58.02 -70.94 -39.63
C ALA D 199 57.01 -69.93 -39.13
N PHE D 200 56.44 -69.13 -40.04
CA PHE D 200 55.60 -68.03 -39.63
C PHE D 200 54.26 -68.50 -39.12
N LEU D 201 53.65 -69.47 -39.81
CA LEU D 201 52.43 -70.08 -39.31
C LEU D 201 52.67 -70.81 -38.00
N GLY D 202 53.79 -71.52 -37.90
CA GLY D 202 54.13 -72.16 -36.64
C GLY D 202 54.24 -71.16 -35.52
N GLU D 203 54.76 -69.97 -35.83
CA GLU D 203 54.70 -68.89 -34.86
C GLU D 203 53.27 -68.51 -34.54
N LEU D 204 52.40 -68.44 -35.56
CA LEU D 204 51.02 -68.04 -35.32
C LEU D 204 50.33 -68.99 -34.36
N LYS D 205 50.39 -70.30 -34.66
CA LYS D 205 49.74 -71.28 -33.80
C LYS D 205 50.38 -71.30 -32.42
N THR D 206 51.65 -70.93 -32.33
CA THR D 206 52.27 -70.74 -31.03
C THR D 206 51.56 -69.64 -30.25
N GLN D 207 51.16 -68.57 -30.94
CA GLN D 207 50.51 -67.46 -30.28
C GLN D 207 49.04 -67.74 -30.00
N MET D 208 48.45 -68.69 -30.72
CA MET D 208 47.05 -69.03 -30.58
C MET D 208 46.76 -69.76 -29.27
N THR D 209 47.79 -70.06 -28.50
CA THR D 209 47.64 -70.83 -27.29
C THR D 209 48.77 -70.49 -26.32
N SER D 210 48.69 -71.05 -25.12
CA SER D 210 49.45 -70.60 -23.95
C SER D 210 49.18 -69.12 -23.68
N ALA D 211 47.96 -68.84 -23.20
CA ALA D 211 47.63 -67.48 -22.84
C ALA D 211 48.43 -67.10 -21.60
N VAL D 212 49.75 -67.05 -21.77
CA VAL D 212 50.70 -66.88 -20.69
C VAL D 212 51.49 -65.60 -20.82
N ARG D 213 51.10 -64.71 -21.74
CA ARG D 213 51.93 -63.59 -22.16
C ARG D 213 53.27 -64.08 -22.71
N GLU D 214 53.20 -64.80 -23.82
CA GLU D 214 54.39 -65.22 -24.52
C GLU D 214 55.17 -63.99 -24.97
N PRO D 215 56.49 -64.10 -25.16
CA PRO D 215 57.31 -62.91 -25.40
C PRO D 215 56.82 -62.03 -26.55
N LYS D 216 56.27 -60.87 -26.20
CA LYS D 216 55.93 -59.81 -27.15
C LYS D 216 55.11 -60.32 -28.33
N LEU D 217 53.92 -60.84 -28.03
CA LEU D 217 52.98 -61.19 -29.09
C LEU D 217 52.73 -60.07 -30.08
N PRO D 218 52.44 -58.82 -29.66
CA PRO D 218 52.25 -57.78 -30.67
C PRO D 218 53.48 -57.54 -31.53
N VAL D 219 54.66 -57.66 -30.93
CA VAL D 219 55.89 -57.56 -31.72
C VAL D 219 55.97 -58.71 -32.70
N LEU D 220 55.65 -59.91 -32.25
CA LEU D 220 55.57 -61.05 -33.16
C LEU D 220 54.53 -60.80 -34.23
N ALA D 221 53.38 -60.24 -33.83
CA ALA D 221 52.36 -59.89 -34.80
C ALA D 221 52.87 -58.84 -35.78
N GLY D 222 53.40 -57.74 -35.26
CA GLY D 222 53.80 -56.64 -36.13
C GLY D 222 54.89 -57.05 -37.10
N CYS D 223 55.88 -57.80 -36.62
CA CYS D 223 56.98 -58.22 -37.50
C CYS D 223 56.49 -59.12 -38.62
N LEU D 224 55.59 -60.05 -38.29
CA LEU D 224 55.15 -61.00 -39.30
C LEU D 224 54.18 -60.37 -40.28
N LYS D 225 53.26 -59.53 -39.80
CA LYS D 225 52.30 -58.92 -40.69
C LYS D 225 52.99 -57.97 -41.67
N GLY D 226 54.01 -57.26 -41.22
CA GLY D 226 54.87 -56.56 -42.15
C GLY D 226 55.59 -57.51 -43.08
N LEU D 227 56.07 -58.63 -42.53
CA LEU D 227 56.73 -59.64 -43.35
C LEU D 227 55.83 -60.13 -44.46
N SER D 228 54.74 -60.81 -44.09
CA SER D 228 53.84 -61.38 -45.08
C SER D 228 53.37 -60.32 -46.07
N SER D 229 53.09 -59.12 -45.59
CA SER D 229 52.80 -58.02 -46.50
C SER D 229 53.93 -57.81 -47.49
N LEU D 230 55.17 -57.92 -47.00
CA LEU D 230 56.33 -57.82 -47.86
C LEU D 230 56.57 -59.07 -48.70
N LEU D 231 55.83 -60.15 -48.46
CA LEU D 231 56.09 -61.39 -49.16
C LEU D 231 54.93 -61.87 -50.00
N CYS D 232 53.75 -62.08 -49.42
CA CYS D 232 52.65 -62.71 -50.15
C CYS D 232 51.97 -61.70 -51.07
N ASN D 233 52.80 -61.07 -51.89
CA ASN D 233 52.36 -60.18 -52.95
C ASN D 233 52.48 -60.82 -54.31
N PHE D 234 53.52 -61.60 -54.52
CA PHE D 234 53.71 -62.37 -55.73
C PHE D 234 53.92 -63.85 -55.46
N THR D 235 54.19 -64.24 -54.22
CA THR D 235 54.61 -65.61 -53.94
C THR D 235 53.51 -66.61 -54.24
N LYS D 236 52.28 -66.35 -53.79
CA LYS D 236 51.21 -67.33 -53.97
C LYS D 236 49.87 -66.65 -53.76
N SER D 237 49.07 -66.58 -54.82
CA SER D 237 47.74 -65.98 -54.76
C SER D 237 46.70 -67.08 -54.52
N MET D 238 45.41 -66.76 -54.68
CA MET D 238 44.36 -67.77 -54.48
C MET D 238 44.48 -68.90 -55.48
N GLU D 239 45.16 -69.97 -55.07
CA GLU D 239 45.12 -71.26 -55.76
C GLU D 239 45.07 -72.43 -54.79
N GLU D 240 44.94 -72.16 -53.49
CA GLU D 240 45.10 -73.23 -52.51
C GLU D 240 44.51 -72.78 -51.18
N ASP D 241 44.09 -73.76 -50.38
CA ASP D 241 43.44 -73.47 -49.11
C ASP D 241 44.33 -72.72 -48.12
N PRO D 242 45.60 -73.12 -47.88
CA PRO D 242 46.45 -72.35 -46.96
C PRO D 242 46.29 -70.84 -47.11
N GLN D 243 45.97 -70.38 -48.32
CA GLN D 243 45.81 -68.96 -48.57
C GLN D 243 44.77 -68.38 -47.63
N THR D 244 43.50 -68.77 -47.81
CA THR D 244 42.47 -68.31 -46.90
C THR D 244 42.69 -68.84 -45.49
N SER D 245 43.39 -69.97 -45.36
CA SER D 245 43.63 -70.52 -44.04
C SER D 245 44.39 -69.53 -43.19
N ARG D 246 45.53 -69.04 -43.69
CA ARG D 246 46.25 -68.00 -42.99
C ARG D 246 45.39 -66.77 -42.81
N GLU D 247 44.68 -66.38 -43.87
CA GLU D 247 43.73 -65.28 -43.79
C GLU D 247 42.83 -65.43 -42.57
N ILE D 248 42.24 -66.61 -42.41
CA ILE D 248 41.38 -66.85 -41.26
C ILE D 248 42.18 -66.73 -39.98
N PHE D 249 43.39 -67.30 -39.98
CA PHE D 249 44.21 -67.31 -38.77
C PHE D 249 44.51 -65.90 -38.33
N ASN D 250 44.79 -65.04 -39.31
CA ASN D 250 45.13 -63.65 -39.00
C ASN D 250 43.92 -62.88 -38.52
N PHE D 251 42.77 -63.11 -39.14
CA PHE D 251 41.55 -62.47 -38.67
C PHE D 251 41.23 -62.86 -37.24
N VAL D 252 41.67 -64.03 -36.80
CA VAL D 252 41.46 -64.43 -35.42
C VAL D 252 41.90 -63.33 -34.48
N LEU D 253 43.10 -62.81 -34.74
CA LEU D 253 43.58 -61.66 -34.00
C LEU D 253 42.71 -60.45 -34.26
N LYS D 254 42.39 -60.20 -35.53
CA LYS D 254 41.87 -58.89 -35.88
C LYS D 254 40.50 -58.64 -35.28
N ALA D 255 39.81 -59.68 -34.84
CA ALA D 255 38.49 -59.54 -34.23
C ALA D 255 38.49 -60.06 -32.80
N ILE D 256 39.51 -59.71 -32.03
CA ILE D 256 39.58 -60.07 -30.62
C ILE D 256 40.61 -59.18 -29.95
N ARG D 257 40.48 -59.02 -28.64
CA ARG D 257 41.41 -58.27 -27.79
C ARG D 257 41.54 -56.82 -28.21
N PRO D 258 40.49 -56.01 -28.02
CA PRO D 258 40.57 -54.60 -28.43
C PRO D 258 41.11 -53.70 -27.32
N GLN D 259 41.72 -54.31 -26.31
CA GLN D 259 42.02 -53.63 -25.07
C GLN D 259 43.27 -52.74 -25.22
N ILE D 260 43.52 -51.92 -24.21
CA ILE D 260 44.38 -50.75 -24.28
C ILE D 260 45.62 -50.95 -23.41
N ASP D 261 46.15 -52.16 -23.41
CA ASP D 261 47.31 -52.52 -22.60
C ASP D 261 48.56 -51.83 -23.13
N LEU D 262 49.73 -52.27 -22.62
CA LEU D 262 51.04 -51.80 -23.06
C LEU D 262 51.11 -51.69 -24.57
N LYS D 263 50.32 -52.51 -25.27
CA LYS D 263 50.18 -52.42 -26.72
C LYS D 263 49.86 -50.98 -27.13
N ARG D 264 50.62 -50.47 -28.08
CA ARG D 264 50.58 -49.06 -28.46
C ARG D 264 49.32 -48.70 -29.19
N TYR D 265 48.40 -49.67 -29.26
CA TYR D 265 47.04 -49.47 -29.74
C TYR D 265 46.98 -49.30 -31.25
N ALA D 266 48.06 -49.66 -31.95
CA ALA D 266 48.09 -49.61 -33.41
C ALA D 266 48.78 -50.83 -34.01
N VAL D 267 48.98 -51.88 -33.23
CA VAL D 267 49.63 -53.09 -33.74
C VAL D 267 48.92 -53.67 -34.95
N PRO D 268 47.59 -53.78 -34.99
CA PRO D 268 46.94 -54.37 -36.17
C PRO D 268 47.19 -53.62 -37.46
N SER D 269 47.49 -52.32 -37.38
CA SER D 269 47.43 -51.45 -38.56
C SER D 269 48.21 -52.01 -39.74
N ALA D 270 49.40 -52.57 -39.48
CA ALA D 270 50.22 -53.09 -40.57
C ALA D 270 49.52 -54.22 -41.31
N GLY D 271 48.87 -55.12 -40.56
CA GLY D 271 48.07 -56.15 -41.21
C GLY D 271 46.90 -55.57 -41.97
N LEU D 272 46.30 -54.50 -41.44
CA LEU D 272 45.31 -53.77 -42.21
C LEU D 272 45.94 -53.21 -43.49
N ARG D 273 47.13 -52.65 -43.37
CA ARG D 273 47.85 -52.23 -44.58
C ARG D 273 48.15 -53.42 -45.46
N LEU D 274 48.54 -54.55 -44.87
CA LEU D 274 48.65 -55.78 -45.63
C LEU D 274 47.38 -56.04 -46.42
N PHE D 275 46.26 -56.18 -45.72
CA PHE D 275 44.99 -56.37 -46.40
C PHE D 275 44.71 -55.27 -47.40
N ALA D 276 45.07 -54.03 -47.05
CA ALA D 276 44.95 -52.95 -48.02
C ALA D 276 45.72 -53.29 -49.29
N LEU D 277 46.91 -53.86 -49.14
CA LEU D 277 47.74 -54.26 -50.27
C LEU D 277 47.60 -55.74 -50.62
N HIS D 278 46.72 -56.49 -49.95
CA HIS D 278 46.53 -57.91 -50.27
C HIS D 278 45.03 -58.17 -50.32
N ALA D 279 44.46 -58.05 -51.52
CA ALA D 279 43.06 -58.35 -51.74
C ALA D 279 42.86 -59.49 -52.73
N SER D 280 43.61 -59.49 -53.84
CA SER D 280 43.64 -60.59 -54.79
C SER D 280 44.40 -61.74 -54.28
N GLN D 281 44.91 -61.63 -53.06
CA GLN D 281 45.72 -62.68 -52.46
C GLN D 281 44.89 -63.63 -51.63
N PHE D 282 43.74 -63.17 -51.13
CA PHE D 282 42.84 -64.07 -50.41
C PHE D 282 41.38 -63.85 -50.80
N SER D 283 41.11 -63.52 -52.07
CA SER D 283 39.74 -63.27 -52.50
C SER D 283 38.93 -64.56 -52.41
N THR D 284 37.65 -64.46 -52.77
CA THR D 284 36.73 -65.59 -52.98
C THR D 284 36.48 -66.42 -51.72
N CYS D 285 37.14 -66.06 -50.64
CA CYS D 285 36.87 -66.63 -49.32
C CYS D 285 36.51 -65.54 -48.33
N LEU D 286 35.71 -64.58 -48.79
CA LEU D 286 35.20 -63.53 -47.93
C LEU D 286 33.68 -63.45 -47.96
N LEU D 287 33.01 -64.35 -48.66
CA LEU D 287 31.58 -64.54 -48.43
C LEU D 287 31.34 -64.82 -46.96
N ASP D 288 32.08 -65.76 -46.41
CA ASP D 288 32.20 -65.90 -44.96
C ASP D 288 32.82 -64.64 -44.37
N ASN D 289 32.62 -64.46 -43.07
CA ASN D 289 33.21 -63.35 -42.32
C ASN D 289 32.53 -62.03 -42.70
N TYR D 290 31.69 -62.06 -43.73
CA TYR D 290 31.08 -60.86 -44.31
C TYR D 290 30.61 -59.86 -43.28
N VAL D 291 29.62 -60.24 -42.48
CA VAL D 291 29.13 -59.34 -41.45
C VAL D 291 30.22 -59.07 -40.44
N SER D 292 30.96 -60.11 -40.07
CA SER D 292 32.05 -59.94 -39.12
C SER D 292 33.12 -59.03 -39.71
N LEU D 293 33.40 -59.17 -41.01
CA LEU D 293 34.21 -58.18 -41.70
C LEU D 293 33.64 -56.79 -41.50
N PHE D 294 32.33 -56.65 -41.68
CA PHE D 294 31.71 -55.34 -41.51
C PHE D 294 31.96 -54.79 -40.11
N GLU D 295 31.57 -55.55 -39.09
CA GLU D 295 31.47 -54.98 -37.75
C GLU D 295 32.82 -54.51 -37.21
N VAL D 296 33.87 -55.31 -37.40
CA VAL D 296 35.18 -54.89 -36.89
C VAL D 296 35.61 -53.60 -37.58
N LEU D 297 35.47 -53.54 -38.90
CA LEU D 297 35.89 -52.35 -39.63
C LEU D 297 35.27 -51.10 -39.03
N LEU D 298 33.96 -51.17 -38.74
CA LEU D 298 33.26 -50.03 -38.18
C LEU D 298 33.82 -49.65 -36.82
N LYS D 299 34.05 -50.64 -35.96
CA LYS D 299 34.54 -50.32 -34.62
C LYS D 299 36.02 -49.99 -34.64
N TRP D 300 36.81 -50.62 -35.52
CA TRP D 300 38.19 -50.20 -35.68
C TRP D 300 38.29 -48.78 -36.24
N CYS D 301 37.52 -48.48 -37.28
CA CYS D 301 37.56 -47.13 -37.81
C CYS D 301 36.89 -46.14 -36.87
N ALA D 302 36.08 -46.63 -35.93
CA ALA D 302 35.36 -45.73 -35.03
C ALA D 302 36.31 -44.96 -34.13
N HIS D 303 37.33 -45.64 -33.61
CA HIS D 303 38.11 -45.13 -32.50
C HIS D 303 39.27 -44.25 -32.96
N THR D 304 40.12 -43.88 -32.00
CA THR D 304 41.14 -42.85 -32.15
C THR D 304 42.43 -43.45 -32.71
N ASN D 305 43.53 -42.74 -32.56
CA ASN D 305 44.85 -43.14 -33.08
C ASN D 305 44.80 -43.22 -34.61
N VAL D 306 44.70 -42.04 -35.21
CA VAL D 306 44.63 -41.84 -36.65
C VAL D 306 45.65 -42.72 -37.38
N GLU D 307 46.76 -43.05 -36.71
CA GLU D 307 47.68 -44.04 -37.24
C GLU D 307 46.92 -45.32 -37.59
N LEU D 308 46.01 -45.74 -36.72
CA LEU D 308 45.19 -46.90 -37.04
C LEU D 308 44.14 -46.56 -38.08
N LYS D 309 43.61 -45.33 -38.06
CA LYS D 309 42.49 -45.00 -38.94
C LYS D 309 42.88 -45.18 -40.41
N LYS D 310 43.99 -44.55 -40.79
CA LYS D 310 44.43 -44.59 -42.19
C LYS D 310 44.65 -46.01 -42.67
N ALA D 311 45.21 -46.88 -41.83
CA ALA D 311 45.29 -48.30 -42.18
C ALA D 311 43.89 -48.90 -42.29
N ALA D 312 42.99 -48.50 -41.38
CA ALA D 312 41.63 -49.01 -41.42
C ALA D 312 40.93 -48.60 -42.71
N LEU D 313 41.14 -47.36 -43.14
CA LEU D 313 40.55 -46.91 -44.41
C LEU D 313 41.09 -47.73 -45.56
N SER D 314 42.41 -47.85 -45.66
CA SER D 314 43.03 -48.46 -46.83
C SER D 314 42.60 -49.91 -46.99
N ALA D 315 42.59 -50.66 -45.89
CA ALA D 315 42.11 -52.03 -45.97
C ALA D 315 40.67 -52.08 -46.42
N LEU D 316 39.84 -51.17 -45.89
CA LEU D 316 38.46 -51.04 -46.35
C LEU D 316 38.43 -50.80 -47.85
N GLU D 317 39.35 -49.99 -48.36
CA GLU D 317 39.41 -49.74 -49.80
C GLU D 317 39.62 -51.04 -50.55
N SER D 318 40.60 -51.84 -50.12
CA SER D 318 40.81 -53.14 -50.72
C SER D 318 39.58 -54.03 -50.52
N PHE D 319 38.97 -53.96 -49.34
CA PHE D 319 37.78 -54.76 -49.09
C PHE D 319 36.67 -54.42 -50.06
N LEU D 320 36.32 -53.13 -50.14
CA LEU D 320 35.33 -52.73 -51.12
C LEU D 320 35.81 -53.03 -52.54
N LYS D 321 37.11 -52.88 -52.77
CA LYS D 321 37.65 -53.18 -54.10
C LYS D 321 37.41 -54.63 -54.45
N GLN D 322 37.84 -55.55 -53.58
CA GLN D 322 37.76 -56.97 -53.90
C GLN D 322 36.31 -57.42 -54.04
N VAL D 323 35.43 -56.96 -53.15
CA VAL D 323 34.04 -57.38 -53.24
C VAL D 323 33.41 -56.86 -54.52
N SER D 324 33.76 -55.65 -54.94
CA SER D 324 33.28 -55.15 -56.22
C SER D 324 33.72 -56.06 -57.35
N ASN D 325 34.98 -56.48 -57.32
CA ASN D 325 35.47 -57.42 -58.32
C ASN D 325 34.63 -58.68 -58.32
N MET D 326 34.41 -59.26 -57.13
CA MET D 326 33.64 -60.50 -57.04
C MET D 326 32.28 -60.31 -57.67
N VAL D 327 31.50 -59.35 -57.16
CA VAL D 327 30.13 -59.19 -57.60
C VAL D 327 30.08 -58.74 -59.06
N ALA D 328 31.02 -57.91 -59.49
CA ALA D 328 31.07 -57.53 -60.90
C ALA D 328 31.30 -58.75 -61.77
N LYS D 329 32.23 -59.62 -61.37
CA LYS D 329 32.42 -60.88 -62.09
C LYS D 329 31.49 -61.97 -61.59
N ASN D 330 30.81 -61.76 -60.47
CA ASN D 330 29.69 -62.62 -60.11
C ASN D 330 28.52 -62.19 -60.99
N ALA D 331 28.48 -62.73 -62.21
CA ALA D 331 27.32 -62.54 -63.06
C ALA D 331 26.06 -63.05 -62.38
N GLU D 332 26.22 -64.03 -61.49
CA GLU D 332 25.15 -64.40 -60.58
C GLU D 332 24.69 -63.18 -59.80
N MET D 333 23.39 -62.98 -59.76
CA MET D 333 22.83 -61.99 -58.85
C MET D 333 23.01 -62.39 -57.40
N HIS D 334 23.36 -63.65 -57.15
CA HIS D 334 23.83 -64.18 -55.88
C HIS D 334 22.74 -64.31 -54.84
N LYS D 335 21.62 -63.61 -55.03
CA LYS D 335 20.41 -63.73 -54.22
C LYS D 335 20.55 -63.20 -52.80
N ASN D 336 21.75 -62.81 -52.40
CA ASN D 336 21.85 -62.18 -51.08
C ASN D 336 22.77 -60.97 -51.01
N LYS D 337 23.76 -60.85 -51.88
CA LYS D 337 24.82 -59.88 -51.63
C LYS D 337 24.33 -58.46 -51.90
N LEU D 338 23.43 -58.32 -52.86
CA LEU D 338 22.93 -57.00 -53.17
C LEU D 338 22.27 -56.39 -51.95
N GLN D 339 21.28 -57.10 -51.38
CA GLN D 339 20.72 -56.69 -50.09
C GLN D 339 21.81 -56.61 -49.05
N TYR D 340 22.65 -57.64 -49.00
CA TYR D 340 23.72 -57.67 -48.03
C TYR D 340 24.66 -56.51 -48.23
N PHE D 341 24.64 -55.92 -49.42
CA PHE D 341 25.21 -54.60 -49.54
C PHE D 341 24.34 -53.58 -48.82
N MET D 342 23.09 -53.40 -49.26
CA MET D 342 22.22 -52.42 -48.63
C MET D 342 22.17 -52.63 -47.13
N GLU D 343 21.81 -53.84 -46.69
CA GLU D 343 21.56 -54.02 -45.26
C GLU D 343 22.85 -53.86 -44.46
N GLN D 344 23.91 -54.56 -44.86
CA GLN D 344 25.16 -54.45 -44.14
C GLN D 344 25.82 -53.13 -44.48
N PHE D 345 26.17 -52.95 -45.74
CA PHE D 345 26.94 -51.78 -46.12
C PHE D 345 25.96 -50.61 -46.18
N TYR D 346 25.42 -50.23 -45.03
CA TYR D 346 24.38 -49.22 -44.98
C TYR D 346 24.89 -47.90 -45.53
N GLY D 347 24.01 -47.19 -46.23
CA GLY D 347 24.42 -46.02 -46.96
C GLY D 347 24.57 -44.80 -46.08
N ILE D 348 23.88 -43.71 -46.45
CA ILE D 348 23.98 -42.47 -45.70
C ILE D 348 23.61 -42.71 -44.25
N ILE D 349 24.49 -42.32 -43.34
CA ILE D 349 24.25 -42.53 -41.92
C ILE D 349 23.25 -41.51 -41.39
N ARG D 350 23.30 -40.27 -41.90
CA ARG D 350 22.53 -39.10 -41.49
C ARG D 350 22.86 -38.62 -40.08
N ASN D 351 23.73 -39.31 -39.35
CA ASN D 351 24.27 -38.72 -38.14
C ASN D 351 25.11 -37.51 -38.52
N VAL D 352 25.40 -36.67 -37.53
CA VAL D 352 26.25 -35.51 -37.82
C VAL D 352 27.59 -35.95 -38.40
N ASP D 353 28.40 -36.65 -37.61
CA ASP D 353 29.43 -37.58 -38.05
C ASP D 353 30.17 -38.06 -36.81
N SER D 354 31.02 -39.07 -37.00
CA SER D 354 32.01 -39.44 -36.01
C SER D 354 33.43 -39.13 -36.45
N ASN D 355 33.68 -39.08 -37.75
CA ASN D 355 35.01 -38.87 -38.29
C ASN D 355 35.01 -37.96 -39.51
N ASN D 356 33.94 -37.21 -39.74
CA ASN D 356 33.77 -36.39 -40.95
C ASN D 356 33.93 -37.24 -42.22
N LYS D 357 33.70 -38.53 -42.06
CA LYS D 357 34.06 -39.53 -43.07
C LYS D 357 33.01 -40.61 -43.25
N GLU D 358 32.05 -40.75 -42.33
CA GLU D 358 31.10 -41.85 -42.40
C GLU D 358 30.27 -41.80 -43.67
N LEU D 359 29.81 -40.61 -44.06
CA LEU D 359 29.12 -40.47 -45.33
C LEU D 359 30.07 -40.75 -46.49
N SER D 360 31.30 -40.28 -46.37
CA SER D 360 32.30 -40.48 -47.42
C SER D 360 32.48 -41.97 -47.72
N ILE D 361 32.60 -42.79 -46.69
CA ILE D 361 32.69 -44.23 -46.91
C ILE D 361 31.38 -44.76 -47.46
N ALA D 362 30.25 -44.28 -46.95
CA ALA D 362 28.95 -44.72 -47.44
C ALA D 362 28.83 -44.48 -48.94
N ILE D 363 29.21 -43.29 -49.41
CA ILE D 363 29.10 -42.97 -50.82
C ILE D 363 30.12 -43.76 -51.64
N ARG D 364 31.27 -44.07 -51.06
CA ARG D 364 32.21 -44.96 -51.72
C ARG D 364 31.56 -46.31 -52.02
N GLY D 365 30.92 -46.89 -51.00
CA GLY D 365 30.13 -48.09 -51.24
C GLY D 365 29.00 -47.83 -52.22
N TYR D 366 28.37 -46.67 -52.10
CA TYR D 366 27.33 -46.29 -53.05
C TYR D 366 27.87 -46.36 -54.48
N GLY D 367 29.00 -45.68 -54.72
CA GLY D 367 29.65 -45.80 -56.01
C GLY D 367 30.15 -47.20 -56.27
N LEU D 368 30.61 -47.89 -55.23
CA LEU D 368 31.05 -49.27 -55.37
C LEU D 368 29.92 -50.14 -55.92
N PHE D 369 28.74 -50.01 -55.34
CA PHE D 369 27.59 -50.76 -55.82
C PHE D 369 27.21 -50.35 -57.24
N ALA D 370 27.36 -49.06 -57.55
CA ALA D 370 26.86 -48.52 -58.80
C ALA D 370 27.43 -49.25 -60.02
N GLY D 371 28.71 -49.60 -59.96
CA GLY D 371 29.32 -50.36 -61.03
C GLY D 371 28.55 -51.64 -61.32
N PRO D 372 28.54 -52.56 -60.37
CA PRO D 372 27.74 -53.78 -60.54
C PRO D 372 26.26 -53.50 -60.75
N CYS D 373 25.75 -52.41 -60.18
CA CYS D 373 24.37 -52.02 -60.45
C CYS D 373 24.16 -51.73 -61.93
N LYS D 374 25.20 -51.25 -62.62
CA LYS D 374 25.15 -51.21 -64.08
C LYS D 374 25.46 -52.57 -64.67
N VAL D 375 26.39 -53.30 -64.07
CA VAL D 375 26.71 -54.64 -64.55
C VAL D 375 25.48 -55.53 -64.46
N ILE D 376 24.76 -55.46 -63.34
CA ILE D 376 23.54 -56.23 -63.15
C ILE D 376 22.49 -55.29 -62.58
N ASN D 377 21.25 -55.43 -63.05
CA ASN D 377 20.15 -54.54 -62.67
C ASN D 377 20.43 -53.12 -63.12
N ALA D 378 20.80 -52.96 -64.40
CA ALA D 378 21.14 -51.66 -64.96
C ALA D 378 19.88 -50.85 -65.25
N LYS D 379 19.07 -50.69 -64.24
CA LYS D 379 17.83 -49.93 -64.31
C LYS D 379 17.72 -48.88 -63.22
N ASP D 380 18.24 -49.16 -62.02
CA ASP D 380 18.27 -48.19 -60.95
C ASP D 380 19.54 -47.35 -60.98
N VAL D 381 20.40 -47.55 -61.99
CA VAL D 381 21.65 -46.79 -62.07
C VAL D 381 21.36 -45.30 -62.14
N ASP D 382 20.36 -44.92 -62.93
CA ASP D 382 19.96 -43.51 -62.98
C ASP D 382 19.36 -43.06 -61.66
N PHE D 383 18.55 -43.91 -61.04
CA PHE D 383 18.02 -43.62 -59.72
C PHE D 383 19.14 -43.33 -58.73
N MET D 384 20.12 -44.22 -58.68
CA MET D 384 21.36 -43.92 -57.96
C MET D 384 21.92 -42.58 -58.44
N TYR D 385 22.03 -42.42 -59.75
CA TYR D 385 22.80 -41.32 -60.31
C TYR D 385 22.17 -39.98 -59.93
N VAL D 386 20.85 -39.88 -60.05
CA VAL D 386 20.18 -38.61 -59.84
C VAL D 386 20.25 -38.17 -58.39
N GLU D 387 20.01 -39.09 -57.45
CA GLU D 387 19.92 -38.65 -56.06
C GLU D 387 21.27 -38.20 -55.54
N LEU D 388 22.33 -38.96 -55.80
CA LEU D 388 23.65 -38.60 -55.32
C LEU D 388 24.11 -37.26 -55.92
N ILE D 389 23.88 -37.06 -57.21
CA ILE D 389 24.24 -35.78 -57.81
C ILE D 389 23.41 -34.66 -57.18
N GLN D 390 22.17 -34.97 -56.81
CA GLN D 390 21.39 -34.03 -56.02
C GLN D 390 21.96 -33.88 -54.61
N ARG D 391 22.34 -35.01 -53.99
CA ARG D 391 22.91 -34.96 -52.65
C ARG D 391 24.13 -34.07 -52.60
N CYS D 392 24.97 -34.12 -53.64
CA CYS D 392 26.17 -33.28 -53.67
C CYS D 392 25.80 -31.82 -53.52
N LYS D 393 24.79 -31.38 -54.27
CA LYS D 393 24.49 -29.96 -54.38
C LYS D 393 24.22 -29.35 -53.01
N GLN D 394 23.33 -29.96 -52.24
CA GLN D 394 22.96 -29.44 -50.94
C GLN D 394 24.01 -29.77 -49.87
N MET D 395 25.15 -30.32 -50.27
CA MET D 395 26.31 -30.34 -49.39
C MET D 395 27.02 -28.98 -49.36
N PHE D 396 27.59 -28.57 -50.50
CA PHE D 396 28.38 -27.36 -50.47
C PHE D 396 28.28 -26.50 -51.73
N LEU D 397 27.72 -27.01 -52.83
CA LEU D 397 27.89 -26.40 -54.14
C LEU D 397 27.66 -24.90 -54.19
N THR D 398 26.47 -24.43 -53.86
CA THR D 398 26.25 -22.99 -53.79
C THR D 398 26.37 -22.45 -52.38
N GLN D 399 26.71 -23.31 -51.43
CA GLN D 399 26.79 -22.93 -50.02
C GLN D 399 28.06 -22.13 -49.82
N THR D 400 27.89 -20.81 -49.66
CA THR D 400 29.00 -19.88 -49.53
C THR D 400 29.45 -19.90 -48.07
N ASP D 401 30.16 -20.96 -47.71
CA ASP D 401 30.63 -21.18 -46.34
C ASP D 401 29.47 -21.15 -45.36
N THR D 402 28.32 -21.68 -45.79
CA THR D 402 27.13 -21.71 -44.97
C THR D 402 26.62 -23.13 -44.72
N GLY D 403 26.53 -23.95 -45.78
CA GLY D 403 25.94 -25.27 -45.63
C GLY D 403 26.78 -26.20 -44.79
N ASP D 404 28.10 -26.17 -44.95
CA ASP D 404 28.99 -27.05 -44.20
C ASP D 404 30.41 -26.53 -44.17
N ASP D 405 31.04 -26.60 -43.00
CA ASP D 405 32.45 -26.32 -42.86
C ASP D 405 33.32 -27.54 -43.13
N ARG D 406 32.72 -28.72 -43.27
CA ARG D 406 33.50 -29.91 -43.54
C ARG D 406 33.87 -29.95 -45.00
N VAL D 407 35.15 -30.22 -45.27
CA VAL D 407 35.70 -30.15 -46.61
C VAL D 407 36.42 -31.43 -47.00
N TYR D 408 36.56 -32.36 -46.08
CA TYR D 408 37.26 -33.62 -46.24
C TYR D 408 36.52 -34.58 -47.07
N GLN D 409 35.38 -34.21 -47.63
CA GLN D 409 34.52 -35.21 -48.24
C GLN D 409 34.40 -35.06 -49.75
N MET D 410 34.52 -33.84 -50.27
CA MET D 410 34.29 -33.63 -51.70
C MET D 410 35.10 -34.54 -52.61
N PRO D 411 36.38 -34.81 -52.36
CA PRO D 411 37.07 -35.81 -53.19
C PRO D 411 36.38 -37.17 -53.15
N SER D 412 35.89 -37.57 -51.97
CA SER D 412 35.16 -38.83 -51.89
C SER D 412 33.89 -38.76 -52.73
N PHE D 413 33.19 -37.63 -52.68
CA PHE D 413 32.13 -37.39 -53.66
C PHE D 413 32.67 -37.51 -55.07
N LEU D 414 33.80 -36.87 -55.32
CA LEU D 414 34.35 -36.84 -56.67
C LEU D 414 34.65 -38.25 -57.13
N GLN D 415 35.11 -39.10 -56.21
CA GLN D 415 35.34 -40.50 -56.52
C GLN D 415 34.05 -41.21 -56.93
N SER D 416 33.02 -41.11 -56.09
CA SER D 416 31.82 -41.90 -56.30
C SER D 416 31.12 -41.54 -57.60
N VAL D 417 30.98 -40.24 -57.85
CA VAL D 417 30.28 -39.81 -59.06
C VAL D 417 31.02 -40.28 -60.30
N ALA D 418 32.35 -40.30 -60.25
CA ALA D 418 33.12 -40.82 -61.37
C ALA D 418 32.80 -42.28 -61.61
N SER D 419 32.77 -43.07 -60.53
CA SER D 419 32.51 -44.50 -60.67
C SER D 419 31.16 -44.74 -61.33
N VAL D 420 30.12 -44.07 -60.84
CA VAL D 420 28.81 -44.24 -61.43
C VAL D 420 28.77 -43.65 -62.83
N LEU D 421 29.50 -42.55 -63.06
CA LEU D 421 29.50 -41.95 -64.38
C LEU D 421 30.13 -42.88 -65.41
N LEU D 422 31.21 -43.55 -65.03
CA LEU D 422 31.82 -44.53 -65.92
C LEU D 422 30.81 -45.57 -66.38
N TYR D 423 29.86 -45.90 -65.52
CA TYR D 423 28.85 -46.89 -65.81
C TYR D 423 27.56 -46.27 -66.29
N LEU D 424 27.58 -44.98 -66.61
CA LEU D 424 26.43 -44.32 -67.21
C LEU D 424 26.83 -43.76 -68.57
N ASP D 425 25.90 -43.82 -69.51
CA ASP D 425 26.16 -43.40 -70.88
C ASP D 425 25.93 -41.91 -71.08
N THR D 426 24.77 -41.41 -70.64
CA THR D 426 24.34 -40.06 -70.93
C THR D 426 23.95 -39.34 -69.65
N VAL D 427 24.04 -38.03 -69.69
CA VAL D 427 23.84 -37.21 -68.50
C VAL D 427 22.73 -36.20 -68.74
N PRO D 428 21.91 -35.88 -67.74
CA PRO D 428 21.10 -34.67 -67.83
C PRO D 428 22.02 -33.45 -67.79
N GLU D 429 21.79 -32.54 -68.72
CA GLU D 429 22.57 -31.32 -68.82
C GLU D 429 22.50 -30.49 -67.54
N VAL D 430 21.52 -30.74 -66.68
CA VAL D 430 21.35 -29.93 -65.49
C VAL D 430 22.57 -30.01 -64.59
N TYR D 431 23.25 -31.15 -64.56
CA TYR D 431 24.32 -31.33 -63.61
C TYR D 431 25.67 -30.85 -64.11
N THR D 432 25.86 -30.69 -65.42
CA THR D 432 27.16 -30.22 -65.88
C THR D 432 27.55 -28.85 -65.34
N PRO D 433 26.66 -27.85 -65.22
CA PRO D 433 27.09 -26.63 -64.51
C PRO D 433 27.49 -26.93 -63.09
N VAL D 434 26.78 -27.86 -62.45
CA VAL D 434 27.20 -28.34 -61.13
C VAL D 434 28.58 -28.96 -61.22
N LEU D 435 28.80 -29.77 -62.26
CA LEU D 435 30.04 -30.52 -62.36
C LEU D 435 31.23 -29.60 -62.41
N GLU D 436 31.23 -28.64 -63.31
CA GLU D 436 32.33 -27.69 -63.37
C GLU D 436 32.45 -26.93 -62.06
N HIS D 437 31.31 -26.57 -61.46
CA HIS D 437 31.33 -25.79 -60.23
C HIS D 437 31.96 -26.60 -59.10
N LEU D 438 31.62 -27.87 -59.02
CA LEU D 438 32.25 -28.73 -58.03
C LEU D 438 33.70 -29.01 -58.37
N VAL D 439 34.05 -29.03 -59.66
CA VAL D 439 35.46 -29.21 -60.02
C VAL D 439 36.31 -28.09 -59.46
N VAL D 440 35.89 -26.84 -59.70
CA VAL D 440 36.77 -25.72 -59.40
C VAL D 440 36.95 -25.55 -57.89
N MET D 441 35.89 -25.75 -57.11
CA MET D 441 36.07 -25.71 -55.67
C MET D 441 37.07 -26.76 -55.23
N GLN D 442 37.02 -27.95 -55.83
CA GLN D 442 38.04 -28.96 -55.57
C GLN D 442 39.41 -28.44 -55.96
N ILE D 443 39.49 -27.70 -57.06
CA ILE D 443 40.75 -27.10 -57.48
C ILE D 443 41.29 -26.20 -56.38
N ASP D 444 40.56 -25.13 -56.07
CA ASP D 444 41.04 -24.16 -55.10
C ASP D 444 41.14 -24.75 -53.71
N SER D 445 40.38 -25.80 -53.43
CA SER D 445 40.44 -26.41 -52.11
C SER D 445 41.83 -26.91 -51.78
N PHE D 446 42.61 -27.26 -52.79
CA PHE D 446 43.86 -27.99 -52.72
C PHE D 446 44.73 -27.70 -51.49
N PRO D 447 45.02 -26.43 -51.15
CA PRO D 447 45.86 -26.18 -49.97
C PRO D 447 45.16 -26.59 -48.69
N GLN D 448 45.85 -26.45 -47.56
CA GLN D 448 45.29 -26.82 -46.26
C GLN D 448 44.97 -28.31 -46.19
N TYR D 449 45.62 -29.11 -47.02
CA TYR D 449 45.45 -30.56 -46.97
C TYR D 449 46.79 -31.25 -46.92
N SER D 450 46.78 -32.44 -46.33
CA SER D 450 47.95 -33.29 -46.40
C SER D 450 48.16 -33.73 -47.84
N PRO D 451 49.41 -33.78 -48.28
CA PRO D 451 49.69 -34.31 -49.62
C PRO D 451 49.13 -35.69 -49.81
N LYS D 452 49.13 -36.48 -48.72
CA LYS D 452 48.76 -37.88 -48.81
C LYS D 452 47.34 -38.05 -49.32
N MET D 453 46.39 -37.36 -48.70
CA MET D 453 45.04 -37.38 -49.24
C MET D 453 44.98 -36.64 -50.56
N GLN D 454 45.77 -35.57 -50.70
CA GLN D 454 45.85 -34.91 -51.99
C GLN D 454 46.41 -35.83 -53.07
N LEU D 455 47.12 -36.89 -52.68
CA LEU D 455 47.52 -37.90 -53.66
C LEU D 455 46.31 -38.59 -54.26
N VAL D 456 45.54 -39.28 -53.42
CA VAL D 456 44.36 -39.97 -53.91
C VAL D 456 43.36 -38.97 -54.47
N CYS D 457 43.42 -37.72 -53.99
CA CYS D 457 42.58 -36.67 -54.57
C CYS D 457 42.85 -36.55 -56.06
N CYS D 458 44.04 -36.07 -56.42
CA CYS D 458 44.35 -35.84 -57.83
C CYS D 458 44.16 -37.11 -58.63
N ARG D 459 44.43 -38.26 -58.02
CA ARG D 459 44.08 -39.54 -58.62
C ARG D 459 42.62 -39.53 -59.04
N ALA D 460 41.74 -39.12 -58.14
CA ALA D 460 40.32 -39.11 -58.44
C ALA D 460 39.98 -38.06 -59.48
N ILE D 461 40.59 -36.88 -59.38
CA ILE D 461 40.38 -35.87 -60.41
C ILE D 461 40.88 -36.36 -61.76
N VAL D 462 41.96 -37.14 -61.77
CA VAL D 462 42.32 -37.81 -63.02
C VAL D 462 41.17 -38.67 -63.50
N LYS D 463 40.54 -39.40 -62.57
CA LYS D 463 39.50 -40.35 -62.94
C LYS D 463 38.37 -39.65 -63.68
N VAL D 464 37.93 -38.50 -63.18
CA VAL D 464 36.80 -37.81 -63.80
C VAL D 464 37.17 -37.28 -65.18
N PHE D 465 38.43 -36.89 -65.36
CA PHE D 465 38.86 -36.45 -66.68
C PHE D 465 38.71 -37.58 -67.69
N LEU D 466 39.13 -38.78 -67.30
CA LEU D 466 38.88 -39.95 -68.12
C LEU D 466 37.38 -40.17 -68.27
N ALA D 467 36.63 -39.93 -67.20
CA ALA D 467 35.18 -40.02 -67.28
C ALA D 467 34.62 -39.03 -68.29
N LEU D 468 35.09 -37.79 -68.24
CA LEU D 468 34.73 -36.83 -69.29
C LEU D 468 35.29 -37.27 -70.63
N ALA D 469 36.50 -37.84 -70.64
CA ALA D 469 37.12 -38.24 -71.89
C ALA D 469 36.31 -39.29 -72.61
N ALA D 470 35.53 -40.09 -71.87
CA ALA D 470 34.73 -41.14 -72.50
C ALA D 470 33.67 -40.57 -73.44
N LYS D 471 33.25 -39.32 -73.25
CA LYS D 471 32.18 -38.72 -74.04
C LYS D 471 32.75 -37.53 -74.81
N GLY D 472 33.22 -37.81 -76.02
CA GLY D 472 33.85 -36.84 -76.87
C GLY D 472 33.06 -35.57 -77.10
N PRO D 473 31.77 -35.68 -77.42
CA PRO D 473 30.95 -34.49 -77.55
C PRO D 473 31.02 -33.58 -76.33
N VAL D 474 30.67 -34.11 -75.15
CA VAL D 474 30.75 -33.28 -73.95
C VAL D 474 32.19 -33.11 -73.50
N LEU D 475 33.08 -34.01 -73.92
CA LEU D 475 34.50 -33.90 -73.61
C LEU D 475 35.01 -32.49 -73.84
N ARG D 476 34.93 -32.04 -75.10
CA ARG D 476 35.60 -30.81 -75.51
C ARG D 476 35.13 -29.62 -74.69
N ASN D 477 33.83 -29.33 -74.74
CA ASN D 477 33.31 -28.13 -74.10
C ASN D 477 33.55 -28.14 -72.60
N CYS D 478 33.18 -29.22 -71.92
CA CYS D 478 33.26 -29.25 -70.47
C CYS D 478 34.68 -29.03 -69.99
N ILE D 479 35.63 -29.74 -70.58
CA ILE D 479 37.01 -29.63 -70.13
C ILE D 479 37.56 -28.24 -70.43
N SER D 480 37.23 -27.70 -71.60
CA SER D 480 37.75 -26.38 -71.97
C SER D 480 37.28 -25.33 -70.99
N THR D 481 36.01 -25.37 -70.62
CA THR D 481 35.48 -24.42 -69.64
C THR D 481 36.19 -24.55 -68.31
N VAL D 482 36.26 -25.77 -67.78
CA VAL D 482 36.74 -25.95 -66.42
C VAL D 482 38.21 -25.53 -66.31
N VAL D 483 39.03 -25.93 -67.29
CA VAL D 483 40.44 -25.59 -67.21
C VAL D 483 40.62 -24.08 -67.27
N HIS D 484 39.94 -23.43 -68.20
CA HIS D 484 40.07 -22.00 -68.37
C HIS D 484 39.58 -21.27 -67.14
N GLN D 485 38.43 -21.67 -66.61
CA GLN D 485 37.89 -20.99 -65.45
C GLN D 485 38.72 -21.29 -64.20
N GLY D 486 39.18 -22.52 -64.06
CA GLY D 486 40.10 -22.82 -62.99
C GLY D 486 41.32 -21.92 -63.07
N LEU D 487 41.80 -21.71 -64.30
CA LEU D 487 42.82 -20.69 -64.51
C LEU D 487 42.35 -19.34 -63.99
N ILE D 488 41.11 -18.98 -64.32
CA ILE D 488 40.57 -17.70 -63.86
C ILE D 488 40.68 -17.60 -62.35
N ARG D 489 40.26 -18.65 -61.65
CA ARG D 489 40.33 -18.63 -60.20
C ARG D 489 41.77 -18.41 -59.73
N ILE D 490 42.71 -19.13 -60.34
CA ILE D 490 44.08 -19.09 -59.84
C ILE D 490 44.70 -17.71 -60.05
N CYS D 491 44.65 -17.22 -61.28
CA CYS D 491 45.19 -15.89 -61.56
C CYS D 491 44.47 -14.83 -60.76
N SER D 492 43.20 -15.07 -60.42
CA SER D 492 42.43 -14.07 -59.70
C SER D 492 43.07 -13.75 -58.36
N LYS D 493 43.54 -14.77 -57.65
CA LYS D 493 44.10 -14.53 -56.33
C LYS D 493 45.37 -13.70 -56.47
N PRO D 494 45.51 -12.61 -55.72
CA PRO D 494 46.69 -11.75 -55.86
C PRO D 494 47.89 -12.31 -55.11
N VAL D 495 49.07 -12.03 -55.67
CA VAL D 495 50.33 -12.45 -55.07
C VAL D 495 51.29 -11.27 -55.09
N VAL D 496 52.18 -11.24 -54.10
CA VAL D 496 53.22 -10.21 -54.02
C VAL D 496 54.56 -10.89 -53.76
N LEU D 497 55.57 -10.46 -54.47
CA LEU D 497 56.92 -10.99 -54.27
C LEU D 497 57.38 -10.69 -52.85
N PRO D 498 57.96 -11.68 -52.15
CA PRO D 498 58.48 -11.51 -50.78
C PRO D 498 59.50 -10.37 -50.68
N TRP D 519 39.27 -21.51 -44.83
CA TRP D 519 39.97 -20.60 -45.74
C TRP D 519 41.22 -20.01 -45.09
N LYS D 520 42.37 -20.64 -45.31
CA LYS D 520 43.64 -20.09 -44.89
C LYS D 520 44.32 -19.40 -46.07
N VAL D 521 45.58 -19.01 -45.89
CA VAL D 521 46.28 -18.26 -46.93
C VAL D 521 46.51 -19.14 -48.14
N PRO D 522 46.16 -18.71 -49.35
CA PRO D 522 46.41 -19.48 -50.56
C PRO D 522 47.68 -19.05 -51.27
N THR D 523 48.31 -20.01 -51.95
CA THR D 523 49.40 -19.70 -52.87
C THR D 523 49.32 -20.59 -54.10
N TYR D 524 49.80 -20.05 -55.21
CA TYR D 524 49.81 -20.79 -56.47
C TYR D 524 50.64 -22.05 -56.34
N LYS D 525 51.82 -21.94 -55.71
CA LYS D 525 52.75 -23.05 -55.66
C LYS D 525 52.17 -24.25 -54.94
N ASP D 526 51.13 -24.04 -54.13
CA ASP D 526 50.30 -25.17 -53.71
C ASP D 526 49.88 -25.97 -54.93
N TYR D 527 49.09 -25.33 -55.79
CA TYR D 527 48.41 -26.01 -56.88
C TYR D 527 49.39 -26.52 -57.92
N VAL D 528 50.48 -25.79 -58.14
CA VAL D 528 51.38 -26.10 -59.25
C VAL D 528 51.87 -27.53 -59.13
N ASP D 529 52.02 -28.01 -57.91
CA ASP D 529 52.55 -29.35 -57.69
C ASP D 529 51.57 -30.38 -58.23
N LEU D 530 50.29 -30.18 -57.95
CA LEU D 530 49.25 -30.93 -58.64
C LEU D 530 49.38 -30.79 -60.14
N PHE D 531 49.59 -29.56 -60.60
CA PHE D 531 49.75 -29.34 -62.04
C PHE D 531 50.93 -30.13 -62.55
N ARG D 532 52.03 -30.10 -61.80
CA ARG D 532 53.16 -30.95 -62.11
C ARG D 532 52.75 -32.41 -62.09
N HIS D 533 51.92 -32.79 -61.13
CA HIS D 533 51.41 -34.15 -61.11
C HIS D 533 50.50 -34.43 -62.29
N LEU D 534 49.85 -33.40 -62.83
CA LEU D 534 48.83 -33.65 -63.85
C LEU D 534 49.43 -34.32 -65.09
N LEU D 535 50.60 -33.88 -65.53
CA LEU D 535 51.23 -34.56 -66.66
C LEU D 535 51.82 -35.89 -66.22
N SER D 536 52.47 -35.92 -65.07
CA SER D 536 53.00 -37.16 -64.51
C SER D 536 51.84 -37.97 -63.94
N SER D 537 51.03 -38.50 -64.85
CA SER D 537 49.81 -39.20 -64.48
C SER D 537 49.72 -40.61 -65.05
N ASP D 538 50.47 -40.93 -66.10
CA ASP D 538 50.41 -42.27 -66.68
C ASP D 538 50.77 -43.33 -65.65
N GLN D 539 51.69 -43.02 -64.74
CA GLN D 539 52.12 -44.00 -63.75
C GLN D 539 51.00 -44.47 -62.84
N MET D 540 49.94 -43.67 -62.68
CA MET D 540 48.76 -44.11 -61.95
C MET D 540 47.56 -44.33 -62.84
N MET D 541 47.47 -43.55 -63.93
CA MET D 541 46.41 -43.72 -64.91
C MET D 541 46.36 -45.14 -65.45
N ASP D 542 47.50 -45.82 -65.52
CA ASP D 542 47.52 -47.24 -65.86
C ASP D 542 46.72 -48.05 -64.86
N SER D 543 47.00 -47.86 -63.56
CA SER D 543 46.23 -48.55 -62.53
C SER D 543 44.77 -48.16 -62.59
N ILE D 544 44.48 -46.94 -63.04
CA ILE D 544 43.11 -46.47 -63.15
C ILE D 544 42.37 -47.22 -64.25
N LEU D 545 43.03 -47.44 -65.38
CA LEU D 545 42.43 -48.25 -66.43
C LEU D 545 42.42 -49.73 -66.09
N ALA D 546 43.26 -50.14 -65.14
CA ALA D 546 43.37 -51.56 -64.84
C ALA D 546 42.06 -52.09 -64.25
N ASP D 547 41.43 -51.33 -63.38
CA ASP D 547 40.16 -51.71 -62.79
C ASP D 547 38.96 -51.13 -63.55
N GLU D 548 39.12 -50.85 -64.84
CA GLU D 548 38.05 -50.33 -65.68
C GLU D 548 37.37 -51.50 -66.39
N ALA D 549 36.10 -51.74 -66.07
CA ALA D 549 35.34 -52.77 -66.76
C ALA D 549 34.78 -52.29 -68.09
N PHE D 550 34.76 -50.98 -68.34
CA PHE D 550 34.25 -50.42 -69.58
C PHE D 550 35.36 -50.10 -70.57
N PHE D 551 36.53 -50.74 -70.43
CA PHE D 551 37.64 -50.46 -71.32
C PHE D 551 37.43 -51.00 -72.73
N SER D 552 36.41 -51.83 -72.95
CA SER D 552 36.23 -52.44 -74.26
C SER D 552 35.84 -51.39 -75.30
N VAL D 553 34.67 -50.78 -75.12
CA VAL D 553 34.21 -49.71 -76.00
C VAL D 553 34.26 -48.42 -75.20
N ASN D 554 35.27 -47.60 -75.48
CA ASN D 554 35.45 -46.36 -74.77
C ASN D 554 36.32 -45.42 -75.60
N SER D 555 36.40 -44.17 -75.15
CA SER D 555 37.30 -43.18 -75.74
C SER D 555 38.57 -43.01 -74.90
N SER D 556 38.97 -44.04 -74.17
CA SER D 556 40.11 -43.97 -73.27
C SER D 556 41.40 -44.48 -73.90
N SER D 557 41.42 -44.68 -75.21
CA SER D 557 42.63 -45.13 -75.90
C SER D 557 43.58 -43.99 -76.22
N GLU D 558 43.21 -42.74 -75.92
CA GLU D 558 44.04 -41.58 -76.18
C GLU D 558 44.46 -40.95 -74.86
N SER D 559 45.76 -40.76 -74.67
CA SER D 559 46.29 -40.32 -73.40
C SER D 559 46.04 -38.84 -73.18
N LEU D 560 45.50 -38.49 -72.01
CA LEU D 560 45.57 -37.10 -71.58
C LEU D 560 47.02 -36.65 -71.52
N ASN D 561 47.91 -37.54 -71.07
CA ASN D 561 49.33 -37.26 -71.06
C ASN D 561 49.80 -36.62 -72.35
N HIS D 562 49.10 -36.88 -73.46
CA HIS D 562 49.21 -36.10 -74.67
C HIS D 562 48.03 -35.17 -74.90
N LEU D 563 46.85 -35.50 -74.38
CA LEU D 563 45.72 -34.58 -74.47
C LEU D 563 45.64 -33.70 -73.23
N LEU D 564 46.77 -33.15 -72.81
CA LEU D 564 46.77 -32.12 -71.78
C LEU D 564 47.34 -30.82 -72.30
N TYR D 565 48.51 -30.86 -72.96
CA TYR D 565 49.12 -29.67 -73.56
C TYR D 565 48.02 -28.84 -74.21
N ASP D 566 47.08 -29.55 -74.82
CA ASP D 566 46.03 -28.93 -75.60
C ASP D 566 45.25 -27.91 -74.78
N GLU D 567 44.51 -28.38 -73.79
CA GLU D 567 43.60 -27.49 -73.06
C GLU D 567 44.35 -26.33 -72.44
N PHE D 568 45.57 -26.59 -71.95
CA PHE D 568 46.32 -25.53 -71.30
C PHE D 568 46.62 -24.39 -72.26
N VAL D 569 47.18 -24.71 -73.43
CA VAL D 569 47.67 -23.65 -74.30
C VAL D 569 46.54 -22.80 -74.83
N LYS D 570 45.48 -23.41 -75.35
CA LYS D 570 44.41 -22.60 -75.92
C LYS D 570 43.76 -21.74 -74.85
N SER D 571 43.52 -22.32 -73.68
CA SER D 571 42.98 -21.54 -72.59
C SER D 571 43.88 -20.35 -72.29
N VAL D 572 45.20 -20.57 -72.32
CA VAL D 572 46.13 -19.48 -72.10
C VAL D 572 45.89 -18.36 -73.11
N LEU D 573 46.06 -18.68 -74.39
CA LEU D 573 45.96 -17.64 -75.40
C LEU D 573 44.57 -17.03 -75.41
N LYS D 574 43.56 -17.83 -75.10
CA LYS D 574 42.24 -17.26 -74.87
C LYS D 574 42.32 -16.22 -73.77
N ILE D 575 42.87 -16.60 -72.62
CA ILE D 575 43.09 -15.62 -71.55
C ILE D 575 43.88 -14.45 -72.09
N VAL D 576 44.91 -14.74 -72.89
CA VAL D 576 45.76 -13.68 -73.42
C VAL D 576 44.92 -12.64 -74.15
N GLU D 577 44.01 -13.10 -75.00
CA GLU D 577 43.31 -12.17 -75.87
C GLU D 577 42.23 -11.38 -75.15
N LYS D 578 41.69 -11.91 -74.05
CA LYS D 578 40.52 -11.31 -73.42
C LYS D 578 40.86 -10.33 -72.31
N LEU D 579 42.11 -9.88 -72.21
CA LEU D 579 42.51 -8.98 -71.14
C LEU D 579 43.10 -7.68 -71.68
N ASP D 580 42.87 -6.60 -70.94
CA ASP D 580 43.43 -5.30 -71.27
C ASP D 580 44.94 -5.32 -71.13
N LEU D 581 45.60 -4.54 -71.98
CA LEU D 581 47.06 -4.51 -72.01
C LEU D 581 47.58 -3.08 -72.02
N THR D 582 46.81 -2.14 -72.56
CA THR D 582 47.24 -0.75 -72.64
C THR D 582 47.06 -0.09 -71.28
N LEU D 583 48.17 0.21 -70.62
CA LEU D 583 48.12 0.93 -69.36
C LEU D 583 47.90 2.42 -69.62
N GLU D 584 47.75 3.18 -68.55
CA GLU D 584 47.59 4.63 -68.64
C GLU D 584 48.90 5.31 -68.27
N ILE D 585 49.53 5.96 -69.24
CA ILE D 585 50.62 6.85 -68.87
C ILE D 585 50.03 7.97 -68.04
N GLN D 586 50.65 8.26 -66.90
CA GLN D 586 50.08 9.19 -65.90
C GLN D 586 48.73 8.68 -65.42
N MET D 602 53.11 19.19 -64.27
CA MET D 602 54.35 19.22 -63.50
C MET D 602 55.53 18.82 -64.37
N ILE D 603 56.69 18.66 -63.75
CA ILE D 603 57.88 18.19 -64.48
C ILE D 603 57.60 16.79 -65.01
N PRO D 604 57.89 16.51 -66.28
CA PRO D 604 57.54 15.20 -66.87
C PRO D 604 58.62 14.16 -66.58
N THR D 605 58.41 12.97 -67.13
CA THR D 605 59.36 11.88 -67.04
C THR D 605 60.27 11.86 -68.26
N SER D 606 61.20 10.90 -68.30
CA SER D 606 62.10 10.76 -69.43
C SER D 606 62.24 9.29 -69.87
N ASP D 607 61.24 8.46 -69.58
CA ASP D 607 61.28 7.07 -69.99
C ASP D 607 59.86 6.52 -69.98
N PRO D 608 59.57 5.51 -70.80
CA PRO D 608 58.25 4.88 -70.76
C PRO D 608 57.94 4.23 -69.43
N ALA D 609 58.96 3.81 -68.69
CA ALA D 609 58.75 3.10 -67.45
C ALA D 609 58.04 3.98 -66.42
N ALA D 610 58.54 5.19 -66.22
CA ALA D 610 57.97 6.05 -65.20
C ALA D 610 56.71 6.74 -65.73
N ASN D 611 56.08 7.49 -64.84
CA ASN D 611 54.83 8.21 -65.12
C ASN D 611 53.74 7.23 -65.54
N LEU D 612 53.86 5.99 -65.05
CA LEU D 612 53.05 4.87 -65.50
C LEU D 612 51.80 4.73 -64.63
N HIS D 613 50.76 4.14 -65.23
CA HIS D 613 49.56 3.73 -64.51
C HIS D 613 48.86 2.67 -65.34
N PRO D 614 48.37 1.60 -64.74
CA PRO D 614 47.65 0.59 -65.50
C PRO D 614 46.28 1.08 -65.93
N ALA D 615 45.76 0.48 -66.99
CA ALA D 615 44.33 0.62 -67.25
C ALA D 615 43.52 -0.08 -66.17
N LYS D 616 43.89 -1.31 -65.86
CA LYS D 616 43.34 -2.05 -64.74
C LYS D 616 44.50 -2.72 -64.00
N PRO D 617 44.83 -2.26 -62.78
CA PRO D 617 45.90 -2.94 -62.03
C PRO D 617 45.61 -4.41 -61.82
N LYS D 618 44.33 -4.74 -61.60
CA LYS D 618 43.94 -6.13 -61.44
C LYS D 618 44.26 -6.95 -62.67
N ASP D 619 44.13 -6.36 -63.86
CA ASP D 619 44.46 -7.06 -65.09
C ASP D 619 45.89 -7.58 -65.05
N PHE D 620 46.85 -6.67 -64.86
CA PHE D 620 48.25 -7.06 -64.89
C PHE D 620 48.61 -7.94 -63.72
N SER D 621 47.95 -7.74 -62.58
CA SER D 621 48.20 -8.58 -61.41
C SER D 621 47.86 -10.04 -61.71
N ALA D 622 46.65 -10.29 -62.22
CA ALA D 622 46.31 -11.65 -62.58
C ALA D 622 47.23 -12.18 -63.68
N PHE D 623 47.66 -11.29 -64.57
CA PHE D 623 48.63 -11.68 -65.60
C PHE D 623 49.91 -12.21 -64.97
N ILE D 624 50.51 -11.44 -64.07
CA ILE D 624 51.79 -11.84 -63.51
C ILE D 624 51.60 -13.05 -62.60
N ASN D 625 50.41 -13.21 -62.03
CA ASN D 625 50.07 -14.48 -61.39
C ASN D 625 50.34 -15.62 -62.34
N LEU D 626 49.87 -15.46 -63.59
CA LEU D 626 50.06 -16.48 -64.59
C LEU D 626 51.53 -16.65 -64.93
N VAL D 627 52.22 -15.52 -65.12
CA VAL D 627 53.61 -15.58 -65.54
C VAL D 627 54.45 -16.32 -64.52
N GLU D 628 54.19 -16.03 -63.24
CA GLU D 628 54.82 -16.80 -62.18
C GLU D 628 54.49 -18.28 -62.33
N PHE D 629 53.22 -18.60 -62.54
CA PHE D 629 52.83 -19.99 -62.62
C PHE D 629 53.52 -20.72 -63.76
N CYS D 630 53.60 -20.07 -64.93
CA CYS D 630 53.85 -20.80 -66.17
C CYS D 630 55.11 -21.64 -66.10
N ARG D 631 56.25 -20.97 -65.95
CA ARG D 631 57.55 -21.52 -66.29
C ARG D 631 57.84 -22.94 -65.83
N GLU D 632 57.67 -23.24 -64.54
CA GLU D 632 57.90 -24.61 -64.09
C GLU D 632 57.10 -25.61 -64.90
N ILE D 633 55.86 -25.27 -65.21
CA ILE D 633 54.90 -26.27 -65.66
C ILE D 633 55.32 -26.82 -67.01
N LEU D 634 55.89 -25.98 -67.82
CA LEU D 634 56.09 -26.26 -69.24
C LEU D 634 57.11 -27.36 -69.48
N PRO D 635 58.38 -27.20 -69.10
CA PRO D 635 59.39 -28.19 -69.51
C PRO D 635 59.40 -29.40 -68.61
N GLU D 636 58.23 -29.88 -68.22
CA GLU D 636 58.17 -31.08 -67.40
C GLU D 636 58.05 -32.32 -68.25
N LYS D 637 57.35 -32.24 -69.38
CA LYS D 637 57.18 -33.32 -70.32
C LYS D 637 57.57 -32.80 -71.69
N GLN D 638 58.16 -33.68 -72.50
CA GLN D 638 58.65 -33.24 -73.79
C GLN D 638 57.50 -32.68 -74.62
N ALA D 639 57.76 -31.57 -75.30
CA ALA D 639 56.70 -30.72 -75.84
C ALA D 639 56.51 -30.91 -77.34
N GLU D 640 56.69 -32.13 -77.84
CA GLU D 640 56.39 -32.38 -79.23
C GLU D 640 54.93 -32.13 -79.54
N PHE D 641 54.04 -32.42 -78.58
CA PHE D 641 52.65 -32.08 -78.77
C PHE D 641 52.47 -30.57 -78.76
N PHE D 642 53.34 -29.84 -78.07
CA PHE D 642 53.30 -28.39 -78.20
C PHE D 642 53.76 -27.90 -79.55
N GLU D 643 54.66 -28.64 -80.20
CA GLU D 643 55.24 -28.15 -81.46
C GLU D 643 54.17 -27.63 -82.41
N PRO D 644 53.05 -28.31 -82.63
CA PRO D 644 52.05 -27.77 -83.57
C PRO D 644 51.46 -26.44 -83.13
N TRP D 645 51.87 -25.95 -81.96
CA TRP D 645 51.40 -24.66 -81.47
C TRP D 645 52.43 -23.57 -81.61
N VAL D 646 53.70 -23.93 -81.79
CA VAL D 646 54.77 -22.95 -81.63
C VAL D 646 54.54 -21.77 -82.54
N TYR D 647 54.22 -22.05 -83.80
CA TYR D 647 54.11 -20.99 -84.80
C TYR D 647 52.94 -20.09 -84.50
N SER D 648 51.76 -20.67 -84.29
CA SER D 648 50.60 -19.89 -83.91
C SER D 648 50.84 -19.17 -82.59
N PHE D 649 51.35 -19.89 -81.61
CA PHE D 649 51.65 -19.31 -80.31
C PHE D 649 52.57 -18.11 -80.44
N SER D 650 53.66 -18.28 -81.17
CA SER D 650 54.52 -17.14 -81.45
C SER D 650 53.77 -16.08 -82.22
N TYR D 651 52.97 -16.50 -83.21
CA TYR D 651 52.29 -15.54 -84.06
C TYR D 651 51.33 -14.68 -83.24
N GLU D 652 50.65 -15.27 -82.27
CA GLU D 652 49.77 -14.49 -81.42
C GLU D 652 50.56 -13.51 -80.57
N LEU D 653 51.60 -13.99 -79.90
CA LEU D 653 52.29 -13.18 -78.92
C LEU D 653 52.97 -11.98 -79.55
N ILE D 654 53.53 -12.17 -80.75
CA ILE D 654 54.37 -11.14 -81.33
C ILE D 654 53.63 -9.82 -81.38
N LEU D 655 52.34 -9.86 -81.71
CA LEU D 655 51.55 -8.64 -81.74
C LEU D 655 51.49 -8.00 -80.37
N GLN D 656 51.08 -8.77 -79.35
CA GLN D 656 50.89 -8.20 -78.03
C GLN D 656 52.19 -7.62 -77.49
N SER D 657 53.29 -8.34 -77.67
CA SER D 657 54.59 -7.81 -77.31
C SER D 657 54.83 -6.48 -77.99
N THR D 658 54.63 -6.43 -79.32
CA THR D 658 54.79 -5.17 -80.03
C THR D 658 53.82 -4.11 -79.55
N ARG D 659 52.66 -4.50 -79.06
CA ARG D 659 51.63 -3.53 -78.70
C ARG D 659 52.13 -2.56 -77.64
N LEU D 660 52.37 -3.07 -76.44
CA LEU D 660 53.06 -2.34 -75.38
C LEU D 660 54.18 -3.23 -74.89
N PRO D 661 55.34 -3.18 -75.53
CA PRO D 661 56.48 -3.95 -75.04
C PRO D 661 57.00 -3.33 -73.76
N LEU D 662 56.24 -3.48 -72.68
CA LEU D 662 56.64 -2.92 -71.40
C LEU D 662 56.46 -3.91 -70.27
N ILE D 663 56.23 -5.19 -70.56
CA ILE D 663 55.97 -6.18 -69.53
C ILE D 663 56.95 -7.33 -69.70
N SER D 664 57.65 -7.67 -68.62
CA SER D 664 58.61 -8.77 -68.65
C SER D 664 57.93 -10.09 -68.98
N GLY D 665 56.67 -10.22 -68.60
CA GLY D 665 56.00 -11.51 -68.75
C GLY D 665 56.02 -12.01 -70.18
N PHE D 666 55.84 -11.11 -71.14
CA PHE D 666 55.99 -11.47 -72.55
C PHE D 666 57.27 -12.27 -72.76
N TYR D 667 58.39 -11.66 -72.44
CA TYR D 667 59.69 -12.24 -72.76
C TYR D 667 59.88 -13.54 -72.00
N LYS D 668 59.57 -13.52 -70.70
CA LYS D 668 59.62 -14.73 -69.89
C LYS D 668 58.86 -15.86 -70.58
N LEU D 669 57.66 -15.57 -71.05
CA LEU D 669 56.90 -16.55 -71.80
C LEU D 669 57.67 -16.98 -73.04
N LEU D 670 58.21 -16.03 -73.78
CA LEU D 670 58.92 -16.34 -75.01
C LEU D 670 60.10 -17.26 -74.73
N SER D 671 60.94 -16.88 -73.77
CA SER D 671 62.19 -17.58 -73.53
C SER D 671 61.96 -19.01 -73.09
N ILE D 672 61.01 -19.23 -72.17
CA ILE D 672 60.74 -20.59 -71.73
C ILE D 672 60.28 -21.44 -72.91
N THR D 673 59.36 -20.90 -73.72
CA THR D 673 58.84 -21.66 -74.84
C THR D 673 59.94 -21.98 -75.84
N VAL D 674 60.77 -21.01 -76.19
CA VAL D 674 61.75 -21.26 -77.23
C VAL D 674 62.75 -22.31 -76.75
N ARG D 675 63.21 -22.19 -75.51
CA ARG D 675 64.12 -23.19 -74.98
C ARG D 675 63.45 -24.55 -74.91
N ASN D 676 62.21 -24.59 -74.43
CA ASN D 676 61.48 -25.85 -74.42
C ASN D 676 61.28 -26.37 -75.83
N ALA D 677 60.94 -25.49 -76.77
CA ALA D 677 60.81 -25.89 -78.16
C ALA D 677 62.15 -26.35 -78.71
N LYS D 678 63.22 -25.64 -78.38
CA LYS D 678 64.55 -26.03 -78.85
C LYS D 678 65.00 -27.37 -78.28
N LYS D 679 64.40 -27.82 -77.18
CA LYS D 679 64.75 -29.13 -76.65
C LYS D 679 64.55 -30.21 -77.69
N ILE D 680 63.53 -30.06 -78.55
CA ILE D 680 63.32 -30.99 -79.64
C ILE D 680 64.00 -30.51 -80.92
N LYS D 681 64.54 -29.30 -80.92
CA LYS D 681 65.38 -28.81 -82.03
C LYS D 681 64.56 -28.66 -83.31
N TYR D 682 63.36 -28.09 -83.18
CA TYR D 682 62.50 -27.93 -84.34
C TYR D 682 63.16 -27.16 -85.45
N PHE D 683 64.07 -26.25 -85.11
CA PHE D 683 64.94 -25.62 -86.09
C PHE D 683 66.32 -26.23 -85.95
N GLU D 684 66.77 -26.88 -86.98
CA GLU D 684 68.05 -27.56 -86.97
C GLU D 684 68.93 -27.15 -88.14
N GLY D 685 68.34 -26.91 -89.31
CA GLY D 685 69.10 -26.55 -90.48
C GLY D 685 68.36 -25.54 -91.36
N VAL D 686 67.51 -24.73 -90.74
CA VAL D 686 66.73 -23.76 -91.50
C VAL D 686 67.66 -22.80 -92.22
N SER D 687 67.37 -22.56 -93.50
CA SER D 687 68.20 -21.72 -94.34
C SER D 687 67.43 -21.37 -95.61
N PRO D 688 67.69 -20.20 -96.22
CA PRO D 688 66.99 -19.81 -97.45
C PRO D 688 67.37 -20.66 -98.64
N ASP D 697 58.99 -26.54 -94.05
CA ASP D 697 57.69 -25.86 -94.07
C ASP D 697 57.88 -24.36 -93.98
N PRO D 698 57.08 -23.61 -94.75
CA PRO D 698 57.25 -22.15 -94.80
C PRO D 698 57.13 -21.48 -93.44
N GLU D 699 56.18 -21.93 -92.62
CA GLU D 699 55.96 -21.29 -91.33
C GLU D 699 57.20 -21.36 -90.46
N LYS D 700 58.03 -22.39 -90.66
CA LYS D 700 59.27 -22.50 -89.91
C LYS D 700 60.16 -21.28 -90.17
N TYR D 701 60.64 -21.14 -91.40
CA TYR D 701 61.44 -19.98 -91.75
C TYR D 701 60.68 -18.70 -91.49
N SER D 702 59.36 -18.74 -91.64
CA SER D 702 58.50 -17.58 -91.40
C SER D 702 58.69 -17.09 -89.98
N CYS D 703 58.33 -17.93 -89.00
CA CYS D 703 58.52 -17.53 -87.62
C CYS D 703 59.99 -17.33 -87.30
N PHE D 704 60.86 -18.18 -87.84
CA PHE D 704 62.29 -18.03 -87.66
C PHE D 704 62.73 -16.60 -87.89
N ALA D 705 62.49 -16.09 -89.10
CA ALA D 705 62.85 -14.71 -89.40
C ALA D 705 62.20 -13.73 -88.44
N LEU D 706 60.97 -14.02 -88.03
CA LEU D 706 60.28 -13.14 -87.10
C LEU D 706 61.09 -12.94 -85.83
N PHE D 707 61.63 -14.03 -85.29
CA PHE D 707 62.45 -13.92 -84.10
C PHE D 707 63.65 -13.03 -84.39
N VAL D 708 64.26 -13.23 -85.55
CA VAL D 708 65.51 -12.55 -85.87
C VAL D 708 65.28 -11.04 -85.91
N LYS D 709 64.27 -10.62 -86.66
CA LYS D 709 63.95 -9.19 -86.72
C LYS D 709 63.49 -8.68 -85.37
N PHE D 710 62.66 -9.46 -84.68
CA PHE D 710 62.22 -9.03 -83.36
C PHE D 710 63.39 -8.97 -82.40
N GLY D 711 64.35 -9.88 -82.56
CA GLY D 711 65.56 -9.79 -81.77
C GLY D 711 66.27 -8.47 -81.99
N LYS D 712 66.25 -7.97 -83.22
CA LYS D 712 66.78 -6.64 -83.48
C LYS D 712 66.01 -5.60 -82.69
N GLU D 713 64.68 -5.65 -82.79
CA GLU D 713 63.85 -4.60 -82.20
C GLU D 713 64.06 -4.52 -80.71
N VAL D 714 64.09 -5.67 -80.05
CA VAL D 714 64.32 -5.66 -78.61
C VAL D 714 65.74 -5.25 -78.29
N ALA D 715 66.71 -5.69 -79.10
CA ALA D 715 68.10 -5.36 -78.84
C ALA D 715 68.30 -3.86 -78.83
N VAL D 716 67.71 -3.17 -79.80
CA VAL D 716 67.77 -1.73 -79.79
C VAL D 716 66.85 -1.14 -78.74
N LYS D 717 65.81 -1.86 -78.34
CA LYS D 717 64.86 -1.33 -77.38
C LYS D 717 65.14 -1.74 -75.94
N MET D 718 66.23 -2.46 -75.69
CA MET D 718 66.46 -2.90 -74.31
C MET D 718 67.29 -1.89 -73.52
N LYS D 719 68.19 -1.16 -74.18
CA LYS D 719 69.13 -0.34 -73.43
C LYS D 719 68.42 0.58 -72.44
N GLN D 720 67.24 1.05 -72.79
CA GLN D 720 66.40 1.78 -71.87
C GLN D 720 65.60 0.86 -70.95
N TYR D 721 65.60 -0.44 -71.21
CA TYR D 721 64.80 -1.37 -70.43
C TYR D 721 65.57 -1.74 -69.17
N LYS D 722 64.86 -1.78 -68.05
CA LYS D 722 65.54 -1.65 -66.77
C LYS D 722 65.13 -2.71 -65.75
N ASP D 723 65.50 -2.49 -64.51
CA ASP D 723 65.34 -3.49 -63.46
C ASP D 723 63.90 -3.95 -63.36
N GLU D 724 63.75 -5.20 -62.93
CA GLU D 724 62.47 -5.88 -62.77
C GLU D 724 61.86 -6.14 -64.14
N LEU D 725 62.45 -5.56 -65.19
CA LEU D 725 61.98 -5.71 -66.56
C LEU D 725 63.04 -6.22 -67.52
N LEU D 726 64.24 -5.61 -67.52
CA LEU D 726 65.26 -6.01 -68.49
C LEU D 726 65.66 -7.47 -68.31
N ALA D 727 65.38 -8.05 -67.15
CA ALA D 727 65.69 -9.46 -66.92
C ALA D 727 65.04 -10.32 -68.00
N SER D 728 63.75 -10.14 -68.21
CA SER D 728 63.08 -10.86 -69.28
C SER D 728 63.69 -10.50 -70.63
N CYS D 729 64.04 -9.22 -70.80
CA CYS D 729 64.66 -8.77 -72.04
C CYS D 729 65.88 -9.62 -72.36
N LEU D 730 66.90 -9.55 -71.53
CA LEU D 730 68.06 -10.38 -71.70
C LEU D 730 67.67 -11.86 -71.73
N THR D 731 66.62 -12.22 -70.99
CA THR D 731 66.23 -13.62 -70.91
C THR D 731 65.79 -14.13 -72.27
N PHE D 732 64.81 -13.45 -72.87
CA PHE D 732 64.39 -13.83 -74.21
C PHE D 732 65.55 -13.68 -75.18
N LEU D 733 66.41 -12.69 -74.96
CA LEU D 733 67.54 -12.44 -75.84
C LEU D 733 68.41 -13.68 -75.97
N LEU D 734 68.97 -14.13 -74.86
CA LEU D 734 69.87 -15.26 -74.88
C LEU D 734 69.18 -16.59 -75.13
N SER D 735 67.87 -16.62 -75.09
CA SER D 735 67.10 -17.85 -75.23
C SER D 735 67.16 -18.46 -76.62
N LEU D 736 68.00 -17.98 -77.51
CA LEU D 736 67.98 -18.35 -78.92
C LEU D 736 69.14 -19.27 -79.29
N PRO D 737 68.98 -20.09 -80.32
CA PRO D 737 70.01 -21.07 -80.68
C PRO D 737 71.13 -20.46 -81.51
N HIS D 738 72.08 -21.32 -81.90
CA HIS D 738 73.18 -20.87 -82.74
C HIS D 738 72.69 -20.47 -84.11
N ASN D 739 71.75 -21.24 -84.66
CA ASN D 739 71.33 -21.06 -86.04
C ASN D 739 70.83 -19.64 -86.27
N ILE D 740 70.08 -19.12 -85.31
CA ILE D 740 69.39 -17.85 -85.53
C ILE D 740 70.38 -16.68 -85.58
N ILE D 741 71.31 -16.62 -84.62
CA ILE D 741 72.25 -15.50 -84.63
C ILE D 741 73.37 -15.73 -85.63
N GLU D 742 73.40 -16.89 -86.30
CA GLU D 742 74.38 -17.17 -87.32
C GLU D 742 74.53 -16.01 -88.30
N LEU D 743 73.48 -15.22 -88.48
CA LEU D 743 73.59 -13.94 -89.16
C LEU D 743 73.69 -12.85 -88.10
N ASP D 744 74.77 -12.06 -88.17
CA ASP D 744 74.98 -10.90 -87.32
C ASP D 744 74.95 -11.27 -85.83
N VAL D 745 75.97 -12.02 -85.43
CA VAL D 745 76.23 -12.20 -84.01
C VAL D 745 76.52 -10.86 -83.34
N ARG D 746 77.20 -9.96 -84.06
CA ARG D 746 77.59 -8.68 -83.48
C ARG D 746 76.41 -7.80 -83.14
N ALA D 747 75.23 -8.09 -83.70
CA ALA D 747 74.04 -7.38 -83.26
C ALA D 747 73.85 -7.53 -81.76
N TYR D 748 74.20 -8.69 -81.24
CA TYR D 748 73.81 -9.07 -79.90
C TYR D 748 74.91 -8.82 -78.88
N VAL D 749 76.11 -8.48 -79.33
CA VAL D 749 77.23 -8.32 -78.41
C VAL D 749 77.00 -7.24 -77.36
N PRO D 750 76.45 -6.05 -77.67
CA PRO D 750 76.44 -5.01 -76.63
C PRO D 750 75.61 -5.37 -75.43
N ALA D 751 74.42 -5.95 -75.65
CA ALA D 751 73.57 -6.36 -74.55
C ALA D 751 74.27 -7.38 -73.65
N LEU D 752 75.19 -8.14 -74.22
CA LEU D 752 75.85 -9.21 -73.48
C LEU D 752 76.59 -8.66 -72.28
N GLN D 753 77.64 -7.87 -72.56
CA GLN D 753 78.49 -7.35 -71.50
C GLN D 753 77.65 -6.65 -70.44
N MET D 754 76.61 -5.95 -70.87
CA MET D 754 75.66 -5.34 -69.95
C MET D 754 75.17 -6.36 -68.94
N ALA D 755 74.64 -7.48 -69.43
CA ALA D 755 74.07 -8.48 -68.54
C ALA D 755 75.14 -9.10 -67.66
N PHE D 756 76.24 -9.55 -68.25
CA PHE D 756 77.21 -10.35 -67.51
C PHE D 756 77.77 -9.56 -66.35
N LYS D 757 78.11 -8.29 -66.62
CA LYS D 757 78.50 -7.41 -65.54
C LYS D 757 77.38 -7.28 -64.53
N LEU D 758 76.14 -7.24 -64.99
CA LEU D 758 75.00 -7.17 -64.08
C LEU D 758 74.70 -8.53 -63.45
N GLY D 759 75.37 -9.59 -63.89
CA GLY D 759 75.19 -10.92 -63.34
C GLY D 759 75.13 -10.98 -61.83
N LEU D 760 75.78 -10.01 -61.18
CA LEU D 760 75.77 -9.96 -59.72
C LEU D 760 74.37 -9.79 -59.17
N SER D 761 73.52 -9.05 -59.90
CA SER D 761 72.17 -8.80 -59.42
C SER D 761 71.39 -10.09 -59.28
N TYR D 762 71.52 -10.98 -60.26
CA TYR D 762 70.85 -12.28 -60.21
C TYR D 762 71.78 -13.30 -60.85
N THR D 763 72.18 -14.29 -60.06
CA THR D 763 72.99 -15.39 -60.57
C THR D 763 72.38 -16.12 -61.75
N PRO D 764 71.06 -16.40 -61.82
CA PRO D 764 70.54 -17.10 -63.01
C PRO D 764 70.89 -16.38 -64.29
N LEU D 765 70.84 -15.05 -64.26
CA LEU D 765 71.41 -14.25 -65.35
C LEU D 765 72.79 -14.74 -65.74
N ALA D 766 73.70 -14.79 -64.78
CA ALA D 766 75.07 -15.15 -65.09
C ALA D 766 75.13 -16.54 -65.72
N GLU D 767 74.40 -17.48 -65.16
CA GLU D 767 74.58 -18.87 -65.58
C GLU D 767 73.96 -19.14 -66.94
N VAL D 768 72.77 -18.61 -67.22
CA VAL D 768 72.16 -18.86 -68.52
C VAL D 768 73.05 -18.33 -69.63
N GLY D 769 73.56 -17.11 -69.47
CA GLY D 769 74.45 -16.56 -70.48
C GLY D 769 75.70 -17.39 -70.64
N LEU D 770 76.26 -17.86 -69.52
CA LEU D 770 77.43 -18.72 -69.59
C LEU D 770 77.13 -19.96 -70.41
N ASN D 771 76.05 -20.67 -70.05
CA ASN D 771 75.69 -21.87 -70.79
C ASN D 771 75.47 -21.52 -72.25
N ALA D 772 74.71 -20.46 -72.50
CA ALA D 772 74.47 -20.03 -73.87
C ALA D 772 75.77 -19.64 -74.55
N LEU D 773 76.61 -18.84 -73.89
CA LEU D 773 77.82 -18.39 -74.57
C LEU D 773 78.66 -19.59 -74.98
N GLU D 774 78.86 -20.53 -74.06
CA GLU D 774 79.61 -21.74 -74.37
C GLU D 774 78.91 -22.55 -75.46
N GLU D 775 77.57 -22.55 -75.46
CA GLU D 775 76.82 -23.14 -76.55
C GLU D 775 77.37 -22.70 -77.91
N TRP D 776 77.26 -21.41 -78.23
CA TRP D 776 77.61 -21.03 -79.59
C TRP D 776 79.09 -21.32 -79.83
N SER D 777 79.90 -21.19 -78.78
CA SER D 777 81.30 -21.55 -78.85
C SER D 777 81.47 -22.97 -79.38
N ILE D 778 80.56 -23.87 -79.02
CA ILE D 778 80.61 -25.22 -79.56
C ILE D 778 80.31 -25.22 -81.05
N TYR D 779 79.25 -24.52 -81.46
CA TYR D 779 78.66 -24.77 -82.77
C TYR D 779 79.38 -24.02 -83.88
N ILE D 780 79.25 -22.70 -83.88
CA ILE D 780 79.74 -21.92 -85.00
C ILE D 780 81.23 -21.64 -84.85
N ASP D 781 81.88 -21.42 -85.98
CA ASP D 781 83.33 -21.38 -86.05
C ASP D 781 83.85 -20.11 -85.42
N ARG D 782 85.14 -20.12 -85.13
CA ARG D 782 85.79 -19.02 -84.46
C ARG D 782 85.92 -17.81 -85.36
N HIS D 783 85.92 -18.03 -86.67
CA HIS D 783 86.14 -16.95 -87.62
C HIS D 783 85.05 -15.89 -87.50
N VAL D 784 83.79 -16.33 -87.38
CA VAL D 784 82.71 -15.38 -87.24
C VAL D 784 82.76 -14.72 -85.88
N MET D 785 83.22 -15.44 -84.87
CA MET D 785 83.23 -14.92 -83.51
C MET D 785 84.45 -14.07 -83.21
N GLN D 786 85.56 -14.32 -83.89
CA GLN D 786 86.81 -13.65 -83.54
C GLN D 786 86.69 -12.13 -83.50
N PRO D 787 85.96 -11.45 -84.40
CA PRO D 787 86.04 -9.99 -84.40
C PRO D 787 85.52 -9.33 -83.14
N TYR D 788 85.01 -10.09 -82.18
CA TYR D 788 84.36 -9.47 -81.04
C TYR D 788 84.78 -10.03 -79.70
N TYR D 789 85.49 -11.15 -79.67
CA TYR D 789 86.05 -11.72 -78.45
C TYR D 789 86.58 -10.63 -77.54
N LYS D 790 87.37 -9.74 -78.13
CA LYS D 790 87.96 -8.61 -77.43
C LYS D 790 86.97 -7.83 -76.59
N ASP D 791 85.68 -7.96 -76.86
CA ASP D 791 84.67 -7.16 -76.19
C ASP D 791 83.81 -7.96 -75.23
N ILE D 792 83.36 -9.13 -75.67
CA ILE D 792 82.50 -9.94 -74.81
C ILE D 792 83.27 -10.51 -73.64
N LEU D 793 84.47 -11.05 -73.90
CA LEU D 793 85.28 -11.65 -72.83
C LEU D 793 85.48 -10.71 -71.65
N PRO D 794 86.11 -9.55 -71.81
CA PRO D 794 86.50 -8.77 -70.63
C PRO D 794 85.31 -8.20 -69.88
N CYS D 795 84.34 -9.04 -69.57
CA CYS D 795 83.19 -8.66 -68.75
C CYS D 795 83.03 -9.55 -67.54
N LEU D 796 83.23 -10.86 -67.70
CA LEU D 796 83.04 -11.76 -66.57
C LEU D 796 84.19 -11.64 -65.58
N ASP D 797 85.36 -11.26 -66.08
CA ASP D 797 86.53 -11.11 -65.22
C ASP D 797 86.23 -10.16 -64.06
N GLY D 798 85.33 -9.19 -64.28
CA GLY D 798 84.96 -8.29 -63.19
C GLY D 798 84.46 -9.05 -61.98
N TYR D 799 83.61 -10.05 -62.20
CA TYR D 799 83.15 -10.89 -61.11
C TYR D 799 84.27 -11.73 -60.50
N LEU D 800 85.48 -11.65 -61.03
CA LEU D 800 86.57 -12.52 -60.60
C LEU D 800 87.70 -11.77 -59.90
N LYS D 801 87.41 -10.59 -59.37
CA LYS D 801 88.36 -9.88 -58.50
C LYS D 801 88.00 -9.96 -57.04
N THR D 802 86.73 -10.18 -56.71
CA THR D 802 86.24 -10.03 -55.36
C THR D 802 85.70 -11.36 -54.85
N SER D 803 85.10 -11.31 -53.66
CA SER D 803 84.50 -12.49 -53.02
C SER D 803 85.51 -13.62 -52.91
N ALA D 804 86.75 -13.28 -52.59
CA ALA D 804 87.81 -14.27 -52.46
C ALA D 804 87.72 -14.99 -51.12
N PHE D 826 68.41 -26.73 -32.04
CA PHE D 826 67.04 -27.13 -31.75
C PHE D 826 66.88 -28.64 -31.75
N ASN D 827 67.56 -29.30 -32.70
CA ASN D 827 67.49 -30.75 -32.80
C ASN D 827 68.01 -31.39 -31.52
N LYS D 828 67.25 -32.34 -31.00
CA LYS D 828 67.68 -33.07 -29.81
C LYS D 828 68.90 -33.91 -30.15
N VAL D 829 69.79 -34.04 -29.17
CA VAL D 829 71.01 -34.81 -29.37
C VAL D 829 70.69 -36.28 -29.63
N VAL D 830 69.56 -36.76 -29.14
CA VAL D 830 69.21 -38.17 -29.27
C VAL D 830 67.80 -38.32 -29.80
N LEU D 831 67.58 -39.38 -30.57
CA LEU D 831 66.26 -39.83 -31.01
C LEU D 831 65.51 -38.73 -31.76
N LYS D 832 66.07 -38.37 -32.92
CA LYS D 832 65.41 -37.40 -33.78
C LYS D 832 64.46 -38.06 -34.77
N HIS D 833 64.75 -39.29 -35.20
CA HIS D 833 63.92 -40.01 -36.16
C HIS D 833 63.57 -39.12 -37.35
N LEU D 834 64.61 -38.49 -37.90
CA LEU D 834 64.50 -37.21 -38.59
C LEU D 834 63.34 -37.11 -39.58
N LYS D 835 62.36 -36.29 -39.21
CA LYS D 835 61.37 -35.73 -40.12
C LYS D 835 61.17 -34.25 -39.79
N LYS D 836 62.03 -33.70 -38.92
CA LYS D 836 61.89 -32.32 -38.47
C LYS D 836 62.01 -31.34 -39.62
N THR D 837 62.95 -31.58 -40.54
CA THR D 837 63.21 -30.69 -41.67
C THR D 837 63.27 -31.56 -42.92
N LYS D 838 62.15 -31.67 -43.62
CA LYS D 838 62.10 -32.44 -44.85
C LYS D 838 61.24 -31.72 -45.89
N ASN D 839 61.43 -30.41 -46.02
CA ASN D 839 60.71 -29.63 -47.01
C ASN D 839 61.61 -28.87 -47.99
N LEU D 840 62.74 -28.36 -47.52
CA LEU D 840 63.64 -27.61 -48.41
C LEU D 840 64.39 -28.55 -49.32
N SER D 841 64.69 -28.07 -50.52
CA SER D 841 65.44 -28.84 -51.51
C SER D 841 66.57 -28.08 -52.16
N SER D 842 66.60 -26.75 -52.07
CA SER D 842 67.64 -25.93 -52.68
C SER D 842 67.78 -26.25 -54.16
N ASN D 843 66.64 -26.43 -54.82
CA ASN D 843 66.60 -26.81 -56.23
C ASN D 843 66.54 -25.63 -57.18
N GLU D 844 66.69 -24.40 -56.68
CA GLU D 844 66.90 -23.25 -57.56
C GLU D 844 67.98 -22.29 -57.08
N ALA D 845 68.49 -22.44 -55.87
CA ALA D 845 69.45 -21.47 -55.32
C ALA D 845 70.80 -21.63 -55.99
N ILE D 846 71.22 -20.64 -56.76
CA ILE D 846 72.51 -20.63 -57.43
C ILE D 846 73.33 -19.47 -56.87
N SER D 847 74.53 -19.78 -56.41
CA SER D 847 75.45 -18.78 -55.89
C SER D 847 76.42 -18.39 -57.00
N LEU D 848 77.43 -17.61 -56.63
CA LEU D 848 78.40 -17.11 -57.58
C LEU D 848 79.59 -18.05 -57.75
N GLU D 849 79.91 -18.83 -56.72
CA GLU D 849 81.09 -19.67 -56.78
C GLU D 849 81.00 -20.67 -57.92
N GLU D 850 79.89 -21.39 -58.02
CA GLU D 850 79.75 -22.36 -59.10
C GLU D 850 79.81 -21.67 -60.45
N ILE D 851 79.33 -20.43 -60.52
CA ILE D 851 79.40 -19.68 -61.77
C ILE D 851 80.83 -19.49 -62.20
N ARG D 852 81.62 -18.80 -61.37
CA ARG D 852 83.02 -18.55 -61.72
C ARG D 852 83.76 -19.86 -61.96
N ILE D 853 83.36 -20.91 -61.25
CA ILE D 853 83.85 -22.25 -61.58
C ILE D 853 83.53 -22.57 -63.02
N ARG D 854 82.26 -22.42 -63.39
CA ARG D 854 81.89 -22.67 -64.77
C ARG D 854 82.56 -21.67 -65.69
N VAL D 855 82.77 -20.45 -65.19
CA VAL D 855 83.58 -19.50 -65.93
C VAL D 855 84.96 -20.07 -66.20
N VAL D 856 85.63 -20.52 -65.14
CA VAL D 856 87.01 -20.97 -65.27
C VAL D 856 87.10 -22.15 -66.24
N GLN D 857 86.24 -23.14 -66.06
CA GLN D 857 86.34 -24.36 -66.85
C GLN D 857 86.17 -24.08 -68.33
N MET D 858 85.21 -23.21 -68.67
CA MET D 858 85.07 -22.81 -70.06
C MET D 858 86.32 -22.09 -70.53
N LEU D 859 86.87 -21.22 -69.68
CA LEU D 859 88.05 -20.46 -70.06
C LEU D 859 89.23 -21.38 -70.35
N GLY D 860 89.38 -22.45 -69.56
CA GLY D 860 90.41 -23.42 -69.88
C GLY D 860 90.16 -24.09 -71.21
N SER D 861 88.92 -24.49 -71.46
CA SER D 861 88.55 -24.99 -72.77
C SER D 861 88.65 -23.91 -73.83
N LEU D 862 88.51 -22.65 -73.42
CA LEU D 862 88.64 -21.54 -74.36
C LEU D 862 90.01 -21.54 -75.00
N GLY D 863 90.05 -21.24 -76.30
CA GLY D 863 91.27 -21.39 -77.06
C GLY D 863 92.39 -20.51 -76.52
N GLY D 864 93.59 -21.07 -76.54
CA GLY D 864 94.72 -20.37 -75.97
C GLY D 864 95.05 -19.07 -76.66
N GLN D 865 94.44 -18.80 -77.80
CA GLN D 865 94.56 -17.50 -78.44
C GLN D 865 93.40 -16.58 -78.10
N ILE D 866 92.20 -17.13 -77.92
CA ILE D 866 91.06 -16.28 -77.60
C ILE D 866 91.24 -15.66 -76.22
N ASN D 867 91.95 -16.36 -75.34
CA ASN D 867 92.06 -15.99 -73.95
C ASN D 867 92.58 -14.57 -73.74
N LYS D 868 93.41 -14.07 -74.67
CA LYS D 868 93.94 -12.72 -74.52
C LYS D 868 92.82 -11.70 -74.40
N ASN D 869 91.74 -11.89 -75.18
CA ASN D 869 90.67 -10.90 -75.25
C ASN D 869 90.14 -10.53 -73.88
N LEU D 870 90.00 -11.52 -73.00
CA LEU D 870 89.60 -11.24 -71.63
C LEU D 870 90.61 -10.33 -70.95
N LEU D 871 91.90 -10.62 -71.11
CA LEU D 871 92.93 -9.83 -70.45
C LEU D 871 93.38 -8.66 -71.30
N THR D 872 93.60 -8.87 -72.60
CA THR D 872 93.99 -7.76 -73.46
C THR D 872 92.83 -6.78 -73.52
N VAL D 873 92.97 -5.70 -72.75
CA VAL D 873 91.89 -4.74 -72.54
C VAL D 873 92.47 -3.34 -72.60
N THR D 874 91.80 -2.45 -73.33
CA THR D 874 92.30 -1.10 -73.55
C THR D 874 91.21 -0.04 -73.49
N SER D 875 89.95 -0.42 -73.31
CA SER D 875 88.81 0.49 -73.52
C SER D 875 88.84 1.73 -72.62
N SER D 876 88.67 1.55 -71.32
CA SER D 876 88.64 2.67 -70.39
C SER D 876 89.93 2.64 -69.58
N ASP D 877 90.95 3.29 -70.11
CA ASP D 877 92.25 3.29 -69.44
C ASP D 877 92.24 4.11 -68.16
N GLU D 878 91.20 4.93 -67.95
CA GLU D 878 91.12 5.71 -66.72
C GLU D 878 91.07 4.80 -65.50
N MET D 879 90.26 3.74 -65.57
CA MET D 879 90.31 2.71 -64.53
C MET D 879 91.49 1.79 -64.71
N MET D 880 91.67 1.27 -65.93
CA MET D 880 92.70 0.30 -66.29
C MET D 880 94.03 0.59 -65.65
N LYS D 881 94.39 1.85 -65.71
CA LYS D 881 95.48 2.41 -64.92
C LYS D 881 94.85 3.40 -63.94
N SER D 882 95.05 3.17 -62.65
CA SER D 882 94.44 3.95 -61.58
C SER D 882 94.40 5.45 -61.89
N TYR D 883 93.20 6.03 -61.71
CA TYR D 883 92.95 7.44 -62.02
C TYR D 883 94.10 8.35 -61.62
N VAL D 884 94.51 9.20 -62.56
CA VAL D 884 95.56 10.15 -62.30
C VAL D 884 95.19 11.02 -61.11
N ALA D 885 96.21 11.63 -60.49
CA ALA D 885 95.97 12.51 -59.36
C ALA D 885 94.97 13.58 -59.73
N TRP D 886 94.04 13.84 -58.82
CA TRP D 886 92.99 14.82 -59.07
C TRP D 886 93.59 16.18 -59.38
N ASP D 887 94.55 16.61 -58.59
CA ASP D 887 95.33 17.81 -58.85
C ASP D 887 96.81 17.49 -58.79
N ARG D 888 97.59 18.19 -59.61
CA ARG D 888 99.04 18.18 -59.41
C ARG D 888 99.37 18.77 -58.05
N GLU D 889 98.75 19.90 -57.71
CA GLU D 889 98.93 20.56 -56.43
C GLU D 889 97.84 20.08 -55.48
N LYS D 890 98.22 19.32 -54.47
CA LYS D 890 97.28 18.87 -53.46
C LYS D 890 96.88 20.08 -52.60
N ARG D 891 95.65 20.55 -52.81
CA ARG D 891 95.22 21.77 -52.13
C ARG D 891 94.73 21.49 -50.72
N LEU D 892 93.77 20.58 -50.57
CA LEU D 892 92.98 20.47 -49.35
C LEU D 892 93.76 19.76 -48.25
N SER D 893 94.14 20.52 -47.22
CA SER D 893 94.61 19.99 -45.96
C SER D 893 93.58 20.30 -44.89
N PHE D 894 93.88 19.93 -43.65
CA PHE D 894 93.00 20.31 -42.55
C PHE D 894 93.76 20.24 -41.24
N ALA D 895 93.84 21.36 -40.54
CA ALA D 895 94.43 21.40 -39.21
C ALA D 895 93.58 20.58 -38.27
N VAL D 896 94.10 19.44 -37.83
CA VAL D 896 93.32 18.54 -37.01
C VAL D 896 93.40 19.03 -35.57
N PRO D 897 92.29 19.44 -34.98
CA PRO D 897 92.33 20.03 -33.64
C PRO D 897 92.66 19.01 -32.56
N PHE D 898 93.31 19.50 -31.52
CA PHE D 898 93.69 18.68 -30.37
C PHE D 898 93.83 19.59 -29.15
N ARG D 899 94.11 18.96 -28.02
CA ARG D 899 94.68 19.64 -26.87
C ARG D 899 96.20 19.63 -26.89
N GLU D 900 96.80 18.93 -27.85
CA GLU D 900 98.23 18.85 -28.06
C GLU D 900 98.55 19.44 -29.43
N MET D 901 99.78 19.24 -29.88
CA MET D 901 100.22 19.74 -31.18
C MET D 901 99.25 19.32 -32.28
N LYS D 902 98.92 20.26 -33.17
CA LYS D 902 97.84 20.07 -34.12
C LYS D 902 98.40 19.63 -35.47
N PRO D 903 98.02 18.48 -36.00
CA PRO D 903 98.41 18.09 -37.36
C PRO D 903 97.48 18.69 -38.40
N VAL D 904 98.08 19.04 -39.54
CA VAL D 904 97.37 19.62 -40.67
C VAL D 904 97.63 18.69 -41.85
N ILE D 905 96.79 17.71 -42.04
CA ILE D 905 97.03 16.69 -43.05
C ILE D 905 96.21 16.99 -44.29
N PHE D 906 96.80 16.73 -45.45
CA PHE D 906 96.09 16.90 -46.71
C PHE D 906 94.90 15.96 -46.77
N LEU D 907 93.73 16.53 -47.03
CA LEU D 907 92.55 15.73 -47.26
C LEU D 907 92.41 15.32 -48.71
N ASP D 908 93.32 15.81 -49.56
CA ASP D 908 93.34 15.44 -50.96
C ASP D 908 93.73 13.99 -51.20
N VAL D 909 94.09 13.26 -50.13
CA VAL D 909 94.55 11.90 -50.30
C VAL D 909 93.41 10.94 -50.64
N PHE D 910 92.16 11.33 -50.38
CA PHE D 910 91.06 10.37 -50.35
C PHE D 910 89.86 10.85 -51.17
N LEU D 911 90.11 11.39 -52.35
CA LEU D 911 88.97 11.76 -53.18
C LEU D 911 88.35 10.58 -53.93
N PRO D 912 89.10 9.86 -54.77
CA PRO D 912 88.43 8.93 -55.71
C PRO D 912 87.81 7.71 -55.04
N ARG D 913 88.55 7.07 -54.13
CA ARG D 913 88.10 5.78 -53.61
C ARG D 913 86.78 5.93 -52.87
N VAL D 914 86.68 6.93 -51.99
CA VAL D 914 85.43 7.12 -51.25
C VAL D 914 84.28 7.33 -52.21
N THR D 915 84.50 8.12 -53.26
CA THR D 915 83.50 8.26 -54.31
C THR D 915 83.23 6.92 -54.97
N GLU D 916 84.28 6.20 -55.33
CA GLU D 916 84.12 4.88 -55.90
C GLU D 916 83.32 3.99 -54.97
N LEU D 917 83.69 4.00 -53.69
CA LEU D 917 82.97 3.21 -52.72
C LEU D 917 81.58 3.77 -52.47
N ALA D 918 81.43 5.10 -52.53
CA ALA D 918 80.11 5.69 -52.36
C ALA D 918 79.15 5.23 -53.44
N LEU D 919 79.67 4.93 -54.63
CA LEU D 919 78.84 4.53 -55.76
C LEU D 919 77.97 3.36 -55.39
N THR D 920 78.59 2.21 -55.14
CA THR D 920 77.88 1.00 -54.82
C THR D 920 78.64 0.25 -53.74
N ALA D 921 77.89 -0.42 -52.88
CA ALA D 921 78.43 -1.29 -51.85
C ALA D 921 77.27 -2.12 -51.32
N SER D 922 77.49 -2.82 -50.22
CA SER D 922 76.46 -3.60 -49.58
C SER D 922 76.07 -3.00 -48.24
N ASP D 923 74.94 -3.48 -47.72
CA ASP D 923 74.47 -3.28 -46.34
C ASP D 923 73.87 -1.91 -46.08
N ARG D 924 73.73 -1.06 -47.11
CA ARG D 924 72.94 0.16 -47.06
C ARG D 924 73.52 1.20 -46.12
N GLN D 925 74.55 0.85 -45.36
CA GLN D 925 75.16 1.78 -44.42
C GLN D 925 76.48 2.34 -44.92
N THR D 926 77.19 1.55 -45.72
CA THR D 926 78.40 2.05 -46.36
C THR D 926 78.11 3.27 -47.21
N LYS D 927 77.07 3.18 -48.04
CA LYS D 927 76.77 4.26 -48.97
C LYS D 927 76.39 5.51 -48.21
N VAL D 928 75.49 5.37 -47.23
CA VAL D 928 75.03 6.53 -46.48
C VAL D 928 76.18 7.12 -45.68
N ALA D 929 77.08 6.26 -45.20
CA ALA D 929 78.30 6.75 -44.59
C ALA D 929 79.09 7.60 -45.57
N ALA D 930 79.35 7.06 -46.77
CA ALA D 930 80.18 7.76 -47.74
C ALA D 930 79.51 9.06 -48.19
N CYS D 931 78.20 9.04 -48.36
CA CYS D 931 77.50 10.24 -48.81
C CYS D 931 77.62 11.37 -47.80
N GLU D 932 77.43 11.06 -46.51
CA GLU D 932 77.63 12.05 -45.47
C GLU D 932 79.06 12.58 -45.52
N LEU D 933 80.02 11.67 -45.69
CA LEU D 933 81.41 12.08 -45.87
C LEU D 933 81.54 13.02 -47.05
N LEU D 934 81.03 12.61 -48.21
CA LEU D 934 81.15 13.44 -49.41
C LEU D 934 80.44 14.76 -49.21
N HIS D 935 79.26 14.71 -48.61
CA HIS D 935 78.67 15.92 -48.07
C HIS D 935 79.65 16.64 -47.17
N SER D 936 80.27 15.92 -46.25
CA SER D 936 81.07 16.58 -45.22
C SER D 936 82.20 17.39 -45.85
N MET D 937 83.01 16.75 -46.70
CA MET D 937 84.17 17.44 -47.27
C MET D 937 83.79 18.52 -48.26
N VAL D 938 82.60 18.45 -48.85
CA VAL D 938 82.28 19.44 -49.87
C VAL D 938 82.13 20.82 -49.24
N MET D 939 81.57 20.90 -48.03
CA MET D 939 81.52 22.20 -47.36
C MET D 939 82.92 22.69 -47.05
N PHE D 940 83.78 21.82 -46.53
CA PHE D 940 85.13 22.24 -46.18
C PHE D 940 85.87 22.73 -47.41
N MET D 941 85.67 22.07 -48.55
CA MET D 941 86.28 22.51 -49.80
C MET D 941 85.79 23.90 -50.19
N LEU D 942 84.47 24.11 -50.20
CA LEU D 942 83.98 25.44 -50.49
C LEU D 942 84.36 26.42 -49.39
N GLY D 943 84.49 25.93 -48.16
CA GLY D 943 85.10 26.76 -47.13
C GLY D 943 86.51 27.15 -47.50
N LYS D 944 87.27 26.20 -48.05
CA LYS D 944 88.60 26.51 -48.57
C LYS D 944 88.54 27.39 -49.80
N ALA D 945 87.39 27.43 -50.48
CA ALA D 945 87.25 28.20 -51.71
C ALA D 945 87.14 29.70 -51.48
N THR D 946 87.19 30.14 -50.22
CA THR D 946 87.01 31.54 -49.88
C THR D 946 88.17 32.03 -49.03
N GLN D 947 89.39 31.85 -49.55
CA GLN D 947 90.58 32.28 -48.82
C GLN D 947 90.89 33.74 -49.12
N PRO D 956 91.60 29.27 -53.62
CA PRO D 956 92.27 28.42 -54.61
C PRO D 956 91.30 27.87 -55.64
N PRO D 957 91.75 27.73 -56.89
CA PRO D 957 90.87 27.18 -57.93
C PRO D 957 90.82 25.67 -57.86
N MET D 958 89.72 25.14 -57.35
CA MET D 958 89.40 23.73 -57.48
C MET D 958 88.70 23.45 -58.80
N TYR D 959 88.90 24.36 -59.77
CA TYR D 959 88.34 24.28 -61.10
C TYR D 959 88.44 22.88 -61.68
N GLN D 960 89.67 22.36 -61.76
CA GLN D 960 89.88 21.01 -62.27
C GLN D 960 89.25 19.96 -61.34
N LEU D 961 89.35 20.16 -60.03
CA LEU D 961 88.64 19.27 -59.10
C LEU D 961 87.15 19.31 -59.36
N TYR D 962 86.63 20.47 -59.74
CA TYR D 962 85.19 20.60 -59.93
C TYR D 962 84.70 19.67 -61.01
N LYS D 963 85.45 19.53 -62.11
CA LYS D 963 85.08 18.56 -63.13
C LYS D 963 85.07 17.15 -62.56
N ARG D 964 86.15 16.75 -61.91
CA ARG D 964 86.18 15.36 -61.48
C ARG D 964 85.26 15.12 -60.29
N THR D 965 84.65 16.16 -59.75
CA THR D 965 83.74 16.05 -58.61
C THR D 965 82.28 16.07 -59.03
N PHE D 966 81.88 17.10 -59.78
CA PHE D 966 80.46 17.44 -59.89
C PHE D 966 79.60 16.36 -60.54
N PRO D 967 79.92 15.84 -61.73
CA PRO D 967 79.04 14.83 -62.31
C PRO D 967 78.86 13.63 -61.41
N VAL D 968 79.92 13.24 -60.73
CA VAL D 968 79.84 12.13 -59.78
C VAL D 968 78.86 12.46 -58.68
N LEU D 969 78.91 13.69 -58.18
CA LEU D 969 77.89 14.14 -57.25
C LEU D 969 76.51 13.90 -57.83
N LEU D 970 76.32 14.27 -59.09
CA LEU D 970 75.07 13.97 -59.77
C LEU D 970 74.87 12.47 -59.87
N ARG D 971 75.92 11.74 -60.23
CA ARG D 971 75.85 10.29 -60.23
C ARG D 971 75.35 9.78 -58.90
N LEU D 972 75.90 10.33 -57.83
CA LEU D 972 75.41 9.96 -56.51
C LEU D 972 74.06 10.60 -56.23
N ALA D 973 73.85 11.82 -56.71
CA ALA D 973 72.61 12.51 -56.43
C ALA D 973 71.41 11.78 -57.01
N CYS D 974 71.62 10.90 -57.99
CA CYS D 974 70.53 10.25 -58.72
C CYS D 974 70.31 8.80 -58.28
N ASP D 975 70.95 8.36 -57.21
CA ASP D 975 70.85 6.97 -56.79
C ASP D 975 69.49 6.72 -56.13
N VAL D 976 69.28 5.49 -55.67
CA VAL D 976 67.97 5.04 -55.24
C VAL D 976 68.08 4.60 -53.78
N ASP D 977 67.55 5.44 -52.89
CA ASP D 977 67.22 5.07 -51.53
C ASP D 977 66.42 6.22 -50.96
N GLN D 978 65.40 5.90 -50.17
CA GLN D 978 64.62 6.94 -49.52
C GLN D 978 65.53 7.89 -48.77
N VAL D 979 66.57 7.33 -48.15
CA VAL D 979 67.59 8.14 -47.51
C VAL D 979 68.26 9.05 -48.52
N THR D 980 68.67 8.50 -49.66
CA THR D 980 69.48 9.25 -50.60
C THR D 980 68.73 10.47 -51.12
N ARG D 981 67.52 10.25 -51.65
CA ARG D 981 66.72 11.37 -52.12
C ARG D 981 66.45 12.36 -50.99
N GLN D 982 66.22 11.84 -49.77
CA GLN D 982 65.97 12.70 -48.63
C GLN D 982 67.16 13.63 -48.38
N LEU D 983 68.37 13.09 -48.43
CA LEU D 983 69.55 13.91 -48.21
C LEU D 983 69.91 14.74 -49.43
N TYR D 984 69.67 14.21 -50.64
CA TYR D 984 70.12 14.91 -51.83
C TYR D 984 69.25 16.10 -52.16
N GLU D 985 67.97 16.07 -51.79
CA GLU D 985 67.05 17.14 -52.16
C GLU D 985 67.55 18.52 -51.77
N PRO D 986 67.95 18.79 -50.51
CA PRO D 986 68.46 20.12 -50.19
C PRO D 986 69.83 20.41 -50.76
N LEU D 987 70.60 19.38 -51.12
CA LEU D 987 71.97 19.60 -51.55
C LEU D 987 72.02 20.42 -52.84
N VAL D 988 71.36 19.93 -53.88
CA VAL D 988 71.48 20.55 -55.19
C VAL D 988 70.89 21.96 -55.19
N MET D 989 69.72 22.12 -54.56
CA MET D 989 69.11 23.44 -54.49
C MET D 989 70.03 24.44 -53.80
N GLN D 990 70.59 24.05 -52.66
CA GLN D 990 71.49 24.96 -51.95
C GLN D 990 72.70 25.31 -52.81
N LEU D 991 73.27 24.31 -53.48
CA LEU D 991 74.44 24.55 -54.32
C LEU D 991 74.14 25.55 -55.42
N ILE D 992 73.01 25.39 -56.09
CA ILE D 992 72.64 26.30 -57.16
C ILE D 992 72.57 27.71 -56.64
N HIS D 993 71.98 27.87 -55.45
CA HIS D 993 71.83 29.20 -54.87
C HIS D 993 73.19 29.82 -54.62
N TRP D 994 74.17 29.01 -54.25
CA TRP D 994 75.52 29.54 -54.12
C TRP D 994 76.10 29.94 -55.48
N PHE D 995 75.82 29.15 -56.51
CA PHE D 995 76.38 29.44 -57.83
C PHE D 995 75.79 30.71 -58.41
N THR D 996 74.48 30.87 -58.28
CA THR D 996 73.82 32.08 -58.77
C THR D 996 74.15 33.28 -57.90
N ASN D 997 74.77 33.07 -56.75
CA ASN D 997 75.18 34.18 -55.91
C ASN D 997 76.09 35.11 -56.70
N ASN D 998 75.81 36.40 -56.66
CA ASN D 998 76.59 37.34 -57.44
C ASN D 998 78.04 37.42 -56.96
N LYS D 999 78.29 37.13 -55.68
CA LYS D 999 79.67 37.03 -55.24
C LYS D 999 80.40 35.90 -55.95
N LYS D 1000 79.77 34.74 -56.06
CA LYS D 1000 80.35 33.63 -56.79
C LYS D 1000 79.53 33.49 -58.07
N PHE D 1001 79.87 34.27 -59.07
CA PHE D 1001 78.99 34.47 -60.21
C PHE D 1001 79.61 34.18 -61.55
N GLU D 1002 80.94 34.28 -61.71
CA GLU D 1002 81.54 34.14 -63.03
C GLU D 1002 82.82 33.32 -62.94
N SER D 1003 83.14 32.71 -64.09
CA SER D 1003 84.48 32.21 -64.43
C SER D 1003 84.87 30.93 -63.69
N GLN D 1004 84.14 30.56 -62.66
CA GLN D 1004 84.49 29.33 -61.98
C GLN D 1004 83.30 28.40 -61.83
N ASP D 1005 82.09 28.94 -61.66
CA ASP D 1005 80.91 28.09 -61.63
C ASP D 1005 80.69 27.39 -62.95
N THR D 1006 81.35 27.84 -64.02
CA THR D 1006 81.26 27.27 -65.36
C THR D 1006 81.25 25.75 -65.36
N VAL D 1007 82.04 25.14 -64.47
CA VAL D 1007 82.06 23.69 -64.36
C VAL D 1007 80.65 23.15 -64.16
N ALA D 1008 80.02 23.51 -63.04
CA ALA D 1008 78.66 23.04 -62.79
C ALA D 1008 77.70 23.60 -63.83
N LEU D 1009 77.96 24.82 -64.29
CA LEU D 1009 77.06 25.45 -65.25
C LEU D 1009 76.91 24.60 -66.50
N LEU D 1010 78.02 24.16 -67.08
CA LEU D 1010 77.97 23.29 -68.24
C LEU D 1010 77.53 21.90 -67.83
N GLU D 1011 78.30 21.27 -66.95
CA GLU D 1011 78.03 19.89 -66.58
C GLU D 1011 76.96 19.84 -65.50
N ALA D 1012 75.85 20.54 -65.75
CA ALA D 1012 74.58 20.26 -65.10
C ALA D 1012 73.72 19.41 -66.02
N ILE D 1013 73.65 19.80 -67.29
CA ILE D 1013 72.97 19.02 -68.31
C ILE D 1013 73.92 18.50 -69.37
N LEU D 1014 75.03 19.20 -69.64
CA LEU D 1014 76.01 18.69 -70.61
C LEU D 1014 76.43 17.29 -70.25
N ASP D 1015 76.46 16.99 -68.96
CA ASP D 1015 76.59 15.64 -68.45
C ASP D 1015 75.26 14.99 -68.13
N GLY D 1016 74.20 15.78 -67.96
CA GLY D 1016 72.95 15.24 -67.44
C GLY D 1016 72.26 14.26 -68.38
N ILE D 1017 72.29 14.53 -69.68
CA ILE D 1017 71.48 13.79 -70.64
C ILE D 1017 72.32 12.87 -71.50
N VAL D 1018 73.54 13.29 -71.81
CA VAL D 1018 74.34 12.61 -72.83
C VAL D 1018 74.48 11.12 -72.50
N ASP D 1019 74.53 10.78 -71.24
CA ASP D 1019 74.64 9.38 -70.87
C ASP D 1019 73.34 8.67 -71.24
N PRO D 1020 73.39 7.66 -72.11
CA PRO D 1020 72.16 6.89 -72.39
C PRO D 1020 71.58 6.29 -71.13
N VAL D 1021 72.45 5.87 -70.23
CA VAL D 1021 72.03 5.34 -68.95
C VAL D 1021 71.47 6.47 -68.09
N ASP D 1022 70.76 6.09 -67.03
CA ASP D 1022 70.27 7.01 -66.00
C ASP D 1022 69.35 8.08 -66.61
N SER D 1023 68.25 7.58 -67.19
CA SER D 1023 67.13 8.46 -67.49
C SER D 1023 66.66 9.18 -66.25
N THR D 1024 66.74 8.51 -65.09
CA THR D 1024 66.31 9.13 -63.83
C THR D 1024 67.09 10.40 -63.55
N LEU D 1025 68.42 10.32 -63.64
CA LEU D 1025 69.21 11.56 -63.58
C LEU D 1025 68.90 12.43 -64.78
N ARG D 1026 68.73 11.82 -65.95
CA ARG D 1026 68.33 12.61 -67.11
C ARG D 1026 67.00 13.30 -66.86
N ASP D 1027 66.22 12.81 -65.90
CA ASP D 1027 65.14 13.59 -65.31
C ASP D 1027 65.63 14.52 -64.22
N PHE D 1028 66.49 14.02 -63.33
CA PHE D 1028 66.93 14.81 -62.18
C PHE D 1028 67.69 16.05 -62.61
N CYS D 1029 68.63 15.91 -63.55
CA CYS D 1029 69.38 17.07 -64.01
C CYS D 1029 68.46 18.09 -64.65
N GLY D 1030 67.52 17.62 -65.48
CA GLY D 1030 66.66 18.54 -66.20
C GLY D 1030 65.84 19.41 -65.28
N ARG D 1031 65.28 18.82 -64.22
CA ARG D 1031 64.55 19.65 -63.28
C ARG D 1031 65.49 20.56 -62.51
N CYS D 1032 66.69 20.08 -62.18
CA CYS D 1032 67.62 20.88 -61.39
C CYS D 1032 67.96 22.19 -62.09
N ILE D 1033 68.20 22.13 -63.40
CA ILE D 1033 68.50 23.34 -64.14
C ILE D 1033 67.29 24.27 -64.18
N ARG D 1034 66.09 23.72 -64.04
CA ARG D 1034 64.90 24.56 -63.95
C ARG D 1034 64.99 25.50 -62.75
N GLU D 1035 65.24 24.96 -61.55
CA GLU D 1035 65.42 25.85 -60.41
C GLU D 1035 66.70 26.65 -60.53
N PHE D 1036 67.62 26.24 -61.40
CA PHE D 1036 68.72 27.12 -61.72
C PHE D 1036 68.25 28.34 -62.51
N LEU D 1037 67.35 28.12 -63.47
CA LEU D 1037 66.88 29.23 -64.30
C LEU D 1037 66.21 30.29 -63.45
N LYS D 1038 65.33 29.88 -62.56
CA LYS D 1038 64.85 30.79 -61.53
C LYS D 1038 65.99 31.13 -60.60
N TRP D 1039 66.02 32.37 -60.12
CA TRP D 1039 67.09 32.94 -59.31
C TRP D 1039 68.39 33.10 -60.08
N SER D 1040 68.46 32.64 -61.33
CA SER D 1040 69.58 33.03 -62.18
C SER D 1040 69.52 34.51 -62.52
N ILE D 1041 68.33 35.11 -62.44
CA ILE D 1041 68.17 36.55 -62.57
C ILE D 1041 67.33 37.14 -61.45
N LYS D 1042 66.57 36.33 -60.71
CA LYS D 1042 65.67 36.84 -59.69
C LYS D 1042 66.41 37.57 -58.57
N GLN D 1043 67.71 37.32 -58.41
CA GLN D 1043 68.57 38.18 -57.61
C GLN D 1043 69.61 38.90 -58.45
N ILE D 1044 69.95 38.35 -59.60
CA ILE D 1044 70.97 38.95 -60.44
C ILE D 1044 70.42 40.18 -61.12
N THR D 1045 71.25 41.20 -61.22
CA THR D 1045 70.85 42.40 -61.93
C THR D 1045 70.67 42.09 -63.40
N PRO D 1046 69.64 42.63 -64.05
CA PRO D 1046 69.40 42.27 -65.46
C PRO D 1046 70.56 42.63 -66.37
N GLN D 1047 71.29 43.70 -66.07
CA GLN D 1047 72.43 44.05 -66.89
C GLN D 1047 73.54 43.02 -66.75
N GLN D 1048 73.55 42.30 -65.63
CA GLN D 1048 74.62 41.35 -65.37
C GLN D 1048 74.64 40.25 -66.41
N GLN D 1049 73.46 39.83 -66.88
CA GLN D 1049 73.40 38.81 -67.91
C GLN D 1049 74.03 39.25 -69.21
N GLU D 1050 74.25 40.55 -69.40
CA GLU D 1050 75.04 41.06 -70.53
C GLU D 1050 76.43 41.50 -70.11
N LYS D 1051 76.59 41.97 -68.87
CA LYS D 1051 77.94 42.18 -68.34
C LYS D 1051 78.68 40.85 -68.24
N SER D 1052 77.97 39.80 -67.80
CA SER D 1052 78.50 38.45 -67.75
C SER D 1052 77.93 37.65 -68.90
N PRO D 1053 78.72 37.28 -69.91
CA PRO D 1053 78.17 36.53 -71.05
C PRO D 1053 77.53 35.22 -70.65
N VAL D 1054 78.03 34.57 -69.60
CA VAL D 1054 77.41 33.36 -69.07
C VAL D 1054 76.03 33.73 -68.58
N ASN D 1055 75.00 33.19 -69.24
CA ASN D 1055 73.61 33.56 -68.95
C ASN D 1055 72.71 32.55 -69.64
N THR D 1056 71.41 32.70 -69.40
CA THR D 1056 70.44 31.85 -70.08
C THR D 1056 70.49 32.05 -71.59
N LYS D 1057 70.85 33.25 -72.04
CA LYS D 1057 71.08 33.46 -73.47
C LYS D 1057 72.23 32.59 -73.95
N SER D 1058 73.32 32.54 -73.18
CA SER D 1058 74.38 31.60 -73.48
C SER D 1058 73.85 30.18 -73.44
N LEU D 1059 73.00 29.89 -72.46
CA LEU D 1059 72.44 28.55 -72.34
C LEU D 1059 71.65 28.16 -73.58
N PHE D 1060 70.84 29.09 -74.08
CA PHE D 1060 70.04 28.82 -75.27
C PHE D 1060 70.93 28.53 -76.47
N LYS D 1061 72.02 29.29 -76.59
CA LYS D 1061 72.96 29.03 -77.67
C LYS D 1061 73.54 27.62 -77.55
N ARG D 1062 73.87 27.20 -76.33
CA ARG D 1062 74.36 25.85 -76.13
C ARG D 1062 73.29 24.83 -76.53
N LEU D 1063 72.03 25.12 -76.21
CA LEU D 1063 70.95 24.22 -76.56
C LEU D 1063 70.84 24.06 -78.06
N TYR D 1064 71.06 25.15 -78.79
CA TYR D 1064 71.05 25.07 -80.25
C TYR D 1064 72.16 24.15 -80.74
N SER D 1065 73.36 24.32 -80.19
CA SER D 1065 74.45 23.41 -80.51
C SER D 1065 74.12 21.99 -80.08
N LEU D 1066 73.43 21.85 -78.94
CA LEU D 1066 72.99 20.53 -78.51
C LEU D 1066 72.11 19.88 -79.56
N ALA D 1067 71.05 20.58 -79.96
CA ALA D 1067 70.17 20.04 -80.99
C ALA D 1067 70.95 19.79 -82.27
N LEU D 1068 71.84 20.71 -82.63
CA LEU D 1068 72.66 20.53 -83.81
C LEU D 1068 73.56 19.31 -83.69
N HIS D 1069 73.93 18.92 -82.47
CA HIS D 1069 74.81 17.78 -82.34
C HIS D 1069 74.14 16.54 -82.91
N PRO D 1070 74.82 15.77 -83.76
CA PRO D 1070 74.17 14.64 -84.41
C PRO D 1070 74.10 13.43 -83.51
N ASN D 1071 73.61 13.63 -82.30
CA ASN D 1071 73.22 12.53 -81.42
C ASN D 1071 71.79 12.77 -80.99
N ALA D 1072 70.96 11.72 -81.11
CA ALA D 1072 69.58 11.82 -80.66
C ALA D 1072 69.51 12.15 -79.18
N PHE D 1073 70.48 11.66 -78.40
CA PHE D 1073 70.53 12.00 -76.98
C PHE D 1073 70.57 13.50 -76.79
N LYS D 1074 71.27 14.19 -77.69
CA LYS D 1074 71.28 15.64 -77.66
C LYS D 1074 69.91 16.21 -77.97
N ARG D 1075 69.27 15.74 -79.04
CA ARG D 1075 68.02 16.33 -79.48
C ARG D 1075 66.91 16.04 -78.48
N LEU D 1076 66.81 14.80 -78.01
CA LEU D 1076 65.85 14.49 -76.96
C LEU D 1076 66.17 15.28 -75.69
N GLY D 1077 67.46 15.49 -75.41
CA GLY D 1077 67.84 16.29 -74.27
C GLY D 1077 67.33 17.71 -74.37
N ALA D 1078 67.46 18.32 -75.56
CA ALA D 1078 66.93 19.65 -75.75
C ALA D 1078 65.43 19.68 -75.59
N SER D 1079 64.74 18.67 -76.13
CA SER D 1079 63.29 18.60 -76.01
C SER D 1079 62.86 18.58 -74.56
N LEU D 1080 63.42 17.66 -73.78
CA LEU D 1080 63.11 17.61 -72.36
C LEU D 1080 63.63 18.85 -71.65
N ALA D 1081 64.72 19.44 -72.16
CA ALA D 1081 65.25 20.65 -71.54
C ALA D 1081 64.20 21.74 -71.57
N PHE D 1082 63.51 21.89 -72.70
CA PHE D 1082 62.34 22.76 -72.72
C PHE D 1082 61.29 22.30 -71.74
N ASN D 1083 60.98 21.00 -71.77
CA ASN D 1083 59.91 20.48 -70.93
C ASN D 1083 60.12 20.86 -69.48
N ASN D 1084 61.37 20.92 -69.06
CA ASN D 1084 61.68 21.47 -67.75
C ASN D 1084 61.47 22.98 -67.75
N ILE D 1085 62.19 23.71 -68.60
CA ILE D 1085 62.14 25.16 -68.58
C ILE D 1085 60.80 25.63 -69.12
N TYR D 1086 59.95 24.71 -69.56
CA TYR D 1086 58.57 25.04 -69.79
C TYR D 1086 57.96 25.56 -68.50
N ARG D 1087 57.03 26.51 -68.63
CA ARG D 1087 56.37 27.20 -67.53
C ARG D 1087 57.29 28.17 -66.80
N GLU D 1088 58.50 28.41 -67.29
CA GLU D 1088 59.34 29.43 -66.68
C GLU D 1088 59.89 30.37 -67.75
N PHE D 1089 60.16 29.84 -68.95
CA PHE D 1089 60.58 30.70 -70.05
C PHE D 1089 59.48 31.67 -70.44
N ARG D 1090 58.24 31.20 -70.49
CA ARG D 1090 57.13 32.02 -70.95
C ARG D 1090 56.86 33.20 -70.03
N GLU D 1091 57.35 33.17 -68.80
CA GLU D 1091 57.09 34.25 -67.86
C GLU D 1091 58.07 35.41 -68.02
N GLU D 1092 59.11 35.25 -68.83
CA GLU D 1092 60.02 36.35 -69.13
C GLU D 1092 59.67 36.91 -70.50
N GLU D 1093 59.19 38.15 -70.50
CA GLU D 1093 58.77 38.79 -71.74
C GLU D 1093 59.94 38.97 -72.70
N SER D 1094 61.11 39.33 -72.19
CA SER D 1094 62.25 39.60 -73.05
C SER D 1094 62.62 38.38 -73.87
N LEU D 1095 62.71 37.23 -73.20
CA LEU D 1095 63.10 36.01 -73.90
C LEU D 1095 62.01 35.59 -74.88
N VAL D 1096 60.75 35.62 -74.46
CA VAL D 1096 59.67 35.22 -75.35
C VAL D 1096 59.46 36.24 -76.46
N GLU D 1097 59.94 37.46 -76.30
CA GLU D 1097 59.89 38.44 -77.36
C GLU D 1097 61.12 38.38 -78.25
N GLN D 1098 62.08 37.55 -77.91
CA GLN D 1098 63.36 37.48 -78.62
C GLN D 1098 63.78 36.07 -78.98
N PHE D 1099 63.28 35.05 -78.30
CA PHE D 1099 63.81 33.70 -78.44
C PHE D 1099 62.67 32.70 -78.59
N VAL D 1100 61.72 33.01 -79.46
CA VAL D 1100 60.61 32.12 -79.76
C VAL D 1100 60.68 31.58 -81.18
N PHE D 1101 60.85 32.46 -82.18
CA PHE D 1101 61.00 32.01 -83.55
C PHE D 1101 62.15 31.01 -83.66
N GLU D 1102 63.27 31.32 -83.01
CA GLU D 1102 64.47 30.52 -83.15
C GLU D 1102 64.31 29.15 -82.50
N ALA D 1103 63.63 29.09 -81.35
CA ALA D 1103 63.43 27.80 -80.70
C ALA D 1103 62.59 26.86 -81.57
N LEU D 1104 61.49 27.37 -82.10
CA LEU D 1104 60.63 26.52 -82.92
C LEU D 1104 61.40 25.96 -84.11
N VAL D 1105 62.15 26.81 -84.81
CA VAL D 1105 62.83 26.36 -86.01
C VAL D 1105 63.94 25.36 -85.67
N ILE D 1106 64.66 25.60 -84.57
CA ILE D 1106 65.75 24.69 -84.22
C ILE D 1106 65.20 23.32 -83.86
N TYR D 1107 64.03 23.27 -83.21
CA TYR D 1107 63.43 21.99 -82.92
C TYR D 1107 62.85 21.32 -84.15
N MET D 1108 62.33 22.11 -85.10
CA MET D 1108 61.82 21.51 -86.33
C MET D 1108 62.93 20.81 -87.08
N GLU D 1109 64.09 21.44 -87.20
CA GLU D 1109 65.21 20.81 -87.87
C GLU D 1109 65.66 19.56 -87.12
N SER D 1110 65.69 19.63 -85.79
CA SER D 1110 65.97 18.45 -85.00
C SER D 1110 65.02 17.32 -85.37
N LEU D 1111 63.75 17.67 -85.55
CA LEU D 1111 62.79 16.68 -86.04
C LEU D 1111 63.16 16.21 -87.43
N ALA D 1112 63.49 17.13 -88.32
CA ALA D 1112 63.85 16.74 -89.69
C ALA D 1112 65.06 15.82 -89.69
N LEU D 1113 66.07 16.16 -88.88
CA LEU D 1113 67.24 15.31 -88.79
C LEU D 1113 66.92 13.97 -88.16
N ALA D 1114 65.95 13.94 -87.25
CA ALA D 1114 65.68 12.75 -86.45
C ALA D 1114 64.98 11.64 -87.22
N HIS D 1115 64.92 11.72 -88.55
CA HIS D 1115 64.25 10.70 -89.33
C HIS D 1115 65.22 9.78 -90.08
N ALA D 1116 66.51 9.86 -89.78
CA ALA D 1116 67.51 9.02 -90.40
C ALA D 1116 68.13 8.08 -89.38
N ASP D 1117 67.31 7.53 -88.49
CA ASP D 1117 67.82 6.79 -87.34
C ASP D 1117 66.84 5.67 -87.03
N GLU D 1118 66.98 5.12 -85.83
CA GLU D 1118 66.04 4.12 -85.34
C GLU D 1118 64.68 4.76 -85.11
N LYS D 1119 63.67 4.28 -85.84
CA LYS D 1119 62.34 4.86 -85.75
C LYS D 1119 61.71 4.56 -84.40
N SER D 1120 61.75 3.30 -83.97
CA SER D 1120 61.15 2.93 -82.69
C SER D 1120 61.84 3.60 -81.52
N LEU D 1121 63.09 4.03 -81.69
CA LEU D 1121 63.78 4.77 -80.65
C LEU D 1121 62.98 6.00 -80.29
N GLY D 1122 62.42 6.01 -79.08
CA GLY D 1122 61.57 7.11 -78.71
C GLY D 1122 62.36 8.40 -78.65
N THR D 1123 62.21 9.22 -79.66
CA THR D 1123 62.90 10.49 -79.75
C THR D 1123 61.98 11.64 -80.08
N ILE D 1124 60.99 11.41 -80.95
CA ILE D 1124 60.11 12.48 -81.39
C ILE D 1124 58.94 12.69 -80.43
N GLN D 1125 58.62 11.69 -79.62
CA GLN D 1125 57.43 11.76 -78.77
C GLN D 1125 57.54 12.93 -77.81
N GLN D 1126 58.65 13.00 -77.08
CA GLN D 1126 58.89 14.13 -76.20
C GLN D 1126 59.07 15.42 -76.98
N CYS D 1127 59.67 15.34 -78.16
CA CYS D 1127 59.79 16.52 -79.01
C CYS D 1127 58.42 17.03 -79.44
N CYS D 1128 57.51 16.11 -79.76
CA CYS D 1128 56.14 16.52 -80.07
C CYS D 1128 55.50 17.22 -78.88
N ASP D 1129 55.69 16.67 -77.69
CA ASP D 1129 55.13 17.31 -76.50
C ASP D 1129 55.74 18.67 -76.27
N ALA D 1130 57.05 18.80 -76.48
CA ALA D 1130 57.72 20.08 -76.28
C ALA D 1130 57.13 21.16 -77.19
N ILE D 1131 57.10 20.90 -78.49
CA ILE D 1131 56.58 21.88 -79.43
C ILE D 1131 55.10 22.09 -79.21
N ASP D 1132 54.40 21.08 -78.68
CA ASP D 1132 53.02 21.27 -78.26
C ASP D 1132 52.92 22.41 -77.26
N HIS D 1133 53.75 22.36 -76.22
CA HIS D 1133 53.76 23.46 -75.27
C HIS D 1133 54.31 24.72 -75.92
N LEU D 1134 55.32 24.59 -76.78
CA LEU D 1134 55.86 25.76 -77.46
C LEU D 1134 54.76 26.49 -78.22
N CYS D 1135 54.02 25.77 -79.05
CA CYS D 1135 52.98 26.40 -79.85
C CYS D 1135 51.81 26.84 -78.99
N ARG D 1136 51.39 26.01 -78.03
CA ARG D 1136 50.26 26.35 -77.19
C ARG D 1136 50.52 27.63 -76.42
N ILE D 1137 51.77 27.90 -76.07
CA ILE D 1137 52.09 29.11 -75.33
C ILE D 1137 52.31 30.28 -76.28
N ILE D 1138 53.07 30.07 -77.36
CA ILE D 1138 53.38 31.17 -78.26
C ILE D 1138 52.13 31.70 -78.93
N GLU D 1139 51.14 30.83 -79.18
CA GLU D 1139 49.90 31.27 -79.78
C GLU D 1139 49.12 32.23 -78.89
N LYS D 1140 49.39 32.21 -77.59
CA LYS D 1140 48.65 33.08 -76.67
C LYS D 1140 49.03 34.54 -76.86
N LYS D 1141 50.23 34.81 -77.34
CA LYS D 1141 50.70 36.18 -77.53
C LYS D 1141 51.15 36.37 -78.97
N HIS D 1142 50.60 37.40 -79.62
CA HIS D 1142 51.00 37.75 -80.97
C HIS D 1142 51.23 39.23 -81.20
N VAL D 1143 50.56 40.11 -80.45
CA VAL D 1143 50.70 41.54 -80.67
C VAL D 1143 52.12 42.01 -80.37
N SER D 1144 52.73 41.48 -79.29
CA SER D 1144 54.10 41.81 -78.98
C SER D 1144 55.07 41.28 -80.02
N LEU D 1145 54.63 40.35 -80.87
CA LEU D 1145 55.43 39.88 -81.98
C LEU D 1145 54.81 40.16 -83.34
N ASN D 1146 53.60 40.70 -83.39
CA ASN D 1146 53.11 41.27 -84.63
C ASN D 1146 54.01 42.41 -85.09
N LYS D 1147 54.67 43.07 -84.14
CA LYS D 1147 55.74 44.00 -84.50
C LYS D 1147 56.90 43.22 -85.08
N ALA D 1148 57.51 43.79 -86.11
CA ALA D 1148 58.63 43.15 -86.80
C ALA D 1148 59.93 43.78 -86.32
N LYS D 1149 60.74 42.98 -85.63
CA LYS D 1149 62.04 43.42 -85.15
C LYS D 1149 63.09 42.44 -85.66
N LYS D 1150 64.34 42.75 -85.36
CA LYS D 1150 65.47 41.95 -85.84
C LYS D 1150 65.94 41.04 -84.71
N ARG D 1151 65.42 39.82 -84.70
CA ARG D 1151 65.89 38.77 -83.82
C ARG D 1151 67.15 38.18 -84.43
N ARG D 1152 67.72 37.15 -83.82
CA ARG D 1152 68.80 36.46 -84.50
C ARG D 1152 68.22 35.75 -85.71
N LEU D 1153 68.93 35.81 -86.82
CA LEU D 1153 68.41 35.24 -88.06
C LEU D 1153 68.34 33.73 -87.93
N PRO D 1154 67.18 33.11 -88.17
CA PRO D 1154 67.13 31.64 -88.16
C PRO D 1154 68.03 31.06 -89.24
N ARG D 1155 68.72 29.98 -88.89
CA ARG D 1155 69.54 29.28 -89.87
C ARG D 1155 68.70 28.70 -90.99
N GLY D 1156 67.48 28.27 -90.70
CA GLY D 1156 66.57 27.85 -91.74
C GLY D 1156 65.99 28.99 -92.54
N PHE D 1157 66.25 30.23 -92.13
CA PHE D 1157 65.85 31.43 -92.87
C PHE D 1157 67.12 32.11 -93.34
N PRO D 1158 67.70 31.65 -94.44
CA PRO D 1158 68.98 32.21 -94.91
C PRO D 1158 68.91 33.69 -95.20
N PRO D 1159 67.90 34.19 -95.95
CA PRO D 1159 67.90 35.62 -96.27
C PRO D 1159 67.67 36.44 -95.01
N SER D 1160 68.60 37.35 -94.71
CA SER D 1160 68.47 38.23 -93.56
C SER D 1160 67.43 39.30 -93.86
N ALA D 1161 66.40 39.39 -93.01
CA ALA D 1161 65.32 40.34 -93.25
C ALA D 1161 64.62 40.60 -91.92
N SER D 1162 63.66 41.52 -91.94
CA SER D 1162 62.88 41.80 -90.75
C SER D 1162 62.07 40.57 -90.37
N LEU D 1163 61.97 40.33 -89.06
CA LEU D 1163 61.37 39.11 -88.54
C LEU D 1163 60.07 39.44 -87.82
N CYS D 1164 58.99 38.76 -88.19
CA CYS D 1164 57.71 38.92 -87.54
C CYS D 1164 56.94 37.61 -87.65
N LEU D 1165 55.70 37.63 -87.15
CA LEU D 1165 54.85 36.46 -87.18
C LEU D 1165 54.66 35.93 -88.60
N LEU D 1166 54.02 36.73 -89.45
CA LEU D 1166 53.75 36.29 -90.81
C LEU D 1166 55.02 35.91 -91.55
N ASP D 1167 56.15 36.51 -91.17
CA ASP D 1167 57.42 36.21 -91.83
C ASP D 1167 57.75 34.74 -91.70
N LEU D 1168 57.83 34.24 -90.46
CA LEU D 1168 58.13 32.82 -90.27
C LEU D 1168 56.94 31.94 -90.63
N VAL D 1169 55.73 32.46 -90.56
CA VAL D 1169 54.55 31.66 -90.91
C VAL D 1169 54.58 31.28 -92.38
N LYS D 1170 54.80 32.27 -93.25
CA LYS D 1170 54.99 31.95 -94.66
C LYS D 1170 56.29 31.18 -94.87
N TRP D 1171 57.30 31.46 -94.04
CA TRP D 1171 58.51 30.65 -94.09
C TRP D 1171 58.17 29.18 -93.90
N LEU D 1172 57.37 28.87 -92.88
CA LEU D 1172 56.87 27.52 -92.74
C LEU D 1172 56.01 27.13 -93.93
N LEU D 1173 55.13 28.04 -94.35
CA LEU D 1173 54.21 27.74 -95.45
C LEU D 1173 54.98 27.31 -96.69
N ALA D 1174 56.00 28.08 -97.07
CA ALA D 1174 56.82 27.67 -98.20
C ALA D 1174 57.52 26.36 -97.92
N HIS D 1175 57.88 26.12 -96.67
CA HIS D 1175 58.60 24.91 -96.27
C HIS D 1175 57.69 23.84 -95.70
N CYS D 1176 56.38 24.08 -95.68
CA CYS D 1176 55.44 23.02 -95.33
C CYS D 1176 55.56 21.87 -96.32
N GLY D 1177 55.37 20.66 -95.82
CA GLY D 1177 55.56 19.49 -96.64
C GLY D 1177 56.97 18.94 -96.47
N ARG D 1178 57.38 18.79 -95.22
CA ARG D 1178 58.72 18.29 -94.94
C ARG D 1178 58.87 16.87 -95.48
N PRO D 1179 60.09 16.46 -95.81
CA PRO D 1179 60.30 15.08 -96.24
C PRO D 1179 59.87 14.07 -95.20
N GLN D 1180 59.54 14.53 -94.01
CA GLN D 1180 59.09 13.68 -92.92
C GLN D 1180 57.63 14.00 -92.63
N THR D 1181 56.81 12.95 -92.54
CA THR D 1181 55.37 13.14 -92.52
C THR D 1181 54.91 13.92 -91.30
N GLU D 1182 55.47 13.61 -90.13
CA GLU D 1182 54.99 14.28 -88.93
C GLU D 1182 55.47 15.72 -88.86
N CYS D 1183 56.70 15.97 -89.32
CA CYS D 1183 57.15 17.34 -89.48
C CYS D 1183 56.22 18.08 -90.43
N ARG D 1184 55.81 17.41 -91.51
CA ARG D 1184 54.76 17.98 -92.37
C ARG D 1184 53.44 18.08 -91.61
N HIS D 1185 53.09 17.05 -90.84
CA HIS D 1185 51.87 17.10 -90.03
C HIS D 1185 51.89 18.30 -89.09
N LYS D 1186 53.04 18.55 -88.47
CA LYS D 1186 53.16 19.71 -87.60
C LYS D 1186 53.04 21.00 -88.39
N SER D 1187 53.72 21.06 -89.54
CA SER D 1187 53.70 22.27 -90.35
C SER D 1187 52.27 22.63 -90.75
N ILE D 1188 51.52 21.65 -91.24
CA ILE D 1188 50.18 21.93 -91.73
C ILE D 1188 49.24 22.27 -90.58
N GLU D 1189 49.29 21.48 -89.49
CA GLU D 1189 48.37 21.71 -88.37
C GLU D 1189 48.60 23.07 -87.75
N LEU D 1190 49.86 23.41 -87.48
CA LEU D 1190 50.14 24.69 -86.86
C LEU D 1190 49.78 25.85 -87.78
N PHE D 1191 50.10 25.73 -89.07
CA PHE D 1191 49.70 26.77 -90.01
C PHE D 1191 48.19 27.00 -89.95
N TYR D 1192 47.42 25.93 -89.79
CA TYR D 1192 45.99 26.07 -89.58
C TYR D 1192 45.68 26.96 -88.39
N LYS D 1193 46.51 26.90 -87.36
CA LYS D 1193 46.32 27.74 -86.18
C LYS D 1193 47.11 29.04 -86.27
N PHE D 1194 47.90 29.24 -87.32
CA PHE D 1194 48.64 30.50 -87.44
C PHE D 1194 47.74 31.64 -87.87
N VAL D 1195 46.86 31.40 -88.85
CA VAL D 1195 46.08 32.50 -89.43
C VAL D 1195 45.24 33.27 -88.41
N PRO D 1196 44.54 32.64 -87.45
CA PRO D 1196 43.75 33.47 -86.52
C PRO D 1196 44.60 34.36 -85.64
N LEU D 1197 45.89 34.04 -85.47
CA LEU D 1197 46.79 34.91 -84.74
C LEU D 1197 47.74 35.67 -85.66
N LEU D 1198 47.64 35.46 -86.97
CA LEU D 1198 48.35 36.30 -87.91
C LEU D 1198 47.78 37.72 -87.87
N PRO D 1199 48.58 38.71 -88.26
CA PRO D 1199 48.03 40.07 -88.36
C PRO D 1199 46.83 40.17 -89.29
N GLY D 1200 46.75 39.30 -90.29
CA GLY D 1200 45.55 39.24 -91.11
C GLY D 1200 44.35 38.73 -90.34
N ASN D 1201 44.53 37.69 -89.52
CA ASN D 1201 43.46 37.12 -88.70
C ASN D 1201 42.25 36.75 -89.56
N ARG D 1202 42.53 36.16 -90.72
CA ARG D 1202 41.48 35.84 -91.67
C ARG D 1202 41.00 34.40 -91.47
N SER D 1203 40.04 33.98 -92.29
CA SER D 1203 39.67 32.58 -92.25
C SER D 1203 40.73 31.76 -93.00
N PRO D 1204 41.06 30.58 -92.47
CA PRO D 1204 42.10 29.77 -93.12
C PRO D 1204 41.81 29.48 -94.57
N ASN D 1205 40.56 29.18 -94.91
CA ASN D 1205 40.19 29.03 -96.30
C ASN D 1205 40.39 30.33 -97.05
N LEU D 1206 39.80 31.41 -96.54
CA LEU D 1206 39.91 32.71 -97.19
C LEU D 1206 41.35 33.19 -97.22
N TRP D 1207 42.06 33.08 -96.10
CA TRP D 1207 43.44 33.54 -96.04
C TRP D 1207 44.30 32.75 -97.02
N LEU D 1208 44.22 31.43 -96.98
CA LEU D 1208 45.01 30.62 -97.89
C LEU D 1208 44.63 30.90 -99.33
N LYS D 1209 43.33 30.88 -99.62
CA LYS D 1209 42.85 31.17 -100.97
C LYS D 1209 43.45 32.47 -101.50
N ASP D 1210 43.40 33.53 -100.69
CA ASP D 1210 43.89 34.82 -101.16
C ASP D 1210 45.40 34.79 -101.36
N VAL D 1211 46.14 34.28 -100.37
CA VAL D 1211 47.59 34.30 -100.47
C VAL D 1211 48.10 33.36 -101.54
N LEU D 1212 47.31 32.38 -101.96
CA LEU D 1212 47.81 31.41 -102.93
C LEU D 1212 47.49 31.86 -104.36
N LYS D 1213 46.27 32.31 -104.60
CA LYS D 1213 45.84 32.54 -105.97
C LYS D 1213 46.55 33.72 -106.62
N GLU D 1214 47.16 34.59 -105.83
CA GLU D 1214 47.88 35.72 -106.40
C GLU D 1214 49.05 35.24 -107.25
N GLU D 1215 50.06 34.62 -106.63
CA GLU D 1215 51.10 33.94 -107.38
C GLU D 1215 50.83 32.44 -107.43
N GLY D 1216 49.69 32.09 -108.02
CA GLY D 1216 49.22 30.72 -107.96
C GLY D 1216 50.22 29.73 -108.52
N VAL D 1217 50.78 30.04 -109.69
CA VAL D 1217 51.74 29.15 -110.33
C VAL D 1217 52.98 28.99 -109.45
N SER D 1218 53.45 30.08 -108.84
CA SER D 1218 54.69 30.03 -108.08
C SER D 1218 54.57 29.05 -106.91
N PHE D 1219 53.45 29.10 -106.20
CA PHE D 1219 53.31 28.25 -105.02
C PHE D 1219 53.10 26.79 -105.40
N LEU D 1220 52.26 26.53 -106.40
CA LEU D 1220 51.99 25.15 -106.78
C LEU D 1220 53.25 24.46 -107.27
N ILE D 1221 54.10 25.18 -108.00
CA ILE D 1221 55.42 24.65 -108.32
C ILE D 1221 56.23 24.44 -107.04
N ASN D 1222 56.17 25.41 -106.13
CA ASN D 1222 56.91 25.29 -104.88
C ASN D 1222 56.44 24.09 -104.08
N THR D 1223 55.14 23.99 -103.85
CA THR D 1223 54.62 22.86 -103.11
C THR D 1223 54.73 21.58 -103.94
N PHE D 1224 54.50 20.45 -103.27
CA PHE D 1224 54.57 19.11 -103.86
C PHE D 1224 56.00 18.76 -104.21
N GLU D 1225 56.93 19.69 -103.98
CA GLU D 1225 58.33 19.44 -104.29
C GLU D 1225 59.29 20.03 -103.27
N GLY D 1226 58.82 20.89 -102.37
CA GLY D 1226 59.68 21.55 -101.41
C GLY D 1226 60.04 20.69 -100.22
N GLY D 1227 60.05 21.28 -99.04
CA GLY D 1227 60.34 20.51 -97.85
C GLY D 1227 61.80 20.60 -97.45
N GLY D 1228 62.06 20.39 -96.17
CA GLY D 1228 63.40 20.60 -95.65
C GLY D 1228 63.80 22.06 -95.66
N CYS D 1229 62.87 22.96 -95.34
CA CYS D 1229 63.14 24.39 -95.22
C CYS D 1229 63.77 24.94 -96.50
N GLY D 1230 63.19 24.55 -97.64
CA GLY D 1230 63.72 24.97 -98.93
C GLY D 1230 63.89 23.79 -99.86
N GLN D 1231 63.64 23.99 -101.15
CA GLN D 1231 63.62 22.89 -102.09
C GLN D 1231 64.88 22.91 -102.94
N PRO D 1232 65.82 22.00 -102.74
CA PRO D 1232 66.94 21.89 -103.68
C PRO D 1232 66.53 21.16 -104.94
N SER D 1233 65.50 20.33 -104.85
CA SER D 1233 65.01 19.59 -105.99
C SER D 1233 63.61 19.07 -105.67
N GLY D 1234 62.91 18.64 -106.72
CA GLY D 1234 61.60 18.06 -106.53
C GLY D 1234 61.44 16.73 -107.23
N ILE D 1235 60.21 16.22 -107.31
CA ILE D 1235 59.98 14.99 -108.04
C ILE D 1235 60.26 15.18 -109.52
N LEU D 1236 59.84 16.31 -110.07
CA LEU D 1236 60.19 16.58 -111.46
C LEU D 1236 61.70 16.68 -111.65
N ALA D 1237 62.44 17.00 -110.60
CA ALA D 1237 63.89 17.02 -110.71
C ALA D 1237 64.43 15.63 -111.05
N GLN D 1238 63.90 14.60 -110.41
CA GLN D 1238 64.19 13.21 -110.78
C GLN D 1238 62.86 12.48 -110.89
N PRO D 1239 62.19 12.61 -112.04
CA PRO D 1239 60.85 12.02 -112.17
C PRO D 1239 60.84 10.51 -112.13
N THR D 1240 61.98 9.85 -112.30
CA THR D 1240 61.99 8.40 -112.42
C THR D 1240 62.97 7.76 -111.44
N LEU D 1241 62.67 6.52 -111.07
CA LEU D 1241 63.62 5.66 -110.38
C LEU D 1241 64.53 4.95 -111.37
N LEU D 1242 64.01 4.67 -112.56
CA LEU D 1242 64.74 3.93 -113.57
C LEU D 1242 66.04 4.66 -113.85
N TYR D 1243 65.95 5.86 -114.40
CA TYR D 1243 67.06 6.78 -114.36
C TYR D 1243 67.19 7.41 -112.98
N LEU D 1244 68.43 7.61 -112.55
CA LEU D 1244 68.68 8.10 -111.21
C LEU D 1244 70.06 8.74 -111.17
N ARG D 1245 70.30 9.51 -110.12
CA ARG D 1245 71.57 10.21 -109.94
C ARG D 1245 72.69 9.19 -109.74
N GLY D 1246 73.63 9.15 -110.68
CA GLY D 1246 74.78 8.29 -110.56
C GLY D 1246 74.43 6.82 -110.61
N PRO D 1247 75.26 5.99 -109.94
CA PRO D 1247 75.00 4.55 -109.94
C PRO D 1247 73.81 4.18 -109.06
N PHE D 1248 73.29 2.99 -109.33
CA PHE D 1248 72.16 2.48 -108.56
C PHE D 1248 72.55 2.31 -107.09
N SER D 1249 71.63 2.68 -106.20
CA SER D 1249 71.85 2.51 -104.77
C SER D 1249 70.49 2.39 -104.11
N LEU D 1250 70.44 1.58 -103.05
CA LEU D 1250 69.20 1.43 -102.30
C LEU D 1250 68.76 2.75 -101.70
N GLN D 1251 69.71 3.52 -101.17
CA GLN D 1251 69.38 4.78 -100.51
C GLN D 1251 68.67 5.74 -101.45
N ALA D 1252 69.18 5.90 -102.67
CA ALA D 1252 68.59 6.86 -103.59
C ALA D 1252 67.13 6.52 -103.86
N THR D 1253 66.84 5.23 -104.05
CA THR D 1253 65.46 4.80 -104.21
C THR D 1253 64.67 5.13 -102.96
N LEU D 1254 65.25 4.90 -101.78
CA LEU D 1254 64.59 5.23 -100.53
C LEU D 1254 64.30 6.72 -100.45
N CYS D 1255 65.28 7.55 -100.79
CA CYS D 1255 65.05 8.99 -100.78
C CYS D 1255 63.93 9.36 -101.74
N TRP D 1256 63.91 8.73 -102.92
CA TRP D 1256 62.84 9.00 -103.87
C TRP D 1256 61.50 8.59 -103.27
N LEU D 1257 61.46 7.45 -102.58
CA LEU D 1257 60.25 7.06 -101.87
C LEU D 1257 59.84 8.14 -100.88
N ASP D 1258 60.81 8.69 -100.15
CA ASP D 1258 60.53 9.80 -99.26
C ASP D 1258 59.89 10.95 -100.01
N LEU D 1259 60.48 11.34 -101.14
CA LEU D 1259 59.93 12.43 -101.92
C LEU D 1259 58.51 12.11 -102.35
N LEU D 1260 58.27 10.88 -102.77
CA LEU D 1260 56.94 10.47 -103.20
C LEU D 1260 55.93 10.68 -102.08
N LEU D 1261 56.23 10.14 -100.89
CA LEU D 1261 55.30 10.23 -99.78
C LEU D 1261 55.13 11.66 -99.29
N ALA D 1262 56.20 12.45 -99.35
CA ALA D 1262 56.10 13.84 -98.93
C ALA D 1262 55.09 14.60 -99.79
N ALA D 1263 55.22 14.49 -101.11
CA ALA D 1263 54.25 15.15 -101.99
C ALA D 1263 52.87 14.52 -101.87
N LEU D 1264 52.81 13.22 -101.58
CA LEU D 1264 51.52 12.56 -101.41
C LEU D 1264 50.71 13.23 -100.30
N GLU D 1265 51.24 13.20 -99.08
CA GLU D 1265 50.59 13.91 -97.98
C GLU D 1265 50.51 15.40 -98.26
N CYS D 1266 51.46 15.95 -99.02
CA CYS D 1266 51.37 17.34 -99.42
C CYS D 1266 50.05 17.59 -100.13
N TYR D 1267 49.84 16.95 -101.28
CA TYR D 1267 48.58 17.10 -102.00
C TYR D 1267 47.38 16.84 -101.10
N ASN D 1268 47.47 15.79 -100.27
CA ASN D 1268 46.29 15.38 -99.50
C ASN D 1268 45.90 16.42 -98.46
N THR D 1269 46.87 17.08 -97.83
CA THR D 1269 46.49 18.08 -96.84
C THR D 1269 45.86 19.30 -97.49
N PHE D 1270 46.21 19.60 -98.72
CA PHE D 1270 45.53 20.69 -99.42
C PHE D 1270 44.07 20.32 -99.66
N ILE D 1271 43.84 19.15 -100.25
CA ILE D 1271 42.48 18.75 -100.56
C ILE D 1271 41.70 18.46 -99.29
N GLY D 1272 42.31 17.76 -98.34
CA GLY D 1272 41.61 17.44 -97.11
C GLY D 1272 41.22 18.67 -96.33
N GLU D 1273 42.15 19.63 -96.20
CA GLU D 1273 41.85 20.86 -95.50
C GLU D 1273 41.06 21.80 -96.41
N ARG D 1274 39.87 22.17 -95.95
CA ARG D 1274 38.97 23.03 -96.73
C ARG D 1274 39.49 24.47 -96.70
N THR D 1275 40.60 24.68 -97.42
CA THR D 1275 41.22 25.99 -97.48
C THR D 1275 41.69 26.38 -98.87
N VAL D 1276 41.37 25.57 -99.89
CA VAL D 1276 41.84 25.81 -101.24
C VAL D 1276 40.89 25.11 -102.20
N GLY D 1277 40.72 25.67 -103.39
CA GLY D 1277 39.82 25.11 -104.37
C GLY D 1277 40.33 23.81 -104.98
N ALA D 1278 39.41 23.10 -105.62
CA ALA D 1278 39.69 21.82 -106.24
C ALA D 1278 40.38 21.95 -107.60
N LEU D 1279 40.93 23.10 -107.90
CA LEU D 1279 41.70 23.30 -109.13
C LEU D 1279 43.06 23.93 -108.87
N GLN D 1280 43.17 24.83 -107.91
CA GLN D 1280 44.44 25.54 -107.71
C GLN D 1280 45.54 24.63 -107.25
N VAL D 1281 45.21 23.46 -106.72
CA VAL D 1281 46.18 22.48 -106.27
C VAL D 1281 46.45 21.42 -107.33
N LEU D 1282 45.39 20.96 -108.00
CA LEU D 1282 45.48 19.85 -108.93
C LEU D 1282 44.83 20.23 -110.25
N GLY D 1283 45.35 19.67 -111.34
CA GLY D 1283 44.84 19.98 -112.66
C GLY D 1283 45.29 21.33 -113.19
N THR D 1284 46.16 22.03 -112.48
CA THR D 1284 46.65 23.34 -112.89
C THR D 1284 48.16 23.35 -113.07
N GLU D 1285 48.80 22.19 -113.10
CA GLU D 1285 50.24 22.08 -113.17
C GLU D 1285 50.67 21.73 -114.59
N ALA D 1286 51.90 22.13 -114.93
CA ALA D 1286 52.46 21.77 -116.23
C ALA D 1286 52.59 20.26 -116.37
N GLN D 1287 53.01 19.59 -115.30
CA GLN D 1287 53.19 18.14 -115.33
C GLN D 1287 52.98 17.59 -113.93
N SER D 1288 52.62 16.31 -113.86
CA SER D 1288 52.49 15.60 -112.59
C SER D 1288 53.14 14.23 -112.77
N SER D 1289 54.37 14.08 -112.27
CA SER D 1289 55.05 12.80 -112.33
C SER D 1289 54.41 11.74 -111.44
N LEU D 1290 53.29 12.09 -110.78
CA LEU D 1290 52.61 11.16 -109.91
C LEU D 1290 52.14 9.92 -110.68
N LEU D 1291 51.36 10.14 -111.74
CA LEU D 1291 50.94 9.03 -112.59
C LEU D 1291 52.14 8.37 -113.26
N LYS D 1292 53.23 9.11 -113.45
CA LYS D 1292 54.44 8.51 -113.98
C LYS D 1292 55.02 7.51 -112.97
N ALA D 1293 54.98 7.85 -111.68
CA ALA D 1293 55.38 6.90 -110.66
C ALA D 1293 54.42 5.73 -110.59
N VAL D 1294 53.13 5.98 -110.82
CA VAL D 1294 52.16 4.89 -110.89
C VAL D 1294 52.58 3.89 -111.94
N ALA D 1295 53.00 4.40 -113.11
CA ALA D 1295 53.50 3.52 -114.16
C ALA D 1295 54.75 2.79 -113.70
N PHE D 1296 55.62 3.45 -112.93
CA PHE D 1296 56.78 2.78 -112.39
C PHE D 1296 56.38 1.59 -111.54
N PHE D 1297 55.24 1.70 -110.88
CA PHE D 1297 54.78 0.64 -110.02
C PHE D 1297 54.40 -0.60 -110.82
N LEU D 1298 54.19 -0.43 -112.12
CA LEU D 1298 53.96 -1.59 -112.99
C LEU D 1298 55.12 -2.54 -112.97
N GLU D 1299 56.33 -2.06 -112.67
CA GLU D 1299 57.50 -2.92 -112.67
C GLU D 1299 58.37 -2.68 -111.45
N SER D 1300 57.89 -1.93 -110.46
CA SER D 1300 58.67 -1.68 -109.27
C SER D 1300 57.99 -2.16 -108.01
N ILE D 1301 56.82 -2.78 -108.12
CA ILE D 1301 56.03 -3.13 -106.95
C ILE D 1301 55.72 -4.62 -107.00
N ALA D 1302 56.07 -5.32 -105.93
CA ALA D 1302 55.68 -6.72 -105.69
C ALA D 1302 56.28 -7.70 -106.70
N MET D 1303 57.10 -7.21 -107.63
CA MET D 1303 57.86 -8.11 -108.50
C MET D 1303 59.37 -7.86 -108.46
N HIS D 1304 59.84 -6.90 -107.68
CA HIS D 1304 61.27 -6.69 -107.48
C HIS D 1304 61.57 -6.56 -106.01
N ASP D 1305 62.40 -7.46 -105.51
CA ASP D 1305 62.84 -7.43 -104.12
C ASP D 1305 64.35 -7.57 -104.05
N ILE D 1306 64.94 -8.31 -105.00
CA ILE D 1306 66.38 -8.45 -105.05
C ILE D 1306 67.01 -7.20 -105.67
N ILE D 1307 66.30 -6.53 -106.56
CA ILE D 1307 66.75 -5.29 -107.18
C ILE D 1307 65.63 -4.29 -107.07
N ALA D 1308 65.99 -3.01 -107.04
CA ALA D 1308 65.01 -1.93 -107.01
C ALA D 1308 64.37 -1.68 -108.37
N ALA D 1309 64.66 -2.54 -109.34
CA ALA D 1309 64.16 -2.45 -110.71
C ALA D 1309 64.59 -1.18 -111.42
N GLU D 1310 65.53 -0.43 -110.84
CA GLU D 1310 66.02 0.79 -111.49
C GLU D 1310 66.69 0.49 -112.82
N LYS D 1311 67.35 -0.66 -112.90
CA LYS D 1311 67.97 -1.15 -114.14
C LYS D 1311 68.87 -0.08 -114.76
N CYS D 1312 69.53 0.71 -113.92
CA CYS D 1312 70.36 1.81 -114.36
C CYS D 1312 71.85 1.53 -114.19
N PHE D 1313 72.27 1.22 -112.97
CA PHE D 1313 73.66 0.89 -112.67
C PHE D 1313 74.61 2.00 -113.08
N GLY D 1314 74.14 3.24 -113.00
CA GLY D 1314 74.93 4.38 -113.43
C GLY D 1314 74.24 5.24 -114.47
N GLY D 1319 70.38 -5.56 -99.52
CA GLY D 1319 71.45 -4.87 -100.22
C GLY D 1319 71.98 -5.63 -101.43
N ASN D 1320 71.13 -5.72 -102.46
CA ASN D 1320 71.48 -6.34 -103.75
C ASN D 1320 71.79 -7.83 -103.58
N ARG D 1321 71.57 -8.37 -102.37
CA ARG D 1321 71.87 -9.76 -102.09
C ARG D 1321 70.73 -10.45 -101.34
N THR D 1322 69.98 -9.71 -100.52
CA THR D 1322 68.98 -10.33 -99.67
C THR D 1322 67.82 -9.35 -99.42
N SER D 1323 66.63 -9.92 -99.23
CA SER D 1323 65.50 -9.12 -98.79
C SER D 1323 65.76 -8.42 -97.45
N PRO D 1324 66.34 -9.07 -96.43
CA PRO D 1324 66.78 -8.29 -95.26
C PRO D 1324 68.04 -7.52 -95.59
N GLN D 1325 68.61 -6.83 -94.59
CA GLN D 1325 69.81 -6.03 -94.78
C GLN D 1325 69.56 -4.95 -95.84
N GLU D 1326 68.78 -3.95 -95.42
CA GLU D 1326 68.46 -2.71 -96.12
C GLU D 1326 67.34 -2.88 -97.13
N GLY D 1327 66.86 -4.10 -97.37
CA GLY D 1327 65.72 -4.28 -98.25
C GLY D 1327 64.48 -4.45 -97.42
N GLU D 1328 64.67 -5.03 -96.24
CA GLU D 1328 63.56 -5.30 -95.33
C GLU D 1328 62.80 -4.02 -94.97
N ARG D 1329 63.52 -2.98 -94.56
CA ARG D 1329 62.86 -1.70 -94.36
C ARG D 1329 62.52 -1.05 -95.68
N TYR D 1330 63.34 -1.29 -96.71
CA TYR D 1330 62.92 -0.99 -98.07
C TYR D 1330 61.60 -1.68 -98.40
N ASN D 1331 61.46 -2.95 -98.02
CA ASN D 1331 60.17 -3.61 -98.18
C ASN D 1331 59.10 -2.85 -97.41
N TYR D 1332 59.40 -2.51 -96.16
CA TYR D 1332 58.42 -1.81 -95.34
C TYR D 1332 58.07 -0.46 -95.95
N SER D 1333 59.07 0.28 -96.43
CA SER D 1333 58.80 1.55 -97.08
C SER D 1333 57.95 1.34 -98.32
N LYS D 1334 58.28 0.32 -99.12
CA LYS D 1334 57.50 0.06 -100.33
C LYS D 1334 56.04 -0.20 -99.98
N CYS D 1335 55.82 -1.07 -99.00
CA CYS D 1335 54.45 -1.31 -98.54
C CYS D 1335 53.85 -0.03 -97.99
N THR D 1336 54.64 0.76 -97.26
CA THR D 1336 54.15 2.04 -96.76
C THR D 1336 53.71 2.94 -97.91
N VAL D 1337 54.53 3.01 -98.95
CA VAL D 1337 54.17 3.79 -100.12
C VAL D 1337 52.83 3.34 -100.68
N VAL D 1338 52.64 2.03 -100.77
CA VAL D 1338 51.43 1.49 -101.39
C VAL D 1338 50.19 2.02 -100.69
N VAL D 1339 50.15 1.93 -99.36
CA VAL D 1339 48.96 2.34 -98.64
C VAL D 1339 48.81 3.85 -98.66
N ARG D 1340 49.93 4.60 -98.66
CA ARG D 1340 49.82 6.04 -98.80
C ARG D 1340 49.17 6.42 -100.12
N ILE D 1341 49.53 5.70 -101.19
CA ILE D 1341 48.85 5.88 -102.46
C ILE D 1341 47.35 5.66 -102.30
N MET D 1342 46.99 4.60 -101.58
CA MET D 1342 45.58 4.29 -101.34
C MET D 1342 44.90 5.45 -100.61
N GLU D 1343 45.58 6.00 -99.61
CA GLU D 1343 45.05 7.14 -98.88
C GLU D 1343 44.91 8.37 -99.78
N PHE D 1344 45.89 8.60 -100.66
CA PHE D 1344 45.82 9.79 -101.51
C PHE D 1344 44.63 9.74 -102.44
N THR D 1345 44.46 8.63 -103.15
CA THR D 1345 43.40 8.54 -104.15
C THR D 1345 42.02 8.56 -103.49
N THR D 1346 41.89 7.94 -102.33
CA THR D 1346 40.65 8.05 -101.57
C THR D 1346 40.36 9.49 -101.22
N THR D 1347 41.38 10.20 -100.76
CA THR D 1347 41.21 11.61 -100.43
C THR D 1347 40.78 12.40 -101.66
N LEU D 1348 41.40 12.11 -102.80
CA LEU D 1348 40.98 12.74 -104.04
C LEU D 1348 39.53 12.36 -104.37
N LEU D 1349 39.23 11.06 -104.32
CA LEU D 1349 37.95 10.61 -104.86
C LEU D 1349 36.79 11.03 -103.99
N ASN D 1350 36.74 10.53 -102.75
CA ASN D 1350 35.55 10.67 -101.93
C ASN D 1350 35.60 11.90 -101.04
N THR D 1351 36.76 12.20 -100.44
CA THR D 1351 36.83 13.31 -99.49
C THR D 1351 36.41 14.62 -100.14
N SER D 1352 36.91 14.89 -101.35
CA SER D 1352 36.39 15.99 -102.14
C SER D 1352 35.61 15.42 -103.30
N PRO D 1353 34.29 15.58 -103.34
CA PRO D 1353 33.52 15.12 -104.50
C PRO D 1353 34.08 15.74 -105.78
N GLU D 1354 34.66 14.90 -106.62
CA GLU D 1354 35.28 15.36 -107.84
C GLU D 1354 34.29 16.12 -108.70
N GLY D 1355 34.68 17.31 -109.12
CA GLY D 1355 33.94 18.00 -110.15
C GLY D 1355 34.33 17.57 -111.53
N TRP D 1356 35.44 16.86 -111.65
CA TRP D 1356 35.92 16.36 -112.93
C TRP D 1356 36.86 15.19 -112.66
N LYS D 1357 36.63 14.07 -113.35
CA LYS D 1357 37.59 12.99 -113.34
C LYS D 1357 38.91 13.38 -113.98
N LEU D 1358 38.95 14.51 -114.70
CA LEU D 1358 40.16 15.05 -115.28
C LEU D 1358 40.98 15.88 -114.31
N LEU D 1359 40.52 16.05 -113.07
CA LEU D 1359 41.23 16.87 -112.09
C LEU D 1359 42.49 16.11 -111.69
N LYS D 1360 43.50 16.20 -112.56
CA LYS D 1360 44.75 15.46 -112.43
C LYS D 1360 44.51 13.96 -112.32
N LYS D 1361 43.31 13.50 -112.68
CA LYS D 1361 42.95 12.09 -112.58
C LYS D 1361 42.51 11.55 -113.93
N ASP D 1362 43.03 12.14 -115.01
CA ASP D 1362 42.67 11.71 -116.35
C ASP D 1362 42.89 10.22 -116.54
N LEU D 1363 43.99 9.71 -116.00
CA LEU D 1363 44.33 8.29 -116.15
C LEU D 1363 43.74 7.55 -114.96
N CYS D 1364 42.59 6.91 -115.18
CA CYS D 1364 41.99 6.02 -114.20
C CYS D 1364 41.96 4.59 -114.72
N ASN D 1365 42.85 4.27 -115.67
CA ASN D 1365 43.04 2.94 -116.21
C ASN D 1365 44.51 2.55 -116.11
N THR D 1366 45.05 2.73 -114.91
CA THR D 1366 46.47 2.63 -114.65
C THR D 1366 46.81 1.34 -113.90
N HIS D 1367 48.08 1.24 -113.52
CA HIS D 1367 48.62 0.14 -112.75
C HIS D 1367 47.75 -0.22 -111.54
N LEU D 1368 47.07 0.77 -110.97
CA LEU D 1368 46.43 0.59 -109.66
C LEU D 1368 45.38 -0.52 -109.68
N MET D 1369 44.44 -0.45 -110.61
CA MET D 1369 43.33 -1.40 -110.59
C MET D 1369 43.71 -2.78 -111.03
N ARG D 1370 44.99 -3.05 -111.18
CA ARG D 1370 45.47 -4.40 -111.44
C ARG D 1370 46.31 -4.92 -110.30
N VAL D 1371 46.58 -4.09 -109.29
CA VAL D 1371 47.54 -4.43 -108.25
C VAL D 1371 46.91 -4.34 -106.88
N LEU D 1372 46.11 -3.32 -106.65
CA LEU D 1372 45.33 -3.27 -105.42
C LEU D 1372 44.47 -4.52 -105.29
N VAL D 1373 44.10 -5.12 -106.42
CA VAL D 1373 43.25 -6.30 -106.39
C VAL D 1373 43.93 -7.44 -105.66
N GLN D 1374 45.18 -7.74 -106.03
CA GLN D 1374 45.89 -8.86 -105.41
C GLN D 1374 46.07 -8.60 -103.92
N THR D 1375 46.69 -7.48 -103.56
CA THR D 1375 46.82 -7.10 -102.16
C THR D 1375 45.49 -7.22 -101.44
N LEU D 1376 44.42 -6.76 -102.08
CA LEU D 1376 43.08 -6.95 -101.54
C LEU D 1376 42.74 -8.42 -101.42
N CYS D 1377 42.70 -9.14 -102.55
CA CYS D 1377 42.31 -10.54 -102.51
C CYS D 1377 43.40 -11.41 -101.89
N GLU D 1378 44.63 -11.26 -102.36
CA GLU D 1378 45.73 -12.11 -101.90
C GLU D 1378 46.70 -11.28 -101.09
N PRO D 1379 46.71 -11.42 -99.77
CA PRO D 1379 47.69 -10.70 -98.96
C PRO D 1379 49.08 -11.25 -99.21
N ALA D 1380 50.07 -10.52 -98.69
CA ALA D 1380 51.49 -10.84 -98.90
C ALA D 1380 51.87 -10.85 -100.37
N SER D 1381 51.01 -10.34 -101.25
CA SER D 1381 51.42 -10.12 -102.62
C SER D 1381 52.57 -9.12 -102.68
N ILE D 1382 52.51 -8.11 -101.82
CA ILE D 1382 53.68 -7.29 -101.52
C ILE D 1382 54.31 -7.83 -100.25
N GLY D 1383 55.62 -8.03 -100.28
CA GLY D 1383 56.29 -8.61 -99.14
C GLY D 1383 55.80 -10.02 -98.88
N PHE D 1384 55.88 -10.41 -97.61
CA PHE D 1384 55.40 -11.72 -97.16
C PHE D 1384 54.61 -11.53 -95.87
N ASN D 1385 53.64 -10.61 -95.91
CA ASN D 1385 52.92 -10.10 -94.74
C ASN D 1385 53.88 -9.53 -93.70
N ILE D 1386 54.96 -8.92 -94.20
CA ILE D 1386 56.04 -8.37 -93.37
C ILE D 1386 55.47 -7.49 -92.27
N GLY D 1387 56.11 -7.50 -91.11
CA GLY D 1387 55.64 -6.74 -89.99
C GLY D 1387 54.44 -7.37 -89.33
N ASP D 1388 53.32 -7.42 -90.05
CA ASP D 1388 52.04 -7.81 -89.46
C ASP D 1388 51.79 -7.05 -88.18
N VAL D 1389 52.13 -5.77 -88.18
CA VAL D 1389 52.03 -4.91 -87.01
C VAL D 1389 50.85 -3.96 -87.14
N GLN D 1390 50.85 -3.11 -88.16
CA GLN D 1390 49.73 -2.25 -88.47
C GLN D 1390 49.20 -2.51 -89.86
N VAL D 1391 49.81 -3.44 -90.59
CA VAL D 1391 49.39 -3.70 -91.97
C VAL D 1391 47.92 -4.10 -92.01
N MET D 1392 47.53 -5.09 -91.21
CA MET D 1392 46.12 -5.45 -91.12
C MET D 1392 45.30 -4.35 -90.47
N ALA D 1393 45.93 -3.49 -89.68
CA ALA D 1393 45.22 -2.41 -89.02
C ALA D 1393 45.09 -1.18 -89.90
N HIS D 1394 45.49 -1.25 -91.18
CA HIS D 1394 45.59 -0.03 -91.97
C HIS D 1394 44.82 -0.13 -93.28
N LEU D 1395 44.81 -1.32 -93.89
CA LEU D 1395 44.22 -1.43 -95.22
C LEU D 1395 42.69 -1.54 -95.24
N PRO D 1396 42.05 -2.31 -94.35
CA PRO D 1396 40.70 -2.80 -94.68
C PRO D 1396 39.65 -1.72 -94.85
N ASP D 1397 39.53 -0.81 -93.86
CA ASP D 1397 38.46 0.17 -93.91
C ASP D 1397 38.61 1.11 -95.10
N VAL D 1398 39.85 1.55 -95.38
CA VAL D 1398 40.06 2.45 -96.50
C VAL D 1398 39.82 1.74 -97.82
N CYS D 1399 40.13 0.44 -97.88
CA CYS D 1399 39.73 -0.35 -99.03
C CYS D 1399 38.23 -0.34 -99.19
N VAL D 1400 37.51 -0.55 -98.08
CA VAL D 1400 36.05 -0.52 -98.10
C VAL D 1400 35.56 0.88 -98.47
N ASN D 1401 36.19 1.90 -97.90
CA ASN D 1401 35.84 3.27 -98.25
C ASN D 1401 36.05 3.51 -99.74
N LEU D 1402 37.21 3.11 -100.27
CA LEU D 1402 37.51 3.37 -101.67
C LEU D 1402 36.57 2.59 -102.57
N MET D 1403 36.27 1.34 -102.21
CA MET D 1403 35.34 0.55 -103.02
C MET D 1403 33.96 1.21 -103.07
N LYS D 1404 33.48 1.70 -101.93
CA LYS D 1404 32.20 2.39 -101.93
C LYS D 1404 32.24 3.67 -102.75
N ALA D 1405 33.32 4.44 -102.62
CA ALA D 1405 33.45 5.66 -103.41
C ALA D 1405 33.50 5.35 -104.90
N LEU D 1406 34.24 4.31 -105.28
CA LEU D 1406 34.34 3.96 -106.69
C LEU D 1406 33.04 3.40 -107.24
N LYS D 1407 32.25 2.71 -106.41
CA LYS D 1407 30.90 2.40 -106.83
C LYS D 1407 30.13 3.65 -107.19
N MET D 1408 30.17 4.65 -106.30
CA MET D 1408 29.57 5.94 -106.62
C MET D 1408 30.30 6.60 -107.79
N SER D 1409 31.61 6.42 -107.89
CA SER D 1409 32.35 6.98 -109.00
C SER D 1409 31.95 6.28 -110.29
N PRO D 1410 32.16 6.93 -111.44
CA PRO D 1410 31.87 6.27 -112.71
C PRO D 1410 32.89 5.18 -113.02
N TYR D 1411 33.20 4.35 -112.03
CA TYR D 1411 34.24 3.34 -112.19
C TYR D 1411 33.89 2.02 -111.52
N LYS D 1412 32.65 1.86 -111.03
CA LYS D 1412 32.26 0.60 -110.41
C LYS D 1412 32.41 -0.56 -111.39
N ASP D 1413 32.10 -0.34 -112.65
CA ASP D 1413 32.29 -1.38 -113.65
C ASP D 1413 33.75 -1.80 -113.73
N ILE D 1414 34.69 -0.84 -113.71
CA ILE D 1414 36.10 -1.20 -113.62
C ILE D 1414 36.33 -2.08 -112.40
N LEU D 1415 35.67 -1.75 -111.29
CA LEU D 1415 35.81 -2.54 -110.08
C LEU D 1415 35.42 -3.99 -110.34
N GLU D 1416 34.23 -4.20 -110.89
CA GLU D 1416 33.69 -5.56 -110.97
C GLU D 1416 34.51 -6.41 -111.91
N THR D 1417 34.87 -5.88 -113.08
CA THR D 1417 35.72 -6.62 -114.00
C THR D 1417 37.06 -6.95 -113.37
N HIS D 1418 37.72 -5.95 -112.80
CA HIS D 1418 39.00 -6.22 -112.14
C HIS D 1418 38.81 -7.16 -110.98
N LEU D 1419 37.66 -7.09 -110.32
CA LEU D 1419 37.35 -8.06 -109.26
C LEU D 1419 37.14 -9.45 -109.83
N ARG D 1420 36.45 -9.56 -110.97
CA ARG D 1420 36.26 -10.89 -111.56
C ARG D 1420 37.52 -11.40 -112.24
N GLU D 1421 38.30 -10.51 -112.85
CA GLU D 1421 39.41 -10.97 -113.68
C GLU D 1421 40.41 -11.79 -112.87
N LYS D 1422 40.63 -11.41 -111.61
CA LYS D 1422 41.68 -12.05 -110.85
C LYS D 1422 41.25 -13.42 -110.35
N ILE D 1423 39.97 -13.56 -110.01
CA ILE D 1423 39.41 -14.84 -109.60
C ILE D 1423 37.90 -14.77 -109.74
N THR D 1424 37.28 -15.91 -110.04
CA THR D 1424 35.84 -16.03 -109.96
C THR D 1424 35.36 -16.32 -108.54
N ALA D 1425 36.30 -16.43 -107.59
CA ALA D 1425 36.04 -16.78 -106.20
C ALA D 1425 35.40 -18.17 -106.08
N GLN D 1426 35.55 -19.00 -107.10
CA GLN D 1426 35.11 -20.38 -107.02
C GLN D 1426 36.18 -21.30 -106.46
N SER D 1427 37.34 -20.76 -106.09
CA SER D 1427 38.41 -21.57 -105.54
C SER D 1427 37.97 -22.30 -104.29
N ILE D 1428 36.98 -21.75 -103.57
CA ILE D 1428 36.39 -22.48 -102.45
C ILE D 1428 35.81 -23.80 -102.93
N GLU D 1429 35.12 -23.78 -104.06
CA GLU D 1429 34.64 -25.01 -104.67
C GLU D 1429 35.77 -25.75 -105.35
N GLU D 1430 36.84 -25.05 -105.72
CA GLU D 1430 38.01 -25.70 -106.30
C GLU D 1430 38.87 -26.38 -105.25
N LEU D 1431 38.71 -26.04 -103.97
CA LEU D 1431 39.53 -26.59 -102.92
C LEU D 1431 38.74 -27.28 -101.81
N CYS D 1432 37.43 -27.41 -101.97
CA CYS D 1432 36.61 -27.97 -100.88
C CYS D 1432 36.85 -29.45 -100.66
N ALA D 1433 37.55 -30.14 -101.56
CA ALA D 1433 37.74 -31.58 -101.46
C ALA D 1433 39.21 -31.94 -101.64
N VAL D 1434 40.10 -31.20 -100.99
CA VAL D 1434 41.52 -31.53 -101.03
C VAL D 1434 41.93 -32.07 -99.67
N ASN D 1435 40.99 -32.74 -99.00
CA ASN D 1435 41.19 -33.32 -97.67
C ASN D 1435 41.60 -32.23 -96.67
N LEU D 1436 40.69 -31.30 -96.46
CA LEU D 1436 40.84 -30.40 -95.34
C LEU D 1436 40.76 -31.19 -94.04
N TYR D 1437 41.14 -30.52 -92.95
CA TYR D 1437 41.19 -31.12 -91.63
C TYR D 1437 42.23 -32.22 -91.53
N GLY D 1438 43.15 -32.29 -92.49
CA GLY D 1438 44.22 -33.25 -92.46
C GLY D 1438 45.56 -32.56 -92.55
N PRO D 1439 46.59 -33.17 -91.99
CA PRO D 1439 47.93 -32.59 -92.10
C PRO D 1439 48.58 -32.88 -93.44
N ASP D 1440 47.80 -32.70 -94.51
CA ASP D 1440 48.24 -33.02 -95.86
C ASP D 1440 48.71 -31.78 -96.61
N ALA D 1441 47.83 -30.80 -96.76
CA ALA D 1441 48.16 -29.52 -97.36
C ALA D 1441 47.71 -28.43 -96.42
N GLN D 1442 48.56 -27.44 -96.24
CA GLN D 1442 48.26 -26.33 -95.35
C GLN D 1442 48.24 -24.99 -96.05
N VAL D 1443 48.98 -24.85 -97.16
CA VAL D 1443 48.87 -23.65 -97.98
C VAL D 1443 47.46 -23.53 -98.54
N ASP D 1444 46.80 -24.66 -98.77
CA ASP D 1444 45.39 -24.64 -99.12
C ASP D 1444 44.60 -23.85 -98.08
N ARG D 1445 44.86 -24.12 -96.81
CA ARG D 1445 44.30 -23.31 -95.74
C ARG D 1445 44.80 -21.88 -95.79
N SER D 1446 46.07 -21.69 -96.17
CA SER D 1446 46.63 -20.35 -96.23
C SER D 1446 45.88 -19.50 -97.25
N ARG D 1447 45.75 -20.01 -98.47
CA ARG D 1447 44.96 -19.30 -99.47
C ARG D 1447 43.48 -19.31 -99.12
N LEU D 1448 43.04 -20.35 -98.40
CA LEU D 1448 41.69 -20.32 -97.84
C LEU D 1448 41.51 -19.10 -96.96
N ALA D 1449 42.44 -18.88 -96.04
CA ALA D 1449 42.37 -17.69 -95.20
C ALA D 1449 42.44 -16.42 -96.04
N ALA D 1450 43.24 -16.44 -97.11
CA ALA D 1450 43.27 -15.31 -98.02
C ALA D 1450 41.87 -15.01 -98.54
N VAL D 1451 41.11 -16.06 -98.86
CA VAL D 1451 39.72 -15.88 -99.25
C VAL D 1451 38.93 -15.26 -98.12
N VAL D 1452 39.17 -15.74 -96.89
CA VAL D 1452 38.41 -15.25 -95.75
C VAL D 1452 38.63 -13.75 -95.59
N SER D 1453 39.89 -13.33 -95.65
CA SER D 1453 40.20 -11.90 -95.56
C SER D 1453 39.56 -11.13 -96.69
N ALA D 1454 39.60 -11.67 -97.90
CA ALA D 1454 38.99 -11.00 -99.03
C ALA D 1454 37.49 -10.83 -98.84
N CYS D 1455 36.81 -11.90 -98.41
CA CYS D 1455 35.35 -11.86 -98.34
C CYS D 1455 34.85 -10.83 -97.33
N LYS D 1456 35.50 -10.76 -96.17
CA LYS D 1456 35.01 -9.90 -95.12
C LYS D 1456 35.07 -8.43 -95.51
N GLN D 1457 36.13 -8.02 -96.20
CA GLN D 1457 36.19 -6.65 -96.70
C GLN D 1457 35.32 -6.46 -97.93
N LEU D 1458 35.03 -7.53 -98.69
CA LEU D 1458 33.86 -7.49 -99.56
C LEU D 1458 32.59 -7.31 -98.75
N HIS D 1459 32.45 -8.08 -97.67
CA HIS D 1459 31.26 -7.97 -96.86
C HIS D 1459 31.14 -6.58 -96.26
N ARG D 1460 32.26 -6.01 -95.82
CA ARG D 1460 32.26 -4.63 -95.38
C ARG D 1460 31.90 -3.68 -96.52
N ALA D 1461 32.43 -3.95 -97.71
CA ALA D 1461 32.01 -3.18 -98.88
C ALA D 1461 30.58 -3.53 -99.28
N GLY D 1462 30.23 -4.81 -99.27
CA GLY D 1462 28.89 -5.24 -99.61
C GLY D 1462 28.68 -5.54 -101.09
N LEU D 1463 29.66 -6.17 -101.72
CA LEU D 1463 29.60 -6.47 -103.15
C LEU D 1463 29.49 -7.97 -103.40
N LEU D 1464 28.99 -8.71 -102.40
CA LEU D 1464 29.13 -10.16 -102.39
C LEU D 1464 28.41 -10.79 -103.59
N HIS D 1465 27.25 -10.25 -103.95
CA HIS D 1465 26.44 -10.88 -104.98
C HIS D 1465 27.04 -10.71 -106.37
N ASN D 1466 28.03 -9.84 -106.54
CA ASN D 1466 28.80 -9.86 -107.77
C ASN D 1466 29.57 -11.16 -107.90
N ILE D 1467 30.12 -11.65 -106.79
CA ILE D 1467 30.65 -13.01 -106.77
C ILE D 1467 29.55 -14.04 -106.96
N LEU D 1468 28.36 -13.77 -106.42
CA LEU D 1468 27.35 -14.79 -106.31
C LEU D 1468 27.02 -15.41 -107.67
N PRO D 1469 26.96 -16.74 -107.77
CA PRO D 1469 26.61 -17.38 -109.05
C PRO D 1469 25.20 -17.05 -109.52
N SER D 1470 24.50 -16.19 -108.77
CA SER D 1470 23.19 -15.68 -109.16
C SER D 1470 22.19 -16.83 -109.33
N GLN D 1471 21.95 -17.55 -108.24
CA GLN D 1471 20.92 -18.58 -108.24
C GLN D 1471 19.56 -17.94 -107.96
N SER D 1472 18.52 -18.59 -108.48
CA SER D 1472 17.18 -18.01 -108.41
C SER D 1472 16.69 -17.87 -106.98
N THR D 1473 16.93 -18.88 -106.15
CA THR D 1473 16.42 -18.86 -104.79
C THR D 1473 17.09 -17.74 -103.97
N ASP D 1474 16.38 -17.30 -102.95
CA ASP D 1474 16.88 -16.24 -102.08
C ASP D 1474 18.18 -16.66 -101.39
N LEU D 1475 18.25 -17.90 -100.94
CA LEU D 1475 19.46 -18.40 -100.30
C LEU D 1475 20.57 -18.52 -101.35
N HIS D 1476 21.78 -18.78 -100.86
CA HIS D 1476 22.96 -18.86 -101.71
C HIS D 1476 23.74 -20.12 -101.39
N HIS D 1477 23.59 -21.13 -102.25
CA HIS D 1477 24.31 -22.38 -102.10
C HIS D 1477 25.82 -22.19 -102.21
N SER D 1478 26.26 -21.07 -102.76
CA SER D 1478 27.68 -20.82 -102.99
C SER D 1478 28.45 -20.83 -101.68
N VAL D 1479 27.74 -20.70 -100.55
CA VAL D 1479 28.36 -20.89 -99.25
C VAL D 1479 27.58 -21.96 -98.50
N GLY D 1480 26.28 -22.09 -98.81
CA GLY D 1480 25.43 -22.98 -98.03
C GLY D 1480 25.83 -24.43 -98.15
N THR D 1481 26.09 -24.89 -99.38
CA THR D 1481 26.52 -26.26 -99.58
C THR D 1481 27.86 -26.53 -98.91
N GLU D 1482 28.79 -25.59 -99.05
CA GLU D 1482 30.09 -25.73 -98.41
C GLU D 1482 29.94 -25.87 -96.90
N LEU D 1483 29.05 -25.06 -96.32
CA LEU D 1483 28.76 -25.19 -94.90
C LEU D 1483 28.29 -26.60 -94.57
N LEU D 1484 27.17 -27.01 -95.18
CA LEU D 1484 26.57 -28.30 -94.85
C LEU D 1484 27.54 -29.45 -95.02
N SER D 1485 28.15 -29.55 -96.21
CA SER D 1485 29.03 -30.67 -96.51
C SER D 1485 30.12 -30.82 -95.48
N LEU D 1486 30.85 -29.73 -95.23
CA LEU D 1486 32.02 -29.81 -94.35
C LEU D 1486 31.63 -30.02 -92.90
N VAL D 1487 30.51 -29.47 -92.46
CA VAL D 1487 30.16 -29.59 -91.05
C VAL D 1487 29.29 -30.82 -90.80
N TYR D 1488 28.31 -31.07 -91.66
CA TYR D 1488 27.41 -32.18 -91.39
C TYR D 1488 28.10 -33.51 -91.66
N LYS D 1489 28.94 -33.56 -92.68
CA LYS D 1489 29.66 -34.78 -93.02
C LYS D 1489 31.14 -34.58 -93.32
N GLY D 1490 31.57 -33.37 -93.68
CA GLY D 1490 32.98 -33.13 -93.95
C GLY D 1490 33.87 -33.25 -92.73
N ILE D 1491 33.29 -33.38 -91.54
CA ILE D 1491 34.06 -33.58 -90.31
C ILE D 1491 33.49 -34.78 -89.58
N ALA D 1492 32.29 -35.20 -89.96
CA ALA D 1492 31.62 -36.27 -89.24
C ALA D 1492 32.34 -37.59 -89.43
N PRO D 1493 32.83 -38.22 -88.36
CA PRO D 1493 33.56 -39.48 -88.51
C PRO D 1493 32.68 -40.68 -88.83
N GLY D 1494 31.36 -40.53 -88.74
CA GLY D 1494 30.47 -41.61 -89.11
C GLY D 1494 30.22 -41.64 -90.59
N ASP D 1495 31.29 -41.72 -91.37
CA ASP D 1495 31.22 -41.70 -92.82
C ASP D 1495 31.83 -42.92 -93.48
N GLU D 1496 32.96 -43.41 -92.98
CA GLU D 1496 33.64 -44.54 -93.60
C GLU D 1496 34.18 -45.49 -92.53
N ARG D 1497 33.62 -45.44 -91.32
CA ARG D 1497 34.18 -46.14 -90.16
C ARG D 1497 35.63 -45.73 -89.94
N GLN D 1498 35.91 -44.47 -90.21
CA GLN D 1498 37.24 -43.89 -90.11
C GLN D 1498 37.35 -43.05 -88.85
N CYS D 1499 38.59 -42.85 -88.41
CA CYS D 1499 38.84 -41.97 -87.28
C CYS D 1499 38.60 -40.52 -87.68
N LEU D 1500 38.31 -39.70 -86.69
CA LEU D 1500 38.05 -38.29 -86.93
C LEU D 1500 39.30 -37.61 -87.48
N PRO D 1501 39.16 -36.70 -88.46
CA PRO D 1501 40.33 -35.98 -88.97
C PRO D 1501 40.90 -35.01 -87.93
N SER D 1502 41.93 -34.26 -88.30
CA SER D 1502 42.52 -33.29 -87.38
C SER D 1502 41.61 -32.08 -87.28
N LEU D 1503 41.10 -31.83 -86.08
CA LEU D 1503 40.20 -30.73 -85.78
C LEU D 1503 40.90 -29.72 -84.89
N ASP D 1504 42.14 -29.39 -85.23
CA ASP D 1504 42.96 -28.54 -84.38
C ASP D 1504 42.40 -27.12 -84.36
N LEU D 1505 42.93 -26.34 -83.41
CA LEU D 1505 42.53 -24.94 -83.30
C LEU D 1505 42.80 -24.20 -84.59
N SER D 1506 43.86 -24.57 -85.29
CA SER D 1506 44.11 -24.04 -86.62
C SER D 1506 42.88 -24.29 -87.48
N CYS D 1507 42.57 -25.56 -87.70
CA CYS D 1507 41.36 -25.89 -88.44
C CYS D 1507 40.14 -25.29 -87.78
N LYS D 1508 40.16 -25.17 -86.45
CA LYS D 1508 39.05 -24.55 -85.75
C LYS D 1508 38.87 -23.10 -86.18
N GLN D 1509 39.95 -22.31 -86.14
CA GLN D 1509 39.83 -20.92 -86.55
C GLN D 1509 39.66 -20.81 -88.07
N LEU D 1510 40.19 -21.76 -88.83
CA LEU D 1510 39.90 -21.78 -90.26
C LEU D 1510 38.40 -21.87 -90.50
N ALA D 1511 37.76 -22.87 -89.89
CA ALA D 1511 36.32 -23.04 -90.07
C ALA D 1511 35.55 -21.88 -89.49
N SER D 1512 36.08 -21.26 -88.43
CA SER D 1512 35.44 -20.06 -87.88
C SER D 1512 35.33 -18.97 -88.93
N GLY D 1513 36.46 -18.66 -89.59
CA GLY D 1513 36.41 -17.70 -90.67
C GLY D 1513 35.50 -18.14 -91.80
N LEU D 1514 35.43 -19.44 -92.04
CA LEU D 1514 34.49 -19.97 -93.03
C LEU D 1514 33.07 -19.60 -92.65
N LEU D 1515 32.70 -19.84 -91.40
CA LEU D 1515 31.36 -19.48 -90.95
C LEU D 1515 31.14 -17.98 -91.05
N GLU D 1516 32.14 -17.20 -90.67
CA GLU D 1516 32.01 -15.75 -90.70
C GLU D 1516 31.76 -15.25 -92.12
N LEU D 1517 32.62 -15.66 -93.06
CA LEU D 1517 32.40 -15.27 -94.45
C LEU D 1517 31.13 -15.88 -95.01
N ALA D 1518 30.77 -17.09 -94.54
CA ALA D 1518 29.54 -17.70 -95.00
C ALA D 1518 28.35 -16.85 -94.62
N PHE D 1519 28.34 -16.33 -93.41
CA PHE D 1519 27.28 -15.44 -92.98
C PHE D 1519 27.58 -13.98 -93.30
N ALA D 1520 28.71 -13.70 -93.94
CA ALA D 1520 28.86 -12.42 -94.61
C ALA D 1520 27.78 -12.27 -95.67
N PHE D 1521 27.51 -13.35 -96.42
CA PHE D 1521 26.32 -13.43 -97.25
C PHE D 1521 25.06 -13.49 -96.41
N GLY D 1522 23.90 -13.48 -97.05
CA GLY D 1522 22.64 -13.59 -96.37
C GLY D 1522 21.73 -14.62 -97.01
N GLY D 1523 20.47 -14.67 -96.58
CA GLY D 1523 19.51 -15.58 -97.15
C GLY D 1523 19.65 -17.02 -96.70
N LEU D 1524 20.67 -17.34 -95.91
CA LEU D 1524 20.88 -18.69 -95.42
C LEU D 1524 20.45 -18.87 -93.97
N CYS D 1525 19.88 -17.83 -93.35
CA CYS D 1525 19.57 -17.88 -91.94
C CYS D 1525 18.63 -19.04 -91.62
N GLU D 1526 17.41 -18.97 -92.14
CA GLU D 1526 16.44 -20.02 -91.87
C GLU D 1526 16.94 -21.36 -92.37
N ARG D 1527 17.79 -21.33 -93.40
CA ARG D 1527 18.44 -22.56 -93.87
C ARG D 1527 19.20 -23.23 -92.73
N LEU D 1528 20.08 -22.47 -92.08
CA LEU D 1528 20.78 -23.01 -90.91
C LEU D 1528 19.81 -23.32 -89.79
N VAL D 1529 18.76 -22.51 -89.66
CA VAL D 1529 17.74 -22.78 -88.66
C VAL D 1529 17.09 -24.14 -88.91
N SER D 1530 16.78 -24.42 -90.17
CA SER D 1530 16.37 -25.76 -90.54
C SER D 1530 17.48 -26.76 -90.27
N LEU D 1531 18.72 -26.40 -90.59
CA LEU D 1531 19.84 -27.28 -90.30
C LEU D 1531 19.98 -27.56 -88.82
N LEU D 1532 19.42 -26.70 -87.97
CA LEU D 1532 19.37 -27.02 -86.55
C LEU D 1532 18.46 -28.20 -86.29
N LEU D 1533 17.30 -28.24 -86.95
CA LEU D 1533 16.35 -29.32 -86.77
C LEU D 1533 16.81 -30.53 -87.56
N ASN D 1534 17.85 -31.18 -87.03
CA ASN D 1534 18.36 -32.45 -87.57
C ASN D 1534 18.79 -33.35 -86.41
N PRO D 1535 17.83 -33.98 -85.74
CA PRO D 1535 18.19 -35.01 -84.76
C PRO D 1535 18.75 -36.24 -85.45
N ALA D 1536 20.03 -36.51 -85.25
CA ALA D 1536 20.69 -37.59 -85.98
C ALA D 1536 21.35 -38.57 -85.02
N VAL D 1537 22.15 -39.48 -85.55
CA VAL D 1537 23.00 -40.35 -84.75
C VAL D 1537 24.35 -40.48 -85.44
N LEU D 1538 25.38 -40.73 -84.64
CA LEU D 1538 26.70 -41.00 -85.19
C LEU D 1538 27.56 -41.60 -84.08
N SER D 1539 28.40 -42.55 -84.48
CA SER D 1539 29.34 -43.21 -83.59
C SER D 1539 30.71 -43.16 -84.23
N THR D 1540 31.73 -42.90 -83.41
CA THR D 1540 33.08 -42.74 -83.94
C THR D 1540 33.78 -44.09 -84.11
N ALA D 1541 34.97 -44.05 -84.69
CA ALA D 1541 35.74 -45.27 -84.92
C ALA D 1541 36.91 -45.38 -83.94
N SER D 1549 34.57 -45.48 -80.56
CA SER D 1549 33.48 -46.01 -79.75
C SER D 1549 32.18 -46.04 -80.52
N VAL D 1550 31.33 -46.99 -80.15
CA VAL D 1550 30.04 -47.19 -80.82
C VAL D 1550 29.05 -46.17 -80.28
N ILE D 1551 29.55 -45.24 -79.47
CA ILE D 1551 28.67 -44.27 -78.82
C ILE D 1551 27.93 -43.45 -79.86
N HIS D 1552 26.61 -43.42 -79.74
CA HIS D 1552 25.73 -42.72 -80.66
C HIS D 1552 25.64 -41.26 -80.29
N PHE D 1553 25.46 -40.41 -81.30
CA PHE D 1553 25.20 -38.99 -81.07
C PHE D 1553 24.87 -38.26 -82.37
N SER D 1554 24.06 -37.21 -82.25
CA SER D 1554 23.51 -36.52 -83.40
C SER D 1554 24.55 -35.57 -83.98
N HIS D 1555 24.12 -34.74 -84.93
CA HIS D 1555 24.99 -33.84 -85.66
C HIS D 1555 24.75 -32.38 -85.32
N GLY D 1556 23.49 -31.96 -85.26
CA GLY D 1556 23.19 -30.59 -84.88
C GLY D 1556 23.74 -30.25 -83.50
N GLU D 1557 23.57 -31.17 -82.54
CA GLU D 1557 24.18 -30.98 -81.23
C GLU D 1557 25.69 -30.88 -81.35
N TYR D 1558 26.29 -31.70 -82.22
CA TYR D 1558 27.72 -31.63 -82.44
C TYR D 1558 28.14 -30.26 -82.94
N PHE D 1559 27.41 -29.73 -83.93
CA PHE D 1559 27.81 -28.47 -84.54
C PHE D 1559 27.81 -27.36 -83.51
N TYR D 1560 26.77 -27.32 -82.68
CA TYR D 1560 26.73 -26.34 -81.61
C TYR D 1560 27.87 -26.57 -80.64
N SER D 1561 28.10 -27.84 -80.27
CA SER D 1561 29.28 -28.15 -79.47
C SER D 1561 30.54 -27.69 -80.17
N LEU D 1562 30.48 -27.58 -81.50
CA LEU D 1562 31.63 -27.06 -82.22
C LEU D 1562 31.65 -25.54 -82.25
N PHE D 1563 30.57 -24.92 -82.74
CA PHE D 1563 30.64 -23.51 -83.10
C PHE D 1563 29.54 -22.69 -82.46
N SER D 1564 29.08 -23.09 -81.28
CA SER D 1564 27.99 -22.38 -80.63
C SER D 1564 28.24 -20.89 -80.57
N GLU D 1565 29.50 -20.50 -80.33
CA GLU D 1565 29.85 -19.09 -80.27
C GLU D 1565 29.60 -18.40 -81.60
N THR D 1566 30.14 -18.95 -82.69
CA THR D 1566 29.90 -18.36 -84.00
C THR D 1566 28.46 -18.56 -84.43
N ILE D 1567 27.88 -19.70 -84.06
CA ILE D 1567 26.46 -19.93 -84.25
C ILE D 1567 25.66 -18.82 -83.58
N ASN D 1568 25.92 -18.59 -82.29
CA ASN D 1568 25.21 -17.54 -81.58
C ASN D 1568 25.45 -16.19 -82.23
N THR D 1569 26.70 -15.91 -82.60
CA THR D 1569 27.10 -14.61 -83.10
C THR D 1569 26.18 -14.12 -84.22
N GLU D 1570 25.93 -14.98 -85.21
CA GLU D 1570 25.11 -14.57 -86.34
C GLU D 1570 23.63 -14.52 -85.97
N LEU D 1571 23.17 -15.48 -85.16
CA LEU D 1571 21.74 -15.60 -84.91
C LEU D 1571 21.18 -14.34 -84.27
N LEU D 1572 22.00 -13.59 -83.54
CA LEU D 1572 21.54 -12.33 -82.97
C LEU D 1572 21.17 -11.31 -84.03
N LYS D 1573 21.71 -11.43 -85.24
CA LYS D 1573 21.23 -10.60 -86.32
C LYS D 1573 19.77 -10.91 -86.62
N ASN D 1574 19.41 -12.19 -86.58
CA ASN D 1574 18.01 -12.56 -86.59
C ASN D 1574 17.39 -12.27 -85.22
N LEU D 1575 16.07 -12.12 -85.20
CA LEU D 1575 15.35 -11.73 -84.00
C LEU D 1575 14.36 -12.78 -83.52
N ASP D 1576 13.45 -13.23 -84.39
CA ASP D 1576 12.40 -14.14 -83.98
C ASP D 1576 12.21 -15.31 -84.91
N LEU D 1577 12.65 -15.20 -86.16
CA LEU D 1577 12.49 -16.31 -87.10
C LEU D 1577 13.17 -17.55 -86.59
N ALA D 1578 14.50 -17.48 -86.44
CA ALA D 1578 15.25 -18.59 -85.84
C ALA D 1578 14.62 -19.00 -84.52
N VAL D 1579 14.19 -18.02 -83.73
CA VAL D 1579 13.41 -18.31 -82.54
C VAL D 1579 12.19 -19.13 -82.90
N LEU D 1580 11.52 -18.73 -83.98
CA LEU D 1580 10.28 -19.40 -84.36
C LEU D 1580 10.54 -20.84 -84.79
N GLU D 1581 11.40 -21.05 -85.79
CA GLU D 1581 11.52 -22.40 -86.34
C GLU D 1581 12.05 -23.37 -85.28
N LEU D 1582 12.97 -22.90 -84.44
CA LEU D 1582 13.32 -23.67 -83.25
C LEU D 1582 12.15 -23.87 -82.32
N MET D 1583 11.17 -22.96 -82.35
CA MET D 1583 10.18 -22.95 -81.29
C MET D 1583 9.27 -24.16 -81.40
N GLN D 1584 8.92 -24.56 -82.62
CA GLN D 1584 8.24 -25.84 -82.81
C GLN D 1584 9.20 -27.00 -82.80
N SER D 1585 10.48 -26.78 -83.09
CA SER D 1585 11.44 -27.86 -82.92
C SER D 1585 11.64 -28.21 -81.47
N SER D 1586 11.07 -27.41 -80.56
CA SER D 1586 11.08 -27.71 -79.14
C SER D 1586 10.15 -28.87 -78.78
N VAL D 1587 9.14 -29.17 -79.59
CA VAL D 1587 8.21 -30.21 -79.19
C VAL D 1587 8.88 -31.58 -79.19
N ASP D 1588 9.79 -31.82 -80.16
CA ASP D 1588 10.39 -33.13 -80.30
C ASP D 1588 11.80 -33.22 -79.72
N ASN D 1589 12.51 -32.10 -79.58
CA ASN D 1589 13.81 -32.09 -78.92
C ASN D 1589 13.82 -30.99 -77.87
N THR D 1590 14.56 -31.22 -76.80
CA THR D 1590 14.76 -30.20 -75.77
C THR D 1590 16.20 -29.77 -75.66
N LYS D 1591 17.13 -30.63 -76.08
CA LYS D 1591 18.54 -30.37 -75.79
C LYS D 1591 19.09 -29.24 -76.64
N MET D 1592 19.08 -29.39 -77.96
CA MET D 1592 19.69 -28.36 -78.81
C MET D 1592 18.97 -27.03 -78.63
N VAL D 1593 17.64 -27.06 -78.54
CA VAL D 1593 16.87 -25.84 -78.33
C VAL D 1593 17.31 -25.15 -77.04
N SER D 1594 17.44 -25.91 -75.96
CA SER D 1594 17.90 -25.32 -74.72
C SER D 1594 19.31 -24.75 -74.85
N ALA D 1595 20.20 -25.51 -75.50
CA ALA D 1595 21.61 -25.10 -75.59
C ALA D 1595 21.74 -23.79 -76.36
N VAL D 1596 21.07 -23.70 -77.51
CA VAL D 1596 21.21 -22.51 -78.34
C VAL D 1596 20.61 -21.30 -77.63
N LEU D 1597 19.50 -21.50 -76.92
CA LEU D 1597 18.94 -20.43 -76.12
C LEU D 1597 19.97 -19.90 -75.15
N ASN D 1598 20.60 -20.79 -74.39
CA ASN D 1598 21.63 -20.37 -73.46
C ASN D 1598 22.83 -19.78 -74.19
N GLY D 1599 23.15 -20.32 -75.36
CA GLY D 1599 24.16 -19.69 -76.18
C GLY D 1599 23.79 -18.27 -76.56
N MET D 1600 22.51 -18.06 -76.88
CA MET D 1600 22.00 -16.70 -77.03
C MET D 1600 22.27 -15.90 -75.77
N LEU D 1601 21.98 -16.50 -74.62
CA LEU D 1601 21.93 -15.78 -73.35
C LEU D 1601 23.31 -15.25 -72.96
N ASP D 1602 24.32 -16.11 -73.03
CA ASP D 1602 25.63 -15.77 -72.49
C ASP D 1602 26.31 -14.67 -73.30
N GLN D 1603 26.37 -14.85 -74.63
CA GLN D 1603 27.02 -13.87 -75.48
C GLN D 1603 26.35 -12.51 -75.36
N SER D 1604 25.03 -12.49 -75.19
CA SER D 1604 24.34 -11.23 -74.97
C SER D 1604 24.79 -10.63 -73.65
N PHE D 1605 24.73 -11.41 -72.58
CA PHE D 1605 25.28 -10.97 -71.31
C PHE D 1605 26.79 -10.79 -71.38
N ARG D 1606 27.45 -11.48 -72.32
CA ARG D 1606 28.89 -11.32 -72.47
C ARG D 1606 29.23 -9.89 -72.87
N GLU D 1607 28.45 -9.31 -73.78
CA GLU D 1607 28.72 -7.98 -74.29
C GLU D 1607 27.78 -6.97 -73.65
N ARG D 1608 28.34 -5.88 -73.15
CA ARG D 1608 27.53 -4.77 -72.67
C ARG D 1608 28.12 -3.42 -73.04
N ALA D 1609 29.18 -3.38 -73.84
CA ALA D 1609 29.84 -2.11 -74.14
C ALA D 1609 28.87 -1.11 -74.75
N ASN D 1610 28.04 -1.56 -75.67
CA ASN D 1610 27.01 -0.70 -76.24
C ASN D 1610 25.73 -0.78 -75.44
N GLN D 1611 25.17 -1.97 -75.29
CA GLN D 1611 23.91 -2.18 -74.59
C GLN D 1611 23.62 -3.68 -74.59
N LYS D 1612 22.59 -4.06 -73.85
CA LYS D 1612 22.01 -5.39 -73.91
C LYS D 1612 20.67 -5.40 -74.63
N HIS D 1613 20.22 -4.24 -75.12
CA HIS D 1613 18.91 -4.13 -75.72
C HIS D 1613 18.73 -5.08 -76.89
N GLN D 1614 19.82 -5.48 -77.55
CA GLN D 1614 19.74 -6.57 -78.49
C GLN D 1614 19.11 -7.80 -77.83
N GLY D 1615 19.78 -8.34 -76.82
CA GLY D 1615 19.21 -9.47 -76.11
C GLY D 1615 17.88 -9.14 -75.46
N LEU D 1616 17.71 -7.89 -75.01
CA LEU D 1616 16.44 -7.51 -74.42
C LEU D 1616 15.31 -7.64 -75.42
N LYS D 1617 15.50 -7.13 -76.63
CA LYS D 1617 14.45 -7.26 -77.63
C LYS D 1617 14.29 -8.71 -78.06
N LEU D 1618 15.37 -9.49 -78.03
CA LEU D 1618 15.24 -10.93 -78.12
C LEU D 1618 14.38 -11.46 -76.98
N ALA D 1619 14.61 -10.97 -75.76
CA ALA D 1619 13.78 -11.38 -74.63
C ALA D 1619 12.33 -10.99 -74.86
N THR D 1620 12.09 -9.82 -75.45
CA THR D 1620 10.74 -9.43 -75.82
C THR D 1620 10.13 -10.43 -76.79
N THR D 1621 10.89 -10.81 -77.82
CA THR D 1621 10.36 -11.70 -78.85
C THR D 1621 9.96 -13.04 -78.26
N ILE D 1622 10.85 -13.63 -77.46
CA ILE D 1622 10.54 -14.94 -76.90
C ILE D 1622 9.41 -14.85 -75.90
N LEU D 1623 9.29 -13.73 -75.17
CA LEU D 1623 8.11 -13.56 -74.33
C LEU D 1623 6.86 -13.64 -75.19
N GLN D 1624 6.88 -13.00 -76.36
CA GLN D 1624 5.78 -13.13 -77.29
C GLN D 1624 5.84 -14.43 -78.08
N HIS D 1625 6.99 -15.11 -78.08
CA HIS D 1625 7.09 -16.46 -78.61
C HIS D 1625 6.96 -17.50 -77.51
N TRP D 1626 6.57 -17.09 -76.32
CA TRP D 1626 6.53 -17.97 -75.17
C TRP D 1626 5.60 -19.18 -75.26
N LYS D 1627 4.29 -18.94 -75.26
CA LYS D 1627 3.40 -20.07 -75.02
C LYS D 1627 3.40 -21.07 -76.16
N LYS D 1628 4.12 -20.81 -77.25
CA LYS D 1628 4.44 -21.87 -78.19
C LYS D 1628 5.20 -22.98 -77.51
N CYS D 1629 5.85 -22.69 -76.40
CA CYS D 1629 6.33 -23.73 -75.49
C CYS D 1629 5.11 -24.22 -74.76
N ASP D 1630 4.65 -25.40 -75.12
CA ASP D 1630 3.49 -26.01 -74.47
C ASP D 1630 3.75 -27.43 -74.01
N SER D 1631 4.61 -28.18 -74.71
CA SER D 1631 4.93 -29.54 -74.29
C SER D 1631 5.54 -29.58 -72.90
N TRP D 1632 6.06 -28.45 -72.42
CA TRP D 1632 6.77 -28.37 -71.17
C TRP D 1632 5.95 -27.55 -70.18
N TRP D 1633 6.56 -27.29 -69.02
CA TRP D 1633 6.00 -26.48 -67.93
C TRP D 1633 4.59 -26.92 -67.55
N ALA D 1634 4.17 -28.10 -67.98
CA ALA D 1634 2.86 -28.62 -67.64
C ALA D 1634 2.95 -29.39 -66.33
N LYS D 1635 1.79 -29.70 -65.77
CA LYS D 1635 1.73 -30.51 -64.55
C LYS D 1635 2.52 -31.81 -64.70
N ASP D 1636 2.40 -32.43 -65.86
CA ASP D 1636 3.04 -33.72 -66.13
C ASP D 1636 4.40 -33.58 -66.81
N SER D 1637 4.88 -32.36 -67.01
CA SER D 1637 6.14 -32.19 -67.73
C SER D 1637 7.25 -32.93 -66.99
N PRO D 1638 8.16 -33.60 -67.69
CA PRO D 1638 9.25 -34.32 -67.03
C PRO D 1638 10.10 -33.36 -66.24
N LEU D 1639 10.76 -33.90 -65.21
CA LEU D 1639 11.56 -33.06 -64.32
C LEU D 1639 12.59 -32.28 -65.11
N GLU D 1640 13.31 -32.98 -65.99
CA GLU D 1640 14.34 -32.34 -66.80
C GLU D 1640 13.78 -31.12 -67.55
N THR D 1641 12.54 -31.22 -68.02
CA THR D 1641 11.90 -30.07 -68.64
C THR D 1641 11.76 -28.93 -67.64
N LYS D 1642 11.38 -29.25 -66.41
CA LYS D 1642 11.17 -28.22 -65.40
C LYS D 1642 12.49 -27.55 -65.01
N MET D 1643 13.52 -28.34 -64.67
CA MET D 1643 14.81 -27.71 -64.40
C MET D 1643 15.33 -26.96 -65.61
N ALA D 1644 15.06 -27.46 -66.82
CA ALA D 1644 15.50 -26.73 -68.00
C ALA D 1644 14.84 -25.36 -68.07
N VAL D 1645 13.51 -25.33 -67.98
CA VAL D 1645 12.81 -24.08 -68.21
C VAL D 1645 13.14 -23.07 -67.11
N LEU D 1646 13.20 -23.51 -65.86
CA LEU D 1646 13.55 -22.59 -64.77
C LEU D 1646 14.94 -21.99 -64.99
N ALA D 1647 15.88 -22.81 -65.48
CA ALA D 1647 17.20 -22.28 -65.79
C ALA D 1647 17.12 -21.19 -66.84
N LEU D 1648 16.33 -21.41 -67.88
CA LEU D 1648 16.08 -20.33 -68.83
C LEU D 1648 15.40 -19.17 -68.13
N LEU D 1649 14.42 -19.47 -67.29
CA LEU D 1649 13.74 -18.43 -66.52
C LEU D 1649 14.74 -17.65 -65.67
N ALA D 1650 15.72 -18.35 -65.10
CA ALA D 1650 16.70 -17.67 -64.28
C ALA D 1650 17.50 -16.65 -65.08
N LYS D 1651 18.11 -17.11 -66.19
CA LYS D 1651 19.00 -16.24 -66.94
C LYS D 1651 18.24 -15.05 -67.51
N ILE D 1652 17.06 -15.31 -68.07
CA ILE D 1652 16.30 -14.23 -68.69
C ILE D 1652 15.92 -13.19 -67.65
N LEU D 1653 15.62 -13.64 -66.43
CA LEU D 1653 15.33 -12.69 -65.35
C LEU D 1653 16.53 -11.80 -65.09
N GLN D 1654 17.73 -12.38 -65.06
CA GLN D 1654 18.92 -11.56 -64.89
C GLN D 1654 19.05 -10.56 -66.02
N ILE D 1655 18.73 -10.99 -67.24
CA ILE D 1655 18.88 -10.13 -68.42
C ILE D 1655 17.81 -9.03 -68.40
N ASP D 1656 16.57 -9.39 -68.10
CA ASP D 1656 15.52 -8.39 -68.16
C ASP D 1656 15.62 -7.43 -66.98
N SER D 1657 14.92 -6.31 -67.08
CA SER D 1657 14.91 -5.31 -66.02
C SER D 1657 13.76 -5.57 -65.06
N SER D 1658 13.82 -4.89 -63.91
CA SER D 1658 12.79 -5.04 -62.89
C SER D 1658 11.44 -4.49 -63.32
N VAL D 1659 11.39 -3.70 -64.39
CA VAL D 1659 10.12 -3.20 -64.92
C VAL D 1659 9.71 -3.95 -66.19
N SER D 1660 10.65 -4.56 -66.88
CA SER D 1660 10.35 -5.30 -68.10
C SER D 1660 9.63 -6.59 -67.74
N PHE D 1661 8.34 -6.66 -68.09
CA PHE D 1661 7.54 -7.88 -68.04
C PHE D 1661 7.39 -8.43 -66.63
N ASN D 1662 7.51 -7.58 -65.62
CA ASN D 1662 6.99 -7.92 -64.31
C ASN D 1662 5.55 -7.48 -64.16
N THR D 1663 5.15 -6.49 -64.94
CA THR D 1663 3.75 -6.15 -65.15
C THR D 1663 3.17 -7.05 -66.24
N SER D 1664 1.85 -7.01 -66.37
CA SER D 1664 1.12 -7.89 -67.28
C SER D 1664 1.50 -7.63 -68.73
N HIS D 1665 2.38 -6.66 -68.97
CA HIS D 1665 2.83 -6.38 -70.32
C HIS D 1665 3.50 -7.61 -70.91
N GLY D 1666 3.21 -7.86 -72.18
CA GLY D 1666 3.71 -9.05 -72.81
C GLY D 1666 3.04 -10.29 -72.23
N SER D 1667 3.71 -11.42 -72.42
CA SER D 1667 3.25 -12.70 -71.92
C SER D 1667 3.64 -12.96 -70.47
N PHE D 1668 3.91 -11.91 -69.69
CA PHE D 1668 4.24 -12.11 -68.28
C PHE D 1668 3.18 -12.90 -67.52
N PRO D 1669 1.89 -12.52 -67.50
CA PRO D 1669 0.95 -13.25 -66.64
C PRO D 1669 0.84 -14.71 -67.01
N GLU D 1670 1.06 -15.04 -68.29
CA GLU D 1670 1.03 -16.43 -68.74
C GLU D 1670 2.06 -17.25 -67.97
N VAL D 1671 3.34 -16.92 -68.18
CA VAL D 1671 4.41 -17.61 -67.47
C VAL D 1671 4.36 -17.33 -65.98
N PHE D 1672 3.91 -16.14 -65.60
CA PHE D 1672 3.69 -15.84 -64.19
C PHE D 1672 2.76 -16.87 -63.57
N THR D 1673 1.60 -17.07 -64.18
CA THR D 1673 0.71 -18.13 -63.74
C THR D 1673 1.32 -19.50 -63.96
N THR D 1674 2.02 -19.69 -65.08
CA THR D 1674 2.71 -20.96 -65.32
C THR D 1674 3.64 -21.28 -64.17
N TYR D 1675 4.39 -20.29 -63.71
CA TYR D 1675 5.31 -20.49 -62.62
C TYR D 1675 4.57 -20.85 -61.33
N ILE D 1676 3.45 -20.17 -61.06
CA ILE D 1676 2.67 -20.49 -59.88
C ILE D 1676 2.18 -21.92 -59.94
N SER D 1677 1.70 -22.32 -61.12
CA SER D 1677 1.33 -23.72 -61.32
C SER D 1677 2.51 -24.63 -61.03
N LEU D 1678 3.69 -24.26 -61.53
CA LEU D 1678 4.89 -25.00 -61.22
C LEU D 1678 5.20 -24.95 -59.73
N LEU D 1679 4.85 -23.84 -59.07
CA LEU D 1679 5.00 -23.76 -57.63
C LEU D 1679 4.14 -24.79 -56.92
N ALA D 1680 2.89 -24.95 -57.37
CA ALA D 1680 1.95 -25.85 -56.73
C ALA D 1680 2.39 -27.30 -56.77
N ASP D 1681 3.49 -27.61 -57.43
CA ASP D 1681 3.93 -28.99 -57.61
C ASP D 1681 4.85 -29.36 -56.46
N THR D 1682 4.50 -30.43 -55.74
CA THR D 1682 5.33 -30.92 -54.64
C THR D 1682 6.38 -31.91 -55.09
N LYS D 1683 6.36 -32.31 -56.36
CA LYS D 1683 7.30 -33.31 -56.86
C LYS D 1683 8.72 -32.82 -56.71
N LEU D 1684 8.94 -31.52 -56.86
CA LEU D 1684 10.26 -30.94 -56.71
C LEU D 1684 10.74 -31.07 -55.27
N ASP D 1685 12.06 -31.16 -55.11
CA ASP D 1685 12.63 -31.11 -53.78
C ASP D 1685 12.66 -29.67 -53.29
N LEU D 1686 12.87 -29.51 -51.98
CA LEU D 1686 12.97 -28.17 -51.39
C LEU D 1686 14.03 -27.34 -52.09
N HIS D 1687 15.12 -27.98 -52.49
CA HIS D 1687 16.17 -27.26 -53.21
C HIS D 1687 15.65 -26.68 -54.52
N LEU D 1688 14.86 -27.45 -55.25
CA LEU D 1688 14.35 -26.96 -56.52
C LEU D 1688 13.50 -25.71 -56.32
N LYS D 1689 12.66 -25.71 -55.30
CA LYS D 1689 11.99 -24.46 -54.93
C LYS D 1689 13.01 -23.41 -54.50
N GLY D 1690 14.04 -23.82 -53.78
CA GLY D 1690 15.09 -22.87 -53.42
C GLY D 1690 15.72 -22.24 -54.64
N GLN D 1691 15.95 -23.05 -55.68
CA GLN D 1691 16.30 -22.48 -56.97
C GLN D 1691 15.20 -21.57 -57.47
N ALA D 1692 13.95 -21.98 -57.31
CA ALA D 1692 12.82 -21.20 -57.83
C ALA D 1692 12.68 -19.87 -57.11
N VAL D 1693 12.72 -19.88 -55.77
CA VAL D 1693 12.54 -18.66 -55.01
C VAL D 1693 13.63 -17.64 -55.31
N THR D 1694 14.79 -18.10 -55.80
CA THR D 1694 15.81 -17.16 -56.24
C THR D 1694 15.29 -16.24 -57.32
N LEU D 1695 14.30 -16.69 -58.09
CA LEU D 1695 13.70 -15.84 -59.10
C LEU D 1695 12.91 -14.70 -58.47
N LEU D 1696 12.39 -14.93 -57.27
CA LEU D 1696 11.38 -14.05 -56.68
C LEU D 1696 11.72 -12.57 -56.64
N PRO D 1697 12.89 -12.14 -56.16
CA PRO D 1697 13.08 -10.69 -55.89
C PRO D 1697 12.90 -9.80 -57.11
N PHE D 1698 12.70 -10.35 -58.30
CA PHE D 1698 12.22 -9.59 -59.43
C PHE D 1698 10.71 -9.66 -59.59
N PHE D 1699 10.03 -10.28 -58.65
CA PHE D 1699 8.58 -10.48 -58.73
C PHE D 1699 7.93 -9.81 -57.54
N THR D 1700 6.60 -9.96 -57.47
CA THR D 1700 5.74 -9.39 -56.44
C THR D 1700 5.64 -7.87 -56.59
N SER D 1701 6.46 -7.26 -57.43
CA SER D 1701 6.50 -5.82 -57.61
C SER D 1701 5.81 -5.47 -58.92
N LEU D 1702 5.03 -4.39 -58.89
CA LEU D 1702 4.28 -3.88 -60.03
C LEU D 1702 3.18 -4.84 -60.47
N THR D 1703 3.03 -5.97 -59.77
CA THR D 1703 1.96 -6.91 -60.09
C THR D 1703 0.61 -6.34 -59.68
N GLY D 1704 -0.41 -6.64 -60.48
CA GLY D 1704 -1.76 -6.22 -60.16
C GLY D 1704 -2.47 -7.26 -59.32
N GLY D 1705 -2.47 -7.10 -58.01
CA GLY D 1705 -2.98 -8.14 -57.16
C GLY D 1705 -2.26 -9.43 -57.42
N SER D 1706 -3.01 -10.52 -57.53
CA SER D 1706 -2.51 -11.84 -57.91
C SER D 1706 -1.41 -12.34 -56.98
N LEU D 1707 -1.14 -11.62 -55.89
CA LEU D 1707 -0.16 -12.07 -54.93
C LEU D 1707 -0.74 -13.06 -53.93
N GLU D 1708 -2.06 -13.06 -53.79
CA GLU D 1708 -2.71 -13.91 -52.80
C GLU D 1708 -2.50 -15.38 -53.12
N GLU D 1709 -2.80 -15.78 -54.36
CA GLU D 1709 -2.62 -17.19 -54.74
C GLU D 1709 -1.18 -17.59 -54.57
N LEU D 1710 -0.27 -16.76 -55.07
CA LEU D 1710 1.16 -17.01 -54.89
C LEU D 1710 1.52 -17.06 -53.42
N ARG D 1711 1.01 -16.11 -52.63
CA ARG D 1711 1.32 -16.13 -51.21
C ARG D 1711 0.72 -17.36 -50.56
N ARG D 1712 -0.47 -17.78 -51.00
CA ARG D 1712 -1.01 -19.06 -50.56
C ARG D 1712 -0.06 -20.20 -50.85
N VAL D 1713 0.37 -20.33 -52.11
CA VAL D 1713 1.16 -21.50 -52.48
C VAL D 1713 2.49 -21.49 -51.73
N LEU D 1714 2.97 -20.29 -51.38
CA LEU D 1714 4.11 -20.19 -50.48
C LEU D 1714 3.82 -20.88 -49.16
N GLU D 1715 2.69 -20.50 -48.55
CA GLU D 1715 2.43 -20.91 -47.18
C GLU D 1715 2.21 -22.41 -47.08
N GLN D 1716 1.38 -22.96 -47.95
CA GLN D 1716 1.20 -24.40 -47.96
C GLN D 1716 2.53 -25.10 -48.19
N LEU D 1717 3.38 -24.50 -49.01
CA LEU D 1717 4.67 -25.09 -49.30
C LEU D 1717 5.56 -25.09 -48.07
N ILE D 1718 5.67 -23.94 -47.41
CA ILE D 1718 6.57 -23.86 -46.26
C ILE D 1718 6.06 -24.73 -45.12
N VAL D 1719 4.75 -24.69 -44.85
CA VAL D 1719 4.25 -25.56 -43.79
C VAL D 1719 4.40 -27.02 -44.17
N ALA D 1720 4.46 -27.32 -45.47
CA ALA D 1720 4.69 -28.69 -45.90
C ALA D 1720 6.06 -29.20 -45.52
N HIS D 1721 7.03 -28.30 -45.29
CA HIS D 1721 8.41 -28.74 -45.11
C HIS D 1721 9.09 -28.20 -43.87
N PHE D 1722 8.57 -27.20 -43.22
CA PHE D 1722 9.40 -26.94 -42.06
C PHE D 1722 8.70 -27.35 -40.77
N PRO D 1723 9.48 -27.83 -39.81
CA PRO D 1723 8.92 -28.23 -38.52
C PRO D 1723 8.95 -27.08 -37.53
N MET D 1724 8.21 -27.19 -36.44
CA MET D 1724 8.28 -26.18 -35.39
C MET D 1724 9.68 -26.09 -34.80
N GLN D 1725 10.30 -27.23 -34.57
CA GLN D 1725 11.64 -27.30 -34.00
C GLN D 1725 12.62 -27.72 -35.09
N SER D 1726 13.75 -27.00 -35.18
CA SER D 1726 14.77 -27.34 -36.15
C SER D 1726 15.94 -28.11 -35.54
N ARG D 1727 16.37 -27.76 -34.33
CA ARG D 1727 17.43 -28.54 -33.70
C ARG D 1727 16.96 -29.92 -33.30
N GLU D 1728 15.68 -30.23 -33.45
CA GLU D 1728 15.24 -31.61 -33.46
C GLU D 1728 15.85 -32.36 -34.64
N PHE D 1729 16.38 -31.63 -35.62
CA PHE D 1729 17.07 -32.18 -36.76
C PHE D 1729 18.54 -31.88 -36.61
N PRO D 1730 19.42 -32.87 -36.43
CA PRO D 1730 20.82 -32.58 -36.17
C PRO D 1730 21.47 -31.89 -37.36
N PRO D 1731 22.48 -31.07 -37.12
CA PRO D 1731 23.15 -30.39 -38.23
C PRO D 1731 23.84 -31.39 -39.15
N GLY D 1732 23.99 -30.99 -40.41
CA GLY D 1732 24.61 -31.84 -41.39
C GLY D 1732 23.74 -32.95 -41.93
N THR D 1733 22.56 -33.14 -41.37
CA THR D 1733 21.65 -34.12 -41.93
C THR D 1733 20.92 -33.48 -43.11
N PRO D 1734 20.86 -34.13 -44.26
CA PRO D 1734 20.47 -33.43 -45.50
C PRO D 1734 19.20 -32.61 -45.42
N ARG D 1735 18.13 -33.15 -44.83
CA ARG D 1735 16.93 -32.35 -44.69
C ARG D 1735 17.18 -31.15 -43.78
N PHE D 1736 18.07 -31.28 -42.81
CA PHE D 1736 18.51 -30.09 -42.08
C PHE D 1736 19.34 -29.19 -42.97
N ASN D 1737 20.17 -29.77 -43.84
CA ASN D 1737 20.99 -28.96 -44.72
C ASN D 1737 20.13 -28.10 -45.63
N ASN D 1738 19.18 -28.71 -46.34
CA ASN D 1738 18.33 -27.92 -47.22
C ASN D 1738 17.45 -26.96 -46.45
N TYR D 1739 17.17 -27.24 -45.17
CA TYR D 1739 16.52 -26.25 -44.34
C TYR D 1739 17.32 -24.95 -44.30
N VAL D 1740 18.53 -25.03 -43.76
CA VAL D 1740 19.34 -23.83 -43.69
C VAL D 1740 19.66 -23.31 -45.08
N ASP D 1741 19.77 -24.21 -46.06
CA ASP D 1741 19.93 -23.79 -47.45
C ASP D 1741 18.77 -22.90 -47.87
N CYS D 1742 17.54 -23.42 -47.80
CA CYS D 1742 16.41 -22.67 -48.30
C CYS D 1742 16.23 -21.37 -47.55
N MET D 1743 16.39 -21.41 -46.23
CA MET D 1743 16.22 -20.20 -45.43
C MET D 1743 17.20 -19.13 -45.86
N LYS D 1744 18.35 -19.54 -46.40
CA LYS D 1744 19.23 -18.57 -47.03
C LYS D 1744 18.56 -17.90 -48.23
N LYS D 1745 17.88 -18.69 -49.07
CA LYS D 1745 17.19 -18.09 -50.22
C LYS D 1745 16.12 -17.12 -49.80
N PHE D 1746 15.33 -17.46 -48.77
CA PHE D 1746 14.29 -16.53 -48.37
C PHE D 1746 14.92 -15.24 -47.85
N LEU D 1747 16.05 -15.36 -47.15
CA LEU D 1747 16.80 -14.17 -46.76
C LEU D 1747 17.18 -13.39 -48.00
N ASP D 1748 18.10 -13.94 -48.81
CA ASP D 1748 18.68 -13.18 -49.90
C ASP D 1748 17.62 -12.61 -50.84
N ALA D 1749 16.50 -13.32 -51.01
CA ALA D 1749 15.40 -12.76 -51.78
C ALA D 1749 14.82 -11.53 -51.08
N LEU D 1750 14.72 -11.56 -49.75
CA LEU D 1750 14.07 -10.46 -49.03
C LEU D 1750 14.85 -9.16 -49.19
N GLU D 1751 16.12 -9.15 -48.79
CA GLU D 1751 16.91 -7.93 -48.92
C GLU D 1751 17.07 -7.52 -50.37
N LEU D 1752 16.82 -8.42 -51.31
CA LEU D 1752 16.86 -8.08 -52.72
C LEU D 1752 15.47 -7.85 -53.31
N SER D 1753 14.42 -8.01 -52.50
CA SER D 1753 13.08 -7.65 -52.93
C SER D 1753 12.49 -6.55 -52.05
N GLN D 1754 12.71 -6.62 -50.74
CA GLN D 1754 12.19 -5.65 -49.79
C GLN D 1754 10.68 -5.51 -49.94
N SER D 1755 9.98 -6.62 -49.73
CA SER D 1755 8.54 -6.62 -49.92
C SER D 1755 7.85 -7.16 -48.68
N PRO D 1756 6.68 -6.61 -48.34
CA PRO D 1756 6.04 -6.96 -47.06
C PRO D 1756 5.64 -8.41 -46.92
N MET D 1757 4.87 -8.95 -47.88
CA MET D 1757 4.45 -10.33 -47.78
C MET D 1757 5.64 -11.27 -47.67
N LEU D 1758 6.75 -10.92 -48.32
CA LEU D 1758 7.99 -11.62 -48.03
C LEU D 1758 8.33 -11.46 -46.56
N LEU D 1759 8.36 -10.22 -46.09
CA LEU D 1759 8.80 -9.96 -44.72
C LEU D 1759 7.94 -10.70 -43.71
N GLU D 1760 6.62 -10.62 -43.85
CA GLU D 1760 5.78 -11.37 -42.93
C GLU D 1760 6.02 -12.87 -43.06
N LEU D 1761 6.14 -13.36 -44.30
CA LEU D 1761 6.19 -14.80 -44.51
C LEU D 1761 7.33 -15.43 -43.72
N MET D 1762 8.51 -14.82 -43.78
CA MET D 1762 9.59 -15.30 -42.91
C MET D 1762 9.28 -15.04 -41.44
N THR D 1763 8.47 -14.03 -41.13
CA THR D 1763 8.26 -13.68 -39.73
C THR D 1763 7.60 -14.81 -38.96
N GLU D 1764 6.58 -15.44 -39.53
CA GLU D 1764 5.93 -16.54 -38.81
C GLU D 1764 6.88 -17.71 -38.70
N VAL D 1765 7.42 -18.16 -39.83
CA VAL D 1765 8.28 -19.33 -39.83
C VAL D 1765 9.51 -19.08 -38.98
N LEU D 1766 9.84 -17.81 -38.73
CA LEU D 1766 10.87 -17.50 -37.75
C LEU D 1766 10.33 -17.61 -36.34
N CYS D 1767 9.09 -17.16 -36.13
CA CYS D 1767 8.51 -17.09 -34.79
C CYS D 1767 7.70 -18.35 -34.52
N ARG D 1768 8.43 -19.41 -34.17
CA ARG D 1768 7.86 -20.62 -33.59
C ARG D 1768 8.39 -20.89 -32.19
N GLU D 1769 9.71 -20.88 -32.02
CA GLU D 1769 10.36 -21.24 -30.77
C GLU D 1769 11.60 -20.37 -30.62
N GLN D 1770 11.97 -20.10 -29.38
CA GLN D 1770 13.09 -19.22 -29.12
C GLN D 1770 14.39 -19.85 -29.60
N GLN D 1771 15.06 -19.17 -30.53
CA GLN D 1771 16.42 -19.50 -30.95
C GLN D 1771 16.54 -20.95 -31.41
N HIS D 1772 15.89 -21.26 -32.53
CA HIS D 1772 16.01 -22.61 -33.05
C HIS D 1772 16.30 -22.69 -34.55
N VAL D 1773 16.44 -21.55 -35.23
CA VAL D 1773 16.70 -21.59 -36.67
C VAL D 1773 17.92 -20.74 -37.01
N MET D 1774 18.83 -20.58 -36.04
CA MET D 1774 20.00 -19.75 -36.23
C MET D 1774 19.58 -18.32 -36.59
N GLU D 1775 18.82 -17.74 -35.67
CA GLU D 1775 18.20 -16.45 -35.89
C GLU D 1775 19.22 -15.34 -36.02
N GLU D 1776 20.39 -15.52 -35.38
CA GLU D 1776 21.47 -14.55 -35.54
C GLU D 1776 21.77 -14.30 -37.00
N LEU D 1777 21.60 -15.32 -37.84
CA LEU D 1777 21.73 -15.12 -39.28
C LEU D 1777 20.67 -14.14 -39.78
N PHE D 1778 19.45 -14.25 -39.28
CA PHE D 1778 18.39 -13.38 -39.74
C PHE D 1778 18.62 -11.92 -39.34
N GLN D 1779 19.07 -11.69 -38.11
CA GLN D 1779 19.29 -10.31 -37.69
C GLN D 1779 20.45 -9.69 -38.47
N SER D 1780 21.53 -10.45 -38.66
CA SER D 1780 22.57 -10.05 -39.59
C SER D 1780 22.01 -9.85 -40.98
N SER D 1781 21.07 -10.71 -41.38
CA SER D 1781 20.36 -10.49 -42.63
C SER D 1781 19.64 -9.15 -42.59
N PHE D 1782 19.03 -8.82 -41.46
CA PHE D 1782 18.23 -7.61 -41.35
C PHE D 1782 19.09 -6.36 -41.22
N ARG D 1783 20.39 -6.52 -40.99
CA ARG D 1783 21.17 -5.40 -40.51
C ARG D 1783 21.41 -4.31 -41.56
N ARG D 1784 21.07 -4.55 -42.83
CA ARG D 1784 21.24 -3.50 -43.82
C ARG D 1784 19.96 -3.20 -44.58
N ILE D 1785 18.84 -3.81 -44.20
CA ILE D 1785 17.62 -3.66 -44.98
C ILE D 1785 17.11 -2.23 -44.92
N ALA D 1786 17.26 -1.58 -43.76
CA ALA D 1786 16.78 -0.22 -43.60
C ALA D 1786 17.51 0.73 -44.54
N ARG D 1787 18.81 0.54 -44.72
CA ARG D 1787 19.52 1.31 -45.72
C ARG D 1787 18.91 1.10 -47.09
N ARG D 1788 18.58 -0.15 -47.42
CA ARG D 1788 17.87 -0.43 -48.66
C ARG D 1788 16.45 0.09 -48.59
N GLY D 1789 15.92 0.46 -49.75
CA GLY D 1789 14.54 0.88 -49.86
C GLY D 1789 14.32 2.30 -49.35
N SER D 1790 13.13 2.81 -49.65
CA SER D 1790 12.74 4.14 -49.22
C SER D 1790 12.22 4.09 -47.79
N CYS D 1791 12.47 5.17 -47.04
CA CYS D 1791 12.01 5.23 -45.66
C CYS D 1791 10.50 5.05 -45.59
N VAL D 1792 9.77 5.58 -46.56
CA VAL D 1792 8.33 5.40 -46.59
C VAL D 1792 7.99 3.93 -46.78
N THR D 1793 8.72 3.24 -47.66
CA THR D 1793 8.55 1.80 -47.77
C THR D 1793 8.90 1.14 -46.45
N GLN D 1794 9.98 1.59 -45.82
CA GLN D 1794 10.34 1.08 -44.50
C GLN D 1794 9.22 1.32 -43.50
N VAL D 1795 8.69 2.55 -43.46
CA VAL D 1795 7.56 2.84 -42.60
C VAL D 1795 6.38 1.96 -42.97
N GLY D 1796 6.14 1.77 -44.27
CA GLY D 1796 5.10 0.87 -44.69
C GLY D 1796 5.29 -0.52 -44.13
N LEU D 1797 6.55 -0.98 -44.09
CA LEU D 1797 6.83 -2.24 -43.43
C LEU D 1797 6.60 -2.16 -41.92
N LEU D 1798 6.91 -1.02 -41.31
CA LEU D 1798 6.68 -0.86 -39.88
C LEU D 1798 5.21 -1.05 -39.53
N GLU D 1799 4.32 -0.51 -40.34
CA GLU D 1799 2.91 -0.75 -40.06
C GLU D 1799 2.55 -2.20 -40.32
N SER D 1800 3.16 -2.82 -41.34
CA SER D 1800 2.92 -4.22 -41.65
C SER D 1800 3.30 -5.12 -40.48
N VAL D 1801 4.46 -4.86 -39.87
CA VAL D 1801 4.83 -5.64 -38.70
C VAL D 1801 3.96 -5.29 -37.51
N TYR D 1802 3.52 -4.03 -37.41
CA TYR D 1802 2.70 -3.62 -36.29
C TYR D 1802 1.35 -4.33 -36.32
N GLU D 1803 0.78 -4.51 -37.52
CA GLU D 1803 -0.51 -5.17 -37.63
C GLU D 1803 -0.42 -6.64 -37.24
N MET D 1804 0.65 -7.34 -37.63
CA MET D 1804 0.83 -8.73 -37.24
C MET D 1804 0.93 -8.81 -35.73
N PHE D 1805 1.65 -7.88 -35.14
CA PHE D 1805 1.57 -7.70 -33.70
C PHE D 1805 0.12 -7.57 -33.23
N ARG D 1806 -0.68 -6.86 -34.01
CA ARG D 1806 -2.06 -6.59 -33.66
C ARG D 1806 -3.04 -7.59 -34.27
N LYS D 1807 -2.56 -8.67 -34.89
CA LYS D 1807 -3.54 -9.68 -35.27
C LYS D 1807 -4.20 -10.27 -34.02
N ASP D 1808 -5.25 -11.03 -34.27
CA ASP D 1808 -6.00 -11.64 -33.19
C ASP D 1808 -6.08 -13.16 -33.34
N ASP D 1809 -5.16 -13.75 -34.10
CA ASP D 1809 -5.03 -15.20 -34.10
C ASP D 1809 -4.59 -15.65 -32.72
N PRO D 1810 -5.32 -16.55 -32.06
CA PRO D 1810 -4.88 -17.05 -30.75
C PRO D 1810 -3.44 -17.53 -30.78
N ARG D 1811 -2.56 -16.81 -30.11
CA ARG D 1811 -1.15 -17.13 -30.09
C ARG D 1811 -0.70 -17.27 -28.65
N LEU D 1812 0.22 -18.21 -28.42
CA LEU D 1812 0.87 -18.27 -27.12
C LEU D 1812 1.53 -16.93 -26.83
N SER D 1813 1.41 -16.48 -25.57
CA SER D 1813 2.01 -15.22 -25.16
C SER D 1813 3.40 -15.06 -25.75
N PHE D 1814 4.23 -16.10 -25.60
CA PHE D 1814 5.55 -16.07 -26.19
C PHE D 1814 5.47 -15.97 -27.71
N THR D 1815 4.63 -16.79 -28.34
CA THR D 1815 4.54 -16.74 -29.79
C THR D 1815 4.05 -15.38 -30.25
N ARG D 1816 3.07 -14.82 -29.55
CA ARG D 1816 2.56 -13.50 -29.89
C ARG D 1816 3.66 -12.45 -29.72
N GLN D 1817 4.44 -12.53 -28.64
CA GLN D 1817 5.52 -11.57 -28.46
C GLN D 1817 6.75 -11.90 -29.28
N SER D 1818 6.83 -13.11 -29.85
CA SER D 1818 8.04 -13.52 -30.56
C SER D 1818 8.38 -12.58 -31.70
N PHE D 1819 7.41 -11.82 -32.20
CA PHE D 1819 7.67 -10.83 -33.22
C PHE D 1819 8.55 -9.70 -32.67
N VAL D 1820 7.98 -8.90 -31.77
CA VAL D 1820 8.72 -7.81 -31.14
C VAL D 1820 9.91 -8.34 -30.37
N ASP D 1821 9.88 -9.64 -30.03
CA ASP D 1821 10.99 -10.27 -29.34
C ASP D 1821 12.30 -9.98 -30.05
N ARG D 1822 12.32 -10.13 -31.37
CA ARG D 1822 13.56 -10.02 -32.11
C ARG D 1822 13.46 -9.28 -33.43
N SER D 1823 12.27 -8.95 -33.93
CA SER D 1823 12.16 -8.34 -35.24
C SER D 1823 12.32 -6.83 -35.17
N LEU D 1824 11.44 -6.17 -34.42
CA LEU D 1824 11.29 -4.72 -34.51
C LEU D 1824 12.52 -4.00 -33.96
N LEU D 1825 12.81 -4.24 -32.69
CA LEU D 1825 13.85 -3.51 -31.96
C LEU D 1825 15.18 -3.51 -32.69
N THR D 1826 15.54 -4.61 -33.33
CA THR D 1826 16.77 -4.63 -34.10
C THR D 1826 16.71 -3.61 -35.22
N LEU D 1827 15.64 -3.66 -36.01
CA LEU D 1827 15.44 -2.65 -37.03
C LEU D 1827 15.18 -1.29 -36.40
N LEU D 1828 14.60 -1.28 -35.20
CA LEU D 1828 14.54 -0.03 -34.44
C LEU D 1828 15.94 0.45 -34.10
N TRP D 1829 16.81 -0.46 -33.69
CA TRP D 1829 18.21 -0.10 -33.60
C TRP D 1829 18.80 0.15 -34.98
N HIS D 1830 18.34 -0.62 -35.97
CA HIS D 1830 18.74 -0.45 -37.36
C HIS D 1830 17.97 0.68 -38.04
N CYS D 1831 17.33 1.54 -37.28
CA CYS D 1831 16.42 2.55 -37.84
C CYS D 1831 17.12 3.43 -38.86
N SER D 1832 16.42 3.67 -39.98
CA SER D 1832 16.82 4.67 -40.96
C SER D 1832 16.05 5.95 -40.68
N LEU D 1833 16.78 7.05 -40.54
CA LEU D 1833 16.20 8.28 -40.01
C LEU D 1833 15.05 8.78 -40.88
N ASP D 1834 14.26 9.67 -40.28
CA ASP D 1834 13.15 10.36 -40.92
C ASP D 1834 11.96 9.42 -41.12
N ALA D 1835 12.18 8.14 -40.86
CA ALA D 1835 11.11 7.15 -40.81
C ALA D 1835 10.55 6.99 -39.42
N LEU D 1836 11.11 7.69 -38.44
CA LEU D 1836 10.87 7.43 -37.03
C LEU D 1836 9.82 8.36 -36.45
N ARG D 1837 9.19 9.18 -37.28
CA ARG D 1837 8.20 10.14 -36.84
C ARG D 1837 6.85 9.87 -37.45
N GLU D 1838 6.80 9.64 -38.76
CA GLU D 1838 5.53 9.36 -39.41
C GLU D 1838 4.91 8.09 -38.86
N PHE D 1839 5.69 7.00 -38.82
CA PHE D 1839 5.17 5.80 -38.19
C PHE D 1839 4.90 6.04 -36.71
N PHE D 1840 5.77 6.80 -36.05
CA PHE D 1840 5.46 7.30 -34.73
C PHE D 1840 4.12 8.04 -34.69
N SER D 1841 3.95 9.02 -35.58
CA SER D 1841 2.76 9.85 -35.54
C SER D 1841 1.50 9.01 -35.61
N THR D 1842 1.55 7.92 -36.37
CA THR D 1842 0.40 7.03 -36.51
C THR D 1842 0.12 6.28 -35.21
N ILE D 1843 1.17 5.73 -34.58
CA ILE D 1843 0.98 4.77 -33.51
C ILE D 1843 0.81 5.41 -32.14
N VAL D 1844 0.91 6.74 -32.05
CA VAL D 1844 0.78 7.40 -30.75
C VAL D 1844 -0.53 7.03 -30.08
N VAL D 1845 -1.62 7.08 -30.84
CA VAL D 1845 -2.92 6.80 -30.23
C VAL D 1845 -2.98 5.38 -29.70
N ASP D 1846 -2.56 4.41 -30.51
CA ASP D 1846 -2.67 3.02 -30.08
C ASP D 1846 -1.83 2.76 -28.84
N ALA D 1847 -0.70 3.45 -28.73
CA ALA D 1847 0.15 3.28 -27.55
C ALA D 1847 -0.54 3.80 -26.30
N ILE D 1848 -1.05 5.03 -26.37
CA ILE D 1848 -1.56 5.68 -25.17
C ILE D 1848 -2.81 4.99 -24.65
N ASP D 1849 -3.59 4.37 -25.55
CA ASP D 1849 -4.89 3.84 -25.15
C ASP D 1849 -4.76 2.67 -24.19
N VAL D 1850 -3.95 1.68 -24.55
CA VAL D 1850 -4.01 0.36 -23.94
C VAL D 1850 -3.37 0.39 -22.55
N LEU D 1851 -2.86 1.55 -22.17
CA LEU D 1851 -2.08 1.69 -20.95
C LEU D 1851 -2.90 1.50 -19.69
N LYS D 1852 -4.15 1.07 -19.81
CA LYS D 1852 -5.11 1.05 -18.71
C LYS D 1852 -5.89 -0.26 -18.81
N SER D 1853 -7.03 -0.32 -18.13
CA SER D 1853 -8.07 -1.30 -18.47
C SER D 1853 -7.67 -2.77 -18.30
N ARG D 1854 -7.61 -3.24 -17.06
CA ARG D 1854 -7.43 -4.67 -16.76
C ARG D 1854 -6.03 -5.16 -17.05
N PHE D 1855 -5.05 -4.42 -16.56
CA PHE D 1855 -3.68 -4.92 -16.53
C PHE D 1855 -3.40 -5.78 -15.31
N THR D 1856 -4.34 -5.89 -14.36
CA THR D 1856 -4.10 -6.62 -13.12
C THR D 1856 -4.67 -8.04 -13.14
N LYS D 1857 -5.99 -8.15 -13.31
CA LYS D 1857 -6.62 -9.46 -13.13
C LYS D 1857 -6.28 -10.34 -14.33
N LEU D 1858 -5.31 -11.22 -14.14
CA LEU D 1858 -4.96 -12.21 -15.15
C LEU D 1858 -5.53 -13.53 -14.64
N ASN D 1859 -6.73 -13.85 -15.09
CA ASN D 1859 -7.37 -15.11 -14.75
C ASN D 1859 -7.62 -15.98 -15.96
N GLU D 1860 -7.17 -15.54 -17.14
CA GLU D 1860 -7.36 -16.31 -18.37
C GLU D 1860 -6.35 -15.84 -19.40
N SER D 1861 -6.20 -16.66 -20.44
CA SER D 1861 -5.25 -16.35 -21.51
C SER D 1861 -5.53 -15.01 -22.16
N THR D 1862 -6.80 -14.60 -22.18
CA THR D 1862 -7.13 -13.31 -22.77
C THR D 1862 -6.39 -12.18 -22.08
N PHE D 1863 -6.33 -12.23 -20.75
CA PHE D 1863 -5.61 -11.21 -20.01
C PHE D 1863 -4.12 -11.30 -20.28
N ASP D 1864 -3.60 -12.52 -20.43
CA ASP D 1864 -2.23 -12.68 -20.87
C ASP D 1864 -2.05 -12.08 -22.27
N THR D 1865 -3.00 -12.33 -23.17
CA THR D 1865 -2.95 -11.70 -24.48
C THR D 1865 -2.99 -10.19 -24.35
N GLN D 1866 -3.84 -9.68 -23.45
CA GLN D 1866 -3.88 -8.25 -23.16
C GLN D 1866 -2.51 -7.74 -22.79
N ILE D 1867 -1.97 -8.25 -21.68
CA ILE D 1867 -0.77 -7.68 -21.10
C ILE D 1867 0.42 -7.85 -22.04
N THR D 1868 0.48 -8.99 -22.73
CA THR D 1868 1.57 -9.23 -23.67
C THR D 1868 1.52 -8.22 -24.80
N LYS D 1869 0.31 -7.94 -25.30
CA LYS D 1869 0.18 -6.84 -26.26
C LYS D 1869 0.63 -5.54 -25.63
N LYS D 1870 0.25 -5.32 -24.35
CA LYS D 1870 0.66 -4.10 -23.66
C LYS D 1870 2.17 -4.01 -23.57
N MET D 1871 2.86 -5.14 -23.61
CA MET D 1871 4.31 -5.15 -23.45
C MET D 1871 5.00 -4.34 -24.54
N GLY D 1872 4.91 -4.80 -25.79
CA GLY D 1872 5.85 -4.41 -26.82
C GLY D 1872 5.90 -2.94 -27.11
N TYR D 1873 4.88 -2.19 -26.70
CA TYR D 1873 4.86 -0.75 -26.97
C TYR D 1873 6.05 -0.06 -26.31
N TYR D 1874 6.39 -0.45 -25.09
CA TYR D 1874 7.53 0.16 -24.41
C TYR D 1874 8.82 -0.16 -25.13
N LYS D 1875 8.99 -1.43 -25.51
CA LYS D 1875 10.21 -1.87 -26.16
C LYS D 1875 10.46 -1.16 -27.48
N ILE D 1876 9.42 -0.65 -28.12
CA ILE D 1876 9.60 -0.03 -29.43
C ILE D 1876 9.84 1.48 -29.31
N LEU D 1877 9.15 2.16 -28.40
CA LEU D 1877 9.25 3.60 -28.32
C LEU D 1877 10.56 4.04 -27.67
N ASP D 1878 11.07 3.26 -26.73
CA ASP D 1878 12.22 3.68 -25.95
C ASP D 1878 13.44 3.98 -26.82
N VAL D 1879 13.77 3.07 -27.74
CA VAL D 1879 14.91 3.31 -28.62
C VAL D 1879 14.68 4.54 -29.48
N MET D 1880 13.42 4.82 -29.83
CA MET D 1880 13.10 6.01 -30.60
C MET D 1880 13.54 7.27 -29.85
N TYR D 1881 13.24 7.33 -28.56
CA TYR D 1881 13.67 8.46 -27.75
C TYR D 1881 15.18 8.52 -27.68
N SER D 1882 15.82 7.35 -27.52
CA SER D 1882 17.27 7.29 -27.52
C SER D 1882 17.84 7.86 -28.79
N ARG D 1883 17.11 7.77 -29.89
CA ARG D 1883 17.59 8.26 -31.17
C ARG D 1883 17.14 9.70 -31.40
N LEU D 1884 15.84 9.95 -31.35
CA LEU D 1884 15.33 11.25 -31.71
C LEU D 1884 15.75 12.30 -30.68
N PRO D 1885 16.06 13.51 -31.12
CA PRO D 1885 16.56 14.54 -30.20
C PRO D 1885 15.43 15.19 -29.41
N LYS D 1886 15.84 15.98 -28.42
CA LYS D 1886 14.88 16.58 -27.50
C LYS D 1886 13.91 17.50 -28.22
N ASP D 1887 14.40 18.33 -29.13
CA ASP D 1887 13.55 19.29 -29.82
C ASP D 1887 12.48 18.59 -30.63
N ASP D 1888 12.85 17.52 -31.35
CA ASP D 1888 11.86 16.80 -32.15
C ASP D 1888 10.82 16.15 -31.25
N VAL D 1889 11.26 15.40 -30.24
CA VAL D 1889 10.32 14.72 -29.37
C VAL D 1889 9.52 15.71 -28.54
N HIS D 1890 10.04 16.91 -28.32
CA HIS D 1890 9.34 17.90 -27.54
C HIS D 1890 9.81 19.28 -27.96
N ALA D 1891 8.85 20.15 -28.27
CA ALA D 1891 9.17 21.50 -28.70
C ALA D 1891 7.95 22.36 -28.42
N LYS D 1892 8.17 23.69 -28.45
CA LYS D 1892 7.13 24.61 -28.04
C LYS D 1892 5.83 24.38 -28.82
N GLU D 1893 5.95 24.27 -30.14
CA GLU D 1893 4.78 24.05 -30.97
C GLU D 1893 4.41 22.57 -31.09
N SER D 1894 5.15 21.68 -30.40
CA SER D 1894 4.85 20.25 -30.42
C SER D 1894 4.91 19.72 -31.85
N LYS D 1895 6.15 19.67 -32.36
CA LYS D 1895 6.46 19.50 -33.76
C LYS D 1895 5.46 18.62 -34.48
N ILE D 1896 5.16 17.48 -33.88
CA ILE D 1896 4.07 16.63 -34.35
C ILE D 1896 3.77 15.62 -33.26
N ASN D 1897 2.50 15.29 -33.11
CA ASN D 1897 2.06 14.24 -32.22
C ASN D 1897 0.69 13.78 -32.69
N GLN D 1898 0.05 12.93 -31.90
CA GLN D 1898 -1.33 12.56 -32.14
C GLN D 1898 -2.21 12.71 -30.91
N VAL D 1899 -1.64 12.72 -29.71
CA VAL D 1899 -2.40 13.06 -28.51
C VAL D 1899 -3.06 14.41 -28.70
N PHE D 1900 -2.40 15.32 -29.39
CA PHE D 1900 -2.97 16.62 -29.69
C PHE D 1900 -2.69 17.01 -31.14
N HIS D 1901 -2.57 16.02 -32.02
CA HIS D 1901 -2.32 16.20 -33.44
C HIS D 1901 -0.99 16.89 -33.71
N GLY D 1902 -0.22 17.24 -32.68
CA GLY D 1902 0.91 18.11 -32.85
C GLY D 1902 0.54 19.55 -33.08
N SER D 1903 -0.76 19.85 -33.12
CA SER D 1903 -1.25 21.20 -33.35
C SER D 1903 -2.28 21.58 -32.30
N CYS D 1904 -3.08 20.61 -31.86
CA CYS D 1904 -4.03 20.89 -30.79
C CYS D 1904 -3.32 21.28 -29.50
N ILE D 1905 -2.06 20.90 -29.35
CA ILE D 1905 -1.21 21.39 -28.28
C ILE D 1905 -0.14 22.26 -28.92
N THR D 1906 0.03 23.47 -28.40
CA THR D 1906 1.06 24.39 -28.85
C THR D 1906 1.81 25.00 -27.68
N GLU D 1907 1.53 24.53 -26.46
CA GLU D 1907 2.12 25.07 -25.25
C GLU D 1907 2.08 23.96 -24.20
N GLY D 1908 3.08 23.94 -23.35
CA GLY D 1908 3.18 22.78 -22.46
C GLY D 1908 3.72 21.57 -23.16
N ASN D 1909 3.14 21.21 -24.31
CA ASN D 1909 3.69 20.20 -25.20
C ASN D 1909 3.85 18.86 -24.48
N GLU D 1910 2.80 18.48 -23.76
CA GLU D 1910 2.78 17.25 -22.98
C GLU D 1910 2.51 16.05 -23.87
N LEU D 1911 3.29 15.96 -24.94
CA LEU D 1911 3.22 14.82 -25.85
C LEU D 1911 3.35 13.52 -25.07
N THR D 1912 4.32 13.48 -24.15
CA THR D 1912 4.51 12.35 -23.26
C THR D 1912 4.73 12.78 -21.83
N LYS D 1913 4.66 14.08 -21.56
CA LYS D 1913 4.68 14.52 -20.17
C LYS D 1913 3.53 13.93 -19.40
N THR D 1914 2.40 13.72 -20.08
CA THR D 1914 1.39 12.80 -19.56
C THR D 1914 1.97 11.40 -19.42
N LEU D 1915 2.63 10.90 -20.47
CA LEU D 1915 3.15 9.54 -20.44
C LEU D 1915 4.15 9.35 -19.31
N ILE D 1916 4.80 10.42 -18.87
CA ILE D 1916 5.66 10.32 -17.70
C ILE D 1916 4.91 9.66 -16.56
N LYS D 1917 3.81 10.28 -16.14
CA LYS D 1917 2.97 9.65 -15.15
C LYS D 1917 2.41 8.34 -15.68
N LEU D 1918 2.00 8.33 -16.95
CA LEU D 1918 1.38 7.13 -17.52
C LEU D 1918 2.31 5.92 -17.48
N CYS D 1919 3.61 6.15 -17.36
CA CYS D 1919 4.57 5.06 -17.21
C CYS D 1919 5.12 4.96 -15.79
N TYR D 1920 5.36 6.08 -15.14
CA TYR D 1920 5.85 6.04 -13.77
C TYR D 1920 4.91 5.28 -12.85
N ASP D 1921 3.60 5.43 -13.05
CA ASP D 1921 2.64 4.82 -12.16
C ASP D 1921 2.75 3.30 -12.19
N ALA D 1922 2.67 2.71 -13.37
CA ALA D 1922 2.68 1.25 -13.50
C ALA D 1922 4.00 0.67 -13.01
N PHE D 1923 5.11 1.34 -13.30
CA PHE D 1923 6.38 0.90 -12.75
C PHE D 1923 6.38 0.98 -11.23
N THR D 1924 5.79 2.02 -10.68
CA THR D 1924 5.79 2.28 -9.25
C THR D 1924 4.88 1.30 -8.49
N GLU D 1925 4.45 0.24 -9.17
CA GLU D 1925 3.34 -0.57 -8.71
C GLU D 1925 3.74 -1.42 -7.51
N ASN D 1926 2.82 -1.56 -6.56
CA ASN D 1926 3.03 -2.34 -5.35
C ASN D 1926 1.87 -3.30 -5.19
N MET D 1927 2.17 -4.59 -5.03
CA MET D 1927 1.13 -5.61 -5.08
C MET D 1927 1.47 -6.71 -4.09
N ALA D 1928 0.44 -7.42 -3.61
CA ALA D 1928 0.64 -8.49 -2.65
C ALA D 1928 1.54 -9.57 -3.19
N GLY D 1929 1.58 -9.72 -4.50
CA GLY D 1929 2.54 -10.59 -5.13
C GLY D 1929 2.01 -11.90 -5.63
N GLU D 1930 0.72 -12.17 -5.42
CA GLU D 1930 0.07 -13.35 -5.99
C GLU D 1930 -0.26 -13.05 -7.44
N ASN D 1931 0.71 -13.29 -8.31
CA ASN D 1931 0.53 -13.13 -9.74
C ASN D 1931 0.78 -14.46 -10.44
N GLN D 1932 0.09 -14.65 -11.56
CA GLN D 1932 0.31 -15.82 -12.37
C GLN D 1932 1.70 -15.80 -13.00
N LEU D 1933 2.06 -14.69 -13.64
CA LEU D 1933 3.32 -14.58 -14.39
C LEU D 1933 4.02 -13.29 -13.99
N LEU D 1934 4.84 -13.38 -12.95
CA LEU D 1934 5.56 -12.19 -12.48
C LEU D 1934 6.53 -11.67 -13.51
N GLU D 1935 7.04 -12.56 -14.37
CA GLU D 1935 8.07 -12.17 -15.33
C GLU D 1935 7.56 -11.08 -16.25
N ARG D 1936 6.35 -11.23 -16.77
CA ARG D 1936 5.78 -10.18 -17.60
C ARG D 1936 5.59 -8.92 -16.78
N ARG D 1937 5.22 -9.08 -15.51
CA ARG D 1937 5.14 -7.92 -14.62
C ARG D 1937 6.50 -7.26 -14.48
N ARG D 1938 7.54 -8.04 -14.13
CA ARG D 1938 8.86 -7.44 -14.02
C ARG D 1938 9.41 -7.04 -15.36
N LEU D 1939 9.12 -7.82 -16.40
CA LEU D 1939 9.45 -7.38 -17.75
C LEU D 1939 8.85 -6.02 -18.01
N TYR D 1940 7.58 -5.85 -17.64
CA TYR D 1940 6.93 -4.58 -17.87
C TYR D 1940 7.57 -3.47 -17.07
N HIS D 1941 7.96 -3.75 -15.81
CA HIS D 1941 8.58 -2.71 -15.00
C HIS D 1941 9.85 -2.19 -15.63
N CYS D 1942 10.79 -3.08 -15.94
CA CYS D 1942 12.06 -2.63 -16.52
C CYS D 1942 11.84 -1.94 -17.86
N ALA D 1943 11.00 -2.52 -18.71
CA ALA D 1943 10.75 -1.95 -20.03
C ALA D 1943 10.28 -0.52 -19.90
N ALA D 1944 9.31 -0.28 -19.01
CA ALA D 1944 8.87 1.08 -18.75
C ALA D 1944 10.02 1.93 -18.22
N TYR D 1945 10.81 1.38 -17.30
CA TYR D 1945 11.90 2.15 -16.73
C TYR D 1945 12.94 2.48 -17.80
N ASN D 1946 13.24 1.53 -18.68
CA ASN D 1946 14.18 1.81 -19.76
C ASN D 1946 13.63 2.91 -20.66
N CYS D 1947 12.31 2.91 -20.87
CA CYS D 1947 11.70 3.99 -21.64
C CYS D 1947 11.94 5.33 -20.97
N ALA D 1948 11.75 5.39 -19.65
CA ALA D 1948 12.00 6.63 -18.93
C ALA D 1948 13.44 7.07 -19.10
N ILE D 1949 14.37 6.11 -19.13
CA ILE D 1949 15.76 6.44 -19.42
C ILE D 1949 15.85 7.17 -20.75
N SER D 1950 15.22 6.60 -21.77
CA SER D 1950 15.13 7.28 -23.05
C SER D 1950 14.41 8.61 -22.92
N VAL D 1951 13.41 8.67 -22.05
CA VAL D 1951 12.78 9.95 -21.76
C VAL D 1951 13.77 10.89 -21.08
N ILE D 1952 14.52 10.38 -20.10
CA ILE D 1952 15.43 11.23 -19.35
C ILE D 1952 16.52 11.78 -20.26
N CYS D 1953 17.08 10.91 -21.10
CA CYS D 1953 18.20 11.34 -21.93
C CYS D 1953 17.78 12.41 -22.93
N CYS D 1954 16.49 12.50 -23.24
CA CYS D 1954 16.00 13.54 -24.11
C CYS D 1954 15.42 14.73 -23.36
N VAL D 1955 14.68 14.49 -22.27
CA VAL D 1955 14.12 15.58 -21.47
C VAL D 1955 14.31 15.26 -19.99
N PHE D 1956 14.30 16.33 -19.19
CA PHE D 1956 14.52 16.25 -17.74
C PHE D 1956 15.77 15.44 -17.41
N ASN D 1957 16.89 15.92 -17.94
CA ASN D 1957 18.22 15.41 -17.61
C ASN D 1957 18.93 16.30 -16.60
N GLU D 1958 18.18 16.92 -15.69
CA GLU D 1958 18.74 17.80 -14.69
C GLU D 1958 18.19 17.41 -13.31
N LEU D 1959 18.42 18.29 -12.33
CA LEU D 1959 18.28 17.98 -10.91
C LEU D 1959 17.00 17.23 -10.56
N LYS D 1960 17.12 16.36 -9.56
CA LYS D 1960 16.09 15.44 -9.06
C LYS D 1960 15.85 14.30 -10.04
N PHE D 1961 16.33 14.49 -11.28
CA PHE D 1961 16.63 13.44 -12.25
C PHE D 1961 15.62 12.30 -12.25
N TYR D 1962 14.34 12.62 -12.01
CA TYR D 1962 13.28 11.63 -11.88
C TYR D 1962 13.76 10.39 -11.15
N GLN D 1963 14.45 10.59 -10.03
CA GLN D 1963 15.08 9.49 -9.34
C GLN D 1963 14.02 8.64 -8.67
N GLY D 1964 13.50 7.64 -9.39
CA GLY D 1964 12.43 6.81 -8.87
C GLY D 1964 12.77 6.11 -7.59
N PHE D 1965 12.22 6.61 -6.48
CA PHE D 1965 12.45 6.04 -5.14
C PHE D 1965 11.18 6.11 -4.29
N LEU D 1966 10.04 5.74 -4.86
CA LEU D 1966 8.77 5.85 -4.15
C LEU D 1966 8.77 5.03 -2.85
N PHE D 1967 8.30 5.64 -1.77
CA PHE D 1967 8.26 5.02 -0.46
C PHE D 1967 6.87 4.47 -0.17
N SER D 1968 6.75 3.84 1.00
CA SER D 1968 5.52 3.21 1.49
C SER D 1968 5.18 2.02 0.62
N GLU D 1969 5.91 1.86 -0.46
CA GLU D 1969 5.93 0.69 -1.32
C GLU D 1969 7.35 0.23 -1.60
N LYS D 1970 8.28 1.17 -1.86
CA LYS D 1970 9.67 0.91 -2.19
C LYS D 1970 9.83 -0.32 -3.07
N PRO D 1971 9.02 -0.46 -4.15
CA PRO D 1971 8.90 -1.77 -4.78
C PRO D 1971 10.24 -2.29 -5.28
N GLU D 1972 10.86 -1.61 -6.25
CA GLU D 1972 12.29 -1.74 -6.55
C GLU D 1972 12.68 -3.17 -6.91
N LYS D 1973 11.73 -4.09 -6.81
CA LYS D 1973 11.97 -5.52 -6.94
C LYS D 1973 10.89 -6.12 -7.81
N ASN D 1974 9.76 -5.43 -7.90
CA ASN D 1974 8.68 -5.84 -8.79
C ASN D 1974 9.22 -5.99 -10.21
N LEU D 1975 10.38 -5.37 -10.43
CA LEU D 1975 11.17 -5.49 -11.63
C LEU D 1975 12.15 -6.67 -11.60
N LEU D 1976 12.43 -7.24 -10.43
CA LEU D 1976 13.49 -8.21 -10.26
C LEU D 1976 12.96 -9.52 -9.70
N ILE D 1977 13.33 -10.62 -10.34
CA ILE D 1977 13.17 -11.93 -9.73
C ILE D 1977 14.32 -12.19 -8.76
N PHE D 1978 13.97 -12.54 -7.54
CA PHE D 1978 14.93 -13.02 -6.56
C PHE D 1978 14.91 -14.54 -6.58
N GLU D 1979 15.58 -15.16 -5.60
CA GLU D 1979 15.59 -16.60 -5.37
C GLU D 1979 15.93 -17.38 -6.64
N ASN D 1980 16.43 -16.69 -7.65
CA ASN D 1980 16.84 -17.34 -8.88
C ASN D 1980 18.27 -17.86 -8.76
N LEU D 1981 18.60 -18.84 -9.60
CA LEU D 1981 19.91 -19.46 -9.55
C LEU D 1981 20.92 -18.56 -10.27
N ILE D 1982 21.21 -17.44 -9.62
CA ILE D 1982 22.18 -16.49 -10.10
C ILE D 1982 23.44 -16.66 -9.27
N ASP D 1983 24.54 -16.06 -9.73
CA ASP D 1983 25.82 -16.08 -9.01
C ASP D 1983 26.29 -17.53 -8.80
N LEU D 1984 26.59 -18.17 -9.91
CA LEU D 1984 27.08 -19.53 -9.88
C LEU D 1984 28.60 -19.51 -9.76
N LYS D 1985 29.25 -20.64 -10.00
CA LYS D 1985 30.70 -20.67 -10.06
C LYS D 1985 31.17 -20.04 -11.38
N ARG D 1986 32.38 -19.51 -11.36
CA ARG D 1986 33.04 -19.02 -12.56
C ARG D 1986 33.01 -20.04 -13.69
N MET D 2085 30.00 -15.52 -16.27
CA MET D 2085 29.92 -15.50 -17.73
C MET D 2085 28.54 -15.94 -18.20
N ASP D 2086 27.58 -15.97 -17.28
CA ASP D 2086 26.27 -16.53 -17.54
C ASP D 2086 25.10 -15.72 -17.00
N GLU D 2087 25.33 -14.68 -16.20
CA GLU D 2087 24.22 -14.00 -15.55
C GLU D 2087 24.25 -12.50 -15.80
N LEU D 2088 25.44 -11.95 -16.05
CA LEU D 2088 25.53 -10.55 -16.43
C LEU D 2088 24.74 -10.27 -17.70
N ASN D 2089 24.68 -11.25 -18.58
CA ASN D 2089 23.89 -11.20 -19.81
C ASN D 2089 22.41 -11.34 -19.57
N ARG D 2090 21.99 -11.40 -18.30
CA ARG D 2090 20.60 -11.50 -17.94
C ARG D 2090 20.18 -10.18 -17.30
N HIS D 2091 18.87 -10.04 -17.08
CA HIS D 2091 18.32 -8.80 -16.52
C HIS D 2091 18.86 -7.61 -17.29
N GLU D 2092 18.74 -7.70 -18.61
CA GLU D 2092 19.53 -6.88 -19.52
C GLU D 2092 19.21 -5.40 -19.41
N CYS D 2093 18.07 -5.05 -18.80
CA CYS D 2093 17.77 -3.65 -18.56
C CYS D 2093 18.86 -2.97 -17.77
N MET D 2094 19.72 -3.74 -17.10
CA MET D 2094 20.79 -3.12 -16.32
C MET D 2094 21.67 -2.24 -17.19
N ALA D 2095 22.00 -2.72 -18.40
CA ALA D 2095 22.90 -1.94 -19.25
C ALA D 2095 22.40 -0.53 -19.54
N PRO D 2096 21.13 -0.31 -19.90
CA PRO D 2096 20.68 1.09 -20.03
C PRO D 2096 20.90 1.90 -18.78
N LEU D 2097 20.68 1.31 -17.61
CA LEU D 2097 20.99 2.00 -16.37
C LEU D 2097 22.46 2.40 -16.33
N THR D 2098 23.35 1.46 -16.69
CA THR D 2098 24.76 1.80 -16.74
C THR D 2098 24.99 2.96 -17.70
N ALA D 2099 24.49 2.85 -18.92
CA ALA D 2099 24.73 3.89 -19.92
C ALA D 2099 24.17 5.22 -19.48
N LEU D 2100 23.00 5.22 -18.84
CA LEU D 2100 22.45 6.46 -18.32
C LEU D 2100 23.36 7.07 -17.27
N VAL D 2101 23.85 6.24 -16.34
CA VAL D 2101 24.76 6.72 -15.32
C VAL D 2101 25.98 7.36 -15.97
N LYS D 2102 26.48 6.73 -17.04
CA LYS D 2102 27.57 7.31 -17.81
C LYS D 2102 27.23 8.74 -18.17
N HIS D 2103 26.14 8.92 -18.93
CA HIS D 2103 25.72 10.26 -19.29
C HIS D 2103 25.48 11.13 -18.08
N MET D 2104 24.98 10.54 -17.00
CA MET D 2104 24.80 11.33 -15.78
C MET D 2104 26.12 11.92 -15.34
N HIS D 2105 27.19 11.12 -15.38
CA HIS D 2105 28.52 11.69 -15.21
C HIS D 2105 28.86 12.62 -16.35
N ARG D 2106 28.49 12.24 -17.58
CA ARG D 2106 28.72 13.11 -18.73
C ARG D 2106 27.85 14.35 -18.68
N SER D 2107 26.79 14.34 -17.88
CA SER D 2107 25.84 15.45 -17.82
C SER D 2107 26.56 16.67 -17.26
N LEU D 2108 26.92 17.59 -18.16
CA LEU D 2108 27.38 18.94 -17.82
C LEU D 2108 28.75 18.96 -17.15
N GLY D 2109 29.32 17.80 -16.81
CA GLY D 2109 30.63 17.75 -16.22
C GLY D 2109 30.58 18.01 -14.73
N PRO D 2110 31.08 17.06 -13.95
CA PRO D 2110 31.10 17.24 -12.49
C PRO D 2110 32.28 18.09 -12.06
N PRO D 2111 32.03 19.14 -11.26
CA PRO D 2111 33.14 19.93 -10.74
C PRO D 2111 33.73 19.35 -9.47
N GLN D 2112 35.05 19.14 -9.46
CA GLN D 2112 35.72 18.59 -8.28
C GLN D 2112 35.67 19.59 -7.13
N GLY D 2113 35.64 19.04 -5.91
CA GLY D 2113 35.56 19.88 -4.73
C GLY D 2113 34.51 19.39 -3.76
N GLU D 2114 33.99 18.18 -4.00
CA GLU D 2114 32.94 17.60 -3.18
C GLU D 2114 33.40 16.33 -2.47
N GLU D 2115 34.70 16.10 -2.38
CA GLU D 2115 35.17 15.12 -1.41
C GLU D 2115 36.32 15.64 -0.56
N ASP D 2116 37.23 16.44 -1.15
CA ASP D 2116 38.23 17.11 -0.34
C ASP D 2116 37.59 18.06 0.65
N SER D 2117 36.62 18.85 0.18
CA SER D 2117 35.77 19.67 1.02
C SER D 2117 34.34 19.20 0.82
N VAL D 2118 33.62 18.99 1.92
CA VAL D 2118 32.25 18.47 1.88
C VAL D 2118 32.26 17.12 1.15
N PRO D 2119 32.76 16.03 1.78
CA PRO D 2119 32.79 14.73 1.11
C PRO D 2119 31.48 14.35 0.45
N ARG D 2120 31.54 13.39 -0.48
CA ARG D 2120 30.47 13.16 -1.44
C ARG D 2120 29.11 13.14 -0.78
N ASP D 2121 28.28 14.11 -1.16
CA ASP D 2121 26.96 14.25 -0.57
C ASP D 2121 26.01 13.16 -1.02
N LEU D 2122 26.39 12.35 -2.01
CA LEU D 2122 25.59 11.23 -2.48
C LEU D 2122 24.24 11.74 -2.95
N PRO D 2123 24.22 12.74 -3.82
CA PRO D 2123 23.03 13.60 -3.96
C PRO D 2123 21.92 12.93 -4.76
N SER D 2124 20.86 12.53 -4.06
CA SER D 2124 19.57 12.19 -4.66
C SER D 2124 19.61 10.94 -5.52
N TRP D 2125 20.78 10.43 -5.76
CA TRP D 2125 20.94 9.14 -6.39
C TRP D 2125 21.87 8.24 -5.61
N MET D 2126 22.96 8.79 -5.08
CA MET D 2126 23.96 7.96 -4.44
C MET D 2126 23.66 7.71 -2.98
N LYS D 2127 22.95 8.62 -2.33
CA LYS D 2127 22.32 8.27 -1.06
C LYS D 2127 21.25 7.23 -1.28
N PHE D 2128 20.48 7.41 -2.36
CA PHE D 2128 19.64 6.33 -2.86
C PHE D 2128 20.47 5.11 -3.21
N LEU D 2129 21.74 5.31 -3.59
CA LEU D 2129 22.61 4.17 -3.82
C LEU D 2129 23.14 3.60 -2.52
N HIS D 2130 23.92 4.41 -1.77
CA HIS D 2130 24.54 3.89 -0.56
C HIS D 2130 23.49 3.48 0.46
N GLY D 2131 22.40 4.23 0.54
CA GLY D 2131 21.29 3.80 1.38
C GLY D 2131 20.80 2.42 0.98
N LYS D 2132 20.76 2.15 -0.31
CA LYS D 2132 20.44 0.81 -0.78
C LYS D 2132 21.58 -0.13 -0.41
N LEU D 2133 21.22 -1.28 0.13
CA LEU D 2133 22.19 -2.22 0.71
C LEU D 2133 23.09 -1.51 1.72
N GLY D 2134 22.48 -0.66 2.54
CA GLY D 2134 23.13 -0.28 3.77
C GLY D 2134 23.00 -1.32 4.86
N ASN D 2135 22.18 -2.34 4.63
CA ASN D 2135 21.87 -3.36 5.61
C ASN D 2135 21.67 -4.69 4.90
N PRO D 2136 22.35 -5.75 5.33
CA PRO D 2136 22.17 -7.06 4.70
C PRO D 2136 20.75 -7.58 4.73
N ILE D 2137 19.82 -6.90 5.40
CA ILE D 2137 18.43 -7.38 5.46
C ILE D 2137 17.85 -7.51 4.06
N VAL D 2138 18.27 -6.65 3.14
CA VAL D 2138 17.84 -6.83 1.75
C VAL D 2138 18.35 -8.16 1.23
N PRO D 2139 17.55 -8.95 0.52
CA PRO D 2139 17.95 -10.32 0.16
C PRO D 2139 19.16 -10.34 -0.76
N LEU D 2140 19.74 -11.53 -0.87
CA LEU D 2140 20.99 -11.70 -1.58
C LEU D 2140 20.85 -11.33 -3.06
N ASN D 2141 19.73 -11.68 -3.67
CA ASN D 2141 19.59 -11.49 -5.11
C ASN D 2141 19.74 -10.01 -5.47
N ILE D 2142 19.04 -9.13 -4.76
CA ILE D 2142 19.17 -7.71 -5.01
C ILE D 2142 20.57 -7.23 -4.67
N ARG D 2143 21.09 -7.68 -3.52
CA ARG D 2143 22.46 -7.33 -3.15
C ARG D 2143 23.42 -7.67 -4.27
N LEU D 2144 23.37 -8.92 -4.73
CA LEU D 2144 24.19 -9.33 -5.85
C LEU D 2144 23.81 -8.59 -7.12
N PHE D 2145 22.53 -8.30 -7.30
CA PHE D 2145 22.11 -7.56 -8.47
C PHE D 2145 22.70 -6.16 -8.49
N LEU D 2146 22.47 -5.38 -7.45
CA LEU D 2146 23.06 -4.06 -7.39
C LEU D 2146 24.57 -4.15 -7.39
N ALA D 2147 25.11 -5.24 -6.86
CA ALA D 2147 26.56 -5.44 -6.88
C ALA D 2147 27.07 -5.48 -8.31
N LYS D 2148 26.38 -6.21 -9.17
CA LYS D 2148 26.79 -6.25 -10.57
C LYS D 2148 26.74 -4.86 -11.19
N LEU D 2149 25.72 -4.08 -10.85
CA LEU D 2149 25.55 -2.75 -11.42
C LEU D 2149 26.77 -1.89 -11.16
N VAL D 2150 27.18 -1.79 -9.90
CA VAL D 2150 28.28 -0.90 -9.55
C VAL D 2150 29.60 -1.42 -10.10
N ILE D 2151 29.79 -2.75 -10.14
CA ILE D 2151 30.97 -3.28 -10.81
C ILE D 2151 30.98 -2.84 -12.26
N ASN D 2152 29.81 -2.59 -12.82
CA ASN D 2152 29.72 -2.02 -14.15
C ASN D 2152 29.57 -0.51 -14.13
N THR D 2153 29.21 0.07 -12.98
CA THR D 2153 29.06 1.51 -12.82
C THR D 2153 29.85 1.93 -11.59
N GLU D 2154 31.15 2.15 -11.77
CA GLU D 2154 32.02 2.48 -10.64
C GLU D 2154 32.93 3.68 -10.90
N GLU D 2155 33.28 3.97 -12.14
CA GLU D 2155 34.18 5.07 -12.44
C GLU D 2155 33.59 6.42 -12.13
N VAL D 2156 32.26 6.54 -12.12
CA VAL D 2156 31.62 7.82 -11.82
C VAL D 2156 32.00 8.27 -10.42
N PHE D 2157 32.12 7.34 -9.48
CA PHE D 2157 32.54 7.65 -8.13
C PHE D 2157 33.89 7.05 -7.81
N ARG D 2158 34.61 6.53 -8.81
CA ARG D 2158 35.98 6.11 -8.53
C ARG D 2158 36.76 7.16 -7.79
N PRO D 2159 36.63 8.47 -8.07
CA PRO D 2159 37.12 9.46 -7.10
C PRO D 2159 36.45 9.36 -5.74
N TYR D 2160 35.14 9.12 -5.69
CA TYR D 2160 34.40 9.11 -4.41
C TYR D 2160 34.31 7.66 -3.93
N ALA D 2161 35.44 7.14 -3.49
CA ALA D 2161 35.57 5.71 -3.20
C ALA D 2161 35.34 5.37 -1.74
N LYS D 2162 35.68 6.26 -0.82
CA LYS D 2162 35.59 5.94 0.60
C LYS D 2162 34.16 5.59 0.99
N HIS D 2163 33.19 6.29 0.44
CA HIS D 2163 31.79 6.09 0.82
C HIS D 2163 31.25 4.76 0.33
N TRP D 2164 31.97 4.09 -0.56
CA TRP D 2164 31.56 2.79 -1.07
C TRP D 2164 32.32 1.64 -0.44
N LEU D 2165 33.48 1.90 0.16
CA LEU D 2165 34.32 0.83 0.68
C LEU D 2165 33.54 -0.01 1.69
N SER D 2166 33.12 0.64 2.78
CA SER D 2166 32.46 -0.10 3.86
C SER D 2166 31.19 -0.82 3.42
N PRO D 2167 30.23 -0.17 2.75
CA PRO D 2167 29.02 -0.92 2.35
C PRO D 2167 29.36 -2.12 1.50
N LEU D 2168 30.36 -1.97 0.64
CA LEU D 2168 30.80 -3.09 -0.19
C LEU D 2168 31.61 -4.08 0.62
N LEU D 2169 32.41 -3.61 1.58
CA LEU D 2169 33.13 -4.52 2.45
C LEU D 2169 32.17 -5.44 3.18
N GLN D 2170 31.08 -4.89 3.68
CA GLN D 2170 30.04 -5.72 4.27
C GLN D 2170 29.50 -6.70 3.24
N LEU D 2171 29.23 -6.22 2.02
CA LEU D 2171 28.74 -7.09 0.97
C LEU D 2171 29.68 -8.26 0.73
N ALA D 2172 30.99 -8.03 0.89
CA ALA D 2172 31.96 -9.10 0.69
C ALA D 2172 31.75 -10.27 1.64
N ALA D 2173 30.90 -10.13 2.65
CA ALA D 2173 30.64 -11.24 3.56
C ALA D 2173 30.13 -12.45 2.80
N SER D 2174 30.30 -13.61 3.42
CA SER D 2174 30.02 -14.89 2.76
C SER D 2174 28.57 -14.98 2.34
N GLU D 2175 28.33 -14.97 1.03
CA GLU D 2175 26.99 -15.08 0.47
C GLU D 2175 27.09 -15.92 -0.79
N ASN D 2176 26.63 -17.17 -0.72
CA ASN D 2176 26.78 -18.12 -1.81
C ASN D 2176 25.42 -18.57 -2.31
N ASN D 2177 25.23 -18.48 -3.63
CA ASN D 2177 24.07 -19.05 -4.31
C ASN D 2177 24.53 -19.67 -5.62
N GLY D 2178 25.65 -20.39 -5.56
CA GLY D 2178 26.27 -20.96 -6.73
C GLY D 2178 27.78 -20.74 -6.70
N GLY D 2179 28.54 -21.82 -6.76
CA GLY D 2179 29.97 -21.74 -6.52
C GLY D 2179 30.31 -21.94 -5.06
N GLU D 2180 31.60 -21.80 -4.76
CA GLU D 2180 32.12 -21.94 -3.41
C GLU D 2180 32.85 -20.67 -3.02
N GLY D 2181 32.31 -19.96 -2.03
CA GLY D 2181 32.94 -18.74 -1.57
C GLY D 2181 33.10 -17.74 -2.69
N ILE D 2182 34.35 -17.60 -3.16
CA ILE D 2182 34.62 -16.73 -4.30
C ILE D 2182 33.80 -17.19 -5.49
N HIS D 2183 33.19 -16.23 -6.17
CA HIS D 2183 32.46 -16.48 -7.41
C HIS D 2183 32.99 -15.53 -8.46
N TYR D 2184 32.55 -15.74 -9.71
CA TYR D 2184 33.02 -14.92 -10.82
C TYR D 2184 32.58 -13.46 -10.74
N MET D 2185 31.82 -13.06 -9.73
CA MET D 2185 31.72 -11.65 -9.37
C MET D 2185 32.51 -11.29 -8.12
N VAL D 2186 32.66 -12.24 -7.21
CA VAL D 2186 33.34 -11.97 -5.96
C VAL D 2186 34.75 -11.48 -6.23
N VAL D 2187 35.44 -12.13 -7.16
CA VAL D 2187 36.76 -11.68 -7.56
C VAL D 2187 36.70 -10.27 -8.14
N GLU D 2188 35.77 -10.02 -9.06
CA GLU D 2188 35.69 -8.70 -9.68
C GLU D 2188 35.14 -7.67 -8.71
N ILE D 2189 34.39 -8.12 -7.69
CA ILE D 2189 33.99 -7.22 -6.62
C ILE D 2189 35.23 -6.68 -5.93
N VAL D 2190 36.25 -7.51 -5.80
CA VAL D 2190 37.50 -7.08 -5.21
C VAL D 2190 38.37 -6.30 -6.18
N ALA D 2191 38.31 -6.63 -7.47
CA ALA D 2191 39.10 -5.90 -8.45
C ALA D 2191 38.72 -4.43 -8.46
N THR D 2192 37.42 -4.14 -8.40
CA THR D 2192 36.99 -2.76 -8.29
C THR D 2192 37.43 -2.15 -6.97
N ILE D 2193 37.54 -2.97 -5.93
CA ILE D 2193 37.99 -2.47 -4.64
C ILE D 2193 39.40 -1.91 -4.76
N LEU D 2194 40.29 -2.64 -5.42
CA LEU D 2194 41.65 -2.17 -5.67
C LEU D 2194 41.75 -1.38 -6.96
N SER D 2195 40.61 -1.05 -7.58
CA SER D 2195 40.65 -0.17 -8.74
C SER D 2195 41.41 1.11 -8.41
N TRP D 2196 41.28 1.58 -7.19
CA TRP D 2196 42.28 2.42 -6.55
C TRP D 2196 43.04 1.54 -5.59
N THR D 2197 44.37 1.54 -5.72
CA THR D 2197 45.16 0.71 -4.82
C THR D 2197 45.11 1.25 -3.39
N GLY D 2198 45.22 2.56 -3.24
CA GLY D 2198 45.30 3.13 -1.91
C GLY D 2198 44.56 4.45 -1.76
N LEU D 2199 43.75 4.80 -2.75
CA LEU D 2199 43.03 6.07 -2.66
C LEU D 2199 42.02 6.08 -1.52
N ALA D 2200 41.68 4.91 -0.98
CA ALA D 2200 40.87 4.81 0.23
C ALA D 2200 41.40 3.65 1.06
N THR D 2201 41.14 3.73 2.36
CA THR D 2201 41.68 2.76 3.30
C THR D 2201 40.59 2.26 4.23
N PRO D 2202 40.56 0.96 4.53
CA PRO D 2202 39.61 0.42 5.51
C PRO D 2202 40.12 0.57 6.94
N THR D 2203 40.68 1.74 7.24
CA THR D 2203 41.26 2.00 8.55
C THR D 2203 40.64 3.18 9.27
N GLY D 2204 39.75 3.93 8.62
CA GLY D 2204 39.12 5.06 9.29
C GLY D 2204 38.26 4.63 10.47
N VAL D 2205 37.51 3.55 10.30
CA VAL D 2205 36.64 3.05 11.36
C VAL D 2205 37.14 1.67 11.78
N PRO D 2206 37.11 1.34 13.08
CA PRO D 2206 37.56 0.00 13.50
C PRO D 2206 36.56 -1.09 13.21
N LYS D 2207 35.29 -0.75 12.95
CA LYS D 2207 34.27 -1.79 12.82
C LYS D 2207 34.56 -2.71 11.63
N ASP D 2208 34.97 -2.15 10.50
CA ASP D 2208 35.17 -2.96 9.32
C ASP D 2208 36.53 -3.64 9.29
N GLU D 2209 37.47 -3.18 10.12
CA GLU D 2209 38.80 -3.77 10.15
C GLU D 2209 38.73 -5.24 10.54
N VAL D 2210 38.05 -5.53 11.64
CA VAL D 2210 37.83 -6.92 12.03
C VAL D 2210 36.98 -7.62 10.97
N LEU D 2211 36.04 -6.90 10.37
CA LEU D 2211 35.29 -7.46 9.25
C LEU D 2211 36.23 -7.79 8.09
N ALA D 2212 37.16 -6.89 7.81
CA ALA D 2212 38.14 -7.15 6.76
C ALA D 2212 38.96 -8.38 7.09
N ASN D 2213 39.40 -8.50 8.34
CA ASN D 2213 40.10 -9.71 8.74
C ASN D 2213 39.21 -10.93 8.58
N ARG D 2214 37.95 -10.81 8.99
CA ARG D 2214 37.02 -11.91 8.81
C ARG D 2214 36.84 -12.23 7.34
N LEU D 2215 36.73 -11.19 6.51
CA LEU D 2215 36.69 -11.38 5.07
C LEU D 2215 37.96 -12.05 4.59
N LEU D 2216 39.11 -11.63 5.12
CA LEU D 2216 40.34 -12.34 4.84
C LEU D 2216 40.21 -13.81 5.18
N ASN D 2217 39.67 -14.09 6.37
CA ASN D 2217 39.53 -15.47 6.82
C ASN D 2217 38.68 -16.27 5.85
N PHE D 2218 37.60 -15.67 5.34
CA PHE D 2218 36.86 -16.28 4.25
C PHE D 2218 37.78 -16.62 3.10
N LEU D 2219 38.71 -15.72 2.78
CA LEU D 2219 39.50 -15.84 1.57
C LEU D 2219 40.37 -17.09 1.60
N MET D 2220 41.37 -17.11 2.47
CA MET D 2220 42.26 -18.26 2.49
C MET D 2220 41.60 -19.49 3.09
N LYS D 2221 40.32 -19.40 3.43
CA LYS D 2221 39.53 -20.59 3.63
C LYS D 2221 39.00 -21.10 2.30
N HIS D 2222 38.14 -20.32 1.65
CA HIS D 2222 37.52 -20.72 0.40
C HIS D 2222 38.53 -20.93 -0.72
N VAL D 2223 39.81 -20.67 -0.45
CA VAL D 2223 40.88 -20.78 -1.42
C VAL D 2223 41.12 -22.24 -1.79
N PHE D 2224 41.96 -22.47 -2.79
CA PHE D 2224 42.38 -23.80 -3.23
C PHE D 2224 41.22 -24.63 -3.76
N HIS D 2225 40.75 -24.21 -4.93
CA HIS D 2225 40.07 -25.15 -5.82
C HIS D 2225 41.12 -25.77 -6.74
N PRO D 2226 41.39 -27.06 -6.62
CA PRO D 2226 42.51 -27.66 -7.36
C PRO D 2226 42.24 -27.73 -8.84
N LYS D 2227 42.11 -26.58 -9.49
CA LYS D 2227 41.78 -26.54 -10.91
C LYS D 2227 42.96 -26.12 -11.76
N ARG D 2228 44.04 -25.66 -11.14
CA ARG D 2228 45.36 -25.61 -11.74
C ARG D 2228 45.46 -24.50 -12.77
N ALA D 2229 44.33 -23.91 -13.17
CA ALA D 2229 44.36 -22.72 -14.00
C ALA D 2229 43.71 -21.54 -13.29
N VAL D 2230 42.44 -21.64 -12.91
CA VAL D 2230 41.88 -20.67 -12.01
C VAL D 2230 42.50 -20.80 -10.64
N PHE D 2231 43.00 -21.98 -10.32
CA PHE D 2231 43.81 -22.12 -9.11
C PHE D 2231 44.99 -21.18 -9.16
N ARG D 2232 45.73 -21.19 -10.26
CA ARG D 2232 46.69 -20.11 -10.50
C ARG D 2232 46.00 -18.77 -10.33
N HIS D 2233 44.96 -18.52 -11.11
CA HIS D 2233 44.30 -17.22 -11.12
C HIS D 2233 44.18 -16.64 -9.72
N ASN D 2234 43.65 -17.42 -8.78
CA ASN D 2234 43.52 -16.92 -7.42
C ASN D 2234 44.87 -16.69 -6.77
N LEU D 2235 45.89 -17.47 -7.15
CA LEU D 2235 47.21 -17.27 -6.58
C LEU D 2235 47.67 -15.84 -6.82
N GLU D 2236 47.58 -15.38 -8.06
CA GLU D 2236 47.96 -14.01 -8.35
C GLU D 2236 47.03 -13.04 -7.65
N ILE D 2237 45.75 -13.39 -7.60
CA ILE D 2237 44.79 -12.59 -6.86
C ILE D 2237 45.24 -12.43 -5.42
N ILE D 2238 45.62 -13.54 -4.80
CA ILE D 2238 46.16 -13.48 -3.44
C ILE D 2238 47.43 -12.66 -3.43
N LYS D 2239 48.37 -13.01 -4.32
CA LYS D 2239 49.64 -12.29 -4.39
C LYS D 2239 49.40 -10.81 -4.65
N THR D 2240 48.26 -10.47 -5.25
CA THR D 2240 47.90 -9.06 -5.40
C THR D 2240 47.43 -8.50 -4.06
N LEU D 2241 46.38 -9.09 -3.50
CA LEU D 2241 45.73 -8.52 -2.33
C LEU D 2241 46.60 -8.54 -1.09
N VAL D 2242 47.62 -9.39 -1.05
CA VAL D 2242 48.45 -9.47 0.15
C VAL D 2242 49.09 -8.11 0.44
N GLU D 2243 49.33 -7.32 -0.60
CA GLU D 2243 49.82 -5.97 -0.44
C GLU D 2243 48.69 -5.04 -0.88
N CYS D 2244 47.82 -4.73 0.07
CA CYS D 2244 46.66 -3.87 -0.17
C CYS D 2244 46.68 -2.64 0.71
N TRP D 2245 46.72 -2.82 2.03
CA TRP D 2245 46.93 -1.73 2.97
C TRP D 2245 47.96 -2.04 4.04
N LYS D 2246 48.36 -3.29 4.23
CA LYS D 2246 49.53 -3.69 5.01
C LYS D 2246 49.36 -3.41 6.49
N ASP D 2247 48.25 -2.78 6.90
CA ASP D 2247 48.02 -2.42 8.29
C ASP D 2247 46.61 -2.80 8.71
N CYS D 2248 45.70 -2.84 7.75
CA CYS D 2248 44.29 -3.15 8.00
C CYS D 2248 44.05 -4.64 8.07
N LEU D 2249 45.09 -5.41 8.36
CA LEU D 2249 45.02 -6.87 8.28
C LEU D 2249 45.66 -7.46 9.52
N SER D 2250 45.24 -8.70 9.82
CA SER D 2250 45.81 -9.47 10.92
C SER D 2250 45.48 -10.93 10.68
N ILE D 2251 46.50 -11.76 10.47
CA ILE D 2251 46.34 -13.16 10.14
C ILE D 2251 46.84 -13.99 11.31
N PRO D 2252 45.97 -14.77 11.96
CA PRO D 2252 46.42 -15.57 13.10
C PRO D 2252 47.42 -16.63 12.72
N TYR D 2253 47.54 -16.94 11.44
CA TYR D 2253 48.32 -18.05 10.92
C TYR D 2253 47.70 -19.37 11.33
N ARG D 2254 46.80 -19.34 12.31
CA ARG D 2254 46.24 -20.57 12.86
C ARG D 2254 45.53 -21.33 11.78
N LEU D 2255 44.73 -20.61 11.00
CA LEU D 2255 44.11 -21.22 9.82
C LEU D 2255 45.16 -22.01 9.01
N ILE D 2256 46.13 -21.26 8.51
CA ILE D 2256 47.25 -21.81 7.76
C ILE D 2256 48.06 -22.80 8.62
N PHE D 2257 48.36 -22.42 9.87
CA PHE D 2257 49.05 -23.28 10.83
C PHE D 2257 48.59 -24.75 10.75
N GLU D 2258 47.35 -24.99 10.30
CA GLU D 2258 46.76 -26.32 10.38
C GLU D 2258 47.26 -27.22 9.25
N LYS D 2259 47.11 -26.74 8.01
CA LYS D 2259 47.29 -27.59 6.85
C LYS D 2259 48.75 -28.01 6.64
N PHE D 2260 49.70 -27.06 6.62
CA PHE D 2260 51.09 -27.48 6.38
C PHE D 2260 51.54 -28.44 7.47
N SER D 2261 50.98 -28.29 8.68
CA SER D 2261 51.10 -29.32 9.70
C SER D 2261 50.21 -30.48 9.27
N GLY D 2262 50.78 -31.42 8.51
CA GLY D 2262 50.00 -32.52 8.03
C GLY D 2262 50.86 -33.51 7.28
N LYS D 2263 50.78 -34.77 7.68
CA LYS D 2263 51.59 -35.81 7.07
C LYS D 2263 51.06 -36.06 5.67
N ASP D 2264 51.82 -35.65 4.68
CA ASP D 2264 51.37 -35.76 3.30
C ASP D 2264 52.00 -37.00 2.68
N PRO D 2265 51.33 -38.15 2.75
CA PRO D 2265 51.98 -39.41 2.37
C PRO D 2265 52.49 -39.37 0.94
N ASN D 2266 51.60 -39.17 -0.01
CA ASN D 2266 52.00 -39.01 -1.39
C ASN D 2266 51.20 -37.93 -2.12
N SER D 2267 50.27 -37.27 -1.44
CA SER D 2267 49.49 -36.23 -2.09
C SER D 2267 50.31 -34.95 -2.20
N LYS D 2268 49.76 -34.00 -2.97
CA LYS D 2268 50.31 -32.66 -3.10
C LYS D 2268 49.70 -31.70 -2.08
N ASP D 2269 49.28 -32.21 -0.92
CA ASP D 2269 48.58 -31.40 0.06
C ASP D 2269 49.52 -30.36 0.66
N ASN D 2270 48.90 -29.29 1.17
CA ASN D 2270 49.58 -28.20 1.86
C ASN D 2270 50.39 -27.37 0.87
N SER D 2271 50.54 -27.86 -0.35
CA SER D 2271 51.41 -27.21 -1.32
C SER D 2271 50.94 -25.78 -1.57
N VAL D 2272 49.62 -25.58 -1.64
CA VAL D 2272 49.08 -24.23 -1.62
C VAL D 2272 49.52 -23.51 -0.36
N GLY D 2273 49.49 -24.21 0.78
CA GLY D 2273 49.91 -23.58 2.02
C GLY D 2273 51.33 -23.08 1.97
N ILE D 2274 52.24 -23.89 1.40
CA ILE D 2274 53.59 -23.39 1.17
C ILE D 2274 53.56 -22.12 0.34
N GLN D 2275 52.82 -22.13 -0.77
CA GLN D 2275 52.78 -20.94 -1.61
C GLN D 2275 52.17 -19.77 -0.85
N LEU D 2276 51.08 -20.02 -0.12
CA LEU D 2276 50.50 -18.97 0.71
C LEU D 2276 51.53 -18.42 1.67
N LEU D 2277 52.27 -19.31 2.32
CA LEU D 2277 53.32 -18.89 3.24
C LEU D 2277 54.38 -18.08 2.52
N GLY D 2278 54.80 -18.52 1.34
CA GLY D 2278 55.78 -17.76 0.59
C GLY D 2278 55.28 -16.39 0.21
N ILE D 2279 54.02 -16.31 -0.24
CA ILE D 2279 53.49 -15.04 -0.70
C ILE D 2279 53.40 -14.05 0.46
N VAL D 2280 52.87 -14.50 1.60
CA VAL D 2280 52.78 -13.61 2.74
C VAL D 2280 54.17 -13.29 3.29
N MET D 2281 55.07 -14.26 3.27
CA MET D 2281 56.44 -13.99 3.69
C MET D 2281 57.12 -13.00 2.76
N ALA D 2282 56.72 -12.97 1.49
CA ALA D 2282 57.28 -11.99 0.57
C ALA D 2282 57.01 -10.57 1.06
N ASN D 2283 55.86 -10.36 1.71
CA ASN D 2283 55.60 -9.08 2.34
C ASN D 2283 56.51 -8.88 3.54
N ASP D 2284 56.96 -7.64 3.74
CA ASP D 2284 57.90 -7.32 4.80
C ASP D 2284 57.17 -7.41 6.14
N LEU D 2285 57.32 -8.54 6.82
CA LEU D 2285 56.73 -8.77 8.12
C LEU D 2285 57.60 -9.78 8.85
N PRO D 2286 57.60 -9.74 10.18
CA PRO D 2286 58.15 -10.86 10.93
C PRO D 2286 57.51 -12.16 10.46
N PRO D 2287 58.30 -13.18 10.20
CA PRO D 2287 57.75 -14.44 9.72
C PRO D 2287 56.73 -15.03 10.68
N TYR D 2288 57.15 -15.32 11.90
CA TYR D 2288 56.20 -15.75 12.93
C TYR D 2288 55.54 -14.51 13.50
N ASP D 2289 54.56 -14.01 12.76
CA ASP D 2289 53.78 -12.84 13.17
C ASP D 2289 52.30 -13.18 13.13
N PRO D 2290 51.85 -14.12 13.95
CA PRO D 2290 50.42 -14.46 13.98
C PRO D 2290 49.58 -13.40 14.65
N GLN D 2291 50.20 -12.38 15.25
CA GLN D 2291 49.53 -11.26 15.91
C GLN D 2291 48.78 -11.74 17.15
N CYS D 2292 48.94 -13.02 17.51
CA CYS D 2292 48.40 -13.56 18.74
C CYS D 2292 49.29 -14.61 19.39
N GLY D 2293 50.28 -15.15 18.68
CA GLY D 2293 51.06 -16.25 19.19
C GLY D 2293 50.34 -17.56 18.98
N ILE D 2294 51.02 -18.55 18.40
CA ILE D 2294 50.37 -19.83 18.14
C ILE D 2294 50.97 -20.86 19.07
N GLN D 2295 52.24 -21.15 18.86
CA GLN D 2295 53.09 -21.78 19.86
C GLN D 2295 54.47 -21.16 19.93
N SER D 2296 54.96 -20.55 18.86
CA SER D 2296 56.30 -20.00 18.73
C SER D 2296 57.34 -21.12 18.71
N SER D 2297 56.92 -22.38 18.92
CA SER D 2297 57.82 -23.50 18.67
C SER D 2297 57.26 -24.51 17.68
N GLU D 2298 56.14 -25.19 17.99
CA GLU D 2298 55.77 -26.34 17.16
C GLU D 2298 55.43 -25.90 15.76
N TYR D 2299 55.01 -24.65 15.61
CA TYR D 2299 54.84 -24.02 14.32
C TYR D 2299 55.97 -24.42 13.37
N PHE D 2300 57.20 -24.21 13.81
CA PHE D 2300 58.37 -24.50 12.99
C PHE D 2300 58.66 -25.99 12.93
N GLN D 2301 58.39 -26.72 14.02
CA GLN D 2301 58.59 -28.16 14.01
C GLN D 2301 57.76 -28.82 12.92
N ALA D 2302 56.50 -28.38 12.77
CA ALA D 2302 55.70 -28.85 11.65
C ALA D 2302 56.35 -28.44 10.34
N LEU D 2303 56.83 -27.21 10.25
CA LEU D 2303 57.45 -26.71 9.02
C LEU D 2303 58.56 -27.63 8.55
N VAL D 2304 59.51 -27.93 9.43
CA VAL D 2304 60.61 -28.80 9.03
C VAL D 2304 60.12 -30.22 8.80
N ASN D 2305 59.09 -30.65 9.54
CA ASN D 2305 58.55 -31.98 9.35
C ASN D 2305 57.96 -32.16 7.96
N ASN D 2306 57.52 -31.06 7.34
CA ASN D 2306 56.93 -31.16 6.01
C ASN D 2306 57.92 -31.68 5.00
N MET D 2307 59.20 -31.42 5.18
CA MET D 2307 60.22 -31.97 4.30
C MET D 2307 60.40 -33.44 4.66
N SER D 2308 59.42 -34.24 4.25
CA SER D 2308 59.45 -35.66 4.56
C SER D 2308 58.97 -36.54 3.41
N PHE D 2309 58.66 -36.00 2.24
CA PHE D 2309 58.05 -36.79 1.18
C PHE D 2309 58.60 -36.37 -0.17
N VAL D 2310 58.77 -37.36 -1.04
CA VAL D 2310 59.23 -37.09 -2.41
C VAL D 2310 58.46 -37.94 -3.42
N ARG D 2311 57.44 -37.38 -4.02
CA ARG D 2311 57.03 -37.80 -5.35
C ARG D 2311 56.86 -36.62 -6.29
N TYR D 2312 56.30 -35.51 -5.79
CA TYR D 2312 56.00 -34.36 -6.64
C TYR D 2312 56.99 -33.24 -6.31
N LYS D 2313 57.75 -32.85 -7.33
CA LYS D 2313 58.90 -31.96 -7.13
C LYS D 2313 58.52 -30.72 -6.35
N GLU D 2314 57.61 -29.91 -6.90
CA GLU D 2314 57.35 -28.58 -6.37
C GLU D 2314 56.94 -28.64 -4.90
N VAL D 2315 56.24 -29.71 -4.50
CA VAL D 2315 55.78 -29.85 -3.12
C VAL D 2315 56.97 -29.72 -2.16
N TYR D 2316 57.95 -30.60 -2.28
CA TYR D 2316 59.11 -30.50 -1.39
C TYR D 2316 60.07 -29.44 -1.87
N ALA D 2317 60.13 -29.18 -3.18
CA ALA D 2317 61.01 -28.15 -3.69
C ALA D 2317 60.63 -26.78 -3.15
N ALA D 2318 59.36 -26.41 -3.28
CA ALA D 2318 58.94 -25.08 -2.81
C ALA D 2318 59.00 -24.99 -1.29
N ALA D 2319 58.78 -26.10 -0.60
CA ALA D 2319 58.93 -26.11 0.85
C ALA D 2319 60.33 -25.65 1.23
N ALA D 2320 61.36 -26.28 0.66
CA ALA D 2320 62.71 -25.84 0.92
C ALA D 2320 62.96 -24.44 0.35
N GLU D 2321 62.24 -24.07 -0.71
CA GLU D 2321 62.32 -22.70 -1.21
C GLU D 2321 61.90 -21.70 -0.13
N VAL D 2322 60.71 -21.89 0.44
CA VAL D 2322 60.24 -20.95 1.46
C VAL D 2322 61.06 -21.09 2.72
N LEU D 2323 61.61 -22.27 2.96
CA LEU D 2323 62.52 -22.43 4.09
C LEU D 2323 63.70 -21.48 3.96
N GLY D 2324 64.23 -21.34 2.75
CA GLY D 2324 65.19 -20.28 2.50
C GLY D 2324 64.59 -18.91 2.75
N LEU D 2325 63.36 -18.70 2.28
CA LEU D 2325 62.73 -17.38 2.41
C LEU D 2325 62.66 -16.93 3.85
N ILE D 2326 62.13 -17.78 4.73
CA ILE D 2326 62.05 -17.42 6.14
C ILE D 2326 63.44 -17.28 6.73
N LEU D 2327 64.37 -18.15 6.33
CA LEU D 2327 65.73 -18.09 6.85
C LEU D 2327 66.49 -16.87 6.33
N ARG D 2328 66.00 -16.24 5.27
CA ARG D 2328 66.57 -14.97 4.85
C ARG D 2328 66.58 -13.99 6.02
N TYR D 2329 65.46 -13.91 6.74
CA TYR D 2329 65.46 -13.19 8.01
C TYR D 2329 66.21 -13.97 9.10
N VAL D 2330 66.58 -13.23 10.13
CA VAL D 2330 66.97 -13.76 11.43
C VAL D 2330 65.85 -13.38 12.37
N MET D 2331 64.63 -13.35 11.82
CA MET D 2331 63.46 -12.61 12.29
C MET D 2331 63.65 -11.16 11.90
N GLU D 2332 64.68 -10.89 11.10
CA GLU D 2332 65.06 -9.55 10.70
C GLU D 2332 66.18 -9.62 9.68
N ARG D 2333 66.62 -8.47 9.18
CA ARG D 2333 67.86 -8.41 8.42
C ARG D 2333 68.90 -7.56 9.11
N LYS D 2334 68.60 -7.09 10.32
CA LYS D 2334 69.48 -6.19 11.05
C LYS D 2334 69.83 -6.66 12.44
N ASN D 2335 68.95 -7.44 13.09
CA ASN D 2335 69.21 -7.91 14.44
C ASN D 2335 68.88 -9.39 14.53
N ILE D 2336 69.84 -10.17 14.97
CA ILE D 2336 69.66 -11.58 15.25
C ILE D 2336 69.14 -11.71 16.67
N LEU D 2337 67.95 -12.28 16.84
CA LEU D 2337 67.38 -12.49 18.16
C LEU D 2337 67.20 -13.97 18.45
N GLU D 2338 66.53 -14.71 17.59
CA GLU D 2338 66.40 -16.15 17.73
C GLU D 2338 66.93 -16.80 16.46
N GLU D 2339 67.94 -17.66 16.61
CA GLU D 2339 68.52 -18.35 15.49
C GLU D 2339 68.47 -19.86 15.64
N SER D 2340 67.93 -20.38 16.74
CA SER D 2340 67.87 -21.82 16.95
C SER D 2340 67.24 -22.52 15.75
N LEU D 2341 66.18 -21.93 15.22
CA LEU D 2341 65.46 -22.52 14.10
C LEU D 2341 66.40 -22.72 12.91
N CYS D 2342 67.38 -21.83 12.74
CA CYS D 2342 68.32 -21.97 11.63
C CYS D 2342 69.06 -23.30 11.69
N GLU D 2343 69.67 -23.60 12.83
CA GLU D 2343 70.37 -24.88 12.94
C GLU D 2343 69.40 -26.04 13.09
N LEU D 2344 68.21 -25.80 13.64
CA LEU D 2344 67.20 -26.85 13.65
C LEU D 2344 66.98 -27.37 12.24
N VAL D 2345 66.94 -26.45 11.28
CA VAL D 2345 66.95 -26.83 9.88
C VAL D 2345 68.24 -27.55 9.53
N ALA D 2346 69.37 -27.08 10.08
CA ALA D 2346 70.64 -27.72 9.75
C ALA D 2346 70.59 -29.21 10.07
N LYS D 2347 70.01 -29.57 11.21
CA LYS D 2347 69.75 -30.98 11.45
C LYS D 2347 68.86 -31.57 10.36
N GLN D 2348 67.84 -30.81 9.94
CA GLN D 2348 66.96 -31.32 8.89
C GLN D 2348 67.75 -31.64 7.64
N LEU D 2349 68.89 -31.00 7.46
CA LEU D 2349 69.81 -31.26 6.37
C LEU D 2349 70.61 -32.48 6.58
N LYS D 2350 70.30 -33.24 7.62
CA LYS D 2350 70.89 -34.55 7.82
C LYS D 2350 69.85 -35.60 8.20
N GLN D 2351 68.58 -35.35 7.88
CA GLN D 2351 67.58 -36.38 8.10
C GLN D 2351 67.76 -37.48 7.06
N HIS D 2352 68.85 -38.24 7.18
CA HIS D 2352 69.28 -39.20 6.18
C HIS D 2352 69.52 -38.52 4.84
N GLN D 2353 69.75 -37.21 4.88
CA GLN D 2353 70.11 -36.48 3.69
C GLN D 2353 71.43 -36.98 3.12
N ASN D 2354 72.35 -37.37 4.00
CA ASN D 2354 73.61 -37.91 3.56
C ASN D 2354 73.51 -39.39 3.20
N THR D 2355 72.30 -39.95 3.10
CA THR D 2355 72.13 -41.27 2.51
C THR D 2355 70.95 -41.31 1.57
N MET D 2356 70.52 -40.17 1.03
CA MET D 2356 69.43 -40.12 0.08
C MET D 2356 69.87 -39.55 -1.26
N GLU D 2357 70.65 -38.45 -1.22
CA GLU D 2357 71.47 -37.95 -2.35
C GLU D 2357 70.76 -37.92 -3.70
N ASP D 2358 69.49 -37.54 -3.72
CA ASP D 2358 68.81 -37.40 -5.00
C ASP D 2358 68.04 -36.09 -5.04
N LYS D 2359 67.75 -35.55 -3.87
CA LYS D 2359 67.11 -34.25 -3.86
C LYS D 2359 67.71 -33.29 -2.84
N PHE D 2360 68.49 -33.78 -1.87
CA PHE D 2360 69.17 -32.89 -0.93
C PHE D 2360 70.01 -31.85 -1.66
N ILE D 2361 70.56 -32.23 -2.82
CA ILE D 2361 71.37 -31.32 -3.59
C ILE D 2361 70.56 -30.08 -3.93
N VAL D 2362 69.38 -30.28 -4.50
CA VAL D 2362 68.57 -29.13 -4.89
C VAL D 2362 67.91 -28.48 -3.70
N CYS D 2363 67.66 -29.24 -2.62
CA CYS D 2363 67.28 -28.62 -1.36
C CYS D 2363 68.23 -27.47 -1.05
N LEU D 2364 69.51 -27.81 -0.98
CA LEU D 2364 70.53 -26.81 -0.74
C LEU D 2364 70.55 -25.78 -1.86
N ASN D 2365 70.25 -26.20 -3.09
CA ASN D 2365 70.30 -25.27 -4.22
C ASN D 2365 69.31 -24.12 -4.04
N LYS D 2366 68.07 -24.44 -3.67
CA LYS D 2366 67.07 -23.38 -3.60
C LYS D 2366 67.31 -22.47 -2.40
N VAL D 2367 67.58 -23.07 -1.24
CA VAL D 2367 67.67 -22.28 -0.02
C VAL D 2367 68.88 -21.36 -0.05
N THR D 2368 69.99 -21.82 -0.63
CA THR D 2368 71.25 -21.10 -0.49
C THR D 2368 71.16 -19.69 -1.05
N LYS D 2369 70.37 -19.49 -2.10
CA LYS D 2369 70.22 -18.15 -2.64
C LYS D 2369 69.60 -17.22 -1.60
N SER D 2370 68.56 -17.69 -0.91
CA SER D 2370 67.91 -16.86 0.09
C SER D 2370 68.83 -16.62 1.29
N PHE D 2371 69.45 -17.67 1.81
CA PHE D 2371 70.33 -17.58 2.97
C PHE D 2371 71.65 -18.26 2.65
N PRO D 2372 72.59 -17.53 2.05
CA PRO D 2372 73.91 -18.10 1.76
C PRO D 2372 74.60 -18.65 2.99
N PRO D 2373 74.67 -17.91 4.12
CA PRO D 2373 75.60 -18.33 5.18
C PRO D 2373 75.16 -19.54 5.99
N LEU D 2374 74.87 -20.64 5.30
CA LEU D 2374 74.59 -21.89 5.99
C LEU D 2374 75.31 -23.07 5.37
N ALA D 2375 75.59 -23.00 4.06
CA ALA D 2375 76.13 -24.15 3.34
C ALA D 2375 77.44 -24.63 3.92
N ASP D 2376 78.21 -23.72 4.56
CA ASP D 2376 79.48 -24.10 5.14
C ASP D 2376 79.34 -25.24 6.14
N ARG D 2377 78.19 -25.30 6.83
CA ARG D 2377 77.93 -26.34 7.80
C ARG D 2377 77.93 -27.72 7.16
N PHE D 2378 77.75 -27.78 5.85
CA PHE D 2378 77.80 -29.02 5.08
C PHE D 2378 78.63 -28.81 3.83
N MET D 2379 79.50 -27.80 3.84
CA MET D 2379 80.17 -27.35 2.63
C MET D 2379 80.96 -28.49 2.01
N ASN D 2380 81.74 -29.19 2.83
CA ASN D 2380 82.59 -30.26 2.33
C ASN D 2380 81.78 -31.37 1.66
N ALA D 2381 80.55 -31.58 2.11
CA ALA D 2381 79.81 -32.77 1.71
C ALA D 2381 79.61 -32.82 0.21
N VAL D 2382 79.25 -31.68 -0.39
CA VAL D 2382 79.07 -31.63 -1.84
C VAL D 2382 80.36 -32.01 -2.54
N PHE D 2383 81.49 -31.54 -2.01
CA PHE D 2383 82.77 -31.87 -2.62
C PHE D 2383 82.99 -33.37 -2.61
N PHE D 2384 82.57 -34.03 -1.53
CA PHE D 2384 82.64 -35.48 -1.49
C PHE D 2384 81.74 -36.11 -2.55
N LEU D 2385 80.54 -35.59 -2.71
CA LEU D 2385 79.55 -36.21 -3.59
C LEU D 2385 79.48 -35.55 -4.96
N LEU D 2386 80.32 -34.55 -5.21
CA LEU D 2386 80.31 -33.89 -6.52
C LEU D 2386 80.51 -34.87 -7.66
N PRO D 2387 81.62 -35.61 -7.75
CA PRO D 2387 81.84 -36.45 -8.92
C PRO D 2387 81.01 -37.72 -8.89
N LYS D 2388 79.70 -37.59 -9.15
CA LYS D 2388 78.82 -38.74 -9.09
C LYS D 2388 77.90 -38.78 -10.31
N PHE D 2389 77.60 -37.62 -10.89
CA PHE D 2389 76.61 -37.54 -11.96
C PHE D 2389 77.30 -37.06 -13.24
N HIS D 2390 76.49 -36.81 -14.28
CA HIS D 2390 77.02 -36.36 -15.55
C HIS D 2390 76.27 -35.19 -16.16
N GLY D 2391 75.09 -34.84 -15.65
CA GLY D 2391 74.27 -33.89 -16.38
C GLY D 2391 73.68 -32.79 -15.53
N VAL D 2392 72.37 -32.59 -15.65
CA VAL D 2392 71.72 -31.47 -14.98
C VAL D 2392 72.01 -31.49 -13.49
N LEU D 2393 72.04 -32.69 -12.91
CA LEU D 2393 72.33 -32.81 -11.49
C LEU D 2393 73.65 -32.14 -11.14
N LYS D 2394 74.70 -32.42 -11.93
CA LYS D 2394 75.95 -31.68 -11.77
C LYS D 2394 75.72 -30.19 -11.96
N THR D 2395 74.97 -29.81 -12.99
CA THR D 2395 74.70 -28.39 -13.21
C THR D 2395 74.04 -27.78 -11.98
N LEU D 2396 73.08 -28.49 -11.40
CA LEU D 2396 72.51 -28.07 -10.13
C LEU D 2396 73.53 -28.12 -9.01
N CYS D 2397 74.46 -29.08 -9.06
CA CYS D 2397 75.53 -29.12 -8.07
C CYS D 2397 76.35 -27.85 -8.11
N LEU D 2398 76.83 -27.49 -9.29
CA LEU D 2398 77.81 -26.40 -9.41
C LEU D 2398 77.22 -25.08 -8.95
N GLU D 2399 75.96 -24.84 -9.29
CA GLU D 2399 75.32 -23.57 -8.97
C GLU D 2399 75.23 -23.36 -7.46
N VAL D 2400 74.88 -24.41 -6.71
CA VAL D 2400 74.85 -24.26 -5.26
C VAL D 2400 76.27 -24.14 -4.71
N VAL D 2401 77.24 -24.73 -5.40
CA VAL D 2401 78.63 -24.55 -5.00
C VAL D 2401 79.02 -23.09 -5.09
N LEU D 2402 78.48 -22.38 -6.07
CA LEU D 2402 78.81 -20.97 -6.30
C LEU D 2402 78.57 -20.12 -5.07
N CYS D 2403 77.80 -20.60 -4.10
CA CYS D 2403 77.33 -19.83 -2.97
C CYS D 2403 78.39 -18.91 -2.37
N ARG D 2404 79.48 -19.48 -1.87
CA ARG D 2404 80.48 -18.68 -1.17
C ARG D 2404 81.89 -19.22 -1.42
N VAL D 2405 82.79 -18.34 -1.85
CA VAL D 2405 84.21 -18.60 -1.68
C VAL D 2405 84.64 -18.27 -0.25
N GLU D 2406 84.05 -17.24 0.34
CA GLU D 2406 84.29 -16.92 1.74
C GLU D 2406 83.80 -18.06 2.63
N GLY D 2407 84.47 -18.22 3.76
CA GLY D 2407 84.30 -19.39 4.58
C GLY D 2407 85.09 -20.58 4.13
N MET D 2408 85.48 -20.62 2.86
CA MET D 2408 86.31 -21.68 2.30
C MET D 2408 87.42 -21.06 1.45
N THR D 2409 88.19 -20.16 2.07
CA THR D 2409 89.31 -19.56 1.38
C THR D 2409 90.21 -20.61 0.74
N GLU D 2410 90.42 -21.73 1.41
CA GLU D 2410 91.09 -22.87 0.79
C GLU D 2410 90.05 -23.71 0.06
N LEU D 2411 90.00 -23.52 -1.26
CA LEU D 2411 89.15 -24.29 -2.14
C LEU D 2411 89.85 -24.74 -3.40
N TYR D 2412 90.96 -24.09 -3.78
CA TYR D 2412 91.63 -24.40 -5.03
C TYR D 2412 92.20 -25.81 -5.01
N PHE D 2413 92.74 -26.25 -3.88
CA PHE D 2413 93.21 -27.62 -3.77
C PHE D 2413 92.08 -28.57 -4.08
N GLN D 2414 90.90 -28.28 -3.54
CA GLN D 2414 89.70 -29.02 -3.89
C GLN D 2414 89.43 -28.90 -5.38
N LEU D 2415 89.59 -27.70 -5.94
CA LEU D 2415 89.34 -27.51 -7.36
C LEU D 2415 90.19 -28.43 -8.20
N LYS D 2416 91.50 -28.42 -7.96
CA LYS D 2416 92.39 -29.29 -8.72
C LYS D 2416 92.09 -30.75 -8.45
N SER D 2417 91.83 -31.08 -7.19
CA SER D 2417 91.57 -32.47 -6.83
C SER D 2417 90.40 -33.04 -7.62
N LYS D 2418 89.35 -32.25 -7.80
CA LYS D 2418 88.19 -32.68 -8.53
C LYS D 2418 88.28 -32.42 -10.02
N ASP D 2419 89.44 -31.97 -10.50
CA ASP D 2419 89.70 -31.83 -11.92
C ASP D 2419 88.68 -30.89 -12.56
N PHE D 2420 88.42 -29.78 -11.89
CA PHE D 2420 87.54 -28.72 -12.34
C PHE D 2420 87.74 -28.43 -13.83
N VAL D 2421 88.99 -28.47 -14.28
CA VAL D 2421 89.28 -28.21 -15.69
C VAL D 2421 88.49 -29.12 -16.60
N GLN D 2422 88.20 -30.34 -16.16
CA GLN D 2422 87.60 -31.32 -17.05
C GLN D 2422 86.20 -30.89 -17.45
N VAL D 2423 85.36 -30.52 -16.49
CA VAL D 2423 84.07 -29.95 -16.84
C VAL D 2423 84.27 -28.65 -17.58
N MET D 2424 85.35 -27.93 -17.27
CA MET D 2424 85.68 -26.75 -18.06
C MET D 2424 86.11 -27.16 -19.46
N ARG D 2425 86.80 -28.30 -19.58
CA ARG D 2425 87.01 -28.85 -20.90
C ARG D 2425 85.68 -29.15 -21.59
N HIS D 2426 84.65 -29.45 -20.81
CA HIS D 2426 83.32 -29.62 -21.37
C HIS D 2426 82.61 -28.27 -21.54
N ARG D 2427 81.65 -28.25 -22.45
CA ARG D 2427 80.88 -27.06 -22.78
C ARG D 2427 79.47 -27.20 -22.24
N ASP D 2428 79.12 -26.35 -21.28
CA ASP D 2428 77.75 -26.18 -20.82
C ASP D 2428 77.62 -24.76 -20.30
N ASP D 2429 77.14 -23.87 -21.17
CA ASP D 2429 77.27 -22.43 -20.95
C ASP D 2429 76.84 -22.02 -19.56
N GLU D 2430 75.71 -22.56 -19.09
CA GLU D 2430 75.29 -22.24 -17.72
C GLU D 2430 76.33 -22.72 -16.72
N ARG D 2431 76.82 -23.94 -16.88
CA ARG D 2431 77.83 -24.46 -15.97
C ARG D 2431 79.13 -23.69 -16.11
N GLN D 2432 79.58 -23.49 -17.35
CA GLN D 2432 80.81 -22.75 -17.55
C GLN D 2432 80.70 -21.33 -17.01
N LYS D 2433 79.56 -20.68 -17.24
CA LYS D 2433 79.46 -19.27 -16.84
C LYS D 2433 79.43 -19.13 -15.33
N VAL D 2434 78.69 -20.00 -14.64
CA VAL D 2434 78.64 -19.89 -13.19
C VAL D 2434 80.01 -20.22 -12.60
N CYS D 2435 80.72 -21.17 -13.20
CA CYS D 2435 82.05 -21.49 -12.70
C CYS D 2435 82.99 -20.30 -12.84
N LEU D 2436 82.92 -19.60 -13.98
CA LEU D 2436 83.68 -18.36 -14.13
C LEU D 2436 83.32 -17.38 -13.03
N ASP D 2437 82.03 -17.29 -12.72
CA ASP D 2437 81.59 -16.41 -11.65
C ASP D 2437 82.19 -16.83 -10.33
N ILE D 2438 82.26 -18.14 -10.08
CA ILE D 2438 82.93 -18.66 -8.89
C ILE D 2438 84.39 -18.25 -8.91
N ILE D 2439 85.03 -18.42 -10.07
CA ILE D 2439 86.44 -18.05 -10.22
C ILE D 2439 86.64 -16.57 -9.90
N TYR D 2440 85.76 -15.73 -10.41
CA TYR D 2440 85.89 -14.31 -10.09
C TYR D 2440 85.80 -14.08 -8.59
N LYS D 2441 84.91 -14.79 -7.91
CA LYS D 2441 84.81 -14.71 -6.46
C LYS D 2441 86.12 -15.11 -5.80
N MET D 2442 86.80 -16.11 -6.36
CA MET D 2442 87.91 -16.74 -5.65
C MET D 2442 89.27 -16.16 -6.00
N MET D 2443 89.44 -15.60 -7.20
CA MET D 2443 90.78 -15.12 -7.59
C MET D 2443 91.35 -14.06 -6.67
N PRO D 2444 90.61 -13.05 -6.18
CA PRO D 2444 91.25 -12.00 -5.39
C PRO D 2444 91.86 -12.53 -4.11
N LYS D 2445 91.43 -13.71 -3.68
CA LYS D 2445 91.85 -14.31 -2.43
C LYS D 2445 92.93 -15.38 -2.63
N LEU D 2446 93.46 -15.52 -3.85
CA LEU D 2446 94.44 -16.55 -4.14
C LEU D 2446 95.66 -15.96 -4.82
N LYS D 2447 96.80 -16.60 -4.61
CA LYS D 2447 98.03 -16.22 -5.27
C LYS D 2447 98.05 -16.78 -6.69
N PRO D 2448 98.20 -15.93 -7.71
CA PRO D 2448 97.98 -16.40 -9.09
C PRO D 2448 99.17 -17.09 -9.73
N VAL D 2449 100.37 -16.96 -9.16
CA VAL D 2449 101.60 -17.45 -9.77
C VAL D 2449 101.45 -18.92 -10.16
N GLU D 2450 100.58 -19.61 -9.45
CA GLU D 2450 100.40 -21.05 -9.60
C GLU D 2450 98.98 -21.35 -10.09
N LEU D 2451 98.44 -20.44 -10.90
CA LEU D 2451 97.11 -20.59 -11.45
C LEU D 2451 97.08 -20.58 -12.97
N ARG D 2452 98.21 -20.26 -13.63
CA ARG D 2452 98.26 -20.17 -15.08
C ARG D 2452 97.67 -21.40 -15.76
N GLU D 2453 97.98 -22.59 -15.24
CA GLU D 2453 97.49 -23.81 -15.85
C GLU D 2453 95.98 -23.87 -15.86
N LEU D 2454 95.34 -23.42 -14.79
CA LEU D 2454 93.89 -23.28 -14.81
C LEU D 2454 93.45 -22.16 -15.73
N LEU D 2455 94.32 -21.19 -15.97
CA LEU D 2455 93.93 -20.03 -16.76
C LEU D 2455 93.83 -20.36 -18.24
N ASN D 2456 94.61 -21.32 -18.70
CA ASN D 2456 94.65 -21.63 -20.13
C ASN D 2456 93.29 -22.05 -20.66
N PRO D 2457 92.56 -22.98 -20.04
CA PRO D 2457 91.22 -23.31 -20.56
C PRO D 2457 90.25 -22.15 -20.49
N VAL D 2458 90.50 -21.17 -19.63
CA VAL D 2458 89.53 -20.10 -19.41
C VAL D 2458 89.28 -19.34 -20.70
N VAL D 2459 90.35 -18.85 -21.32
CA VAL D 2459 90.19 -18.07 -22.53
C VAL D 2459 89.62 -18.90 -23.66
N GLU D 2460 89.79 -20.21 -23.60
CA GLU D 2460 89.39 -21.08 -24.69
C GLU D 2460 87.90 -21.00 -24.97
N PHE D 2461 87.12 -20.50 -24.01
CA PHE D 2461 85.70 -20.21 -24.14
C PHE D 2461 85.43 -18.99 -24.98
N VAL D 2462 86.50 -18.46 -25.57
CA VAL D 2462 86.35 -17.40 -26.54
C VAL D 2462 85.51 -17.90 -27.71
N SER D 2463 84.83 -16.98 -28.37
CA SER D 2463 84.00 -17.21 -29.55
C SER D 2463 82.78 -18.07 -29.22
N HIS D 2464 82.65 -18.49 -27.98
CA HIS D 2464 81.52 -19.29 -27.61
C HIS D 2464 80.25 -18.44 -27.64
N PRO D 2465 79.21 -18.88 -28.32
CA PRO D 2465 78.05 -18.01 -28.55
C PRO D 2465 77.29 -17.64 -27.28
N SER D 2466 77.89 -17.90 -26.12
CA SER D 2466 77.31 -17.46 -24.86
C SER D 2466 77.18 -15.94 -24.82
N THR D 2467 78.21 -15.24 -25.29
CA THR D 2467 78.29 -13.78 -25.25
C THR D 2467 78.38 -13.29 -23.82
N THR D 2468 78.26 -14.20 -22.87
CA THR D 2468 78.37 -13.88 -21.46
C THR D 2468 79.65 -14.42 -20.85
N CYS D 2469 79.99 -15.67 -21.15
CA CYS D 2469 81.26 -16.22 -20.71
C CYS D 2469 82.39 -15.35 -21.23
N ARG D 2470 82.26 -14.88 -22.45
CA ARG D 2470 83.26 -13.97 -22.97
C ARG D 2470 83.35 -12.73 -22.10
N GLU D 2471 82.20 -12.19 -21.68
CA GLU D 2471 82.17 -11.05 -20.77
C GLU D 2471 82.85 -11.38 -19.45
N GLN D 2472 82.63 -12.59 -18.95
CA GLN D 2472 83.19 -12.96 -17.65
C GLN D 2472 84.71 -13.07 -17.70
N MET D 2473 85.27 -13.49 -18.84
CA MET D 2473 86.72 -13.40 -18.99
C MET D 2473 87.17 -11.98 -18.76
N TYR D 2474 86.53 -11.04 -19.45
CA TYR D 2474 86.93 -9.65 -19.31
C TYR D 2474 86.94 -9.25 -17.84
N ASN D 2475 85.96 -9.73 -17.09
CA ASN D 2475 85.96 -9.52 -15.65
C ASN D 2475 87.22 -10.10 -15.04
N ILE D 2476 87.53 -11.35 -15.39
CA ILE D 2476 88.74 -11.99 -14.91
C ILE D 2476 89.96 -11.18 -15.33
N LEU D 2477 90.02 -10.81 -16.59
CA LEU D 2477 91.21 -10.14 -17.12
C LEU D 2477 91.37 -8.75 -16.54
N MET D 2478 90.26 -8.08 -16.21
CA MET D 2478 90.41 -6.81 -15.50
C MET D 2478 91.08 -7.01 -14.16
N TRP D 2479 90.70 -8.06 -13.43
CA TRP D 2479 91.36 -8.34 -12.16
C TRP D 2479 92.85 -8.58 -12.37
N ILE D 2480 93.19 -9.32 -13.43
CA ILE D 2480 94.60 -9.54 -13.74
C ILE D 2480 95.30 -8.21 -13.92
N HIS D 2481 94.69 -7.33 -14.71
CA HIS D 2481 95.25 -6.01 -14.96
C HIS D 2481 95.24 -5.14 -13.71
N ASP D 2482 94.48 -5.52 -12.69
CA ASP D 2482 94.44 -4.73 -11.46
C ASP D 2482 95.82 -4.53 -10.88
N ASN D 2483 96.56 -5.62 -10.69
CA ASN D 2483 97.90 -5.55 -10.13
C ASN D 2483 98.97 -5.92 -11.15
N TYR D 2484 98.82 -7.06 -11.81
CA TYR D 2484 99.81 -7.54 -12.77
C TYR D 2484 99.62 -6.78 -14.08
N ARG D 2485 100.14 -5.55 -14.09
CA ARG D 2485 100.28 -4.76 -15.29
C ARG D 2485 101.65 -4.12 -15.44
N ASP D 2486 102.45 -4.03 -14.38
CA ASP D 2486 103.75 -3.42 -14.45
C ASP D 2486 104.72 -4.28 -15.26
N PRO D 2487 105.84 -3.69 -15.72
CA PRO D 2487 106.80 -4.51 -16.49
C PRO D 2487 107.33 -5.71 -15.73
N GLU D 2488 107.58 -5.58 -14.42
CA GLU D 2488 108.12 -6.69 -13.63
C GLU D 2488 107.47 -6.64 -12.25
N SER D 2489 106.34 -7.35 -12.11
CA SER D 2489 105.74 -7.53 -10.79
C SER D 2489 106.54 -8.52 -9.97
N GLU D 2490 106.97 -9.62 -10.59
CA GLU D 2490 107.74 -10.66 -9.94
C GLU D 2490 108.92 -11.05 -10.82
N THR D 2491 110.01 -11.44 -10.16
CA THR D 2491 111.15 -11.97 -10.91
C THR D 2491 110.81 -13.31 -11.54
N ASP D 2492 109.97 -14.11 -10.89
CA ASP D 2492 109.51 -15.35 -11.48
C ASP D 2492 108.68 -15.06 -12.72
N ASN D 2493 108.67 -16.01 -13.63
CA ASN D 2493 107.94 -15.85 -14.89
C ASN D 2493 106.46 -16.14 -14.74
N ASP D 2494 106.02 -16.62 -13.57
CA ASP D 2494 104.66 -17.09 -13.41
C ASP D 2494 103.64 -16.00 -13.70
N SER D 2495 103.62 -14.96 -12.87
CA SER D 2495 102.72 -13.84 -13.13
C SER D 2495 103.06 -13.16 -14.44
N GLN D 2496 104.34 -13.17 -14.83
CA GLN D 2496 104.74 -12.54 -16.07
C GLN D 2496 104.09 -13.23 -17.26
N GLU D 2497 104.24 -14.55 -17.35
CA GLU D 2497 103.63 -15.28 -18.44
C GLU D 2497 102.11 -15.21 -18.35
N ILE D 2498 101.57 -15.23 -17.13
CA ILE D 2498 100.16 -14.92 -16.94
C ILE D 2498 99.86 -13.51 -17.42
N PHE D 2499 100.69 -12.55 -17.02
CA PHE D 2499 100.47 -11.17 -17.43
C PHE D 2499 100.49 -11.04 -18.95
N LYS D 2500 101.54 -11.55 -19.59
CA LYS D 2500 101.67 -11.36 -21.03
C LYS D 2500 100.60 -12.16 -21.77
N LEU D 2501 100.30 -13.36 -21.29
CA LEU D 2501 99.27 -14.17 -21.93
C LEU D 2501 97.91 -13.46 -21.83
N ALA D 2502 97.63 -12.85 -20.68
CA ALA D 2502 96.39 -12.10 -20.55
C ALA D 2502 96.35 -10.94 -21.54
N LYS D 2503 97.46 -10.22 -21.67
CA LYS D 2503 97.50 -9.14 -22.64
C LYS D 2503 97.25 -9.66 -24.04
N ASP D 2504 97.75 -10.85 -24.34
CA ASP D 2504 97.57 -11.46 -25.64
C ASP D 2504 96.09 -11.63 -25.95
N VAL D 2505 95.33 -12.16 -25.00
CA VAL D 2505 93.93 -12.44 -25.25
C VAL D 2505 93.09 -11.18 -25.11
N LEU D 2506 93.54 -10.22 -24.30
CA LEU D 2506 92.93 -8.90 -24.31
C LEU D 2506 92.91 -8.35 -25.73
N ILE D 2507 94.10 -8.13 -26.28
CA ILE D 2507 94.19 -7.63 -27.64
C ILE D 2507 93.56 -8.61 -28.63
N GLN D 2508 93.54 -9.89 -28.29
CA GLN D 2508 92.78 -10.84 -29.11
C GLN D 2508 91.30 -10.49 -29.11
N GLY D 2509 90.76 -10.16 -27.94
CA GLY D 2509 89.32 -10.10 -27.77
C GLY D 2509 88.63 -8.90 -28.38
N LEU D 2510 89.37 -8.07 -29.12
CA LEU D 2510 88.76 -6.86 -29.67
C LEU D 2510 87.66 -7.19 -30.66
N ILE D 2511 87.88 -8.18 -31.53
CA ILE D 2511 86.83 -8.58 -32.46
C ILE D 2511 85.68 -9.19 -31.67
N ASP D 2512 84.48 -8.66 -31.89
CA ASP D 2512 83.32 -9.10 -31.14
C ASP D 2512 82.07 -8.60 -31.85
N GLU D 2513 80.96 -9.26 -31.58
CA GLU D 2513 79.72 -8.99 -32.30
C GLU D 2513 78.78 -8.06 -31.57
N ASN D 2514 78.79 -8.06 -30.24
CA ASN D 2514 77.96 -7.12 -29.52
C ASN D 2514 78.70 -5.79 -29.47
N PRO D 2515 78.15 -4.72 -30.06
CA PRO D 2515 78.88 -3.45 -30.10
C PRO D 2515 79.24 -2.93 -28.72
N GLY D 2516 78.36 -3.12 -27.74
CA GLY D 2516 78.66 -2.66 -26.40
C GLY D 2516 79.88 -3.31 -25.81
N LEU D 2517 80.17 -4.55 -26.22
CA LEU D 2517 81.36 -5.22 -25.74
C LEU D 2517 82.62 -4.51 -26.19
N GLN D 2518 82.65 -4.05 -27.45
CA GLN D 2518 83.72 -3.14 -27.85
C GLN D 2518 83.69 -1.87 -27.01
N LEU D 2519 82.50 -1.31 -26.79
CA LEU D 2519 82.40 -0.07 -26.02
C LEU D 2519 83.11 -0.19 -24.69
N ILE D 2520 82.69 -1.14 -23.88
CA ILE D 2520 83.25 -1.22 -22.55
C ILE D 2520 84.72 -1.63 -22.59
N ILE D 2521 85.09 -2.50 -23.55
CA ILE D 2521 86.49 -2.90 -23.60
C ILE D 2521 87.36 -1.76 -24.10
N ARG D 2522 86.90 -1.01 -25.10
CA ARG D 2522 87.64 0.17 -25.50
C ARG D 2522 87.69 1.17 -24.37
N ASN D 2523 86.59 1.28 -23.61
CA ASN D 2523 86.61 2.05 -22.37
C ASN D 2523 87.76 1.61 -21.49
N PHE D 2524 87.99 0.30 -21.41
CA PHE D 2524 89.09 -0.20 -20.61
C PHE D 2524 90.42 0.32 -21.13
N TRP D 2525 90.69 0.11 -22.43
CA TRP D 2525 91.92 0.64 -23.02
C TRP D 2525 91.96 2.14 -22.93
N SER D 2526 90.92 2.81 -23.44
CA SER D 2526 90.94 4.24 -23.60
C SER D 2526 90.97 4.98 -22.27
N HIS D 2527 90.75 4.28 -21.17
CA HIS D 2527 91.00 4.86 -19.87
C HIS D 2527 92.44 5.35 -19.81
N GLU D 2528 92.60 6.59 -19.35
CA GLU D 2528 93.88 7.29 -19.46
C GLU D 2528 95.01 6.51 -18.80
N THR D 2529 94.69 5.67 -17.80
CA THR D 2529 95.71 4.89 -17.14
C THR D 2529 96.44 3.99 -18.13
N ARG D 2530 95.68 3.36 -19.04
CA ARG D 2530 96.29 2.40 -19.95
C ARG D 2530 96.78 3.05 -21.23
N LEU D 2531 96.10 4.05 -21.73
CA LEU D 2531 96.55 4.74 -22.92
C LEU D 2531 97.09 6.12 -22.54
N PRO D 2532 98.35 6.40 -22.85
CA PRO D 2532 98.97 7.64 -22.39
C PRO D 2532 98.28 8.87 -22.94
N SER D 2533 98.27 9.93 -22.13
CA SER D 2533 97.61 11.17 -22.52
C SER D 2533 98.14 11.70 -23.85
N ASN D 2534 99.45 11.68 -24.01
CA ASN D 2534 100.05 12.06 -25.29
C ASN D 2534 99.48 11.19 -26.39
N THR D 2535 99.02 11.84 -27.45
CA THR D 2535 98.73 11.14 -28.68
C THR D 2535 99.89 10.24 -29.04
N LEU D 2536 101.06 10.83 -29.26
CA LEU D 2536 102.21 10.07 -29.73
C LEU D 2536 102.59 8.98 -28.76
N ASP D 2537 102.57 9.28 -27.46
CA ASP D 2537 102.81 8.22 -26.49
C ASP D 2537 101.74 7.15 -26.57
N ARG D 2538 100.49 7.56 -26.79
CA ARG D 2538 99.46 6.58 -27.09
C ARG D 2538 99.81 5.80 -28.34
N LEU D 2539 100.38 6.47 -29.35
CA LEU D 2539 100.90 5.75 -30.52
C LEU D 2539 102.00 4.77 -30.11
N LEU D 2540 102.93 5.21 -29.26
CA LEU D 2540 103.98 4.30 -28.82
C LEU D 2540 103.38 3.12 -28.07
N ALA D 2541 102.36 3.37 -27.25
CA ALA D 2541 101.72 2.29 -26.52
C ALA D 2541 101.16 1.24 -27.48
N LEU D 2542 100.17 1.63 -28.29
CA LEU D 2542 99.56 0.72 -29.23
C LEU D 2542 100.57 0.11 -30.18
N ASN D 2543 101.69 0.80 -30.40
CA ASN D 2543 102.76 0.23 -31.20
C ASN D 2543 103.19 -1.11 -30.61
N SER D 2544 103.37 -1.16 -29.29
CA SER D 2544 103.61 -2.44 -28.63
C SER D 2544 102.40 -3.35 -28.78
N LEU D 2545 101.20 -2.79 -28.64
CA LEU D 2545 99.97 -3.57 -28.73
C LEU D 2545 99.79 -4.04 -30.16
N TYR D 2546 100.23 -5.26 -30.43
CA TYR D 2546 100.17 -5.84 -31.76
C TYR D 2546 100.06 -7.35 -31.63
N SER D 2547 98.84 -7.86 -31.81
CA SER D 2547 98.62 -9.29 -31.83
C SER D 2547 98.65 -9.78 -33.27
N PRO D 2548 99.60 -10.64 -33.63
CA PRO D 2548 99.64 -11.14 -35.00
C PRO D 2548 98.50 -12.10 -35.28
N LYS D 2549 97.29 -11.69 -34.91
CA LYS D 2549 96.10 -12.52 -35.07
C LYS D 2549 94.91 -11.75 -35.60
N ILE D 2550 94.87 -10.42 -35.46
CA ILE D 2550 93.75 -9.57 -35.85
C ILE D 2550 94.16 -8.63 -36.98
N GLU D 2551 95.26 -8.97 -37.67
CA GLU D 2551 95.77 -8.12 -38.74
C GLU D 2551 94.74 -7.87 -39.82
N VAL D 2552 93.88 -8.86 -40.07
CA VAL D 2552 92.82 -8.67 -41.05
C VAL D 2552 91.87 -7.56 -40.61
N HIS D 2553 91.51 -7.55 -39.33
CA HIS D 2553 90.58 -6.56 -38.81
C HIS D 2553 91.26 -5.36 -38.18
N PHE D 2554 92.31 -5.58 -37.40
CA PHE D 2554 92.91 -4.47 -36.66
C PHE D 2554 93.65 -3.58 -37.65
N LEU D 2555 92.88 -2.77 -38.34
CA LEU D 2555 93.46 -1.75 -39.20
C LEU D 2555 92.90 -0.36 -38.90
N SER D 2556 91.60 -0.26 -38.67
CA SER D 2556 90.99 1.00 -38.29
C SER D 2556 90.92 1.17 -36.79
N LEU D 2557 90.96 0.06 -36.04
CA LEU D 2557 90.93 0.15 -34.58
C LEU D 2557 92.00 1.12 -34.10
N ALA D 2558 93.18 1.06 -34.72
CA ALA D 2558 94.24 2.00 -34.39
C ALA D 2558 93.73 3.43 -34.44
N THR D 2559 93.03 3.80 -35.50
CA THR D 2559 92.42 5.11 -35.56
C THR D 2559 91.35 5.27 -34.49
N ASN D 2560 90.48 4.26 -34.35
CA ASN D 2560 89.25 4.43 -33.59
C ASN D 2560 89.53 4.95 -32.18
N PHE D 2561 90.67 4.55 -31.60
CA PHE D 2561 90.98 4.99 -30.25
C PHE D 2561 91.09 6.50 -30.18
N LEU D 2562 92.08 7.06 -30.88
CA LEU D 2562 92.25 8.51 -30.91
C LEU D 2562 91.02 9.21 -31.45
N LEU D 2563 90.24 8.52 -32.28
CA LEU D 2563 89.08 9.12 -32.92
C LEU D 2563 88.07 9.62 -31.89
N GLU D 2564 87.51 8.70 -31.11
CA GLU D 2564 86.63 9.09 -30.01
C GLU D 2564 87.40 9.28 -28.71
N MET D 2565 88.71 9.53 -28.80
CA MET D 2565 89.50 10.06 -27.70
C MET D 2565 89.71 11.55 -27.83
N THR D 2566 89.93 12.03 -29.05
CA THR D 2566 90.20 13.45 -29.26
C THR D 2566 88.98 14.31 -28.93
N SER D 2567 87.78 13.73 -28.90
CA SER D 2567 86.58 14.52 -28.71
C SER D 2567 86.64 15.33 -27.41
N MET D 2568 87.38 14.85 -26.42
CA MET D 2568 87.57 15.62 -25.20
C MET D 2568 88.42 16.87 -25.43
N SER D 2569 89.15 16.95 -26.54
CA SER D 2569 90.05 18.08 -26.74
C SER D 2569 89.24 19.37 -26.78
N PRO D 2570 89.69 20.42 -26.07
CA PRO D 2570 88.92 21.67 -26.06
C PRO D 2570 89.12 22.48 -27.32
N ASP D 2571 89.11 21.77 -28.44
CA ASP D 2571 88.96 22.35 -29.75
C ASP D 2571 87.94 21.58 -30.57
N TYR D 2572 87.53 20.40 -30.08
CA TYR D 2572 86.57 19.57 -30.81
C TYR D 2572 85.24 20.25 -31.07
N PRO D 2573 84.53 20.79 -30.08
CA PRO D 2573 83.22 21.38 -30.39
C PRO D 2573 83.34 22.76 -31.02
N ASN D 2574 84.05 22.80 -32.14
CA ASN D 2574 84.32 24.05 -32.84
C ASN D 2574 84.07 23.84 -34.33
N PRO D 2575 83.62 24.88 -35.02
CA PRO D 2575 83.17 24.69 -36.41
C PRO D 2575 84.32 24.65 -37.40
N MET D 2576 84.02 24.07 -38.57
CA MET D 2576 84.91 24.19 -39.72
C MET D 2576 85.29 25.63 -39.96
N PHE D 2577 84.31 26.47 -40.27
CA PHE D 2577 84.51 27.88 -40.47
C PHE D 2577 83.61 28.65 -39.52
N GLU D 2578 84.19 29.70 -38.92
CA GLU D 2578 83.45 30.56 -38.01
C GLU D 2578 82.81 31.73 -38.75
N HIS D 2579 83.56 32.36 -39.63
CA HIS D 2579 82.94 33.29 -40.56
C HIS D 2579 82.19 32.50 -41.63
N PRO D 2580 80.97 32.89 -41.97
CA PRO D 2580 80.30 32.26 -43.11
C PRO D 2580 80.78 32.88 -44.41
N LEU D 2581 81.05 32.01 -45.40
CA LEU D 2581 81.38 32.53 -46.72
C LEU D 2581 80.19 33.28 -47.33
N SER D 2582 78.98 32.95 -46.90
CA SER D 2582 77.79 33.70 -47.28
C SER D 2582 76.77 33.53 -46.16
N GLU D 2583 76.66 34.54 -45.30
CA GLU D 2583 75.74 34.45 -44.18
C GLU D 2583 74.30 34.47 -44.66
N CYS D 2584 73.49 33.61 -44.08
CA CYS D 2584 72.08 33.49 -44.45
C CYS D 2584 71.35 32.73 -43.35
N GLU D 2585 70.05 32.56 -43.54
CA GLU D 2585 69.21 31.84 -42.61
C GLU D 2585 69.06 30.39 -43.07
N PHE D 2586 68.87 29.49 -42.09
CA PHE D 2586 68.72 28.07 -42.37
C PHE D 2586 67.51 27.54 -41.62
N GLN D 2587 66.98 26.43 -42.12
CA GLN D 2587 65.91 25.69 -41.46
C GLN D 2587 66.42 24.31 -41.08
N GLU D 2588 66.02 23.84 -39.90
CA GLU D 2588 66.47 22.56 -39.42
C GLU D 2588 65.86 21.46 -40.27
N TYR D 2589 66.71 20.74 -41.01
CA TYR D 2589 66.20 19.68 -41.85
C TYR D 2589 65.89 18.47 -40.98
N THR D 2590 64.71 17.90 -41.21
CA THR D 2590 64.24 16.76 -40.42
C THR D 2590 64.52 15.47 -41.20
N ILE D 2591 65.17 14.52 -40.54
CA ILE D 2591 65.57 13.27 -41.16
C ILE D 2591 64.96 12.12 -40.37
N ASP D 2592 64.24 11.23 -41.05
CA ASP D 2592 63.67 10.06 -40.42
C ASP D 2592 64.70 8.95 -40.32
N ALA D 2767 68.77 -4.08 -40.56
CA ALA D 2767 69.61 -3.21 -39.73
C ALA D 2767 68.95 -1.87 -39.52
N GLN D 2768 69.78 -0.84 -39.30
CA GLN D 2768 69.28 0.51 -39.10
C GLN D 2768 70.44 1.48 -39.31
N VAL D 2769 70.09 2.74 -39.62
CA VAL D 2769 71.09 3.79 -39.82
C VAL D 2769 70.93 4.84 -38.72
N VAL D 2770 72.05 5.43 -38.33
CA VAL D 2770 72.09 6.42 -37.27
C VAL D 2770 72.48 7.77 -37.85
N LEU D 2771 71.82 8.82 -37.39
CA LEU D 2771 72.08 10.17 -37.86
C LEU D 2771 73.29 10.76 -37.15
N TYR D 2772 73.83 11.81 -37.77
CA TYR D 2772 74.88 12.62 -37.15
C TYR D 2772 74.65 14.12 -37.24
N ARG D 2773 73.78 14.60 -38.12
CA ARG D 2773 73.47 16.01 -38.19
C ARG D 2773 71.99 16.22 -38.45
N SER D 2774 71.48 17.34 -37.98
CA SER D 2774 70.19 17.86 -38.41
C SER D 2774 70.26 18.51 -39.77
N TYR D 2775 71.47 18.69 -40.30
CA TYR D 2775 71.68 19.28 -41.62
C TYR D 2775 71.07 20.67 -41.69
N ARG D 2776 71.71 21.55 -40.92
CA ARG D 2776 71.43 22.98 -40.91
C ARG D 2776 71.33 23.46 -42.36
N HIS D 2777 70.13 23.82 -42.78
CA HIS D 2777 69.89 23.99 -44.20
C HIS D 2777 68.97 25.17 -44.45
N GLY D 2778 69.33 25.96 -45.44
CA GLY D 2778 68.50 27.07 -45.88
C GLY D 2778 68.66 27.24 -47.36
N ASP D 2779 68.67 28.49 -47.82
CA ASP D 2779 68.88 28.73 -49.23
C ASP D 2779 70.30 28.34 -49.63
N LEU D 2780 71.29 28.95 -48.99
CA LEU D 2780 72.69 28.70 -49.26
C LEU D 2780 73.23 27.62 -48.36
N PRO D 2781 74.35 26.99 -48.75
CA PRO D 2781 74.99 25.98 -47.90
C PRO D 2781 75.28 26.45 -46.49
N ASP D 2782 75.56 25.51 -45.58
CA ASP D 2782 76.06 25.80 -44.25
C ASP D 2782 77.55 25.50 -44.17
N ILE D 2783 78.26 26.29 -43.36
CA ILE D 2783 79.73 26.21 -43.33
C ILE D 2783 80.23 26.19 -41.89
N GLN D 2784 79.33 26.45 -40.94
CA GLN D 2784 79.69 26.66 -39.54
C GLN D 2784 79.65 25.36 -38.74
N ILE D 2785 79.90 24.23 -39.37
CA ILE D 2785 79.69 22.91 -38.78
C ILE D 2785 80.90 22.52 -37.95
N LYS D 2786 80.65 21.91 -36.80
CA LYS D 2786 81.69 21.58 -35.84
C LYS D 2786 82.65 20.55 -36.41
N HIS D 2787 83.72 20.29 -35.66
CA HIS D 2787 84.66 19.25 -36.04
C HIS D 2787 84.11 17.85 -35.78
N SER D 2788 83.02 17.75 -35.02
CA SER D 2788 82.53 16.45 -34.57
C SER D 2788 82.07 15.58 -35.73
N SER D 2789 80.99 15.98 -36.40
CA SER D 2789 80.39 15.14 -37.43
C SER D 2789 81.26 15.05 -38.67
N LEU D 2790 82.33 15.83 -38.75
CA LEU D 2790 83.30 15.65 -39.80
C LEU D 2790 83.98 14.29 -39.70
N ILE D 2791 84.35 13.89 -38.49
CA ILE D 2791 85.28 12.79 -38.30
C ILE D 2791 84.56 11.52 -37.87
N THR D 2792 83.46 11.69 -37.15
CA THR D 2792 82.70 10.53 -36.67
C THR D 2792 82.31 9.56 -37.79
N PRO D 2793 81.92 9.99 -38.99
CA PRO D 2793 81.66 9.00 -40.03
C PRO D 2793 82.92 8.36 -40.58
N LEU D 2794 84.08 9.01 -40.44
CA LEU D 2794 85.31 8.43 -40.97
C LEU D 2794 85.63 7.11 -40.27
N GLN D 2795 85.35 7.01 -38.97
CA GLN D 2795 85.64 5.76 -38.28
C GLN D 2795 84.79 4.62 -38.81
N ALA D 2796 83.50 4.88 -39.07
CA ALA D 2796 82.62 3.82 -39.54
C ALA D 2796 83.04 3.33 -40.92
N VAL D 2797 83.32 4.25 -41.83
CA VAL D 2797 83.73 3.83 -43.17
C VAL D 2797 85.07 3.11 -43.12
N ALA D 2798 85.97 3.53 -42.24
CA ALA D 2798 87.27 2.89 -42.17
C ALA D 2798 87.15 1.47 -41.61
N GLN D 2799 86.36 1.29 -40.55
CA GLN D 2799 86.24 -0.03 -39.96
C GLN D 2799 85.53 -1.02 -40.87
N ARG D 2800 84.75 -0.55 -41.83
CA ARG D 2800 84.07 -1.47 -42.73
C ARG D 2800 84.74 -1.56 -44.09
N ASP D 2801 85.75 -0.76 -44.38
CA ASP D 2801 86.55 -0.95 -45.58
C ASP D 2801 88.03 -0.87 -45.21
N PRO D 2802 88.82 -1.90 -45.47
CA PRO D 2802 90.25 -1.80 -45.17
C PRO D 2802 90.96 -0.70 -45.93
N ILE D 2803 90.59 -0.51 -47.20
CA ILE D 2803 91.31 0.45 -48.03
C ILE D 2803 91.17 1.84 -47.45
N ILE D 2804 89.95 2.20 -47.04
CA ILE D 2804 89.75 3.46 -46.35
C ILE D 2804 90.59 3.54 -45.09
N ALA D 2805 90.54 2.48 -44.28
CA ALA D 2805 91.25 2.50 -43.01
C ALA D 2805 92.75 2.63 -43.22
N LYS D 2806 93.31 1.80 -44.11
CA LYS D 2806 94.75 1.81 -44.32
C LYS D 2806 95.22 3.12 -44.95
N GLN D 2807 94.47 3.64 -45.91
CA GLN D 2807 94.85 4.92 -46.49
C GLN D 2807 94.71 6.05 -45.49
N LEU D 2808 93.57 6.08 -44.79
CA LEU D 2808 93.33 7.14 -43.81
C LEU D 2808 94.40 7.13 -42.74
N PHE D 2809 94.70 5.96 -42.18
CA PHE D 2809 95.64 5.89 -41.07
C PHE D 2809 97.06 6.18 -41.53
N SER D 2810 97.44 5.68 -42.70
CA SER D 2810 98.80 5.89 -43.18
C SER D 2810 99.07 7.37 -43.38
N SER D 2811 98.12 8.09 -43.98
CA SER D 2811 98.24 9.53 -44.10
C SER D 2811 98.27 10.19 -42.73
N LEU D 2812 97.45 9.69 -41.80
CA LEU D 2812 97.46 10.21 -40.44
C LEU D 2812 98.85 10.10 -39.82
N PHE D 2813 99.50 8.96 -40.00
CA PHE D 2813 100.83 8.77 -39.45
C PHE D 2813 101.80 9.81 -39.97
N SER D 2814 101.81 10.02 -41.28
CA SER D 2814 102.67 11.04 -41.87
C SER D 2814 102.33 12.41 -41.32
N GLY D 2815 101.03 12.70 -41.17
CA GLY D 2815 100.62 13.97 -40.60
C GLY D 2815 101.17 14.18 -39.20
N ILE D 2816 101.20 13.12 -38.41
CA ILE D 2816 101.76 13.21 -37.07
C ILE D 2816 103.25 13.53 -37.14
N LEU D 2817 103.98 12.79 -37.97
CA LEU D 2817 105.43 12.81 -37.91
C LEU D 2817 106.03 14.07 -38.54
N LYS D 2818 105.29 14.77 -39.39
CA LYS D 2818 105.81 16.00 -39.96
C LYS D 2818 105.91 17.12 -38.95
N GLU D 2819 105.33 16.94 -37.76
CA GLU D 2819 105.27 18.00 -36.77
C GLU D 2819 106.07 17.71 -35.52
N MET D 2820 106.36 16.44 -35.24
CA MET D 2820 107.09 16.06 -34.03
C MET D 2820 108.50 16.63 -34.00
N ASP D 2821 109.09 16.90 -35.16
CA ASP D 2821 110.48 17.33 -35.21
C ASP D 2821 110.70 18.61 -34.44
N LYS D 2822 109.78 19.57 -34.57
CA LYS D 2822 110.03 20.93 -34.10
C LYS D 2822 110.23 20.97 -32.58
N PHE D 2823 109.33 20.34 -31.84
CA PHE D 2823 109.36 20.40 -30.39
C PHE D 2823 110.16 19.27 -29.76
N LYS D 2824 110.85 18.46 -30.56
CA LYS D 2824 111.63 17.35 -30.04
C LYS D 2824 113.08 17.46 -30.51
N THR D 2825 113.99 16.98 -29.67
CA THR D 2825 115.39 16.96 -30.02
C THR D 2825 115.72 15.77 -30.91
N LEU D 2826 116.80 15.90 -31.67
CA LEU D 2826 117.19 14.87 -32.63
C LEU D 2826 117.38 13.53 -31.94
N SER D 2827 117.99 13.53 -30.75
CA SER D 2827 118.22 12.28 -30.03
C SER D 2827 116.92 11.53 -29.82
N GLU D 2828 115.92 12.21 -29.25
CA GLU D 2828 114.65 11.55 -28.96
C GLU D 2828 114.00 11.03 -30.23
N LYS D 2829 113.99 11.86 -31.27
CA LYS D 2829 113.42 11.45 -32.54
C LYS D 2829 114.18 10.25 -33.11
N ASN D 2830 115.50 10.28 -33.01
CA ASN D 2830 116.30 9.13 -33.41
C ASN D 2830 115.96 7.91 -32.58
N ASN D 2831 115.75 8.11 -31.26
CA ASN D 2831 115.31 7.00 -30.42
C ASN D 2831 113.98 6.45 -30.90
N ILE D 2832 113.02 7.35 -31.13
CA ILE D 2832 111.70 6.93 -31.60
C ILE D 2832 111.83 6.14 -32.90
N THR D 2833 112.71 6.60 -33.79
CA THR D 2833 112.98 5.84 -35.00
C THR D 2833 113.50 4.45 -34.67
N GLN D 2834 114.42 4.37 -33.71
CA GLN D 2834 114.98 3.07 -33.33
C GLN D 2834 113.90 2.16 -32.75
N LYS D 2835 113.06 2.69 -31.86
CA LYS D 2835 112.00 1.87 -31.28
C LYS D 2835 111.05 1.38 -32.35
N LEU D 2836 110.63 2.27 -33.24
CA LEU D 2836 109.73 1.89 -34.31
C LEU D 2836 110.36 0.85 -35.21
N LEU D 2837 111.66 1.00 -35.49
CA LEU D 2837 112.36 0.09 -36.37
C LEU D 2837 112.17 -1.35 -35.93
N GLN D 2838 112.41 -1.62 -34.64
CA GLN D 2838 112.15 -2.94 -34.09
C GLN D 2838 110.67 -3.29 -34.16
N ASP D 2839 109.79 -2.30 -33.96
CA ASP D 2839 108.37 -2.58 -34.01
C ASP D 2839 107.95 -3.09 -35.38
N PHE D 2840 108.52 -2.51 -36.43
CA PHE D 2840 108.41 -3.12 -37.75
C PHE D 2840 108.83 -4.58 -37.69
N ASN D 2841 110.07 -4.78 -37.28
CA ASN D 2841 110.63 -6.14 -37.19
C ASN D 2841 109.66 -7.04 -36.45
N ARG D 2842 109.14 -6.57 -35.32
CA ARG D 2842 108.09 -7.29 -34.63
C ARG D 2842 106.92 -7.56 -35.55
N PHE D 2843 106.41 -6.53 -36.22
CA PHE D 2843 105.14 -6.67 -36.91
C PHE D 2843 105.25 -7.62 -38.09
N LEU D 2844 106.39 -7.58 -38.78
CA LEU D 2844 106.52 -8.35 -40.02
C LEU D 2844 106.82 -9.82 -39.73
N ASN D 2845 107.81 -10.09 -38.89
CA ASN D 2845 108.19 -11.48 -38.66
C ASN D 2845 107.14 -12.22 -37.84
N THR D 2846 106.55 -11.53 -36.87
CA THR D 2846 105.69 -12.22 -35.90
C THR D 2846 104.44 -12.77 -36.56
N THR D 2847 103.85 -12.02 -37.48
CA THR D 2847 102.60 -12.46 -38.08
C THR D 2847 102.81 -13.75 -38.86
N PHE D 2848 101.77 -14.57 -38.87
CA PHE D 2848 101.78 -15.86 -39.55
C PHE D 2848 100.78 -15.90 -40.69
N SER D 2849 99.53 -15.53 -40.43
CA SER D 2849 98.55 -15.32 -41.48
C SER D 2849 98.66 -13.88 -41.95
N PHE D 2850 98.94 -13.69 -43.23
CA PHE D 2850 99.31 -12.38 -43.75
C PHE D 2850 98.11 -11.74 -44.40
N PHE D 2851 97.73 -10.57 -43.90
CA PHE D 2851 96.65 -9.79 -44.49
C PHE D 2851 97.27 -8.71 -45.37
N PRO D 2852 97.29 -8.94 -46.69
CA PRO D 2852 98.05 -8.07 -47.60
C PRO D 2852 97.63 -6.62 -47.48
N PRO D 2853 96.34 -6.30 -47.34
CA PRO D 2853 96.00 -4.88 -47.11
C PRO D 2853 96.63 -4.31 -45.86
N PHE D 2854 96.73 -5.11 -44.80
CA PHE D 2854 97.38 -4.63 -43.58
C PHE D 2854 98.84 -4.33 -43.83
N VAL D 2855 99.56 -5.29 -44.40
CA VAL D 2855 101.00 -5.09 -44.62
C VAL D 2855 101.22 -3.95 -45.60
N SER D 2856 100.36 -3.84 -46.62
CA SER D 2856 100.50 -2.78 -47.60
C SER D 2856 100.49 -1.42 -46.94
N CYS D 2857 99.57 -1.22 -45.97
CA CYS D 2857 99.54 0.02 -45.22
C CYS D 2857 100.88 0.29 -44.54
N ILE D 2858 101.59 -0.77 -44.15
CA ILE D 2858 102.81 -0.59 -43.35
C ILE D 2858 103.87 0.14 -44.18
N GLN D 2859 104.17 -0.37 -45.38
CA GLN D 2859 105.10 0.36 -46.23
C GLN D 2859 104.49 1.62 -46.80
N ASP D 2860 103.16 1.71 -46.83
CA ASP D 2860 102.53 3.01 -47.07
C ASP D 2860 102.95 4.00 -45.99
N ILE D 2861 102.85 3.58 -44.73
CA ILE D 2861 103.32 4.39 -43.62
C ILE D 2861 104.82 4.62 -43.73
N SER D 2862 105.56 3.56 -44.06
CA SER D 2862 107.01 3.61 -44.06
C SER D 2862 107.55 4.68 -45.00
N CYS D 2863 107.11 4.65 -46.26
CA CYS D 2863 107.74 5.44 -47.31
C CYS D 2863 107.72 6.93 -47.01
N GLN D 2864 107.06 7.34 -45.92
CA GLN D 2864 107.01 8.75 -45.55
C GLN D 2864 108.40 9.31 -45.26
N HIS D 2865 109.16 8.65 -44.38
CA HIS D 2865 110.40 9.23 -43.86
C HIS D 2865 111.55 8.26 -44.03
N ALA D 2866 112.55 8.66 -44.81
CA ALA D 2866 113.70 7.80 -45.09
C ALA D 2866 114.51 7.49 -43.83
N ALA D 2867 114.55 8.43 -42.89
CA ALA D 2867 115.24 8.16 -41.63
C ALA D 2867 114.69 6.92 -40.97
N LEU D 2868 113.36 6.79 -40.93
CA LEU D 2868 112.75 5.54 -40.51
C LEU D 2868 113.04 4.43 -41.51
N LEU D 2869 113.06 4.77 -42.80
CA LEU D 2869 113.23 3.76 -43.86
C LEU D 2869 114.66 3.28 -43.85
N SER D 2870 114.98 2.47 -42.84
CA SER D 2870 116.27 1.81 -42.73
C SER D 2870 116.06 0.36 -42.33
N LEU D 2871 114.95 -0.22 -42.76
CA LEU D 2871 114.55 -1.54 -42.28
C LEU D 2871 115.38 -2.63 -42.94
N ASP D 2872 115.27 -3.82 -42.37
CA ASP D 2872 115.80 -5.01 -43.01
C ASP D 2872 114.91 -5.35 -44.20
N PRO D 2873 115.44 -5.36 -45.42
CA PRO D 2873 114.59 -5.71 -46.58
C PRO D 2873 114.05 -7.12 -46.53
N ALA D 2874 114.63 -8.01 -45.72
CA ALA D 2874 114.21 -9.40 -45.70
C ALA D 2874 112.76 -9.56 -45.30
N ALA D 2875 112.38 -8.95 -44.17
CA ALA D 2875 111.02 -9.10 -43.68
C ALA D 2875 110.02 -8.54 -44.67
N VAL D 2876 110.35 -7.40 -45.27
CA VAL D 2876 109.48 -6.81 -46.27
C VAL D 2876 109.36 -7.71 -47.49
N SER D 2877 110.50 -8.24 -47.96
CA SER D 2877 110.48 -9.07 -49.17
C SER D 2877 109.58 -10.28 -48.98
N ALA D 2878 109.76 -10.99 -47.87
CA ALA D 2878 108.93 -12.17 -47.61
C ALA D 2878 107.46 -11.79 -47.45
N GLY D 2879 107.18 -10.62 -46.89
CA GLY D 2879 105.80 -10.18 -46.77
C GLY D 2879 105.15 -9.97 -48.13
N CYS D 2880 105.83 -9.28 -49.03
CA CYS D 2880 105.31 -9.14 -50.39
C CYS D 2880 105.26 -10.50 -51.09
N LEU D 2881 106.17 -11.41 -50.72
CA LEU D 2881 106.14 -12.75 -51.29
C LEU D 2881 104.81 -13.43 -51.04
N ALA D 2882 104.32 -13.37 -49.81
CA ALA D 2882 103.06 -14.01 -49.47
C ALA D 2882 101.87 -13.09 -49.70
N SER D 2883 102.01 -11.81 -49.37
CA SER D 2883 100.89 -10.88 -49.52
C SER D 2883 100.68 -10.48 -50.96
N LEU D 2884 101.66 -10.71 -51.82
CA LEU D 2884 101.56 -10.41 -53.25
C LEU D 2884 101.38 -8.91 -53.48
N GLN D 2885 102.06 -8.10 -52.67
CA GLN D 2885 101.94 -6.65 -52.74
C GLN D 2885 103.31 -5.99 -52.96
N GLN D 2886 104.13 -6.59 -53.82
CA GLN D 2886 105.52 -6.20 -54.04
C GLN D 2886 105.77 -4.74 -54.39
N PRO D 2887 105.24 -4.21 -55.50
CA PRO D 2887 105.83 -2.99 -56.08
C PRO D 2887 105.87 -1.80 -55.14
N VAL D 2888 104.84 -1.62 -54.32
CA VAL D 2888 104.89 -0.56 -53.32
C VAL D 2888 105.98 -0.86 -52.30
N GLY D 2889 106.09 -2.11 -51.88
CA GLY D 2889 107.26 -2.52 -51.11
C GLY D 2889 108.53 -2.45 -51.92
N ILE D 2890 108.45 -2.74 -53.22
CA ILE D 2890 109.60 -2.53 -54.09
C ILE D 2890 109.96 -1.05 -54.12
N ARG D 2891 108.94 -0.18 -54.12
CA ARG D 2891 109.20 1.24 -53.99
C ARG D 2891 109.93 1.55 -52.71
N LEU D 2892 109.56 0.88 -51.62
CA LEU D 2892 110.30 1.00 -50.37
C LEU D 2892 111.78 0.68 -50.58
N LEU D 2893 112.08 -0.43 -51.24
CA LEU D 2893 113.47 -0.83 -51.45
C LEU D 2893 114.24 0.23 -52.22
N GLU D 2894 113.65 0.73 -53.31
CA GLU D 2894 114.37 1.61 -54.21
C GLU D 2894 114.72 2.93 -53.55
N GLU D 2895 113.74 3.52 -52.85
CA GLU D 2895 113.99 4.80 -52.17
C GLU D 2895 115.03 4.67 -51.06
N ALA D 2896 114.94 3.64 -50.23
CA ALA D 2896 115.92 3.46 -49.17
C ALA D 2896 117.30 3.18 -49.77
N LEU D 2897 117.33 2.37 -50.82
CA LEU D 2897 118.57 2.17 -51.56
C LEU D 2897 119.11 3.48 -52.10
N LEU D 2898 118.25 4.22 -52.81
CA LEU D 2898 118.68 5.47 -53.41
C LEU D 2898 119.01 6.52 -52.36
N ARG D 2899 118.38 6.44 -51.19
CA ARG D 2899 118.62 7.45 -50.17
C ARG D 2899 119.78 7.10 -49.25
N LEU D 2900 119.73 5.92 -48.63
CA LEU D 2900 120.71 5.59 -47.59
C LEU D 2900 122.12 5.59 -48.15
N LEU D 2901 122.34 4.86 -49.24
CA LEU D 2901 123.63 4.80 -49.91
C LEU D 2901 124.78 4.47 -48.96
N PRO D 2902 124.77 3.29 -48.33
CA PRO D 2902 125.87 2.93 -47.42
C PRO D 2902 127.15 2.57 -48.16
N LEU D 2916 127.28 -9.83 -46.56
CA LEU D 2916 127.05 -8.91 -47.68
C LEU D 2916 126.50 -7.58 -47.22
N PRO D 2917 126.90 -6.51 -47.91
CA PRO D 2917 126.41 -5.18 -47.55
C PRO D 2917 124.93 -5.09 -47.74
N PRO D 2918 124.24 -4.21 -47.01
CA PRO D 2918 122.78 -4.10 -47.13
C PRO D 2918 122.34 -3.74 -48.53
N ASP D 2919 123.19 -3.06 -49.30
CA ASP D 2919 122.91 -2.85 -50.72
C ASP D 2919 122.70 -4.17 -51.42
N VAL D 2920 123.64 -5.10 -51.26
CA VAL D 2920 123.52 -6.41 -51.90
C VAL D 2920 122.24 -7.09 -51.47
N LEU D 2921 121.91 -7.00 -50.19
CA LEU D 2921 120.66 -7.58 -49.69
C LEU D 2921 119.46 -6.96 -50.38
N ARG D 2922 119.37 -5.63 -50.35
CA ARG D 2922 118.22 -4.99 -50.97
C ARG D 2922 118.25 -5.15 -52.48
N TRP D 2923 119.44 -5.19 -53.08
CA TRP D 2923 119.53 -5.51 -54.50
C TRP D 2923 118.98 -6.91 -54.77
N VAL D 2924 119.47 -7.91 -54.06
CA VAL D 2924 119.16 -9.29 -54.40
C VAL D 2924 117.70 -9.61 -54.09
N GLU D 2925 117.18 -9.09 -52.98
CA GLU D 2925 115.79 -9.35 -52.64
C GLU D 2925 114.86 -8.67 -53.62
N LEU D 2926 115.18 -7.45 -54.02
CA LEU D 2926 114.41 -6.76 -55.05
C LEU D 2926 114.40 -7.57 -56.34
N ALA D 2927 115.53 -8.21 -56.66
CA ALA D 2927 115.55 -9.14 -57.79
C ALA D 2927 114.59 -10.29 -57.55
N LYS D 2928 114.55 -10.80 -56.32
CA LYS D 2928 113.62 -11.86 -55.99
C LYS D 2928 112.18 -11.40 -56.21
N LEU D 2929 111.89 -10.14 -55.87
CA LEU D 2929 110.57 -9.60 -56.14
C LEU D 2929 110.29 -9.57 -57.64
N TYR D 2930 111.20 -9.00 -58.42
CA TYR D 2930 110.94 -8.86 -59.84
C TYR D 2930 110.83 -10.21 -60.53
N ARG D 2931 111.74 -11.12 -60.22
CA ARG D 2931 111.65 -12.45 -60.80
C ARG D 2931 110.35 -13.13 -60.39
N SER D 2932 109.80 -12.76 -59.23
CA SER D 2932 108.49 -13.27 -58.85
C SER D 2932 107.43 -12.80 -59.84
N ILE D 2933 107.43 -11.50 -60.15
CA ILE D 2933 106.59 -11.03 -61.25
C ILE D 2933 107.13 -11.53 -62.58
N GLY D 2934 108.45 -11.51 -62.75
CA GLY D 2934 109.06 -12.12 -63.90
C GLY D 2934 109.44 -11.16 -65.00
N GLU D 2935 110.03 -10.03 -64.63
CA GLU D 2935 110.51 -9.03 -65.59
C GLU D 2935 112.03 -9.16 -65.67
N TYR D 2936 112.50 -9.92 -66.66
CA TYR D 2936 113.88 -10.34 -66.70
C TYR D 2936 114.83 -9.22 -67.10
N ASP D 2937 114.32 -8.21 -67.81
CA ASP D 2937 115.19 -7.16 -68.33
C ASP D 2937 115.83 -6.36 -67.20
N VAL D 2938 115.06 -6.02 -66.17
CA VAL D 2938 115.65 -5.38 -64.99
C VAL D 2938 116.63 -6.34 -64.31
N LEU D 2939 116.24 -7.61 -64.18
CA LEU D 2939 117.14 -8.60 -63.59
C LEU D 2939 118.46 -8.66 -64.34
N ARG D 2940 118.40 -8.80 -65.67
CA ARG D 2940 119.63 -8.88 -66.46
C ARG D 2940 120.47 -7.62 -66.29
N GLY D 2941 119.82 -6.46 -66.21
CA GLY D 2941 120.54 -5.23 -65.96
C GLY D 2941 121.22 -5.21 -64.60
N ILE D 2942 120.52 -5.67 -63.57
CA ILE D 2942 121.10 -5.71 -62.22
C ILE D 2942 122.30 -6.63 -62.19
N PHE D 2943 122.19 -7.80 -62.82
CA PHE D 2943 123.31 -8.74 -62.82
C PHE D 2943 124.54 -8.12 -63.47
N THR D 2944 124.37 -7.55 -64.65
CA THR D 2944 125.47 -6.89 -65.33
C THR D 2944 125.92 -5.62 -64.62
N SER D 2945 125.17 -5.15 -63.64
CA SER D 2945 125.42 -3.87 -63.01
C SER D 2945 125.60 -3.92 -61.51
N GLU D 2946 124.95 -4.85 -60.81
CA GLU D 2946 124.99 -4.86 -59.35
C GLU D 2946 125.71 -6.06 -58.78
N ILE D 2947 125.29 -7.28 -59.11
CA ILE D 2947 125.83 -8.47 -58.46
C ILE D 2947 126.83 -9.19 -59.36
N GLY D 2948 126.51 -9.36 -60.64
CA GLY D 2948 127.40 -10.09 -61.52
C GLY D 2948 128.68 -9.30 -61.75
N THR D 2949 129.82 -9.95 -61.56
CA THR D 2949 131.11 -9.34 -61.82
C THR D 2949 132.04 -10.25 -62.59
N LYS D 2950 131.77 -11.54 -62.65
CA LYS D 2950 132.61 -12.47 -63.39
C LYS D 2950 132.27 -12.36 -64.87
N GLN D 2951 133.23 -11.87 -65.67
CA GLN D 2951 132.98 -11.64 -67.09
C GLN D 2951 132.46 -12.90 -67.75
N ILE D 2952 132.81 -14.05 -67.20
CA ILE D 2952 132.21 -15.33 -67.60
C ILE D 2952 130.70 -15.28 -67.44
N THR D 2953 130.21 -14.70 -66.34
CA THR D 2953 128.78 -14.68 -66.10
C THR D 2953 128.06 -13.74 -67.07
N GLN D 2954 128.60 -12.55 -67.31
CA GLN D 2954 127.95 -11.67 -68.27
C GLN D 2954 128.00 -12.27 -69.67
N SER D 2955 129.04 -13.04 -69.98
CA SER D 2955 129.05 -13.81 -71.21
C SER D 2955 127.88 -14.79 -71.22
N ALA D 2956 127.63 -15.44 -70.09
CA ALA D 2956 126.44 -16.26 -69.96
C ALA D 2956 125.17 -15.41 -70.06
N LEU D 2957 125.18 -14.22 -69.44
CA LEU D 2957 123.98 -13.39 -69.41
C LEU D 2957 123.59 -12.93 -70.82
N LEU D 2958 124.56 -12.48 -71.61
CA LEU D 2958 124.25 -11.95 -72.93
C LEU D 2958 123.74 -13.05 -73.86
N ALA D 2959 124.29 -14.25 -73.77
CA ALA D 2959 123.76 -15.37 -74.54
C ALA D 2959 122.32 -15.65 -74.17
N GLU D 2960 122.02 -15.59 -72.88
CA GLU D 2960 120.62 -15.61 -72.44
C GLU D 2960 119.84 -14.48 -73.08
N ALA D 2961 120.40 -13.27 -73.07
CA ALA D 2961 119.74 -12.15 -73.73
C ALA D 2961 119.50 -12.44 -75.21
N ARG D 2962 120.30 -13.32 -75.79
CA ARG D 2962 120.07 -13.75 -77.16
C ARG D 2962 119.42 -15.13 -77.22
N SER D 2963 118.62 -15.48 -76.21
CA SER D 2963 117.75 -16.65 -76.25
C SER D 2963 118.53 -17.95 -76.36
N ASP D 2964 119.63 -18.06 -75.62
CA ASP D 2964 120.37 -19.31 -75.55
C ASP D 2964 120.58 -19.68 -74.08
N TYR D 2965 120.62 -20.98 -73.82
CA TYR D 2965 120.66 -21.46 -72.45
C TYR D 2965 121.80 -22.43 -72.27
N SER D 2966 122.08 -23.21 -73.32
CA SER D 2966 123.17 -24.19 -73.25
C SER D 2966 124.51 -23.50 -73.06
N GLU D 2967 124.71 -22.37 -73.73
CA GLU D 2967 125.87 -21.53 -73.48
C GLU D 2967 125.93 -21.16 -72.01
N ALA D 2968 124.96 -20.35 -71.57
CA ALA D 2968 124.97 -19.83 -70.21
C ALA D 2968 125.09 -20.96 -69.20
N ALA D 2969 124.47 -22.10 -69.48
CA ALA D 2969 124.60 -23.26 -68.61
C ALA D 2969 126.06 -23.64 -68.45
N LYS D 2970 126.82 -23.63 -69.54
CA LYS D 2970 128.19 -24.11 -69.48
C LYS D 2970 129.04 -23.23 -68.58
N GLN D 2971 128.97 -21.91 -68.75
CA GLN D 2971 129.80 -21.04 -67.93
C GLN D 2971 129.44 -21.17 -66.45
N TYR D 2972 128.15 -21.21 -66.15
CA TYR D 2972 127.74 -21.27 -64.75
C TYR D 2972 128.09 -22.62 -64.14
N ASP D 2973 128.02 -23.69 -64.94
CA ASP D 2973 128.45 -25.00 -64.46
C ASP D 2973 129.94 -25.00 -64.15
N GLU D 2974 130.75 -24.46 -65.04
CA GLU D 2974 132.19 -24.40 -64.80
C GLU D 2974 132.58 -23.27 -63.86
N ALA D 2975 131.77 -22.22 -63.74
CA ALA D 2975 132.14 -21.12 -62.85
C ALA D 2975 132.20 -21.59 -61.41
N LEU D 2976 131.23 -22.39 -60.99
CA LEU D 2976 131.30 -23.01 -59.67
C LEU D 2976 132.37 -24.08 -59.59
N ASN D 2977 132.71 -24.69 -60.72
CA ASN D 2977 133.72 -25.76 -60.72
C ASN D 2977 135.09 -25.23 -60.31
N LYS D 2978 135.45 -24.04 -60.79
CA LYS D 2978 136.75 -23.44 -60.52
C LYS D 2978 136.54 -22.25 -59.59
N GLN D 2979 137.26 -22.25 -58.47
CA GLN D 2979 136.91 -21.39 -57.36
C GLN D 2979 137.77 -20.14 -57.22
N ASP D 2980 139.04 -20.21 -57.62
CA ASP D 2980 139.87 -19.01 -57.60
C ASP D 2980 139.61 -18.17 -58.85
N TRP D 2981 139.51 -16.87 -58.67
CA TRP D 2981 139.13 -15.99 -59.77
C TRP D 2981 139.92 -14.71 -59.69
N VAL D 2982 140.79 -14.50 -60.68
CA VAL D 2982 141.51 -13.24 -60.78
C VAL D 2982 140.63 -12.15 -61.36
N ASP D 2983 139.50 -12.51 -61.98
CA ASP D 2983 138.52 -11.54 -62.45
C ASP D 2983 137.61 -11.06 -61.34
N GLY D 2984 138.06 -11.18 -60.09
CA GLY D 2984 137.24 -10.81 -58.96
C GLY D 2984 136.71 -12.06 -58.29
N GLU D 2985 137.11 -12.30 -57.06
CA GLU D 2985 136.62 -13.48 -56.36
C GLU D 2985 135.15 -13.26 -56.03
N PRO D 2986 134.24 -14.07 -56.57
CA PRO D 2986 132.82 -13.83 -56.33
C PRO D 2986 132.45 -14.11 -54.88
N THR D 2987 131.46 -13.39 -54.39
CA THR D 2987 130.90 -13.70 -53.08
C THR D 2987 129.76 -14.70 -53.26
N GLU D 2988 129.08 -15.00 -52.15
CA GLU D 2988 128.05 -16.04 -52.17
C GLU D 2988 126.95 -15.71 -53.18
N ALA D 2989 126.56 -14.44 -53.25
CA ALA D 2989 125.37 -14.08 -54.02
C ALA D 2989 125.55 -14.36 -55.50
N GLU D 2990 126.73 -14.09 -56.05
CA GLU D 2990 126.96 -14.39 -57.47
C GLU D 2990 126.85 -15.89 -57.70
N LYS D 2991 127.59 -16.68 -56.91
CA LYS D 2991 127.45 -18.12 -57.00
C LYS D 2991 126.01 -18.53 -56.82
N ASP D 2992 125.32 -17.93 -55.85
CA ASP D 2992 123.90 -18.21 -55.66
C ASP D 2992 123.16 -18.04 -56.97
N PHE D 2993 123.43 -16.94 -57.67
CA PHE D 2993 122.83 -16.73 -58.98
C PHE D 2993 123.26 -17.80 -59.98
N TRP D 2994 124.47 -18.34 -59.83
CA TRP D 2994 124.95 -19.32 -60.79
C TRP D 2994 124.01 -20.52 -60.82
N GLU D 2995 123.59 -20.98 -59.64
CA GLU D 2995 122.60 -22.04 -59.61
C GLU D 2995 121.24 -21.52 -60.05
N LEU D 2996 120.94 -20.25 -59.75
CA LEU D 2996 119.69 -19.67 -60.18
C LEU D 2996 119.54 -19.76 -61.69
N ALA D 2997 120.54 -19.28 -62.42
CA ALA D 2997 120.48 -19.38 -63.87
C ALA D 2997 120.52 -20.81 -64.35
N SER D 2998 121.33 -21.66 -63.71
CA SER D 2998 121.45 -23.05 -64.13
C SER D 2998 120.12 -23.76 -64.05
N LEU D 2999 119.41 -23.61 -62.94
CA LEU D 2999 118.08 -24.19 -62.82
C LEU D 2999 117.14 -23.60 -63.86
N ASP D 3000 117.25 -22.30 -64.09
CA ASP D 3000 116.39 -21.64 -65.06
C ASP D 3000 116.60 -22.21 -66.46
N CYS D 3001 117.85 -22.24 -66.91
CA CYS D 3001 118.14 -22.76 -68.24
C CYS D 3001 117.76 -24.22 -68.35
N TYR D 3002 118.01 -25.00 -67.28
CA TYR D 3002 117.57 -26.38 -67.27
C TYR D 3002 116.06 -26.46 -67.36
N ASN D 3003 115.37 -25.61 -66.60
CA ASN D 3003 113.95 -25.40 -66.82
C ASN D 3003 113.70 -24.94 -68.25
N HIS D 3004 114.57 -24.07 -68.75
CA HIS D 3004 114.41 -23.53 -70.09
C HIS D 3004 114.71 -24.56 -71.17
N LEU D 3005 115.31 -25.69 -70.80
CA LEU D 3005 115.74 -26.68 -71.77
C LEU D 3005 115.10 -28.03 -71.46
N ALA D 3006 115.35 -28.98 -72.36
CA ALA D 3006 114.70 -30.28 -72.34
C ALA D 3006 115.52 -31.33 -71.58
N GLU D 3007 116.65 -30.95 -71.00
CA GLU D 3007 117.50 -31.89 -70.29
C GLU D 3007 117.26 -31.72 -68.79
N TRP D 3008 116.20 -32.34 -68.30
CA TRP D 3008 115.91 -32.20 -66.88
C TRP D 3008 116.63 -33.25 -66.05
N LYS D 3009 117.29 -34.22 -66.68
CA LYS D 3009 118.29 -35.01 -65.98
C LYS D 3009 119.31 -34.09 -65.32
N SER D 3010 119.77 -33.10 -66.09
CA SER D 3010 120.65 -32.07 -65.54
C SER D 3010 119.94 -31.29 -64.44
N LEU D 3011 118.67 -30.94 -64.66
CA LEU D 3011 117.92 -30.17 -63.66
C LEU D 3011 117.84 -30.92 -62.35
N GLU D 3012 117.47 -32.21 -62.41
CA GLU D 3012 117.37 -33.00 -61.19
C GLU D 3012 118.73 -33.15 -60.52
N TYR D 3013 119.78 -33.37 -61.31
CA TYR D 3013 121.11 -33.58 -60.73
C TYR D 3013 121.56 -32.37 -59.94
N CYS D 3014 121.54 -31.19 -60.57
CA CYS D 3014 121.89 -29.98 -59.85
C CYS D 3014 120.88 -29.66 -58.78
N SER D 3015 119.64 -30.15 -58.90
CA SER D 3015 118.68 -30.04 -57.82
C SER D 3015 119.16 -30.83 -56.61
N THR D 3016 119.81 -31.96 -56.84
CA THR D 3016 120.32 -32.77 -55.74
C THR D 3016 121.66 -32.23 -55.26
N ALA D 3017 121.72 -30.92 -55.04
CA ALA D 3017 122.92 -30.32 -54.48
C ALA D 3017 122.62 -29.20 -53.48
N SER D 3018 121.35 -28.99 -53.11
CA SER D 3018 121.00 -27.85 -52.28
C SER D 3018 121.64 -27.92 -50.91
N ILE D 3019 121.82 -29.12 -50.38
CA ILE D 3019 122.50 -29.32 -49.10
C ILE D 3019 123.73 -30.17 -49.35
N ASP D 3020 123.56 -31.26 -50.09
CA ASP D 3020 124.65 -32.19 -50.32
C ASP D 3020 124.40 -32.94 -51.64
N SER D 3021 125.46 -33.57 -52.13
CA SER D 3021 125.39 -34.37 -53.34
C SER D 3021 125.86 -35.80 -53.15
N GLU D 3022 126.75 -36.07 -52.19
CA GLU D 3022 127.18 -37.44 -51.94
C GLU D 3022 126.00 -38.31 -51.52
N ASN D 3023 125.15 -37.77 -50.66
CA ASN D 3023 123.89 -38.37 -50.27
C ASN D 3023 122.79 -37.41 -50.67
N PRO D 3024 121.71 -37.90 -51.28
CA PRO D 3024 120.63 -37.00 -51.67
C PRO D 3024 120.14 -36.21 -50.48
N PRO D 3025 119.96 -34.89 -50.61
CA PRO D 3025 119.49 -34.09 -49.47
C PRO D 3025 118.15 -34.62 -48.99
N ASP D 3026 117.94 -34.53 -47.67
CA ASP D 3026 116.88 -35.28 -47.04
C ASP D 3026 115.51 -34.90 -47.58
N LEU D 3027 114.88 -35.82 -48.33
CA LEU D 3027 113.53 -35.62 -48.84
C LEU D 3027 112.55 -35.75 -47.70
N ASN D 3028 112.61 -34.81 -46.76
CA ASN D 3028 111.99 -35.01 -45.46
C ASN D 3028 111.26 -33.74 -45.08
N LYS D 3029 110.82 -33.69 -43.81
CA LYS D 3029 110.11 -32.54 -43.30
C LYS D 3029 111.00 -31.31 -43.23
N ILE D 3030 112.31 -31.50 -43.17
CA ILE D 3030 113.25 -30.37 -43.08
C ILE D 3030 113.52 -29.93 -44.51
N TRP D 3031 112.61 -29.14 -45.05
CA TRP D 3031 112.87 -28.36 -46.24
C TRP D 3031 112.37 -26.93 -46.16
N SER D 3032 111.51 -26.61 -45.20
CA SER D 3032 111.21 -25.22 -44.92
C SER D 3032 112.41 -24.50 -44.33
N GLU D 3033 113.09 -25.13 -43.39
CA GLU D 3033 114.25 -24.51 -42.76
C GLU D 3033 115.27 -24.02 -43.79
N PRO D 3034 115.58 -24.76 -44.86
CA PRO D 3034 116.19 -24.08 -46.00
C PRO D 3034 115.12 -23.24 -46.67
N PHE D 3035 115.15 -21.94 -46.39
CA PHE D 3035 114.07 -21.07 -46.81
C PHE D 3035 114.19 -20.66 -48.25
N TYR D 3036 115.32 -20.97 -48.88
CA TYR D 3036 115.54 -20.70 -50.29
C TYR D 3036 115.60 -21.97 -51.11
N GLN D 3037 116.16 -23.04 -50.54
CA GLN D 3037 115.93 -24.36 -51.11
C GLN D 3037 114.45 -24.70 -51.11
N GLU D 3038 113.69 -24.13 -50.17
CA GLU D 3038 112.25 -24.01 -50.31
C GLU D 3038 111.88 -23.64 -51.73
N THR D 3039 112.44 -22.55 -52.23
CA THR D 3039 112.06 -22.03 -53.53
C THR D 3039 112.39 -23.02 -54.64
N TYR D 3040 113.47 -23.77 -54.50
CA TYR D 3040 113.82 -24.71 -55.55
C TYR D 3040 113.01 -25.98 -55.48
N LEU D 3041 112.36 -26.22 -54.35
CA LEU D 3041 111.49 -27.39 -54.23
C LEU D 3041 110.47 -27.48 -55.35
N PRO D 3042 109.77 -26.39 -55.73
CA PRO D 3042 108.96 -26.47 -56.95
C PRO D 3042 109.75 -26.94 -58.15
N TYR D 3043 110.94 -26.40 -58.34
CA TYR D 3043 111.80 -26.84 -59.44
C TYR D 3043 112.25 -28.27 -59.22
N MET D 3044 112.60 -28.60 -57.98
CA MET D 3044 112.99 -29.96 -57.67
C MET D 3044 111.87 -30.94 -58.04
N ILE D 3045 110.67 -30.68 -57.54
CA ILE D 3045 109.58 -31.63 -57.76
C ILE D 3045 109.16 -31.64 -59.23
N ARG D 3046 109.21 -30.48 -59.89
CA ARG D 3046 108.87 -30.43 -61.31
C ARG D 3046 109.79 -31.34 -62.12
N SER D 3047 111.09 -31.26 -61.86
CA SER D 3047 112.02 -32.17 -62.52
C SER D 3047 111.59 -33.61 -62.32
N LYS D 3048 111.33 -33.99 -61.07
CA LYS D 3048 110.93 -35.35 -60.77
C LYS D 3048 109.67 -35.73 -61.54
N LEU D 3049 108.66 -34.86 -61.51
CA LEU D 3049 107.38 -35.17 -62.14
C LEU D 3049 107.55 -35.42 -63.62
N LYS D 3050 108.23 -34.50 -64.31
CA LYS D 3050 108.46 -34.66 -65.73
C LYS D 3050 109.33 -35.86 -66.00
N LEU D 3051 110.12 -36.28 -65.02
CA LEU D 3051 110.81 -37.56 -65.13
C LEU D 3051 109.86 -38.70 -64.86
N LEU D 3052 108.91 -38.52 -63.95
CA LEU D 3052 107.89 -39.53 -63.73
C LEU D 3052 106.99 -39.67 -64.95
N LEU D 3053 106.77 -38.58 -65.67
CA LEU D 3053 105.63 -38.52 -66.57
C LEU D 3053 105.73 -39.56 -67.68
N GLN D 3054 106.94 -39.96 -68.04
CA GLN D 3054 107.19 -41.06 -68.96
C GLN D 3054 107.50 -42.36 -68.24
N GLY D 3055 107.34 -42.39 -66.93
CA GLY D 3055 107.63 -43.59 -66.16
C GLY D 3055 108.78 -43.42 -65.20
N GLU D 3056 108.48 -43.36 -63.90
CA GLU D 3056 109.51 -43.31 -62.87
C GLU D 3056 108.89 -43.81 -61.56
N ALA D 3057 109.20 -45.04 -61.20
CA ALA D 3057 108.67 -45.63 -59.97
C ALA D 3057 109.66 -45.46 -58.82
N ASP D 3058 110.03 -44.21 -58.57
CA ASP D 3058 111.01 -43.93 -57.52
C ASP D 3058 110.38 -44.01 -56.13
N GLN D 3059 109.16 -43.50 -55.99
CA GLN D 3059 108.42 -43.36 -54.74
C GLN D 3059 109.06 -42.35 -53.81
N SER D 3060 110.20 -41.75 -54.19
CA SER D 3060 110.90 -40.82 -53.30
C SER D 3060 110.01 -39.63 -52.98
N LEU D 3061 109.43 -39.00 -54.00
CA LEU D 3061 108.44 -37.96 -53.75
C LEU D 3061 107.16 -38.55 -53.17
N LEU D 3062 106.80 -39.76 -53.58
CA LEU D 3062 105.71 -40.45 -52.93
C LEU D 3062 106.03 -40.66 -51.46
N THR D 3063 107.29 -40.98 -51.16
CA THR D 3063 107.76 -40.96 -49.79
C THR D 3063 107.58 -39.57 -49.20
N PHE D 3064 107.92 -38.54 -49.96
CA PHE D 3064 107.90 -37.19 -49.43
C PHE D 3064 106.47 -36.74 -49.16
N ILE D 3065 105.52 -37.13 -50.02
CA ILE D 3065 104.16 -36.63 -49.88
C ILE D 3065 103.46 -37.23 -48.67
N ASP D 3066 103.62 -38.53 -48.44
CA ASP D 3066 103.04 -39.12 -47.25
C ASP D 3066 103.63 -38.47 -46.01
N LYS D 3067 104.91 -38.08 -46.07
CA LYS D 3067 105.45 -37.15 -45.10
C LYS D 3067 104.69 -35.83 -45.12
N ALA D 3068 104.46 -35.30 -46.32
CA ALA D 3068 103.73 -34.03 -46.44
C ALA D 3068 102.31 -34.16 -45.92
N MET D 3069 101.78 -35.38 -45.86
CA MET D 3069 100.51 -35.64 -45.19
C MET D 3069 100.66 -35.64 -43.68
N HIS D 3070 101.82 -35.22 -43.18
CA HIS D 3070 102.09 -35.20 -41.75
C HIS D 3070 102.93 -33.97 -41.46
N GLY D 3071 102.36 -33.02 -40.74
CA GLY D 3071 102.94 -31.70 -40.69
C GLY D 3071 102.11 -30.77 -41.54
N GLU D 3072 101.29 -29.94 -40.89
CA GLU D 3072 100.36 -29.09 -41.62
C GLU D 3072 101.08 -28.16 -42.58
N LEU D 3073 102.25 -27.65 -42.19
CA LEU D 3073 102.99 -26.75 -43.06
C LEU D 3073 103.44 -27.47 -44.33
N GLN D 3074 103.83 -28.74 -44.20
CA GLN D 3074 104.28 -29.51 -45.35
C GLN D 3074 103.22 -29.54 -46.43
N LYS D 3075 102.05 -30.06 -46.07
CA LYS D 3075 100.92 -30.04 -46.99
C LYS D 3075 100.50 -28.62 -47.34
N ALA D 3076 100.63 -27.68 -46.40
CA ALA D 3076 100.23 -26.30 -46.68
C ALA D 3076 101.07 -25.70 -47.78
N ILE D 3077 102.40 -25.75 -47.65
CA ILE D 3077 103.24 -25.12 -48.64
C ILE D 3077 103.08 -25.81 -49.99
N LEU D 3078 102.87 -27.13 -49.98
CA LEU D 3078 102.51 -27.82 -51.20
C LEU D 3078 101.23 -27.26 -51.79
N GLU D 3079 100.16 -27.29 -51.02
CA GLU D 3079 98.88 -26.87 -51.55
C GLU D 3079 98.89 -25.41 -51.94
N LEU D 3080 99.85 -24.64 -51.44
CA LEU D 3080 99.92 -23.23 -51.83
C LEU D 3080 99.84 -23.09 -53.34
N HIS D 3081 100.62 -23.88 -54.07
CA HIS D 3081 100.54 -23.81 -55.52
C HIS D 3081 100.70 -25.17 -56.21
N TYR D 3082 100.60 -26.30 -55.51
CA TYR D 3082 101.14 -27.51 -56.10
C TYR D 3082 100.26 -28.74 -55.88
N SER D 3083 99.03 -28.59 -55.41
CA SER D 3083 98.15 -29.73 -55.29
C SER D 3083 97.81 -30.32 -56.65
N GLN D 3084 97.78 -29.47 -57.69
CA GLN D 3084 97.48 -29.97 -59.03
C GLN D 3084 98.56 -30.95 -59.49
N GLU D 3085 99.81 -30.67 -59.17
CA GLU D 3085 100.88 -31.64 -59.40
C GLU D 3085 100.55 -32.94 -58.68
N LEU D 3086 100.06 -32.84 -57.45
CA LEU D 3086 99.65 -34.02 -56.70
C LEU D 3086 98.44 -34.70 -57.34
N SER D 3087 97.56 -33.94 -57.97
CA SER D 3087 96.45 -34.55 -58.68
C SER D 3087 96.97 -35.47 -59.79
N LEU D 3088 97.98 -34.99 -60.51
CA LEU D 3088 98.65 -35.85 -61.49
C LEU D 3088 99.25 -37.07 -60.82
N LEU D 3089 99.78 -36.89 -59.61
CA LEU D 3089 100.27 -38.04 -58.87
C LEU D 3089 99.14 -39.01 -58.60
N TYR D 3090 98.01 -38.51 -58.15
CA TYR D 3090 96.86 -39.39 -57.93
C TYR D 3090 96.37 -39.98 -59.23
N LEU D 3091 96.53 -39.25 -60.33
CA LEU D 3091 96.35 -39.88 -61.64
C LEU D 3091 97.28 -41.06 -61.79
N LEU D 3092 98.54 -40.91 -61.39
CA LEU D 3092 99.45 -42.05 -61.40
C LEU D 3092 98.99 -43.14 -60.46
N GLN D 3093 98.54 -42.76 -59.25
CA GLN D 3093 97.93 -43.77 -58.39
C GLN D 3093 96.56 -44.19 -58.88
N ASP D 3094 96.11 -43.66 -60.02
CA ASP D 3094 94.91 -44.16 -60.70
C ASP D 3094 93.69 -44.09 -59.80
N ASP D 3095 93.58 -43.04 -59.01
CA ASP D 3095 92.42 -42.88 -58.15
C ASP D 3095 92.16 -41.39 -57.96
N VAL D 3096 91.10 -40.90 -58.59
CA VAL D 3096 90.77 -39.48 -58.60
C VAL D 3096 90.00 -39.04 -57.37
N ASP D 3097 89.69 -39.96 -56.45
CA ASP D 3097 88.87 -39.68 -55.27
C ASP D 3097 89.25 -38.38 -54.58
N ARG D 3098 90.46 -38.31 -54.05
CA ARG D 3098 90.95 -37.09 -53.40
C ARG D 3098 91.69 -36.18 -54.36
N ALA D 3099 92.11 -36.70 -55.51
CA ALA D 3099 92.69 -35.84 -56.54
C ALA D 3099 91.72 -34.75 -56.94
N LYS D 3100 90.48 -35.14 -57.24
CA LYS D 3100 89.52 -34.18 -57.77
C LYS D 3100 89.29 -33.05 -56.79
N TYR D 3101 89.18 -33.38 -55.50
CA TYR D 3101 89.03 -32.33 -54.51
C TYR D 3101 90.26 -31.45 -54.45
N TYR D 3102 91.44 -32.06 -54.48
CA TYR D 3102 92.68 -31.29 -54.49
C TYR D 3102 92.72 -30.40 -55.72
N ILE D 3103 92.16 -30.89 -56.82
CA ILE D 3103 92.01 -30.05 -58.01
C ILE D 3103 91.09 -28.88 -57.72
N GLN D 3104 89.91 -29.16 -57.17
CA GLN D 3104 88.96 -28.09 -56.85
C GLN D 3104 89.63 -27.04 -56.01
N ASN D 3105 90.47 -27.47 -55.07
CA ASN D 3105 91.31 -26.54 -54.33
C ASN D 3105 92.18 -25.73 -55.27
N GLY D 3106 92.73 -26.38 -56.29
CA GLY D 3106 93.60 -25.68 -57.22
C GLY D 3106 92.89 -24.59 -57.98
N ILE D 3107 91.70 -24.89 -58.51
CA ILE D 3107 90.90 -23.84 -59.12
C ILE D 3107 90.64 -22.74 -58.11
N GLN D 3108 90.24 -23.14 -56.91
CA GLN D 3108 90.13 -22.17 -55.82
C GLN D 3108 91.41 -21.37 -55.70
N SER D 3109 92.50 -22.05 -55.33
CA SER D 3109 93.79 -21.39 -55.13
C SER D 3109 94.08 -20.37 -56.22
N PHE D 3110 94.04 -20.82 -57.48
CA PHE D 3110 94.27 -19.88 -58.57
C PHE D 3110 93.20 -18.80 -58.62
N MET D 3111 91.96 -19.12 -58.25
CA MET D 3111 90.92 -18.10 -58.24
C MET D 3111 91.26 -16.97 -57.29
N GLN D 3112 91.57 -17.29 -56.03
CA GLN D 3112 91.94 -16.22 -55.11
C GLN D 3112 93.22 -15.57 -55.57
N ASN D 3113 94.09 -16.34 -56.21
CA ASN D 3113 95.32 -15.80 -56.76
C ASN D 3113 94.97 -14.66 -57.69
N TYR D 3114 94.30 -14.97 -58.82
CA TYR D 3114 94.01 -13.93 -59.81
C TYR D 3114 93.36 -12.71 -59.19
N SER D 3115 92.33 -12.94 -58.37
CA SER D 3115 91.65 -11.82 -57.74
C SER D 3115 92.62 -10.99 -56.92
N SER D 3116 93.64 -11.62 -56.34
CA SER D 3116 94.65 -10.88 -55.61
C SER D 3116 95.48 -10.02 -56.53
N ILE D 3117 95.86 -10.54 -57.71
CA ILE D 3117 96.61 -9.74 -58.66
C ILE D 3117 95.82 -8.53 -59.12
N ASP D 3118 96.46 -7.37 -59.09
CA ASP D 3118 95.90 -6.16 -59.65
C ASP D 3118 95.92 -6.20 -61.17
N VAL D 3119 95.12 -5.33 -61.78
CA VAL D 3119 94.96 -5.37 -63.23
C VAL D 3119 96.27 -5.10 -63.94
N LEU D 3120 97.13 -4.26 -63.38
CA LEU D 3120 98.29 -3.80 -64.13
C LEU D 3120 99.43 -4.81 -64.13
N LEU D 3121 99.29 -5.92 -63.41
CA LEU D 3121 100.28 -7.00 -63.46
C LEU D 3121 100.03 -7.88 -64.68
N HIS D 3122 100.03 -7.22 -65.84
CA HIS D 3122 99.53 -7.85 -67.06
C HIS D 3122 100.34 -9.10 -67.40
N GLN D 3123 101.66 -8.95 -67.53
CA GLN D 3123 102.47 -10.07 -67.99
C GLN D 3123 102.35 -11.24 -67.04
N SER D 3124 102.39 -10.98 -65.74
CA SER D 3124 102.13 -12.02 -64.77
C SER D 3124 100.67 -12.44 -64.80
N ARG D 3125 99.76 -11.50 -65.05
CA ARG D 3125 98.37 -11.88 -65.24
C ARG D 3125 98.26 -12.90 -66.36
N LEU D 3126 98.94 -12.65 -67.48
CA LEU D 3126 99.11 -13.70 -68.47
C LEU D 3126 99.59 -14.98 -67.80
N THR D 3127 100.78 -14.94 -67.19
CA THR D 3127 101.40 -16.15 -66.67
C THR D 3127 100.42 -16.93 -65.81
N LYS D 3128 99.64 -16.22 -64.99
CA LYS D 3128 98.53 -16.85 -64.30
C LYS D 3128 97.61 -17.54 -65.28
N LEU D 3129 97.26 -16.85 -66.36
CA LEU D 3129 96.21 -17.35 -67.25
C LEU D 3129 96.59 -18.68 -67.87
N GLN D 3130 97.82 -18.80 -68.37
CA GLN D 3130 98.17 -20.01 -69.09
C GLN D 3130 98.12 -21.23 -68.18
N SER D 3131 98.12 -21.05 -66.87
CA SER D 3131 98.07 -22.18 -65.97
C SER D 3131 96.63 -22.65 -65.77
N VAL D 3132 95.89 -22.84 -66.86
CA VAL D 3132 94.54 -23.40 -66.75
C VAL D 3132 94.37 -24.55 -67.73
N GLN D 3133 95.15 -24.55 -68.82
CA GLN D 3133 95.00 -25.59 -69.81
C GLN D 3133 95.23 -26.97 -69.20
N ALA D 3134 96.35 -27.14 -68.49
CA ALA D 3134 96.65 -28.42 -67.89
C ALA D 3134 95.52 -28.86 -66.96
N LEU D 3135 95.08 -27.96 -66.09
CA LEU D 3135 93.95 -28.27 -65.21
C LEU D 3135 92.73 -28.64 -66.04
N THR D 3136 92.45 -27.87 -67.09
CA THR D 3136 91.34 -28.18 -67.98
C THR D 3136 91.57 -29.49 -68.71
N GLU D 3137 92.78 -29.69 -69.23
CA GLU D 3137 93.09 -30.94 -69.92
C GLU D 3137 92.91 -32.14 -68.98
N ILE D 3138 93.30 -31.99 -67.72
CA ILE D 3138 93.13 -33.09 -66.77
C ILE D 3138 91.66 -33.33 -66.49
N GLN D 3139 90.92 -32.26 -66.20
CA GLN D 3139 89.56 -32.42 -65.69
C GLN D 3139 88.68 -33.15 -66.70
N GLU D 3140 88.82 -32.82 -67.98
CA GLU D 3140 88.01 -33.45 -69.00
C GLU D 3140 88.24 -34.96 -69.05
N PHE D 3141 89.50 -35.39 -68.92
CA PHE D 3141 89.76 -36.81 -68.83
C PHE D 3141 89.12 -37.41 -67.59
N ILE D 3142 89.13 -36.68 -66.49
CA ILE D 3142 88.46 -37.14 -65.29
C ILE D 3142 87.00 -37.41 -65.59
N SER D 3143 86.35 -36.45 -66.25
CA SER D 3143 85.01 -36.71 -66.76
C SER D 3143 85.01 -37.78 -67.84
N PHE D 3144 86.03 -37.77 -68.71
CA PHE D 3144 86.14 -38.84 -69.70
C PHE D 3144 86.18 -40.19 -69.03
N ILE D 3145 87.13 -40.38 -68.11
CA ILE D 3145 87.21 -41.64 -67.41
C ILE D 3145 86.03 -41.82 -66.47
N SER D 3146 85.35 -40.73 -66.10
CA SER D 3146 84.21 -40.83 -65.20
C SER D 3146 83.09 -41.67 -65.81
N LYS D 3147 83.03 -41.74 -67.13
CA LYS D 3147 81.96 -42.47 -67.82
C LYS D 3147 82.61 -43.51 -68.72
N GLN D 3148 82.33 -44.78 -68.45
CA GLN D 3148 82.96 -45.87 -69.16
C GLN D 3148 82.48 -45.97 -70.61
N GLY D 3149 81.31 -45.43 -70.91
CA GLY D 3149 80.89 -45.36 -72.30
C GLY D 3149 81.83 -44.55 -73.16
N ASN D 3150 82.60 -43.64 -72.55
CA ASN D 3150 83.62 -42.91 -73.30
C ASN D 3150 84.66 -43.86 -73.86
N LEU D 3151 85.13 -44.79 -73.05
CA LEU D 3151 86.07 -45.81 -73.49
C LEU D 3151 85.39 -46.98 -74.19
N SER D 3152 84.06 -47.03 -74.17
CA SER D 3152 83.36 -48.09 -74.89
C SER D 3152 83.64 -48.01 -76.38
N SER D 3153 83.66 -46.80 -76.93
CA SER D 3153 83.97 -46.59 -78.33
C SER D 3153 84.99 -45.48 -78.44
N GLN D 3154 85.69 -45.46 -79.57
CA GLN D 3154 86.64 -44.38 -79.84
C GLN D 3154 85.94 -43.07 -80.18
N VAL D 3155 84.63 -43.10 -80.42
CA VAL D 3155 83.93 -41.88 -80.83
C VAL D 3155 84.08 -40.76 -79.82
N PRO D 3156 83.86 -40.97 -78.51
CA PRO D 3156 84.13 -39.88 -77.56
C PRO D 3156 85.56 -39.38 -77.66
N LEU D 3157 86.49 -40.30 -77.89
CA LEU D 3157 87.87 -39.92 -78.13
C LEU D 3157 87.97 -39.08 -79.39
N LYS D 3158 87.26 -39.48 -80.44
CA LYS D 3158 87.32 -38.75 -81.71
C LYS D 3158 86.91 -37.31 -81.53
N ARG D 3159 85.74 -37.08 -80.96
CA ARG D 3159 85.29 -35.71 -80.76
C ARG D 3159 86.21 -34.99 -79.78
N LEU D 3160 86.73 -35.71 -78.78
CA LEU D 3160 87.67 -35.10 -77.85
C LEU D 3160 88.88 -34.55 -78.58
N LEU D 3161 89.55 -35.40 -79.36
CA LEU D 3161 90.72 -34.96 -80.09
C LEU D 3161 90.37 -33.92 -81.14
N ASN D 3162 89.16 -34.00 -81.71
CA ASN D 3162 88.74 -33.00 -82.68
C ASN D 3162 88.76 -31.62 -82.07
N THR D 3163 88.29 -31.49 -80.83
CA THR D 3163 88.46 -30.24 -80.11
C THR D 3163 89.94 -29.96 -79.87
N TRP D 3164 90.70 -31.00 -79.56
CA TRP D 3164 92.08 -30.83 -79.10
C TRP D 3164 92.97 -30.31 -80.21
N THR D 3165 92.85 -30.87 -81.41
CA THR D 3165 93.63 -30.36 -82.52
C THR D 3165 93.37 -28.88 -82.74
N ASN D 3166 92.16 -28.42 -82.45
CA ASN D 3166 91.89 -27.00 -82.44
C ASN D 3166 92.36 -26.33 -81.15
N ARG D 3167 92.57 -27.10 -80.10
CA ARG D 3167 92.87 -26.56 -78.78
C ARG D 3167 94.38 -26.53 -78.57
N TYR D 3168 94.94 -25.34 -78.51
CA TYR D 3168 96.34 -25.10 -78.22
C TYR D 3168 96.56 -23.60 -78.05
N PRO D 3169 97.55 -23.18 -77.28
CA PRO D 3169 97.75 -21.75 -77.04
C PRO D 3169 98.37 -21.02 -78.22
N ASP D 3170 98.67 -19.74 -78.04
CA ASP D 3170 99.31 -18.97 -79.10
C ASP D 3170 100.82 -19.13 -79.02
N ALA D 3171 101.45 -19.31 -80.19
CA ALA D 3171 102.88 -19.50 -80.26
C ALA D 3171 103.65 -18.19 -80.15
N LYS D 3172 102.96 -17.06 -80.08
CA LYS D 3172 103.60 -15.77 -79.88
C LYS D 3172 103.42 -15.23 -78.48
N MET D 3173 102.54 -15.84 -77.67
CA MET D 3173 102.43 -15.48 -76.27
C MET D 3173 103.12 -16.52 -75.38
N ASP D 3174 102.72 -17.76 -75.52
CA ASP D 3174 103.16 -18.84 -74.65
C ASP D 3174 104.63 -19.17 -74.93
N PRO D 3175 105.52 -19.04 -73.95
CA PRO D 3175 106.87 -19.59 -74.12
C PRO D 3175 106.87 -21.10 -73.98
N MET D 3176 107.88 -21.71 -74.59
CA MET D 3176 107.80 -23.13 -74.90
C MET D 3176 107.71 -23.99 -73.66
N ASN D 3177 108.13 -23.45 -72.52
CA ASN D 3177 108.11 -24.19 -71.27
C ASN D 3177 106.70 -24.69 -70.94
N ILE D 3178 105.71 -23.82 -71.07
CA ILE D 3178 104.34 -24.26 -70.85
C ILE D 3178 103.89 -25.19 -71.96
N TRP D 3179 104.30 -24.90 -73.20
CA TRP D 3179 104.06 -25.85 -74.27
C TRP D 3179 104.62 -27.21 -73.90
N ASP D 3180 105.86 -27.22 -73.40
CA ASP D 3180 106.47 -28.47 -72.98
C ASP D 3180 105.54 -29.20 -72.03
N ASP D 3181 105.07 -28.52 -71.00
CA ASP D 3181 104.24 -29.16 -69.99
C ASP D 3181 102.99 -29.77 -70.60
N ILE D 3182 102.23 -28.97 -71.35
CA ILE D 3182 100.88 -29.36 -71.72
C ILE D 3182 100.89 -30.53 -72.70
N ILE D 3183 101.74 -30.47 -73.74
CA ILE D 3183 101.81 -31.60 -74.67
C ILE D 3183 102.33 -32.84 -73.97
N THR D 3184 103.30 -32.70 -73.07
CA THR D 3184 103.75 -33.86 -72.30
C THR D 3184 102.63 -34.44 -71.45
N ASN D 3185 101.74 -33.59 -70.94
CA ASN D 3185 100.54 -34.13 -70.31
C ASN D 3185 99.69 -34.86 -71.33
N ARG D 3186 99.55 -34.31 -72.53
CA ARG D 3186 98.71 -34.92 -73.54
C ARG D 3186 99.24 -36.29 -73.95
N CYS D 3187 100.56 -36.42 -74.11
CA CYS D 3187 101.12 -37.72 -74.49
C CYS D 3187 101.00 -38.73 -73.36
N PHE D 3188 101.26 -38.30 -72.13
CA PHE D 3188 101.02 -39.18 -70.99
C PHE D 3188 99.56 -39.57 -70.92
N PHE D 3189 98.67 -38.62 -71.20
CA PHE D 3189 97.27 -38.96 -71.38
C PHE D 3189 97.10 -40.01 -72.47
N LEU D 3190 97.73 -39.78 -73.63
CA LEU D 3190 97.68 -40.77 -74.70
C LEU D 3190 98.17 -42.12 -74.22
N SER D 3191 99.19 -42.13 -73.36
CA SER D 3191 99.58 -43.36 -72.71
C SER D 3191 98.41 -43.97 -71.97
N LYS D 3192 97.75 -43.18 -71.12
CA LYS D 3192 96.61 -43.68 -70.36
C LYS D 3192 95.57 -44.31 -71.27
N ILE D 3193 95.41 -43.77 -72.47
CA ILE D 3193 94.37 -44.23 -73.38
C ILE D 3193 94.58 -45.69 -73.77
N GLU D 3194 95.82 -46.05 -74.09
CA GLU D 3194 96.05 -47.35 -74.73
C GLU D 3194 95.61 -48.48 -73.82
N GLU D 3195 95.99 -48.42 -72.55
CA GLU D 3195 95.46 -49.35 -71.56
C GLU D 3195 94.07 -48.90 -71.13
N LYS D 3196 93.51 -49.61 -70.15
CA LYS D 3196 92.15 -49.36 -69.68
C LYS D 3196 91.15 -49.50 -70.83
N LEU D 3197 91.45 -50.40 -71.76
CA LEU D 3197 90.60 -50.61 -72.92
C LEU D 3197 90.55 -52.09 -73.31
N ASP D 3226 96.12 -49.40 -85.57
CA ASP D 3226 94.85 -48.71 -85.38
C ASP D 3226 94.93 -47.73 -84.23
N ILE D 3227 94.24 -48.07 -83.14
CA ILE D 3227 94.12 -47.14 -82.00
C ILE D 3227 95.50 -46.69 -81.55
N SER D 3228 96.45 -47.63 -81.48
CA SER D 3228 97.83 -47.24 -81.18
C SER D 3228 98.40 -46.35 -82.27
N SER D 3229 98.12 -46.67 -83.53
CA SER D 3229 98.57 -45.82 -84.62
C SER D 3229 97.92 -44.44 -84.52
N LEU D 3230 96.63 -44.41 -84.17
CA LEU D 3230 95.95 -43.13 -83.99
C LEU D 3230 96.65 -42.29 -82.93
N ILE D 3231 96.84 -42.85 -81.75
CA ILE D 3231 97.47 -42.08 -80.67
C ILE D 3231 98.91 -41.76 -81.02
N ARG D 3232 99.60 -42.67 -81.71
CA ARG D 3232 100.94 -42.36 -82.18
C ARG D 3232 100.91 -41.21 -83.18
N SER D 3233 99.96 -41.23 -84.11
CA SER D 3233 99.81 -40.12 -85.04
C SER D 3233 99.45 -38.84 -84.29
N CYS D 3234 98.66 -38.97 -83.22
CA CYS D 3234 98.28 -37.79 -82.45
C CYS D 3234 99.49 -37.09 -81.89
N LYS D 3235 100.35 -37.82 -81.17
CA LYS D 3235 101.54 -37.22 -80.59
C LYS D 3235 102.51 -36.75 -81.67
N PHE D 3236 102.51 -37.43 -82.82
CA PHE D 3236 103.26 -36.92 -83.97
C PHE D 3236 102.83 -35.50 -84.30
N SER D 3237 101.52 -35.29 -84.46
CA SER D 3237 101.02 -33.94 -84.73
C SER D 3237 101.30 -33.00 -83.56
N MET D 3238 101.15 -33.50 -82.32
CA MET D 3238 101.42 -32.67 -81.16
C MET D 3238 102.83 -32.11 -81.21
N LYS D 3239 103.81 -33.00 -81.34
CA LYS D 3239 105.20 -32.57 -81.37
C LYS D 3239 105.50 -31.80 -82.65
N MET D 3240 104.77 -32.11 -83.72
CA MET D 3240 104.91 -31.36 -84.97
C MET D 3240 104.57 -29.89 -84.75
N LYS D 3241 103.43 -29.63 -84.11
CA LYS D 3241 103.11 -28.26 -83.75
C LYS D 3241 104.12 -27.70 -82.75
N MET D 3242 104.61 -28.54 -81.85
CA MET D 3242 105.59 -28.10 -80.86
C MET D 3242 106.80 -27.49 -81.56
N ILE D 3243 107.25 -28.10 -82.65
CA ILE D 3243 108.36 -27.54 -83.42
C ILE D 3243 107.95 -26.24 -84.10
N ASP D 3244 106.70 -26.15 -84.53
CA ASP D 3244 106.23 -24.95 -85.20
C ASP D 3244 106.37 -23.73 -84.30
N SER D 3245 105.95 -23.89 -83.04
CA SER D 3245 106.19 -22.84 -82.06
C SER D 3245 107.68 -22.65 -81.81
N ALA D 3246 108.48 -23.72 -81.94
CA ALA D 3246 109.91 -23.62 -81.65
C ALA D 3246 110.60 -22.68 -82.62
N ARG D 3247 110.43 -22.90 -83.93
CA ARG D 3247 111.05 -22.02 -84.91
C ARG D 3247 110.38 -20.64 -84.90
N LYS D 3248 109.07 -20.58 -84.68
CA LYS D 3248 108.43 -19.29 -84.53
C LYS D 3248 109.02 -18.52 -83.37
N GLN D 3249 109.33 -19.21 -82.27
CA GLN D 3249 110.10 -18.62 -81.20
C GLN D 3249 111.61 -18.73 -81.46
N ASN D 3250 112.00 -19.36 -82.57
CA ASN D 3250 113.41 -19.50 -82.92
C ASN D 3250 114.19 -20.19 -81.81
N ASN D 3251 113.69 -21.36 -81.41
CA ASN D 3251 114.37 -22.14 -80.39
C ASN D 3251 115.61 -22.79 -80.97
N PHE D 3252 116.25 -23.64 -80.17
CA PHE D 3252 117.60 -24.10 -80.44
C PHE D 3252 117.72 -25.55 -80.00
N SER D 3253 118.96 -25.99 -79.79
CA SER D 3253 119.35 -27.40 -79.67
C SER D 3253 118.41 -28.26 -78.84
N LEU D 3254 117.72 -27.65 -77.88
CA LEU D 3254 116.69 -28.40 -77.17
C LEU D 3254 115.68 -28.97 -78.15
N ALA D 3255 115.29 -28.19 -79.16
CA ALA D 3255 114.49 -28.72 -80.25
C ALA D 3255 115.29 -29.71 -81.09
N MET D 3256 116.58 -29.44 -81.29
CA MET D 3256 117.43 -30.35 -82.07
C MET D 3256 117.43 -31.75 -81.47
N LYS D 3257 117.57 -31.83 -80.16
CA LYS D 3257 117.44 -33.11 -79.47
C LYS D 3257 116.05 -33.69 -79.68
N LEU D 3258 115.03 -32.84 -79.62
CA LEU D 3258 113.66 -33.31 -79.85
C LEU D 3258 113.52 -33.93 -81.24
N LEU D 3259 114.03 -33.24 -82.26
CA LEU D 3259 113.92 -33.77 -83.62
C LEU D 3259 114.63 -35.10 -83.75
N LYS D 3260 115.85 -35.18 -83.24
CA LYS D 3260 116.63 -36.40 -83.38
C LYS D 3260 115.93 -37.58 -82.74
N GLU D 3261 115.41 -37.38 -81.51
CA GLU D 3261 114.71 -38.46 -80.83
C GLU D 3261 113.49 -38.92 -81.64
N LEU D 3262 112.65 -37.98 -82.05
CA LEU D 3262 111.48 -38.32 -82.83
C LEU D 3262 111.82 -38.92 -84.18
N HIS D 3263 113.04 -38.69 -84.68
CA HIS D 3263 113.40 -39.22 -85.98
C HIS D 3263 113.32 -40.73 -86.01
N LYS D 3264 113.66 -41.38 -84.89
CA LYS D 3264 113.58 -42.84 -84.81
C LYS D 3264 112.16 -43.30 -85.09
N GLU D 3265 111.19 -42.71 -84.42
CA GLU D 3265 109.79 -43.04 -84.66
C GLU D 3265 109.33 -42.51 -86.00
N SER D 3266 109.89 -41.38 -86.44
CA SER D 3266 109.53 -40.84 -87.73
C SER D 3266 109.87 -41.79 -88.86
N LYS D 3267 110.89 -42.63 -88.68
CA LYS D 3267 111.25 -43.59 -89.72
C LYS D 3267 110.14 -44.57 -90.04
N THR D 3268 109.23 -44.81 -89.10
CA THR D 3268 108.30 -45.92 -89.22
C THR D 3268 107.37 -45.78 -90.41
N ARG D 3269 107.28 -44.60 -91.01
CA ARG D 3269 106.49 -44.44 -92.21
C ARG D 3269 107.04 -43.27 -93.01
N ASP D 3270 107.05 -43.41 -94.34
CA ASP D 3270 107.68 -42.42 -95.20
C ASP D 3270 107.05 -41.04 -95.02
N ASP D 3271 105.75 -40.98 -94.74
CA ASP D 3271 105.09 -39.70 -94.56
C ASP D 3271 105.64 -38.98 -93.34
N TRP D 3272 105.67 -39.67 -92.20
CA TRP D 3272 106.30 -39.10 -91.01
C TRP D 3272 107.80 -38.98 -91.17
N LEU D 3273 108.42 -39.91 -91.91
CA LEU D 3273 109.82 -39.75 -92.27
C LEU D 3273 110.04 -38.43 -92.99
N VAL D 3274 109.26 -38.19 -94.05
CA VAL D 3274 109.38 -36.94 -94.78
C VAL D 3274 109.10 -35.76 -93.85
N SER D 3275 107.97 -35.80 -93.15
CA SER D 3275 107.59 -34.69 -92.29
C SER D 3275 108.74 -34.32 -91.35
N TRP D 3276 109.42 -35.32 -90.81
CA TRP D 3276 110.61 -35.06 -90.04
C TRP D 3276 111.69 -34.44 -90.91
N VAL D 3277 111.78 -34.88 -92.17
CA VAL D 3277 112.91 -34.51 -93.02
C VAL D 3277 112.96 -33.01 -93.25
N GLN D 3278 111.89 -32.44 -93.81
CA GLN D 3278 111.92 -31.00 -94.05
C GLN D 3278 112.00 -30.23 -92.74
N SER D 3279 111.30 -30.69 -91.71
CA SER D 3279 111.35 -30.04 -90.41
C SER D 3279 112.79 -29.85 -89.95
N TYR D 3280 113.61 -30.89 -90.12
CA TYR D 3280 115.04 -30.76 -89.90
C TYR D 3280 115.63 -29.62 -90.70
N CYS D 3281 115.38 -29.60 -92.02
CA CYS D 3281 116.08 -28.67 -92.89
C CYS D 3281 115.68 -27.23 -92.61
N ARG D 3282 114.37 -26.97 -92.56
CA ARG D 3282 113.90 -25.60 -92.39
C ARG D 3282 114.19 -25.06 -91.00
N LEU D 3283 114.39 -25.94 -90.02
CA LEU D 3283 114.96 -25.49 -88.76
C LEU D 3283 116.41 -25.05 -88.97
N SER D 3284 117.20 -25.88 -89.65
CA SER D 3284 118.57 -25.50 -89.94
C SER D 3284 118.62 -24.26 -90.84
N HIS D 3285 117.73 -24.20 -91.83
CA HIS D 3285 117.71 -23.06 -92.73
C HIS D 3285 117.32 -21.78 -92.00
N CYS D 3286 116.25 -21.84 -91.20
CA CYS D 3286 115.85 -20.65 -90.47
C CYS D 3286 116.91 -20.26 -89.45
N ARG D 3287 117.65 -21.23 -88.94
CA ARG D 3287 118.77 -20.94 -88.07
C ARG D 3287 119.92 -20.36 -88.89
N SER D 3288 119.96 -19.03 -88.98
CA SER D 3288 121.02 -18.30 -89.66
C SER D 3288 121.52 -17.26 -88.66
N ARG D 3289 122.46 -17.68 -87.81
CA ARG D 3289 122.84 -16.91 -86.63
C ARG D 3289 124.28 -16.39 -86.70
N SER D 3290 124.81 -16.22 -87.90
CA SER D 3290 126.15 -15.67 -88.08
C SER D 3290 126.23 -15.06 -89.48
N GLN D 3291 127.45 -14.67 -89.87
CA GLN D 3291 127.70 -14.07 -91.17
C GLN D 3291 128.59 -14.91 -92.07
N GLY D 3292 129.67 -15.47 -91.54
CA GLY D 3292 130.58 -16.26 -92.35
C GLY D 3292 130.54 -17.74 -92.06
N CYS D 3293 130.33 -18.09 -90.78
CA CYS D 3293 130.26 -19.50 -90.41
C CYS D 3293 128.89 -20.10 -90.66
N SER D 3294 127.86 -19.27 -90.82
CA SER D 3294 126.52 -19.80 -91.06
C SER D 3294 126.48 -20.62 -92.34
N GLU D 3295 127.13 -20.13 -93.40
CA GLU D 3295 127.21 -20.92 -94.62
C GLU D 3295 127.94 -22.23 -94.39
N GLN D 3296 129.03 -22.20 -93.61
CA GLN D 3296 129.74 -23.43 -93.28
C GLN D 3296 128.86 -24.39 -92.50
N VAL D 3297 128.18 -23.89 -91.46
CA VAL D 3297 127.32 -24.74 -90.65
C VAL D 3297 126.20 -25.31 -91.51
N LEU D 3298 125.64 -24.49 -92.41
CA LEU D 3298 124.58 -24.97 -93.28
C LEU D 3298 125.09 -26.08 -94.20
N THR D 3299 126.27 -25.88 -94.80
CA THR D 3299 126.81 -26.90 -95.69
C THR D 3299 127.07 -28.20 -94.96
N VAL D 3300 127.70 -28.14 -93.79
CA VAL D 3300 128.01 -29.37 -93.07
C VAL D 3300 126.73 -30.09 -92.67
N LEU D 3301 125.65 -29.34 -92.41
CA LEU D 3301 124.37 -29.98 -92.18
C LEU D 3301 123.72 -30.45 -93.48
N LYS D 3302 124.00 -29.77 -94.59
CA LYS D 3302 123.28 -30.04 -95.83
C LYS D 3302 123.48 -31.49 -96.27
N THR D 3303 124.71 -32.00 -96.16
CA THR D 3303 124.95 -33.39 -96.52
C THR D 3303 124.17 -34.34 -95.64
N VAL D 3304 123.90 -33.95 -94.40
CA VAL D 3304 123.13 -34.77 -93.47
C VAL D 3304 121.72 -34.23 -93.30
N SER D 3305 121.35 -33.20 -94.05
CA SER D 3305 120.02 -32.61 -93.98
C SER D 3305 119.01 -33.32 -94.87
N LEU D 3306 119.45 -34.27 -95.68
CA LEU D 3306 118.58 -34.98 -96.61
C LEU D 3306 118.64 -36.50 -96.35
N LEU D 3307 118.63 -36.90 -95.08
CA LEU D 3307 118.81 -38.29 -94.69
C LEU D 3307 120.07 -38.89 -95.31
N ASP D 3308 121.05 -38.03 -95.60
CA ASP D 3308 122.23 -38.40 -96.37
C ASP D 3308 121.84 -38.97 -97.73
N GLU D 3309 120.68 -38.58 -98.24
CA GLU D 3309 120.16 -39.10 -99.50
C GLU D 3309 119.54 -37.93 -100.26
N ASN D 3310 118.74 -38.22 -101.27
CA ASN D 3310 118.06 -37.20 -102.02
C ASN D 3310 116.72 -36.87 -101.37
N ASN D 3311 116.10 -35.79 -101.83
CA ASN D 3311 114.72 -35.51 -101.47
C ASN D 3311 113.80 -36.48 -102.18
N VAL D 3312 112.73 -36.90 -101.48
CA VAL D 3312 111.79 -37.85 -102.07
C VAL D 3312 111.02 -37.16 -103.19
N SER D 3313 110.72 -37.90 -104.25
CA SER D 3313 109.99 -37.37 -105.39
C SER D 3313 108.63 -38.01 -105.59
N SER D 3314 108.38 -39.17 -104.99
CA SER D 3314 107.09 -39.84 -105.16
C SER D 3314 106.08 -39.05 -104.37
N TYR D 3315 105.64 -37.94 -104.94
CA TYR D 3315 104.71 -37.04 -104.27
C TYR D 3315 103.40 -36.91 -105.00
N LEU D 3316 103.22 -37.62 -106.12
CA LEU D 3316 101.88 -37.80 -106.66
C LEU D 3316 101.01 -38.55 -105.66
N SER D 3317 101.59 -39.52 -104.96
CA SER D 3317 100.96 -40.16 -103.81
C SER D 3317 101.27 -39.44 -102.51
N LYS D 3318 102.21 -38.50 -102.53
CA LYS D 3318 102.66 -37.83 -101.32
C LYS D 3318 102.72 -36.32 -101.53
N ASN D 3319 101.64 -35.76 -102.07
CA ASN D 3319 101.39 -34.33 -102.05
C ASN D 3319 102.46 -33.54 -102.83
N ILE D 3320 102.35 -33.62 -104.15
CA ILE D 3320 103.09 -32.75 -105.08
C ILE D 3320 103.13 -31.32 -104.55
N LEU D 3321 102.10 -30.90 -103.83
CA LEU D 3321 102.19 -29.64 -103.09
C LEU D 3321 103.45 -29.60 -102.22
N ALA D 3322 103.74 -30.69 -101.51
CA ALA D 3322 104.99 -30.77 -100.76
C ALA D 3322 106.18 -30.99 -101.68
N PHE D 3323 105.95 -31.46 -102.90
CA PHE D 3323 107.04 -31.55 -103.87
C PHE D 3323 107.59 -30.17 -104.18
N ARG D 3324 106.70 -29.18 -104.32
CA ARG D 3324 107.11 -27.80 -104.40
C ARG D 3324 108.04 -27.47 -103.25
N ASP D 3325 107.64 -27.88 -102.04
CA ASP D 3325 108.37 -27.53 -100.84
C ASP D 3325 109.78 -28.10 -100.88
N GLN D 3326 109.91 -29.36 -101.32
CA GLN D 3326 111.22 -29.98 -101.36
C GLN D 3326 112.08 -29.36 -102.45
N ASN D 3327 111.46 -28.93 -103.55
CA ASN D 3327 112.17 -28.14 -104.54
C ASN D 3327 112.68 -26.84 -103.93
N ILE D 3328 111.83 -26.17 -103.13
CA ILE D 3328 112.26 -24.99 -102.40
C ILE D 3328 113.42 -25.36 -101.47
N LEU D 3329 113.28 -26.48 -100.75
CA LEU D 3329 114.36 -26.92 -99.87
C LEU D 3329 115.64 -27.16 -100.66
N LEU D 3330 115.52 -27.75 -101.85
CA LEU D 3330 116.69 -27.94 -102.70
C LEU D 3330 117.20 -26.61 -103.22
N GLY D 3331 116.31 -25.68 -103.53
CA GLY D 3331 116.71 -24.45 -104.19
C GLY D 3331 117.28 -23.38 -103.29
N THR D 3332 116.49 -22.93 -102.30
CA THR D 3332 116.88 -21.77 -101.51
C THR D 3332 118.17 -22.00 -100.74
N THR D 3333 118.47 -23.26 -100.39
CA THR D 3333 119.70 -23.53 -99.64
C THR D 3333 120.93 -23.16 -100.46
N TYR D 3334 120.94 -23.52 -101.74
CA TYR D 3334 122.05 -23.16 -102.61
C TYR D 3334 122.13 -21.66 -102.84
N ARG D 3335 120.97 -21.02 -103.03
CA ARG D 3335 120.96 -19.59 -103.29
C ARG D 3335 121.55 -18.80 -102.12
N ILE D 3336 121.17 -19.16 -100.89
CA ILE D 3336 121.63 -18.38 -99.76
C ILE D 3336 123.10 -18.66 -99.45
N ILE D 3337 123.58 -19.87 -99.73
CA ILE D 3337 125.02 -20.11 -99.62
C ILE D 3337 125.77 -19.29 -100.66
N ALA D 3338 125.25 -19.24 -101.89
CA ALA D 3338 125.82 -18.33 -102.88
C ALA D 3338 125.74 -16.89 -102.40
N ASN D 3339 124.66 -16.54 -101.71
CA ASN D 3339 124.55 -15.22 -101.10
C ASN D 3339 125.56 -15.03 -99.98
N ALA D 3340 125.70 -16.03 -99.11
CA ALA D 3340 126.61 -15.90 -97.98
C ALA D 3340 128.05 -15.76 -98.46
N LEU D 3341 128.44 -16.51 -99.49
CA LEU D 3341 129.74 -16.31 -100.10
C LEU D 3341 129.84 -14.96 -100.78
N SER D 3342 128.74 -14.49 -101.39
CA SER D 3342 128.74 -13.18 -102.01
C SER D 3342 129.00 -12.08 -100.99
N SER D 3343 128.48 -12.25 -99.77
CA SER D 3343 128.81 -11.34 -98.69
C SER D 3343 130.31 -11.38 -98.40
N GLU D 3344 130.87 -12.58 -98.32
CA GLU D 3344 132.30 -12.76 -98.07
C GLU D 3344 132.76 -14.14 -98.49
N PRO D 3345 133.74 -14.25 -99.37
CA PRO D 3345 134.23 -15.56 -99.82
C PRO D 3345 135.46 -16.09 -99.09
N ALA D 3346 136.10 -15.27 -98.27
CA ALA D 3346 137.32 -15.66 -97.60
C ALA D 3346 137.08 -16.40 -96.29
N CYS D 3347 135.82 -16.63 -95.94
CA CYS D 3347 135.45 -17.24 -94.67
C CYS D 3347 135.04 -18.69 -94.91
N LEU D 3348 135.91 -19.62 -94.51
CA LEU D 3348 135.61 -21.05 -94.49
C LEU D 3348 135.21 -21.59 -95.86
N ALA D 3349 135.64 -20.90 -96.92
CA ALA D 3349 135.47 -21.38 -98.28
C ALA D 3349 136.77 -21.52 -99.02
N GLU D 3350 137.78 -20.72 -98.66
CA GLU D 3350 139.11 -20.82 -99.22
C GLU D 3350 140.19 -20.98 -98.17
N ILE D 3351 139.86 -20.85 -96.89
CA ILE D 3351 140.82 -20.99 -95.81
C ILE D 3351 140.53 -22.26 -95.03
N GLU D 3352 139.87 -23.21 -95.69
CA GLU D 3352 139.42 -24.44 -95.06
C GLU D 3352 140.14 -25.63 -95.64
N GLU D 3353 140.18 -26.72 -94.86
CA GLU D 3353 140.66 -28.01 -95.34
C GLU D 3353 139.46 -28.86 -95.70
N ASP D 3354 138.89 -28.55 -96.87
CA ASP D 3354 137.76 -29.28 -97.42
C ASP D 3354 136.55 -29.27 -96.49
N LYS D 3355 136.51 -28.32 -95.55
CA LYS D 3355 135.42 -28.30 -94.58
C LYS D 3355 134.08 -28.00 -95.23
N ALA D 3356 134.09 -27.31 -96.37
CA ALA D 3356 132.87 -26.97 -97.08
C ALA D 3356 133.07 -27.12 -98.59
N ARG D 3357 133.88 -28.08 -98.99
CA ARG D 3357 134.18 -28.31 -100.40
C ARG D 3357 133.95 -29.77 -100.76
N ARG D 3358 134.06 -30.06 -102.05
CA ARG D 3358 133.90 -31.37 -102.68
C ARG D 3358 132.46 -31.86 -102.66
N ILE D 3359 131.55 -31.13 -102.01
CA ILE D 3359 130.13 -31.39 -102.15
C ILE D 3359 129.51 -30.10 -102.69
N LEU D 3360 130.18 -28.98 -102.43
CA LEU D 3360 129.77 -27.71 -103.02
C LEU D 3360 129.87 -27.76 -104.53
N GLU D 3361 130.96 -28.32 -105.05
CA GLU D 3361 131.09 -28.47 -106.49
C GLU D 3361 129.98 -29.37 -107.03
N LEU D 3362 129.62 -30.40 -106.27
CA LEU D 3362 128.43 -31.16 -106.58
C LEU D 3362 127.18 -30.29 -106.51
N SER D 3363 127.08 -29.46 -105.47
CA SER D 3363 125.91 -28.64 -105.25
C SER D 3363 125.96 -27.30 -105.94
N GLY D 3364 127.06 -27.00 -106.64
CA GLY D 3364 127.14 -25.78 -107.43
C GLY D 3364 127.78 -26.08 -108.77
N SER D 3365 128.39 -25.08 -109.39
CA SER D 3365 129.15 -25.32 -110.62
C SER D 3365 130.50 -25.88 -110.21
N SER D 3366 130.73 -27.15 -110.54
CA SER D 3366 131.93 -27.84 -110.09
C SER D 3366 133.19 -27.12 -110.57
N SER D 3367 133.93 -26.56 -109.61
CA SER D 3367 135.17 -25.87 -109.90
C SER D 3367 136.21 -26.29 -108.87
N GLU D 3368 137.47 -26.26 -109.25
CA GLU D 3368 138.48 -26.65 -108.27
C GLU D 3368 138.69 -25.62 -107.19
N ASP D 3369 137.88 -24.57 -107.20
CA ASP D 3369 137.90 -23.53 -106.20
C ASP D 3369 136.47 -23.24 -105.77
N SER D 3370 136.32 -22.27 -104.89
CA SER D 3370 135.00 -21.74 -104.56
C SER D 3370 135.05 -20.23 -104.82
N GLU D 3371 134.91 -19.86 -106.08
CA GLU D 3371 134.65 -18.48 -106.48
C GLU D 3371 133.60 -18.36 -107.57
N LYS D 3372 133.39 -19.39 -108.39
CA LYS D 3372 132.34 -19.38 -109.39
C LYS D 3372 131.43 -20.59 -109.25
N VAL D 3373 131.66 -21.45 -108.26
CA VAL D 3373 130.70 -22.47 -107.91
C VAL D 3373 129.39 -21.84 -107.44
N ILE D 3374 129.46 -20.61 -106.93
CA ILE D 3374 128.25 -19.88 -106.53
C ILE D 3374 127.40 -19.54 -107.75
N ALA D 3375 128.02 -19.35 -108.90
CA ALA D 3375 127.25 -19.16 -110.13
C ALA D 3375 126.39 -20.39 -110.40
N GLY D 3376 126.98 -21.58 -110.21
CA GLY D 3376 126.17 -22.78 -110.23
C GLY D 3376 125.19 -22.84 -109.08
N LEU D 3377 125.59 -22.33 -107.91
CA LEU D 3377 124.69 -22.28 -106.77
C LEU D 3377 123.46 -21.46 -107.09
N TYR D 3378 123.66 -20.25 -107.61
CA TYR D 3378 122.53 -19.39 -107.95
C TYR D 3378 121.67 -20.00 -109.05
N GLN D 3379 122.32 -20.51 -110.10
CA GLN D 3379 121.57 -21.02 -111.24
C GLN D 3379 120.76 -22.24 -110.86
N ARG D 3380 121.41 -23.29 -110.37
CA ARG D 3380 120.68 -24.51 -110.06
C ARG D 3380 119.61 -24.26 -108.99
N ALA D 3381 119.83 -23.30 -108.11
CA ALA D 3381 118.75 -22.86 -107.23
C ALA D 3381 117.59 -22.28 -108.04
N PHE D 3382 117.92 -21.51 -109.08
CA PHE D 3382 116.88 -20.93 -109.92
C PHE D 3382 115.97 -22.00 -110.51
N GLN D 3383 116.56 -23.11 -110.99
CA GLN D 3383 115.73 -24.15 -111.58
C GLN D 3383 114.98 -24.95 -110.51
N HIS D 3384 115.61 -25.20 -109.36
CA HIS D 3384 114.90 -25.89 -108.30
C HIS D 3384 113.70 -25.09 -107.83
N LEU D 3385 113.89 -23.79 -107.63
CA LEU D 3385 112.77 -22.92 -107.26
C LEU D 3385 111.79 -22.78 -108.42
N SER D 3386 112.28 -22.71 -109.65
CA SER D 3386 111.38 -22.71 -110.80
C SER D 3386 110.59 -24.01 -110.87
N GLU D 3387 111.23 -25.12 -110.50
CA GLU D 3387 110.55 -26.41 -110.48
C GLU D 3387 109.38 -26.39 -109.50
N ALA D 3388 109.58 -25.80 -108.32
CA ALA D 3388 108.48 -25.61 -107.39
C ALA D 3388 107.42 -24.70 -107.99
N VAL D 3389 107.83 -23.62 -108.64
CA VAL D 3389 106.88 -22.71 -109.28
C VAL D 3389 105.99 -23.46 -110.26
N GLN D 3390 106.59 -24.32 -111.08
CA GLN D 3390 105.78 -25.17 -111.95
C GLN D 3390 104.89 -26.08 -111.13
N ALA D 3391 105.43 -26.71 -110.09
CA ALA D 3391 104.61 -27.53 -109.22
C ALA D 3391 103.66 -26.69 -108.37
N ALA D 3392 103.85 -25.38 -108.31
CA ALA D 3392 103.00 -24.47 -107.56
C ALA D 3392 101.76 -24.04 -108.35
N GLU D 3393 101.34 -24.83 -109.33
CA GLU D 3393 100.23 -24.46 -110.18
C GLU D 3393 98.99 -25.29 -109.98
N GLU D 3394 99.04 -26.31 -109.11
CA GLU D 3394 97.84 -27.03 -108.76
C GLU D 3394 96.92 -26.15 -107.91
N GLU D 3395 95.63 -26.47 -107.93
CA GLU D 3395 94.66 -25.67 -107.20
C GLU D 3395 94.96 -25.70 -105.70
N ALA D 3396 94.90 -24.53 -105.08
CA ALA D 3396 95.16 -24.39 -103.65
C ALA D 3396 93.88 -24.06 -102.89
N ALA D 3406 98.42 -17.39 -98.86
CA ALA D 3406 97.88 -18.58 -98.22
C ALA D 3406 98.84 -19.75 -98.33
N ALA D 3407 98.84 -20.42 -99.48
CA ALA D 3407 99.70 -21.57 -99.69
C ALA D 3407 101.14 -21.12 -99.89
N GLY D 3408 102.01 -22.10 -100.10
CA GLY D 3408 103.39 -21.82 -100.42
C GLY D 3408 103.64 -21.36 -101.83
N VAL D 3409 102.57 -21.21 -102.61
CA VAL D 3409 102.69 -20.76 -103.99
C VAL D 3409 103.36 -19.40 -104.05
N ILE D 3410 102.94 -18.49 -103.15
CA ILE D 3410 103.60 -17.19 -103.05
C ILE D 3410 105.04 -17.35 -102.60
N ASP D 3411 105.28 -18.27 -101.66
CA ASP D 3411 106.62 -18.47 -101.12
C ASP D 3411 107.59 -18.90 -102.20
N ALA D 3412 107.16 -19.83 -103.06
CA ALA D 3412 108.00 -20.24 -104.18
C ALA D 3412 108.24 -19.08 -105.14
N TYR D 3413 107.19 -18.29 -105.42
CA TYR D 3413 107.35 -17.15 -106.33
C TYR D 3413 108.33 -16.14 -105.78
N MET D 3414 108.28 -15.89 -104.46
CA MET D 3414 109.12 -14.87 -103.87
C MET D 3414 110.59 -15.29 -103.86
N THR D 3415 110.85 -16.60 -103.79
CA THR D 3415 112.23 -17.08 -103.74
C THR D 3415 112.99 -16.65 -104.99
N LEU D 3416 112.34 -16.73 -106.16
CA LEU D 3416 112.94 -16.18 -107.37
C LEU D 3416 112.75 -14.67 -107.49
N ALA D 3417 111.76 -14.11 -106.79
CA ALA D 3417 111.62 -12.65 -106.79
C ALA D 3417 112.84 -11.99 -106.17
N ASP D 3418 113.23 -12.45 -104.98
CA ASP D 3418 114.45 -11.94 -104.37
C ASP D 3418 115.68 -12.37 -105.15
N PHE D 3419 115.62 -13.54 -105.78
CA PHE D 3419 116.67 -13.97 -106.69
C PHE D 3419 116.93 -12.89 -107.72
N CYS D 3420 115.94 -12.60 -108.56
CA CYS D 3420 116.09 -11.55 -109.56
C CYS D 3420 116.46 -10.22 -108.90
N ASP D 3421 115.99 -10.01 -107.68
CA ASP D 3421 116.36 -8.80 -106.94
C ASP D 3421 117.87 -8.78 -106.68
N GLN D 3422 118.46 -9.93 -106.36
CA GLN D 3422 119.86 -9.92 -105.97
C GLN D 3422 120.79 -9.68 -107.16
N GLN D 3423 120.42 -10.13 -108.36
CA GLN D 3423 121.25 -9.80 -109.52
C GLN D 3423 121.13 -8.33 -109.89
N LEU D 3424 119.91 -7.79 -109.86
CA LEU D 3424 119.71 -6.42 -110.31
C LEU D 3424 120.24 -5.40 -109.31
N ARG D 3425 120.22 -5.73 -108.02
CA ARG D 3425 120.61 -4.75 -107.01
C ARG D 3425 122.12 -4.51 -106.98
N LYS D 3426 122.92 -5.55 -107.22
CA LYS D 3426 124.37 -5.37 -107.16
C LYS D 3426 124.89 -4.44 -108.24
N GLU D 3427 124.06 -4.12 -109.24
CA GLU D 3427 124.44 -3.25 -110.34
C GLU D 3427 124.06 -1.79 -110.10
N GLU D 3428 123.48 -1.46 -108.95
CA GLU D 3428 123.05 -0.10 -108.66
C GLU D 3428 123.41 0.24 -107.22
N GLU D 3429 123.53 1.55 -106.96
CA GLU D 3429 123.75 2.06 -105.61
C GLU D 3429 122.76 1.49 -104.61
N ALA D 3441 116.12 -12.40 -119.13
CA ALA D 3441 114.67 -12.22 -119.08
C ALA D 3441 114.12 -12.42 -117.68
N TYR D 3442 114.98 -12.42 -116.66
CA TYR D 3442 114.53 -12.53 -115.28
C TYR D 3442 113.50 -11.48 -114.91
N PRO D 3443 113.66 -10.19 -115.25
CA PRO D 3443 112.61 -9.22 -114.91
C PRO D 3443 111.27 -9.57 -115.53
N ALA D 3444 111.26 -10.06 -116.76
CA ALA D 3444 110.00 -10.46 -117.37
C ALA D 3444 109.32 -11.57 -116.58
N LEU D 3445 110.05 -12.64 -116.30
CA LEU D 3445 109.43 -13.82 -115.70
C LEU D 3445 109.00 -13.55 -114.26
N VAL D 3446 109.79 -12.78 -113.50
CA VAL D 3446 109.47 -12.59 -112.09
C VAL D 3446 108.23 -11.72 -111.91
N VAL D 3447 108.12 -10.64 -112.68
CA VAL D 3447 107.00 -9.73 -112.48
C VAL D 3447 105.69 -10.43 -112.78
N GLU D 3448 105.72 -11.36 -113.74
CA GLU D 3448 104.59 -12.24 -113.96
C GLU D 3448 104.31 -13.08 -112.72
N LYS D 3449 105.37 -13.54 -112.05
CA LYS D 3449 105.20 -14.36 -110.86
C LYS D 3449 104.63 -13.57 -109.70
N MET D 3450 105.06 -12.32 -109.51
CA MET D 3450 104.39 -11.48 -108.53
C MET D 3450 102.98 -11.11 -108.96
N LEU D 3451 102.77 -10.86 -110.25
CA LEU D 3451 101.46 -10.48 -110.74
C LEU D 3451 100.45 -11.61 -110.57
N LYS D 3452 100.89 -12.86 -110.79
CA LYS D 3452 100.02 -14.01 -110.53
C LYS D 3452 99.96 -14.35 -109.04
N ALA D 3453 100.98 -13.97 -108.26
CA ALA D 3453 100.91 -14.17 -106.82
C ALA D 3453 99.96 -13.20 -106.16
N LEU D 3454 99.75 -12.03 -106.76
CA LEU D 3454 98.85 -11.04 -106.18
C LEU D 3454 97.40 -11.53 -106.15
N LYS D 3455 97.02 -12.41 -107.08
CA LYS D 3455 95.68 -12.99 -107.06
C LYS D 3455 95.44 -13.81 -105.80
N LEU D 3456 96.49 -14.20 -105.10
CA LEU D 3456 96.38 -14.77 -103.76
C LEU D 3456 96.58 -13.60 -102.80
N ASN D 3457 95.47 -13.05 -102.32
CA ASN D 3457 95.54 -11.84 -101.50
C ASN D 3457 96.25 -12.15 -100.19
N SER D 3458 97.47 -11.63 -100.04
CA SER D 3458 98.26 -11.85 -98.85
C SER D 3458 98.91 -10.53 -98.45
N ASN D 3459 99.28 -10.45 -97.17
CA ASN D 3459 99.94 -9.26 -96.67
C ASN D 3459 101.13 -8.89 -97.53
N GLU D 3460 102.01 -9.85 -97.80
CA GLU D 3460 103.16 -9.59 -98.64
C GLU D 3460 102.73 -9.16 -100.04
N ALA D 3461 101.74 -9.84 -100.62
CA ALA D 3461 101.31 -9.50 -101.97
C ALA D 3461 100.80 -8.06 -102.02
N ARG D 3462 100.09 -7.64 -100.97
CA ARG D 3462 99.77 -6.23 -100.82
C ARG D 3462 101.04 -5.38 -100.79
N LEU D 3463 102.12 -5.91 -100.23
CA LEU D 3463 103.35 -5.16 -100.02
C LEU D 3463 104.36 -5.38 -101.14
N LYS D 3464 104.05 -6.18 -102.15
CA LYS D 3464 104.99 -6.43 -103.23
C LYS D 3464 104.88 -5.40 -104.35
N PHE D 3465 103.96 -4.45 -104.21
CA PHE D 3465 103.84 -3.36 -105.20
C PHE D 3465 105.13 -2.56 -105.41
N PRO D 3466 105.89 -2.18 -104.37
CA PRO D 3466 107.10 -1.38 -104.63
C PRO D 3466 108.10 -2.05 -105.55
N ARG D 3467 108.25 -3.37 -105.46
CA ARG D 3467 109.18 -4.07 -106.35
C ARG D 3467 108.76 -3.88 -107.79
N LEU D 3468 107.46 -3.99 -108.06
CA LEU D 3468 106.96 -3.75 -109.40
C LEU D 3468 107.13 -2.30 -109.81
N LEU D 3469 106.86 -1.37 -108.89
CA LEU D 3469 106.92 0.04 -109.23
C LEU D 3469 108.33 0.49 -109.58
N GLN D 3470 109.33 -0.04 -108.87
CA GLN D 3470 110.71 0.28 -109.19
C GLN D 3470 111.20 -0.46 -110.43
N ILE D 3471 110.70 -1.67 -110.69
CA ILE D 3471 111.22 -2.45 -111.80
C ILE D 3471 110.62 -2.00 -113.13
N ILE D 3472 109.41 -1.44 -113.14
CA ILE D 3472 108.85 -0.95 -114.40
C ILE D 3472 109.67 0.22 -114.93
N GLU D 3473 110.10 1.10 -114.03
CA GLU D 3473 111.02 2.16 -114.45
C GLU D 3473 112.40 1.58 -114.76
N ARG D 3474 112.85 0.61 -113.97
CA ARG D 3474 114.10 -0.08 -114.27
C ARG D 3474 113.97 -0.89 -115.57
N TYR D 3475 112.86 -1.60 -115.74
CA TYR D 3475 112.61 -2.39 -116.95
C TYR D 3475 111.27 -1.96 -117.54
N PRO D 3476 111.32 -1.06 -118.54
CA PRO D 3476 110.12 -0.57 -119.22
C PRO D 3476 109.55 -1.60 -120.17
N GLU D 3477 109.93 -2.87 -119.99
CA GLU D 3477 109.46 -3.95 -120.84
C GLU D 3477 109.19 -5.22 -120.05
N GLU D 3478 109.58 -5.21 -118.78
CA GLU D 3478 109.39 -6.37 -117.91
C GLU D 3478 108.18 -6.20 -116.99
N THR D 3479 107.25 -5.35 -117.39
CA THR D 3479 106.04 -5.10 -116.60
C THR D 3479 104.94 -4.46 -117.42
N LEU D 3480 105.26 -3.37 -118.12
CA LEU D 3480 104.30 -2.66 -118.94
C LEU D 3480 103.53 -3.58 -119.89
N SER D 3481 104.27 -4.40 -120.63
CA SER D 3481 103.65 -5.32 -121.58
C SER D 3481 103.11 -6.58 -120.90
N LEU D 3482 103.53 -6.82 -119.67
CA LEU D 3482 103.10 -7.99 -118.92
C LEU D 3482 101.87 -7.70 -118.07
N MET D 3483 101.66 -6.42 -117.74
CA MET D 3483 100.53 -6.02 -116.93
C MET D 3483 99.35 -5.56 -117.78
N THR D 3484 99.57 -5.46 -119.09
CA THR D 3484 98.53 -5.03 -120.01
C THR D 3484 97.57 -6.17 -120.33
N LYS D 3485 98.12 -7.36 -120.51
CA LYS D 3485 97.31 -8.54 -120.83
C LYS D 3485 96.92 -9.28 -119.55
N GLU D 3486 97.70 -9.09 -118.50
CA GLU D 3486 97.43 -9.73 -117.22
C GLU D 3486 96.94 -8.73 -116.19
N ILE D 3487 96.27 -7.68 -116.65
CA ILE D 3487 95.75 -6.64 -115.78
C ILE D 3487 94.86 -7.24 -114.70
N SER D 3488 94.62 -8.55 -114.79
CA SER D 3488 93.79 -9.25 -113.81
C SER D 3488 94.69 -9.86 -112.75
N SER D 3489 95.03 -9.05 -111.76
CA SER D 3489 95.88 -9.48 -110.66
C SER D 3489 95.27 -9.25 -109.29
N VAL D 3490 94.04 -8.74 -109.22
CA VAL D 3490 93.39 -8.36 -107.97
C VAL D 3490 92.33 -9.40 -107.64
N PRO D 3491 92.49 -10.16 -106.55
CA PRO D 3491 91.39 -11.00 -106.07
C PRO D 3491 90.32 -10.18 -105.37
N CYS D 3492 90.76 -9.27 -104.51
CA CYS D 3492 89.89 -8.38 -103.77
C CYS D 3492 90.65 -7.08 -103.56
N TRP D 3493 90.02 -5.97 -103.89
CA TRP D 3493 90.75 -4.73 -104.14
C TRP D 3493 91.51 -4.28 -102.90
N GLN D 3494 92.69 -3.72 -103.14
CA GLN D 3494 93.61 -3.36 -102.06
C GLN D 3494 94.41 -2.16 -102.52
N PHE D 3495 95.60 -1.98 -101.94
CA PHE D 3495 96.55 -0.94 -102.30
C PHE D 3495 96.10 0.41 -101.77
N ILE D 3496 95.37 0.39 -100.65
CA ILE D 3496 95.10 1.63 -99.94
C ILE D 3496 96.41 2.32 -99.59
N SER D 3497 97.40 1.53 -99.15
CA SER D 3497 98.74 2.04 -98.88
C SER D 3497 99.48 2.45 -100.15
N TRP D 3498 98.99 2.07 -101.32
CA TRP D 3498 99.68 2.38 -102.57
C TRP D 3498 98.93 3.41 -103.41
N ILE D 3499 97.83 3.97 -102.90
CA ILE D 3499 97.02 4.89 -103.69
C ILE D 3499 97.87 6.04 -104.21
N SER D 3500 98.69 6.62 -103.34
CA SER D 3500 99.54 7.72 -103.76
C SER D 3500 100.49 7.29 -104.87
N HIS D 3501 100.85 6.01 -104.91
CA HIS D 3501 101.73 5.53 -105.96
C HIS D 3501 101.00 5.49 -107.30
N MET D 3502 99.77 4.98 -107.32
CA MET D 3502 99.03 4.94 -108.57
C MET D 3502 98.57 6.32 -108.99
N VAL D 3503 98.20 7.17 -108.03
CA VAL D 3503 97.63 8.46 -108.40
C VAL D 3503 98.65 9.31 -109.13
N ALA D 3504 99.93 9.21 -108.77
CA ALA D 3504 100.99 9.94 -109.45
C ALA D 3504 101.52 9.19 -110.66
N LEU D 3505 101.41 7.86 -110.67
CA LEU D 3505 101.85 7.09 -111.84
C LEU D 3505 101.04 7.41 -113.07
N LEU D 3506 99.83 7.95 -112.90
CA LEU D 3506 99.02 8.37 -114.04
C LEU D 3506 99.72 9.46 -114.84
N ASP D 3507 100.66 10.19 -114.23
CA ASP D 3507 101.42 11.18 -114.98
C ASP D 3507 102.11 10.56 -116.18
N LYS D 3508 102.70 9.37 -116.00
CA LYS D 3508 103.41 8.71 -117.07
C LYS D 3508 102.52 8.50 -118.27
N ASP D 3509 103.08 8.75 -119.47
CA ASP D 3509 102.28 8.72 -120.68
C ASP D 3509 101.71 7.33 -120.93
N GLN D 3510 102.50 6.29 -120.71
CA GLN D 3510 102.09 4.91 -120.98
C GLN D 3510 101.98 4.16 -119.66
N ALA D 3511 100.82 4.24 -119.04
CA ALA D 3511 100.47 3.49 -117.84
C ALA D 3511 99.21 2.68 -118.09
N VAL D 3512 99.15 2.05 -119.27
CA VAL D 3512 97.89 1.53 -119.79
C VAL D 3512 97.30 0.49 -118.83
N ALA D 3513 98.12 -0.45 -118.37
CA ALA D 3513 97.66 -1.37 -117.35
C ALA D 3513 97.29 -0.63 -116.08
N VAL D 3514 98.15 0.30 -115.66
CA VAL D 3514 97.86 1.11 -114.48
C VAL D 3514 96.57 1.90 -114.71
N GLN D 3515 96.45 2.51 -115.88
CA GLN D 3515 95.26 3.30 -116.19
C GLN D 3515 94.01 2.41 -116.23
N HIS D 3516 94.13 1.22 -116.83
CA HIS D 3516 93.01 0.29 -116.76
C HIS D 3516 92.76 -0.16 -115.34
N SER D 3517 93.83 -0.40 -114.57
CA SER D 3517 93.65 -0.70 -113.16
C SER D 3517 92.94 0.44 -112.45
N VAL D 3518 93.26 1.67 -112.84
CA VAL D 3518 92.54 2.83 -112.32
C VAL D 3518 91.06 2.73 -112.66
N GLU D 3519 90.77 2.33 -113.90
CA GLU D 3519 89.39 2.16 -114.33
C GLU D 3519 88.64 1.20 -113.41
N GLU D 3520 89.29 0.09 -113.06
CA GLU D 3520 88.64 -0.92 -112.25
C GLU D 3520 88.44 -0.45 -110.81
N ILE D 3521 89.50 0.09 -110.20
CA ILE D 3521 89.46 0.37 -108.76
C ILE D 3521 88.57 1.56 -108.45
N THR D 3522 88.52 2.55 -109.34
CA THR D 3522 87.64 3.69 -109.10
C THR D 3522 86.19 3.25 -109.00
N ASP D 3523 85.83 2.18 -109.71
CA ASP D 3523 84.53 1.56 -109.48
C ASP D 3523 84.48 0.89 -108.12
N ASN D 3524 85.60 0.36 -107.65
CA ASN D 3524 85.63 -0.34 -106.38
C ASN D 3524 85.85 0.61 -105.20
N TYR D 3525 86.89 1.45 -105.26
CA TYR D 3525 87.20 2.35 -104.16
C TYR D 3525 86.93 3.79 -104.59
N PRO D 3526 85.78 4.35 -104.27
CA PRO D 3526 85.55 5.77 -104.48
C PRO D 3526 85.89 6.57 -103.23
N GLN D 3527 85.85 7.90 -103.37
CA GLN D 3527 86.27 8.88 -102.37
C GLN D 3527 87.53 8.43 -101.62
N ALA D 3528 88.45 7.79 -102.32
CA ALA D 3528 89.73 7.39 -101.75
C ALA D 3528 90.90 7.90 -102.55
N ILE D 3529 90.80 7.95 -103.88
CA ILE D 3529 91.91 8.37 -104.71
C ILE D 3529 91.78 9.83 -105.13
N VAL D 3530 90.58 10.40 -105.04
CA VAL D 3530 90.37 11.78 -105.47
C VAL D 3530 91.24 12.73 -104.67
N TYR D 3531 91.37 12.48 -103.36
CA TYR D 3531 92.22 13.37 -102.55
C TYR D 3531 93.67 13.29 -102.99
N PRO D 3532 94.27 12.11 -103.18
CA PRO D 3532 95.57 12.06 -103.85
C PRO D 3532 95.54 12.67 -105.23
N PHE D 3533 94.42 12.50 -105.96
CA PHE D 3533 94.25 13.20 -107.21
C PHE D 3533 94.28 14.71 -107.00
N ILE D 3534 93.63 15.19 -105.93
CA ILE D 3534 93.71 16.60 -105.61
C ILE D 3534 95.15 16.98 -105.30
N ILE D 3535 95.86 16.13 -104.57
CA ILE D 3535 97.26 16.40 -104.27
C ILE D 3535 98.09 16.46 -105.55
N SER D 3536 97.88 15.49 -106.43
CA SER D 3536 98.69 15.33 -107.63
C SER D 3536 98.06 15.95 -108.86
N SER D 3537 97.14 16.90 -108.67
CA SER D 3537 96.51 17.58 -109.81
C SER D 3537 97.52 18.32 -110.68
N GLU D 3538 98.54 18.91 -110.06
CA GLU D 3538 99.53 19.67 -110.84
C GLU D 3538 100.35 18.80 -111.77
N SER D 3539 100.34 17.48 -111.59
CA SER D 3539 101.10 16.56 -112.42
C SER D 3539 100.26 16.13 -113.62
N TYR D 3540 100.68 15.07 -114.30
CA TYR D 3540 99.97 14.37 -115.38
C TYR D 3540 100.08 15.08 -116.72
N SER D 3541 100.96 16.08 -116.86
CA SER D 3541 101.07 16.83 -118.11
C SER D 3541 102.56 16.99 -118.43
N PHE D 3542 103.11 16.02 -119.17
CA PHE D 3542 104.46 16.16 -119.71
C PHE D 3542 104.59 15.71 -121.14
N LYS D 3543 103.57 15.12 -121.75
CA LYS D 3543 103.63 14.64 -123.12
C LYS D 3543 102.46 15.18 -123.91
N ASP D 3544 102.60 15.15 -125.23
CA ASP D 3544 101.60 15.71 -126.14
C ASP D 3544 100.24 15.04 -125.94
N THR D 3545 99.21 15.68 -126.47
CA THR D 3545 97.88 15.11 -126.38
C THR D 3545 97.66 14.09 -127.50
N SER D 3546 98.64 13.23 -127.70
CA SER D 3546 98.49 11.98 -128.43
C SER D 3546 99.23 10.82 -127.79
N THR D 3547 100.29 11.07 -127.03
CA THR D 3547 100.96 10.08 -126.20
C THR D 3547 100.79 10.53 -124.76
N GLY D 3548 100.18 9.68 -123.94
CA GLY D 3548 99.83 10.09 -122.61
C GLY D 3548 98.59 10.94 -122.52
N HIS D 3549 97.98 11.29 -123.66
CA HIS D 3549 96.66 11.91 -123.60
C HIS D 3549 95.65 10.98 -122.96
N LYS D 3550 95.93 9.67 -122.98
CA LYS D 3550 95.13 8.73 -122.20
C LYS D 3550 95.01 9.20 -120.76
N ASN D 3551 96.14 9.60 -120.17
CA ASN D 3551 96.12 10.09 -118.80
C ASN D 3551 95.17 11.27 -118.65
N LYS D 3552 95.19 12.19 -119.61
CA LYS D 3552 94.33 13.36 -119.54
C LYS D 3552 92.86 12.96 -119.58
N GLU D 3553 92.50 12.08 -120.52
CA GLU D 3553 91.12 11.62 -120.60
C GLU D 3553 90.78 10.65 -119.47
N PHE D 3554 91.77 9.90 -118.99
CA PHE D 3554 91.53 9.11 -117.79
C PHE D 3554 91.30 10.02 -116.59
N VAL D 3555 91.97 11.16 -116.55
CA VAL D 3555 91.60 12.20 -115.59
C VAL D 3555 90.21 12.73 -115.92
N ALA D 3556 89.87 12.80 -117.21
CA ALA D 3556 88.59 13.39 -117.60
C ALA D 3556 87.42 12.62 -117.01
N ARG D 3557 87.47 11.29 -117.00
CA ARG D 3557 86.37 10.57 -116.38
C ARG D 3557 86.57 10.31 -114.89
N ILE D 3558 87.72 10.65 -114.32
CA ILE D 3558 87.78 10.85 -112.87
C ILE D 3558 86.87 12.00 -112.47
N LYS D 3559 87.01 13.14 -113.15
CA LYS D 3559 86.27 14.32 -112.71
C LYS D 3559 84.78 14.22 -113.06
N SER D 3560 84.43 13.36 -114.01
CA SER D 3560 83.01 13.20 -114.33
C SER D 3560 82.35 12.10 -113.49
N LYS D 3561 83.08 11.04 -113.16
CA LYS D 3561 82.46 9.94 -112.42
C LYS D 3561 82.26 10.32 -110.96
N LEU D 3562 83.34 10.63 -110.26
CA LEU D 3562 83.29 10.99 -108.85
C LEU D 3562 83.26 12.50 -108.71
N ASP D 3563 82.58 12.96 -107.65
CA ASP D 3563 82.48 14.38 -107.34
C ASP D 3563 83.78 14.84 -106.71
N GLN D 3564 84.68 15.35 -107.53
CA GLN D 3564 85.91 15.97 -107.06
C GLN D 3564 85.68 17.43 -106.67
N GLY D 3565 84.46 17.93 -106.84
CA GLY D 3565 84.19 19.32 -106.58
C GLY D 3565 82.99 19.57 -105.69
N GLY D 3566 82.46 20.78 -105.77
CA GLY D 3566 81.26 21.15 -105.04
C GLY D 3566 81.51 21.45 -103.57
N VAL D 3567 82.01 20.45 -102.84
CA VAL D 3567 82.09 20.53 -101.40
C VAL D 3567 83.52 20.35 -100.89
N ILE D 3568 84.27 19.39 -101.45
CA ILE D 3568 85.55 19.03 -100.85
C ILE D 3568 86.53 20.20 -100.94
N GLN D 3569 86.47 20.98 -102.01
CA GLN D 3569 87.25 22.21 -102.04
C GLN D 3569 86.63 23.28 -101.17
N ASP D 3570 85.30 23.36 -101.13
CA ASP D 3570 84.65 24.24 -100.17
C ASP D 3570 85.00 23.83 -98.76
N PHE D 3571 85.19 22.53 -98.54
CA PHE D 3571 85.82 22.06 -97.32
C PHE D 3571 87.20 22.68 -97.17
N ILE D 3572 88.02 22.57 -98.21
CA ILE D 3572 89.37 23.12 -98.19
C ILE D 3572 89.33 24.62 -97.95
N ASN D 3573 88.42 25.31 -98.64
CA ASN D 3573 88.27 26.74 -98.44
C ASN D 3573 87.84 27.06 -97.02
N ALA D 3574 86.93 26.25 -96.47
CA ALA D 3574 86.52 26.42 -95.08
C ALA D 3574 87.70 26.24 -94.15
N LEU D 3575 88.55 25.24 -94.42
CA LEU D 3575 89.72 25.01 -93.59
C LEU D 3575 90.69 26.19 -93.64
N ASP D 3576 91.00 26.67 -94.85
CA ASP D 3576 92.00 27.71 -94.99
C ASP D 3576 91.50 29.07 -94.54
N GLN D 3577 90.18 29.25 -94.44
CA GLN D 3577 89.65 30.54 -94.00
C GLN D 3577 90.09 30.88 -92.59
N LEU D 3578 90.05 29.91 -91.67
CA LEU D 3578 90.50 30.17 -90.32
C LEU D 3578 91.99 30.50 -90.29
N SER D 3579 92.79 29.80 -91.09
CA SER D 3579 94.22 30.03 -91.11
C SER D 3579 94.53 31.46 -91.49
N ASN D 3580 95.41 32.08 -90.72
CA ASN D 3580 95.78 33.46 -90.98
C ASN D 3580 96.73 33.52 -92.18
N PRO D 3581 96.47 34.38 -93.16
CA PRO D 3581 97.30 34.41 -94.38
C PRO D 3581 98.69 35.00 -94.16
N GLU D 3582 99.03 35.46 -92.96
CA GLU D 3582 100.40 35.92 -92.72
C GLU D 3582 101.39 34.78 -92.86
N LEU D 3583 100.98 33.57 -92.47
CA LEU D 3583 101.87 32.41 -92.59
C LEU D 3583 102.17 32.11 -94.05
N LEU D 3584 101.14 32.03 -94.89
CA LEU D 3584 101.40 31.89 -96.32
C LEU D 3584 102.07 33.14 -96.87
N PHE D 3585 101.87 34.29 -96.22
CA PHE D 3585 102.54 35.50 -96.67
C PHE D 3585 104.04 35.40 -96.49
N LYS D 3586 104.49 34.99 -95.30
CA LYS D 3586 105.93 34.81 -95.10
C LYS D 3586 106.47 33.67 -95.95
N ASP D 3587 105.67 32.60 -96.11
CA ASP D 3587 106.10 31.50 -96.97
C ASP D 3587 106.26 31.96 -98.41
N TRP D 3588 105.37 32.83 -98.87
CA TRP D 3588 105.48 33.41 -100.18
C TRP D 3588 106.78 34.20 -100.33
N SER D 3589 107.12 35.00 -99.32
CA SER D 3589 108.38 35.73 -99.36
C SER D 3589 109.56 34.78 -99.37
N ASN D 3590 109.49 33.69 -98.59
CA ASN D 3590 110.57 32.71 -98.58
C ASN D 3590 110.79 32.13 -99.97
N ASP D 3591 109.71 31.81 -100.67
CA ASP D 3591 109.82 31.26 -102.01
C ASP D 3591 110.44 32.28 -102.96
N VAL D 3592 110.05 33.55 -102.85
CA VAL D 3592 110.58 34.56 -103.74
C VAL D 3592 112.06 34.78 -103.49
N ARG D 3593 112.46 34.81 -102.23
CA ARG D 3593 113.88 34.92 -101.90
C ARG D 3593 114.64 33.69 -102.38
N ALA D 3594 113.99 32.52 -102.33
CA ALA D 3594 114.58 31.33 -102.93
C ALA D 3594 114.74 31.48 -104.44
N GLU D 3595 113.74 32.09 -105.09
CA GLU D 3595 113.70 32.12 -106.55
C GLU D 3595 114.52 33.26 -107.15
N LEU D 3596 114.75 34.35 -106.41
CA LEU D 3596 115.47 35.48 -107.00
C LEU D 3596 116.89 35.09 -107.38
N ALA D 3597 117.55 34.26 -106.55
CA ALA D 3597 118.91 33.83 -106.84
C ALA D 3597 118.96 32.94 -108.07
N LYS D 3598 117.97 32.06 -108.24
CA LYS D 3598 117.95 31.18 -109.40
C LYS D 3598 117.81 31.97 -110.70
N THR D 3599 117.25 33.17 -110.63
CA THR D 3599 116.96 33.99 -111.80
C THR D 3599 116.19 33.20 -112.85
N PRO D 3600 114.96 32.76 -112.53
CA PRO D 3600 114.23 31.90 -113.47
C PRO D 3600 113.36 32.70 -114.43
N VAL D 3601 112.67 31.98 -115.33
CA VAL D 3601 111.68 32.57 -116.21
C VAL D 3601 110.31 32.47 -115.55
N ASN D 3602 109.57 33.57 -115.57
CA ASN D 3602 108.33 33.65 -114.82
C ASN D 3602 107.25 32.75 -115.43
N LYS D 3603 106.22 32.47 -114.64
CA LYS D 3603 105.04 31.74 -115.08
C LYS D 3603 105.39 30.33 -115.56
N LYS D 3604 106.26 29.65 -114.81
CA LYS D 3604 106.56 28.23 -115.04
C LYS D 3604 106.25 27.39 -113.82
N ASN D 3605 106.72 27.81 -112.65
CA ASN D 3605 106.39 27.15 -111.40
C ASN D 3605 106.01 28.16 -110.32
N ILE D 3606 105.95 29.44 -110.67
CA ILE D 3606 105.69 30.51 -109.71
C ILE D 3606 104.29 31.08 -109.85
N GLU D 3607 103.50 30.59 -110.80
CA GLU D 3607 102.19 31.18 -111.03
C GLU D 3607 101.29 31.03 -109.81
N LYS D 3608 101.23 29.83 -109.25
CA LYS D 3608 100.24 29.56 -108.21
C LYS D 3608 100.49 30.38 -106.96
N MET D 3609 101.74 30.78 -106.71
CA MET D 3609 102.12 31.37 -105.44
C MET D 3609 101.78 32.86 -105.36
N TYR D 3610 102.06 33.64 -106.40
CA TYR D 3610 101.50 34.98 -106.43
C TYR D 3610 100.00 34.94 -106.76
N GLU D 3611 99.55 33.89 -107.46
CA GLU D 3611 98.12 33.68 -107.59
C GLU D 3611 97.47 33.49 -106.23
N ARG D 3612 98.14 32.74 -105.34
CA ARG D 3612 97.62 32.49 -104.00
C ARG D 3612 97.54 33.78 -103.18
N MET D 3613 98.48 34.71 -103.40
CA MET D 3613 98.30 36.07 -102.89
C MET D 3613 97.05 36.73 -103.44
N TYR D 3614 96.82 36.65 -104.75
CA TYR D 3614 95.67 37.34 -105.31
C TYR D 3614 94.38 36.75 -104.79
N ALA D 3615 94.38 35.45 -104.45
CA ALA D 3615 93.23 34.83 -103.81
C ALA D 3615 93.23 35.01 -102.30
N ALA D 3616 94.34 35.46 -101.73
CA ALA D 3616 94.44 35.70 -100.29
C ALA D 3616 94.16 37.15 -99.94
N LEU D 3617 94.92 38.07 -100.53
CA LEU D 3617 94.68 39.50 -100.37
C LEU D 3617 93.80 40.00 -101.52
N GLY D 3618 92.63 39.41 -101.61
CA GLY D 3618 91.71 39.71 -102.69
C GLY D 3618 90.83 38.51 -102.96
N ASP D 3619 90.30 38.50 -104.19
CA ASP D 3619 89.40 37.44 -104.65
C ASP D 3619 88.28 37.23 -103.65
N PRO D 3620 87.34 38.17 -103.57
CA PRO D 3620 86.26 38.08 -102.58
C PRO D 3620 85.15 37.10 -102.92
N LYS D 3621 85.32 36.26 -103.94
CA LYS D 3621 84.27 35.35 -104.39
C LYS D 3621 84.41 33.97 -103.79
N ALA D 3622 85.36 33.76 -102.89
CA ALA D 3622 85.57 32.45 -102.30
C ALA D 3622 84.44 32.11 -101.34
N PRO D 3623 83.79 30.96 -101.48
CA PRO D 3623 82.81 30.53 -100.48
C PRO D 3623 83.48 30.22 -99.15
N GLY D 3624 82.69 30.34 -98.09
CA GLY D 3624 83.23 30.20 -96.75
C GLY D 3624 84.13 31.34 -96.33
N LEU D 3625 84.00 32.50 -96.98
CA LEU D 3625 84.83 33.66 -96.68
C LEU D 3625 84.19 34.40 -95.52
N GLY D 3626 84.78 34.27 -94.34
CA GLY D 3626 84.29 34.96 -93.18
C GLY D 3626 84.84 36.37 -93.08
N ALA D 3627 84.35 37.11 -92.09
CA ALA D 3627 84.81 38.47 -91.86
C ALA D 3627 86.31 38.53 -91.58
N PHE D 3628 86.90 37.41 -91.15
CA PHE D 3628 88.34 37.37 -90.87
C PHE D 3628 89.12 37.71 -92.14
N ARG D 3629 88.97 36.89 -93.19
CA ARG D 3629 89.64 37.18 -94.44
C ARG D 3629 89.00 38.35 -95.17
N ARG D 3630 87.68 38.51 -95.02
CA ARG D 3630 86.96 39.64 -95.59
C ARG D 3630 87.64 40.96 -95.27
N LYS D 3631 87.79 41.25 -93.96
CA LYS D 3631 88.43 42.50 -93.55
C LYS D 3631 89.85 42.58 -94.08
N PHE D 3632 90.52 41.45 -94.17
CA PHE D 3632 91.92 41.43 -94.60
C PHE D 3632 92.07 41.94 -96.03
N ILE D 3633 91.18 41.52 -96.92
CA ILE D 3633 91.32 41.90 -98.33
C ILE D 3633 90.63 43.22 -98.66
N GLN D 3634 89.64 43.63 -97.86
CA GLN D 3634 89.03 44.94 -98.05
C GLN D 3634 89.79 46.06 -97.37
N THR D 3635 90.63 45.74 -96.40
CA THR D 3635 91.44 46.76 -95.73
C THR D 3635 92.88 46.77 -96.23
N PHE D 3636 93.48 45.61 -96.44
CA PHE D 3636 94.86 45.51 -96.91
C PHE D 3636 94.96 45.22 -98.40
N GLY D 3637 93.84 45.09 -99.11
CA GLY D 3637 93.90 44.89 -100.54
C GLY D 3637 94.50 46.08 -101.28
N LYS D 3638 94.42 47.26 -100.68
CA LYS D 3638 95.04 48.44 -101.26
C LYS D 3638 96.55 48.25 -101.40
N GLU D 3639 97.17 47.61 -100.42
CA GLU D 3639 98.61 47.36 -100.44
C GLU D 3639 98.99 46.25 -101.42
N PHE D 3640 98.03 45.50 -101.94
CA PHE D 3640 98.37 44.46 -102.91
C PHE D 3640 98.94 45.08 -104.19
N ASP D 3641 98.12 45.84 -104.91
CA ASP D 3641 98.66 46.67 -105.97
C ASP D 3641 99.35 47.89 -105.35
N LYS D 3642 100.07 48.63 -106.19
CA LYS D 3642 100.96 49.71 -105.80
C LYS D 3642 102.15 49.13 -105.05
N HIS D 3643 102.08 47.83 -104.77
CA HIS D 3643 103.19 47.00 -104.35
C HIS D 3643 103.38 45.82 -105.28
N PHE D 3644 102.29 45.33 -105.87
CA PHE D 3644 102.32 44.43 -107.02
C PHE D 3644 101.67 45.23 -108.14
N GLY D 3645 102.48 46.04 -108.84
CA GLY D 3645 101.96 46.84 -109.92
C GLY D 3645 101.24 46.00 -110.97
N LYS D 3646 101.67 44.75 -111.13
CA LYS D 3646 101.01 43.80 -112.01
C LYS D 3646 99.83 43.11 -111.35
N GLY D 3647 99.50 43.47 -110.11
CA GLY D 3647 98.42 42.79 -109.43
C GLY D 3647 98.85 41.39 -108.99
N GLY D 3648 97.90 40.45 -109.06
CA GLY D 3648 98.18 39.08 -108.67
C GLY D 3648 99.25 38.44 -109.53
N SER D 3649 98.99 38.36 -110.84
CA SER D 3649 99.97 37.80 -111.76
C SER D 3649 101.24 38.65 -111.78
N LYS D 3650 102.39 37.99 -111.74
CA LYS D 3650 103.68 38.66 -111.69
C LYS D 3650 104.59 38.11 -112.77
N LEU D 3651 105.16 39.01 -113.57
CA LEU D 3651 106.18 38.65 -114.55
C LEU D 3651 107.53 39.26 -114.25
N LEU D 3652 107.62 40.11 -113.23
CA LEU D 3652 108.87 40.75 -112.84
C LEU D 3652 108.69 41.19 -111.39
N ARG D 3653 109.57 42.07 -110.92
CA ARG D 3653 109.51 42.62 -109.57
C ARG D 3653 109.67 41.53 -108.52
N MET D 3654 110.07 40.33 -108.92
CA MET D 3654 110.19 39.15 -108.07
C MET D 3654 111.63 38.77 -107.81
N LYS D 3655 112.43 38.63 -108.88
CA LYS D 3655 113.86 38.41 -108.73
C LYS D 3655 114.54 39.59 -108.08
N LEU D 3656 113.87 40.72 -108.01
CA LEU D 3656 114.39 41.93 -107.39
C LEU D 3656 114.24 41.82 -105.88
N SER D 3657 115.37 41.88 -105.17
CA SER D 3657 115.33 41.81 -103.72
C SER D 3657 114.71 43.05 -103.10
N ASP D 3658 114.77 44.19 -103.78
CA ASP D 3658 114.20 45.42 -103.23
C ASP D 3658 112.72 45.29 -102.98
N PHE D 3659 111.98 44.72 -103.96
CA PHE D 3659 110.59 44.39 -103.74
C PHE D 3659 110.44 43.37 -102.62
N ASN D 3660 111.37 42.41 -102.54
CA ASN D 3660 111.33 41.43 -101.47
C ASN D 3660 111.64 42.07 -100.13
N ASP D 3661 112.51 43.09 -100.13
CA ASP D 3661 112.70 43.89 -98.94
C ASP D 3661 111.44 44.67 -98.58
N ILE D 3662 110.71 45.15 -99.59
CA ILE D 3662 109.43 45.80 -99.34
C ILE D 3662 108.45 44.83 -98.71
N THR D 3663 108.46 43.57 -99.16
CA THR D 3663 107.66 42.55 -98.50
C THR D 3663 108.13 42.36 -97.06
N ASN D 3664 109.45 42.43 -96.84
CA ASN D 3664 109.98 42.24 -95.50
C ASN D 3664 109.49 43.32 -94.55
N MET D 3665 109.52 44.58 -95.00
CA MET D 3665 108.94 45.67 -94.21
C MET D 3665 107.41 45.66 -94.25
N LEU D 3666 106.82 44.95 -95.21
CA LEU D 3666 105.38 44.77 -95.19
C LEU D 3666 104.95 43.73 -94.18
N LEU D 3667 105.88 42.86 -93.77
CA LEU D 3667 105.55 41.80 -92.81
C LEU D 3667 105.17 42.39 -91.47
N LEU D 3668 105.82 43.49 -91.07
CA LEU D 3668 105.57 44.07 -89.77
C LEU D 3668 104.15 44.62 -89.63
N LYS D 3669 103.41 44.69 -90.71
CA LYS D 3669 101.98 44.98 -90.69
C LYS D 3669 101.23 43.77 -91.21
N MET D 3670 99.89 43.86 -91.19
CA MET D 3670 99.00 42.71 -91.41
C MET D 3670 99.28 41.58 -90.42
N ASN D 3671 99.96 41.90 -89.32
CA ASN D 3671 100.29 40.92 -88.29
C ASN D 3671 99.98 41.42 -86.89
N LYS D 3672 100.09 42.72 -86.64
CA LYS D 3672 99.59 43.31 -85.40
C LYS D 3672 98.24 43.99 -85.58
N ASP D 3673 98.10 44.78 -86.64
CA ASP D 3673 96.78 45.24 -87.06
C ASP D 3673 95.94 44.11 -87.63
N SER D 3674 96.52 42.92 -87.79
CA SER D 3674 95.78 41.75 -88.23
C SER D 3674 94.64 41.44 -87.27
N LYS D 3675 93.46 41.17 -87.84
CA LYS D 3675 92.34 40.72 -87.04
C LYS D 3675 92.58 39.29 -86.56
N PRO D 3676 92.39 39.00 -85.27
CA PRO D 3676 92.61 37.63 -84.80
C PRO D 3676 91.64 36.67 -85.47
N PRO D 3677 92.06 35.43 -85.71
CA PRO D 3677 91.18 34.47 -86.36
C PRO D 3677 89.93 34.23 -85.52
N GLY D 3678 88.82 34.00 -86.21
CA GLY D 3678 87.54 33.77 -85.54
C GLY D 3678 87.58 32.55 -84.63
N ASN D 3679 87.14 32.73 -83.39
CA ASN D 3679 87.09 31.65 -82.41
C ASN D 3679 85.74 30.94 -82.40
N LEU D 3680 84.83 31.32 -83.30
CA LEU D 3680 83.59 30.60 -83.53
C LEU D 3680 83.54 30.14 -84.99
N LYS D 3681 82.47 29.44 -85.34
CA LYS D 3681 82.30 29.02 -86.72
C LYS D 3681 82.01 30.18 -87.66
N GLU D 3682 81.74 31.36 -87.12
CA GLU D 3682 81.53 32.52 -87.97
C GLU D 3682 82.72 32.79 -88.88
N CYS D 3683 83.92 32.39 -88.45
CA CYS D 3683 85.10 32.58 -89.28
C CYS D 3683 84.96 31.85 -90.61
N SER D 3684 84.51 30.59 -90.56
CA SER D 3684 84.17 29.85 -91.77
C SER D 3684 82.65 29.74 -91.84
N PRO D 3685 81.97 30.74 -92.40
CA PRO D 3685 80.51 30.70 -92.41
C PRO D 3685 79.94 29.51 -93.15
N TRP D 3686 80.66 28.99 -94.13
CA TRP D 3686 80.18 27.81 -94.83
C TRP D 3686 80.06 26.63 -93.88
N MET D 3687 81.05 26.48 -92.99
CA MET D 3687 80.88 25.57 -91.86
C MET D 3687 79.69 25.98 -91.00
N SER D 3688 79.51 27.28 -90.79
CA SER D 3688 78.44 27.76 -89.91
C SER D 3688 77.07 27.36 -90.42
N ASP D 3689 76.91 27.22 -91.74
CA ASP D 3689 75.61 26.96 -92.33
C ASP D 3689 75.60 25.70 -93.18
N PHE D 3690 76.70 24.96 -93.25
CA PHE D 3690 76.68 23.72 -94.00
C PHE D 3690 75.71 22.73 -93.38
N LYS D 3691 74.97 22.02 -94.22
CA LYS D 3691 73.99 21.05 -93.75
C LYS D 3691 74.12 19.80 -94.62
N VAL D 3692 73.12 18.94 -94.53
CA VAL D 3692 73.10 17.68 -95.27
C VAL D 3692 71.84 17.64 -96.12
N GLU D 3693 72.00 17.23 -97.38
CA GLU D 3693 70.88 16.95 -98.26
C GLU D 3693 71.34 15.95 -99.30
N PHE D 3694 70.39 15.23 -99.87
CA PHE D 3694 70.72 14.20 -100.84
C PHE D 3694 71.13 14.77 -102.20
N LEU D 3695 70.85 16.04 -102.46
CA LEU D 3695 71.36 16.67 -103.67
C LEU D 3695 72.88 16.64 -103.68
N ARG D 3696 73.49 16.89 -102.54
CA ARG D 3696 74.93 16.74 -102.39
C ARG D 3696 75.24 15.38 -101.78
N ASN D 3697 76.47 14.93 -102.03
CA ASN D 3697 76.95 13.71 -101.42
C ASN D 3697 77.09 13.87 -99.91
N GLU D 3698 76.85 12.78 -99.19
CA GLU D 3698 77.00 12.73 -97.74
C GLU D 3698 78.34 12.08 -97.45
N LEU D 3699 79.36 12.91 -97.25
CA LEU D 3699 80.74 12.45 -97.33
C LEU D 3699 81.21 11.81 -96.02
N GLU D 3700 82.01 10.76 -96.17
CA GLU D 3700 82.62 10.04 -95.07
C GLU D 3700 83.91 10.71 -94.63
N ILE D 3701 84.17 10.72 -93.33
CA ILE D 3701 85.45 11.23 -92.88
C ILE D 3701 86.56 10.38 -93.48
N PRO D 3702 87.52 10.98 -94.19
CA PRO D 3702 88.62 10.20 -94.74
C PRO D 3702 89.52 9.67 -93.63
N GLY D 3703 90.38 8.72 -94.01
CA GLY D 3703 91.23 8.04 -93.08
C GLY D 3703 90.70 6.69 -92.65
N GLN D 3704 89.40 6.45 -92.83
CA GLN D 3704 88.88 5.12 -92.61
C GLN D 3704 89.38 4.15 -93.68
N TYR D 3705 89.66 4.67 -94.87
CA TYR D 3705 90.26 3.86 -95.93
C TYR D 3705 91.65 3.45 -95.49
N ASP D 3706 91.80 2.19 -95.11
CA ASP D 3706 93.05 1.69 -94.54
C ASP D 3706 93.34 0.31 -95.10
N GLY D 3707 94.59 0.07 -95.47
CA GLY D 3707 94.97 -1.16 -96.15
C GLY D 3707 94.71 -2.43 -95.36
N ARG D 3708 93.69 -3.18 -95.79
CA ARG D 3708 93.46 -4.53 -95.32
C ARG D 3708 93.59 -5.58 -96.43
N GLY D 3709 93.80 -5.16 -97.67
CA GLY D 3709 93.82 -6.08 -98.78
C GLY D 3709 92.47 -6.36 -99.37
N LYS D 3710 91.39 -5.95 -98.70
CA LYS D 3710 90.03 -6.22 -99.10
C LYS D 3710 89.22 -4.95 -99.03
N PRO D 3711 88.14 -4.84 -99.80
CA PRO D 3711 87.16 -3.79 -99.55
C PRO D 3711 86.43 -4.05 -98.25
N LEU D 3712 86.00 -2.97 -97.61
CA LEU D 3712 85.28 -3.06 -96.36
C LEU D 3712 83.88 -2.46 -96.53
N PRO D 3713 82.92 -2.87 -95.69
CA PRO D 3713 81.57 -2.33 -95.83
C PRO D 3713 81.58 -0.81 -95.73
N GLU D 3714 80.80 -0.17 -96.60
CA GLU D 3714 80.75 1.29 -96.64
C GLU D 3714 80.11 1.83 -95.36
N TYR D 3715 79.78 0.94 -94.44
CA TYR D 3715 79.22 1.33 -93.15
C TYR D 3715 80.30 2.06 -92.39
N HIS D 3716 80.19 3.39 -92.33
CA HIS D 3716 81.26 4.22 -91.81
C HIS D 3716 80.66 5.53 -91.34
N VAL D 3717 81.46 6.27 -90.55
CA VAL D 3717 81.03 7.59 -90.12
C VAL D 3717 81.12 8.57 -91.29
N ARG D 3718 80.32 9.62 -91.20
CA ARG D 3718 80.25 10.65 -92.23
C ARG D 3718 80.22 12.01 -91.56
N ILE D 3719 80.79 13.00 -92.25
CA ILE D 3719 80.84 14.35 -91.69
C ILE D 3719 79.42 14.81 -91.42
N ALA D 3720 79.12 15.08 -90.16
CA ALA D 3720 77.74 15.39 -89.75
C ALA D 3720 77.80 16.43 -88.63
N GLY D 3721 77.63 17.70 -89.00
CA GLY D 3721 77.60 18.76 -88.03
C GLY D 3721 78.95 19.02 -87.38
N PHE D 3722 79.04 20.11 -86.62
CA PHE D 3722 80.30 20.52 -86.04
C PHE D 3722 80.05 21.29 -84.77
N ASP D 3723 81.13 21.55 -84.03
CA ASP D 3723 81.08 22.36 -82.83
C ASP D 3723 80.97 23.83 -83.22
N GLU D 3724 80.97 24.72 -82.24
CA GLU D 3724 80.96 26.16 -82.49
C GLU D 3724 82.21 26.85 -81.97
N ARG D 3725 82.59 26.60 -80.72
CA ARG D 3725 83.77 27.27 -80.18
C ARG D 3725 85.03 26.68 -80.80
N VAL D 3726 85.85 27.54 -81.39
CA VAL D 3726 87.00 27.13 -82.17
C VAL D 3726 88.23 27.11 -81.29
N THR D 3727 88.96 25.99 -81.33
CA THR D 3727 90.22 25.86 -80.61
C THR D 3727 91.32 26.56 -81.41
N VAL D 3728 91.73 27.73 -80.95
CA VAL D 3728 92.79 28.51 -81.59
C VAL D 3728 94.04 28.37 -80.76
N MET D 3729 95.09 27.80 -81.34
CA MET D 3729 96.34 27.55 -80.63
C MET D 3729 97.47 28.32 -81.29
N ALA D 3730 98.61 28.35 -80.60
CA ALA D 3730 99.78 29.10 -81.05
C ALA D 3730 100.94 28.13 -81.28
N SER D 3731 101.50 28.16 -82.48
CA SER D 3731 102.71 27.42 -82.81
C SER D 3731 103.33 28.07 -84.03
N LEU D 3732 104.27 27.38 -84.66
CA LEU D 3732 104.86 27.88 -85.89
C LEU D 3732 103.80 28.01 -86.99
N ARG D 3733 102.90 27.03 -87.08
CA ARG D 3733 101.83 27.05 -88.06
C ARG D 3733 100.51 27.53 -87.48
N ARG D 3734 100.51 28.00 -86.23
CA ARG D 3734 99.31 28.46 -85.55
C ARG D 3734 98.22 27.40 -85.62
N PRO D 3735 98.34 26.34 -84.84
CA PRO D 3735 97.47 25.18 -85.02
C PRO D 3735 96.02 25.48 -84.66
N LYS D 3736 95.11 24.89 -85.42
CA LYS D 3736 93.67 24.99 -85.19
C LYS D 3736 93.09 23.59 -85.24
N ARG D 3737 92.49 23.16 -84.14
CA ARG D 3737 91.96 21.82 -84.00
C ARG D 3737 90.46 21.83 -84.28
N ILE D 3738 90.00 20.83 -85.04
CA ILE D 3738 88.61 20.72 -85.44
C ILE D 3738 88.10 19.33 -85.10
N ILE D 3739 86.89 19.28 -84.52
CA ILE D 3739 86.26 18.03 -84.16
C ILE D 3739 85.18 17.74 -85.19
N ILE D 3740 85.14 16.52 -85.70
CA ILE D 3740 84.07 16.08 -86.58
C ILE D 3740 83.17 15.18 -85.77
N ARG D 3741 81.90 15.54 -85.68
CA ARG D 3741 80.93 14.81 -84.87
C ARG D 3741 80.33 13.72 -85.75
N GLY D 3742 80.88 12.52 -85.64
CA GLY D 3742 80.42 11.41 -86.44
C GLY D 3742 78.95 11.09 -86.24
N HIS D 3743 78.23 10.88 -87.34
CA HIS D 3743 76.82 10.54 -87.25
C HIS D 3743 76.59 9.18 -86.62
N ASP D 3744 77.64 8.39 -86.45
CA ASP D 3744 77.56 7.10 -85.77
C ASP D 3744 77.91 7.23 -84.31
N GLU D 3745 77.54 8.36 -83.72
CA GLU D 3745 77.81 8.67 -82.32
C GLU D 3745 79.32 8.71 -82.07
N ARG D 3746 80.01 9.45 -82.94
CA ARG D 3746 81.45 9.56 -82.88
C ARG D 3746 81.85 11.02 -82.93
N GLU D 3747 83.03 11.31 -82.38
CA GLU D 3747 83.60 12.64 -82.39
C GLU D 3747 85.02 12.54 -82.92
N HIS D 3748 85.42 13.48 -83.75
CA HIS D 3748 86.66 13.35 -84.52
C HIS D 3748 87.48 14.63 -84.39
N PRO D 3749 88.10 14.84 -83.24
CA PRO D 3749 89.02 15.98 -83.10
C PRO D 3749 90.24 15.78 -83.97
N PHE D 3750 90.43 16.66 -84.94
CA PHE D 3750 91.66 16.74 -85.70
C PHE D 3750 92.07 18.20 -85.80
N LEU D 3751 93.29 18.41 -86.28
CA LEU D 3751 93.86 19.74 -86.30
C LEU D 3751 94.26 20.10 -87.72
N VAL D 3752 94.18 21.38 -88.03
CA VAL D 3752 94.51 21.90 -89.35
C VAL D 3752 95.70 22.86 -89.21
N LYS D 3753 96.70 22.65 -90.04
CA LYS D 3753 97.90 23.49 -90.10
C LYS D 3753 97.97 24.15 -91.47
N GLY D 3754 99.15 24.64 -91.83
CA GLY D 3754 99.33 25.30 -93.10
C GLY D 3754 99.68 24.36 -94.22
N GLY D 3755 100.82 24.60 -94.86
CA GLY D 3755 101.21 23.82 -96.03
C GLY D 3755 101.79 22.47 -95.65
N GLU D 3756 103.00 22.19 -96.13
CA GLU D 3756 103.73 20.99 -95.74
C GLU D 3756 102.92 19.74 -96.07
N ASP D 3757 102.75 19.52 -97.37
CA ASP D 3757 102.10 18.33 -97.92
C ASP D 3757 102.52 17.09 -97.15
N LEU D 3758 101.53 16.36 -96.64
CA LEU D 3758 101.78 15.27 -95.70
C LEU D 3758 102.22 14.00 -96.39
N ARG D 3759 102.42 14.03 -97.71
CA ARG D 3759 102.75 12.84 -98.51
C ARG D 3759 103.80 11.95 -97.85
N GLN D 3760 104.98 12.50 -97.57
CA GLN D 3760 106.02 11.74 -96.88
C GLN D 3760 105.54 11.25 -95.52
N ASP D 3761 104.71 12.04 -94.86
CA ASP D 3761 104.24 11.66 -93.54
C ASP D 3761 103.36 10.41 -93.63
N GLN D 3762 102.53 10.33 -94.66
CA GLN D 3762 101.84 9.07 -94.92
C GLN D 3762 102.86 7.98 -95.19
N ARG D 3763 103.87 8.30 -95.98
CA ARG D 3763 104.92 7.33 -96.31
C ARG D 3763 105.60 6.83 -95.04
N VAL D 3764 106.03 7.75 -94.17
CA VAL D 3764 106.70 7.33 -92.96
C VAL D 3764 105.72 6.67 -91.99
N GLU D 3765 104.50 7.20 -91.90
CA GLU D 3765 103.51 6.56 -91.04
C GLU D 3765 103.26 5.13 -91.48
N GLN D 3766 103.00 4.94 -92.78
CA GLN D 3766 102.87 3.61 -93.36
C GLN D 3766 103.92 2.66 -92.81
N LEU D 3767 105.16 3.14 -92.72
CA LEU D 3767 106.26 2.31 -92.25
C LEU D 3767 105.99 1.79 -90.84
N PHE D 3768 105.45 2.65 -89.97
CA PHE D 3768 105.39 2.30 -88.56
C PHE D 3768 104.55 1.07 -88.33
N GLN D 3769 103.29 1.10 -88.77
CA GLN D 3769 102.44 -0.07 -88.61
C GLN D 3769 102.91 -1.23 -89.46
N VAL D 3770 103.65 -0.97 -90.54
CA VAL D 3770 104.31 -2.08 -91.23
C VAL D 3770 105.27 -2.78 -90.28
N MET D 3771 106.08 -2.01 -89.56
CA MET D 3771 106.90 -2.63 -88.53
C MET D 3771 106.02 -3.21 -87.43
N ASN D 3772 104.98 -2.48 -87.03
CA ASN D 3772 104.03 -3.02 -86.06
C ASN D 3772 103.44 -4.33 -86.56
N GLY D 3773 103.10 -4.39 -87.84
CA GLY D 3773 102.71 -5.66 -88.42
C GLY D 3773 103.79 -6.70 -88.31
N ILE D 3774 105.04 -6.29 -88.56
CA ILE D 3774 106.17 -7.21 -88.39
C ILE D 3774 106.25 -7.67 -86.94
N LEU D 3775 106.01 -6.76 -86.00
CA LEU D 3775 106.15 -7.08 -84.58
C LEU D 3775 105.26 -8.24 -84.18
N ALA D 3776 104.12 -8.40 -84.85
CA ALA D 3776 103.27 -9.56 -84.57
C ALA D 3776 104.01 -10.86 -84.88
N GLN D 3777 104.73 -10.89 -86.00
CA GLN D 3777 105.53 -12.06 -86.34
C GLN D 3777 106.81 -12.14 -85.54
N ASP D 3778 107.22 -11.04 -84.93
CA ASP D 3778 108.40 -11.03 -84.06
C ASP D 3778 107.98 -11.53 -82.69
N SER D 3779 108.31 -12.80 -82.40
CA SER D 3779 107.92 -13.39 -81.13
C SER D 3779 108.91 -13.04 -80.03
N ALA D 3780 109.20 -11.76 -79.87
CA ALA D 3780 109.81 -11.29 -78.64
C ALA D 3780 109.03 -10.15 -78.02
N CYS D 3781 108.61 -9.17 -78.81
CA CYS D 3781 107.72 -8.12 -78.33
C CYS D 3781 106.34 -8.67 -78.07
N SER D 3782 105.96 -9.71 -78.80
CA SER D 3782 104.66 -10.35 -78.56
C SER D 3782 104.55 -10.83 -77.12
N GLN D 3783 105.53 -11.62 -76.68
CA GLN D 3783 105.58 -11.98 -75.26
C GLN D 3783 105.77 -10.75 -74.39
N ARG D 3784 106.50 -9.75 -74.88
CA ARG D 3784 106.57 -8.49 -74.18
C ARG D 3784 105.32 -7.66 -74.36
N ALA D 3785 104.45 -8.05 -75.31
CA ALA D 3785 103.16 -7.39 -75.54
C ALA D 3785 103.35 -5.91 -75.83
N LEU D 3786 104.07 -5.62 -76.90
CA LEU D 3786 104.36 -4.23 -77.25
C LEU D 3786 104.18 -4.02 -78.75
N GLN D 3787 103.60 -2.87 -79.09
CA GLN D 3787 103.44 -2.43 -80.47
C GLN D 3787 103.66 -0.92 -80.50
N LEU D 3788 103.28 -0.28 -81.61
CA LEU D 3788 103.51 1.13 -81.80
C LEU D 3788 102.23 1.87 -82.18
N ARG D 3789 102.12 3.11 -81.71
CA ARG D 3789 100.96 3.93 -82.01
C ARG D 3789 100.95 4.39 -83.46
N THR D 3790 99.75 4.51 -84.01
CA THR D 3790 99.53 5.13 -85.30
C THR D 3790 98.63 6.34 -85.10
N TYR D 3791 98.40 7.05 -86.19
CA TYR D 3791 97.65 8.30 -86.18
C TYR D 3791 97.43 8.75 -87.61
N SER D 3792 96.30 9.40 -87.83
CA SER D 3792 95.84 9.73 -89.18
C SER D 3792 96.31 11.12 -89.58
N VAL D 3793 97.20 11.19 -90.56
CA VAL D 3793 97.60 12.45 -91.17
C VAL D 3793 97.39 12.34 -92.67
N VAL D 3794 96.64 13.28 -93.23
CA VAL D 3794 96.36 13.27 -94.67
C VAL D 3794 96.35 14.69 -95.20
N PRO D 3795 97.01 14.94 -96.31
CA PRO D 3795 96.92 16.25 -96.96
C PRO D 3795 95.80 16.26 -97.98
N MET D 3796 94.87 17.20 -97.87
CA MET D 3796 93.89 17.37 -98.94
C MET D 3796 94.37 18.33 -100.01
N THR D 3797 95.42 19.09 -99.72
CA THR D 3797 95.91 20.11 -100.62
C THR D 3797 97.42 20.22 -100.44
N SER D 3798 98.08 20.78 -101.45
CA SER D 3798 99.53 20.98 -101.35
C SER D 3798 99.86 21.94 -100.21
N ARG D 3799 99.14 23.05 -100.11
CA ARG D 3799 99.38 24.04 -99.07
C ARG D 3799 98.44 23.90 -97.88
N LEU D 3800 97.65 22.84 -97.84
CA LEU D 3800 96.75 22.61 -96.71
C LEU D 3800 96.72 21.12 -96.40
N GLY D 3801 97.00 20.78 -95.16
CA GLY D 3801 96.95 19.40 -94.72
C GLY D 3801 96.26 19.30 -93.38
N LEU D 3802 95.58 18.17 -93.18
CA LEU D 3802 94.90 17.90 -91.93
C LEU D 3802 95.67 16.89 -91.12
N ILE D 3803 95.80 17.16 -89.83
CA ILE D 3803 96.47 16.27 -88.90
C ILE D 3803 95.49 15.87 -87.82
N GLU D 3804 95.57 14.61 -87.41
CA GLU D 3804 94.76 14.13 -86.29
C GLU D 3804 95.14 14.85 -85.02
N TRP D 3805 94.13 15.27 -84.26
CA TRP D 3805 94.39 15.84 -82.95
C TRP D 3805 94.95 14.79 -82.01
N LEU D 3806 95.87 15.22 -81.16
CA LEU D 3806 96.70 14.32 -80.38
C LEU D 3806 95.95 13.68 -79.23
N GLU D 3807 94.62 13.75 -79.27
CA GLU D 3807 93.70 13.01 -78.39
C GLU D 3807 94.11 13.04 -76.92
N ASN D 3808 94.03 14.24 -76.35
CA ASN D 3808 94.20 14.43 -74.90
C ASN D 3808 95.58 13.96 -74.42
N THR D 3809 96.60 14.38 -75.14
CA THR D 3809 97.96 14.12 -74.72
C THR D 3809 98.44 15.31 -73.89
N VAL D 3810 99.72 15.31 -73.55
CA VAL D 3810 100.39 16.53 -73.11
C VAL D 3810 101.79 16.52 -73.69
N THR D 3811 102.23 17.68 -74.16
CA THR D 3811 103.59 17.80 -74.62
C THR D 3811 104.54 17.46 -73.49
N LEU D 3812 105.68 16.89 -73.84
CA LEU D 3812 106.66 16.70 -72.78
C LEU D 3812 107.10 18.05 -72.23
N LYS D 3813 107.21 19.07 -73.10
CA LYS D 3813 107.61 20.41 -72.70
C LYS D 3813 106.77 21.02 -71.59
N ASP D 3814 105.51 21.33 -71.89
CA ASP D 3814 104.72 22.13 -70.96
C ASP D 3814 104.55 21.43 -69.63
N LEU D 3815 104.26 20.13 -69.67
CA LEU D 3815 104.15 19.36 -68.44
C LEU D 3815 105.48 19.34 -67.70
N LEU D 3816 106.58 19.08 -68.41
CA LEU D 3816 107.89 19.09 -67.78
C LEU D 3816 108.10 20.39 -67.03
N LEU D 3817 107.60 21.48 -67.58
CA LEU D 3817 107.72 22.79 -66.95
C LEU D 3817 106.88 22.88 -65.69
N ASN D 3818 105.55 22.74 -65.82
CA ASN D 3818 104.66 23.06 -64.71
C ASN D 3818 104.82 22.12 -63.53
N THR D 3819 105.45 20.97 -63.73
CA THR D 3819 105.80 20.10 -62.59
C THR D 3819 106.78 20.77 -61.65
N MET D 3820 107.54 21.74 -62.13
CA MET D 3820 108.60 22.38 -61.37
C MET D 3820 108.12 23.65 -60.71
N SER D 3821 108.81 24.04 -59.64
CA SER D 3821 108.41 25.18 -58.84
C SER D 3821 108.34 26.43 -59.68
N GLN D 3822 107.18 27.09 -59.65
CA GLN D 3822 106.93 28.21 -60.57
C GLN D 3822 107.97 29.29 -60.42
N GLU D 3823 108.34 29.61 -59.18
CA GLU D 3823 109.42 30.56 -58.93
C GLU D 3823 110.75 30.02 -59.43
N GLU D 3824 111.05 28.76 -59.11
CA GLU D 3824 112.24 28.12 -59.65
C GLU D 3824 112.13 28.01 -61.18
N LYS D 3825 110.96 27.60 -61.66
CA LYS D 3825 110.70 27.55 -63.09
C LYS D 3825 111.10 28.85 -63.77
N ALA D 3826 110.68 29.97 -63.20
CA ALA D 3826 111.01 31.26 -63.79
C ALA D 3826 112.51 31.55 -63.66
N ALA D 3827 112.99 31.69 -62.42
CA ALA D 3827 114.33 32.20 -62.22
C ALA D 3827 115.39 31.17 -62.60
N TYR D 3828 115.25 29.95 -62.08
CA TYR D 3828 116.28 28.93 -62.27
C TYR D 3828 116.48 28.60 -63.74
N LEU D 3829 115.47 28.86 -64.57
CA LEU D 3829 115.57 28.53 -65.98
C LEU D 3829 115.79 29.75 -66.86
N SER D 3830 115.07 30.85 -66.59
CA SER D 3830 115.10 32.01 -67.47
C SER D 3830 116.51 32.55 -67.63
N ASP D 3831 117.10 33.00 -66.52
CA ASP D 3831 118.43 33.57 -66.61
C ASP D 3831 119.44 32.47 -66.96
N PRO D 3832 119.73 31.50 -66.06
CA PRO D 3832 120.62 30.42 -66.50
C PRO D 3832 119.85 29.31 -67.20
N ARG D 3833 119.82 29.32 -68.53
CA ARG D 3833 119.60 28.06 -69.23
C ARG D 3833 120.71 27.81 -70.25
N ALA D 3834 120.76 28.66 -71.28
CA ALA D 3834 121.88 28.79 -72.21
C ALA D 3834 122.94 29.79 -71.77
N PRO D 3835 122.58 31.06 -71.51
CA PRO D 3835 123.58 32.14 -71.59
C PRO D 3835 124.79 31.91 -70.69
N PRO D 3836 124.62 31.77 -69.36
CA PRO D 3836 125.81 31.78 -68.51
C PRO D 3836 126.75 30.63 -68.83
N CYS D 3837 126.20 29.44 -69.12
CA CYS D 3837 127.06 28.32 -69.49
C CYS D 3837 127.36 28.34 -70.98
N GLU D 3838 126.32 28.20 -71.81
CA GLU D 3838 126.56 27.98 -73.23
C GLU D 3838 127.18 29.21 -73.88
N TYR D 3839 126.58 30.38 -73.65
CA TYR D 3839 127.08 31.58 -74.30
C TYR D 3839 128.42 32.00 -73.74
N LYS D 3840 128.51 32.16 -72.42
CA LYS D 3840 129.73 32.72 -71.83
C LYS D 3840 130.93 31.82 -72.09
N ASP D 3841 130.81 30.52 -71.80
CA ASP D 3841 131.96 29.63 -71.88
C ASP D 3841 132.56 29.62 -73.28
N TRP D 3842 131.75 29.36 -74.30
CA TRP D 3842 132.32 29.12 -75.62
C TRP D 3842 132.54 30.40 -76.41
N LEU D 3843 131.61 31.36 -76.36
CA LEU D 3843 131.81 32.61 -77.07
C LEU D 3843 133.09 33.31 -76.60
N THR D 3844 133.48 33.07 -75.35
CA THR D 3844 134.69 33.69 -74.81
C THR D 3844 135.91 32.79 -74.98
N LYS D 3845 135.80 31.50 -74.66
CA LYS D 3845 136.94 30.60 -74.84
C LYS D 3845 137.32 30.53 -76.31
N MET D 3846 136.34 30.45 -77.20
CA MET D 3846 136.58 30.42 -78.64
C MET D 3846 135.95 31.65 -79.27
N SER D 3847 136.60 32.16 -80.31
CA SER D 3847 136.05 33.30 -81.03
C SER D 3847 134.67 32.97 -81.56
N GLY D 3848 133.75 33.92 -81.40
CA GLY D 3848 132.41 33.73 -81.91
C GLY D 3848 131.41 34.73 -81.38
N LYS D 3849 130.32 34.89 -82.11
CA LYS D 3849 129.19 35.72 -81.73
C LYS D 3849 127.97 34.84 -81.48
N HIS D 3850 127.02 35.39 -80.73
CA HIS D 3850 125.80 34.68 -80.35
C HIS D 3850 125.04 34.13 -81.55
N ASP D 3851 125.36 34.59 -82.76
CA ASP D 3851 124.69 34.11 -83.96
C ASP D 3851 125.18 32.70 -84.32
N VAL D 3852 124.47 32.10 -85.28
CA VAL D 3852 124.90 30.81 -85.81
C VAL D 3852 126.12 31.00 -86.70
N GLY D 3853 126.79 29.89 -86.99
CA GLY D 3853 127.99 29.90 -87.81
C GLY D 3853 129.21 30.23 -86.98
N ALA D 3854 129.06 31.18 -86.05
CA ALA D 3854 130.13 31.42 -85.09
C ALA D 3854 130.31 30.22 -84.17
N TYR D 3855 129.26 29.41 -84.00
CA TYR D 3855 129.41 28.20 -83.20
C TYR D 3855 130.42 27.26 -83.82
N MET D 3856 130.37 27.14 -85.15
CA MET D 3856 131.43 26.45 -85.89
C MET D 3856 132.81 26.87 -85.40
N LEU D 3857 132.98 28.17 -85.16
CA LEU D 3857 134.25 28.67 -84.66
C LEU D 3857 134.52 28.15 -83.25
N MET D 3858 133.49 28.08 -82.40
CA MET D 3858 133.67 27.45 -81.10
C MET D 3858 133.94 25.96 -81.22
N TYR D 3859 133.28 25.28 -82.16
CA TYR D 3859 133.60 23.88 -82.38
C TYR D 3859 135.03 23.70 -82.86
N LYS D 3860 135.59 24.70 -83.52
CA LYS D 3860 136.97 24.61 -83.96
C LYS D 3860 137.92 24.45 -82.78
N GLY D 3861 137.73 25.26 -81.74
CA GLY D 3861 138.60 25.26 -80.59
C GLY D 3861 138.08 24.53 -79.37
N ALA D 3862 136.86 24.01 -79.40
CA ALA D 3862 136.32 23.30 -78.24
C ALA D 3862 137.09 22.01 -78.01
N ASN D 3863 137.48 21.76 -76.77
CA ASN D 3863 138.27 20.61 -76.41
C ASN D 3863 137.38 19.53 -75.79
N ARG D 3864 137.99 18.43 -75.35
CA ARG D 3864 137.24 17.29 -74.85
C ARG D 3864 136.80 17.51 -73.40
N THR D 3865 137.76 17.68 -72.50
CA THR D 3865 137.45 17.71 -71.08
C THR D 3865 136.60 18.92 -70.71
N GLU D 3866 137.03 20.12 -71.11
CA GLU D 3866 136.34 21.33 -70.69
C GLU D 3866 134.89 21.36 -71.14
N THR D 3867 134.61 20.78 -72.31
CA THR D 3867 133.22 20.68 -72.75
C THR D 3867 132.41 19.87 -71.76
N VAL D 3868 132.98 18.76 -71.26
CA VAL D 3868 132.31 17.96 -70.24
C VAL D 3868 132.22 18.73 -68.93
N THR D 3869 133.27 19.47 -68.57
CA THR D 3869 133.23 20.27 -67.35
C THR D 3869 132.14 21.32 -67.43
N SER D 3870 132.13 22.09 -68.52
CA SER D 3870 131.01 22.99 -68.76
C SER D 3870 129.71 22.21 -68.83
N PHE D 3871 129.75 21.01 -69.43
CA PHE D 3871 128.55 20.20 -69.50
C PHE D 3871 128.02 19.87 -68.11
N ARG D 3872 128.83 19.19 -67.29
CA ARG D 3872 128.34 18.77 -65.98
C ARG D 3872 127.87 19.95 -65.15
N LYS D 3873 128.44 21.14 -65.39
CA LYS D 3873 127.94 22.34 -64.74
C LYS D 3873 126.52 22.67 -65.18
N ARG D 3874 126.17 22.32 -66.42
CA ARG D 3874 124.82 22.59 -66.90
C ARG D 3874 123.80 21.70 -66.21
N GLU D 3875 124.12 20.43 -65.97
CA GLU D 3875 123.24 19.64 -65.10
C GLU D 3875 123.24 20.21 -63.69
N SER D 3876 124.34 20.83 -63.27
CA SER D 3876 124.32 21.58 -62.03
C SER D 3876 123.35 22.76 -62.10
N LYS D 3877 123.02 23.21 -63.32
CA LYS D 3877 121.97 24.19 -63.53
C LYS D 3877 120.68 23.55 -64.04
N VAL D 3878 120.48 22.27 -63.75
CA VAL D 3878 119.30 21.53 -64.18
C VAL D 3878 118.80 20.64 -63.04
N PRO D 3879 117.50 20.60 -62.77
CA PRO D 3879 116.96 19.70 -61.74
C PRO D 3879 116.92 18.26 -62.23
N ALA D 3880 117.72 17.41 -61.60
CA ALA D 3880 117.81 16.01 -62.00
C ALA D 3880 116.68 15.19 -61.39
N ASP D 3881 116.30 14.14 -62.11
CA ASP D 3881 115.29 13.18 -61.67
C ASP D 3881 113.97 13.86 -61.27
N LEU D 3882 113.69 15.01 -61.86
CA LEU D 3882 112.40 15.63 -61.65
C LEU D 3882 111.27 14.74 -62.16
N LEU D 3883 111.58 13.84 -63.09
CA LEU D 3883 110.61 12.93 -63.69
C LEU D 3883 109.83 12.17 -62.64
N LYS D 3884 110.54 11.37 -61.84
CA LYS D 3884 109.87 10.58 -60.82
C LYS D 3884 109.03 11.46 -59.91
N ARG D 3885 109.51 12.67 -59.64
CA ARG D 3885 108.69 13.63 -58.92
C ARG D 3885 107.42 13.94 -59.69
N ALA D 3886 107.53 14.12 -61.01
CA ALA D 3886 106.34 14.36 -61.81
C ALA D 3886 105.40 13.16 -61.78
N PHE D 3887 105.96 11.95 -61.90
CA PHE D 3887 105.11 10.76 -61.93
C PHE D 3887 104.34 10.60 -60.63
N VAL D 3888 105.04 10.63 -59.50
CA VAL D 3888 104.37 10.41 -58.22
C VAL D 3888 103.36 11.51 -57.96
N ARG D 3889 103.58 12.71 -58.50
CA ARG D 3889 102.59 13.76 -58.37
C ARG D 3889 101.32 13.43 -59.14
N MET D 3890 101.46 12.85 -60.32
CA MET D 3890 100.30 12.43 -61.10
C MET D 3890 99.83 11.02 -60.75
N SER D 3891 100.74 10.15 -60.34
CA SER D 3891 100.37 8.77 -60.04
C SER D 3891 99.71 8.73 -58.67
N THR D 3892 98.42 8.40 -58.65
CA THR D 3892 97.74 8.19 -57.38
C THR D 3892 98.34 7.02 -56.63
N SER D 3893 98.73 5.97 -57.34
CA SER D 3893 99.32 4.81 -56.71
C SER D 3893 100.72 4.57 -57.25
N PRO D 3894 101.64 4.13 -56.39
CA PRO D 3894 102.93 3.62 -56.90
C PRO D 3894 102.74 2.44 -57.83
N GLU D 3895 101.63 1.72 -57.69
CA GLU D 3895 101.26 0.63 -58.57
C GLU D 3895 101.26 1.14 -60.00
N ALA D 3896 100.37 2.10 -60.29
CA ALA D 3896 100.32 2.68 -61.62
C ALA D 3896 101.60 3.43 -61.96
N PHE D 3897 102.13 4.19 -60.99
CA PHE D 3897 103.40 4.88 -61.17
C PHE D 3897 104.43 3.99 -61.85
N LEU D 3898 104.74 2.86 -61.22
CA LEU D 3898 105.70 1.94 -61.78
C LEU D 3898 105.23 1.44 -63.14
N ALA D 3899 103.94 1.10 -63.25
CA ALA D 3899 103.43 0.50 -64.48
C ALA D 3899 103.59 1.45 -65.66
N LEU D 3900 103.06 2.66 -65.54
CA LEU D 3900 103.13 3.60 -66.65
C LEU D 3900 104.57 4.02 -66.92
N ARG D 3901 105.36 4.17 -65.86
CA ARG D 3901 106.77 4.50 -66.05
C ARG D 3901 107.47 3.41 -66.85
N SER D 3902 107.25 2.15 -66.48
CA SER D 3902 107.80 1.05 -67.26
C SER D 3902 107.28 1.11 -68.70
N HIS D 3903 105.97 1.34 -68.85
CA HIS D 3903 105.42 1.50 -70.19
C HIS D 3903 106.04 2.66 -70.93
N PHE D 3904 106.16 3.81 -70.26
CA PHE D 3904 106.70 4.97 -70.94
C PHE D 3904 108.13 4.73 -71.37
N ALA D 3905 108.92 4.10 -70.50
CA ALA D 3905 110.31 3.80 -70.81
C ALA D 3905 110.40 2.92 -72.06
N SER D 3906 109.56 1.89 -72.12
CA SER D 3906 109.47 1.10 -73.34
C SER D 3906 109.01 1.97 -74.51
N SER D 3907 108.04 2.84 -74.27
CA SER D 3907 107.51 3.69 -75.32
C SER D 3907 108.58 4.62 -75.87
N HIS D 3908 109.37 5.22 -74.97
CA HIS D 3908 110.42 6.14 -75.41
C HIS D 3908 111.55 5.40 -76.10
N ALA D 3909 112.01 4.29 -75.53
CA ALA D 3909 113.09 3.53 -76.16
C ALA D 3909 112.69 3.06 -77.54
N LEU D 3910 111.41 2.74 -77.72
CA LEU D 3910 110.91 2.45 -79.06
C LEU D 3910 111.01 3.68 -79.95
N ILE D 3911 110.62 4.85 -79.43
CA ILE D 3911 110.74 6.08 -80.21
C ILE D 3911 112.20 6.34 -80.56
N CYS D 3912 113.11 6.01 -79.65
CA CYS D 3912 114.53 6.25 -79.89
C CYS D 3912 115.05 5.37 -81.02
N ILE D 3913 114.78 4.07 -80.95
CA ILE D 3913 115.27 3.16 -81.99
C ILE D 3913 114.67 3.51 -83.33
N SER D 3914 113.39 3.90 -83.35
CA SER D 3914 112.78 4.41 -84.56
C SER D 3914 113.54 5.63 -85.08
N HIS D 3915 113.79 6.61 -84.20
CA HIS D 3915 114.42 7.85 -84.63
C HIS D 3915 115.77 7.58 -85.27
N TRP D 3916 116.58 6.73 -84.66
CA TRP D 3916 117.88 6.41 -85.24
C TRP D 3916 117.73 5.66 -86.55
N ILE D 3917 116.96 4.57 -86.54
CA ILE D 3917 116.86 3.75 -87.74
C ILE D 3917 116.20 4.55 -88.86
N LEU D 3918 115.28 5.43 -88.52
CA LEU D 3918 114.71 6.37 -89.46
C LEU D 3918 115.60 7.59 -89.66
N GLY D 3919 116.70 7.68 -88.93
CA GLY D 3919 117.56 8.85 -89.01
C GLY D 3919 116.82 10.12 -88.66
N ILE D 3920 115.91 10.05 -87.70
CA ILE D 3920 115.18 11.24 -87.26
C ILE D 3920 116.10 12.01 -86.32
N GLY D 3921 116.64 13.13 -86.82
CA GLY D 3921 117.46 14.00 -86.03
C GLY D 3921 116.67 15.18 -85.50
N ASP D 3922 117.37 16.02 -84.75
CA ASP D 3922 116.79 17.23 -84.18
C ASP D 3922 115.53 16.91 -83.39
N ARG D 3923 115.64 15.93 -82.49
CA ARG D 3923 114.48 15.47 -81.74
C ARG D 3923 114.13 16.54 -80.71
N HIS D 3924 113.47 17.59 -81.21
CA HIS D 3924 113.05 18.67 -80.33
C HIS D 3924 112.05 18.15 -79.31
N LEU D 3925 112.08 18.76 -78.13
CA LEU D 3925 111.32 18.19 -77.02
C LEU D 3925 109.82 18.34 -77.26
N ASN D 3926 109.40 19.34 -78.03
CA ASN D 3926 108.00 19.43 -78.42
C ASN D 3926 107.58 18.36 -79.41
N ASN D 3927 108.53 17.72 -80.10
CA ASN D 3927 108.18 16.67 -81.03
C ASN D 3927 107.46 15.53 -80.33
N PHE D 3928 107.72 15.35 -79.04
CA PHE D 3928 107.24 14.19 -78.29
C PHE D 3928 106.28 14.65 -77.22
N MET D 3929 105.17 13.94 -77.11
CA MET D 3929 104.10 14.25 -76.18
C MET D 3929 103.57 12.97 -75.57
N VAL D 3930 103.11 13.07 -74.33
CA VAL D 3930 102.65 11.92 -73.57
C VAL D 3930 101.17 12.12 -73.23
N ALA D 3931 100.39 11.07 -73.41
CA ALA D 3931 98.99 11.07 -73.04
C ALA D 3931 98.91 10.67 -71.58
N MET D 3932 98.45 11.60 -70.73
CA MET D 3932 98.36 11.28 -69.31
C MET D 3932 97.36 10.17 -69.03
N GLU D 3933 96.50 9.83 -69.98
CA GLU D 3933 95.63 8.68 -69.82
C GLU D 3933 96.38 7.37 -69.92
N THR D 3934 97.61 7.37 -70.44
CA THR D 3934 98.39 6.16 -70.60
C THR D 3934 99.84 6.27 -70.12
N GLY D 3935 100.39 7.46 -70.00
CA GLY D 3935 101.80 7.58 -69.68
C GLY D 3935 102.68 6.95 -70.74
N GLY D 3936 102.37 7.24 -71.99
CA GLY D 3936 103.17 6.76 -73.11
C GLY D 3936 103.45 7.89 -74.08
N VAL D 3937 104.66 7.89 -74.62
CA VAL D 3937 105.07 8.95 -75.53
C VAL D 3937 104.58 8.63 -76.94
N ILE D 3938 104.26 9.68 -77.69
CA ILE D 3938 103.86 9.55 -79.09
C ILE D 3938 104.88 10.33 -79.92
N GLY D 3939 105.24 9.76 -81.06
CA GLY D 3939 106.29 10.35 -81.89
C GLY D 3939 105.78 11.08 -83.11
N ILE D 3940 105.88 12.41 -83.10
CA ILE D 3940 105.48 13.27 -84.21
C ILE D 3940 106.56 14.34 -84.34
N ASP D 3941 106.43 15.16 -85.39
CA ASP D 3941 107.31 16.31 -85.63
C ASP D 3941 108.74 15.87 -85.90
N PHE D 3942 108.91 15.15 -87.01
CA PHE D 3942 110.22 14.75 -87.49
C PHE D 3942 110.66 15.71 -88.59
N GLY D 3943 111.80 16.36 -88.38
CA GLY D 3943 112.32 17.28 -89.38
C GLY D 3943 113.15 16.58 -90.43
N HIS D 3944 114.10 15.77 -89.99
CA HIS D 3944 114.97 15.01 -90.87
C HIS D 3944 114.68 13.52 -90.74
N ALA D 3945 114.97 12.79 -91.82
CA ALA D 3945 114.76 11.35 -91.85
C ALA D 3945 115.92 10.70 -92.58
N PHE D 3946 116.45 9.63 -91.98
CA PHE D 3946 117.57 8.85 -92.51
C PHE D 3946 118.83 9.69 -92.72
N GLY D 3947 118.87 10.90 -92.19
CA GLY D 3947 120.09 11.67 -92.19
C GLY D 3947 120.14 12.72 -93.29
N SER D 3948 119.81 13.95 -92.94
CA SER D 3948 120.09 15.08 -93.82
C SER D 3948 120.49 16.32 -93.03
N ALA D 3949 120.57 16.24 -91.70
CA ALA D 3949 120.79 17.43 -90.90
C ALA D 3949 122.22 17.91 -91.01
N THR D 3950 123.19 17.01 -90.83
CA THR D 3950 124.58 17.43 -90.82
C THR D 3950 125.02 17.97 -92.17
N GLN D 3951 124.51 17.39 -93.26
CA GLN D 3951 124.91 17.82 -94.60
C GLN D 3951 124.42 19.24 -94.89
N PHE D 3952 123.21 19.58 -94.43
CA PHE D 3952 122.59 20.85 -94.75
C PHE D 3952 122.49 21.78 -93.54
N LEU D 3953 123.30 21.55 -92.51
CA LEU D 3953 123.35 22.45 -91.37
C LEU D 3953 124.79 22.79 -91.06
N PRO D 3954 125.05 23.99 -90.55
CA PRO D 3954 126.39 24.30 -90.05
C PRO D 3954 126.61 23.66 -88.69
N VAL D 3955 125.56 23.60 -87.88
CA VAL D 3955 125.62 22.88 -86.61
C VAL D 3955 125.72 21.41 -86.96
N PRO D 3956 126.74 20.71 -86.47
CA PRO D 3956 126.85 19.27 -86.76
C PRO D 3956 125.87 18.46 -85.93
N GLU D 3957 125.28 17.44 -86.56
CA GLU D 3957 124.39 16.52 -85.88
C GLU D 3957 125.01 15.13 -85.82
N LEU D 3958 125.31 14.69 -84.60
CA LEU D 3958 125.83 13.36 -84.32
C LEU D 3958 124.93 12.58 -83.37
N MET D 3959 123.97 13.24 -82.74
CA MET D 3959 122.96 12.58 -81.92
C MET D 3959 122.20 11.55 -82.74
N PRO D 3960 121.89 10.39 -82.16
CA PRO D 3960 120.86 9.52 -82.73
C PRO D 3960 119.45 9.99 -82.41
N PHE D 3961 119.23 10.48 -81.20
CA PHE D 3961 117.90 10.87 -80.76
C PHE D 3961 118.06 11.86 -79.60
N ARG D 3962 116.94 12.16 -78.94
CA ARG D 3962 116.94 13.08 -77.81
C ARG D 3962 117.25 12.32 -76.53
N LEU D 3963 118.26 12.77 -75.80
CA LEU D 3963 118.66 12.16 -74.55
C LEU D 3963 119.14 13.25 -73.61
N THR D 3964 118.89 13.05 -72.32
CA THR D 3964 119.45 13.90 -71.28
C THR D 3964 119.43 13.11 -69.99
N ARG D 3965 120.13 13.65 -68.99
CA ARG D 3965 120.15 13.00 -67.68
C ARG D 3965 118.73 12.81 -67.17
N GLN D 3966 117.84 13.78 -67.42
CA GLN D 3966 116.46 13.63 -67.02
C GLN D 3966 115.85 12.37 -67.61
N PHE D 3967 116.08 12.13 -68.90
CA PHE D 3967 115.67 10.86 -69.46
C PHE D 3967 116.51 9.72 -68.89
N ILE D 3968 117.80 9.97 -68.66
CA ILE D 3968 118.61 8.98 -67.96
C ILE D 3968 118.12 8.82 -66.53
N ASN D 3969 117.42 9.83 -66.01
CA ASN D 3969 116.84 9.81 -64.67
C ASN D 3969 115.61 8.94 -64.57
N LEU D 3970 115.30 8.16 -65.61
CA LEU D 3970 114.16 7.26 -65.58
C LEU D 3970 114.21 6.34 -64.36
N MET D 3971 115.38 5.79 -64.07
CA MET D 3971 115.52 4.99 -62.86
C MET D 3971 116.98 5.04 -62.45
N LEU D 3972 117.28 5.80 -61.40
CA LEU D 3972 118.67 5.89 -60.95
C LEU D 3972 119.24 4.56 -60.49
N PRO D 3973 118.57 3.77 -59.64
CA PRO D 3973 119.12 2.48 -59.23
C PRO D 3973 119.37 1.48 -60.35
N MET D 3974 118.64 1.51 -61.46
CA MET D 3974 118.98 0.65 -62.58
C MET D 3974 119.82 1.44 -63.57
N LYS D 3975 120.72 0.75 -64.25
CA LYS D 3975 121.84 1.37 -64.96
C LYS D 3975 121.77 1.21 -66.48
N GLU D 3976 120.60 1.41 -67.07
CA GLU D 3976 120.41 1.51 -68.52
C GLU D 3976 120.84 0.26 -69.27
N THR D 3977 121.18 -0.81 -68.57
CA THR D 3977 121.63 -2.03 -69.21
C THR D 3977 120.49 -3.00 -69.46
N GLY D 3978 119.27 -2.66 -69.08
CA GLY D 3978 118.18 -3.61 -69.09
C GLY D 3978 117.09 -3.34 -70.11
N LEU D 3979 115.96 -2.79 -69.63
CA LEU D 3979 114.76 -2.66 -70.43
C LEU D 3979 115.05 -2.14 -71.83
N MET D 3980 115.53 -0.91 -71.92
CA MET D 3980 115.79 -0.33 -73.22
C MET D 3980 116.91 -1.09 -73.92
N TYR D 3981 117.97 -1.47 -73.19
CA TYR D 3981 119.04 -2.23 -73.81
C TYR D 3981 118.48 -3.54 -74.36
N SER D 3982 117.61 -4.20 -73.60
CA SER D 3982 116.93 -5.39 -74.11
C SER D 3982 115.99 -5.04 -75.25
N ILE D 3983 115.23 -3.94 -75.11
CA ILE D 3983 114.15 -3.71 -76.06
C ILE D 3983 114.70 -3.40 -77.45
N MET D 3984 115.81 -2.64 -77.53
CA MET D 3984 116.41 -2.45 -78.83
C MET D 3984 117.09 -3.71 -79.34
N VAL D 3985 117.63 -4.54 -78.44
CA VAL D 3985 118.20 -5.82 -78.86
C VAL D 3985 117.14 -6.64 -79.58
N HIS D 3986 115.97 -6.76 -78.97
CA HIS D 3986 114.89 -7.53 -79.57
C HIS D 3986 114.34 -6.83 -80.80
N ALA D 3987 114.21 -5.50 -80.73
CA ALA D 3987 113.74 -4.75 -81.89
C ALA D 3987 114.70 -4.85 -83.06
N LEU D 3988 116.00 -4.83 -82.77
CA LEU D 3988 116.96 -5.01 -83.85
C LEU D 3988 116.95 -6.45 -84.35
N ARG D 3989 116.77 -7.41 -83.45
CA ARG D 3989 116.51 -8.78 -83.90
C ARG D 3989 115.27 -8.82 -84.76
N ALA D 3990 114.24 -8.06 -84.37
CA ALA D 3990 113.08 -7.91 -85.23
C ALA D 3990 113.48 -7.31 -86.57
N PHE D 3991 114.42 -6.36 -86.57
CA PHE D 3991 114.93 -5.88 -87.85
C PHE D 3991 115.69 -6.97 -88.59
N ARG D 3992 116.39 -7.83 -87.85
CA ARG D 3992 117.15 -8.93 -88.45
C ARG D 3992 116.25 -9.95 -89.14
N SER D 3993 114.94 -9.92 -88.87
CA SER D 3993 114.04 -10.91 -89.45
C SER D 3993 114.07 -10.89 -90.97
N ASP D 3994 113.56 -9.81 -91.57
CA ASP D 3994 113.50 -9.70 -93.02
C ASP D 3994 113.42 -8.23 -93.43
N PRO D 3995 114.55 -7.52 -93.44
CA PRO D 3995 114.52 -6.09 -93.76
C PRO D 3995 114.42 -5.80 -95.25
N GLY D 3996 114.43 -6.81 -96.11
CA GLY D 3996 114.35 -6.54 -97.53
C GLY D 3996 113.09 -5.78 -97.90
N LEU D 3997 111.98 -6.10 -97.22
CA LEU D 3997 110.73 -5.41 -97.46
C LEU D 3997 110.88 -3.91 -97.21
N LEU D 3998 111.20 -3.54 -95.97
CA LEU D 3998 111.38 -2.13 -95.65
C LEU D 3998 112.47 -1.50 -96.50
N THR D 3999 113.47 -2.29 -96.90
CA THR D 3999 114.49 -1.80 -97.80
C THR D 3999 113.89 -1.32 -99.10
N ASN D 4000 113.07 -2.17 -99.73
CA ASN D 4000 112.47 -1.80 -101.00
C ASN D 4000 111.48 -0.66 -100.84
N THR D 4001 110.78 -0.60 -99.70
CA THR D 4001 109.90 0.52 -99.46
C THR D 4001 110.68 1.82 -99.48
N MET D 4002 111.85 1.82 -98.84
CA MET D 4002 112.75 2.95 -98.95
C MET D 4002 113.20 3.16 -100.37
N ASP D 4003 113.52 2.07 -101.07
CA ASP D 4003 114.07 2.21 -102.42
C ASP D 4003 113.08 2.91 -103.33
N VAL D 4004 111.82 2.46 -103.32
CA VAL D 4004 110.83 3.11 -104.18
C VAL D 4004 110.54 4.52 -103.70
N PHE D 4005 110.55 4.76 -102.38
CA PHE D 4005 110.14 6.06 -101.84
C PHE D 4005 111.16 7.14 -102.17
N VAL D 4006 112.45 6.87 -101.94
CA VAL D 4006 113.45 7.91 -102.13
C VAL D 4006 113.69 8.15 -103.63
N LYS D 4007 113.74 7.07 -104.41
CA LYS D 4007 114.17 7.21 -105.80
C LYS D 4007 113.17 8.05 -106.59
N GLU D 4008 111.87 7.86 -106.35
CA GLU D 4008 110.90 8.76 -106.95
C GLU D 4008 111.07 10.16 -106.35
N PRO D 4009 111.01 11.20 -107.17
CA PRO D 4009 111.45 12.52 -106.69
C PRO D 4009 110.42 13.26 -105.88
N SER D 4010 109.76 12.59 -104.94
CA SER D 4010 109.02 13.29 -103.89
C SER D 4010 109.93 13.67 -102.74
N PHE D 4011 110.99 12.89 -102.52
CA PHE D 4011 111.99 13.16 -101.51
C PHE D 4011 113.27 13.53 -102.24
N ASP D 4012 113.51 14.83 -102.36
CA ASP D 4012 114.73 15.31 -103.01
C ASP D 4012 115.06 16.68 -102.44
N TRP D 4013 116.30 17.10 -102.68
CA TRP D 4013 116.78 18.38 -102.15
C TRP D 4013 115.84 19.52 -102.49
N LYS D 4014 115.32 19.54 -103.71
CA LYS D 4014 114.38 20.59 -104.09
C LYS D 4014 113.11 20.49 -103.26
N ASN D 4015 112.51 19.29 -103.23
CA ASN D 4015 111.40 19.06 -102.33
C ASN D 4015 111.82 19.32 -100.89
N PHE D 4016 112.97 18.78 -100.49
CA PHE D 4016 113.39 18.94 -99.11
C PHE D 4016 113.61 20.42 -98.79
N GLU D 4017 114.22 21.17 -99.71
CA GLU D 4017 114.38 22.60 -99.46
C GLU D 4017 113.02 23.29 -99.34
N GLN D 4018 112.13 23.03 -100.29
CA GLN D 4018 110.83 23.69 -100.28
C GLN D 4018 110.04 23.39 -99.01
N LYS D 4019 110.26 22.21 -98.41
CA LYS D 4019 109.60 21.91 -97.15
C LYS D 4019 110.30 22.60 -96.00
N MET D 4020 111.64 22.64 -96.04
CA MET D 4020 112.44 23.12 -94.93
C MET D 4020 112.49 24.63 -94.83
N LEU D 4021 112.11 25.33 -95.90
CA LEU D 4021 112.23 26.78 -95.86
C LEU D 4021 111.26 27.42 -94.87
N LYS D 4022 110.19 26.73 -94.51
CA LYS D 4022 109.29 27.23 -93.47
C LYS D 4022 109.65 26.72 -92.09
N LYS D 4023 110.71 25.92 -91.99
CA LYS D 4023 111.14 25.28 -90.75
C LYS D 4023 112.59 25.64 -90.46
N GLY D 4024 113.03 25.27 -89.26
CA GLY D 4024 114.42 25.45 -88.88
C GLY D 4024 114.63 26.28 -87.63
N GLY D 4025 115.59 25.87 -86.81
CA GLY D 4025 116.00 26.64 -85.66
C GLY D 4025 117.38 27.20 -85.92
N SER D 4026 118.16 26.47 -86.70
CA SER D 4026 119.45 26.92 -87.20
C SER D 4026 119.49 26.92 -88.73
N TRP D 4027 118.34 26.66 -89.38
CA TRP D 4027 118.29 26.64 -90.84
C TRP D 4027 117.06 27.35 -91.41
N ILE D 4028 116.23 27.97 -90.57
CA ILE D 4028 115.07 28.72 -91.08
C ILE D 4028 115.52 29.91 -91.92
N GLN D 4029 116.67 30.49 -91.59
CA GLN D 4029 117.19 31.61 -92.38
C GLN D 4029 117.50 31.19 -93.81
N GLU D 4030 117.76 29.90 -94.04
CA GLU D 4030 118.09 29.41 -95.37
C GLU D 4030 116.79 29.05 -96.10
N ILE D 4031 116.02 30.09 -96.39
CA ILE D 4031 114.83 29.95 -97.22
C ILE D 4031 115.19 29.86 -98.70
N ASN D 4032 116.43 30.18 -99.04
CA ASN D 4032 116.90 30.13 -100.41
C ASN D 4032 117.28 28.70 -100.77
N VAL D 4033 117.96 28.50 -101.90
CA VAL D 4033 118.38 27.18 -102.36
C VAL D 4033 119.90 27.18 -102.48
N ALA D 4034 120.52 26.14 -101.93
CA ALA D 4034 121.97 25.97 -102.01
C ALA D 4034 122.27 24.49 -101.93
N GLU D 4035 122.62 23.88 -103.06
CA GLU D 4035 122.86 22.45 -103.09
C GLU D 4035 124.02 22.07 -102.18
N LYS D 4036 123.81 21.04 -101.36
CA LYS D 4036 124.81 20.56 -100.41
C LYS D 4036 125.04 19.08 -100.62
N ASN D 4037 125.30 18.70 -101.87
CA ASN D 4037 125.64 17.32 -102.23
C ASN D 4037 124.49 16.37 -101.91
N TRP D 4038 123.36 16.60 -102.56
CA TRP D 4038 122.19 15.76 -102.40
C TRP D 4038 122.46 14.39 -103.02
N TYR D 4039 122.50 13.35 -102.19
CA TYR D 4039 122.84 12.00 -102.62
C TYR D 4039 121.80 11.00 -102.13
N PRO D 4040 120.62 10.97 -102.76
CA PRO D 4040 119.65 9.93 -102.41
C PRO D 4040 120.17 8.53 -102.68
N ARG D 4041 120.98 8.35 -103.72
CA ARG D 4041 121.54 7.04 -104.03
C ARG D 4041 122.62 6.61 -103.05
N GLN D 4042 123.08 7.51 -102.18
CA GLN D 4042 123.99 7.13 -101.12
C GLN D 4042 123.31 7.03 -99.77
N LYS D 4043 122.21 7.75 -99.56
CA LYS D 4043 121.43 7.58 -98.35
C LYS D 4043 120.93 6.14 -98.24
N ILE D 4044 120.55 5.55 -99.37
CA ILE D 4044 120.18 4.14 -99.39
C ILE D 4044 121.39 3.28 -99.02
N CYS D 4045 122.58 3.65 -99.50
CA CYS D 4045 123.77 2.88 -99.17
C CYS D 4045 124.04 2.91 -97.68
N TYR D 4046 123.88 4.08 -97.06
CA TYR D 4046 124.01 4.17 -95.61
C TYR D 4046 122.86 3.45 -94.91
N ALA D 4047 121.67 3.46 -95.52
CA ALA D 4047 120.52 2.80 -94.91
C ALA D 4047 120.76 1.31 -94.78
N LYS D 4048 121.27 0.67 -95.84
CA LYS D 4048 121.49 -0.77 -95.76
C LYS D 4048 122.67 -1.11 -94.87
N ARG D 4049 123.67 -0.23 -94.79
CA ARG D 4049 124.77 -0.44 -93.86
C ARG D 4049 124.26 -0.48 -92.42
N LYS D 4050 123.36 0.43 -92.07
CA LYS D 4050 122.79 0.45 -90.72
C LYS D 4050 122.09 -0.85 -90.40
N LEU D 4051 121.18 -1.27 -91.28
CA LEU D 4051 120.42 -2.49 -91.04
C LEU D 4051 121.29 -3.73 -91.15
N ALA D 4052 122.25 -3.74 -92.07
CA ALA D 4052 123.14 -4.88 -92.17
C ALA D 4052 123.95 -5.06 -90.90
N GLY D 4053 124.09 -4.00 -90.12
CA GLY D 4053 124.84 -4.08 -88.88
C GLY D 4053 126.25 -3.57 -89.06
N ALA D 4054 126.51 -2.36 -88.59
CA ALA D 4054 127.82 -1.75 -88.73
C ALA D 4054 128.05 -0.80 -87.57
N ASN D 4055 129.30 -0.40 -87.40
CA ASN D 4055 129.65 0.53 -86.34
C ASN D 4055 128.89 1.84 -86.52
N PRO D 4056 128.07 2.26 -85.55
CA PRO D 4056 127.32 3.52 -85.71
C PRO D 4056 128.22 4.72 -85.92
N ALA D 4057 129.38 4.76 -85.26
CA ALA D 4057 130.29 5.89 -85.42
C ALA D 4057 130.70 6.05 -86.88
N VAL D 4058 130.86 4.94 -87.59
CA VAL D 4058 131.16 5.02 -89.02
C VAL D 4058 130.00 5.65 -89.77
N ILE D 4059 128.77 5.24 -89.43
CA ILE D 4059 127.59 5.82 -90.05
C ILE D 4059 127.53 7.32 -89.78
N THR D 4060 127.82 7.71 -88.54
CA THR D 4060 127.81 9.13 -88.19
C THR D 4060 128.87 9.90 -88.95
N CYS D 4061 130.09 9.35 -89.03
CA CYS D 4061 131.19 10.11 -89.60
C CYS D 4061 131.09 10.22 -91.12
N ASP D 4062 130.72 9.12 -91.79
CA ASP D 4062 130.61 9.15 -93.24
C ASP D 4062 129.36 9.86 -93.73
N GLU D 4063 128.39 10.09 -92.85
CA GLU D 4063 127.26 10.95 -93.19
C GLU D 4063 127.67 12.41 -93.28
N LEU D 4064 128.83 12.76 -92.73
CA LEU D 4064 129.33 14.13 -92.79
C LEU D 4064 129.95 14.48 -94.13
N LEU D 4065 130.09 13.52 -95.03
CA LEU D 4065 130.75 13.75 -96.30
C LEU D 4065 129.79 14.12 -97.42
N LEU D 4066 128.50 14.23 -97.12
CA LEU D 4066 127.47 14.44 -98.13
C LEU D 4066 126.96 15.87 -98.10
N GLY D 4067 127.83 16.82 -97.82
CA GLY D 4067 127.45 18.21 -97.71
C GLY D 4067 128.05 18.87 -96.48
N HIS D 4068 128.24 18.08 -95.42
CA HIS D 4068 128.87 18.59 -94.21
C HIS D 4068 130.39 18.61 -94.32
N GLU D 4069 130.95 17.99 -95.35
CA GLU D 4069 132.40 18.01 -95.54
C GLU D 4069 132.90 19.44 -95.74
N LYS D 4070 132.17 20.24 -96.51
CA LYS D 4070 132.58 21.61 -96.78
C LYS D 4070 132.53 22.48 -95.54
N ALA D 4071 131.70 22.11 -94.55
CA ALA D 4071 131.62 22.89 -93.33
C ALA D 4071 132.93 22.80 -92.56
N PRO D 4072 133.30 23.87 -91.86
CA PRO D 4072 134.58 23.89 -91.14
C PRO D 4072 134.60 22.92 -89.96
N ALA D 4073 135.72 22.87 -89.24
CA ALA D 4073 135.89 22.00 -88.07
C ALA D 4073 135.47 20.56 -88.38
N PHE D 4074 135.59 20.17 -89.65
CA PHE D 4074 135.12 18.86 -90.07
C PHE D 4074 135.86 17.74 -89.36
N ARG D 4075 137.20 17.77 -89.43
CA ARG D 4075 137.99 16.78 -88.70
C ARG D 4075 137.75 16.88 -87.21
N ASP D 4076 137.50 18.09 -86.71
CA ASP D 4076 137.07 18.24 -85.32
C ASP D 4076 135.79 17.48 -85.05
N TYR D 4077 134.88 17.46 -86.02
CA TYR D 4077 133.64 16.73 -85.87
C TYR D 4077 133.85 15.23 -86.04
N VAL D 4078 134.65 14.83 -87.03
CA VAL D 4078 134.94 13.41 -87.21
C VAL D 4078 135.75 12.89 -86.03
N ALA D 4079 136.55 13.75 -85.39
CA ALA D 4079 137.33 13.33 -84.23
C ALA D 4079 136.42 12.88 -83.09
N VAL D 4080 135.46 13.73 -82.72
CA VAL D 4080 134.54 13.34 -81.67
C VAL D 4080 133.55 12.29 -82.15
N ALA D 4081 133.30 12.22 -83.45
CA ALA D 4081 132.41 11.20 -84.00
C ALA D 4081 132.95 9.81 -83.74
N ARG D 4082 134.23 9.61 -84.02
CA ARG D 4082 134.87 8.32 -83.78
C ARG D 4082 135.18 8.07 -82.32
N GLY D 4083 135.16 9.12 -81.50
CA GLY D 4083 135.43 8.97 -80.08
C GLY D 4083 136.91 8.88 -79.78
N SER D 4084 137.22 8.68 -78.51
CA SER D 4084 138.59 8.57 -78.05
C SER D 4084 138.69 7.43 -77.05
N LYS D 4085 139.85 6.78 -77.04
CA LYS D 4085 140.07 5.65 -76.14
C LYS D 4085 140.45 6.16 -74.74
N ASP D 4086 139.70 7.10 -74.25
CA ASP D 4086 139.78 7.54 -72.86
C ASP D 4086 138.42 7.52 -72.18
N HIS D 4087 137.36 7.87 -72.92
CA HIS D 4087 136.00 7.75 -72.43
C HIS D 4087 135.04 7.18 -73.46
N ASN D 4088 135.45 7.03 -74.71
CA ASN D 4088 134.60 6.52 -75.77
C ASN D 4088 135.05 5.12 -76.16
N ILE D 4089 134.10 4.18 -76.16
CA ILE D 4089 134.39 2.83 -76.58
C ILE D 4089 134.34 2.69 -78.09
N ARG D 4090 133.62 3.58 -78.78
CA ARG D 4090 133.51 3.51 -80.23
C ARG D 4090 134.86 3.66 -80.91
N ALA D 4091 135.77 4.44 -80.32
CA ALA D 4091 137.12 4.51 -80.85
C ALA D 4091 137.88 3.21 -80.66
N GLN D 4092 137.39 2.33 -79.80
CA GLN D 4092 138.07 1.07 -79.48
C GLN D 4092 137.48 -0.10 -80.25
N GLU D 4093 136.65 0.16 -81.26
CA GLU D 4093 135.92 -0.91 -81.92
C GLU D 4093 136.19 -0.91 -83.42
N PRO D 4094 136.10 -2.06 -84.07
CA PRO D 4094 136.23 -2.11 -85.53
C PRO D 4094 135.13 -1.31 -86.20
N GLU D 4095 135.46 -0.75 -87.37
CA GLU D 4095 134.48 0.03 -88.12
C GLU D 4095 133.34 -0.82 -88.66
N SER D 4096 133.51 -2.13 -88.71
CA SER D 4096 132.49 -3.03 -89.24
C SER D 4096 132.68 -4.40 -88.63
N GLY D 4097 131.81 -5.33 -89.01
CA GLY D 4097 131.83 -6.66 -88.43
C GLY D 4097 131.59 -6.65 -86.94
N LEU D 4098 130.59 -5.89 -86.49
CA LEU D 4098 130.32 -5.69 -85.08
C LEU D 4098 129.01 -6.36 -84.70
N SER D 4099 129.02 -7.05 -83.57
CA SER D 4099 127.82 -7.68 -83.06
C SER D 4099 126.75 -6.63 -82.78
N GLU D 4100 125.51 -7.00 -83.03
CA GLU D 4100 124.41 -6.03 -82.93
C GLU D 4100 124.42 -5.33 -81.58
N GLU D 4101 124.53 -6.10 -80.49
CA GLU D 4101 124.55 -5.50 -79.16
C GLU D 4101 125.74 -4.59 -79.00
N THR D 4102 126.87 -4.93 -79.64
CA THR D 4102 128.00 -4.04 -79.66
C THR D 4102 127.64 -2.74 -80.36
N GLN D 4103 126.92 -2.84 -81.47
CA GLN D 4103 126.46 -1.65 -82.17
C GLN D 4103 125.54 -0.83 -81.27
N VAL D 4104 124.75 -1.50 -80.45
CA VAL D 4104 123.78 -0.81 -79.62
C VAL D 4104 124.47 0.04 -78.57
N LYS D 4105 125.49 -0.52 -77.89
CA LYS D 4105 126.14 0.27 -76.85
C LYS D 4105 126.89 1.46 -77.44
N CYS D 4106 127.42 1.33 -78.66
CA CYS D 4106 127.93 2.50 -79.36
C CYS D 4106 126.84 3.53 -79.57
N LEU D 4107 125.60 3.07 -79.82
CA LEU D 4107 124.49 3.99 -79.97
C LEU D 4107 124.29 4.84 -78.73
N MET D 4108 124.19 4.20 -77.57
CA MET D 4108 124.08 4.97 -76.33
C MET D 4108 125.37 5.72 -76.03
N ASP D 4109 126.52 5.09 -76.26
CA ASP D 4109 127.79 5.74 -75.93
C ASP D 4109 127.96 7.02 -76.74
N GLN D 4110 127.70 6.94 -78.05
CA GLN D 4110 127.66 8.14 -78.86
C GLN D 4110 126.48 9.03 -78.53
N ALA D 4111 125.43 8.47 -77.92
CA ALA D 4111 124.31 9.28 -77.45
C ALA D 4111 124.53 9.86 -76.06
N THR D 4112 125.59 9.45 -75.36
CA THR D 4112 125.80 9.90 -73.98
C THR D 4112 127.18 10.49 -73.71
N ASP D 4113 128.08 10.49 -74.68
CA ASP D 4113 129.38 11.10 -74.44
C ASP D 4113 129.21 12.61 -74.25
N PRO D 4114 129.46 13.13 -73.05
CA PRO D 4114 129.05 14.51 -72.73
C PRO D 4114 129.74 15.58 -73.55
N ASN D 4115 130.87 15.25 -74.19
CA ASN D 4115 131.56 16.24 -75.02
C ASN D 4115 130.66 16.71 -76.15
N ILE D 4116 130.26 15.79 -77.03
CA ILE D 4116 129.37 16.15 -78.12
C ILE D 4116 127.99 16.54 -77.60
N LEU D 4117 127.61 16.04 -76.43
CA LEU D 4117 126.34 16.45 -75.84
C LEU D 4117 126.35 17.94 -75.54
N GLY D 4118 127.45 18.45 -74.99
CA GLY D 4118 127.63 19.89 -74.90
C GLY D 4118 127.94 20.55 -76.22
N ARG D 4119 128.38 19.76 -77.20
CA ARG D 4119 128.68 20.27 -78.54
C ARG D 4119 127.47 20.04 -79.46
N THR D 4120 126.41 20.81 -79.20
CA THR D 4120 125.19 20.66 -79.98
C THR D 4120 124.46 21.98 -80.04
N TRP D 4121 123.55 22.07 -81.00
CA TRP D 4121 122.72 23.27 -81.17
C TRP D 4121 121.79 23.45 -79.98
N GLU D 4122 121.63 24.70 -79.55
CA GLU D 4122 120.80 24.98 -78.39
C GLU D 4122 119.33 24.69 -78.62
N GLY D 4123 118.89 24.59 -79.87
CA GLY D 4123 117.52 24.17 -80.15
C GLY D 4123 117.21 22.78 -79.68
N TRP D 4124 118.25 22.02 -79.30
CA TRP D 4124 118.14 20.73 -78.65
C TRP D 4124 118.02 20.84 -77.13
N GLU D 4125 118.12 22.07 -76.57
CA GLU D 4125 118.19 22.39 -75.15
C GLU D 4125 118.95 21.32 -74.38
N PRO D 4126 120.24 21.15 -74.67
CA PRO D 4126 120.98 19.99 -74.12
C PRO D 4126 121.02 19.93 -72.61
N TRP D 4127 121.07 21.08 -71.92
CA TRP D 4127 121.09 21.04 -70.46
C TRP D 4127 119.84 20.37 -69.91
N MET D 4128 118.67 20.70 -70.48
CA MET D 4128 117.43 20.07 -70.06
C MET D 4128 116.33 20.31 -71.08
N UNK D 4129 44.55 1.48 -8.64
CA UNK D 4129 45.17 1.96 -9.87
C UNK D 4129 44.84 1.04 -11.03
N UNK D 4130 45.70 1.04 -12.04
CA UNK D 4130 45.52 0.19 -13.21
C UNK D 4130 45.66 -1.29 -12.89
N UNK D 4131 45.97 -1.64 -11.64
CA UNK D 4131 46.08 -3.04 -11.26
C UNK D 4131 44.78 -3.80 -11.47
N UNK D 4132 43.66 -3.08 -11.59
CA UNK D 4132 42.38 -3.71 -11.90
C UNK D 4132 42.43 -4.55 -13.16
N UNK D 4133 43.49 -4.41 -13.96
CA UNK D 4133 43.67 -5.27 -15.13
C UNK D 4133 43.58 -6.74 -14.79
N UNK D 4134 43.82 -7.11 -13.54
CA UNK D 4134 43.70 -8.49 -13.10
C UNK D 4134 42.26 -8.98 -13.14
N UNK D 4135 41.33 -8.09 -13.51
CA UNK D 4135 39.93 -8.47 -13.60
C UNK D 4135 39.72 -9.62 -14.59
N UNK D 4136 40.61 -9.77 -15.56
CA UNK D 4136 40.53 -10.86 -16.51
C UNK D 4136 40.71 -12.20 -15.82
N UNK D 4137 34.24 -4.34 -63.57
CA UNK D 4137 35.38 -4.70 -62.74
C UNK D 4137 36.46 -5.39 -63.57
N UNK D 4138 37.02 -6.46 -63.01
CA UNK D 4138 38.04 -7.23 -63.73
C UNK D 4138 37.37 -8.00 -64.86
N UNK D 4139 37.94 -7.86 -66.07
CA UNK D 4139 37.41 -8.60 -67.21
C UNK D 4139 37.42 -10.09 -66.93
N UNK D 4140 38.47 -10.59 -66.27
CA UNK D 4140 38.51 -11.99 -65.90
C UNK D 4140 37.42 -12.33 -64.90
N UNK D 4141 37.25 -11.50 -63.87
CA UNK D 4141 36.14 -11.70 -62.94
C UNK D 4141 34.82 -11.59 -63.68
N UNK D 4142 34.75 -10.69 -64.65
CA UNK D 4142 33.60 -10.67 -65.55
C UNK D 4142 33.52 -11.99 -66.31
N UNK D 4143 34.65 -12.49 -66.80
CA UNK D 4143 34.66 -13.80 -67.43
C UNK D 4143 34.27 -14.88 -66.44
N UNK D 4144 34.77 -14.77 -65.20
CA UNK D 4144 34.38 -15.72 -64.17
C UNK D 4144 32.88 -15.69 -63.95
N UNK D 4145 32.34 -14.48 -63.84
CA UNK D 4145 30.90 -14.30 -63.65
C UNK D 4145 30.21 -14.62 -64.97
N UNK D 4146 30.91 -14.36 -66.07
CA UNK D 4146 30.38 -14.62 -67.40
C UNK D 4146 30.34 -16.14 -67.62
N UNK D 4147 31.33 -16.83 -67.07
CA UNK D 4147 31.41 -18.27 -67.18
C UNK D 4147 30.40 -18.89 -66.22
N UNK D 4148 30.15 -18.19 -65.12
CA UNK D 4148 29.18 -18.65 -64.11
C UNK D 4148 27.78 -18.20 -64.48
N UNK D 4149 27.69 -17.27 -65.44
CA UNK D 4149 26.40 -16.77 -65.90
C UNK D 4149 25.58 -17.92 -66.44
N UNK D 4150 26.17 -18.68 -67.34
CA UNK D 4150 25.51 -19.84 -67.93
C UNK D 4150 25.42 -20.95 -66.90
N UNK D 4151 26.45 -21.04 -66.06
CA UNK D 4151 26.51 -22.04 -65.01
C UNK D 4151 25.51 -21.68 -63.91
N UNK D 4152 24.97 -20.47 -63.99
CA UNK D 4152 23.99 -19.96 -63.04
C UNK D 4152 24.49 -20.14 -61.61
N UNK D 4153 25.80 -20.15 -61.44
CA UNK D 4153 26.41 -20.50 -60.17
C UNK D 4153 26.66 -19.24 -59.35
N UNK D 4154 27.30 -19.40 -58.19
CA UNK D 4154 27.58 -18.28 -57.29
C UNK D 4154 28.76 -18.64 -56.41
N UNK D 4155 29.76 -17.77 -56.37
CA UNK D 4155 30.99 -18.04 -55.65
C UNK D 4155 30.81 -17.89 -54.14
N UNK D 4156 31.82 -18.33 -53.40
CA UNK D 4156 31.83 -18.22 -51.95
C UNK D 4156 32.01 -16.76 -51.53
N TYR E 32 71.43 -56.46 -3.04
CA TYR E 32 71.07 -55.06 -2.91
C TYR E 32 72.10 -54.18 -3.61
N SER E 33 71.61 -53.20 -4.36
CA SER E 33 72.51 -52.27 -5.04
C SER E 33 73.25 -51.41 -4.03
N GLY E 34 74.52 -51.14 -4.32
CA GLY E 34 75.36 -50.35 -3.44
C GLY E 34 76.68 -51.03 -3.20
N ARG E 35 77.78 -50.29 -3.22
CA ARG E 35 79.10 -50.90 -3.15
C ARG E 35 79.72 -50.59 -1.80
N ASP E 36 80.18 -51.61 -1.10
CA ASP E 36 81.03 -51.41 0.05
C ASP E 36 82.48 -51.28 -0.38
N SER E 37 83.19 -50.34 0.24
CA SER E 37 84.56 -50.05 -0.12
C SER E 37 85.44 -50.05 1.12
N LEU E 38 86.56 -50.75 1.04
CA LEU E 38 87.54 -50.78 2.11
C LEU E 38 88.92 -50.59 1.51
N ILE E 39 89.66 -49.63 2.03
CA ILE E 39 91.00 -49.33 1.54
C ILE E 39 91.94 -49.35 2.74
N PHE E 40 93.05 -50.06 2.59
CA PHE E 40 94.01 -50.17 3.69
C PHE E 40 94.95 -48.98 3.62
N LEU E 41 95.10 -48.28 4.72
CA LEU E 41 96.02 -47.15 4.76
C LEU E 41 97.31 -47.57 5.43
N VAL E 42 98.41 -47.36 4.73
CA VAL E 42 99.73 -47.78 5.20
C VAL E 42 100.67 -46.60 5.12
N ASP E 43 101.63 -46.57 6.02
CA ASP E 43 102.52 -45.44 6.21
C ASP E 43 103.89 -45.71 5.58
N ALA E 44 104.51 -44.66 5.07
CA ALA E 44 105.86 -44.74 4.53
C ALA E 44 106.79 -43.98 5.48
N SER E 45 107.27 -44.70 6.50
CA SER E 45 108.24 -44.16 7.44
C SER E 45 109.05 -45.33 7.99
N LYS E 46 109.94 -45.04 8.94
CA LYS E 46 110.86 -46.06 9.42
C LYS E 46 110.14 -47.14 10.22
N ALA E 47 109.22 -46.74 11.10
CA ALA E 47 108.65 -47.66 12.08
C ALA E 47 107.96 -48.85 11.43
N MET E 48 107.59 -48.72 10.16
CA MET E 48 106.91 -49.82 9.49
C MET E 48 107.82 -51.02 9.31
N PHE E 49 109.09 -50.78 8.97
CA PHE E 49 110.04 -51.83 8.66
C PHE E 49 110.66 -52.52 9.86
N GLU E 50 110.81 -51.82 10.97
CA GLU E 50 111.45 -52.44 12.12
C GLU E 50 110.41 -53.19 12.94
N SER E 51 110.83 -54.30 13.54
CA SER E 51 109.91 -55.26 14.13
C SER E 51 109.04 -54.67 15.24
N GLN E 52 109.30 -53.44 15.68
CA GLN E 52 108.50 -52.74 16.68
C GLN E 52 108.43 -53.55 17.98
N SER E 53 109.61 -53.68 18.59
CA SER E 53 109.76 -54.29 19.91
C SER E 53 109.16 -55.70 19.95
N GLU E 54 109.37 -56.46 18.86
CA GLU E 54 108.84 -57.81 18.75
C GLU E 54 109.85 -58.69 18.04
N ASP E 55 110.18 -59.83 18.65
CA ASP E 55 111.17 -60.74 18.05
C ASP E 55 110.67 -61.36 16.75
N GLU E 56 109.36 -61.37 16.52
CA GLU E 56 108.78 -61.99 15.35
C GLU E 56 109.01 -61.08 14.14
N LEU E 57 108.27 -61.34 13.06
CA LEU E 57 108.36 -60.54 11.86
C LEU E 57 108.09 -59.07 12.17
N THR E 58 108.41 -58.22 11.21
CA THR E 58 108.22 -56.80 11.36
C THR E 58 106.79 -56.41 11.03
N PRO E 59 106.35 -55.23 11.50
CA PRO E 59 105.09 -54.69 10.99
C PRO E 59 105.05 -54.60 9.48
N PHE E 60 106.16 -54.25 8.84
CA PHE E 60 106.22 -54.30 7.38
C PHE E 60 105.83 -55.67 6.86
N ASP E 61 106.49 -56.72 7.34
CA ASP E 61 106.17 -58.06 6.88
C ASP E 61 104.74 -58.43 7.25
N MET E 62 104.45 -58.50 8.55
CA MET E 62 103.18 -59.09 9.00
C MET E 62 102.00 -58.45 8.31
N SER E 63 102.09 -57.15 8.01
CA SER E 63 101.08 -56.52 7.18
C SER E 63 100.96 -57.22 5.83
N ILE E 64 102.10 -57.39 5.15
CA ILE E 64 102.09 -57.87 3.77
C ILE E 64 101.36 -59.19 3.66
N GLN E 65 101.65 -60.12 4.58
CA GLN E 65 100.94 -61.39 4.56
C GLN E 65 99.48 -61.21 4.95
N CYS E 66 99.23 -60.47 6.03
CA CYS E 66 97.86 -60.33 6.51
C CYS E 66 96.98 -59.60 5.50
N ILE E 67 97.50 -58.52 4.91
CA ILE E 67 96.71 -57.77 3.95
C ILE E 67 96.43 -58.62 2.71
N GLN E 68 97.44 -59.37 2.26
CA GLN E 68 97.25 -60.21 1.09
C GLN E 68 96.20 -61.28 1.34
N SER E 69 96.26 -61.92 2.51
CA SER E 69 95.30 -62.97 2.82
C SER E 69 93.87 -62.43 2.83
N VAL E 70 93.65 -61.34 3.55
CA VAL E 70 92.31 -60.78 3.62
C VAL E 70 91.91 -60.22 2.27
N TYR E 71 92.88 -59.71 1.50
CA TYR E 71 92.59 -59.29 0.14
C TYR E 71 92.05 -60.45 -0.67
N ILE E 72 92.76 -61.58 -0.64
CA ILE E 72 92.30 -62.77 -1.33
C ILE E 72 90.93 -63.20 -0.82
N SER E 73 90.75 -63.14 0.50
CA SER E 73 89.44 -63.43 1.08
C SER E 73 88.39 -62.48 0.49
N LYS E 74 88.72 -61.19 0.42
CA LYS E 74 87.83 -60.25 -0.25
C LYS E 74 87.71 -60.57 -1.73
N ILE E 75 88.80 -61.04 -2.34
CA ILE E 75 88.81 -61.30 -3.78
C ILE E 75 87.82 -62.41 -4.13
N ILE E 76 87.91 -63.54 -3.43
CA ILE E 76 86.98 -64.62 -3.65
C ILE E 76 85.58 -64.26 -3.16
N SER E 77 85.48 -63.30 -2.24
CA SER E 77 84.16 -62.88 -1.75
C SER E 77 83.35 -62.25 -2.87
N SER E 78 83.97 -61.39 -3.68
CA SER E 78 83.24 -60.66 -4.70
C SER E 78 84.20 -59.96 -5.64
N ASP E 79 83.85 -59.94 -6.92
CA ASP E 79 84.41 -58.95 -7.85
C ASP E 79 83.61 -57.66 -7.79
N ARG E 80 82.32 -57.78 -7.47
CA ARG E 80 81.36 -56.70 -7.29
C ARG E 80 81.65 -55.94 -5.99
N ASP E 81 82.80 -55.28 -5.93
CA ASP E 81 83.28 -54.48 -4.82
C ASP E 81 84.58 -53.84 -5.26
N LEU E 82 85.04 -52.87 -4.47
CA LEU E 82 86.18 -52.06 -4.82
C LEU E 82 87.29 -52.21 -3.79
N LEU E 83 88.53 -52.38 -4.26
CA LEU E 83 89.69 -52.53 -3.38
C LEU E 83 90.85 -51.71 -3.91
N ALA E 84 91.76 -51.35 -3.02
CA ALA E 84 93.04 -50.72 -3.30
C ALA E 84 93.71 -50.45 -1.95
N VAL E 85 95.00 -50.09 -2.00
CA VAL E 85 95.68 -49.56 -0.83
C VAL E 85 96.57 -48.42 -1.30
N VAL E 86 96.91 -47.54 -0.35
CA VAL E 86 97.74 -46.37 -0.63
C VAL E 86 98.73 -46.16 0.51
N PHE E 87 99.94 -45.77 0.16
CA PHE E 87 100.98 -45.45 1.14
C PHE E 87 101.03 -43.95 1.31
N TYR E 88 100.75 -43.47 2.53
CA TYR E 88 100.92 -42.07 2.79
C TYR E 88 102.31 -41.82 3.32
N GLY E 89 102.83 -40.64 3.02
CA GLY E 89 104.25 -40.42 3.14
C GLY E 89 104.93 -41.05 1.94
N THR E 90 105.99 -40.43 1.47
CA THR E 90 106.77 -40.99 0.37
C THR E 90 108.04 -40.18 0.21
N GLU E 91 109.05 -40.82 -0.35
CA GLU E 91 110.22 -40.11 -0.82
C GLU E 91 110.08 -39.68 -2.26
N LYS E 92 109.17 -40.30 -3.00
CA LYS E 92 108.77 -39.86 -4.33
C LYS E 92 107.26 -39.96 -4.41
N ASP E 93 106.64 -38.87 -4.87
CA ASP E 93 105.19 -38.79 -4.98
C ASP E 93 104.62 -39.59 -6.14
N LYS E 94 103.66 -40.45 -5.82
CA LYS E 94 102.99 -41.28 -6.81
C LYS E 94 101.52 -41.32 -6.45
N ASN E 95 100.77 -40.33 -6.90
CA ASN E 95 99.34 -40.26 -6.61
C ASN E 95 98.55 -39.79 -7.81
N SER E 96 97.24 -39.65 -7.62
CA SER E 96 96.36 -39.21 -8.69
C SER E 96 96.06 -37.71 -8.56
N VAL E 97 96.62 -37.08 -7.53
CA VAL E 97 96.40 -35.66 -7.33
C VAL E 97 97.70 -34.90 -7.12
N ASN E 98 98.82 -35.61 -6.99
CA ASN E 98 100.15 -35.01 -6.94
C ASN E 98 100.28 -34.09 -5.72
N PHE E 99 100.13 -34.69 -4.54
CA PHE E 99 100.49 -34.05 -3.29
C PHE E 99 101.63 -34.80 -2.64
N LYS E 100 102.49 -34.06 -1.95
CA LYS E 100 103.70 -34.61 -1.38
C LYS E 100 103.38 -35.45 -0.15
N ASN E 101 104.22 -36.47 0.08
CA ASN E 101 103.99 -37.50 1.11
C ASN E 101 102.75 -38.33 0.82
N ILE E 102 102.53 -38.66 -0.45
CA ILE E 102 101.54 -39.66 -0.84
C ILE E 102 102.17 -40.59 -1.85
N TYR E 103 102.05 -41.90 -1.60
CA TYR E 103 102.48 -42.93 -2.54
C TYR E 103 101.31 -43.88 -2.74
N VAL E 104 100.40 -43.50 -3.63
CA VAL E 104 99.32 -44.40 -4.01
C VAL E 104 99.90 -45.50 -4.89
N LEU E 105 99.51 -46.73 -4.61
CA LEU E 105 100.02 -47.88 -5.33
C LEU E 105 98.95 -48.50 -6.22
N GLN E 106 97.81 -48.87 -5.67
CA GLN E 106 96.69 -49.33 -6.48
C GLN E 106 95.75 -48.18 -6.77
N GLU E 107 95.33 -48.09 -8.03
CA GLU E 107 94.06 -47.49 -8.35
C GLU E 107 92.95 -48.25 -7.63
N LEU E 108 91.86 -47.55 -7.35
CA LEU E 108 90.70 -48.20 -6.73
C LEU E 108 90.24 -49.30 -7.68
N ASP E 109 90.47 -50.55 -7.31
CA ASP E 109 90.38 -51.65 -8.27
C ASP E 109 89.41 -52.73 -7.82
N ASN E 110 88.77 -53.35 -8.79
CA ASN E 110 88.15 -54.64 -8.62
C ASN E 110 89.23 -55.72 -8.69
N PRO E 111 88.98 -56.89 -8.10
CA PRO E 111 90.00 -57.94 -8.11
C PRO E 111 90.41 -58.36 -9.51
N GLY E 112 91.70 -58.64 -9.66
CA GLY E 112 92.24 -59.12 -10.93
C GLY E 112 93.49 -59.93 -10.67
N ALA E 113 93.77 -60.87 -11.58
CA ALA E 113 94.89 -61.78 -11.37
C ALA E 113 96.20 -61.03 -11.27
N LYS E 114 96.40 -60.02 -12.13
CA LYS E 114 97.64 -59.24 -12.12
C LYS E 114 97.91 -58.66 -10.75
N ARG E 115 96.86 -58.22 -10.06
CA ARG E 115 97.04 -57.56 -8.78
C ARG E 115 97.79 -58.48 -7.81
N ILE E 116 97.28 -59.70 -7.61
CA ILE E 116 97.95 -60.66 -6.75
C ILE E 116 99.33 -60.99 -7.30
N LEU E 117 99.43 -61.08 -8.63
CA LEU E 117 100.67 -61.49 -9.27
C LEU E 117 101.83 -60.61 -8.83
N GLU E 118 101.65 -59.30 -8.85
CA GLU E 118 102.69 -58.36 -8.48
C GLU E 118 102.48 -57.71 -7.12
N LEU E 119 101.54 -58.21 -6.33
CA LEU E 119 101.59 -58.00 -4.88
C LEU E 119 102.33 -59.12 -4.16
N ASP E 120 102.63 -60.22 -4.86
CA ASP E 120 103.34 -61.33 -4.24
C ASP E 120 104.75 -60.91 -3.86
N GLN E 121 105.44 -60.18 -4.75
CA GLN E 121 106.86 -59.85 -4.62
C GLN E 121 107.16 -58.88 -3.48
N PHE E 122 106.21 -58.49 -2.65
CA PHE E 122 106.49 -57.60 -1.54
C PHE E 122 107.01 -58.33 -0.31
N LYS E 123 107.04 -59.66 -0.36
CA LYS E 123 107.39 -60.45 0.81
C LYS E 123 108.87 -60.31 1.13
N GLY E 124 109.16 -60.27 2.43
CA GLY E 124 110.51 -60.48 2.92
C GLY E 124 111.49 -59.37 2.57
N GLN E 125 112.76 -59.69 2.80
CA GLN E 125 113.84 -58.77 2.51
C GLN E 125 113.86 -58.40 1.03
N GLN E 126 113.47 -59.33 0.16
CA GLN E 126 113.31 -58.98 -1.25
C GLN E 126 112.24 -57.91 -1.43
N GLY E 127 111.09 -58.08 -0.77
CA GLY E 127 110.03 -57.10 -0.91
C GLY E 127 110.38 -55.75 -0.33
N GLN E 128 111.12 -55.75 0.79
CA GLN E 128 111.60 -54.49 1.32
C GLN E 128 112.61 -53.85 0.39
N LYS E 129 113.42 -54.66 -0.29
CA LYS E 129 114.23 -54.13 -1.37
C LYS E 129 113.35 -53.44 -2.39
N ARG E 130 112.24 -54.07 -2.76
CA ARG E 130 111.29 -53.43 -3.67
C ARG E 130 110.77 -52.14 -3.07
N PHE E 131 110.45 -52.16 -1.77
CA PHE E 131 109.96 -50.95 -1.11
C PHE E 131 110.98 -49.83 -1.19
N GLN E 132 112.25 -50.15 -0.99
CA GLN E 132 113.29 -49.13 -1.12
C GLN E 132 113.46 -48.71 -2.58
N ASP E 133 113.30 -49.66 -3.50
CA ASP E 133 113.36 -49.32 -4.92
C ASP E 133 112.18 -48.44 -5.34
N MET E 134 110.97 -48.74 -4.86
CA MET E 134 109.79 -48.07 -5.38
C MET E 134 109.62 -46.67 -4.79
N MET E 135 109.80 -46.53 -3.50
CA MET E 135 109.77 -45.18 -2.91
C MET E 135 110.99 -44.92 -2.04
N GLY E 136 111.51 -45.94 -1.38
CA GLY E 136 112.62 -45.76 -0.46
C GLY E 136 112.26 -46.33 0.89
N HIS E 137 112.58 -45.62 1.96
CA HIS E 137 112.08 -46.00 3.29
C HIS E 137 112.16 -44.79 4.18
N GLY E 138 111.01 -44.32 4.68
CA GLY E 138 111.02 -43.19 5.56
C GLY E 138 110.55 -41.92 4.90
N SER E 139 109.54 -41.28 5.48
CA SER E 139 109.01 -40.01 5.00
C SER E 139 108.05 -39.47 6.03
N ASP E 140 108.01 -38.14 6.14
CA ASP E 140 107.09 -37.51 7.07
C ASP E 140 105.66 -37.63 6.52
N TYR E 141 104.72 -36.98 7.21
CA TYR E 141 103.31 -37.16 6.92
C TYR E 141 102.52 -36.03 7.57
N SER E 142 101.29 -35.89 7.12
CA SER E 142 100.31 -35.03 7.77
C SER E 142 98.96 -35.69 7.59
N LEU E 143 98.40 -36.22 8.67
CA LEU E 143 97.24 -37.09 8.58
C LEU E 143 96.07 -36.40 7.90
N SER E 144 95.91 -35.10 8.13
CA SER E 144 94.76 -34.38 7.60
C SER E 144 94.75 -34.40 6.08
N GLU E 145 95.91 -34.17 5.46
CA GLU E 145 96.03 -34.32 4.02
C GLU E 145 95.72 -35.74 3.58
N VAL E 146 96.24 -36.73 4.31
CA VAL E 146 96.02 -38.12 3.94
C VAL E 146 94.54 -38.43 3.95
N LEU E 147 93.85 -38.02 5.02
CA LEU E 147 92.41 -38.20 5.08
C LEU E 147 91.72 -37.53 3.91
N TRP E 148 92.18 -36.33 3.56
CA TRP E 148 91.52 -35.56 2.52
C TRP E 148 91.74 -36.14 1.14
N VAL E 149 92.97 -36.56 0.83
CA VAL E 149 93.21 -37.17 -0.48
C VAL E 149 92.49 -38.50 -0.58
N CYS E 150 92.38 -39.23 0.53
CA CYS E 150 91.55 -40.43 0.53
C CYS E 150 90.10 -40.08 0.29
N ALA E 151 89.62 -38.99 0.89
CA ALA E 151 88.26 -38.54 0.63
C ALA E 151 88.03 -38.32 -0.85
N ASN E 152 89.05 -37.83 -1.55
CA ASN E 152 88.97 -37.71 -3.00
C ASN E 152 88.79 -39.06 -3.66
N LEU E 153 89.48 -40.08 -3.15
CA LEU E 153 89.45 -41.39 -3.77
C LEU E 153 88.02 -41.94 -3.79
N PHE E 154 87.30 -41.81 -2.68
CA PHE E 154 85.92 -42.26 -2.63
C PHE E 154 85.03 -41.40 -3.51
N SER E 155 85.31 -40.10 -3.55
CA SER E 155 84.51 -39.21 -4.40
C SER E 155 84.62 -39.62 -5.85
N ASP E 156 85.83 -39.93 -6.30
CA ASP E 156 86.08 -40.18 -7.71
C ASP E 156 85.17 -41.28 -8.23
N VAL E 157 85.08 -42.40 -7.50
CA VAL E 157 84.24 -43.49 -7.95
C VAL E 157 82.78 -43.03 -7.97
N GLN E 158 82.07 -43.43 -9.02
CA GLN E 158 80.71 -42.97 -9.26
C GLN E 158 79.68 -44.09 -9.19
N PHE E 159 80.11 -45.32 -8.93
CA PHE E 159 79.17 -46.43 -8.85
C PHE E 159 78.26 -46.27 -7.64
N LYS E 160 77.30 -47.18 -7.55
CA LYS E 160 76.33 -47.11 -6.46
C LYS E 160 77.02 -47.31 -5.12
N MET E 161 76.53 -46.59 -4.11
CA MET E 161 77.20 -46.47 -2.82
C MET E 161 76.35 -47.12 -1.74
N SER E 162 76.98 -48.02 -0.98
CA SER E 162 76.34 -48.59 0.20
C SER E 162 77.13 -48.30 1.48
N HIS E 163 78.43 -48.58 1.49
CA HIS E 163 79.23 -48.42 2.70
C HIS E 163 80.69 -48.17 2.33
N LYS E 164 81.41 -47.60 3.29
CA LYS E 164 82.82 -47.26 3.10
C LYS E 164 83.54 -47.48 4.42
N ARG E 165 84.74 -48.05 4.33
CA ARG E 165 85.54 -48.34 5.51
C ARG E 165 87.01 -48.20 5.13
N ILE E 166 87.85 -47.91 6.12
CA ILE E 166 89.28 -47.73 5.91
C ILE E 166 90.03 -48.49 6.99
N MET E 167 91.07 -49.21 6.60
CA MET E 167 92.00 -49.84 7.54
C MET E 167 93.26 -49.00 7.66
N LEU E 168 93.67 -48.77 8.90
CA LEU E 168 94.85 -47.99 9.22
C LEU E 168 95.90 -48.90 9.84
N PHE E 169 97.16 -48.66 9.48
CA PHE E 169 98.29 -49.42 10.01
C PHE E 169 99.32 -48.45 10.58
N THR E 170 99.62 -48.61 11.87
CA THR E 170 100.68 -47.81 12.48
C THR E 170 101.25 -48.56 13.66
N ASN E 171 102.47 -48.20 14.02
CA ASN E 171 103.11 -48.68 15.24
C ASN E 171 103.00 -47.68 16.38
N GLU E 172 103.09 -46.39 16.07
CA GLU E 172 102.97 -45.37 17.10
C GLU E 172 101.55 -45.27 17.62
N ASP E 173 101.42 -44.90 18.89
CA ASP E 173 100.12 -44.61 19.48
C ASP E 173 99.64 -43.22 19.16
N ASN E 174 100.50 -42.36 18.65
CA ASN E 174 100.12 -41.01 18.27
C ASN E 174 101.13 -40.46 17.28
N PRO E 175 100.69 -40.01 16.11
CA PRO E 175 101.55 -39.19 15.26
C PRO E 175 101.96 -37.89 15.92
N HIS E 176 101.25 -37.47 16.97
CA HIS E 176 101.55 -36.22 17.66
C HIS E 176 102.88 -36.33 18.39
N GLY E 177 103.91 -35.80 17.78
CA GLY E 177 105.14 -35.43 18.47
C GLY E 177 105.55 -34.10 17.89
N ASN E 178 104.54 -33.33 17.47
CA ASN E 178 104.73 -32.24 16.52
C ASN E 178 103.70 -31.17 16.82
N ASP E 179 103.45 -30.29 15.85
CA ASP E 179 102.52 -29.19 16.02
C ASP E 179 101.13 -29.70 16.37
N SER E 180 100.46 -28.97 17.27
CA SER E 180 99.08 -29.30 17.61
C SER E 180 98.14 -29.13 16.43
N ALA E 181 98.53 -28.30 15.45
CA ALA E 181 97.66 -28.03 14.31
C ALA E 181 97.40 -29.31 13.51
N LYS E 182 98.41 -30.17 13.39
CA LYS E 182 98.25 -31.41 12.64
C LYS E 182 97.13 -32.26 13.22
N ALA E 183 97.19 -32.52 14.52
CA ALA E 183 96.18 -33.37 15.15
C ALA E 183 94.81 -32.70 15.18
N SER E 184 94.78 -31.40 15.46
CA SER E 184 93.51 -30.69 15.47
C SER E 184 92.83 -30.81 14.12
N ARG E 185 93.58 -30.58 13.04
CA ARG E 185 93.02 -30.81 11.71
C ARG E 185 92.66 -32.27 11.51
N ALA E 186 93.53 -33.17 11.97
CA ALA E 186 93.30 -34.60 11.75
C ALA E 186 92.06 -35.07 12.50
N ARG E 187 91.94 -34.74 13.78
CA ARG E 187 90.77 -35.16 14.54
C ARG E 187 89.50 -34.47 14.07
N THR E 188 89.58 -33.18 13.76
CA THR E 188 88.38 -32.47 13.27
C THR E 188 87.88 -33.06 11.96
N LYS E 189 88.78 -33.35 11.03
CA LYS E 189 88.33 -33.93 9.78
C LYS E 189 87.93 -35.39 9.93
N ALA E 190 88.52 -36.08 10.91
CA ALA E 190 88.08 -37.43 11.22
C ALA E 190 86.61 -37.45 11.59
N GLY E 191 86.16 -36.45 12.35
CA GLY E 191 84.73 -36.29 12.57
C GLY E 191 83.98 -36.01 11.28
N ASP E 192 84.58 -35.21 10.39
CA ASP E 192 83.93 -34.88 9.14
C ASP E 192 83.75 -36.11 8.26
N LEU E 193 84.78 -36.96 8.18
CA LEU E 193 84.59 -38.23 7.49
C LEU E 193 83.69 -39.17 8.29
N ARG E 194 83.72 -39.06 9.62
CA ARG E 194 82.69 -39.71 10.42
C ARG E 194 81.32 -39.15 10.07
N ASP E 195 81.22 -37.82 9.94
CA ASP E 195 80.02 -37.23 9.40
C ASP E 195 79.75 -37.78 8.00
N THR E 196 80.81 -37.94 7.21
CA THR E 196 80.65 -38.61 5.93
C THR E 196 80.27 -40.07 6.10
N GLY E 197 80.78 -40.71 7.15
CA GLY E 197 80.38 -42.07 7.45
C GLY E 197 81.35 -43.15 7.04
N ILE E 198 82.63 -42.98 7.37
CA ILE E 198 83.64 -43.99 7.16
C ILE E 198 83.98 -44.59 8.50
N PHE E 199 83.85 -45.90 8.63
CA PHE E 199 84.23 -46.58 9.86
C PHE E 199 85.73 -46.86 9.83
N LEU E 200 86.38 -46.61 10.97
CA LEU E 200 87.83 -46.78 11.08
C LEU E 200 88.17 -47.87 12.07
N ASP E 201 89.33 -48.47 11.86
CA ASP E 201 89.89 -49.46 12.78
C ASP E 201 91.40 -49.36 12.72
N LEU E 202 92.02 -48.99 13.84
CA LEU E 202 93.46 -48.97 13.97
C LEU E 202 93.90 -50.33 14.51
N MET E 203 94.90 -50.92 13.88
CA MET E 203 95.39 -52.22 14.31
C MET E 203 96.69 -52.07 15.09
N HIS E 204 96.83 -52.90 16.12
CA HIS E 204 98.03 -52.90 16.96
C HIS E 204 99.16 -53.58 16.20
N LEU E 205 100.07 -52.78 15.63
CA LEU E 205 101.28 -53.35 15.05
C LEU E 205 102.39 -53.48 16.09
N LYS E 206 102.27 -52.79 17.21
CA LYS E 206 103.10 -53.00 18.39
C LYS E 206 102.54 -54.21 19.14
N LYS E 207 102.89 -54.36 20.41
CA LYS E 207 102.32 -55.37 21.28
C LYS E 207 100.81 -55.46 21.08
N PRO E 208 100.31 -56.59 20.57
CA PRO E 208 98.87 -56.69 20.30
C PRO E 208 98.06 -56.65 21.58
N GLY E 209 96.96 -55.92 21.55
CA GLY E 209 96.16 -55.74 22.73
C GLY E 209 96.98 -55.15 23.86
N GLY E 210 96.85 -55.74 25.04
CA GLY E 210 97.61 -55.29 26.19
C GLY E 210 97.25 -53.91 26.67
N PHE E 211 96.18 -53.32 26.14
CA PHE E 211 95.80 -51.94 26.46
C PHE E 211 96.98 -51.00 26.18
N ASP E 212 97.72 -51.30 25.11
CA ASP E 212 98.99 -50.63 24.88
C ASP E 212 98.85 -49.39 24.00
N ILE E 213 98.40 -49.57 22.77
CA ILE E 213 98.35 -48.45 21.80
C ILE E 213 96.97 -47.83 21.94
N SER E 214 96.83 -46.93 22.92
CA SER E 214 95.61 -46.14 23.05
C SER E 214 95.98 -44.80 23.69
N LEU E 215 96.36 -43.85 22.85
CA LEU E 215 96.61 -42.49 23.31
C LEU E 215 95.91 -41.45 22.46
N PHE E 216 95.91 -41.63 21.15
CA PHE E 216 95.20 -40.77 20.21
C PHE E 216 93.93 -41.42 19.70
N TYR E 217 93.58 -42.59 20.24
CA TYR E 217 92.55 -43.39 19.62
C TYR E 217 91.53 -43.89 20.64
N ARG E 218 91.65 -43.47 21.89
CA ARG E 218 90.53 -43.49 22.81
C ARG E 218 89.58 -42.34 22.56
N ASP E 219 89.88 -41.50 21.58
CA ASP E 219 89.06 -40.36 21.20
C ASP E 219 87.99 -40.82 20.21
N ILE E 220 87.33 -39.84 19.58
CA ILE E 220 86.30 -40.12 18.58
C ILE E 220 86.80 -41.02 17.46
N ILE E 221 88.12 -41.08 17.27
CA ILE E 221 88.68 -41.87 16.19
C ILE E 221 88.33 -43.34 16.38
N SER E 222 87.73 -43.93 15.36
CA SER E 222 87.28 -45.31 15.43
C SER E 222 88.43 -46.27 15.09
N SER E 237 95.91 -58.30 17.83
CA SER E 237 94.67 -58.81 18.39
C SER E 237 93.85 -59.57 17.36
N LYS E 238 93.10 -58.83 16.55
CA LYS E 238 92.17 -59.43 15.59
C LYS E 238 92.83 -59.76 14.25
N LEU E 239 94.10 -59.40 14.06
CA LEU E 239 94.73 -59.51 12.76
C LEU E 239 94.73 -60.95 12.26
N GLU E 240 94.99 -61.91 13.14
CA GLU E 240 94.81 -63.30 12.76
C GLU E 240 93.35 -63.62 12.50
N ASP E 241 92.44 -63.04 13.28
CA ASP E 241 91.02 -63.21 12.99
C ASP E 241 90.63 -62.47 11.72
N LEU E 242 91.32 -61.38 11.42
CA LEU E 242 91.22 -60.81 10.09
C LEU E 242 91.58 -61.84 9.04
N LEU E 243 92.74 -62.49 9.19
CA LEU E 243 93.12 -63.55 8.27
C LEU E 243 92.15 -64.73 8.35
N ARG E 244 91.78 -65.13 9.57
CA ARG E 244 90.82 -66.20 9.76
C ARG E 244 89.43 -65.61 9.96
N LYS E 245 88.94 -64.98 8.90
CA LYS E 245 87.63 -64.33 8.91
C LYS E 245 86.65 -64.98 7.96
N VAL E 246 87.00 -65.07 6.68
CA VAL E 246 86.09 -65.60 5.67
C VAL E 246 86.91 -66.26 4.56
N ARG E 247 86.62 -67.53 4.28
CA ARG E 247 87.34 -68.26 3.25
C ARG E 247 86.34 -68.99 2.36
N ALA E 248 86.49 -68.81 1.05
CA ALA E 248 85.72 -69.53 0.03
C ALA E 248 84.22 -69.30 0.23
N LYS E 249 83.83 -68.04 0.06
CA LYS E 249 82.43 -67.68 0.15
C LYS E 249 82.18 -66.45 -0.73
N GLU E 250 80.92 -66.24 -1.08
CA GLU E 250 80.50 -65.14 -1.91
C GLU E 250 79.71 -64.14 -1.07
N THR E 251 79.15 -63.14 -1.73
CA THR E 251 78.41 -62.07 -1.07
C THR E 251 76.93 -62.14 -1.43
N ARG E 252 76.08 -62.05 -0.41
CA ARG E 252 74.64 -62.10 -0.63
C ARG E 252 74.14 -60.86 -1.37
N LYS E 253 73.27 -61.07 -2.34
CA LYS E 253 72.80 -59.97 -3.19
C LYS E 253 71.30 -59.72 -3.05
N ARG E 254 70.45 -60.68 -3.36
CA ARG E 254 69.01 -60.45 -3.41
C ARG E 254 68.28 -61.76 -3.24
N ALA E 255 66.97 -61.67 -2.99
CA ALA E 255 66.12 -62.82 -2.75
C ALA E 255 64.96 -62.81 -3.74
N LEU E 256 64.86 -63.87 -4.53
CA LEU E 256 63.80 -64.03 -5.52
C LEU E 256 62.66 -64.88 -4.95
N SER E 257 61.80 -65.39 -5.84
CA SER E 257 60.81 -66.41 -5.52
C SER E 257 59.78 -65.91 -4.49
N ARG E 258 59.04 -64.89 -4.91
CA ARG E 258 57.88 -64.41 -4.18
C ARG E 258 56.61 -64.87 -4.88
N LEU E 259 55.53 -64.91 -4.12
CA LEU E 259 54.21 -65.23 -4.66
C LEU E 259 53.17 -64.66 -3.70
N LYS E 260 51.90 -65.01 -3.93
CA LYS E 260 50.80 -64.50 -3.14
C LYS E 260 50.12 -65.62 -2.37
N LEU E 261 49.96 -65.40 -1.08
CA LEU E 261 48.99 -66.15 -0.29
C LEU E 261 47.59 -65.66 -0.57
N LYS E 262 46.64 -66.56 -0.38
CA LYS E 262 45.23 -66.22 -0.60
C LYS E 262 44.39 -67.16 0.24
N LEU E 263 43.64 -66.59 1.19
CA LEU E 263 42.89 -67.43 2.12
C LEU E 263 41.84 -68.25 1.38
N ASN E 264 41.14 -67.62 0.45
CA ASN E 264 40.14 -68.29 -0.37
C ASN E 264 40.20 -67.68 -1.76
N LYS E 265 39.19 -67.97 -2.56
CA LYS E 265 39.07 -67.32 -3.86
C LYS E 265 38.65 -65.87 -3.75
N ASP E 266 38.37 -65.40 -2.53
CA ASP E 266 37.89 -64.04 -2.31
C ASP E 266 39.04 -63.04 -2.11
N ILE E 267 40.06 -63.41 -1.34
CA ILE E 267 41.12 -62.47 -0.96
C ILE E 267 42.47 -63.09 -1.30
N VAL E 268 43.35 -62.28 -1.89
CA VAL E 268 44.75 -62.63 -2.10
C VAL E 268 45.58 -61.55 -1.41
N ILE E 269 46.73 -61.95 -0.85
CA ILE E 269 47.55 -61.04 -0.07
C ILE E 269 49.00 -61.15 -0.50
N SER E 270 49.68 -60.00 -0.60
CA SER E 270 51.07 -59.96 -1.01
C SER E 270 51.97 -60.43 0.12
N VAL E 271 52.87 -61.35 -0.21
CA VAL E 271 53.83 -61.92 0.74
C VAL E 271 55.04 -62.42 -0.03
N GLY E 272 56.24 -62.15 0.50
CA GLY E 272 57.46 -62.58 -0.14
C GLY E 272 58.11 -63.79 0.51
N ILE E 273 58.38 -64.82 -0.29
CA ILE E 273 59.00 -66.03 0.21
C ILE E 273 60.52 -66.00 -0.02
N TYR E 274 61.27 -65.95 1.08
CA TYR E 274 62.72 -65.90 0.99
C TYR E 274 63.34 -67.29 1.14
N ASN E 275 64.51 -67.46 0.53
CA ASN E 275 65.28 -68.67 0.62
C ASN E 275 66.46 -68.45 1.56
N LEU E 276 66.71 -69.44 2.42
CA LEU E 276 67.78 -69.36 3.41
C LEU E 276 69.01 -70.13 2.96
N VAL E 277 68.82 -71.37 2.51
CA VAL E 277 69.90 -72.30 2.23
C VAL E 277 69.52 -73.12 1.00
N GLN E 278 70.54 -73.63 0.32
CA GLN E 278 70.38 -74.49 -0.83
C GLN E 278 71.55 -75.46 -0.86
N LYS E 279 71.77 -76.11 -2.00
CA LYS E 279 72.95 -76.94 -2.16
C LYS E 279 74.12 -76.10 -2.68
N ALA E 280 75.31 -76.65 -2.56
CA ALA E 280 76.51 -75.97 -3.03
C ALA E 280 76.50 -75.88 -4.55
N LEU E 281 76.98 -74.74 -5.06
CA LEU E 281 76.97 -74.47 -6.50
C LEU E 281 78.39 -74.52 -7.05
N LYS E 282 78.54 -75.27 -8.13
CA LYS E 282 79.79 -75.29 -8.89
C LYS E 282 79.88 -74.03 -9.75
N PRO E 283 81.04 -73.38 -9.77
CA PRO E 283 81.23 -72.26 -10.70
C PRO E 283 81.04 -72.72 -12.13
N PRO E 284 80.49 -71.88 -12.99
CA PRO E 284 80.21 -72.30 -14.37
C PRO E 284 81.48 -72.31 -15.19
N PRO E 285 81.74 -73.40 -15.91
CA PRO E 285 82.89 -73.41 -16.83
C PRO E 285 82.75 -72.33 -17.89
N ILE E 286 83.89 -71.80 -18.32
CA ILE E 286 83.94 -70.81 -19.38
C ILE E 286 84.91 -71.35 -20.42
N LYS E 287 84.38 -71.86 -21.53
CA LYS E 287 85.23 -72.42 -22.57
C LYS E 287 86.21 -71.37 -23.06
N LEU E 288 87.46 -71.79 -23.24
CA LEU E 288 88.51 -70.90 -23.70
C LEU E 288 89.30 -71.61 -24.77
N TYR E 289 89.69 -70.85 -25.79
CA TYR E 289 90.41 -71.42 -26.91
C TYR E 289 91.71 -72.07 -26.46
N ARG E 290 92.25 -72.92 -27.34
CA ARG E 290 93.48 -73.66 -27.06
C ARG E 290 94.55 -72.74 -26.45
N GLU E 291 94.98 -71.73 -27.20
CA GLU E 291 95.99 -70.81 -26.69
C GLU E 291 95.56 -69.35 -26.65
N THR E 292 94.63 -68.92 -27.51
CA THR E 292 94.10 -67.57 -27.33
C THR E 292 93.18 -67.48 -26.12
N ASN E 293 92.69 -68.62 -25.64
CA ASN E 293 91.93 -68.69 -24.39
C ASN E 293 90.74 -67.74 -24.43
N GLU E 294 90.00 -67.81 -25.54
CA GLU E 294 88.91 -66.88 -25.78
C GLU E 294 87.64 -67.67 -26.01
N PRO E 295 86.54 -67.30 -25.37
CA PRO E 295 85.31 -68.09 -25.50
C PRO E 295 84.67 -67.92 -26.87
N VAL E 296 84.15 -69.03 -27.38
CA VAL E 296 83.50 -69.07 -28.67
C VAL E 296 82.10 -69.63 -28.48
N LYS E 297 81.33 -69.67 -29.56
CA LYS E 297 79.88 -69.84 -29.42
C LYS E 297 79.50 -71.29 -29.71
N THR E 298 78.61 -71.82 -28.88
CA THR E 298 78.07 -73.16 -29.07
C THR E 298 76.62 -73.07 -29.55
N LYS E 299 76.29 -73.86 -30.57
CA LYS E 299 74.98 -73.83 -31.18
C LYS E 299 74.41 -75.24 -31.22
N THR E 300 73.24 -75.42 -30.63
CA THR E 300 72.54 -76.70 -30.72
C THR E 300 71.60 -76.63 -31.92
N ARG E 301 72.08 -77.11 -33.07
CA ARG E 301 71.28 -77.11 -34.28
C ARG E 301 71.09 -78.53 -34.83
N THR E 302 69.87 -79.05 -34.68
CA THR E 302 69.56 -80.39 -35.14
C THR E 302 69.62 -80.48 -36.67
N PHE E 303 70.45 -81.38 -37.18
CA PHE E 303 70.61 -81.56 -38.61
C PHE E 303 69.69 -82.65 -39.15
N ASN E 304 69.23 -82.48 -40.38
CA ASN E 304 68.33 -83.45 -41.00
C ASN E 304 69.05 -84.23 -42.10
N THR E 305 69.17 -85.54 -41.92
CA THR E 305 69.84 -86.39 -42.88
C THR E 305 69.05 -86.52 -44.18
N SER E 306 67.83 -86.00 -44.23
CA SER E 306 67.03 -86.10 -45.44
C SER E 306 67.68 -85.35 -46.60
N THR E 307 68.02 -84.08 -46.38
CA THR E 307 68.64 -83.27 -47.42
C THR E 307 69.86 -82.50 -46.92
N GLY E 308 70.17 -82.58 -45.63
CA GLY E 308 71.27 -81.80 -45.11
C GLY E 308 70.95 -80.33 -44.93
N GLY E 309 69.69 -79.94 -45.11
CA GLY E 309 69.32 -78.55 -44.98
C GLY E 309 69.08 -78.15 -43.54
N LEU E 310 68.13 -77.24 -43.33
CA LEU E 310 67.85 -76.71 -42.00
C LEU E 310 66.58 -77.35 -41.45
N LEU E 311 66.51 -77.37 -40.12
CA LEU E 311 65.31 -77.83 -39.45
C LEU E 311 64.77 -76.70 -38.59
N LEU E 312 63.48 -76.77 -38.29
CA LEU E 312 62.73 -75.68 -37.72
C LEU E 312 62.11 -76.12 -36.39
N PRO E 313 62.11 -75.24 -35.38
CA PRO E 313 61.53 -75.63 -34.09
C PRO E 313 60.06 -76.02 -34.20
N SER E 314 59.31 -75.35 -35.09
CA SER E 314 57.94 -75.77 -35.33
C SER E 314 57.87 -77.11 -36.03
N ASP E 315 58.89 -77.46 -36.82
CA ASP E 315 58.92 -78.77 -37.45
C ASP E 315 59.18 -79.88 -36.46
N THR E 316 59.57 -79.55 -35.24
CA THR E 316 59.90 -80.55 -34.22
C THR E 316 58.73 -80.71 -33.27
N LYS E 317 58.14 -81.91 -33.25
CA LYS E 317 57.08 -82.24 -32.32
C LYS E 317 57.50 -83.46 -31.51
N ARG E 318 57.15 -83.44 -30.23
CA ARG E 318 57.65 -84.45 -29.30
C ARG E 318 57.03 -85.81 -29.59
N SER E 319 57.86 -86.83 -29.61
CA SER E 319 57.43 -88.18 -29.88
C SER E 319 57.76 -89.06 -28.68
N GLN E 320 56.84 -89.94 -28.33
CA GLN E 320 57.03 -90.92 -27.27
C GLN E 320 56.88 -92.31 -27.88
N ILE E 321 57.91 -93.13 -27.72
CA ILE E 321 57.97 -94.44 -28.37
C ILE E 321 57.58 -95.47 -27.32
N TYR E 322 56.33 -95.91 -27.37
CA TYR E 322 55.81 -96.96 -26.49
C TYR E 322 55.46 -98.16 -27.35
N GLY E 323 56.45 -99.00 -27.61
CA GLY E 323 56.24 -100.15 -28.47
C GLY E 323 55.79 -99.69 -29.85
N SER E 324 54.67 -100.23 -30.31
CA SER E 324 54.10 -99.86 -31.59
C SER E 324 53.30 -98.57 -31.52
N ARG E 325 53.09 -98.02 -30.33
CA ARG E 325 52.28 -96.81 -30.17
C ARG E 325 53.18 -95.60 -30.29
N GLN E 326 53.27 -95.04 -31.50
CA GLN E 326 53.93 -93.77 -31.69
C GLN E 326 53.07 -92.66 -31.11
N ILE E 327 53.66 -91.86 -30.22
CA ILE E 327 52.91 -90.91 -29.40
C ILE E 327 53.44 -89.53 -29.76
N ILE E 328 52.78 -88.86 -30.70
CA ILE E 328 53.23 -87.58 -31.23
C ILE E 328 52.49 -86.48 -30.48
N LEU E 329 53.18 -85.82 -29.56
CA LEU E 329 52.63 -84.72 -28.80
C LEU E 329 53.50 -83.50 -28.97
N GLU E 330 52.87 -82.33 -28.84
CA GLU E 330 53.57 -81.08 -29.05
C GLU E 330 54.15 -80.57 -27.74
N LYS E 331 55.21 -79.78 -27.84
CA LYS E 331 55.92 -79.33 -26.64
C LYS E 331 55.03 -78.46 -25.75
N GLU E 332 54.39 -77.44 -26.34
CA GLU E 332 53.67 -76.47 -25.51
C GLU E 332 52.42 -77.08 -24.91
N GLU E 333 51.69 -77.90 -25.67
CA GLU E 333 50.56 -78.59 -25.06
C GLU E 333 51.03 -79.46 -23.90
N THR E 334 52.24 -80.00 -24.01
CA THR E 334 52.79 -80.82 -22.94
C THR E 334 53.12 -79.99 -21.71
N GLU E 335 53.68 -78.78 -21.88
CA GLU E 335 53.97 -77.96 -20.71
C GLU E 335 52.68 -77.58 -20.00
N GLU E 336 51.61 -77.37 -20.76
CA GLU E 336 50.29 -77.24 -20.14
C GLU E 336 49.95 -78.48 -19.34
N LEU E 337 50.35 -79.65 -19.82
CA LEU E 337 50.07 -80.89 -19.10
C LEU E 337 50.75 -80.89 -17.74
N LYS E 338 52.00 -80.40 -17.67
CA LYS E 338 52.65 -80.26 -16.37
C LYS E 338 51.90 -79.28 -15.48
N ARG E 339 51.43 -78.18 -16.05
CA ARG E 339 50.61 -77.26 -15.27
C ARG E 339 49.30 -77.95 -14.91
N PHE E 340 48.85 -77.73 -13.69
CA PHE E 340 47.50 -78.10 -13.31
C PHE E 340 46.69 -76.96 -12.76
N ASP E 341 47.30 -76.08 -11.97
CA ASP E 341 46.57 -74.97 -11.36
C ASP E 341 47.40 -73.70 -11.46
N ASP E 342 46.72 -72.58 -11.26
CA ASP E 342 47.35 -71.28 -11.33
C ASP E 342 48.32 -71.09 -10.16
N PRO E 343 49.42 -70.34 -10.37
CA PRO E 343 50.30 -69.97 -9.25
C PRO E 343 49.54 -69.30 -8.12
N GLY E 344 49.47 -69.96 -6.97
CA GLY E 344 48.74 -69.41 -5.83
C GLY E 344 48.78 -70.39 -4.69
N LEU E 345 48.17 -69.99 -3.57
CA LEU E 345 48.25 -70.73 -2.31
C LEU E 345 46.84 -70.96 -1.77
N MET E 346 46.23 -72.08 -2.10
CA MET E 346 44.91 -72.40 -1.56
C MET E 346 45.09 -73.03 -0.20
N LEU E 347 44.95 -72.23 0.86
CA LEU E 347 45.21 -72.71 2.20
C LEU E 347 44.18 -73.76 2.58
N MET E 348 44.66 -74.91 3.08
CA MET E 348 43.76 -75.95 3.56
C MET E 348 42.99 -75.48 4.80
N GLY E 349 43.70 -75.35 5.92
CA GLY E 349 43.09 -75.11 7.20
C GLY E 349 44.10 -75.05 8.33
N PHE E 350 43.71 -75.47 9.52
CA PHE E 350 44.63 -75.55 10.64
C PHE E 350 44.77 -77.00 11.08
N LYS E 351 46.03 -77.39 11.33
CA LYS E 351 46.45 -78.76 11.52
C LYS E 351 47.27 -78.82 12.80
N PRO E 352 46.94 -79.71 13.73
CA PRO E 352 47.73 -79.85 14.95
C PRO E 352 49.11 -80.40 14.63
N LEU E 353 49.98 -80.39 15.65
CA LEU E 353 51.34 -80.89 15.47
C LEU E 353 51.35 -82.41 15.68
N VAL E 354 50.52 -83.08 14.88
CA VAL E 354 50.49 -84.54 14.84
C VAL E 354 51.29 -85.09 13.67
N LEU E 355 51.56 -84.27 12.66
CA LEU E 355 52.32 -84.68 11.50
C LEU E 355 53.81 -84.65 11.83
N LEU E 356 54.66 -84.64 10.81
CA LEU E 356 56.12 -84.62 10.97
C LEU E 356 56.62 -85.98 11.49
N LYS E 357 56.11 -87.04 10.89
CA LYS E 357 56.67 -88.37 11.14
C LYS E 357 58.13 -88.40 10.67
N LYS E 358 58.99 -89.03 11.46
CA LYS E 358 60.42 -89.00 11.19
C LYS E 358 60.80 -90.02 10.10
N HIS E 359 60.14 -89.86 8.95
CA HIS E 359 60.46 -90.68 7.79
C HIS E 359 60.52 -89.89 6.49
N HIS E 360 60.08 -88.64 6.47
CA HIS E 360 59.90 -87.89 5.23
C HIS E 360 60.61 -86.54 5.32
N TYR E 361 61.40 -86.23 4.30
CA TYR E 361 61.95 -84.88 4.15
C TYR E 361 62.31 -84.67 2.69
N LEU E 362 61.47 -83.94 1.98
CA LEU E 362 61.80 -83.43 0.65
C LEU E 362 62.43 -82.04 0.81
N ARG E 363 62.45 -81.27 -0.27
CA ARG E 363 63.13 -79.99 -0.41
C ARG E 363 62.95 -79.16 0.86
N PRO E 364 63.98 -78.45 1.30
CA PRO E 364 63.92 -77.79 2.60
C PRO E 364 62.88 -76.67 2.62
N SER E 365 62.36 -76.40 3.81
CA SER E 365 61.32 -75.39 3.91
C SER E 365 61.89 -74.01 3.61
N LEU E 366 60.99 -73.10 3.28
CA LEU E 366 61.37 -71.86 2.60
C LEU E 366 60.72 -70.69 3.30
N PHE E 367 61.52 -69.69 3.67
CA PHE E 367 61.03 -68.61 4.51
C PHE E 367 60.03 -67.75 3.77
N VAL E 368 58.91 -67.43 4.42
CA VAL E 368 57.87 -66.62 3.81
C VAL E 368 57.35 -65.56 4.78
N TYR E 369 57.34 -64.31 4.34
CA TYR E 369 56.87 -63.20 5.17
C TYR E 369 55.98 -62.26 4.37
N PRO E 370 54.89 -61.80 4.99
CA PRO E 370 53.94 -60.89 4.34
C PRO E 370 54.63 -59.60 3.90
N GLU E 371 54.87 -59.45 2.61
CA GLU E 371 55.54 -58.26 2.08
C GLU E 371 54.58 -57.37 1.29
N GLU E 372 54.41 -56.14 1.77
CA GLU E 372 53.54 -55.16 1.12
C GLU E 372 54.06 -54.95 -0.30
N SER E 373 53.79 -55.93 -1.16
CA SER E 373 54.27 -55.83 -2.54
C SER E 373 53.31 -54.97 -3.36
N LEU E 374 52.08 -55.44 -3.56
CA LEU E 374 51.04 -54.61 -4.15
C LEU E 374 49.67 -54.80 -3.52
N VAL E 375 49.45 -55.87 -2.76
CA VAL E 375 48.22 -56.01 -1.97
C VAL E 375 48.38 -55.10 -0.76
N ILE E 376 47.65 -53.98 -0.78
CA ILE E 376 47.85 -52.94 0.23
C ILE E 376 47.42 -53.51 1.58
N GLY E 377 48.39 -53.77 2.44
CA GLY E 377 48.14 -54.47 3.68
C GLY E 377 48.55 -55.92 3.55
N SER E 378 49.74 -56.25 4.06
CA SER E 378 50.26 -57.60 3.97
C SER E 378 50.37 -58.27 5.32
N SER E 379 51.04 -57.66 6.29
CA SER E 379 51.16 -58.24 7.61
C SER E 379 50.16 -57.66 8.61
N THR E 380 49.16 -56.93 8.13
CA THR E 380 48.09 -56.47 9.02
C THR E 380 47.40 -57.65 9.68
N LEU E 381 46.93 -58.61 8.87
CA LEU E 381 46.36 -59.83 9.42
C LEU E 381 47.40 -60.64 10.17
N PHE E 382 48.62 -60.69 9.64
CA PHE E 382 49.68 -61.47 10.26
C PHE E 382 50.31 -60.76 11.44
N SER E 383 49.73 -59.64 11.86
CA SER E 383 50.18 -58.96 13.06
C SER E 383 49.77 -59.68 14.34
N ALA E 384 48.90 -60.69 14.24
CA ALA E 384 48.47 -61.45 15.41
C ALA E 384 48.56 -62.95 15.21
N LEU E 385 49.20 -63.41 14.14
CA LEU E 385 49.48 -64.84 13.96
C LEU E 385 50.83 -65.22 14.54
N LEU E 386 51.79 -64.29 14.49
CA LEU E 386 53.11 -64.52 15.07
C LEU E 386 53.01 -64.65 16.58
N ILE E 387 52.08 -63.93 17.20
CA ILE E 387 51.83 -64.14 18.63
C ILE E 387 51.16 -65.49 18.84
N LYS E 388 50.49 -66.02 17.83
CA LYS E 388 49.86 -67.34 17.91
C LYS E 388 50.81 -68.44 17.44
N CYS E 389 52.01 -68.46 18.03
CA CYS E 389 52.96 -69.54 17.82
C CYS E 389 53.13 -70.36 19.09
N LEU E 390 53.50 -69.72 20.20
CA LEU E 390 53.58 -70.41 21.48
C LEU E 390 52.19 -70.72 22.03
N GLU E 391 51.24 -69.81 21.85
CA GLU E 391 49.88 -69.98 22.31
C GLU E 391 49.03 -70.81 21.37
N LYS E 392 49.49 -71.02 20.14
CA LYS E 392 48.69 -71.75 19.16
C LYS E 392 49.67 -72.54 18.29
N GLU E 393 49.81 -73.83 18.58
CA GLU E 393 50.70 -74.67 17.80
C GLU E 393 49.99 -75.34 16.62
N VAL E 394 48.67 -75.21 16.52
CA VAL E 394 47.95 -75.82 15.41
C VAL E 394 48.43 -75.16 14.12
N ALA E 395 49.14 -75.93 13.31
CA ALA E 395 49.81 -75.38 12.13
C ALA E 395 48.87 -75.39 10.93
N ALA E 396 49.38 -74.96 9.79
CA ALA E 396 48.62 -74.91 8.56
C ALA E 396 49.43 -75.47 7.41
N LEU E 397 48.74 -76.11 6.47
CA LEU E 397 49.36 -76.60 5.25
C LEU E 397 48.51 -76.18 4.06
N CYS E 398 49.13 -76.18 2.89
CA CYS E 398 48.43 -75.73 1.68
C CYS E 398 49.10 -76.34 0.46
N ARG E 399 48.39 -76.27 -0.65
CA ARG E 399 48.99 -76.59 -1.93
C ARG E 399 49.81 -75.41 -2.41
N TYR E 400 50.97 -75.69 -2.99
CA TYR E 400 51.83 -74.63 -3.51
C TYR E 400 52.11 -74.83 -4.99
N THR E 401 52.25 -73.69 -5.67
CA THR E 401 52.55 -73.60 -7.10
C THR E 401 53.55 -72.49 -7.34
N PRO E 402 54.82 -72.81 -7.65
CA PRO E 402 55.81 -71.74 -7.90
C PRO E 402 55.38 -70.80 -8.99
N ARG E 403 54.99 -71.35 -10.13
CA ARG E 403 54.36 -70.63 -11.23
C ARG E 403 53.76 -71.69 -12.15
N ARG E 404 53.25 -71.24 -13.31
CA ARG E 404 52.68 -72.15 -14.27
C ARG E 404 53.68 -73.20 -14.72
N ASN E 405 53.16 -74.34 -15.17
CA ASN E 405 53.92 -75.49 -15.68
C ASN E 405 54.55 -76.29 -14.56
N ILE E 406 54.15 -76.02 -13.32
CA ILE E 406 54.55 -76.86 -12.19
C ILE E 406 53.28 -77.42 -11.58
N PRO E 407 53.25 -78.72 -11.31
CA PRO E 407 52.08 -79.31 -10.63
C PRO E 407 51.92 -78.73 -9.24
N PRO E 408 50.71 -78.73 -8.69
CA PRO E 408 50.52 -78.22 -7.33
C PRO E 408 51.26 -79.08 -6.30
N TYR E 409 51.78 -78.40 -5.28
CA TYR E 409 52.61 -79.03 -4.27
C TYR E 409 52.00 -78.78 -2.90
N PHE E 410 51.44 -79.83 -2.31
CA PHE E 410 50.99 -79.73 -0.94
C PHE E 410 52.18 -79.46 -0.03
N VAL E 411 52.08 -78.42 0.78
CA VAL E 411 53.19 -78.03 1.65
C VAL E 411 52.62 -77.47 2.95
N ALA E 412 53.33 -77.72 4.04
CA ALA E 412 52.87 -77.34 5.36
C ALA E 412 53.68 -76.16 5.89
N LEU E 413 53.01 -75.28 6.62
CA LEU E 413 53.63 -74.06 7.10
C LEU E 413 53.64 -74.07 8.62
N VAL E 414 54.76 -73.63 9.19
CA VAL E 414 54.88 -73.37 10.61
C VAL E 414 55.20 -71.89 10.79
N PRO E 415 54.47 -71.17 11.62
CA PRO E 415 54.85 -69.79 11.89
C PRO E 415 56.17 -69.72 12.63
N GLN E 416 56.96 -68.71 12.28
CA GLN E 416 58.33 -68.62 12.75
C GLN E 416 58.42 -67.69 13.96
N GLU E 417 59.43 -67.95 14.77
CA GLU E 417 59.70 -67.22 15.99
C GLU E 417 60.95 -66.37 15.81
N GLU E 418 61.40 -65.80 16.91
CA GLU E 418 62.59 -64.96 16.95
C GLU E 418 63.67 -65.65 17.77
N GLU E 419 64.92 -65.41 17.40
CA GLU E 419 66.05 -65.64 18.31
C GLU E 419 67.01 -64.47 18.23
N LEU E 420 66.47 -63.27 18.38
CA LEU E 420 67.26 -62.06 18.58
C LEU E 420 68.35 -62.31 19.61
N ASP E 421 69.60 -62.24 19.15
CA ASP E 421 70.73 -62.57 19.99
C ASP E 421 70.97 -61.45 21.00
N ASP E 422 72.08 -61.55 21.72
CA ASP E 422 72.39 -60.57 22.76
C ASP E 422 72.47 -59.15 22.20
N GLN E 423 73.26 -58.96 21.14
CA GLN E 423 73.39 -57.63 20.54
C GLN E 423 72.37 -57.44 19.43
N LYS E 424 71.11 -57.71 19.76
CA LYS E 424 69.97 -57.48 18.89
C LYS E 424 70.06 -58.23 17.57
N ILE E 425 70.75 -59.37 17.54
CA ILE E 425 70.91 -60.10 16.29
C ILE E 425 69.68 -60.98 16.07
N GLN E 426 68.69 -60.43 15.36
CA GLN E 426 67.42 -61.11 15.13
C GLN E 426 67.54 -62.12 13.98
N VAL E 427 68.42 -63.10 14.18
CA VAL E 427 68.47 -64.21 13.26
C VAL E 427 67.17 -65.00 13.37
N THR E 428 66.72 -65.54 12.23
CA THR E 428 65.42 -66.16 12.10
C THR E 428 64.34 -65.19 12.55
N PRO E 429 64.00 -64.19 11.72
CA PRO E 429 62.94 -63.24 12.06
C PRO E 429 61.63 -63.96 12.26
N PRO E 430 60.66 -63.34 12.95
CA PRO E 430 59.37 -64.00 13.12
C PRO E 430 58.61 -63.99 11.81
N GLY E 431 58.48 -65.14 11.18
CA GLY E 431 57.79 -65.23 9.91
C GLY E 431 57.07 -66.55 9.76
N PHE E 432 57.07 -67.10 8.55
CA PHE E 432 56.50 -68.41 8.26
C PHE E 432 57.52 -69.29 7.58
N GLN E 433 57.34 -70.60 7.75
CA GLN E 433 58.31 -71.59 7.28
C GLN E 433 57.50 -72.72 6.66
N LEU E 434 57.40 -72.71 5.33
CA LEU E 434 56.53 -73.64 4.62
C LEU E 434 57.28 -74.93 4.35
N VAL E 435 57.07 -75.93 5.20
CA VAL E 435 57.70 -77.22 4.99
C VAL E 435 56.90 -77.99 3.94
N PHE E 436 57.59 -78.74 3.10
CA PHE E 436 56.91 -79.53 2.09
C PHE E 436 56.51 -80.88 2.65
N LEU E 437 55.35 -81.38 2.21
CA LEU E 437 54.86 -82.62 2.77
C LEU E 437 54.94 -83.74 1.74
N PRO E 438 55.17 -84.98 2.18
CA PRO E 438 55.44 -86.07 1.23
C PRO E 438 54.19 -86.50 0.49
N PHE E 439 54.43 -87.19 -0.62
CA PHE E 439 53.37 -87.75 -1.45
C PHE E 439 53.48 -89.28 -1.47
N ALA E 440 52.43 -89.91 -2.00
CA ALA E 440 52.35 -91.37 -1.96
C ALA E 440 53.51 -92.01 -2.70
N ASP E 441 53.80 -91.55 -3.91
CA ASP E 441 54.91 -92.08 -4.68
C ASP E 441 56.27 -91.63 -4.16
N ASP E 442 56.30 -90.65 -3.25
CA ASP E 442 57.56 -90.24 -2.65
C ASP E 442 58.01 -91.22 -1.59
N LYS E 443 57.14 -91.54 -0.63
CA LYS E 443 57.49 -92.49 0.41
C LYS E 443 57.64 -93.89 -0.19
N ARG E 444 58.69 -94.60 0.21
CA ARG E 444 58.94 -95.94 -0.30
C ARG E 444 58.41 -96.98 0.69
N LYS E 445 58.41 -98.22 0.24
CA LYS E 445 57.89 -99.31 1.06
C LYS E 445 58.83 -99.61 2.22
N MET E 446 58.24 -99.94 3.37
CA MET E 446 59.04 -100.33 4.51
C MET E 446 59.75 -101.64 4.21
N PRO E 447 60.97 -101.83 4.71
CA PRO E 447 61.67 -103.10 4.51
C PRO E 447 60.89 -104.26 5.11
N PHE E 448 60.98 -105.41 4.46
CA PHE E 448 60.21 -106.57 4.87
C PHE E 448 60.75 -107.20 6.16
N THR E 449 61.97 -106.87 6.56
CA THR E 449 62.53 -107.36 7.82
C THR E 449 62.14 -106.39 8.94
N GLU E 450 61.45 -106.90 9.94
CA GLU E 450 60.91 -106.05 11.01
C GLU E 450 60.60 -106.92 12.21
N LYS E 451 61.24 -106.64 13.34
CA LYS E 451 60.96 -107.36 14.57
C LYS E 451 61.29 -106.44 15.75
N ILE E 452 61.32 -107.01 16.95
CA ILE E 452 61.47 -106.26 18.17
C ILE E 452 62.96 -105.98 18.40
N MET E 453 63.25 -104.97 19.22
CA MET E 453 64.61 -104.57 19.52
C MET E 453 65.25 -105.62 20.45
N ALA E 454 66.44 -105.30 20.94
CA ALA E 454 67.28 -106.29 21.59
C ALA E 454 67.63 -105.86 23.01
N THR E 455 68.55 -106.60 23.62
CA THR E 455 68.91 -106.43 25.01
C THR E 455 69.61 -105.09 25.24
N PRO E 456 69.48 -104.51 26.43
CA PRO E 456 70.19 -103.27 26.77
C PRO E 456 71.53 -103.45 27.49
N GLU E 457 72.06 -104.68 27.57
CA GLU E 457 73.39 -104.86 28.15
C GLU E 457 74.45 -104.16 27.33
N GLN E 458 74.30 -104.15 26.00
CA GLN E 458 75.20 -103.37 25.16
C GLN E 458 75.05 -101.88 25.46
N VAL E 459 73.82 -101.44 25.74
CA VAL E 459 73.57 -100.02 26.03
C VAL E 459 74.38 -99.57 27.23
N GLY E 460 74.29 -100.34 28.33
CA GLY E 460 75.09 -100.06 29.51
C GLY E 460 76.57 -100.05 29.21
N LYS E 461 76.99 -100.86 28.21
CA LYS E 461 78.39 -100.92 27.82
C LYS E 461 78.82 -99.71 26.98
N MET E 462 77.98 -99.27 26.03
CA MET E 462 78.14 -98.02 25.30
C MET E 462 77.92 -96.77 26.17
N LYS E 463 77.46 -96.93 27.40
CA LYS E 463 77.22 -95.77 28.25
C LYS E 463 78.50 -94.99 28.50
N ALA E 464 79.53 -95.67 28.98
CA ALA E 464 80.81 -95.02 29.13
C ALA E 464 81.28 -94.40 27.82
N ILE E 465 80.97 -95.05 26.70
CA ILE E 465 81.38 -94.55 25.40
C ILE E 465 80.68 -93.23 25.10
N VAL E 466 79.35 -93.23 25.23
CA VAL E 466 78.54 -92.17 24.64
C VAL E 466 78.70 -90.86 25.41
N GLU E 467 78.73 -90.90 26.74
CA GLU E 467 79.03 -89.67 27.46
C GLU E 467 80.51 -89.37 27.53
N LYS E 468 81.37 -90.24 27.02
CA LYS E 468 82.80 -89.91 27.03
C LYS E 468 83.11 -88.78 26.07
N LEU E 469 82.84 -88.98 24.78
CA LEU E 469 83.19 -88.00 23.76
C LEU E 469 81.92 -87.30 23.29
N ARG E 470 81.98 -85.96 23.27
CA ARG E 470 80.84 -85.14 22.86
C ARG E 470 81.38 -83.83 22.29
N PHE E 471 80.67 -83.29 21.31
CA PHE E 471 81.01 -82.01 20.71
C PHE E 471 79.94 -80.98 21.04
N THR E 472 80.12 -79.78 20.49
CA THR E 472 79.26 -78.65 20.78
C THR E 472 78.14 -78.46 19.77
N TYR E 473 78.08 -79.30 18.73
CA TYR E 473 77.06 -79.21 17.68
C TYR E 473 77.09 -77.83 17.02
N ARG E 474 78.28 -77.29 16.84
CA ARG E 474 78.42 -75.98 16.19
C ARG E 474 78.07 -76.13 14.72
N SER E 475 76.87 -75.68 14.35
CA SER E 475 76.46 -75.70 12.95
C SER E 475 77.32 -74.77 12.11
N ASP E 476 78.09 -73.89 12.75
CA ASP E 476 78.91 -72.89 12.08
C ASP E 476 80.38 -73.26 12.16
N SER E 477 80.67 -74.57 12.02
CA SER E 477 82.01 -75.08 12.27
C SER E 477 82.69 -75.68 11.05
N PHE E 478 82.02 -75.81 9.92
CA PHE E 478 82.62 -76.53 8.80
C PHE E 478 82.05 -76.05 7.48
N GLU E 479 82.89 -76.08 6.46
CA GLU E 479 82.51 -75.74 5.11
C GLU E 479 82.62 -77.01 4.25
N ASN E 480 82.44 -76.85 2.94
CA ASN E 480 82.78 -77.96 2.07
C ASN E 480 84.27 -77.88 1.79
N PRO E 481 85.09 -78.66 2.49
CA PRO E 481 86.53 -78.59 2.26
C PRO E 481 86.91 -78.97 0.85
N VAL E 482 86.14 -79.87 0.23
CA VAL E 482 86.41 -80.27 -1.14
C VAL E 482 86.21 -79.09 -2.08
N LEU E 483 85.13 -78.33 -1.88
CA LEU E 483 84.84 -77.22 -2.79
C LEU E 483 85.92 -76.15 -2.70
N GLN E 484 86.27 -75.72 -1.49
CA GLN E 484 87.30 -74.70 -1.36
C GLN E 484 88.63 -75.22 -1.86
N GLN E 485 88.89 -76.52 -1.73
CA GLN E 485 90.13 -77.07 -2.24
C GLN E 485 90.25 -76.85 -3.74
N HIS E 486 89.14 -77.02 -4.47
CA HIS E 486 89.12 -76.64 -5.87
C HIS E 486 89.53 -75.19 -6.03
N PHE E 487 88.93 -74.31 -5.22
CA PHE E 487 89.20 -72.90 -5.34
C PHE E 487 90.68 -72.62 -5.10
N ARG E 488 91.26 -73.27 -4.10
CA ARG E 488 92.70 -73.18 -3.89
C ARG E 488 93.44 -73.68 -5.12
N ASN E 489 93.01 -74.83 -5.65
CA ASN E 489 93.63 -75.37 -6.85
C ASN E 489 93.48 -74.41 -8.02
N LEU E 490 92.29 -73.80 -8.15
CA LEU E 490 92.06 -72.90 -9.27
C LEU E 490 92.94 -71.66 -9.18
N GLU E 491 92.94 -70.97 -8.05
CA GLU E 491 93.78 -69.79 -7.93
C GLU E 491 95.25 -70.13 -7.84
N ALA E 492 95.59 -71.40 -7.60
CA ALA E 492 97.00 -71.79 -7.50
C ALA E 492 97.75 -71.48 -8.78
N LEU E 493 97.05 -71.41 -9.91
CA LEU E 493 97.72 -71.09 -11.17
C LEU E 493 97.84 -69.58 -11.32
N ALA E 494 98.30 -68.94 -10.25
CA ALA E 494 98.76 -67.57 -10.28
C ALA E 494 100.02 -67.38 -9.45
N LEU E 495 100.39 -68.35 -8.63
CA LEU E 495 101.55 -68.24 -7.76
C LEU E 495 102.54 -69.38 -7.93
N ASP E 496 102.22 -70.39 -8.73
CA ASP E 496 103.06 -71.55 -8.99
C ASP E 496 103.34 -72.27 -7.67
N LEU E 497 102.28 -72.83 -7.13
CA LEU E 497 102.35 -73.73 -5.99
C LEU E 497 101.60 -75.00 -6.35
N MET E 498 101.95 -76.10 -5.68
CA MET E 498 101.15 -77.31 -5.81
C MET E 498 99.73 -77.05 -5.34
N GLU E 499 99.59 -76.55 -4.11
CA GLU E 499 98.34 -76.04 -3.58
C GLU E 499 98.62 -75.28 -2.28
N PRO E 500 98.05 -74.09 -2.11
CA PRO E 500 98.20 -73.37 -0.83
C PRO E 500 97.08 -73.68 0.13
N GLU E 501 97.40 -73.54 1.41
CA GLU E 501 96.45 -73.58 2.52
C GLU E 501 95.45 -74.74 2.39
N GLN E 502 95.99 -75.95 2.39
CA GLN E 502 95.15 -77.15 2.43
C GLN E 502 94.52 -77.27 3.81
N ALA E 503 93.21 -77.08 3.90
CA ALA E 503 92.50 -77.04 5.16
C ALA E 503 91.57 -78.24 5.27
N VAL E 504 91.76 -79.03 6.32
CA VAL E 504 90.84 -80.09 6.71
C VAL E 504 90.48 -79.83 8.16
N ASP E 505 89.31 -79.26 8.40
CA ASP E 505 88.89 -78.89 9.74
C ASP E 505 88.29 -80.12 10.44
N LEU E 506 87.67 -79.90 11.60
CA LEU E 506 87.15 -80.98 12.44
C LEU E 506 85.85 -81.52 11.86
N THR E 507 85.94 -82.07 10.64
CA THR E 507 84.82 -82.72 10.00
C THR E 507 85.15 -84.08 9.41
N LEU E 508 86.40 -84.34 9.06
CA LEU E 508 86.80 -85.67 8.62
C LEU E 508 87.10 -86.52 9.85
N PRO E 509 86.34 -87.58 10.11
CA PRO E 509 86.59 -88.38 11.30
C PRO E 509 87.95 -89.06 11.25
N LYS E 510 88.57 -89.19 12.41
CA LYS E 510 89.81 -89.92 12.57
C LYS E 510 89.53 -91.33 13.06
N VAL E 511 90.60 -92.11 13.22
CA VAL E 511 90.48 -93.49 13.66
C VAL E 511 91.21 -93.76 14.96
N GLU E 512 92.21 -92.96 15.32
CA GLU E 512 92.95 -93.11 16.56
C GLU E 512 92.85 -91.89 17.44
N ALA E 513 93.02 -90.69 16.88
CA ALA E 513 93.03 -89.48 17.68
C ALA E 513 91.70 -89.28 18.40
N MET E 514 90.59 -89.31 17.65
CA MET E 514 89.28 -89.20 18.28
C MET E 514 88.95 -90.44 19.10
N ASN E 515 89.41 -91.61 18.65
CA ASN E 515 89.19 -92.84 19.41
C ASN E 515 89.82 -92.75 20.78
N LYS E 516 91.12 -92.40 20.83
CA LYS E 516 91.83 -92.32 22.10
C LYS E 516 91.52 -91.04 22.85
N ARG E 517 91.02 -90.01 22.18
CA ARG E 517 90.40 -88.91 22.90
C ARG E 517 89.16 -89.41 23.65
N LEU E 518 88.35 -90.25 22.99
CA LEU E 518 87.35 -91.02 23.71
C LEU E 518 88.02 -92.10 24.56
N GLY E 519 89.21 -92.53 24.17
CA GLY E 519 89.94 -93.54 24.90
C GLY E 519 89.78 -94.92 24.28
N SER E 520 90.73 -95.78 24.60
CA SER E 520 90.67 -97.17 24.18
C SER E 520 89.71 -98.00 25.03
N LEU E 521 89.08 -97.38 26.02
CA LEU E 521 88.06 -98.08 26.81
C LEU E 521 86.95 -98.62 25.94
N VAL E 522 86.68 -97.97 24.81
CA VAL E 522 85.65 -98.46 23.89
C VAL E 522 86.02 -99.82 23.34
N ASP E 523 87.31 -100.06 23.09
CA ASP E 523 87.75 -101.38 22.70
C ASP E 523 87.50 -102.40 23.81
N GLU E 524 87.76 -102.01 25.06
CA GLU E 524 87.44 -102.87 26.19
C GLU E 524 85.94 -103.11 26.29
N PHE E 525 85.15 -102.06 26.04
CA PHE E 525 83.69 -102.13 26.06
C PHE E 525 83.28 -102.91 24.81
N LYS E 526 83.35 -104.23 24.93
CA LYS E 526 82.91 -105.18 23.92
C LYS E 526 82.13 -106.28 24.62
N GLU E 527 80.81 -106.22 24.57
CA GLU E 527 79.97 -107.26 25.15
C GLU E 527 79.16 -108.00 24.10
N LEU E 528 79.30 -107.66 22.83
CA LEU E 528 78.72 -108.42 21.73
C LEU E 528 79.82 -109.27 21.14
N VAL E 529 79.77 -110.57 21.42
CA VAL E 529 80.83 -111.48 21.02
C VAL E 529 80.87 -111.61 19.50
N TYR E 530 82.04 -111.96 18.97
CA TYR E 530 82.27 -112.22 17.56
C TYR E 530 81.78 -111.07 16.71
N PRO E 531 82.54 -109.97 16.63
CA PRO E 531 82.23 -108.92 15.68
C PRO E 531 82.10 -109.52 14.29
N PRO E 532 80.94 -109.32 13.64
CA PRO E 532 80.64 -110.09 12.42
C PRO E 532 81.61 -109.84 11.28
N ASP E 533 82.36 -108.75 11.31
CA ASP E 533 83.23 -108.42 10.20
C ASP E 533 84.38 -109.41 10.08
N TYR E 534 84.85 -109.59 8.85
CA TYR E 534 85.88 -110.59 8.56
C TYR E 534 87.16 -109.92 8.05
N ASN F 6 59.21 -108.54 -6.08
CA ASN F 6 59.41 -107.68 -7.23
C ASN F 6 58.40 -107.99 -8.34
N LYS F 7 58.07 -109.28 -8.49
CA LYS F 7 57.17 -109.76 -9.54
C LYS F 7 55.88 -110.22 -8.87
N ALA F 8 54.83 -109.41 -8.98
CA ALA F 8 53.61 -109.61 -8.21
C ALA F 8 52.42 -109.86 -9.13
N ALA F 9 51.67 -110.91 -8.84
CA ALA F 9 50.56 -111.33 -9.67
C ALA F 9 49.28 -110.60 -9.27
N VAL F 10 48.49 -110.24 -10.28
CA VAL F 10 47.22 -109.54 -10.10
C VAL F 10 46.19 -110.18 -11.02
N VAL F 11 45.03 -110.52 -10.46
CA VAL F 11 43.93 -111.09 -11.23
C VAL F 11 42.75 -110.13 -11.12
N LEU F 12 42.06 -109.94 -12.22
CA LEU F 12 41.03 -108.92 -12.33
C LEU F 12 39.68 -109.58 -12.19
N CYS F 13 39.09 -109.50 -11.00
CA CYS F 13 37.74 -109.98 -10.76
C CYS F 13 36.79 -108.78 -10.72
N MET F 14 35.94 -108.63 -11.74
CA MET F 14 35.06 -107.45 -11.79
C MET F 14 33.62 -107.83 -12.08
N ASP F 15 32.73 -106.99 -11.57
CA ASP F 15 31.30 -107.22 -11.54
C ASP F 15 30.72 -106.75 -12.86
N VAL F 16 30.65 -107.64 -13.84
CA VAL F 16 30.13 -107.25 -15.15
C VAL F 16 28.61 -107.17 -15.16
N GLY F 17 27.96 -107.65 -14.10
CA GLY F 17 26.51 -107.83 -14.12
C GLY F 17 25.74 -106.53 -14.21
N PHE F 18 24.48 -106.68 -14.62
CA PHE F 18 23.62 -105.54 -14.95
C PHE F 18 23.25 -104.74 -13.72
N THR F 19 22.84 -105.42 -12.65
CA THR F 19 22.44 -104.72 -11.44
C THR F 19 23.62 -103.99 -10.83
N MET F 20 24.82 -104.27 -11.31
CA MET F 20 26.02 -103.67 -10.79
C MET F 20 26.47 -102.45 -11.60
N SER F 21 25.78 -102.11 -12.69
CA SER F 21 26.13 -100.92 -13.42
C SER F 21 25.23 -99.73 -13.12
N ASN F 22 24.36 -99.85 -12.12
CA ASN F 22 23.53 -98.73 -11.67
C ASN F 22 23.65 -98.61 -10.16
N SER F 23 23.56 -97.38 -9.68
CA SER F 23 23.71 -97.13 -8.25
C SER F 23 22.89 -95.92 -7.85
N ILE F 24 22.86 -95.67 -6.54
CA ILE F 24 22.16 -94.48 -6.03
C ILE F 24 22.90 -93.24 -6.51
N PRO F 25 22.20 -92.16 -6.84
CA PRO F 25 22.89 -90.90 -7.16
C PRO F 25 23.66 -90.39 -5.97
N GLY F 26 24.73 -89.66 -6.26
CA GLY F 26 25.65 -89.16 -5.25
C GLY F 26 26.93 -89.95 -5.14
N ILE F 27 26.98 -91.13 -5.74
CA ILE F 27 28.19 -91.94 -5.78
C ILE F 27 28.25 -92.63 -7.14
N GLU F 28 29.46 -92.79 -7.67
CA GLU F 28 29.62 -93.48 -8.93
C GLU F 28 29.12 -94.91 -8.82
N SER F 29 28.54 -95.40 -9.91
CA SER F 29 28.06 -96.77 -9.93
C SER F 29 29.23 -97.72 -9.70
N PRO F 30 29.01 -98.84 -8.99
CA PRO F 30 30.12 -99.76 -8.73
C PRO F 30 30.80 -100.26 -9.99
N PHE F 31 30.04 -100.51 -11.06
CA PHE F 31 30.65 -100.90 -12.32
C PHE F 31 31.57 -99.79 -12.83
N GLU F 32 31.08 -98.55 -12.82
CA GLU F 32 31.84 -97.45 -13.39
C GLU F 32 33.07 -97.12 -12.56
N GLN F 33 32.93 -97.05 -11.24
CA GLN F 33 34.09 -96.72 -10.40
C GLN F 33 35.08 -97.87 -10.35
N ALA F 34 34.60 -99.11 -10.32
CA ALA F 34 35.52 -100.24 -10.34
C ALA F 34 36.29 -100.30 -11.66
N LYS F 35 35.57 -100.17 -12.79
CA LYS F 35 36.25 -100.23 -14.07
C LYS F 35 37.24 -99.07 -14.21
N LYS F 36 36.86 -97.89 -13.71
CA LYS F 36 37.75 -96.74 -13.84
C LYS F 36 39.02 -96.93 -13.03
N VAL F 37 38.91 -97.46 -11.80
CA VAL F 37 40.10 -97.57 -10.97
C VAL F 37 41.03 -98.64 -11.51
N ILE F 38 40.52 -99.85 -11.71
CA ILE F 38 41.37 -100.96 -12.15
C ILE F 38 42.12 -100.58 -13.42
N THR F 39 41.46 -99.82 -14.31
CA THR F 39 42.16 -99.29 -15.46
C THR F 39 43.22 -98.28 -15.05
N MET F 40 42.88 -97.34 -14.15
CA MET F 40 43.86 -96.38 -13.69
C MET F 40 45.00 -97.08 -12.96
N PHE F 41 44.69 -98.10 -12.18
CA PHE F 41 45.78 -98.94 -11.69
C PHE F 41 46.57 -99.51 -12.85
N VAL F 42 45.96 -100.38 -13.66
CA VAL F 42 46.76 -101.18 -14.60
C VAL F 42 47.54 -100.29 -15.54
N GLN F 43 47.01 -99.10 -15.86
CA GLN F 43 47.72 -98.21 -16.77
C GLN F 43 48.98 -97.63 -16.14
N ARG F 44 49.00 -97.47 -14.81
CA ARG F 44 50.20 -96.89 -14.22
C ARG F 44 51.32 -97.91 -14.18
N GLN F 45 51.01 -99.19 -13.92
CA GLN F 45 52.06 -100.19 -13.97
C GLN F 45 52.61 -100.34 -15.38
N VAL F 46 51.76 -100.25 -16.40
CA VAL F 46 52.27 -100.38 -17.76
C VAL F 46 52.97 -99.09 -18.19
N PHE F 47 52.44 -97.93 -17.81
CA PHE F 47 53.09 -96.67 -18.16
C PHE F 47 54.40 -96.49 -17.39
N ALA F 48 54.37 -96.70 -16.08
CA ALA F 48 55.57 -96.63 -15.28
C ALA F 48 56.36 -97.94 -15.33
N GLU F 49 55.98 -98.85 -16.22
CA GLU F 49 56.69 -100.12 -16.43
C GLU F 49 56.74 -100.96 -15.16
N ASN F 50 55.80 -100.72 -14.23
CA ASN F 50 55.72 -101.57 -13.05
C ASN F 50 55.23 -102.94 -13.47
N LYS F 51 55.93 -103.99 -13.02
CA LYS F 51 55.62 -105.34 -13.45
C LYS F 51 54.24 -105.75 -12.96
N ASP F 52 53.35 -106.10 -13.90
CA ASP F 52 51.99 -106.50 -13.57
C ASP F 52 51.59 -107.61 -14.53
N GLU F 53 51.69 -108.85 -14.08
CA GLU F 53 51.29 -109.99 -14.90
C GLU F 53 49.77 -110.04 -14.89
N ILE F 54 49.15 -109.63 -15.98
CA ILE F 54 47.70 -109.45 -15.99
C ILE F 54 47.02 -110.81 -16.10
N ALA F 55 46.14 -111.10 -15.16
CA ALA F 55 45.36 -112.33 -15.13
C ALA F 55 43.89 -112.00 -15.33
N LEU F 56 43.62 -111.08 -16.24
CA LEU F 56 42.27 -110.56 -16.42
C LEU F 56 41.28 -111.68 -16.70
N VAL F 57 40.38 -111.90 -15.76
CA VAL F 57 39.32 -112.88 -15.86
C VAL F 57 38.00 -112.14 -15.82
N LEU F 58 36.89 -112.87 -15.91
CA LEU F 58 35.56 -112.27 -15.79
C LEU F 58 34.53 -113.35 -15.50
N PHE F 59 33.71 -113.13 -14.48
CA PHE F 59 32.59 -114.00 -14.19
C PHE F 59 31.32 -113.40 -14.80
N GLY F 60 30.23 -114.15 -14.69
CA GLY F 60 28.93 -113.66 -15.07
C GLY F 60 28.85 -113.23 -16.52
N THR F 61 29.36 -114.06 -17.42
CA THR F 61 29.43 -113.72 -18.83
C THR F 61 29.03 -114.93 -19.66
N ASP F 62 28.53 -114.66 -20.86
CA ASP F 62 28.11 -115.72 -21.77
C ASP F 62 29.28 -116.65 -22.07
N GLY F 63 29.04 -117.95 -21.98
CA GLY F 63 30.07 -118.93 -22.21
C GLY F 63 30.99 -119.07 -21.01
N THR F 64 32.02 -119.90 -21.18
CA THR F 64 33.00 -120.14 -20.14
C THR F 64 34.32 -120.51 -20.81
N ASP F 65 35.34 -119.69 -20.61
CA ASP F 65 36.65 -119.88 -21.24
C ASP F 65 37.74 -119.68 -20.20
N ASN F 66 38.15 -120.77 -19.56
CA ASN F 66 39.25 -120.78 -18.63
C ASN F 66 40.17 -121.95 -18.95
N PRO F 67 41.48 -121.81 -18.74
CA PRO F 67 42.36 -122.98 -18.90
C PRO F 67 41.98 -124.11 -17.96
N LEU F 68 41.41 -123.81 -16.80
CA LEU F 68 40.79 -124.79 -15.93
C LEU F 68 39.37 -124.29 -15.68
N SER F 69 38.43 -124.74 -16.51
CA SER F 69 37.02 -124.40 -16.36
C SER F 69 36.26 -125.37 -15.47
N GLY F 70 36.96 -126.30 -14.83
CA GLY F 70 36.33 -127.18 -13.87
C GLY F 70 35.19 -128.02 -14.42
N GLY F 71 35.38 -128.58 -15.61
CA GLY F 71 34.34 -129.38 -16.22
C GLY F 71 33.12 -128.61 -16.68
N ASP F 72 33.27 -127.30 -16.88
CA ASP F 72 32.23 -126.36 -17.28
C ASP F 72 31.17 -126.15 -16.20
N GLN F 73 31.25 -126.85 -15.06
CA GLN F 73 30.44 -126.44 -13.93
C GLN F 73 30.91 -125.13 -13.34
N TYR F 74 32.10 -124.68 -13.70
CA TYR F 74 32.63 -123.38 -13.28
C TYR F 74 32.23 -122.33 -14.32
N GLN F 75 30.92 -122.14 -14.42
CA GLN F 75 30.34 -121.55 -15.61
C GLN F 75 30.37 -120.03 -15.53
N ASN F 76 30.18 -119.41 -16.71
CA ASN F 76 30.11 -117.96 -16.87
C ASN F 76 31.40 -117.26 -16.46
N ILE F 77 32.52 -117.98 -16.40
CA ILE F 77 33.81 -117.41 -16.05
C ILE F 77 34.71 -117.47 -17.27
N THR F 78 35.31 -116.33 -17.63
CA THR F 78 36.24 -116.26 -18.73
C THR F 78 37.49 -115.53 -18.27
N VAL F 79 38.65 -116.15 -18.46
CA VAL F 79 39.92 -115.47 -18.22
C VAL F 79 40.14 -114.56 -19.42
N HIS F 80 39.64 -113.32 -19.33
CA HIS F 80 39.60 -112.45 -20.49
C HIS F 80 40.99 -112.17 -21.02
N ARG F 81 41.96 -111.99 -20.13
CA ARG F 81 43.35 -111.78 -20.53
C ARG F 81 44.25 -112.61 -19.62
N HIS F 82 45.09 -113.43 -20.23
CA HIS F 82 45.95 -114.35 -19.52
C HIS F 82 47.30 -113.70 -19.20
N LEU F 83 48.18 -114.47 -18.57
CA LEU F 83 49.35 -113.92 -17.89
C LEU F 83 50.47 -113.68 -18.91
N MET F 84 50.31 -112.62 -19.70
CA MET F 84 51.38 -112.22 -20.62
C MET F 84 51.77 -110.78 -20.41
N LEU F 85 52.58 -110.24 -21.32
CA LEU F 85 53.06 -108.87 -21.19
C LEU F 85 51.91 -107.88 -21.33
N PRO F 86 51.87 -106.83 -20.51
CA PRO F 86 50.82 -105.83 -20.65
C PRO F 86 50.91 -105.07 -21.96
N ASP F 87 49.75 -104.64 -22.45
CA ASP F 87 49.67 -103.81 -23.64
C ASP F 87 48.63 -102.72 -23.45
N PHE F 88 48.82 -101.61 -24.17
CA PHE F 88 47.94 -100.46 -24.04
C PHE F 88 46.59 -100.72 -24.70
N ASP F 89 46.58 -101.40 -25.84
CA ASP F 89 45.33 -101.77 -26.47
C ASP F 89 44.53 -102.70 -25.56
N LEU F 90 45.22 -103.58 -24.83
CA LEU F 90 44.55 -104.43 -23.85
C LEU F 90 43.85 -103.59 -22.80
N LEU F 91 44.49 -102.52 -22.35
CA LEU F 91 43.86 -101.62 -21.39
C LEU F 91 42.60 -101.02 -21.98
N GLU F 92 42.66 -100.64 -23.26
CA GLU F 92 41.49 -100.12 -23.94
C GLU F 92 40.39 -101.17 -23.97
N ASP F 93 40.77 -102.44 -24.16
CA ASP F 93 39.81 -103.53 -24.05
C ASP F 93 39.23 -103.57 -22.64
N ILE F 94 40.09 -103.39 -21.63
CA ILE F 94 39.65 -103.46 -20.24
C ILE F 94 38.61 -102.38 -19.95
N GLU F 95 38.81 -101.19 -20.49
CA GLU F 95 37.92 -100.07 -20.19
C GLU F 95 36.80 -99.94 -21.21
N SER F 96 37.14 -99.92 -22.51
CA SER F 96 36.18 -99.52 -23.52
C SER F 96 35.28 -100.67 -23.96
N LYS F 97 35.86 -101.74 -24.49
CA LYS F 97 35.04 -102.80 -25.05
C LYS F 97 34.31 -103.63 -24.00
N ILE F 98 34.64 -103.48 -22.72
CA ILE F 98 33.85 -104.14 -21.69
C ILE F 98 32.50 -103.46 -21.59
N GLN F 99 31.44 -104.27 -21.48
CA GLN F 99 30.09 -103.76 -21.40
C GLN F 99 29.36 -104.47 -20.26
N PRO F 100 28.37 -103.81 -19.65
CA PRO F 100 27.60 -104.47 -18.59
C PRO F 100 26.94 -105.75 -19.07
N GLY F 101 27.37 -106.89 -18.52
CA GLY F 101 26.78 -108.16 -18.87
C GLY F 101 25.53 -108.44 -18.07
N SER F 102 24.76 -109.41 -18.55
CA SER F 102 23.56 -109.84 -17.86
C SER F 102 23.76 -111.12 -17.08
N GLN F 103 24.70 -111.96 -17.49
CA GLN F 103 24.96 -113.21 -16.78
C GLN F 103 25.55 -112.94 -15.41
N GLN F 104 25.28 -113.85 -14.48
CA GLN F 104 25.86 -113.81 -13.14
C GLN F 104 26.49 -115.16 -12.87
N ALA F 105 27.64 -115.16 -12.21
CA ALA F 105 28.34 -116.39 -11.88
C ALA F 105 28.65 -116.43 -10.39
N ASP F 106 28.80 -117.65 -9.88
CA ASP F 106 29.08 -117.85 -8.48
C ASP F 106 30.37 -117.15 -8.06
N PHE F 107 30.32 -116.52 -6.89
CA PHE F 107 31.52 -115.91 -6.32
C PHE F 107 32.61 -116.94 -6.10
N LEU F 108 32.24 -118.11 -5.56
CA LEU F 108 33.21 -119.18 -5.42
C LEU F 108 33.69 -119.68 -6.78
N ASP F 109 32.81 -119.70 -7.77
CA ASP F 109 33.20 -120.15 -9.10
C ASP F 109 34.34 -119.29 -9.65
N ALA F 110 34.20 -117.98 -9.55
CA ALA F 110 35.28 -117.09 -9.96
C ALA F 110 36.52 -117.32 -9.12
N LEU F 111 36.35 -117.57 -7.82
CA LEU F 111 37.50 -117.72 -6.93
C LEU F 111 38.38 -118.90 -7.34
N ILE F 112 37.78 -120.08 -7.51
CA ILE F 112 38.60 -121.27 -7.73
C ILE F 112 39.17 -121.29 -9.14
N VAL F 113 38.43 -120.79 -10.12
CA VAL F 113 38.97 -120.66 -11.48
C VAL F 113 40.21 -119.79 -11.46
N SER F 114 40.15 -118.65 -10.76
CA SER F 114 41.34 -117.82 -10.58
C SER F 114 42.40 -118.57 -9.80
N MET F 115 42.01 -119.32 -8.79
CA MET F 115 42.98 -120.10 -8.03
C MET F 115 43.68 -121.11 -8.93
N ASP F 116 42.92 -121.76 -9.82
CA ASP F 116 43.51 -122.75 -10.70
C ASP F 116 44.48 -122.10 -11.69
N VAL F 117 44.07 -121.00 -12.32
CA VAL F 117 44.86 -120.40 -13.39
C VAL F 117 46.15 -119.80 -12.83
N ILE F 118 46.12 -119.27 -11.60
CA ILE F 118 47.35 -118.72 -11.04
C ILE F 118 48.33 -119.86 -10.74
N GLN F 119 47.84 -120.96 -10.18
CA GLN F 119 48.74 -122.05 -9.78
C GLN F 119 49.37 -122.73 -10.98
N HIS F 120 48.58 -123.02 -12.00
CA HIS F 120 49.06 -123.84 -13.10
C HIS F 120 49.82 -123.03 -14.13
N GLU F 121 49.77 -121.70 -14.03
CA GLU F 121 50.51 -120.82 -14.91
C GLU F 121 51.51 -119.94 -14.16
N THR F 122 51.78 -120.22 -12.88
CA THR F 122 53.06 -119.83 -12.32
C THR F 122 54.19 -120.54 -13.05
N ILE F 123 53.89 -121.69 -13.63
CA ILE F 123 54.85 -122.43 -14.45
C ILE F 123 55.17 -121.61 -15.69
N GLY F 124 56.44 -121.55 -16.03
CA GLY F 124 56.90 -120.77 -17.18
C GLY F 124 57.27 -119.35 -16.81
N LYS F 125 56.35 -118.62 -16.20
CA LYS F 125 56.61 -117.27 -15.70
C LYS F 125 56.27 -117.27 -14.21
N LYS F 126 57.31 -117.33 -13.38
CA LYS F 126 57.10 -117.37 -11.94
C LYS F 126 56.62 -116.01 -11.44
N PHE F 127 55.56 -116.01 -10.65
CA PHE F 127 55.04 -114.80 -10.03
C PHE F 127 55.47 -114.81 -8.58
N GLU F 128 56.40 -113.92 -8.23
CA GLU F 128 56.95 -113.91 -6.88
C GLU F 128 55.95 -113.42 -5.84
N LYS F 129 54.79 -112.89 -6.27
CA LYS F 129 53.77 -112.43 -5.33
C LYS F 129 52.40 -112.63 -5.98
N ARG F 130 51.72 -113.70 -5.59
CA ARG F 130 50.39 -113.99 -6.11
C ARG F 130 49.35 -113.30 -5.23
N HIS F 131 48.53 -112.44 -5.84
CA HIS F 131 47.47 -111.74 -5.13
C HIS F 131 46.24 -111.67 -6.01
N ILE F 132 45.07 -111.79 -5.39
CA ILE F 132 43.81 -111.73 -6.12
C ILE F 132 43.13 -110.41 -5.82
N GLU F 133 42.54 -109.82 -6.85
CA GLU F 133 41.93 -108.50 -6.79
C GLU F 133 40.47 -108.67 -7.20
N ILE F 134 39.57 -108.52 -6.24
CA ILE F 134 38.16 -108.81 -6.43
C ILE F 134 37.38 -107.51 -6.25
N PHE F 135 36.65 -107.12 -7.30
CA PHE F 135 36.06 -105.79 -7.38
C PHE F 135 34.55 -105.86 -7.59
N THR F 136 33.86 -106.68 -6.81
CA THR F 136 32.44 -106.94 -7.02
C THR F 136 31.70 -106.72 -5.71
N ASP F 137 30.52 -106.10 -5.79
CA ASP F 137 29.68 -105.92 -4.62
C ASP F 137 29.06 -107.22 -4.13
N LEU F 138 29.18 -108.29 -4.91
CA LEU F 138 28.67 -109.63 -4.57
C LEU F 138 27.14 -109.66 -4.58
N SER F 139 26.52 -108.83 -5.42
CA SER F 139 25.09 -108.93 -5.68
C SER F 139 24.77 -110.07 -6.64
N SER F 140 25.76 -110.58 -7.36
CA SER F 140 25.57 -111.73 -8.22
C SER F 140 25.34 -112.99 -7.38
N ARG F 141 24.74 -113.99 -8.01
CA ARG F 141 24.52 -115.27 -7.33
C ARG F 141 25.86 -115.90 -6.98
N PHE F 142 25.89 -116.58 -5.85
CA PHE F 142 27.12 -117.26 -5.42
C PHE F 142 26.76 -118.53 -4.67
N SER F 143 27.40 -119.64 -5.05
CA SER F 143 27.12 -120.93 -4.43
C SER F 143 27.53 -120.92 -2.98
N LYS F 144 26.75 -121.62 -2.15
CA LYS F 144 26.96 -121.66 -0.71
C LYS F 144 27.89 -122.81 -0.31
N SER F 145 29.06 -122.86 -0.94
CA SER F 145 30.14 -123.77 -0.59
C SER F 145 31.46 -123.02 -0.51
N GLN F 146 31.41 -121.82 0.08
CA GLN F 146 32.53 -120.89 -0.01
C GLN F 146 33.61 -121.20 1.02
N LEU F 147 33.26 -121.14 2.30
CA LEU F 147 34.24 -121.13 3.38
C LEU F 147 35.24 -122.28 3.27
N ASP F 148 34.74 -123.50 3.10
CA ASP F 148 35.58 -124.68 3.21
C ASP F 148 36.66 -124.72 2.12
N ILE F 149 36.24 -124.64 0.86
CA ILE F 149 37.19 -124.87 -0.23
C ILE F 149 38.04 -123.63 -0.48
N ILE F 150 37.52 -122.43 -0.18
CA ILE F 150 38.32 -121.22 -0.38
C ILE F 150 39.46 -121.17 0.63
N ILE F 151 39.20 -121.57 1.87
CA ILE F 151 40.26 -121.63 2.87
C ILE F 151 41.28 -122.69 2.48
N HIS F 152 40.80 -123.85 2.01
CA HIS F 152 41.69 -124.90 1.52
C HIS F 152 42.59 -124.39 0.40
N SER F 153 41.99 -123.77 -0.62
CA SER F 153 42.76 -123.34 -1.77
C SER F 153 43.76 -122.24 -1.40
N LEU F 154 43.37 -121.33 -0.52
CA LEU F 154 44.19 -120.17 -0.18
C LEU F 154 45.06 -120.40 1.05
N LYS F 155 45.04 -121.58 1.64
CA LYS F 155 46.00 -121.93 2.69
C LYS F 155 47.03 -122.95 2.24
N LYS F 156 46.65 -123.86 1.34
CA LYS F 156 47.62 -124.78 0.76
C LYS F 156 48.56 -124.05 -0.21
N CYS F 157 48.08 -122.98 -0.85
CA CYS F 157 48.90 -122.19 -1.75
C CYS F 157 49.19 -120.79 -1.24
N ASP F 158 48.40 -120.28 -0.29
CA ASP F 158 48.66 -119.01 0.39
C ASP F 158 48.77 -117.86 -0.62
N ILE F 159 47.67 -117.63 -1.33
CA ILE F 159 47.56 -116.55 -2.29
C ILE F 159 46.96 -115.33 -1.62
N SER F 160 47.46 -114.15 -1.97
CA SER F 160 47.03 -112.92 -1.32
C SER F 160 45.66 -112.48 -1.83
N LEU F 161 44.90 -111.84 -0.93
CA LEU F 161 43.54 -111.37 -1.22
C LEU F 161 43.37 -109.94 -0.75
N GLN F 162 42.58 -109.17 -1.50
CA GLN F 162 42.03 -107.91 -1.02
C GLN F 162 40.66 -107.71 -1.63
N PHE F 163 39.64 -107.64 -0.78
CA PHE F 163 38.29 -107.34 -1.22
C PHE F 163 38.07 -105.84 -1.33
N PHE F 164 37.13 -105.47 -2.19
CA PHE F 164 36.77 -104.09 -2.45
C PHE F 164 35.27 -103.97 -2.25
N LEU F 165 34.87 -103.07 -1.35
CA LEU F 165 33.48 -102.93 -0.96
C LEU F 165 32.92 -101.62 -1.47
N PRO F 166 31.76 -101.62 -2.12
CA PRO F 166 31.19 -100.36 -2.62
C PRO F 166 30.69 -99.43 -1.53
N PHE F 167 30.92 -99.74 -0.26
CA PHE F 167 30.44 -98.92 0.84
C PHE F 167 31.58 -98.62 1.80
N SER F 168 31.42 -97.52 2.53
CA SER F 168 32.37 -97.15 3.55
C SER F 168 32.25 -98.09 4.75
N LEU F 169 33.29 -98.12 5.55
CA LEU F 169 33.27 -98.97 6.74
C LEU F 169 32.38 -98.41 7.84
N GLY F 170 31.65 -97.34 7.58
CA GLY F 170 30.73 -96.78 8.56
C GLY F 170 29.34 -96.57 8.01
N GLY F 181 26.97 -84.12 4.97
CA GLY F 181 26.02 -83.82 3.92
C GLY F 181 26.67 -83.68 2.56
N PRO F 182 27.30 -82.53 2.30
CA PRO F 182 27.96 -82.33 1.01
C PRO F 182 29.13 -83.28 0.84
N PHE F 183 29.21 -83.89 -0.35
CA PHE F 183 30.31 -84.79 -0.64
C PHE F 183 31.50 -84.01 -1.22
N ARG F 184 32.65 -84.67 -1.28
CA ARG F 184 33.84 -84.09 -1.89
C ARG F 184 33.66 -84.13 -3.40
N LEU F 185 32.84 -83.21 -3.91
CA LEU F 185 32.43 -83.18 -5.31
C LEU F 185 31.81 -84.52 -5.72
N GLY F 186 30.95 -85.05 -4.85
CA GLY F 186 30.28 -86.32 -5.11
C GLY F 186 30.99 -87.55 -4.59
N GLY F 187 32.09 -87.39 -3.85
CA GLY F 187 32.85 -88.53 -3.37
C GLY F 187 32.82 -88.70 -1.86
N HIS F 188 33.90 -88.26 -1.20
CA HIS F 188 34.01 -88.40 0.24
C HIS F 188 33.14 -87.35 0.93
N GLY F 189 31.97 -87.77 1.39
CA GLY F 189 31.10 -86.94 2.17
C GLY F 189 30.65 -87.66 3.41
N PRO F 190 29.33 -87.78 3.60
CA PRO F 190 28.82 -88.61 4.69
C PRO F 190 29.27 -90.05 4.54
N SER F 191 29.52 -90.69 5.69
CA SER F 191 30.00 -92.07 5.67
C SER F 191 28.95 -93.00 5.07
N PHE F 192 29.40 -93.92 4.22
CA PHE F 192 28.50 -94.84 3.57
C PHE F 192 28.26 -96.03 4.48
N PRO F 193 27.05 -96.22 4.99
CA PRO F 193 26.81 -97.37 5.86
C PRO F 193 26.81 -98.68 5.09
N LEU F 194 27.89 -99.45 5.26
CA LEU F 194 28.03 -100.72 4.55
C LEU F 194 27.02 -101.75 5.01
N LYS F 195 26.30 -101.48 6.11
CA LYS F 195 25.31 -102.41 6.64
C LYS F 195 24.01 -102.39 5.86
N GLY F 196 23.84 -101.47 4.92
CA GLY F 196 22.61 -101.31 4.17
C GLY F 196 22.55 -102.06 2.86
N ILE F 197 23.50 -102.95 2.58
CA ILE F 197 23.53 -103.67 1.31
C ILE F 197 22.55 -104.83 1.36
N THR F 198 22.27 -105.44 0.21
CA THR F 198 21.30 -106.52 0.13
C THR F 198 21.78 -107.73 0.94
N GLU F 199 20.82 -108.54 1.39
CA GLU F 199 21.14 -109.63 2.28
C GLU F 199 22.05 -110.67 1.62
N GLN F 200 21.81 -110.95 0.33
CA GLN F 200 22.73 -111.84 -0.39
C GLN F 200 24.13 -111.29 -0.34
N GLN F 201 24.28 -109.98 -0.54
CA GLN F 201 25.56 -109.34 -0.33
C GLN F 201 25.94 -109.34 1.16
N LYS F 202 24.95 -109.15 2.04
CA LYS F 202 25.24 -109.17 3.47
C LYS F 202 25.75 -110.53 3.91
N GLU F 203 25.03 -111.60 3.59
CA GLU F 203 25.49 -112.92 3.97
C GLU F 203 26.82 -113.24 3.33
N GLY F 204 26.98 -112.88 2.05
CA GLY F 204 28.23 -113.16 1.36
C GLY F 204 29.40 -112.40 1.94
N LEU F 205 29.20 -111.11 2.26
CA LEU F 205 30.29 -110.34 2.85
C LEU F 205 30.66 -110.87 4.23
N GLU F 206 29.67 -111.27 5.02
CA GLU F 206 29.94 -111.84 6.33
C GLU F 206 30.73 -113.13 6.19
N ILE F 207 30.37 -113.97 5.21
CA ILE F 207 31.07 -115.24 5.02
C ILE F 207 32.49 -115.01 4.55
N VAL F 208 32.67 -114.10 3.58
CA VAL F 208 34.03 -113.88 3.10
C VAL F 208 34.89 -113.17 4.15
N LYS F 209 34.32 -112.22 4.90
CA LYS F 209 35.15 -111.45 5.82
C LYS F 209 35.71 -112.34 6.93
N MET F 210 34.89 -113.26 7.43
CA MET F 210 35.39 -114.23 8.41
C MET F 210 36.41 -115.17 7.77
N VAL F 211 36.30 -115.39 6.44
CA VAL F 211 37.28 -116.22 5.74
C VAL F 211 38.67 -115.56 5.79
N MET F 212 38.74 -114.27 5.52
CA MET F 212 40.06 -113.65 5.46
C MET F 212 40.54 -113.15 6.81
N ILE F 213 39.64 -112.87 7.76
CA ILE F 213 40.11 -112.61 9.10
C ILE F 213 40.53 -113.90 9.79
N SER F 214 40.21 -115.05 9.20
CA SER F 214 40.71 -116.34 9.69
C SER F 214 42.00 -116.76 8.98
N LEU F 215 42.01 -116.70 7.65
CA LEU F 215 43.16 -117.20 6.89
C LEU F 215 44.43 -116.42 7.23
N GLU F 216 44.42 -115.12 6.96
CA GLU F 216 45.58 -114.30 7.25
C GLU F 216 45.50 -113.66 8.63
N GLY F 217 44.29 -113.42 9.13
CA GLY F 217 44.11 -112.94 10.49
C GLY F 217 44.24 -111.42 10.59
N GLU F 218 45.34 -110.97 11.19
CA GLU F 218 45.48 -109.56 11.55
C GLU F 218 45.50 -108.67 10.32
N ASP F 219 46.29 -109.02 9.31
CA ASP F 219 46.38 -108.18 8.12
C ASP F 219 45.03 -108.08 7.41
N GLY F 220 44.26 -109.16 7.39
CA GLY F 220 42.90 -109.07 6.89
C GLY F 220 42.06 -108.10 7.71
N LEU F 221 42.24 -108.12 9.03
CA LEU F 221 41.57 -107.15 9.89
C LEU F 221 42.07 -105.73 9.65
N ASP F 222 43.27 -105.57 9.11
CA ASP F 222 43.83 -104.23 8.89
C ASP F 222 43.31 -103.61 7.60
N GLU F 223 43.59 -104.24 6.46
CA GLU F 223 43.28 -103.68 5.15
C GLU F 223 41.98 -104.30 4.64
N ILE F 224 40.92 -103.51 4.66
CA ILE F 224 39.64 -103.89 4.07
C ILE F 224 39.39 -102.89 2.94
N TYR F 225 39.78 -103.28 1.73
CA TYR F 225 39.80 -102.33 0.64
C TYR F 225 38.38 -102.09 0.10
N SER F 226 38.24 -101.07 -0.73
CA SER F 226 36.93 -100.62 -1.18
C SER F 226 37.10 -99.77 -2.43
N PHE F 227 35.97 -99.33 -2.99
CA PHE F 227 36.00 -98.54 -4.23
C PHE F 227 35.96 -97.04 -3.96
N SER F 228 35.00 -96.58 -3.17
CA SER F 228 34.88 -95.15 -2.90
C SER F 228 36.10 -94.62 -2.15
N GLU F 229 36.64 -95.42 -1.22
CA GLU F 229 37.91 -95.03 -0.60
C GLU F 229 39.02 -94.94 -1.64
N SER F 230 39.05 -95.88 -2.59
CA SER F 230 40.07 -95.85 -3.64
C SER F 230 40.05 -94.55 -4.43
N LEU F 231 38.96 -93.79 -4.34
CA LEU F 231 38.95 -92.44 -4.88
C LEU F 231 39.99 -91.57 -4.20
N ARG F 232 40.11 -91.68 -2.88
CA ARG F 232 41.16 -90.99 -2.13
C ARG F 232 42.17 -91.92 -1.49
N LYS F 233 42.04 -93.23 -1.68
CA LYS F 233 42.97 -94.18 -1.09
C LYS F 233 43.63 -95.02 -2.18
N LEU F 234 44.86 -95.43 -1.92
CA LEU F 234 45.66 -96.20 -2.86
C LEU F 234 45.85 -97.61 -2.32
N CYS F 235 45.57 -98.61 -3.16
CA CYS F 235 45.50 -99.99 -2.72
C CYS F 235 46.62 -100.88 -3.25
N VAL F 236 47.09 -100.64 -4.49
CA VAL F 236 48.14 -101.48 -5.06
C VAL F 236 49.51 -101.12 -4.50
N PHE F 237 49.67 -99.91 -3.98
CA PHE F 237 50.99 -99.40 -3.65
C PHE F 237 51.56 -100.10 -2.42
N LYS F 238 50.73 -100.28 -1.40
CA LYS F 238 51.19 -100.88 -0.15
C LYS F 238 51.17 -102.40 -0.20
N LYS F 239 50.83 -102.99 -1.33
CA LYS F 239 50.89 -104.43 -1.50
C LYS F 239 51.78 -104.87 -2.65
N ILE F 240 51.90 -104.07 -3.70
CA ILE F 240 52.83 -104.32 -4.79
C ILE F 240 53.88 -103.23 -4.73
N GLU F 241 55.09 -103.59 -4.33
CA GLU F 241 56.16 -102.63 -4.08
C GLU F 241 57.45 -103.08 -4.73
N ARG F 242 58.32 -102.10 -4.99
CA ARG F 242 59.67 -102.34 -5.49
C ARG F 242 60.64 -102.10 -4.34
N HIS F 243 61.37 -103.15 -3.95
CA HIS F 243 62.27 -103.03 -2.83
C HIS F 243 63.48 -102.17 -3.19
N SER F 244 63.93 -101.37 -2.23
CA SER F 244 65.13 -100.57 -2.41
C SER F 244 66.37 -101.43 -2.21
N ILE F 245 67.35 -101.23 -3.09
CA ILE F 245 68.58 -102.03 -3.04
C ILE F 245 69.36 -101.69 -1.77
N HIS F 246 69.93 -102.72 -1.16
CA HIS F 246 70.74 -102.55 0.03
C HIS F 246 71.95 -101.67 -0.27
N TRP F 247 72.31 -100.82 0.70
CA TRP F 247 73.54 -100.05 0.64
C TRP F 247 74.50 -100.61 1.67
N PRO F 248 75.33 -101.59 1.30
CA PRO F 248 76.19 -102.25 2.30
C PRO F 248 77.34 -101.33 2.69
N CYS F 249 77.53 -101.18 4.00
CA CYS F 249 78.63 -100.39 4.53
C CYS F 249 78.89 -100.82 5.97
N ARG F 250 80.04 -100.45 6.49
CA ARG F 250 80.46 -100.81 7.83
C ARG F 250 80.60 -99.54 8.66
N LEU F 251 80.01 -99.56 9.85
CA LEU F 251 80.20 -98.49 10.82
C LEU F 251 81.30 -98.91 11.78
N THR F 252 82.26 -98.02 12.00
CA THR F 252 83.38 -98.30 12.89
C THR F 252 83.32 -97.31 14.05
N ILE F 253 83.04 -97.83 15.24
CA ILE F 253 83.06 -97.05 16.46
C ILE F 253 84.30 -97.43 17.26
N GLY F 254 85.08 -96.43 17.64
CA GLY F 254 86.38 -96.73 18.23
C GLY F 254 87.26 -97.44 17.23
N SER F 255 87.81 -98.58 17.63
CA SER F 255 88.60 -99.39 16.72
C SER F 255 88.38 -100.89 16.89
N ASN F 256 87.41 -101.32 17.70
CA ASN F 256 87.17 -102.73 17.96
C ASN F 256 85.90 -103.25 17.31
N LEU F 257 84.74 -102.67 17.65
CA LEU F 257 83.45 -103.17 17.19
C LEU F 257 83.06 -102.44 15.92
N SER F 258 83.19 -103.12 14.78
CA SER F 258 82.78 -102.60 13.49
C SER F 258 81.60 -103.43 13.01
N ILE F 259 80.52 -102.76 12.62
CA ILE F 259 79.24 -103.39 12.38
C ILE F 259 78.85 -103.19 10.92
N ARG F 260 78.51 -104.29 10.25
CA ARG F 260 78.04 -104.23 8.87
C ARG F 260 76.57 -103.84 8.83
N ILE F 261 76.23 -102.86 8.00
CA ILE F 261 74.86 -102.36 7.89
C ILE F 261 74.52 -102.12 6.43
N ALA F 262 73.29 -102.45 6.06
CA ALA F 262 72.78 -102.22 4.72
C ALA F 262 71.64 -101.23 4.78
N ALA F 263 71.73 -100.17 3.98
CA ALA F 263 70.75 -99.09 4.00
C ALA F 263 69.71 -99.32 2.91
N TYR F 264 68.45 -99.03 3.25
CA TYR F 264 67.34 -99.18 2.33
C TYR F 264 66.71 -97.83 2.06
N LYS F 265 66.57 -97.48 0.78
CA LYS F 265 66.00 -96.19 0.42
C LYS F 265 64.53 -96.11 0.78
N SER F 266 64.12 -94.96 1.29
CA SER F 266 62.76 -94.70 1.69
C SER F 266 62.19 -93.43 1.08
N ILE F 267 63.01 -92.40 0.92
CA ILE F 267 62.56 -91.12 0.38
C ILE F 267 63.53 -90.70 -0.71
N LEU F 268 63.00 -90.45 -1.91
CA LEU F 268 63.79 -90.00 -3.05
C LEU F 268 62.83 -89.44 -4.10
N GLN F 269 63.39 -89.02 -5.22
CA GLN F 269 62.64 -88.32 -6.25
C GLN F 269 62.21 -89.29 -7.34
N GLU F 270 60.93 -89.26 -7.69
CA GLU F 270 60.35 -90.11 -8.73
C GLU F 270 59.60 -89.20 -9.69
N ARG F 271 60.32 -88.68 -10.69
CA ARG F 271 59.78 -87.69 -11.62
C ARG F 271 59.74 -88.28 -13.02
N VAL F 272 59.15 -87.51 -13.95
CA VAL F 272 59.11 -87.92 -15.35
C VAL F 272 60.52 -87.85 -15.93
N LYS F 273 60.96 -88.94 -16.54
CA LYS F 273 62.32 -89.05 -17.06
C LYS F 273 62.24 -89.76 -18.42
N LYS F 274 62.05 -88.98 -19.48
CA LYS F 274 62.09 -89.52 -20.83
C LYS F 274 62.22 -88.41 -21.87
N THR F 275 63.23 -88.51 -22.72
CA THR F 275 63.41 -87.54 -23.78
C THR F 275 62.27 -87.66 -24.78
N TRP F 276 61.70 -86.52 -25.14
CA TRP F 276 60.60 -86.49 -26.09
C TRP F 276 61.17 -86.55 -27.50
N THR F 277 60.97 -87.69 -28.16
CA THR F 277 61.63 -87.93 -29.43
C THR F 277 61.17 -86.91 -30.47
N VAL F 278 62.06 -86.63 -31.42
CA VAL F 278 61.86 -85.55 -32.38
C VAL F 278 61.51 -86.21 -33.71
N VAL F 279 60.25 -86.15 -34.08
CA VAL F 279 59.79 -86.56 -35.40
C VAL F 279 59.64 -85.31 -36.24
N ASP F 280 60.16 -85.35 -37.46
CA ASP F 280 60.19 -84.14 -38.29
C ASP F 280 58.83 -83.89 -38.92
N ALA F 281 58.55 -82.61 -39.18
CA ALA F 281 57.36 -82.27 -39.94
C ALA F 281 57.42 -82.81 -41.36
N LYS F 282 58.63 -83.17 -41.82
CA LYS F 282 58.84 -83.72 -43.15
C LYS F 282 58.93 -85.24 -43.17
N THR F 283 59.70 -85.83 -42.26
CA THR F 283 59.89 -87.28 -42.26
C THR F 283 59.21 -87.98 -41.10
N LEU F 284 58.80 -87.24 -40.07
CA LEU F 284 58.15 -87.82 -38.89
C LEU F 284 59.01 -88.91 -38.27
N LYS F 285 60.32 -88.67 -38.28
CA LYS F 285 61.26 -89.67 -37.80
C LYS F 285 62.41 -88.96 -37.08
N LYS F 286 63.10 -89.72 -36.26
CA LYS F 286 64.22 -89.22 -35.48
C LYS F 286 65.54 -89.30 -36.22
N GLU F 287 65.56 -89.93 -37.40
CA GLU F 287 66.80 -90.11 -38.14
C GLU F 287 67.24 -88.85 -38.87
N ASP F 288 66.33 -87.90 -39.07
CA ASP F 288 66.69 -86.57 -39.57
C ASP F 288 66.89 -85.58 -38.44
N ILE F 289 67.33 -86.08 -37.29
CA ILE F 289 67.57 -85.24 -36.12
C ILE F 289 68.93 -85.52 -35.50
N GLN F 290 69.95 -84.78 -35.93
CA GLN F 290 71.30 -84.96 -35.42
C GLN F 290 71.85 -83.68 -34.83
N LYS F 291 72.12 -83.70 -33.53
CA LYS F 291 72.65 -82.53 -32.84
C LYS F 291 73.98 -82.09 -33.46
N GLU F 292 73.95 -80.97 -34.17
CA GLU F 292 75.15 -80.44 -34.81
C GLU F 292 75.50 -79.12 -34.17
N THR F 293 76.74 -78.98 -33.73
CA THR F 293 77.21 -77.79 -33.04
C THR F 293 78.44 -77.24 -33.73
N VAL F 294 78.42 -75.96 -34.07
CA VAL F 294 79.57 -75.27 -34.60
C VAL F 294 80.01 -74.25 -33.58
N TYR F 295 81.31 -73.98 -33.56
CA TYR F 295 81.90 -72.97 -32.69
C TYR F 295 82.29 -71.78 -33.55
N CYS F 296 81.87 -70.59 -33.12
CA CYS F 296 82.22 -69.37 -33.80
C CYS F 296 82.73 -68.37 -32.77
N LEU F 297 83.61 -67.48 -33.21
CA LEU F 297 84.16 -66.48 -32.32
C LEU F 297 83.04 -65.59 -31.78
N ASN F 298 83.41 -64.69 -30.86
CA ASN F 298 82.45 -63.82 -30.20
C ASN F 298 82.95 -62.38 -30.19
N ASP F 299 83.39 -61.88 -31.33
CA ASP F 299 83.84 -60.51 -31.49
C ASP F 299 83.05 -59.82 -32.59
N ASP F 300 83.47 -58.59 -32.93
CA ASP F 300 82.80 -57.83 -33.98
C ASP F 300 82.87 -58.62 -35.27
N ASP F 301 84.08 -58.78 -35.80
CA ASP F 301 84.32 -59.60 -36.98
C ASP F 301 84.70 -60.99 -36.48
N GLU F 302 83.69 -61.80 -36.22
CA GLU F 302 83.86 -63.09 -35.58
C GLU F 302 83.75 -64.20 -36.63
N THR F 303 84.52 -65.25 -36.42
CA THR F 303 84.62 -66.31 -37.41
C THR F 303 84.31 -67.66 -36.76
N GLU F 304 83.94 -68.62 -37.61
CA GLU F 304 83.79 -69.98 -37.17
C GLU F 304 85.12 -70.50 -36.64
N VAL F 305 85.07 -71.33 -35.60
CA VAL F 305 86.27 -71.83 -34.94
C VAL F 305 86.06 -73.29 -34.59
N LEU F 306 87.16 -74.00 -34.38
CA LEU F 306 87.12 -75.43 -34.09
C LEU F 306 86.40 -75.69 -32.78
N LYS F 307 85.84 -76.90 -32.67
CA LYS F 307 85.06 -77.28 -31.50
C LYS F 307 85.96 -77.73 -30.37
N GLU F 308 86.82 -78.72 -30.64
CA GLU F 308 87.72 -79.22 -29.60
C GLU F 308 88.79 -78.22 -29.21
N ASP F 309 88.95 -77.14 -29.98
CA ASP F 309 89.85 -76.07 -29.58
C ASP F 309 89.19 -75.10 -28.59
N ILE F 310 88.60 -75.64 -27.52
CA ILE F 310 88.00 -74.85 -26.47
C ILE F 310 88.14 -75.57 -25.13
N ILE F 311 88.91 -75.01 -24.22
CA ILE F 311 89.06 -75.57 -22.88
C ILE F 311 88.31 -74.68 -21.90
N GLN F 312 87.61 -75.30 -20.96
CA GLN F 312 86.78 -74.50 -20.07
C GLN F 312 87.63 -73.68 -19.12
N GLY F 313 87.03 -72.61 -18.61
CA GLY F 313 87.70 -71.69 -17.73
C GLY F 313 86.74 -71.16 -16.69
N PHE F 314 87.28 -70.38 -15.78
CA PHE F 314 86.47 -69.87 -14.68
C PHE F 314 86.94 -68.47 -14.32
N ARG F 315 85.98 -67.63 -13.96
CA ARG F 315 86.29 -66.25 -13.60
C ARG F 315 87.11 -66.21 -12.31
N TYR F 316 88.15 -65.40 -12.30
CA TYR F 316 89.00 -65.27 -11.13
C TYR F 316 89.45 -63.83 -10.94
N GLY F 317 88.84 -63.13 -9.99
CA GLY F 317 89.16 -61.75 -9.71
C GLY F 317 88.52 -60.85 -10.76
N SER F 318 89.17 -60.74 -11.92
CA SER F 318 88.67 -59.93 -13.01
C SER F 318 89.10 -60.55 -14.34
N ASP F 319 89.39 -61.85 -14.31
CA ASP F 319 89.81 -62.54 -15.52
C ASP F 319 89.60 -64.07 -15.44
N ILE F 320 88.87 -64.58 -16.43
CA ILE F 320 88.59 -66.00 -16.56
C ILE F 320 89.87 -66.70 -17.00
N VAL F 321 90.24 -67.76 -16.28
CA VAL F 321 91.42 -68.53 -16.57
C VAL F 321 90.98 -69.92 -17.02
N PRO F 322 91.38 -70.38 -18.19
CA PRO F 322 90.94 -71.69 -18.66
C PRO F 322 91.49 -72.82 -17.81
N PHE F 323 90.70 -73.89 -17.71
CA PHE F 323 91.12 -75.12 -17.04
C PHE F 323 90.44 -76.29 -17.73
N SER F 324 91.23 -77.13 -18.37
CA SER F 324 90.70 -78.36 -18.93
C SER F 324 90.36 -79.34 -17.81
N LYS F 325 89.59 -80.36 -18.16
CA LYS F 325 89.13 -81.34 -17.17
C LYS F 325 90.31 -82.07 -16.54
N VAL F 326 91.31 -82.42 -17.34
CA VAL F 326 92.44 -83.17 -16.82
C VAL F 326 93.20 -82.37 -15.77
N ASP F 327 93.11 -81.03 -15.83
CA ASP F 327 93.85 -80.20 -14.88
C ASP F 327 93.37 -80.42 -13.46
N GLU F 328 92.06 -80.31 -13.24
CA GLU F 328 91.51 -80.39 -11.89
C GLU F 328 91.14 -81.80 -11.47
N GLU F 329 90.89 -82.70 -12.41
CA GLU F 329 90.50 -84.06 -12.04
C GLU F 329 91.55 -84.71 -11.16
N GLN F 330 92.83 -84.42 -11.41
CA GLN F 330 93.91 -84.78 -10.52
C GLN F 330 94.09 -83.80 -9.39
N MET F 331 93.48 -82.62 -9.48
CA MET F 331 93.58 -81.59 -8.46
C MET F 331 92.33 -81.51 -7.59
N LYS F 332 91.38 -82.42 -7.76
CA LYS F 332 90.20 -82.43 -6.91
C LYS F 332 90.32 -83.49 -5.83
N TYR F 333 89.47 -83.36 -4.82
CA TYR F 333 89.25 -84.38 -3.82
C TYR F 333 87.83 -84.91 -3.94
N LYS F 334 87.54 -85.98 -3.22
CA LYS F 334 86.20 -86.58 -3.24
C LYS F 334 86.06 -87.51 -2.05
N SER F 335 84.91 -88.19 -1.98
CA SER F 335 84.74 -89.23 -1.00
C SER F 335 85.49 -90.48 -1.42
N GLU F 336 85.72 -91.37 -0.46
CA GLU F 336 86.44 -92.62 -0.69
C GLU F 336 85.53 -93.77 -0.31
N GLY F 337 84.80 -94.28 -1.29
CA GLY F 337 83.93 -95.42 -1.07
C GLY F 337 82.66 -95.05 -0.33
N LYS F 338 81.87 -96.08 -0.06
CA LYS F 338 80.58 -95.93 0.62
C LYS F 338 80.83 -95.89 2.12
N CYS F 339 80.72 -94.71 2.72
CA CYS F 339 81.03 -94.52 4.13
C CYS F 339 79.91 -93.77 4.82
N PHE F 340 79.70 -94.10 6.10
CA PHE F 340 78.67 -93.45 6.90
C PHE F 340 79.10 -93.54 8.36
N SER F 341 79.68 -92.45 8.88
CA SER F 341 80.30 -92.45 10.20
C SER F 341 79.89 -91.24 11.01
N VAL F 342 79.67 -91.46 12.31
CA VAL F 342 79.29 -90.37 13.21
C VAL F 342 80.54 -89.58 13.61
N LEU F 343 80.32 -88.33 13.97
CA LEU F 343 81.40 -87.46 14.41
C LEU F 343 81.31 -87.07 15.87
N GLY F 344 80.12 -86.78 16.37
CA GLY F 344 79.99 -86.28 17.72
C GLY F 344 78.54 -86.16 18.10
N PHE F 345 78.32 -85.67 19.32
CA PHE F 345 77.00 -85.63 19.93
C PHE F 345 76.77 -84.26 20.54
N CYS F 346 75.50 -83.97 20.83
CA CYS F 346 75.12 -82.81 21.62
C CYS F 346 73.63 -82.92 21.93
N LYS F 347 73.08 -81.86 22.52
CA LYS F 347 71.67 -81.85 22.89
C LYS F 347 70.78 -81.85 21.66
N SER F 348 69.64 -82.53 21.80
CA SER F 348 68.67 -82.60 20.70
C SER F 348 68.03 -81.25 20.42
N SER F 349 67.79 -80.45 21.45
CA SER F 349 67.07 -79.18 21.30
C SER F 349 67.86 -78.12 20.57
N GLN F 350 69.01 -78.43 19.99
CA GLN F 350 69.87 -77.45 19.36
C GLN F 350 69.70 -77.36 17.85
N VAL F 351 68.67 -78.01 17.31
CA VAL F 351 68.47 -78.07 15.86
C VAL F 351 66.99 -77.85 15.56
N GLN F 352 66.73 -77.25 14.40
CA GLN F 352 65.39 -77.08 13.86
C GLN F 352 65.40 -77.50 12.40
N ARG F 353 64.21 -77.53 11.79
CA ARG F 353 64.10 -77.94 10.40
C ARG F 353 64.80 -76.97 9.46
N ARG F 354 65.09 -75.75 9.91
CA ARG F 354 65.93 -74.86 9.13
C ARG F 354 67.30 -75.48 8.91
N PHE F 355 67.80 -76.24 9.90
CA PHE F 355 69.04 -76.98 9.73
C PHE F 355 68.82 -78.31 9.01
N PHE F 356 67.57 -78.76 8.93
CA PHE F 356 67.28 -80.04 8.31
C PHE F 356 67.23 -79.89 6.80
N MET F 357 68.20 -80.49 6.11
CA MET F 357 68.24 -80.50 4.65
C MET F 357 68.49 -81.91 4.14
N GLY F 358 68.72 -82.03 2.85
CA GLY F 358 68.82 -83.33 2.22
C GLY F 358 67.56 -83.63 1.43
N ASN F 359 67.72 -83.86 0.13
CA ASN F 359 66.59 -84.16 -0.74
C ASN F 359 66.05 -85.56 -0.54
N GLN F 360 66.50 -86.26 0.49
CA GLN F 360 66.17 -87.67 0.66
C GLN F 360 66.18 -88.01 2.14
N VAL F 361 65.51 -89.12 2.47
CA VAL F 361 65.54 -89.69 3.80
C VAL F 361 65.93 -91.15 3.63
N LEU F 362 67.14 -91.49 4.04
CA LEU F 362 67.67 -92.83 3.93
C LEU F 362 67.85 -93.40 5.33
N LYS F 363 67.16 -94.49 5.62
CA LYS F 363 67.27 -95.16 6.91
C LYS F 363 68.05 -96.46 6.73
N VAL F 364 69.05 -96.66 7.58
CA VAL F 364 69.96 -97.79 7.46
C VAL F 364 69.49 -98.91 8.37
N PHE F 365 69.73 -100.14 7.95
CA PHE F 365 69.31 -101.32 8.69
C PHE F 365 70.48 -102.28 8.80
N ALA F 366 70.30 -103.33 9.60
CA ALA F 366 71.33 -104.34 9.76
C ALA F 366 71.51 -105.13 8.47
N ALA F 367 72.69 -105.73 8.33
CA ALA F 367 72.93 -106.63 7.21
C ALA F 367 72.02 -107.84 7.31
N ARG F 368 71.59 -108.34 6.16
CA ARG F 368 70.70 -109.49 6.15
C ARG F 368 71.42 -110.71 6.70
N ASP F 369 70.69 -111.52 7.48
CA ASP F 369 71.24 -112.69 8.17
C ASP F 369 72.38 -112.30 9.12
N ASP F 370 72.29 -111.11 9.71
CA ASP F 370 73.25 -110.63 10.70
C ASP F 370 72.46 -110.02 11.86
N GLU F 371 72.11 -110.85 12.84
CA GLU F 371 71.36 -110.37 13.99
C GLU F 371 72.25 -109.62 14.99
N ALA F 372 73.54 -109.97 15.05
CA ALA F 372 74.46 -109.25 15.94
C ALA F 372 74.56 -107.79 15.52
N ALA F 373 74.58 -107.52 14.23
CA ALA F 373 74.50 -106.15 13.75
C ALA F 373 73.20 -105.49 14.19
N ALA F 374 72.08 -106.20 14.08
CA ALA F 374 70.80 -105.67 14.52
C ALA F 374 70.78 -105.43 16.03
N VAL F 375 71.36 -106.37 16.79
CA VAL F 375 71.40 -106.21 18.25
C VAL F 375 72.23 -104.99 18.61
N ALA F 376 73.39 -104.83 17.96
CA ALA F 376 74.28 -103.72 18.29
C ALA F 376 73.64 -102.38 17.98
N LEU F 377 73.05 -102.24 16.78
CA LEU F 377 72.47 -100.96 16.39
C LEU F 377 71.25 -100.62 17.23
N SER F 378 70.42 -101.62 17.54
CA SER F 378 69.24 -101.38 18.37
C SER F 378 69.65 -100.87 19.74
N SER F 379 70.71 -101.45 20.31
CA SER F 379 71.24 -100.97 21.58
C SER F 379 71.76 -99.55 21.45
N LEU F 380 72.43 -99.25 20.34
CA LEU F 380 72.88 -97.88 20.09
C LEU F 380 71.69 -96.93 20.00
N ILE F 381 70.62 -97.36 19.34
CA ILE F 381 69.38 -96.58 19.35
C ILE F 381 68.88 -96.41 20.78
N HIS F 382 68.92 -97.49 21.57
CA HIS F 382 68.43 -97.44 22.93
C HIS F 382 69.20 -96.42 23.74
N ALA F 383 70.53 -96.43 23.64
CA ALA F 383 71.35 -95.45 24.36
C ALA F 383 71.00 -94.05 23.91
N LEU F 384 70.83 -93.85 22.60
CA LEU F 384 70.44 -92.54 22.09
C LEU F 384 69.08 -92.13 22.60
N ASP F 385 68.11 -93.05 22.61
CA ASP F 385 66.77 -92.73 23.09
C ASP F 385 66.80 -92.39 24.57
N ASP F 386 67.54 -93.16 25.36
CA ASP F 386 67.52 -92.97 26.81
C ASP F 386 68.10 -91.62 27.20
N LEU F 387 69.07 -91.13 26.44
CA LEU F 387 69.82 -89.97 26.87
C LEU F 387 69.38 -88.69 26.18
N ASP F 388 68.53 -88.78 25.17
CA ASP F 388 67.92 -87.62 24.53
C ASP F 388 68.98 -86.73 23.88
N MET F 389 69.67 -87.28 22.88
CA MET F 389 70.75 -86.60 22.18
C MET F 389 70.55 -86.67 20.67
N VAL F 390 71.49 -86.07 19.95
CA VAL F 390 71.53 -86.16 18.50
C VAL F 390 72.95 -86.53 18.09
N ALA F 391 73.06 -87.03 16.88
CA ALA F 391 74.33 -87.51 16.35
C ALA F 391 74.64 -86.76 15.07
N ILE F 392 75.91 -86.44 14.87
CA ILE F 392 76.37 -85.85 13.62
C ILE F 392 77.15 -86.93 12.88
N VAL F 393 76.63 -87.34 11.72
CA VAL F 393 77.15 -88.47 10.98
C VAL F 393 77.62 -88.01 9.61
N ARG F 394 78.81 -88.44 9.23
CA ARG F 394 79.32 -88.15 7.89
C ARG F 394 78.71 -89.15 6.90
N TYR F 395 78.19 -88.63 5.80
CA TYR F 395 77.59 -89.46 4.76
C TYR F 395 78.50 -89.50 3.54
N ALA F 396 78.74 -90.70 3.03
CA ALA F 396 79.57 -90.89 1.84
C ALA F 396 78.95 -92.04 1.04
N TYR F 397 78.17 -91.69 0.02
CA TYR F 397 77.46 -92.70 -0.76
C TYR F 397 78.43 -93.66 -1.44
N ASP F 398 79.51 -93.14 -2.01
CA ASP F 398 80.51 -93.96 -2.66
C ASP F 398 81.77 -93.11 -2.85
N LYS F 399 82.72 -93.64 -3.62
CA LYS F 399 83.88 -92.84 -4.01
C LYS F 399 83.46 -91.64 -4.85
N ARG F 400 82.50 -91.82 -5.76
CA ARG F 400 82.02 -90.71 -6.57
C ARG F 400 81.28 -89.68 -5.74
N ALA F 401 80.92 -90.01 -4.50
CA ALA F 401 80.20 -89.09 -3.63
C ALA F 401 81.19 -88.11 -3.00
N ASN F 402 80.74 -87.39 -1.99
CA ASN F 402 81.52 -86.40 -1.24
C ASN F 402 81.48 -86.74 0.24
N PRO F 403 82.44 -86.27 1.01
CA PRO F 403 82.35 -86.42 2.47
C PRO F 403 81.24 -85.57 3.05
N GLN F 404 80.00 -85.86 2.65
CA GLN F 404 78.85 -85.13 3.16
C GLN F 404 78.57 -85.50 4.61
N VAL F 405 77.88 -84.60 5.30
CA VAL F 405 77.56 -84.78 6.71
C VAL F 405 76.05 -84.81 6.89
N GLY F 406 75.62 -85.08 8.12
CA GLY F 406 74.21 -85.04 8.43
C GLY F 406 73.94 -85.56 9.83
N VAL F 407 72.66 -85.61 10.16
CA VAL F 407 72.20 -85.99 11.49
C VAL F 407 71.44 -87.31 11.39
N ALA F 408 71.66 -88.18 12.36
CA ALA F 408 71.01 -89.48 12.41
C ALA F 408 69.91 -89.46 13.47
N PHE F 409 68.71 -89.86 13.07
CA PHE F 409 67.56 -89.91 13.97
C PHE F 409 66.95 -91.31 13.96
N PRO F 410 66.53 -91.81 15.11
CA PRO F 410 65.87 -93.12 15.17
C PRO F 410 64.39 -92.99 14.81
N HIS F 411 64.00 -93.62 13.71
CA HIS F 411 62.58 -93.67 13.34
C HIS F 411 62.00 -94.90 14.02
N ILE F 412 61.46 -94.71 15.20
CA ILE F 412 60.98 -95.82 16.03
C ILE F 412 59.46 -95.88 15.98
N LYS F 413 58.92 -96.68 15.07
CA LYS F 413 57.52 -96.99 15.09
C LYS F 413 57.30 -98.25 15.92
N HIS F 414 56.05 -98.72 15.99
CA HIS F 414 55.75 -99.96 16.68
C HIS F 414 56.39 -101.16 15.99
N ASN F 415 56.86 -100.99 14.75
CA ASN F 415 57.41 -102.07 13.96
C ASN F 415 58.90 -102.25 14.21
N TYR F 416 59.70 -101.22 13.91
CA TYR F 416 61.14 -101.34 14.01
C TYR F 416 61.74 -99.93 14.01
N GLU F 417 62.99 -99.84 14.47
CA GLU F 417 63.68 -98.58 14.62
C GLU F 417 64.95 -98.56 13.79
N CYS F 418 65.19 -97.44 13.11
CA CYS F 418 66.33 -97.31 12.20
C CYS F 418 66.76 -95.86 12.17
N LEU F 419 67.97 -95.63 11.67
CA LEU F 419 68.58 -94.31 11.66
C LEU F 419 68.43 -93.68 10.29
N VAL F 420 67.70 -92.57 10.23
CA VAL F 420 67.53 -91.82 8.99
C VAL F 420 68.66 -90.79 8.88
N TYR F 421 68.87 -90.30 7.65
CA TYR F 421 69.93 -89.33 7.37
C TYR F 421 69.33 -88.04 6.85
N VAL F 422 69.75 -86.91 7.44
CA VAL F 422 69.29 -85.58 7.05
C VAL F 422 70.49 -84.65 7.03
N GLN F 423 70.64 -83.89 5.94
CA GLN F 423 71.79 -83.00 5.80
C GLN F 423 71.74 -81.88 6.82
N LEU F 424 72.93 -81.48 7.28
CA LEU F 424 73.16 -80.42 8.25
C LEU F 424 73.76 -79.20 7.55
N PRO F 425 73.55 -77.99 8.07
CA PRO F 425 73.99 -76.79 7.34
C PRO F 425 75.48 -76.72 7.04
N PHE F 426 75.77 -76.17 5.87
CA PHE F 426 77.08 -75.66 5.49
C PHE F 426 76.91 -74.17 5.24
N MET F 427 77.83 -73.36 5.78
CA MET F 427 77.56 -71.92 5.89
C MET F 427 77.48 -71.23 4.54
N GLU F 428 78.28 -71.67 3.56
CA GLU F 428 78.27 -71.03 2.26
C GLU F 428 76.92 -71.10 1.58
N ASP F 429 76.08 -72.06 1.95
CA ASP F 429 74.74 -72.19 1.39
C ASP F 429 73.70 -71.45 2.19
N LEU F 430 73.86 -71.40 3.52
CA LEU F 430 72.95 -70.65 4.36
C LEU F 430 73.17 -69.16 4.17
N ARG F 431 72.07 -68.42 4.01
CA ARG F 431 72.16 -66.98 3.96
C ARG F 431 70.87 -66.40 4.54
N GLN F 432 71.01 -65.60 5.58
CA GLN F 432 69.91 -64.79 6.09
C GLN F 432 70.05 -63.40 5.48
N TYR F 433 68.97 -62.90 4.89
CA TYR F 433 69.04 -61.66 4.12
C TYR F 433 68.54 -60.47 4.91
N MET F 434 67.30 -60.52 5.39
CA MET F 434 66.71 -59.44 6.15
C MET F 434 66.26 -59.97 7.50
N PHE F 435 66.46 -59.16 8.53
CA PHE F 435 66.05 -59.50 9.90
C PHE F 435 65.30 -58.32 10.50
N SER F 436 64.07 -58.57 10.93
CA SER F 436 63.25 -57.52 11.51
C SER F 436 62.02 -58.13 12.21
N SER F 437 61.76 -57.67 13.44
CA SER F 437 60.54 -58.07 14.11
C SER F 437 59.35 -57.38 13.48
N LEU F 438 58.17 -57.97 13.67
CA LEU F 438 56.92 -57.44 13.15
C LEU F 438 56.06 -56.79 14.21
N LYS F 439 56.00 -57.38 15.40
CA LYS F 439 55.15 -56.84 16.46
C LYS F 439 55.63 -55.47 16.91
N ASN F 440 56.94 -55.26 16.91
CA ASN F 440 57.51 -53.96 17.28
C ASN F 440 56.95 -52.84 16.43
N SER F 441 56.64 -53.14 15.16
CA SER F 441 55.98 -52.16 14.32
C SER F 441 54.60 -51.89 14.88
N LYS F 442 54.42 -50.71 15.47
CA LYS F 442 53.13 -50.36 16.06
C LYS F 442 52.02 -50.37 15.02
N LYS F 443 52.36 -50.04 13.77
CA LYS F 443 51.40 -50.17 12.67
C LYS F 443 50.98 -51.62 12.47
N TYR F 444 51.82 -52.57 12.88
CA TYR F 444 51.48 -53.99 12.78
C TYR F 444 51.56 -54.66 14.14
N ALA F 445 51.21 -53.92 15.18
CA ALA F 445 51.09 -54.50 16.50
C ALA F 445 49.85 -55.38 16.56
N PRO F 446 49.87 -56.45 17.35
CA PRO F 446 48.68 -57.31 17.47
C PRO F 446 47.49 -56.54 18.02
N THR F 447 46.31 -56.88 17.50
CA THR F 447 45.06 -56.34 18.00
C THR F 447 44.09 -57.48 18.28
N GLU F 448 43.12 -57.21 19.14
CA GLU F 448 42.17 -58.23 19.54
C GLU F 448 41.32 -58.70 18.37
N ALA F 449 41.05 -57.82 17.41
CA ALA F 449 40.17 -58.17 16.30
C ALA F 449 40.75 -59.32 15.48
N GLN F 450 42.04 -59.25 15.15
CA GLN F 450 42.69 -60.40 14.51
C GLN F 450 42.69 -61.60 15.44
N LEU F 451 42.92 -61.37 16.73
CA LEU F 451 42.90 -62.45 17.70
C LEU F 451 41.56 -63.18 17.68
N ASN F 452 40.47 -62.42 17.73
CA ASN F 452 39.14 -63.03 17.63
C ASN F 452 38.96 -63.69 16.27
N ALA F 453 39.48 -63.06 15.22
CA ALA F 453 39.32 -63.58 13.87
C ALA F 453 39.96 -64.97 13.74
N VAL F 454 41.20 -65.12 14.21
CA VAL F 454 41.88 -66.40 14.10
C VAL F 454 41.18 -67.45 14.96
N ASP F 455 40.81 -67.08 16.18
CA ASP F 455 40.12 -68.01 17.05
C ASP F 455 38.81 -68.48 16.43
N ALA F 456 38.18 -67.64 15.61
CA ALA F 456 37.03 -68.10 14.84
C ALA F 456 37.44 -69.14 13.81
N LEU F 457 38.67 -69.08 13.34
CA LEU F 457 39.16 -69.99 12.31
C LEU F 457 40.25 -70.90 12.82
N ILE F 458 40.57 -70.85 14.12
CA ILE F 458 41.69 -71.63 14.65
C ILE F 458 41.44 -73.11 14.43
N ASP F 459 40.22 -73.57 14.67
CA ASP F 459 39.73 -74.83 14.12
C ASP F 459 38.34 -74.56 13.58
N SER F 460 38.30 -74.04 12.36
CA SER F 460 37.08 -73.93 11.58
C SER F 460 37.14 -74.83 10.36
N MET F 461 38.29 -74.91 9.71
CA MET F 461 38.57 -75.96 8.73
C MET F 461 39.19 -77.14 9.47
N SER F 462 38.37 -77.73 10.32
CA SER F 462 38.85 -78.72 11.29
C SER F 462 39.17 -80.03 10.59
N LEU F 463 40.46 -80.32 10.45
CA LEU F 463 40.92 -81.58 9.88
C LEU F 463 41.69 -82.36 10.94
N ALA F 464 41.44 -83.66 10.99
CA ALA F 464 42.13 -84.58 11.90
C ALA F 464 41.96 -84.14 13.35
N LYS F 465 40.78 -83.66 13.71
CA LYS F 465 40.50 -83.32 15.09
C LYS F 465 40.18 -84.58 15.89
N LYS F 466 40.68 -84.63 17.12
CA LYS F 466 40.66 -85.86 17.92
C LYS F 466 39.23 -86.12 18.42
N ASP F 467 38.40 -86.64 17.53
CA ASP F 467 37.08 -87.11 17.95
C ASP F 467 37.19 -88.42 18.72
N GLU F 468 38.16 -89.27 18.35
CA GLU F 468 38.40 -90.51 19.07
C GLU F 468 39.29 -90.20 20.26
N LYS F 469 38.71 -90.23 21.45
CA LYS F 469 39.40 -89.79 22.65
C LYS F 469 40.41 -90.80 23.17
N THR F 470 40.48 -92.00 22.58
CA THR F 470 41.34 -93.04 23.15
C THR F 470 42.80 -92.82 22.76
N ASP F 471 43.09 -92.93 21.47
CA ASP F 471 44.46 -92.81 20.96
C ASP F 471 44.39 -92.82 19.43
N THR F 472 45.57 -92.85 18.80
CA THR F 472 45.70 -93.02 17.35
C THR F 472 44.89 -91.96 16.60
N LEU F 473 45.30 -90.71 16.81
CA LEU F 473 44.64 -89.58 16.18
C LEU F 473 44.55 -89.77 14.67
N GLU F 474 43.31 -89.85 14.18
CA GLU F 474 43.05 -90.07 12.77
C GLU F 474 43.13 -88.76 12.00
N ASP F 475 43.22 -88.89 10.67
CA ASP F 475 43.22 -87.74 9.77
C ASP F 475 41.89 -87.74 9.01
N LEU F 476 41.16 -86.63 9.11
CA LEU F 476 39.88 -86.54 8.41
C LEU F 476 40.09 -86.64 6.91
N PHE F 477 41.12 -85.97 6.40
CA PHE F 477 41.50 -86.04 4.99
C PHE F 477 43.00 -86.24 4.91
N PRO F 478 43.46 -87.44 4.54
CA PRO F 478 44.91 -87.70 4.53
C PRO F 478 45.63 -86.80 3.54
N THR F 479 46.84 -86.37 3.91
CA THR F 479 47.61 -85.43 3.11
C THR F 479 49.01 -85.92 2.76
N THR F 480 49.72 -86.54 3.70
CA THR F 480 51.02 -87.10 3.36
C THR F 480 50.90 -88.31 2.45
N LYS F 481 49.69 -88.83 2.30
CA LYS F 481 49.35 -89.97 1.47
C LYS F 481 49.02 -89.58 0.03
N ILE F 482 48.88 -88.30 -0.28
CA ILE F 482 48.41 -87.88 -1.59
C ILE F 482 49.38 -88.36 -2.66
N PRO F 483 48.94 -88.93 -3.77
CA PRO F 483 49.83 -89.15 -4.90
C PRO F 483 49.76 -88.01 -5.91
N ASN F 484 50.78 -87.96 -6.77
CA ASN F 484 50.86 -86.87 -7.74
C ASN F 484 49.80 -87.01 -8.83
N PRO F 485 48.91 -86.03 -8.99
CA PRO F 485 48.01 -86.03 -10.16
C PRO F 485 48.73 -85.74 -11.45
N ARG F 486 49.98 -85.27 -11.39
CA ARG F 486 50.77 -85.07 -12.60
C ARG F 486 50.86 -86.35 -13.41
N PHE F 487 51.13 -87.47 -12.73
CA PHE F 487 51.18 -88.75 -13.41
C PHE F 487 49.80 -89.14 -13.91
N GLN F 488 48.77 -88.90 -13.11
CA GLN F 488 47.41 -89.17 -13.52
C GLN F 488 47.05 -88.38 -14.78
N ARG F 489 47.35 -87.08 -14.79
CA ARG F 489 47.04 -86.28 -15.96
C ARG F 489 47.88 -86.68 -17.16
N LEU F 490 49.18 -86.83 -16.96
CA LEU F 490 50.07 -87.21 -18.06
C LEU F 490 49.66 -88.55 -18.64
N PHE F 491 49.42 -89.53 -17.77
CA PHE F 491 49.10 -90.87 -18.24
C PHE F 491 47.76 -90.90 -18.95
N GLN F 492 46.76 -90.19 -18.41
CA GLN F 492 45.43 -90.19 -19.01
C GLN F 492 45.48 -89.65 -20.43
N CYS F 493 46.13 -88.52 -20.62
CA CYS F 493 46.29 -87.99 -21.97
C CYS F 493 47.15 -88.91 -22.82
N LEU F 494 48.16 -89.52 -22.21
CA LEU F 494 49.05 -90.42 -22.95
C LEU F 494 48.30 -91.63 -23.49
N LEU F 495 47.53 -92.31 -22.64
CA LEU F 495 46.72 -93.43 -23.09
C LEU F 495 45.64 -92.98 -24.06
N HIS F 496 45.01 -91.84 -23.77
CA HIS F 496 43.94 -91.35 -24.63
C HIS F 496 44.44 -91.03 -26.03
N ARG F 497 45.64 -90.46 -26.12
CA ARG F 497 46.26 -90.24 -27.43
C ARG F 497 46.91 -91.48 -27.97
N ALA F 498 47.11 -92.52 -27.15
CA ALA F 498 47.74 -93.74 -27.65
C ALA F 498 46.79 -94.52 -28.54
N LEU F 499 45.68 -94.99 -27.97
CA LEU F 499 44.69 -95.67 -28.79
C LEU F 499 43.98 -94.72 -29.74
N HIS F 500 44.04 -93.42 -29.46
CA HIS F 500 43.40 -92.41 -30.30
C HIS F 500 44.40 -91.30 -30.59
N PRO F 501 45.34 -91.53 -31.51
CA PRO F 501 46.21 -90.43 -31.94
C PRO F 501 45.51 -89.55 -32.96
N ARG F 502 44.22 -89.31 -32.72
CA ARG F 502 43.44 -88.28 -33.40
C ARG F 502 42.49 -87.56 -32.46
N GLU F 503 42.09 -88.17 -31.36
CA GLU F 503 41.07 -87.61 -30.49
C GLU F 503 41.64 -86.42 -29.72
N PRO F 504 40.89 -85.31 -29.61
CA PRO F 504 41.33 -84.22 -28.75
C PRO F 504 41.50 -84.72 -27.33
N LEU F 505 42.53 -84.20 -26.66
CA LEU F 505 43.05 -84.82 -25.46
C LEU F 505 41.95 -84.96 -24.40
N PRO F 506 42.02 -85.99 -23.55
CA PRO F 506 40.86 -86.39 -22.76
C PRO F 506 40.47 -85.31 -21.76
N PRO F 507 39.26 -85.38 -21.21
CA PRO F 507 38.84 -84.41 -20.19
C PRO F 507 39.71 -84.45 -18.95
N ILE F 508 39.43 -83.57 -17.99
CA ILE F 508 40.37 -83.23 -16.93
C ILE F 508 40.19 -84.17 -15.74
N GLN F 509 39.28 -85.14 -15.86
CA GLN F 509 39.20 -86.28 -14.94
C GLN F 509 38.96 -85.81 -13.50
N GLN F 510 37.73 -85.31 -13.29
CA GLN F 510 37.30 -84.67 -12.04
C GLN F 510 37.72 -85.39 -10.76
N HIS F 511 37.96 -86.69 -10.86
CA HIS F 511 38.25 -87.50 -9.67
C HIS F 511 39.43 -86.96 -8.87
N ILE F 512 40.32 -86.19 -9.48
CA ILE F 512 41.46 -85.68 -8.73
C ILE F 512 41.08 -84.48 -7.86
N TRP F 513 40.05 -83.72 -8.21
CA TRP F 513 39.48 -82.82 -7.22
C TRP F 513 38.91 -83.56 -6.02
N ASN F 514 38.29 -84.72 -6.24
CA ASN F 514 38.00 -85.58 -5.10
C ASN F 514 39.28 -85.90 -4.34
N MET F 515 40.38 -86.09 -5.07
CA MET F 515 41.67 -86.30 -4.42
C MET F 515 42.25 -85.00 -3.89
N LEU F 516 42.10 -83.91 -4.64
CA LEU F 516 42.68 -82.62 -4.29
C LEU F 516 41.97 -81.94 -3.13
N ASN F 517 40.68 -82.16 -2.99
CA ASN F 517 39.96 -81.35 -2.02
C ASN F 517 39.51 -82.20 -0.83
N PRO F 518 39.45 -81.61 0.36
CA PRO F 518 38.93 -82.31 1.52
C PRO F 518 37.41 -82.38 1.45
N PRO F 519 36.77 -83.11 2.37
CA PRO F 519 35.30 -83.14 2.38
C PRO F 519 34.72 -81.74 2.54
N ALA F 520 33.59 -81.52 1.86
CA ALA F 520 33.02 -80.18 1.77
C ALA F 520 32.41 -79.71 3.07
N GLU F 521 32.00 -80.63 3.95
CA GLU F 521 31.41 -80.21 5.22
C GLU F 521 32.40 -79.35 6.02
N VAL F 522 33.64 -79.81 6.11
CA VAL F 522 34.62 -79.07 6.89
C VAL F 522 34.91 -77.73 6.24
N THR F 523 34.85 -77.68 4.90
CA THR F 523 34.92 -76.41 4.20
C THR F 523 33.76 -75.50 4.60
N THR F 524 32.55 -76.04 4.67
CA THR F 524 31.39 -75.22 5.01
C THR F 524 31.50 -74.66 6.41
N LYS F 525 31.89 -75.49 7.37
CA LYS F 525 32.07 -74.99 8.73
C LYS F 525 33.29 -74.09 8.86
N SER F 526 34.17 -74.09 7.87
CA SER F 526 35.30 -73.17 7.89
C SER F 526 34.91 -71.80 7.38
N GLN F 527 34.05 -71.73 6.38
CA GLN F 527 33.58 -70.45 5.87
C GLN F 527 32.53 -69.82 6.75
N ILE F 528 31.90 -70.59 7.63
CA ILE F 528 30.93 -70.02 8.56
C ILE F 528 31.53 -68.93 9.43
N PRO F 529 32.70 -69.12 10.08
CA PRO F 529 33.31 -68.00 10.79
C PRO F 529 33.92 -67.03 9.82
N LEU F 530 34.41 -67.56 8.68
CA LEU F 530 35.13 -66.75 7.72
C LEU F 530 34.31 -65.56 7.25
N SER F 531 32.97 -65.68 7.29
CA SER F 531 32.11 -64.54 7.04
C SER F 531 32.41 -63.41 8.01
N LYS F 532 32.55 -63.74 9.29
CA LYS F 532 32.89 -62.73 10.29
C LYS F 532 34.26 -62.12 10.02
N ILE F 533 35.26 -62.96 9.73
CA ILE F 533 36.62 -62.44 9.54
C ILE F 533 36.69 -61.57 8.29
N LYS F 534 36.05 -62.00 7.19
CA LYS F 534 36.07 -61.21 5.96
C LYS F 534 35.44 -59.84 6.17
N THR F 535 34.30 -59.80 6.87
CA THR F 535 33.70 -58.53 7.22
C THR F 535 34.61 -57.72 8.14
N LEU F 536 35.28 -58.39 9.08
CA LEU F 536 36.14 -57.69 10.02
C LEU F 536 37.34 -57.05 9.34
N PHE F 537 37.94 -57.76 8.39
CA PHE F 537 39.18 -57.33 7.74
C PHE F 537 38.99 -57.37 6.23
N PRO F 538 38.35 -56.36 5.66
CA PRO F 538 38.28 -56.25 4.20
C PRO F 538 39.65 -55.94 3.63
N LEU F 539 40.07 -56.74 2.65
CA LEU F 539 41.40 -56.62 2.06
C LEU F 539 41.32 -56.13 0.62
N ILE F 540 42.06 -55.07 0.31
CA ILE F 540 42.24 -54.66 -1.07
C ILE F 540 43.23 -55.61 -1.74
N GLU F 541 43.00 -55.88 -3.02
CA GLU F 541 43.68 -56.97 -3.71
C GLU F 541 44.75 -56.42 -4.66
N ALA F 542 45.35 -57.33 -5.44
CA ALA F 542 46.45 -57.01 -6.33
C ALA F 542 45.94 -56.65 -7.72
N LYS F 543 46.86 -56.21 -8.57
CA LYS F 543 46.54 -55.78 -9.93
C LYS F 543 47.70 -56.13 -10.85
N LYS F 544 47.53 -55.82 -12.13
CA LYS F 544 48.59 -55.76 -13.15
C LYS F 544 49.57 -56.93 -13.03
N LYS F 545 49.04 -58.14 -13.21
CA LYS F 545 49.86 -59.34 -13.10
C LYS F 545 50.19 -59.96 -14.46
N ASP F 546 49.17 -60.34 -15.24
CA ASP F 546 49.43 -61.07 -16.48
C ASP F 546 48.12 -61.09 -17.26
N GLN F 547 48.23 -61.45 -18.55
CA GLN F 547 47.14 -61.32 -19.49
C GLN F 547 46.86 -62.65 -20.18
N VAL F 548 45.60 -62.80 -20.60
CA VAL F 548 45.09 -64.04 -21.18
C VAL F 548 44.69 -63.67 -22.61
N THR F 549 45.48 -62.81 -23.23
CA THR F 549 45.23 -62.25 -24.56
C THR F 549 45.20 -63.36 -25.60
N ALA F 550 45.06 -63.01 -26.89
CA ALA F 550 44.41 -63.93 -27.82
C ALA F 550 45.26 -65.18 -27.98
N GLN F 551 45.13 -66.02 -26.97
CA GLN F 551 45.43 -67.42 -26.96
C GLN F 551 44.31 -68.16 -26.27
N GLU F 552 43.38 -67.42 -25.70
CA GLU F 552 42.10 -67.86 -25.20
C GLU F 552 41.05 -67.52 -26.27
N ILE F 553 39.77 -67.66 -25.91
CA ILE F 553 38.65 -67.55 -26.83
C ILE F 553 38.68 -66.24 -27.62
N PHE F 554 38.31 -66.33 -28.90
CA PHE F 554 37.96 -65.19 -29.72
C PHE F 554 36.52 -65.44 -30.15
N GLN F 555 35.59 -64.74 -29.51
CA GLN F 555 34.22 -65.20 -29.44
C GLN F 555 33.78 -65.90 -30.71
N ASP F 556 33.24 -67.11 -30.55
CA ASP F 556 32.82 -67.90 -31.68
C ASP F 556 31.60 -67.28 -32.34
N ASN F 557 31.54 -67.40 -33.67
CA ASN F 557 30.48 -66.79 -34.46
C ASN F 557 29.85 -67.86 -35.34
N HIS F 558 28.55 -67.72 -35.57
CA HIS F 558 27.81 -68.72 -36.33
C HIS F 558 26.78 -68.03 -37.21
N GLU F 559 26.43 -68.69 -38.31
CA GLU F 559 25.51 -68.11 -39.28
C GLU F 559 24.07 -68.31 -38.84
N ASP F 560 23.19 -67.52 -39.42
CA ASP F 560 21.76 -67.57 -39.15
C ASP F 560 21.00 -67.75 -40.46
N GLY F 561 19.67 -67.82 -40.35
CA GLY F 561 18.82 -67.98 -41.49
C GLY F 561 18.92 -66.80 -42.44
N PRO F 562 19.00 -67.08 -43.73
CA PRO F 562 19.05 -66.00 -44.72
C PRO F 562 17.74 -65.23 -44.76
N THR F 563 17.84 -63.96 -45.16
CA THR F 563 16.70 -63.05 -45.26
C THR F 563 16.81 -62.34 -46.60
N ALA F 564 16.19 -62.91 -47.63
CA ALA F 564 16.28 -62.37 -48.98
C ALA F 564 14.91 -62.34 -49.62
N LYS F 565 14.45 -61.15 -49.97
CA LYS F 565 13.18 -60.91 -50.62
C LYS F 565 13.30 -60.04 -51.87
N LYS F 566 14.24 -59.10 -51.90
CA LYS F 566 14.33 -58.07 -52.94
C LYS F 566 15.79 -57.77 -53.24
N LEU F 567 16.25 -58.10 -54.45
CA LEU F 567 17.54 -57.61 -54.94
C LEU F 567 17.45 -56.84 -56.25
N LYS F 568 16.30 -56.85 -56.91
CA LYS F 568 16.10 -56.05 -58.11
C LYS F 568 15.58 -54.66 -57.82
N THR F 569 14.83 -54.49 -56.73
CA THR F 569 14.12 -53.25 -56.47
C THR F 569 15.09 -52.09 -56.26
N GLU F 570 14.55 -50.89 -56.14
CA GLU F 570 15.38 -49.71 -55.96
C GLU F 570 16.26 -49.86 -54.72
N GLN F 571 17.53 -49.53 -54.88
CA GLN F 571 18.42 -49.49 -53.73
C GLN F 571 18.35 -48.10 -53.10
N GLY F 572 18.99 -47.93 -51.96
CA GLY F 572 18.85 -46.69 -51.24
C GLY F 572 17.42 -46.48 -50.78
N GLY F 573 16.72 -45.54 -51.41
CA GLY F 573 15.36 -45.24 -50.99
C GLY F 573 15.34 -44.72 -49.56
N ALA F 574 14.90 -45.56 -48.63
CA ALA F 574 15.02 -45.22 -47.22
C ALA F 574 16.48 -44.98 -46.87
N HIS F 575 16.73 -43.97 -46.05
CA HIS F 575 18.09 -43.54 -45.72
C HIS F 575 18.80 -44.55 -44.83
N ASN F 593 5.35 -30.97 -40.09
CA ASN F 593 6.37 -31.93 -40.52
C ASN F 593 6.24 -33.30 -39.84
N PRO F 594 6.16 -33.34 -38.50
CA PRO F 594 6.07 -34.66 -37.83
C PRO F 594 4.84 -35.45 -38.19
N ALA F 595 3.80 -34.79 -38.75
CA ALA F 595 2.52 -35.46 -38.98
C ALA F 595 2.70 -36.72 -39.82
N GLU F 596 3.28 -36.57 -41.01
CA GLU F 596 3.52 -37.73 -41.85
C GLU F 596 4.61 -38.63 -41.26
N ASN F 597 5.49 -38.07 -40.43
CA ASN F 597 6.62 -38.83 -39.92
C ASN F 597 6.18 -40.01 -39.08
N PHE F 598 5.31 -39.78 -38.09
CA PHE F 598 4.78 -40.92 -37.35
C PHE F 598 3.76 -41.70 -38.16
N ARG F 599 3.12 -41.06 -39.14
CA ARG F 599 2.10 -41.73 -39.93
C ARG F 599 2.69 -42.76 -40.88
N VAL F 600 3.98 -42.66 -41.21
CA VAL F 600 4.66 -43.74 -41.91
C VAL F 600 5.30 -44.64 -40.87
N LEU F 601 5.71 -44.04 -39.74
CA LEU F 601 6.39 -44.80 -38.71
C LEU F 601 5.46 -45.85 -38.10
N VAL F 602 4.17 -45.53 -37.99
CA VAL F 602 3.21 -46.53 -37.52
C VAL F 602 3.19 -47.72 -38.47
N LYS F 603 3.34 -47.45 -39.77
CA LYS F 603 3.37 -48.49 -40.78
C LYS F 603 4.73 -49.16 -40.92
N GLN F 604 5.79 -48.60 -40.33
CA GLN F 604 7.12 -49.19 -40.49
C GLN F 604 7.22 -50.55 -39.80
N LYS F 605 7.08 -50.56 -38.49
CA LYS F 605 7.30 -51.77 -37.70
C LYS F 605 6.01 -52.31 -37.07
N LYS F 606 4.91 -51.56 -37.15
CA LYS F 606 3.60 -52.00 -36.68
C LYS F 606 3.61 -52.31 -35.18
N ALA F 607 4.50 -51.66 -34.44
CA ALA F 607 4.50 -51.76 -32.99
C ALA F 607 3.44 -50.83 -32.41
N SER F 608 3.44 -50.71 -31.08
CA SER F 608 2.50 -49.80 -30.42
C SER F 608 2.75 -48.37 -30.83
N PHE F 609 4.03 -47.97 -30.93
CA PHE F 609 4.43 -46.64 -31.37
C PHE F 609 3.80 -45.56 -30.48
N GLU F 610 4.05 -45.69 -29.18
CA GLU F 610 3.69 -44.62 -28.27
C GLU F 610 4.45 -43.34 -28.59
N GLU F 611 5.64 -43.46 -29.19
CA GLU F 611 6.34 -42.30 -29.70
C GLU F 611 5.51 -41.60 -30.77
N ALA F 612 4.89 -42.38 -31.66
CA ALA F 612 3.97 -41.81 -32.63
C ALA F 612 2.80 -41.13 -31.92
N SER F 613 2.31 -41.73 -30.84
CA SER F 613 1.30 -41.08 -30.02
C SER F 613 1.83 -39.77 -29.45
N ASN F 614 3.08 -39.77 -28.99
CA ASN F 614 3.70 -38.52 -28.55
C ASN F 614 3.82 -37.54 -29.72
N GLN F 615 4.16 -38.06 -30.90
CA GLN F 615 4.31 -37.19 -32.06
C GLN F 615 2.97 -36.54 -32.45
N LEU F 616 1.90 -37.32 -32.44
CA LEU F 616 0.61 -36.81 -32.91
C LEU F 616 0.02 -35.81 -31.92
N ILE F 617 0.13 -36.10 -30.61
CA ILE F 617 -0.32 -35.13 -29.63
C ILE F 617 0.52 -33.88 -29.72
N ASN F 618 1.81 -34.02 -30.04
CA ASN F 618 2.64 -32.85 -30.25
C ASN F 618 2.14 -32.06 -31.46
N HIS F 619 1.79 -32.75 -32.55
CA HIS F 619 1.28 -32.06 -33.72
C HIS F 619 0.10 -31.17 -33.36
N ILE F 620 -0.89 -31.75 -32.67
CA ILE F 620 -2.04 -30.95 -32.28
C ILE F 620 -1.64 -29.92 -31.23
N GLU F 621 -0.58 -30.18 -30.46
CA GLU F 621 -0.03 -29.15 -29.60
C GLU F 621 0.49 -27.98 -30.43
N GLN F 622 1.24 -28.28 -31.49
CA GLN F 622 1.67 -27.16 -32.34
C GLN F 622 0.57 -26.66 -33.23
N PHE F 623 -0.69 -27.06 -33.04
CA PHE F 623 -1.77 -26.28 -33.62
C PHE F 623 -1.98 -24.99 -32.84
N LEU F 624 -1.59 -24.97 -31.57
CA LEU F 624 -1.80 -23.81 -30.72
C LEU F 624 -1.05 -22.60 -31.25
N ASP F 625 0.25 -22.77 -31.49
CA ASP F 625 1.04 -21.69 -32.07
C ASP F 625 0.80 -21.55 -33.57
N THR F 626 0.38 -22.61 -34.24
CA THR F 626 0.15 -22.58 -35.68
C THR F 626 -1.32 -22.86 -35.90
N ASN F 627 -2.13 -21.81 -35.78
CA ASN F 627 -3.55 -21.88 -36.10
C ASN F 627 -3.81 -21.48 -37.53
N GLU F 628 -2.77 -21.48 -38.36
CA GLU F 628 -2.96 -21.19 -39.77
C GLU F 628 -3.87 -22.23 -40.38
N THR F 629 -4.68 -21.78 -41.34
CA THR F 629 -5.62 -22.68 -41.99
C THR F 629 -4.97 -23.94 -42.56
N PRO F 630 -3.86 -23.88 -43.32
CA PRO F 630 -3.29 -25.13 -43.83
C PRO F 630 -2.69 -26.00 -42.74
N TYR F 631 -2.29 -25.42 -41.61
CA TYR F 631 -1.79 -26.25 -40.52
C TYR F 631 -2.86 -27.23 -40.06
N PHE F 632 -4.04 -26.72 -39.75
CA PHE F 632 -5.10 -27.61 -39.31
C PHE F 632 -5.77 -28.32 -40.48
N MET F 633 -5.52 -27.88 -41.71
CA MET F 633 -5.70 -28.78 -42.84
C MET F 633 -4.84 -30.02 -42.67
N LYS F 634 -3.56 -29.81 -42.34
CA LYS F 634 -2.68 -30.94 -42.08
C LYS F 634 -3.13 -31.70 -40.84
N SER F 635 -3.61 -30.98 -39.82
CA SER F 635 -4.02 -31.64 -38.58
C SER F 635 -5.21 -32.55 -38.81
N ILE F 636 -6.26 -32.02 -39.45
CA ILE F 636 -7.46 -32.84 -39.65
C ILE F 636 -7.15 -34.04 -40.53
N ASP F 637 -6.29 -33.84 -41.54
CA ASP F 637 -5.96 -34.94 -42.44
C ASP F 637 -5.21 -36.05 -41.70
N CYS F 638 -4.16 -35.69 -40.97
CA CYS F 638 -3.36 -36.69 -40.28
C CYS F 638 -4.16 -37.41 -39.21
N ILE F 639 -4.99 -36.67 -38.47
CA ILE F 639 -5.80 -37.29 -37.44
C ILE F 639 -6.80 -38.26 -38.06
N ARG F 640 -7.45 -37.85 -39.15
CA ARG F 640 -8.40 -38.74 -39.81
C ARG F 640 -7.69 -39.95 -40.39
N ALA F 641 -6.46 -39.77 -40.88
CA ALA F 641 -5.68 -40.90 -41.36
C ALA F 641 -5.33 -41.84 -40.21
N PHE F 642 -4.81 -41.28 -39.10
CA PHE F 642 -4.48 -42.12 -37.95
C PHE F 642 -5.72 -42.73 -37.32
N ARG F 643 -6.89 -42.13 -37.52
CA ARG F 643 -8.13 -42.69 -36.96
C ARG F 643 -8.30 -44.15 -37.38
N GLU F 644 -8.17 -44.43 -38.67
CA GLU F 644 -8.17 -45.81 -39.13
C GLU F 644 -6.85 -46.52 -38.85
N GLU F 645 -5.73 -45.79 -38.88
CA GLU F 645 -4.43 -46.44 -38.70
C GLU F 645 -4.35 -47.13 -37.35
N ALA F 646 -4.76 -46.44 -36.28
CA ALA F 646 -4.70 -47.04 -34.96
C ALA F 646 -5.71 -48.19 -34.84
N ILE F 647 -6.93 -47.97 -35.31
CA ILE F 647 -7.96 -49.00 -35.22
C ILE F 647 -7.56 -50.22 -36.04
N LYS F 648 -6.74 -50.04 -37.07
CA LYS F 648 -6.38 -51.13 -37.95
C LYS F 648 -5.68 -52.26 -37.21
N PHE F 649 -4.50 -51.98 -36.65
CA PHE F 649 -3.67 -53.07 -36.15
C PHE F 649 -4.09 -53.50 -34.74
N SER F 650 -3.85 -52.64 -33.76
CA SER F 650 -4.21 -52.98 -32.38
C SER F 650 -4.66 -51.79 -31.54
N GLU F 651 -4.75 -50.59 -32.10
CA GLU F 651 -4.88 -49.37 -31.29
C GLU F 651 -6.24 -48.72 -31.45
N GLU F 652 -7.28 -49.50 -31.71
CA GLU F 652 -8.64 -48.94 -31.76
C GLU F 652 -9.05 -48.37 -30.41
N GLN F 653 -8.81 -49.13 -29.34
CA GLN F 653 -9.09 -48.61 -28.01
C GLN F 653 -8.10 -47.52 -27.63
N ARG F 654 -6.83 -47.70 -27.98
CA ARG F 654 -5.84 -46.65 -27.77
C ARG F 654 -6.30 -45.36 -28.42
N PHE F 655 -6.69 -45.44 -29.70
CA PHE F 655 -7.24 -44.28 -30.39
C PHE F 655 -8.49 -43.78 -29.71
N ASN F 656 -9.35 -44.69 -29.24
CA ASN F 656 -10.53 -44.28 -28.49
C ASN F 656 -10.14 -43.47 -27.27
N ASN F 657 -9.22 -43.99 -26.47
CA ASN F 657 -8.75 -43.23 -25.31
C ASN F 657 -8.09 -41.94 -25.75
N PHE F 658 -7.25 -41.99 -26.79
CA PHE F 658 -6.57 -40.80 -27.26
C PHE F 658 -7.57 -39.76 -27.76
N LEU F 659 -8.57 -40.19 -28.52
CA LEU F 659 -9.58 -39.25 -29.01
C LEU F 659 -10.32 -38.60 -27.86
N LYS F 660 -10.72 -39.38 -26.87
CA LYS F 660 -11.42 -38.81 -25.72
C LYS F 660 -10.54 -37.80 -25.00
N ALA F 661 -9.29 -38.17 -24.76
CA ALA F 661 -8.38 -37.27 -24.03
C ALA F 661 -8.15 -35.99 -24.81
N LEU F 662 -7.86 -36.10 -26.10
CA LEU F 662 -7.63 -34.89 -26.90
C LEU F 662 -8.90 -34.07 -26.99
N GLN F 663 -10.06 -34.72 -27.10
CA GLN F 663 -11.31 -33.99 -27.10
C GLN F 663 -11.51 -33.22 -25.82
N GLU F 664 -11.44 -33.89 -24.67
CA GLU F 664 -11.69 -33.21 -23.41
C GLU F 664 -10.67 -32.09 -23.19
N LYS F 665 -9.49 -32.21 -23.80
CA LYS F 665 -8.51 -31.14 -23.69
C LYS F 665 -8.89 -29.94 -24.55
N VAL F 666 -9.59 -30.15 -25.67
CA VAL F 666 -9.67 -29.06 -26.62
C VAL F 666 -10.73 -28.04 -26.23
N GLU F 667 -11.84 -28.47 -25.59
CA GLU F 667 -12.92 -27.52 -25.34
C GLU F 667 -12.46 -26.39 -24.45
N ILE F 668 -11.73 -26.72 -23.39
CA ILE F 668 -11.14 -25.69 -22.54
C ILE F 668 -10.15 -24.85 -23.32
N LYS F 669 -9.67 -25.36 -24.46
CA LYS F 669 -8.78 -24.58 -25.31
C LYS F 669 -9.63 -23.87 -26.34
N GLN F 670 -10.00 -22.63 -26.04
CA GLN F 670 -10.80 -21.83 -26.95
C GLN F 670 -9.94 -21.41 -28.11
N LEU F 671 -10.42 -21.64 -29.33
CA LEU F 671 -9.57 -21.46 -30.50
C LEU F 671 -10.34 -20.69 -31.56
N ASN F 672 -9.74 -20.62 -32.75
CA ASN F 672 -10.34 -19.97 -33.91
C ASN F 672 -10.78 -20.95 -34.99
N HIS F 673 -10.12 -22.09 -35.09
CA HIS F 673 -10.49 -23.19 -35.98
C HIS F 673 -10.59 -24.47 -35.18
N PHE F 674 -11.27 -24.38 -34.04
CA PHE F 674 -11.28 -25.46 -33.08
C PHE F 674 -12.24 -26.56 -33.51
N TRP F 675 -12.61 -27.44 -32.58
CA TRP F 675 -13.39 -28.63 -32.86
C TRP F 675 -14.64 -28.32 -33.69
N GLU F 676 -14.97 -27.03 -33.80
CA GLU F 676 -16.02 -26.59 -34.71
C GLU F 676 -15.76 -27.10 -36.13
N ILE F 677 -14.56 -26.85 -36.65
CA ILE F 677 -14.25 -27.31 -37.99
C ILE F 677 -13.85 -28.78 -37.98
N VAL F 678 -13.37 -29.28 -36.83
CA VAL F 678 -13.07 -30.70 -36.73
C VAL F 678 -14.32 -31.52 -36.96
N VAL F 679 -15.45 -31.12 -36.36
CA VAL F 679 -16.71 -31.82 -36.60
C VAL F 679 -17.34 -31.39 -37.91
N GLN F 680 -16.99 -30.20 -38.41
CA GLN F 680 -17.32 -29.88 -39.81
C GLN F 680 -16.80 -30.97 -40.72
N ASP F 681 -15.59 -31.45 -40.47
CA ASP F 681 -15.04 -32.60 -41.15
C ASP F 681 -15.02 -33.84 -40.27
N GLY F 682 -15.78 -33.82 -39.18
CA GLY F 682 -15.87 -34.96 -38.29
C GLY F 682 -17.20 -35.68 -38.44
N ILE F 683 -18.23 -34.94 -38.88
CA ILE F 683 -19.45 -35.61 -39.33
C ILE F 683 -19.13 -36.50 -40.50
N THR F 684 -18.10 -36.14 -41.29
CA THR F 684 -17.64 -37.02 -42.36
C THR F 684 -17.19 -38.37 -41.81
N LEU F 685 -16.32 -38.36 -40.79
CA LEU F 685 -15.95 -39.59 -40.09
C LEU F 685 -15.34 -39.21 -38.75
N ILE F 686 -16.02 -39.60 -37.67
CA ILE F 686 -15.49 -39.41 -36.33
C ILE F 686 -15.68 -40.70 -35.54
N THR F 687 -16.54 -41.58 -36.04
CA THR F 687 -16.95 -42.75 -35.28
C THR F 687 -15.84 -43.77 -35.18
N LYS F 688 -15.77 -44.45 -34.04
CA LYS F 688 -14.83 -45.53 -33.79
C LYS F 688 -15.57 -46.71 -33.20
N GLU F 689 -15.07 -47.91 -33.46
CA GLU F 689 -15.68 -49.13 -32.91
C GLU F 689 -14.55 -50.06 -32.47
N GLU F 690 -14.14 -49.94 -31.21
CA GLU F 690 -13.36 -50.97 -30.56
C GLU F 690 -14.22 -51.89 -29.72
N ALA F 691 -15.41 -51.44 -29.36
CA ALA F 691 -16.42 -52.23 -28.66
C ALA F 691 -17.77 -51.58 -28.91
N SER F 692 -18.78 -51.99 -28.13
CA SER F 692 -20.10 -51.39 -28.22
C SER F 692 -20.49 -50.66 -26.94
N GLY F 693 -19.52 -50.34 -26.10
CA GLY F 693 -19.80 -49.67 -24.85
C GLY F 693 -20.04 -48.18 -25.03
N SER F 694 -19.53 -47.37 -24.10
CA SER F 694 -19.74 -45.94 -24.15
C SER F 694 -18.98 -45.26 -25.29
N SER F 695 -18.03 -45.96 -25.92
CA SER F 695 -17.20 -45.34 -26.95
C SER F 695 -18.05 -44.86 -28.13
N VAL F 696 -18.89 -45.74 -28.66
CA VAL F 696 -19.72 -45.37 -29.81
C VAL F 696 -20.72 -44.29 -29.43
N THR F 697 -21.37 -44.44 -28.27
CA THR F 697 -22.37 -43.46 -27.85
C THR F 697 -21.75 -42.10 -27.58
N ALA F 698 -20.60 -42.08 -26.90
CA ALA F 698 -19.92 -40.80 -26.66
C ALA F 698 -19.50 -40.16 -27.97
N GLU F 699 -19.03 -40.97 -28.93
CA GLU F 699 -18.66 -40.43 -30.23
C GLU F 699 -19.87 -39.84 -30.95
N GLU F 700 -21.03 -40.50 -30.82
CA GLU F 700 -22.25 -39.95 -31.41
C GLU F 700 -22.61 -38.62 -30.77
N ALA F 701 -22.48 -38.51 -29.45
CA ALA F 701 -22.70 -37.22 -28.80
C ALA F 701 -21.66 -36.21 -29.22
N LYS F 702 -20.40 -36.64 -29.34
CA LYS F 702 -19.33 -35.72 -29.71
C LYS F 702 -19.53 -35.16 -31.11
N LYS F 703 -19.87 -36.02 -32.08
CA LYS F 703 -20.14 -35.51 -33.42
C LYS F 703 -21.35 -34.60 -33.41
N PHE F 704 -22.33 -34.86 -32.55
CA PHE F 704 -23.42 -33.91 -32.33
C PHE F 704 -22.98 -32.76 -31.43
N LEU F 705 -21.90 -32.94 -30.67
CA LEU F 705 -21.29 -31.92 -29.83
C LEU F 705 -22.14 -31.59 -28.61
N ALA F 706 -23.37 -32.11 -28.56
CA ALA F 706 -24.34 -31.71 -27.55
C ALA F 706 -24.34 -30.20 -27.41
N PRO F 707 -24.83 -29.46 -28.42
CA PRO F 707 -24.68 -27.99 -28.39
C PRO F 707 -25.34 -27.34 -27.18
N LYS F 708 -24.50 -26.77 -26.31
CA LYS F 708 -24.95 -26.16 -25.07
C LYS F 708 -24.12 -24.93 -24.77
N ASP F 709 -24.80 -23.86 -24.34
CA ASP F 709 -24.16 -22.61 -23.93
C ASP F 709 -24.82 -22.21 -22.60
N LYS F 710 -24.25 -22.68 -21.50
CA LYS F 710 -24.84 -22.44 -20.19
C LYS F 710 -24.19 -21.23 -19.53
N PRO F 711 -24.94 -20.16 -19.27
CA PRO F 711 -24.38 -19.02 -18.56
C PRO F 711 -24.16 -19.34 -17.09
N SER F 712 -23.26 -18.57 -16.47
CA SER F 712 -22.95 -18.73 -15.06
C SER F 712 -22.32 -17.43 -14.56
N GLY F 713 -21.74 -17.48 -13.36
CA GLY F 713 -21.03 -16.35 -12.82
C GLY F 713 -21.63 -15.74 -11.57
N ASP F 714 -21.09 -16.10 -10.42
CA ASP F 714 -21.39 -15.46 -9.15
C ASP F 714 -20.18 -14.65 -8.73
N THR F 715 -20.41 -13.59 -7.96
CA THR F 715 -19.35 -12.64 -7.64
C THR F 715 -18.67 -12.19 -8.93
N ALA F 716 -19.47 -11.48 -9.74
CA ALA F 716 -19.35 -11.41 -11.20
C ALA F 716 -17.92 -11.50 -11.69
N ALA F 717 -17.00 -10.77 -11.07
CA ALA F 717 -15.59 -10.87 -11.39
C ALA F 717 -14.77 -10.90 -10.12
N VAL F 718 -13.72 -11.73 -10.11
CA VAL F 718 -12.78 -11.83 -9.01
C VAL F 718 -11.98 -10.54 -8.99
N PHE F 719 -11.20 -10.30 -7.93
CA PHE F 719 -10.45 -9.05 -7.76
C PHE F 719 -11.43 -7.86 -7.75
N GLU F 720 -12.20 -7.82 -6.67
CA GLU F 720 -13.41 -7.04 -6.49
C GLU F 720 -13.37 -5.69 -7.21
N GLU F 721 -12.23 -5.01 -7.14
CA GLU F 721 -12.08 -3.73 -7.83
C GLU F 721 -12.40 -3.85 -9.32
N GLY F 722 -11.77 -4.82 -10.00
CA GLY F 722 -12.11 -5.05 -11.38
C GLY F 722 -13.54 -5.50 -11.56
N GLY F 723 -14.05 -6.27 -10.60
CA GLY F 723 -15.44 -6.70 -10.66
C GLY F 723 -16.40 -5.54 -10.62
N ASP F 724 -16.18 -4.60 -9.71
CA ASP F 724 -16.99 -3.38 -9.74
C ASP F 724 -16.62 -2.49 -10.91
N VAL F 725 -15.40 -2.61 -11.45
CA VAL F 725 -15.12 -1.91 -12.70
C VAL F 725 -16.03 -2.44 -13.79
N ASP F 726 -16.10 -3.77 -13.94
CA ASP F 726 -17.00 -4.35 -14.91
C ASP F 726 -18.41 -3.83 -14.70
N ASP F 727 -18.89 -3.84 -13.46
CA ASP F 727 -20.27 -3.43 -13.21
C ASP F 727 -20.52 -2.00 -13.64
N LEU F 728 -19.58 -1.09 -13.37
CA LEU F 728 -19.66 0.27 -13.88
C LEU F 728 -19.78 0.27 -15.39
N LEU F 729 -19.03 -0.62 -16.04
CA LEU F 729 -19.07 -0.76 -17.49
C LEU F 729 -20.37 -1.38 -17.99
N ASP F 730 -21.17 -1.98 -17.10
CA ASP F 730 -22.32 -2.80 -17.52
C ASP F 730 -23.54 -1.95 -17.85
N MET F 731 -24.19 -1.43 -16.80
CA MET F 731 -25.60 -1.05 -16.87
C MET F 731 -25.73 0.25 -17.64
N ILE F 732 -24.63 1.01 -17.72
CA ILE F 732 -24.47 2.17 -18.59
C ILE F 732 -25.61 3.18 -18.44
#